data_9VYG
#
_entry.id   9VYG
#
_cell.length_a   1.00
_cell.length_b   1.00
_cell.length_c   1.00
_cell.angle_alpha   90.00
_cell.angle_beta   90.00
_cell.angle_gamma   90.00
#
_symmetry.space_group_name_H-M   'P 1'
#
loop_
_entity.id
_entity.type
_entity.pdbx_description
1 polymer 'Adaptor protein'
2 polymer 'Stabilization protein'
3 polymer 'Needle protein'
4 polymer 'Tail spike protein'
5 polymer 'Tail spike protein'
6 polymer 'Tail spike protein'
#
loop_
_entity_poly.entity_id
_entity_poly.type
_entity_poly.pdbx_seq_one_letter_code
_entity_poly.pdbx_strand_id
1 'polypeptide(L)'
;MATCRDIVTRALHMAAIVPLGKDPKAAEGQLGLELLQGLYDGWFAGGMFGRLTDVYTDTAYTAKEGERVTVDGGTLTIPD
TFEDTDTGLTRAPRELAAIVEINAGNITNRVWCGGEWQECSGLTLNDEAPLSKRDAMGLSCLLALHMAEAFGTQIGPMTA
RRGLQFQGSVSYKLGSTQPDASGVYY
;
A,B,C,D,E,F,G,H,I,J,K,L
2 'polypeptide(L)'
;MDLAYGTGAYARTRGNLPELPLVNLFVEATRSDQRGVVLQSRKGLVEDAEVGTGPIRGVFRKDGVLGGAEFVVSDDELYE
DGVSLGTINGTGPVSFAAIEDELLVCAGESIWSYDGTTLDEVTFPDGADVTKVAYSSGYFIALRAGTGQWYFSALYDGTS
WDGLDFATAESEPDALLDIVVLDGNPVFFGTQSVEFWSATGDPDIPFAPIQNRTFEQGIFATGCAVAIDNSFFWVGADKI
VYRNDAVPVAVADDGIVERATGSTDLRLFLLIDERHKFVCLRGDTFTMAFDITTNEWCEFQSYGRTNFRCGPDMGDDETG
IIWRFEGYSDNGGVLERRFRAGATLPGPFRVNRLRLICEVGTTPNLSGEYADPVIEMRASDDAGNTWGIWEGETLGAQGN
YRQRVEWRALGLFDDPGMLFEHRMTAPVSFRVTAVTVNGELGGRSR
;
M,N,O,P,Q,R
3 'polypeptide(L)' VSLRLDRLQRGVPIVDGQGRPNTQYQNLWQRTVKALEADSAATADILQELADQLALIVAAQAAADAAQA S,T,U
4 'polypeptide(L)'
;MAAQLFYLPFRPMLDANALAVPGAKLYFYATGTTTKQPVYTSSALTTQLPNPVVANAAGKFPAIYLNDALTYRCYIEDAD
GNELADSDPYLASIADELTDELQDVVDAVEADRVAAANSATAAATSAA
;
m
5 'polypeptide(L)'
;AAQLFYLPFRPMLDANALAVPGAKLYFYATGTTTKQPVYTSSALTTQLPNPVVANAAGKFPAIYLNDALTYRCYIEDADG
NELADSDPYLASIADELTDELQDVVDAVEADRVAAANSATAAATSAAQT
;
n
6 'polypeptide(L)'
;AAQLFYLPFRPMLDANALAVPGAKLYFYATGTTTKQPVYTSSALTTQLPNPVVANAAGKFPAIYLNDALTYRCYIEDADG
NELADSDPYLASIADELTDELQDVVDAVEADRVAAANSATAAATSA
;
o
#
# COMPACT_ATOMS: atom_id res chain seq x y z
N ALA A 2 -9.15 -41.23 34.31
CA ALA A 2 -9.18 -40.93 32.89
C ALA A 2 -8.07 -41.67 32.14
N THR A 3 -8.43 -42.30 31.03
CA THR A 3 -7.45 -43.05 30.26
C THR A 3 -6.46 -42.10 29.59
N CYS A 4 -5.36 -42.69 29.08
CA CYS A 4 -4.34 -41.90 28.42
C CYS A 4 -4.90 -41.21 27.16
N ARG A 5 -5.79 -41.91 26.45
CA ARG A 5 -6.43 -41.30 25.28
C ARG A 5 -7.24 -40.08 25.68
N ASP A 6 -8.00 -40.16 26.78
CA ASP A 6 -8.76 -39.02 27.25
C ASP A 6 -7.84 -37.88 27.66
N ILE A 7 -6.72 -38.21 28.31
CA ILE A 7 -5.77 -37.18 28.74
C ILE A 7 -5.21 -36.45 27.53
N VAL A 8 -4.81 -37.20 26.50
CA VAL A 8 -4.25 -36.57 25.30
C VAL A 8 -5.31 -35.74 24.59
N THR A 9 -6.54 -36.26 24.49
CA THR A 9 -7.60 -35.53 23.81
C THR A 9 -7.89 -34.21 24.52
N ARG A 10 -7.98 -34.24 25.84
CA ARG A 10 -8.25 -33.01 26.58
C ARG A 10 -7.05 -32.06 26.57
N ALA A 11 -5.84 -32.60 26.51
CA ALA A 11 -4.66 -31.75 26.37
C ALA A 11 -4.70 -31.00 25.05
N LEU A 12 -5.06 -31.68 23.97
CA LEU A 12 -5.17 -31.01 22.68
C LEU A 12 -6.34 -30.04 22.64
N HIS A 13 -7.44 -30.37 23.33
CA HIS A 13 -8.58 -29.46 23.39
C HIS A 13 -8.22 -28.18 24.14
N MET A 14 -7.50 -28.30 25.25
CA MET A 14 -7.18 -27.13 26.07
C MET A 14 -6.23 -26.17 25.36
N ALA A 15 -5.46 -26.66 24.40
CA ALA A 15 -4.56 -25.81 23.61
C ALA A 15 -5.24 -25.23 22.38
N ALA A 16 -6.53 -25.51 22.18
CA ALA A 16 -7.32 -25.07 21.03
C ALA A 16 -6.81 -25.63 19.71
N ILE A 17 -5.85 -26.56 19.75
CA ILE A 17 -5.33 -27.16 18.52
C ILE A 17 -6.41 -27.99 17.85
N VAL A 18 -7.10 -28.83 18.61
CA VAL A 18 -8.18 -29.67 18.12
C VAL A 18 -9.49 -29.13 18.67
N PRO A 19 -10.48 -28.83 17.83
CA PRO A 19 -11.73 -28.26 18.34
C PRO A 19 -12.49 -29.25 19.21
N LEU A 20 -13.29 -28.69 20.10
CA LEU A 20 -14.05 -29.52 21.04
C LEU A 20 -15.03 -30.42 20.29
N GLY A 21 -15.22 -31.63 20.82
CA GLY A 21 -16.11 -32.59 20.22
C GLY A 21 -15.50 -33.44 19.13
N LYS A 22 -14.24 -33.21 18.79
CA LYS A 22 -13.56 -33.98 17.75
C LYS A 22 -12.34 -34.66 18.34
N ASP A 23 -12.20 -35.96 18.09
CA ASP A 23 -11.05 -36.70 18.55
C ASP A 23 -9.84 -36.44 17.65
N PRO A 24 -8.63 -36.49 18.19
CA PRO A 24 -7.44 -36.28 17.37
C PRO A 24 -7.12 -37.51 16.53
N LYS A 25 -6.20 -37.31 15.58
CA LYS A 25 -5.76 -38.40 14.71
C LYS A 25 -4.87 -39.36 15.49
N ALA A 26 -4.41 -40.40 14.80
CA ALA A 26 -3.53 -41.37 15.44
C ALA A 26 -2.14 -40.80 15.68
N ALA A 27 -1.66 -39.93 14.79
CA ALA A 27 -0.32 -39.39 14.93
C ALA A 27 -0.22 -38.51 16.17
N GLU A 28 -1.17 -37.59 16.35
CA GLU A 28 -1.16 -36.75 17.55
C GLU A 28 -1.40 -37.57 18.81
N GLY A 29 -2.24 -38.59 18.75
CA GLY A 29 -2.42 -39.45 19.90
C GLY A 29 -1.13 -40.15 20.30
N GLN A 30 -0.41 -40.68 19.32
CA GLN A 30 0.87 -41.32 19.62
C GLN A 30 1.88 -40.33 20.17
N LEU A 31 1.93 -39.12 19.59
CA LEU A 31 2.85 -38.11 20.09
C LEU A 31 2.53 -37.72 21.52
N GLY A 32 1.25 -37.54 21.84
CA GLY A 32 0.87 -37.22 23.20
C GLY A 32 1.17 -38.34 24.17
N LEU A 33 0.93 -39.59 23.75
CA LEU A 33 1.25 -40.74 24.60
C LEU A 33 2.75 -40.79 24.88
N GLU A 34 3.57 -40.57 23.87
CA GLU A 34 5.02 -40.58 24.07
C GLU A 34 5.45 -39.42 24.97
N LEU A 35 4.84 -38.25 24.81
CA LEU A 35 5.16 -37.13 25.68
C LEU A 35 4.80 -37.43 27.13
N LEU A 36 3.63 -38.04 27.37
CA LEU A 36 3.24 -38.39 28.73
C LEU A 36 4.18 -39.44 29.31
N GLN A 37 4.54 -40.45 28.51
CA GLN A 37 5.47 -41.47 28.98
C GLN A 37 6.82 -40.86 29.34
N GLY A 38 7.32 -39.95 28.50
CA GLY A 38 8.57 -39.29 28.80
C GLY A 38 8.49 -38.43 30.04
N LEU A 39 7.37 -37.75 30.23
CA LEU A 39 7.19 -36.95 31.44
C LEU A 39 7.23 -37.83 32.69
N TYR A 40 6.55 -38.97 32.66
CA TYR A 40 6.56 -39.87 33.79
C TYR A 40 7.95 -40.43 34.05
N ASP A 41 8.65 -40.83 32.99
CA ASP A 41 10.00 -41.37 33.15
C ASP A 41 10.96 -40.32 33.71
N GLY A 42 10.83 -39.07 33.24
CA GLY A 42 11.66 -38.01 33.78
C GLY A 42 11.34 -37.70 35.23
N TRP A 43 10.05 -37.78 35.60
CA TRP A 43 9.68 -37.59 37.00
C TRP A 43 10.30 -38.67 37.87
N PHE A 44 10.26 -39.92 37.41
CA PHE A 44 10.78 -41.01 38.22
C PHE A 44 12.30 -40.97 38.32
N ALA A 45 12.97 -40.76 37.19
CA ALA A 45 14.44 -40.72 37.17
C ALA A 45 14.99 -39.41 37.73
N GLY A 46 14.24 -38.32 37.59
CA GLY A 46 14.70 -37.02 38.01
C GLY A 46 14.61 -36.73 39.49
N GLY A 47 14.08 -37.65 40.28
CA GLY A 47 13.96 -37.45 41.71
C GLY A 47 12.75 -36.69 42.16
N MET A 48 11.69 -36.65 41.36
CA MET A 48 10.46 -35.98 41.78
C MET A 48 9.86 -36.65 43.01
N PHE A 49 9.90 -37.98 43.07
CA PHE A 49 9.41 -38.73 44.22
C PHE A 49 10.49 -38.91 45.29
N GLY A 50 11.52 -38.08 45.28
CA GLY A 50 12.57 -38.14 46.26
C GLY A 50 13.73 -39.02 45.81
N ARG A 51 14.85 -38.87 46.51
CA ARG A 51 16.03 -39.69 46.28
C ARG A 51 15.71 -41.13 46.69
N LEU A 52 15.76 -42.05 45.73
CA LEU A 52 15.38 -43.42 46.00
C LEU A 52 16.58 -44.24 46.44
N THR A 53 16.41 -44.97 47.54
CA THR A 53 17.48 -45.84 48.04
C THR A 53 17.70 -46.99 47.08
N ASP A 54 18.96 -47.23 46.72
CA ASP A 54 19.31 -48.29 45.78
C ASP A 54 19.55 -49.58 46.56
N VAL A 55 18.81 -50.63 46.21
CA VAL A 55 19.03 -51.95 46.79
C VAL A 55 19.17 -52.95 45.64
N TYR A 56 19.87 -54.04 45.94
CA TYR A 56 20.15 -55.09 44.97
C TYR A 56 19.80 -56.42 45.60
N THR A 57 18.97 -57.21 44.92
CA THR A 57 18.50 -58.47 45.45
C THR A 57 18.62 -59.57 44.40
N ASP A 58 18.75 -60.80 44.89
CA ASP A 58 18.76 -61.98 44.03
C ASP A 58 17.83 -63.09 44.51
N THR A 59 17.40 -63.06 45.77
CA THR A 59 16.37 -63.93 46.27
C THR A 59 15.03 -63.20 46.26
N ALA A 60 14.01 -63.81 46.87
CA ALA A 60 12.72 -63.14 47.01
C ALA A 60 12.84 -62.00 48.00
N TYR A 61 12.34 -60.83 47.62
CA TYR A 61 12.45 -59.63 48.43
C TYR A 61 11.14 -58.86 48.43
N THR A 62 10.80 -58.28 49.57
CA THR A 62 9.63 -57.44 49.71
C THR A 62 10.09 -55.99 49.85
N ALA A 63 9.66 -55.12 48.95
CA ALA A 63 10.15 -53.76 48.91
C ALA A 63 9.34 -52.86 49.82
N LYS A 64 9.96 -51.76 50.23
CA LYS A 64 9.31 -50.69 50.97
C LYS A 64 9.18 -49.47 50.06
N GLU A 65 8.59 -48.41 50.61
CA GLU A 65 8.39 -47.19 49.82
C GLU A 65 9.71 -46.51 49.53
N GLY A 66 9.78 -45.88 48.35
CA GLY A 66 10.93 -45.08 47.99
C GLY A 66 12.23 -45.83 47.77
N GLU A 67 12.20 -46.96 47.06
CA GLU A 67 13.41 -47.67 46.72
C GLU A 67 13.45 -48.01 45.23
N ARG A 68 14.67 -48.13 44.73
CA ARG A 68 14.95 -48.70 43.41
C ARG A 68 15.66 -50.03 43.62
N VAL A 69 15.05 -51.10 43.14
CA VAL A 69 15.47 -52.47 43.43
C VAL A 69 15.97 -53.10 42.14
N THR A 70 17.22 -53.55 42.15
CA THR A 70 17.80 -54.28 41.03
C THR A 70 17.66 -55.77 41.31
N VAL A 71 16.82 -56.44 40.52
CA VAL A 71 16.56 -57.86 40.67
C VAL A 71 17.51 -58.62 39.76
N ASP A 72 18.23 -59.59 40.32
CA ASP A 72 19.21 -60.37 39.58
C ASP A 72 18.90 -61.86 39.72
N GLY A 73 17.63 -62.20 39.50
CA GLY A 73 17.18 -63.58 39.57
C GLY A 73 16.16 -63.87 40.65
N GLY A 74 15.76 -62.89 41.45
CA GLY A 74 14.76 -63.08 42.49
C GLY A 74 13.39 -62.58 42.08
N THR A 75 12.53 -62.47 43.07
CA THR A 75 11.18 -61.96 42.90
C THR A 75 10.98 -60.77 43.83
N LEU A 76 10.29 -59.75 43.32
CA LEU A 76 10.00 -58.53 44.08
C LEU A 76 8.51 -58.50 44.40
N THR A 77 8.18 -58.40 45.68
CA THR A 77 6.80 -58.36 46.15
C THR A 77 6.46 -56.94 46.56
N ILE A 78 5.37 -56.41 46.01
CA ILE A 78 4.91 -55.06 46.31
C ILE A 78 3.79 -55.17 47.35
N PRO A 79 4.00 -54.74 48.59
CA PRO A 79 2.94 -54.84 49.59
C PRO A 79 1.99 -53.66 49.54
N ASP A 80 0.72 -53.94 49.77
CA ASP A 80 -0.30 -52.89 49.80
C ASP A 80 -0.47 -52.28 51.18
N THR A 81 0.22 -52.79 52.20
CA THR A 81 0.16 -52.26 53.54
C THR A 81 1.56 -52.25 54.16
N PHE A 82 1.75 -51.40 55.15
CA PHE A 82 3.03 -51.27 55.83
C PHE A 82 2.80 -51.17 57.33
N GLU A 83 3.83 -51.57 58.08
CA GLU A 83 3.82 -51.42 59.53
C GLU A 83 4.43 -50.07 59.88
N ASP A 84 3.60 -49.15 60.37
CA ASP A 84 4.06 -47.81 60.68
C ASP A 84 4.99 -47.85 61.87
N THR A 85 6.22 -47.34 61.70
CA THR A 85 7.21 -47.41 62.76
C THR A 85 6.83 -46.51 63.94
N ASP A 86 6.26 -45.34 63.66
CA ASP A 86 5.99 -44.38 64.73
C ASP A 86 4.88 -44.87 65.65
N THR A 87 3.78 -45.36 65.07
CA THR A 87 2.59 -45.70 65.84
C THR A 87 2.37 -47.21 66.00
N GLY A 88 2.83 -48.02 65.06
CA GLY A 88 2.75 -49.46 65.20
C GLY A 88 1.57 -50.13 64.52
N LEU A 89 0.53 -49.40 64.19
CA LEU A 89 -0.61 -49.99 63.51
C LEU A 89 -0.40 -50.02 62.00
N THR A 90 -1.10 -50.94 61.35
CA THR A 90 -1.00 -51.08 59.90
C THR A 90 -1.51 -49.83 59.20
N ARG A 91 -0.82 -49.43 58.14
CA ARG A 91 -1.18 -48.23 57.41
C ARG A 91 -1.02 -48.48 55.91
N ALA A 92 -1.70 -47.66 55.13
CA ALA A 92 -1.47 -47.65 53.69
C ALA A 92 -0.19 -46.90 53.37
N PRO A 93 0.46 -47.22 52.25
CA PRO A 93 1.66 -46.47 51.86
C PRO A 93 1.35 -44.99 51.69
N ARG A 94 2.32 -44.15 52.02
CA ARG A 94 2.14 -42.72 51.91
C ARG A 94 1.83 -42.32 50.47
N GLU A 95 1.07 -41.24 50.32
CA GLU A 95 0.68 -40.78 48.99
C GLU A 95 1.91 -40.46 48.15
N LEU A 96 1.85 -40.84 46.88
CA LEU A 96 2.94 -40.61 45.92
C LEU A 96 4.23 -41.30 46.39
N ALA A 97 4.09 -42.54 46.88
CA ALA A 97 5.25 -43.37 47.21
C ALA A 97 5.65 -44.16 45.97
N ALA A 98 6.94 -44.13 45.63
CA ALA A 98 7.44 -44.69 44.40
C ALA A 98 8.30 -45.91 44.66
N ILE A 99 8.14 -46.92 43.81
CA ILE A 99 9.01 -48.10 43.81
C ILE A 99 9.44 -48.38 42.38
N VAL A 100 10.75 -48.46 42.16
CA VAL A 100 11.30 -48.74 40.84
C VAL A 100 11.92 -50.13 40.87
N GLU A 101 11.68 -50.91 39.83
CA GLU A 101 12.18 -52.27 39.72
C GLU A 101 12.92 -52.43 38.40
N ILE A 102 14.18 -52.85 38.47
CA ILE A 102 14.99 -53.10 37.30
C ILE A 102 15.23 -54.61 37.21
N ASN A 103 14.65 -55.24 36.21
CA ASN A 103 14.76 -56.69 36.01
C ASN A 103 15.22 -56.95 34.59
N ALA A 104 16.45 -57.44 34.45
CA ALA A 104 17.01 -57.82 33.15
C ALA A 104 16.93 -56.69 32.13
N GLY A 105 17.25 -55.48 32.59
CA GLY A 105 17.22 -54.31 31.73
C GLY A 105 15.85 -53.70 31.52
N ASN A 106 14.81 -54.24 32.15
CA ASN A 106 13.46 -53.70 32.04
C ASN A 106 13.13 -52.92 33.29
N ILE A 107 12.67 -51.69 33.11
CA ILE A 107 12.40 -50.77 34.21
C ILE A 107 10.89 -50.65 34.38
N THR A 108 10.42 -50.88 35.61
CA THR A 108 9.01 -50.77 35.95
C THR A 108 8.87 -49.80 37.12
N ASN A 109 8.08 -48.75 36.93
CA ASN A 109 7.87 -47.73 37.93
C ASN A 109 6.45 -47.83 38.46
N ARG A 110 6.29 -47.99 39.77
CA ARG A 110 5.00 -48.07 40.41
C ARG A 110 4.86 -46.91 41.38
N VAL A 111 3.71 -46.25 41.36
CA VAL A 111 3.42 -45.15 42.27
C VAL A 111 2.12 -45.46 43.00
N TRP A 112 2.09 -45.17 44.30
CA TRP A 112 0.89 -45.40 45.09
C TRP A 112 -0.02 -44.19 44.97
N CYS A 113 -1.16 -44.37 44.32
CA CYS A 113 -2.16 -43.31 44.21
C CYS A 113 -3.53 -43.94 44.17
N GLY A 114 -4.54 -43.19 44.62
CA GLY A 114 -5.89 -43.70 44.63
C GLY A 114 -6.07 -44.98 45.42
N GLY A 115 -5.18 -45.22 46.39
CA GLY A 115 -5.24 -46.47 47.13
C GLY A 115 -4.75 -47.70 46.40
N GLU A 116 -3.95 -47.52 45.35
CA GLU A 116 -3.44 -48.67 44.62
C GLU A 116 -2.09 -48.34 44.01
N TRP A 117 -1.31 -49.39 43.75
CA TRP A 117 -0.05 -49.26 43.03
C TRP A 117 -0.34 -49.25 41.53
N GLN A 118 -0.09 -48.12 40.88
CA GLN A 118 -0.32 -47.99 39.45
C GLN A 118 1.01 -47.75 38.74
N GLU A 119 1.19 -48.43 37.62
CA GLU A 119 2.45 -48.44 36.90
C GLU A 119 2.52 -47.26 35.94
N CYS A 120 3.72 -46.70 35.80
CA CYS A 120 3.98 -45.61 34.88
C CYS A 120 4.88 -46.03 33.72
N SER A 121 4.98 -47.33 33.46
CA SER A 121 5.84 -47.87 32.42
C SER A 121 5.02 -48.69 31.43
N GLY A 122 5.38 -48.59 30.16
CA GLY A 122 4.65 -49.31 29.12
C GLY A 122 3.21 -48.88 28.99
N LEU A 123 2.94 -47.58 29.10
CA LEU A 123 1.58 -47.09 28.99
C LEU A 123 1.12 -47.07 27.55
N THR A 124 -0.13 -47.48 27.33
CA THR A 124 -0.78 -47.40 26.03
C THR A 124 -1.94 -46.42 26.10
N LEU A 125 -2.66 -46.28 24.99
CA LEU A 125 -3.75 -45.31 24.92
C LEU A 125 -4.97 -45.77 25.72
N ASN A 126 -5.08 -47.05 26.02
CA ASN A 126 -6.25 -47.58 26.72
C ASN A 126 -6.00 -47.77 28.21
N ASP A 127 -4.82 -47.44 28.71
CA ASP A 127 -4.51 -47.61 30.12
C ASP A 127 -4.90 -46.38 30.92
N GLU A 128 -5.22 -46.60 32.18
CA GLU A 128 -5.55 -45.51 33.08
C GLU A 128 -4.32 -44.64 33.33
N ALA A 129 -4.51 -43.33 33.33
CA ALA A 129 -3.40 -42.42 33.59
C ALA A 129 -2.98 -42.54 35.04
N PRO A 130 -1.69 -42.77 35.31
CA PRO A 130 -1.26 -43.03 36.69
C PRO A 130 -1.47 -41.88 37.66
N LEU A 131 -1.84 -40.68 37.19
CA LEU A 131 -2.11 -39.60 38.12
C LEU A 131 -3.36 -38.80 37.74
N SER A 132 -4.26 -39.39 36.95
CA SER A 132 -5.48 -38.69 36.56
C SER A 132 -6.41 -38.46 37.74
N LYS A 133 -6.35 -39.33 38.75
CA LYS A 133 -7.24 -39.19 39.89
C LYS A 133 -6.97 -37.90 40.66
N ARG A 134 -5.70 -37.53 40.80
CA ARG A 134 -5.36 -36.29 41.50
C ARG A 134 -5.95 -35.08 40.79
N ASP A 135 -5.68 -34.94 39.49
CA ASP A 135 -6.30 -33.89 38.69
C ASP A 135 -6.15 -34.29 37.23
N ALA A 136 -7.27 -34.64 36.58
CA ALA A 136 -7.22 -34.99 35.16
C ALA A 136 -6.98 -33.76 34.30
N MET A 137 -7.69 -32.67 34.60
CA MET A 137 -7.52 -31.45 33.82
C MET A 137 -6.13 -30.85 34.02
N GLY A 138 -5.61 -30.93 35.24
CA GLY A 138 -4.25 -30.45 35.48
C GLY A 138 -3.22 -31.24 34.70
N LEU A 139 -3.37 -32.57 34.67
CA LEU A 139 -2.47 -33.41 33.88
C LEU A 139 -2.57 -33.08 32.40
N SER A 140 -3.81 -32.87 31.91
CA SER A 140 -3.99 -32.51 30.51
C SER A 140 -3.32 -31.18 30.19
N CYS A 141 -3.47 -30.20 31.08
CA CYS A 141 -2.83 -28.90 30.86
C CYS A 141 -1.31 -29.03 30.88
N LEU A 142 -0.77 -29.82 31.80
CA LEU A 142 0.67 -30.03 31.86
C LEU A 142 1.18 -30.70 30.58
N LEU A 143 0.43 -31.68 30.06
CA LEU A 143 0.80 -32.30 28.80
C LEU A 143 0.73 -31.32 27.65
N ALA A 144 -0.32 -30.49 27.61
CA ALA A 144 -0.46 -29.52 26.54
C ALA A 144 0.66 -28.48 26.57
N LEU A 145 1.15 -28.15 27.77
CA LEU A 145 2.23 -27.18 27.88
C LEU A 145 3.44 -27.59 27.05
N HIS A 146 3.71 -28.89 26.96
CA HIS A 146 4.80 -29.38 26.13
C HIS A 146 4.37 -29.75 24.73
N MET A 147 3.11 -30.16 24.56
CA MET A 147 2.64 -30.62 23.25
C MET A 147 2.40 -29.47 22.28
N ALA A 148 2.02 -28.29 22.77
CA ALA A 148 1.62 -27.21 21.89
C ALA A 148 2.75 -26.73 20.98
N GLU A 149 3.99 -26.93 21.39
CA GLU A 149 5.13 -26.45 20.60
C GLU A 149 5.25 -27.23 19.29
N ALA A 150 4.93 -28.51 19.31
CA ALA A 150 5.03 -29.32 18.10
C ALA A 150 4.05 -28.88 17.03
N PHE A 151 3.00 -28.15 17.40
CA PHE A 151 1.98 -27.69 16.46
C PHE A 151 2.12 -26.21 16.15
N GLY A 152 3.23 -25.57 16.55
CA GLY A 152 3.46 -24.18 16.22
C GLY A 152 2.58 -23.20 16.96
N THR A 153 2.06 -23.58 18.13
CA THR A 153 1.19 -22.70 18.90
C THR A 153 1.65 -22.65 20.34
N GLN A 154 1.18 -21.64 21.06
CA GLN A 154 1.48 -21.45 22.47
C GLN A 154 0.17 -21.42 23.26
N ILE A 155 0.17 -22.11 24.40
CA ILE A 155 -1.02 -22.15 25.23
C ILE A 155 -1.19 -20.82 25.96
N GLY A 156 -2.39 -20.59 26.47
CA GLY A 156 -2.68 -19.39 27.23
C GLY A 156 -1.99 -19.41 28.58
N PRO A 157 -1.90 -18.25 29.22
CA PRO A 157 -1.25 -18.20 30.55
C PRO A 157 -1.96 -19.05 31.59
N MET A 158 -3.28 -19.17 31.50
CA MET A 158 -4.03 -19.90 32.53
C MET A 158 -3.80 -21.41 32.40
N THR A 159 -3.72 -21.92 31.17
CA THR A 159 -3.42 -23.34 31.00
C THR A 159 -2.04 -23.69 31.56
N ALA A 160 -1.05 -22.84 31.28
CA ALA A 160 0.28 -23.06 31.84
C ALA A 160 0.26 -22.97 33.36
N ARG A 161 -0.48 -22.00 33.90
CA ARG A 161 -0.57 -21.87 35.36
C ARG A 161 -1.19 -23.12 35.98
N ARG A 162 -2.23 -23.66 35.35
CA ARG A 162 -2.85 -24.88 35.86
C ARG A 162 -1.90 -26.06 35.78
N GLY A 163 -1.15 -26.18 34.68
CA GLY A 163 -0.19 -27.27 34.56
C GLY A 163 0.91 -27.21 35.60
N LEU A 164 1.50 -26.02 35.79
CA LEU A 164 2.51 -25.88 36.83
C LEU A 164 1.91 -26.02 38.23
N GLN A 165 0.64 -25.67 38.41
CA GLN A 165 -0.01 -25.93 39.69
C GLN A 165 -0.12 -27.42 39.96
N PHE A 166 -0.47 -28.21 38.94
CA PHE A 166 -0.50 -29.65 39.09
C PHE A 166 0.89 -30.19 39.42
N GLN A 167 1.90 -29.71 38.71
CA GLN A 167 3.26 -30.17 38.96
C GLN A 167 3.72 -29.82 40.37
N GLY A 168 3.43 -28.59 40.82
CA GLY A 168 3.79 -28.19 42.16
C GLY A 168 3.03 -28.95 43.23
N SER A 169 1.77 -29.30 42.96
CA SER A 169 1.02 -30.12 43.91
C SER A 169 1.63 -31.52 44.02
N VAL A 170 2.06 -32.08 42.89
CA VAL A 170 2.73 -33.38 42.94
C VAL A 170 4.05 -33.28 43.70
N SER A 171 4.81 -32.21 43.47
CA SER A 171 6.12 -32.08 44.11
C SER A 171 6.00 -31.78 45.60
N TYR A 172 4.98 -31.01 46.00
CA TYR A 172 4.85 -30.58 47.39
C TYR A 172 4.41 -31.73 48.29
N LYS A 173 3.43 -32.52 47.84
CA LYS A 173 2.85 -33.59 48.64
C LYS A 173 2.31 -33.07 49.97
N LEU A 174 1.59 -31.96 49.90
CA LEU A 174 1.02 -31.34 51.09
C LEU A 174 -0.35 -31.89 51.47
N GLY A 175 -1.01 -32.60 50.55
CA GLY A 175 -2.37 -33.05 50.82
C GLY A 175 -2.46 -34.06 51.95
N SER A 176 -1.51 -35.00 51.99
CA SER A 176 -1.54 -36.08 52.98
C SER A 176 -0.23 -36.08 53.76
N THR A 177 -0.22 -36.87 54.83
CA THR A 177 0.96 -36.96 55.69
C THR A 177 2.12 -37.59 54.95
N GLN A 178 3.31 -37.06 55.18
CA GLN A 178 4.55 -37.53 54.57
C GLN A 178 5.58 -37.75 55.66
N PRO A 179 6.58 -38.60 55.42
CA PRO A 179 7.62 -38.83 56.44
C PRO A 179 8.33 -37.53 56.79
N ASP A 180 8.68 -37.41 58.07
CA ASP A 180 9.32 -36.20 58.57
C ASP A 180 10.74 -36.07 58.01
N ALA A 181 11.16 -34.83 57.80
CA ALA A 181 12.49 -34.58 57.29
C ALA A 181 13.54 -34.88 58.34
N SER A 182 14.68 -35.41 57.90
CA SER A 182 15.79 -35.74 58.78
C SER A 182 17.06 -35.09 58.28
N GLY A 183 17.95 -34.76 59.21
CA GLY A 183 19.21 -34.09 58.89
C GLY A 183 20.35 -34.69 59.67
N VAL A 184 21.56 -34.20 59.34
CA VAL A 184 22.79 -34.62 60.00
C VAL A 184 23.29 -33.46 60.85
N TYR A 185 23.56 -33.73 62.13
CA TYR A 185 23.93 -32.70 63.08
C TYR A 185 25.39 -32.77 63.51
N TYR A 186 26.25 -33.35 62.67
CA TYR A 186 27.68 -33.37 62.95
C TYR A 186 28.48 -33.37 61.65
N ALA B 2 14.67 -46.47 23.61
CA ALA B 2 14.33 -46.09 22.24
C ALA B 2 15.58 -46.08 21.37
N THR B 3 15.42 -46.49 20.11
CA THR B 3 16.55 -46.47 19.19
C THR B 3 16.89 -45.03 18.80
N CYS B 4 18.11 -44.85 18.29
CA CYS B 4 18.53 -43.52 17.86
C CYS B 4 17.65 -42.98 16.73
N ARG B 5 17.13 -43.88 15.89
CA ARG B 5 16.22 -43.45 14.83
C ARG B 5 14.98 -42.79 15.40
N ASP B 6 14.38 -43.40 16.44
CA ASP B 6 13.21 -42.80 17.08
C ASP B 6 13.56 -41.46 17.70
N ILE B 7 14.73 -41.36 18.34
CA ILE B 7 15.14 -40.11 18.98
C ILE B 7 15.25 -39.01 17.94
N VAL B 8 15.92 -39.30 16.81
CA VAL B 8 16.07 -38.29 15.77
C VAL B 8 14.72 -37.91 15.16
N THR B 9 13.87 -38.91 14.91
CA THR B 9 12.57 -38.64 14.31
C THR B 9 11.72 -37.76 15.22
N ARG B 10 11.70 -38.07 16.52
CA ARG B 10 10.90 -37.27 17.43
C ARG B 10 11.53 -35.90 17.68
N ALA B 11 12.86 -35.80 17.59
CA ALA B 11 13.50 -34.48 17.67
C ALA B 11 13.07 -33.61 16.51
N LEU B 12 13.01 -34.18 15.31
CA LEU B 12 12.57 -33.41 14.15
C LEU B 12 11.08 -33.10 14.21
N HIS B 13 10.28 -34.00 14.78
CA HIS B 13 8.85 -33.76 14.90
C HIS B 13 8.55 -32.66 15.91
N MET B 14 9.25 -32.67 17.06
CA MET B 14 9.07 -31.61 18.04
C MET B 14 9.53 -30.26 17.50
N ALA B 15 10.54 -30.26 16.64
CA ALA B 15 10.98 -29.04 15.98
C ALA B 15 10.04 -28.58 14.89
N ALA B 16 9.03 -29.38 14.56
CA ALA B 16 8.05 -29.06 13.52
C ALA B 16 8.74 -28.82 12.17
N ILE B 17 9.74 -29.64 11.88
CA ILE B 17 10.47 -29.60 10.62
C ILE B 17 10.03 -30.72 9.69
N VAL B 18 9.93 -31.94 10.21
CA VAL B 18 9.44 -33.08 9.44
C VAL B 18 7.96 -33.25 9.77
N PRO B 19 7.11 -33.59 8.80
CA PRO B 19 5.69 -33.78 9.10
C PRO B 19 5.49 -34.84 10.18
N LEU B 20 4.51 -34.60 11.04
CA LEU B 20 4.26 -35.50 12.16
C LEU B 20 3.87 -36.88 11.66
N GLY B 21 4.49 -37.91 12.24
CA GLY B 21 4.23 -39.28 11.87
C GLY B 21 4.99 -39.78 10.65
N LYS B 22 5.85 -38.95 10.06
CA LYS B 22 6.61 -39.32 8.87
C LYS B 22 8.09 -39.40 9.20
N ASP B 23 8.75 -40.42 8.67
CA ASP B 23 10.18 -40.58 8.86
C ASP B 23 10.96 -39.57 8.01
N PRO B 24 12.10 -39.11 8.50
CA PRO B 24 12.89 -38.12 7.75
C PRO B 24 13.77 -38.79 6.70
N LYS B 25 14.40 -37.95 5.89
CA LYS B 25 15.28 -38.43 4.84
C LYS B 25 16.59 -38.92 5.43
N ALA B 26 17.47 -39.44 4.56
CA ALA B 26 18.75 -39.98 5.01
C ALA B 26 19.63 -38.90 5.59
N ALA B 27 19.63 -37.71 4.97
CA ALA B 27 20.46 -36.62 5.48
C ALA B 27 20.07 -36.21 6.88
N GLU B 28 18.75 -36.12 7.15
CA GLU B 28 18.30 -35.76 8.49
C GLU B 28 18.74 -36.81 9.50
N GLY B 29 18.59 -38.09 9.17
CA GLY B 29 19.02 -39.13 10.09
C GLY B 29 20.50 -39.09 10.36
N GLN B 30 21.31 -38.89 9.32
CA GLN B 30 22.75 -38.82 9.52
C GLN B 30 23.15 -37.62 10.36
N LEU B 31 22.55 -36.45 10.09
CA LEU B 31 22.86 -35.26 10.88
C LEU B 31 22.45 -35.44 12.34
N GLY B 32 21.27 -36.00 12.57
CA GLY B 32 20.83 -36.23 13.94
C GLY B 32 21.70 -37.24 14.67
N LEU B 33 22.10 -38.31 13.99
CA LEU B 33 22.99 -39.29 14.60
C LEU B 33 24.33 -38.67 14.94
N GLU B 34 24.89 -37.86 14.03
CA GLU B 34 26.16 -37.21 14.31
C GLU B 34 26.04 -36.24 15.47
N LEU B 35 24.96 -35.47 15.52
CA LEU B 35 24.76 -34.54 16.63
C LEU B 35 24.62 -35.27 17.96
N LEU B 36 23.88 -36.38 17.98
CA LEU B 36 23.72 -37.15 19.21
C LEU B 36 25.05 -37.76 19.65
N GLN B 37 25.83 -38.29 18.70
CA GLN B 37 27.13 -38.85 19.04
C GLN B 37 28.06 -37.77 19.57
N GLY B 38 28.06 -36.60 18.94
CA GLY B 38 28.88 -35.51 19.42
C GLY B 38 28.47 -35.06 20.81
N LEU B 39 27.17 -35.02 21.08
CA LEU B 39 26.69 -34.67 22.42
C LEU B 39 27.16 -35.68 23.45
N TYR B 40 27.08 -36.98 23.11
CA TYR B 40 27.52 -38.01 24.05
C TYR B 40 29.02 -37.92 24.32
N ASP B 41 29.82 -37.74 23.27
CA ASP B 41 31.26 -37.62 23.47
C ASP B 41 31.62 -36.35 24.25
N GLY B 42 30.89 -35.26 24.00
CA GLY B 42 31.12 -34.06 24.78
C GLY B 42 30.77 -34.24 26.25
N TRP B 43 29.69 -34.97 26.53
CA TRP B 43 29.35 -35.28 27.91
C TRP B 43 30.44 -36.12 28.56
N PHE B 44 30.97 -37.11 27.84
CA PHE B 44 31.97 -37.99 28.42
C PHE B 44 33.31 -37.29 28.62
N ALA B 45 33.66 -36.37 27.73
CA ALA B 45 34.95 -35.70 27.81
C ALA B 45 34.93 -34.44 28.67
N GLY B 46 33.77 -33.81 28.85
CA GLY B 46 33.66 -32.59 29.60
C GLY B 46 33.38 -32.75 31.08
N GLY B 47 33.36 -33.98 31.58
CA GLY B 47 33.12 -34.20 32.99
C GLY B 47 31.68 -34.19 33.43
N MET B 48 30.74 -34.47 32.53
CA MET B 48 29.35 -34.57 32.93
C MET B 48 29.14 -35.72 33.91
N PHE B 49 29.87 -36.82 33.73
CA PHE B 49 29.83 -37.95 34.64
C PHE B 49 30.92 -37.88 35.69
N GLY B 50 31.43 -36.68 35.97
CA GLY B 50 32.46 -36.49 36.98
C GLY B 50 33.86 -36.58 36.39
N ARG B 51 34.82 -36.17 37.20
CA ARG B 51 36.23 -36.26 36.83
C ARG B 51 36.65 -37.72 36.87
N LEU B 52 37.00 -38.28 35.72
CA LEU B 52 37.34 -39.70 35.63
C LEU B 52 38.80 -39.91 36.00
N THR B 53 39.05 -40.81 36.95
CA THR B 53 40.42 -41.13 37.35
C THR B 53 41.12 -41.89 36.23
N ASP B 54 42.33 -41.47 35.91
CA ASP B 54 43.10 -42.10 34.84
C ASP B 54 43.78 -43.35 35.36
N VAL B 55 43.63 -44.45 34.62
CA VAL B 55 44.24 -45.73 34.95
C VAL B 55 44.93 -46.25 33.70
N TYR B 56 46.15 -46.75 33.86
CA TYR B 56 46.92 -47.33 32.76
C TYR B 56 47.16 -48.80 33.06
N THR B 57 46.86 -49.67 32.11
CA THR B 57 47.07 -51.10 32.32
C THR B 57 47.60 -51.74 31.04
N ASP B 58 48.33 -52.83 31.24
CA ASP B 58 48.81 -53.66 30.13
C ASP B 58 48.46 -55.13 30.27
N THR B 59 48.11 -55.59 31.46
CA THR B 59 47.62 -56.94 31.68
C THR B 59 46.10 -56.90 31.88
N ALA B 60 45.52 -58.04 32.25
CA ALA B 60 44.09 -58.09 32.52
C ALA B 60 43.76 -57.23 33.74
N TYR B 61 42.69 -56.44 33.61
CA TYR B 61 42.29 -55.52 34.67
C TYR B 61 40.78 -55.52 34.80
N THR B 62 40.30 -55.26 36.01
CA THR B 62 38.87 -55.16 36.29
C THR B 62 38.51 -53.69 36.49
N ALA B 63 37.48 -53.24 35.77
CA ALA B 63 37.12 -51.83 35.78
C ALA B 63 36.43 -51.44 37.08
N LYS B 64 36.51 -50.16 37.40
CA LYS B 64 35.80 -49.55 38.52
C LYS B 64 34.99 -48.36 38.00
N GLU B 65 34.13 -47.84 38.86
CA GLU B 65 33.28 -46.72 38.48
C GLU B 65 34.12 -45.46 38.28
N GLY B 66 33.77 -44.70 37.25
CA GLY B 66 34.41 -43.43 36.99
C GLY B 66 35.89 -43.51 36.65
N GLU B 67 36.25 -44.42 35.74
CA GLU B 67 37.65 -44.62 35.37
C GLU B 67 37.84 -44.49 33.87
N ARG B 68 39.00 -43.95 33.51
CA ARG B 68 39.47 -43.83 32.12
C ARG B 68 40.66 -44.77 32.01
N VAL B 69 40.44 -45.96 31.47
CA VAL B 69 41.43 -47.01 31.43
C VAL B 69 42.06 -47.06 30.05
N THR B 70 43.38 -46.89 30.00
CA THR B 70 44.15 -46.98 28.77
C THR B 70 44.84 -48.34 28.74
N VAL B 71 44.53 -49.14 27.72
CA VAL B 71 45.02 -50.51 27.62
C VAL B 71 45.82 -50.62 26.32
N ASP B 72 46.98 -51.27 26.39
CA ASP B 72 47.84 -51.49 25.24
C ASP B 72 48.32 -52.93 25.20
N GLY B 73 47.41 -53.87 25.36
CA GLY B 73 47.77 -55.28 25.29
C GLY B 73 46.99 -56.16 26.24
N GLY B 74 46.38 -55.56 27.26
CA GLY B 74 45.57 -56.28 28.21
C GLY B 74 44.10 -56.28 27.83
N THR B 75 43.29 -56.88 28.70
CA THR B 75 41.85 -56.92 28.54
C THR B 75 41.21 -56.33 29.79
N LEU B 76 40.27 -55.41 29.59
CA LEU B 76 39.56 -54.78 30.70
C LEU B 76 38.18 -55.43 30.83
N THR B 77 37.88 -55.92 32.03
CA THR B 77 36.62 -56.60 32.30
C THR B 77 35.66 -55.63 32.97
N ILE B 78 34.46 -55.48 32.38
CA ILE B 78 33.44 -54.59 32.91
C ILE B 78 32.53 -55.41 33.82
N PRO B 79 32.52 -55.16 35.12
CA PRO B 79 31.70 -55.96 36.02
C PRO B 79 30.28 -55.41 36.12
N ASP B 80 29.33 -56.34 36.21
CA ASP B 80 27.92 -55.99 36.37
C ASP B 80 27.52 -55.74 37.81
N THR B 81 28.39 -56.05 38.78
CA THR B 81 28.11 -55.84 40.19
C THR B 81 29.37 -55.31 40.86
N PHE B 82 29.19 -54.75 42.06
CA PHE B 82 30.29 -54.23 42.84
C PHE B 82 30.09 -54.59 44.30
N GLU B 83 31.17 -54.52 45.05
CA GLU B 83 31.13 -54.75 46.49
C GLU B 83 31.07 -53.40 47.19
N ASP B 84 29.93 -53.11 47.83
CA ASP B 84 29.75 -51.83 48.48
C ASP B 84 30.69 -51.71 49.69
N THR B 85 31.42 -50.60 49.75
CA THR B 85 32.35 -50.39 50.85
C THR B 85 31.62 -49.98 52.13
N ASP B 86 30.54 -49.21 52.00
CA ASP B 86 29.85 -48.70 53.18
C ASP B 86 29.04 -49.79 53.87
N THR B 87 28.36 -50.64 53.10
CA THR B 87 27.47 -51.65 53.66
C THR B 87 28.00 -53.07 53.59
N GLY B 88 28.79 -53.40 52.56
CA GLY B 88 29.42 -54.69 52.46
C GLY B 88 28.71 -55.69 51.56
N LEU B 89 27.45 -55.45 51.22
CA LEU B 89 26.71 -56.36 50.37
C LEU B 89 26.95 -56.04 48.89
N THR B 90 26.65 -57.01 48.04
CA THR B 90 26.76 -56.81 46.60
C THR B 90 25.72 -55.80 46.14
N ARG B 91 26.14 -54.88 45.28
CA ARG B 91 25.27 -53.82 44.80
C ARG B 91 25.44 -53.66 43.31
N ALA B 92 24.43 -53.06 42.68
CA ALA B 92 24.53 -52.67 41.29
C ALA B 92 25.36 -51.40 41.17
N PRO B 93 25.99 -51.17 40.02
CA PRO B 93 26.73 -49.91 39.83
C PRO B 93 25.81 -48.71 39.97
N ARG B 94 26.36 -47.61 40.48
CA ARG B 94 25.58 -46.41 40.70
C ARG B 94 25.05 -45.87 39.37
N GLU B 95 23.88 -45.24 39.43
CA GLU B 95 23.27 -44.69 38.22
C GLU B 95 24.19 -43.68 37.58
N LEU B 96 24.28 -43.75 36.25
CA LEU B 96 25.14 -42.87 35.46
C LEU B 96 26.61 -43.00 35.87
N ALA B 97 27.05 -44.25 36.00
CA ALA B 97 28.45 -44.55 36.22
C ALA B 97 29.14 -44.74 34.87
N ALA B 98 30.27 -44.07 34.68
CA ALA B 98 30.93 -44.01 33.39
C ALA B 98 32.27 -44.75 33.44
N ILE B 99 32.54 -45.52 32.39
CA ILE B 99 33.83 -46.16 32.20
C ILE B 99 34.28 -45.93 30.77
N VAL B 100 35.50 -45.43 30.59
CA VAL B 100 36.04 -45.14 29.28
C VAL B 100 37.20 -46.10 29.02
N GLU B 101 37.19 -46.75 27.85
CA GLU B 101 38.25 -47.63 27.42
C GLU B 101 39.00 -46.98 26.26
N ILE B 102 40.33 -46.97 26.34
CA ILE B 102 41.17 -46.44 25.29
C ILE B 102 42.06 -47.58 24.82
N ASN B 103 41.80 -48.10 23.63
CA ASN B 103 42.50 -49.25 23.07
C ASN B 103 43.05 -48.88 21.69
N ALA B 104 44.33 -48.53 21.65
CA ALA B 104 45.03 -48.25 20.40
C ALA B 104 44.31 -47.20 19.57
N GLY B 105 43.88 -46.13 20.22
CA GLY B 105 43.17 -45.06 19.55
C GLY B 105 41.68 -45.24 19.43
N ASN B 106 41.14 -46.38 19.87
CA ASN B 106 39.72 -46.63 19.87
C ASN B 106 39.14 -46.27 21.23
N ILE B 107 38.14 -45.39 21.24
CA ILE B 107 37.54 -44.86 22.47
C ILE B 107 36.17 -45.50 22.62
N THR B 108 35.92 -46.13 23.77
CA THR B 108 34.66 -46.78 24.06
C THR B 108 34.12 -46.24 25.38
N ASN B 109 33.00 -45.53 25.31
CA ASN B 109 32.36 -44.97 26.51
C ASN B 109 31.17 -45.85 26.89
N ARG B 110 31.15 -46.30 28.14
CA ARG B 110 30.06 -47.11 28.65
C ARG B 110 29.46 -46.41 29.85
N VAL B 111 28.13 -46.32 29.89
CA VAL B 111 27.41 -45.71 31.00
C VAL B 111 26.41 -46.72 31.54
N TRP B 112 26.26 -46.74 32.86
CA TRP B 112 25.35 -47.66 33.51
C TRP B 112 23.98 -47.01 33.67
N CYS B 113 22.97 -47.59 33.02
CA CYS B 113 21.60 -47.10 33.16
C CYS B 113 20.65 -48.25 32.87
N GLY B 114 19.46 -48.19 33.45
CA GLY B 114 18.48 -49.23 33.24
C GLY B 114 18.96 -50.61 33.63
N GLY B 115 19.93 -50.70 34.53
CA GLY B 115 20.48 -51.98 34.91
C GLY B 115 21.41 -52.60 33.89
N GLU B 116 21.99 -51.81 33.00
CA GLU B 116 22.92 -52.36 32.02
C GLU B 116 23.94 -51.30 31.62
N TRP B 117 25.08 -51.79 31.12
CA TRP B 117 26.11 -50.93 30.54
C TRP B 117 25.79 -50.71 29.07
N GLN B 118 25.51 -49.47 28.70
CA GLN B 118 25.24 -49.12 27.31
C GLN B 118 26.40 -48.28 26.78
N GLU B 119 26.84 -48.61 25.55
CA GLU B 119 27.96 -47.95 24.93
C GLU B 119 27.47 -46.73 24.16
N CYS B 120 28.13 -45.59 24.38
CA CYS B 120 27.79 -44.34 23.72
C CYS B 120 28.71 -44.01 22.56
N SER B 121 29.57 -44.95 22.17
CA SER B 121 30.55 -44.73 21.12
C SER B 121 30.21 -45.59 19.91
N GLY B 122 30.40 -45.01 18.73
CA GLY B 122 30.10 -45.72 17.48
C GLY B 122 28.63 -46.06 17.30
N LEU B 123 27.74 -45.13 17.65
CA LEU B 123 26.32 -45.39 17.53
C LEU B 123 25.87 -45.30 16.09
N THR B 124 24.92 -46.17 15.73
CA THR B 124 24.23 -46.11 14.45
C THR B 124 22.75 -45.86 14.70
N LEU B 125 22.01 -45.64 13.61
CA LEU B 125 20.59 -45.34 13.74
C LEU B 125 19.78 -46.52 14.26
N ASN B 126 20.34 -47.73 14.19
CA ASN B 126 19.65 -48.92 14.67
C ASN B 126 20.01 -49.28 16.10
N ASP B 127 20.89 -48.52 16.75
CA ASP B 127 21.31 -48.83 18.11
C ASP B 127 20.41 -48.13 19.12
N GLU B 128 20.26 -48.75 20.28
CA GLU B 128 19.46 -48.18 21.35
C GLU B 128 20.15 -46.93 21.89
N ALA B 129 19.35 -45.90 22.16
CA ALA B 129 19.90 -44.68 22.74
C ALA B 129 20.31 -44.95 24.19
N PRO B 130 21.56 -44.65 24.56
CA PRO B 130 22.04 -45.01 25.90
C PRO B 130 21.29 -44.36 27.05
N LEU B 131 20.61 -43.23 26.83
CA LEU B 131 19.94 -42.55 27.92
C LEU B 131 18.47 -42.26 27.60
N SER B 132 17.88 -43.02 26.68
CA SER B 132 16.49 -42.77 26.29
C SER B 132 15.52 -43.14 27.40
N LYS B 133 15.84 -44.18 28.19
CA LYS B 133 14.92 -44.64 29.22
C LYS B 133 14.70 -43.61 30.32
N ARG B 134 15.66 -42.70 30.54
CA ARG B 134 15.44 -41.64 31.51
C ARG B 134 14.34 -40.69 31.05
N ASP B 135 14.50 -40.11 29.86
CA ASP B 135 13.45 -39.29 29.26
C ASP B 135 13.68 -39.29 27.74
N ALA B 136 12.87 -40.09 27.03
CA ALA B 136 12.99 -40.13 25.58
C ALA B 136 12.61 -38.79 24.96
N MET B 137 11.50 -38.21 25.42
CA MET B 137 11.09 -36.91 24.91
C MET B 137 12.07 -35.82 25.31
N GLY B 138 12.64 -35.91 26.51
CA GLY B 138 13.64 -34.94 26.90
C GLY B 138 14.89 -35.01 26.04
N LEU B 139 15.34 -36.22 25.73
CA LEU B 139 16.48 -36.38 24.83
C LEU B 139 16.17 -35.88 23.44
N SER B 140 14.95 -36.14 22.95
CA SER B 140 14.54 -35.64 21.66
C SER B 140 14.55 -34.11 21.62
N CYS B 141 14.04 -33.47 22.68
CA CYS B 141 14.05 -32.02 22.75
C CYS B 141 15.47 -31.47 22.82
N LEU B 142 16.34 -32.13 23.58
CA LEU B 142 17.73 -31.70 23.66
C LEU B 142 18.42 -31.80 22.30
N LEU B 143 18.15 -32.88 21.56
CA LEU B 143 18.70 -33.00 20.22
C LEU B 143 18.12 -31.94 19.28
N ALA B 144 16.82 -31.67 19.39
CA ALA B 144 16.20 -30.66 18.54
C ALA B 144 16.77 -29.27 18.81
N LEU B 145 17.18 -29.01 20.05
CA LEU B 145 17.78 -27.73 20.38
C LEU B 145 18.94 -27.39 19.45
N HIS B 146 19.70 -28.39 19.05
CA HIS B 146 20.82 -28.20 18.13
C HIS B 146 20.46 -28.50 16.69
N MET B 147 19.47 -29.37 16.46
CA MET B 147 19.08 -29.71 15.09
C MET B 147 18.39 -28.54 14.40
N ALA B 148 17.57 -27.78 15.14
CA ALA B 148 16.74 -26.76 14.51
C ALA B 148 17.58 -25.68 13.84
N GLU B 149 18.80 -25.46 14.32
CA GLU B 149 19.63 -24.38 13.78
C GLU B 149 20.13 -24.71 12.38
N ALA B 150 20.39 -25.99 12.09
CA ALA B 150 20.87 -26.38 10.76
C ALA B 150 19.81 -26.19 9.69
N PHE B 151 18.54 -26.08 10.07
CA PHE B 151 17.45 -25.90 9.12
C PHE B 151 17.02 -24.45 8.98
N GLY B 152 17.74 -23.52 9.59
CA GLY B 152 17.41 -22.12 9.50
C GLY B 152 16.25 -21.67 10.35
N THR B 153 15.81 -22.49 11.30
CA THR B 153 14.67 -22.17 12.15
C THR B 153 15.06 -22.31 13.61
N GLN B 154 14.09 -22.07 14.49
CA GLN B 154 14.27 -22.19 15.93
C GLN B 154 13.01 -22.80 16.53
N ILE B 155 13.16 -23.38 17.72
CA ILE B 155 12.05 -24.05 18.40
C ILE B 155 11.56 -23.16 19.53
N GLY B 156 10.41 -23.52 20.09
CA GLY B 156 9.77 -22.74 21.12
C GLY B 156 10.45 -22.86 22.46
N PRO B 157 10.09 -21.96 23.38
CA PRO B 157 10.74 -21.98 24.71
C PRO B 157 10.48 -23.26 25.50
N MET B 158 9.31 -23.89 25.34
CA MET B 158 9.00 -25.06 26.15
C MET B 158 9.85 -26.25 25.75
N THR B 159 10.10 -26.44 24.46
CA THR B 159 10.98 -27.51 24.02
C THR B 159 12.39 -27.32 24.55
N ALA B 160 12.90 -26.09 24.51
CA ALA B 160 14.21 -25.80 25.08
C ALA B 160 14.22 -26.07 26.58
N ARG B 161 13.16 -25.67 27.28
CA ARG B 161 13.09 -25.91 28.72
C ARG B 161 13.10 -27.39 29.04
N ARG B 162 12.38 -28.19 28.25
CA ARG B 162 12.41 -29.64 28.44
C ARG B 162 13.81 -30.21 28.18
N GLY B 163 14.49 -29.72 27.14
CA GLY B 163 15.82 -30.21 26.85
C GLY B 163 16.82 -29.90 27.96
N LEU B 164 16.83 -28.64 28.43
CA LEU B 164 17.72 -28.32 29.55
C LEU B 164 17.27 -28.98 30.85
N GLN B 165 15.98 -29.30 31.00
CA GLN B 165 15.55 -30.07 32.16
C GLN B 165 16.13 -31.48 32.13
N PHE B 166 16.12 -32.10 30.95
CA PHE B 166 16.76 -33.42 30.81
C PHE B 166 18.25 -33.34 31.11
N GLN B 167 18.91 -32.31 30.56
CA GLN B 167 20.34 -32.17 30.79
C GLN B 167 20.65 -31.95 32.27
N GLY B 168 19.87 -31.09 32.94
CA GLY B 168 20.08 -30.85 34.36
C GLY B 168 19.77 -32.05 35.22
N SER B 169 18.76 -32.84 34.84
CA SER B 169 18.49 -34.08 35.56
C SER B 169 19.64 -35.06 35.42
N VAL B 170 20.22 -35.14 34.22
CA VAL B 170 21.38 -36.01 34.03
C VAL B 170 22.55 -35.53 34.87
N SER B 171 22.79 -34.22 34.90
CA SER B 171 23.93 -33.68 35.64
C SER B 171 23.73 -33.79 37.14
N TYR B 172 22.50 -33.64 37.62
CA TYR B 172 22.23 -33.64 39.05
C TYR B 172 22.38 -35.02 39.66
N LYS B 173 21.82 -36.04 38.99
CA LYS B 173 21.80 -37.41 39.50
C LYS B 173 21.14 -37.48 40.88
N LEU B 174 20.05 -36.73 41.04
CA LEU B 174 19.32 -36.70 42.30
C LEU B 174 18.40 -37.91 42.49
N GLY B 175 18.07 -38.62 41.42
CA GLY B 175 17.07 -39.66 41.48
C GLY B 175 17.50 -40.97 42.11
N SER B 176 18.78 -41.14 42.41
CA SER B 176 19.28 -42.39 42.97
C SER B 176 20.45 -42.09 43.89
N THR B 177 20.84 -43.11 44.65
CA THR B 177 21.96 -42.97 45.58
C THR B 177 23.25 -42.69 44.82
N GLN B 178 24.05 -41.78 45.35
CA GLN B 178 25.32 -41.37 44.75
C GLN B 178 26.40 -41.34 45.82
N PRO B 179 27.66 -41.50 45.43
CA PRO B 179 28.75 -41.42 46.41
C PRO B 179 28.78 -40.06 47.11
N ASP B 180 29.10 -40.09 48.40
CA ASP B 180 29.14 -38.87 49.19
C ASP B 180 30.30 -37.99 48.75
N ALA B 181 30.08 -36.68 48.79
CA ALA B 181 31.12 -35.73 48.42
C ALA B 181 32.17 -35.64 49.52
N SER B 182 33.44 -35.65 49.11
CA SER B 182 34.56 -35.58 50.04
C SER B 182 35.49 -34.45 49.61
N GLY B 183 36.15 -33.84 50.60
CA GLY B 183 37.07 -32.76 50.35
C GLY B 183 38.38 -32.96 51.12
N VAL B 184 39.24 -31.95 51.03
CA VAL B 184 40.52 -31.94 51.72
C VAL B 184 40.45 -30.92 52.84
N TYR B 185 41.26 -31.13 53.87
CA TYR B 185 41.21 -30.29 55.06
C TYR B 185 42.57 -29.81 55.55
N TYR B 186 43.65 -30.10 54.83
CA TYR B 186 44.97 -29.62 55.24
C TYR B 186 45.07 -28.12 55.07
N ALA C 2 37.03 -37.87 12.83
CA ALA C 2 36.46 -37.22 11.65
C ALA C 2 37.51 -36.45 10.88
N THR C 3 37.50 -36.59 9.56
CA THR C 3 38.47 -35.90 8.73
C THR C 3 38.15 -34.41 8.68
N CYS C 4 39.12 -33.63 8.21
CA CYS C 4 38.94 -32.19 8.11
C CYS C 4 37.83 -31.83 7.13
N ARG C 5 37.71 -32.58 6.04
CA ARG C 5 36.64 -32.33 5.08
C ARG C 5 35.27 -32.50 5.73
N ASP C 6 35.11 -33.56 6.52
CA ASP C 6 33.83 -33.78 7.20
C ASP C 6 33.53 -32.65 8.18
N ILE C 7 34.53 -32.19 8.91
CA ILE C 7 34.32 -31.12 9.88
C ILE C 7 33.93 -29.83 9.17
N VAL C 8 34.61 -29.51 8.06
CA VAL C 8 34.26 -28.30 7.31
C VAL C 8 32.86 -28.41 6.74
N THR C 9 32.50 -29.57 6.20
CA THR C 9 31.17 -29.76 5.64
C THR C 9 30.10 -29.58 6.70
N ARG C 10 30.30 -30.19 7.88
CA ARG C 10 29.32 -30.06 8.95
C ARG C 10 29.27 -28.63 9.49
N ALA C 11 30.41 -27.94 9.52
CA ALA C 11 30.41 -26.55 9.94
C ALA C 11 29.58 -25.70 8.99
N LEU C 12 29.73 -25.92 7.69
CA LEU C 12 28.92 -25.18 6.73
C LEU C 12 27.45 -25.57 6.80
N HIS C 13 27.17 -26.83 7.16
CA HIS C 13 25.79 -27.26 7.31
C HIS C 13 25.11 -26.61 8.51
N MET C 14 25.81 -26.53 9.64
CA MET C 14 25.23 -25.91 10.83
C MET C 14 24.94 -24.43 10.62
N ALA C 15 25.76 -23.75 9.82
CA ALA C 15 25.53 -22.36 9.50
C ALA C 15 24.48 -22.17 8.41
N ALA C 16 23.94 -23.27 7.87
CA ALA C 16 22.94 -23.28 6.82
C ALA C 16 23.44 -22.66 5.51
N ILE C 17 24.72 -22.34 5.43
CA ILE C 17 25.27 -21.76 4.20
C ILE C 17 25.19 -22.76 3.06
N VAL C 18 25.61 -23.99 3.31
CA VAL C 18 25.56 -25.08 2.33
C VAL C 18 24.38 -25.96 2.69
N PRO C 19 23.48 -26.26 1.76
CA PRO C 19 22.30 -27.07 2.09
C PRO C 19 22.69 -28.47 2.52
N LEU C 20 21.85 -29.06 3.36
CA LEU C 20 22.10 -30.40 3.88
C LEU C 20 22.19 -31.41 2.75
N GLY C 21 23.19 -32.29 2.82
CA GLY C 21 23.38 -33.32 1.83
C GLY C 21 24.25 -32.91 0.65
N LYS C 22 24.64 -31.65 0.57
CA LYS C 22 25.46 -31.14 -0.52
C LYS C 22 26.87 -30.85 -0.04
N ASP C 23 27.86 -31.30 -0.81
CA ASP C 23 29.24 -31.01 -0.49
C ASP C 23 29.59 -29.57 -0.90
N PRO C 24 30.52 -28.94 -0.20
CA PRO C 24 30.90 -27.56 -0.54
C PRO C 24 31.89 -27.53 -1.70
N LYS C 25 32.13 -26.32 -2.19
CA LYS C 25 33.09 -26.11 -3.27
C LYS C 25 34.52 -26.29 -2.74
N ALA C 26 35.48 -26.23 -3.66
CA ALA C 26 36.88 -26.32 -3.27
C ALA C 26 37.32 -25.08 -2.50
N ALA C 27 36.84 -23.91 -2.90
CA ALA C 27 37.27 -22.66 -2.27
C ALA C 27 36.83 -22.60 -0.81
N GLU C 28 35.56 -22.93 -0.54
CA GLU C 28 35.08 -22.92 0.83
C GLU C 28 35.73 -24.00 1.67
N GLY C 29 36.02 -25.17 1.06
CA GLY C 29 36.76 -26.19 1.78
C GLY C 29 38.15 -25.74 2.18
N GLN C 30 38.85 -25.08 1.26
CA GLN C 30 40.18 -24.55 1.58
C GLN C 30 40.10 -23.48 2.65
N LEU C 31 39.08 -22.60 2.57
CA LEU C 31 38.92 -21.58 3.60
C LEU C 31 38.66 -22.20 4.96
N GLY C 32 37.82 -23.23 5.02
CA GLY C 32 37.58 -23.91 6.28
C GLY C 32 38.81 -24.61 6.82
N LEU C 33 39.60 -25.23 5.92
CA LEU C 33 40.83 -25.87 6.36
C LEU C 33 41.80 -24.85 6.94
N GLU C 34 41.94 -23.70 6.28
CA GLU C 34 42.85 -22.67 6.79
C GLU C 34 42.34 -22.09 8.11
N LEU C 35 41.02 -21.93 8.24
CA LEU C 35 40.46 -21.44 9.50
C LEU C 35 40.73 -22.43 10.63
N LEU C 36 40.55 -23.73 10.36
CA LEU C 36 40.85 -24.73 11.38
C LEU C 36 42.32 -24.74 11.75
N GLN C 37 43.20 -24.62 10.76
CA GLN C 37 44.63 -24.57 11.04
C GLN C 37 44.98 -23.35 11.88
N GLY C 38 44.41 -22.20 11.54
CA GLY C 38 44.64 -21.01 12.34
C GLY C 38 44.13 -21.15 13.77
N LEU C 39 42.97 -21.79 13.93
CA LEU C 39 42.44 -22.03 15.27
C LEU C 39 43.38 -22.90 16.09
N TYR C 40 43.87 -23.98 15.49
CA TYR C 40 44.81 -24.85 16.21
C TYR C 40 46.10 -24.11 16.55
N ASP C 41 46.63 -23.35 15.60
CA ASP C 41 47.87 -22.63 15.85
C ASP C 41 47.70 -21.57 16.93
N GLY C 42 46.57 -20.87 16.93
CA GLY C 42 46.31 -19.91 17.99
C GLY C 42 46.11 -20.57 19.34
N TRP C 43 45.50 -21.75 19.36
CA TRP C 43 45.37 -22.49 20.61
C TRP C 43 46.74 -22.87 21.15
N PHE C 44 47.63 -23.34 20.29
CA PHE C 44 48.95 -23.77 20.76
C PHE C 44 49.81 -22.59 21.18
N ALA C 45 49.86 -21.54 20.35
CA ALA C 45 50.70 -20.39 20.67
C ALA C 45 50.07 -19.50 21.74
N GLY C 46 48.75 -19.49 21.85
CA GLY C 46 48.06 -18.64 22.79
C GLY C 46 48.02 -19.12 24.21
N GLY C 47 48.56 -20.30 24.50
CA GLY C 47 48.59 -20.81 25.85
C GLY C 47 47.34 -21.55 26.29
N MET C 48 46.54 -22.05 25.34
CA MET C 48 45.36 -22.81 25.71
C MET C 48 45.73 -24.09 26.45
N PHE C 49 46.85 -24.72 26.08
CA PHE C 49 47.33 -25.93 26.73
C PHE C 49 48.31 -25.62 27.86
N GLY C 50 48.27 -24.41 28.40
CA GLY C 50 49.12 -24.00 29.50
C GLY C 50 50.37 -23.29 29.01
N ARG C 51 51.11 -22.77 29.98
CA ARG C 51 52.37 -22.09 29.70
C ARG C 51 53.43 -23.16 29.45
N LEU C 52 53.80 -23.33 28.18
CA LEU C 52 54.75 -24.36 27.81
C LEU C 52 56.16 -23.96 28.21
N THR C 53 56.89 -24.88 28.85
CA THR C 53 58.26 -24.63 29.25
C THR C 53 59.16 -24.63 28.01
N ASP C 54 60.00 -23.60 27.90
CA ASP C 54 60.89 -23.47 26.76
C ASP C 54 62.20 -24.18 27.05
N VAL C 55 62.51 -25.23 26.28
CA VAL C 55 63.76 -25.94 26.41
C VAL C 55 64.46 -25.93 25.06
N TYR C 56 65.79 -26.09 25.10
CA TYR C 56 66.62 -26.09 23.90
C TYR C 56 67.51 -27.32 23.95
N THR C 57 67.60 -28.03 22.83
CA THR C 57 68.40 -29.23 22.75
C THR C 57 69.19 -29.26 21.46
N ASP C 58 70.31 -29.97 21.49
CA ASP C 58 71.12 -30.21 20.30
C ASP C 58 71.46 -31.69 20.08
N THR C 59 71.42 -32.52 21.12
CA THR C 59 71.58 -33.96 21.00
C THR C 59 70.21 -34.63 21.10
N ALA C 60 70.21 -35.96 21.16
CA ALA C 60 68.96 -36.69 21.34
C ALA C 60 68.35 -36.35 22.68
N TYR C 61 67.04 -36.07 22.68
CA TYR C 61 66.34 -35.65 23.88
C TYR C 61 64.92 -36.18 23.85
N THR C 62 64.46 -36.69 25.00
CA THR C 62 63.11 -37.23 25.14
C THR C 62 62.27 -36.23 25.91
N ALA C 63 61.25 -35.69 25.26
CA ALA C 63 60.42 -34.66 25.86
C ALA C 63 59.38 -35.25 26.80
N LYS C 64 58.98 -34.45 27.77
CA LYS C 64 57.86 -34.77 28.65
C LYS C 64 56.70 -33.83 28.35
N GLU C 65 55.63 -33.94 29.14
CA GLU C 65 54.42 -33.20 28.86
C GLU C 65 54.62 -31.70 29.04
N GLY C 66 54.08 -30.93 28.11
CA GLY C 66 54.02 -29.49 28.25
C GLY C 66 55.32 -28.75 28.08
N GLU C 67 55.92 -28.80 26.89
CA GLU C 67 57.09 -28.00 26.60
C GLU C 67 57.15 -27.68 25.12
N ARG C 68 57.91 -26.63 24.80
CA ARG C 68 58.34 -26.34 23.45
C ARG C 68 59.86 -26.50 23.38
N VAL C 69 60.30 -27.35 22.45
CA VAL C 69 61.69 -27.77 22.36
C VAL C 69 62.29 -27.20 21.08
N THR C 70 63.31 -26.38 21.23
CA THR C 70 64.05 -25.84 20.09
C THR C 70 65.18 -26.82 19.76
N VAL C 71 65.07 -27.48 18.62
CA VAL C 71 66.01 -28.51 18.22
C VAL C 71 66.99 -27.88 17.24
N ASP C 72 68.28 -27.94 17.58
CA ASP C 72 69.35 -27.41 16.74
C ASP C 72 70.26 -28.60 16.45
N GLY C 73 70.05 -29.23 15.29
CA GLY C 73 70.84 -30.39 14.93
C GLY C 73 70.68 -31.57 15.85
N GLY C 74 69.47 -31.80 16.36
CA GLY C 74 69.25 -32.92 17.26
C GLY C 74 68.04 -33.74 16.90
N THR C 75 67.72 -34.72 17.74
CA THR C 75 66.56 -35.59 17.54
C THR C 75 65.66 -35.52 18.77
N LEU C 76 64.37 -35.35 18.53
CA LEU C 76 63.37 -35.31 19.60
C LEU C 76 62.52 -36.58 19.53
N THR C 77 62.43 -37.28 20.66
CA THR C 77 61.71 -38.54 20.74
C THR C 77 60.46 -38.33 21.61
N ILE C 78 59.29 -38.46 21.00
CA ILE C 78 58.03 -38.34 21.73
C ILE C 78 57.73 -39.70 22.36
N PRO C 79 57.52 -39.77 23.67
CA PRO C 79 57.17 -41.04 24.31
C PRO C 79 55.67 -41.24 24.41
N ASP C 80 55.29 -42.52 24.45
CA ASP C 80 53.90 -42.91 24.58
C ASP C 80 53.48 -43.18 26.02
N THR C 81 54.44 -43.22 26.95
CA THR C 81 54.16 -43.47 28.36
C THR C 81 55.05 -42.60 29.22
N PHE C 82 54.65 -42.42 30.47
CA PHE C 82 55.41 -41.62 31.42
C PHE C 82 55.43 -42.32 32.77
N GLU C 83 56.44 -41.98 33.57
CA GLU C 83 56.54 -42.47 34.95
C GLU C 83 55.88 -41.43 35.85
N ASP C 84 54.73 -41.79 36.43
CA ASP C 84 54.01 -40.86 37.29
C ASP C 84 54.79 -40.66 38.59
N THR C 85 55.08 -39.41 38.94
CA THR C 85 55.89 -39.14 40.12
C THR C 85 55.12 -39.43 41.40
N ASP C 86 53.80 -39.35 41.38
CA ASP C 86 53.01 -39.53 42.60
C ASP C 86 53.03 -40.97 43.07
N THR C 87 52.80 -41.92 42.16
CA THR C 87 52.71 -43.32 42.52
C THR C 87 53.81 -44.20 41.94
N GLY C 88 54.55 -43.73 40.94
CA GLY C 88 55.64 -44.49 40.38
C GLY C 88 55.25 -45.51 39.33
N LEU C 89 53.97 -45.64 39.01
CA LEU C 89 53.53 -46.59 38.00
C LEU C 89 53.49 -45.92 36.62
N THR C 90 53.64 -46.75 35.59
CA THR C 90 53.57 -46.26 34.22
C THR C 90 52.16 -45.76 33.91
N ARG C 91 52.07 -44.62 33.24
CA ARG C 91 50.79 -44.03 32.92
C ARG C 91 50.82 -43.43 31.53
N ALA C 92 49.65 -43.31 30.93
CA ALA C 92 49.52 -42.59 29.67
C ALA C 92 49.68 -41.09 29.92
N PRO C 93 50.13 -40.34 28.91
CA PRO C 93 50.21 -38.88 29.07
C PRO C 93 48.84 -38.30 29.39
N ARG C 94 48.85 -37.24 30.20
CA ARG C 94 47.60 -36.60 30.61
C ARG C 94 46.86 -36.08 29.38
N GLU C 95 45.52 -36.13 29.44
CA GLU C 95 44.71 -35.70 28.32
C GLU C 95 44.97 -34.23 28.00
N LEU C 96 45.05 -33.92 26.70
CA LEU C 96 45.33 -32.57 26.21
C LEU C 96 46.70 -32.09 26.68
N ALA C 97 47.69 -32.98 26.64
CA ALA C 97 49.07 -32.60 26.88
C ALA C 97 49.72 -32.21 25.55
N ALA C 98 50.39 -31.07 25.52
CA ALA C 98 50.90 -30.49 24.30
C ALA C 98 52.42 -30.51 24.29
N ILE C 99 52.99 -30.88 23.15
CA ILE C 99 54.43 -30.83 22.91
C ILE C 99 54.67 -30.10 21.60
N VAL C 100 55.47 -29.03 21.64
CA VAL C 100 55.80 -28.25 20.46
C VAL C 100 57.26 -28.47 20.13
N GLU C 101 57.55 -28.66 18.85
CA GLU C 101 58.91 -28.83 18.38
C GLU C 101 59.22 -27.77 17.34
N ILE C 102 60.30 -27.02 17.55
CA ILE C 102 60.76 -26.00 16.63
C ILE C 102 62.06 -26.51 16.04
N ASN C 103 62.02 -27.02 14.80
CA ASN C 103 63.18 -27.64 14.18
C ASN C 103 63.40 -26.99 12.83
N ALA C 104 64.62 -26.49 12.61
CA ALA C 104 65.04 -25.96 11.31
C ALA C 104 64.10 -24.88 10.79
N GLY C 105 63.42 -24.19 11.70
CA GLY C 105 62.52 -23.10 11.35
C GLY C 105 61.06 -23.49 11.24
N ASN C 106 60.76 -24.78 11.10
CA ASN C 106 59.38 -25.23 11.03
C ASN C 106 58.90 -25.76 12.38
N ILE C 107 57.60 -25.63 12.60
CA ILE C 107 56.98 -25.86 13.89
C ILE C 107 56.04 -27.05 13.77
N THR C 108 56.14 -28.00 14.71
CA THR C 108 55.26 -29.15 14.76
C THR C 108 54.60 -29.20 16.14
N ASN C 109 53.28 -29.18 16.17
CA ASN C 109 52.52 -29.24 17.41
C ASN C 109 51.86 -30.61 17.54
N ARG C 110 52.03 -31.26 18.68
CA ARG C 110 51.41 -32.53 18.97
C ARG C 110 50.59 -32.41 20.25
N VAL C 111 49.40 -33.00 20.23
CA VAL C 111 48.53 -33.03 21.40
C VAL C 111 48.15 -34.49 21.67
N TRP C 112 48.05 -34.84 22.94
CA TRP C 112 47.70 -36.20 23.34
C TRP C 112 46.20 -36.26 23.56
N CYS C 113 45.50 -36.96 22.66
CA CYS C 113 44.06 -37.15 22.81
C CYS C 113 43.70 -38.50 22.21
N GLY C 114 42.60 -39.06 22.70
CA GLY C 114 42.16 -40.37 22.22
C GLY C 114 43.19 -41.46 22.39
N GLY C 115 44.10 -41.31 23.35
CA GLY C 115 45.15 -42.28 23.52
C GLY C 115 46.22 -42.25 22.47
N GLU C 116 46.40 -41.13 21.77
CA GLU C 116 47.43 -41.04 20.76
C GLU C 116 47.89 -39.59 20.59
N TRP C 117 49.09 -39.43 20.05
CA TRP C 117 49.61 -38.12 19.71
C TRP C 117 49.13 -37.73 18.32
N GLN C 118 48.42 -36.61 18.23
CA GLN C 118 47.91 -36.10 16.96
C GLN C 118 48.59 -34.77 16.67
N GLU C 119 49.06 -34.63 15.43
CA GLU C 119 49.74 -33.42 15.00
C GLU C 119 48.73 -32.42 14.44
N CYS C 120 48.83 -31.18 14.88
CA CYS C 120 47.97 -30.10 14.41
C CYS C 120 48.70 -29.16 13.45
N SER C 121 49.74 -29.64 12.78
CA SER C 121 50.50 -28.85 11.83
C SER C 121 50.52 -29.55 10.48
N GLY C 122 50.49 -28.77 9.42
CA GLY C 122 50.45 -29.32 8.08
C GLY C 122 49.20 -30.12 7.80
N LEU C 123 48.04 -29.62 8.22
CA LEU C 123 46.79 -30.34 8.04
C LEU C 123 46.22 -30.12 6.65
N THR C 124 45.78 -31.21 6.03
CA THR C 124 45.05 -31.17 4.77
C THR C 124 43.63 -31.68 4.99
N LEU C 125 42.85 -31.68 3.93
CA LEU C 125 41.44 -32.08 4.02
C LEU C 125 41.26 -33.57 4.23
N ASN C 126 42.31 -34.38 4.12
CA ASN C 126 42.20 -35.82 4.24
C ASN C 126 42.63 -36.35 5.60
N ASP C 127 43.54 -35.66 6.29
CA ASP C 127 44.01 -36.14 7.58
C ASP C 127 42.92 -36.00 8.64
N GLU C 128 42.99 -36.88 9.63
CA GLU C 128 42.06 -36.83 10.75
C GLU C 128 42.23 -35.53 11.51
N ALA C 129 41.12 -34.87 11.81
CA ALA C 129 41.18 -33.59 12.51
C ALA C 129 41.50 -33.82 13.98
N PRO C 130 42.53 -33.17 14.52
CA PRO C 130 42.84 -33.32 15.94
C PRO C 130 41.68 -32.84 16.81
N LEU C 131 41.51 -33.52 17.94
CA LEU C 131 40.48 -33.23 18.94
C LEU C 131 39.07 -33.40 18.40
N SER C 132 38.90 -34.09 17.27
CA SER C 132 37.56 -34.30 16.73
C SER C 132 36.81 -35.35 17.54
N LYS C 133 37.52 -36.28 18.16
CA LYS C 133 36.87 -37.33 18.95
C LYS C 133 36.21 -36.79 20.20
N ARG C 134 36.70 -35.66 20.74
CA ARG C 134 36.07 -35.07 21.91
C ARG C 134 34.64 -34.65 21.62
N ASP C 135 34.45 -33.84 20.57
CA ASP C 135 33.11 -33.54 20.07
C ASP C 135 33.29 -33.06 18.63
N ALA C 136 33.02 -33.95 17.67
CA ALA C 136 33.16 -33.57 16.27
C ALA C 136 32.18 -32.48 15.90
N MET C 137 30.93 -32.61 16.33
CA MET C 137 29.92 -31.60 16.01
C MET C 137 30.19 -30.30 16.74
N GLY C 138 30.71 -30.37 17.97
CA GLY C 138 31.08 -29.15 18.67
C GLY C 138 32.22 -28.42 17.98
N LEU C 139 33.21 -29.16 17.47
CA LEU C 139 34.28 -28.53 16.71
C LEU C 139 33.76 -27.93 15.41
N SER C 140 32.80 -28.61 14.77
CA SER C 140 32.18 -28.05 13.58
C SER C 140 31.46 -26.75 13.89
N CYS C 141 30.73 -26.71 15.01
CA CYS C 141 30.05 -25.48 15.40
C CYS C 141 31.05 -24.36 15.71
N LEU C 142 32.16 -24.70 16.37
CA LEU C 142 33.19 -23.71 16.65
C LEU C 142 33.78 -23.16 15.37
N LEU C 143 34.03 -24.03 14.39
CA LEU C 143 34.53 -23.56 13.09
C LEU C 143 33.51 -22.68 12.39
N ALA C 144 32.23 -23.08 12.43
CA ALA C 144 31.18 -22.28 11.80
C ALA C 144 31.06 -20.91 12.43
N LEU C 145 31.32 -20.82 13.74
CA LEU C 145 31.27 -19.53 14.43
C LEU C 145 32.13 -18.49 13.73
N HIS C 146 33.30 -18.89 13.22
CA HIS C 146 34.18 -17.97 12.51
C HIS C 146 33.93 -17.97 11.00
N MET C 147 33.46 -19.09 10.45
CA MET C 147 33.27 -19.16 9.00
C MET C 147 32.03 -18.43 8.52
N ALA C 148 31.01 -18.29 9.37
CA ALA C 148 29.75 -17.72 8.91
C ALA C 148 29.90 -16.27 8.49
N GLU C 149 30.86 -15.54 9.05
CA GLU C 149 31.01 -14.13 8.72
C GLU C 149 31.52 -13.93 7.31
N ALA C 150 32.35 -14.83 6.81
CA ALA C 150 32.86 -14.71 5.44
C ALA C 150 31.76 -14.83 4.40
N PHE C 151 30.63 -15.44 4.75
CA PHE C 151 29.51 -15.61 3.84
C PHE C 151 28.37 -14.64 4.13
N GLY C 152 28.62 -13.61 4.92
CA GLY C 152 27.61 -12.60 5.19
C GLY C 152 26.41 -13.09 5.96
N THR C 153 26.62 -13.94 6.97
CA THR C 153 25.54 -14.47 7.78
C THR C 153 26.03 -14.67 9.21
N GLN C 154 25.08 -14.72 10.14
CA GLN C 154 25.36 -14.94 11.55
C GLN C 154 24.68 -16.23 11.99
N ILE C 155 25.42 -17.09 12.68
CA ILE C 155 24.85 -18.34 13.15
C ILE C 155 23.87 -18.07 14.29
N GLY C 156 23.04 -19.08 14.57
CA GLY C 156 22.07 -18.97 15.63
C GLY C 156 22.71 -19.06 17.00
N PRO C 157 21.96 -18.70 18.04
CA PRO C 157 22.52 -18.75 19.40
C PRO C 157 22.95 -20.13 19.84
N MET C 158 22.24 -21.18 19.41
CA MET C 158 22.53 -22.52 19.92
C MET C 158 23.83 -23.06 19.32
N THR C 159 24.08 -22.79 18.04
CA THR C 159 25.33 -23.24 17.43
C THR C 159 26.53 -22.56 18.09
N ALA C 160 26.42 -21.25 18.33
CA ALA C 160 27.49 -20.53 19.02
C ALA C 160 27.65 -21.06 20.44
N ARG C 161 26.54 -21.37 21.12
CA ARG C 161 26.64 -21.94 22.47
C ARG C 161 27.37 -23.27 22.45
N ARG C 162 27.08 -24.11 21.46
CA ARG C 162 27.77 -25.39 21.35
C ARG C 162 29.26 -25.19 21.09
N GLY C 163 29.61 -24.23 20.22
CA GLY C 163 31.02 -23.97 19.95
C GLY C 163 31.77 -23.47 21.17
N LEU C 164 31.20 -22.51 21.89
CA LEU C 164 31.84 -22.04 23.12
C LEU C 164 31.86 -23.13 24.19
N GLN C 165 30.87 -24.02 24.21
CA GLN C 165 30.92 -25.14 25.15
C GLN C 165 32.08 -26.07 24.82
N PHE C 166 32.30 -26.35 23.53
CA PHE C 166 33.45 -27.15 23.14
C PHE C 166 34.75 -26.48 23.55
N GLN C 167 34.87 -25.18 23.29
CA GLN C 167 36.08 -24.46 23.66
C GLN C 167 36.30 -24.46 25.16
N GLY C 168 35.24 -24.24 25.93
CA GLY C 168 35.37 -24.24 27.38
C GLY C 168 35.70 -25.62 27.95
N SER C 169 35.16 -26.67 27.33
CA SER C 169 35.51 -28.02 27.75
C SER C 169 36.98 -28.31 27.45
N VAL C 170 37.48 -27.83 26.31
CA VAL C 170 38.89 -28.00 26.00
C VAL C 170 39.76 -27.25 27.01
N SER C 171 39.37 -26.03 27.35
CA SER C 171 40.18 -25.22 28.26
C SER C 171 40.10 -25.72 29.70
N TYR C 172 38.96 -26.31 30.09
CA TYR C 172 38.76 -26.69 31.49
C TYR C 172 39.57 -27.93 31.84
N LYS C 173 39.60 -28.93 30.96
CA LYS C 173 40.28 -30.20 31.20
C LYS C 173 39.74 -30.88 32.46
N LEU C 174 38.43 -30.79 32.65
CA LEU C 174 37.77 -31.38 33.81
C LEU C 174 37.45 -32.85 33.64
N GLY C 175 37.51 -33.37 32.41
CA GLY C 175 37.06 -34.73 32.16
C GLY C 175 37.97 -35.82 32.67
N SER C 176 39.24 -35.51 32.89
CA SER C 176 40.20 -36.53 33.30
C SER C 176 41.20 -35.92 34.28
N THR C 177 42.04 -36.78 34.83
CA THR C 177 43.03 -36.36 35.81
C THR C 177 44.00 -35.35 35.19
N GLN C 178 44.29 -34.30 35.94
CA GLN C 178 45.19 -33.25 35.51
C GLN C 178 46.19 -32.95 36.62
N PRO C 179 47.37 -32.45 36.27
CA PRO C 179 48.36 -32.11 37.31
C PRO C 179 47.83 -31.07 38.28
N ASP C 180 48.22 -31.20 39.54
CA ASP C 180 47.79 -30.28 40.58
C ASP C 180 48.42 -28.91 40.39
N ALA C 181 47.68 -27.87 40.79
CA ALA C 181 48.16 -26.51 40.67
C ALA C 181 49.12 -26.17 41.81
N SER C 182 50.20 -25.47 41.48
CA SER C 182 51.22 -25.07 42.44
C SER C 182 51.24 -23.55 42.56
N GLY C 183 52.02 -23.07 43.54
CA GLY C 183 52.13 -21.65 43.77
C GLY C 183 53.40 -21.33 44.52
N VAL C 184 53.64 -20.02 44.68
CA VAL C 184 54.80 -19.51 45.41
C VAL C 184 54.31 -18.86 46.69
N TYR C 185 54.97 -19.18 47.80
CA TYR C 185 54.50 -18.77 49.12
C TYR C 185 55.46 -17.79 49.80
N TYR C 186 56.37 -17.17 49.06
CA TYR C 186 57.24 -16.16 49.64
C TYR C 186 57.31 -14.92 48.75
N ALA D 2 52.80 -18.28 6.11
CA ALA D 2 52.04 -17.54 5.11
C ALA D 2 52.73 -16.24 4.74
N THR D 3 52.74 -15.91 3.45
CA THR D 3 53.36 -14.68 2.99
C THR D 3 52.41 -13.50 3.19
N CYS D 4 52.94 -12.30 2.94
CA CYS D 4 52.13 -11.09 3.08
C CYS D 4 50.98 -11.09 2.09
N ARG D 5 51.23 -11.57 0.86
CA ARG D 5 50.17 -11.61 -0.15
C ARG D 5 49.04 -12.52 0.29
N ASP D 6 49.36 -13.69 0.85
CA ASP D 6 48.31 -14.59 1.34
C ASP D 6 47.54 -13.96 2.48
N ILE D 7 48.24 -13.27 3.39
CA ILE D 7 47.58 -12.63 4.52
C ILE D 7 46.59 -11.58 4.02
N VAL D 8 47.01 -10.74 3.07
CA VAL D 8 46.13 -9.70 2.55
C VAL D 8 44.94 -10.33 1.81
N THR D 9 45.22 -11.36 1.00
CA THR D 9 44.15 -12.00 0.24
C THR D 9 43.10 -12.60 1.16
N ARG D 10 43.53 -13.30 2.21
CA ARG D 10 42.56 -13.91 3.11
C ARG D 10 41.89 -12.86 4.00
N ALA D 11 42.56 -11.75 4.28
CA ALA D 11 41.91 -10.66 4.97
C ALA D 11 40.76 -10.11 4.13
N LEU D 12 41.00 -9.91 2.83
CA LEU D 12 39.93 -9.42 1.97
C LEU D 12 38.84 -10.46 1.77
N HIS D 13 39.19 -11.75 1.78
CA HIS D 13 38.19 -12.80 1.68
C HIS D 13 37.29 -12.82 2.92
N MET D 14 37.91 -12.74 4.11
CA MET D 14 37.13 -12.74 5.35
C MET D 14 36.26 -11.49 5.45
N ALA D 15 36.81 -10.34 5.05
CA ALA D 15 36.03 -9.11 5.06
C ALA D 15 34.97 -9.07 3.97
N ALA D 16 34.99 -10.04 3.04
CA ALA D 16 33.95 -10.19 2.01
C ALA D 16 33.90 -9.00 1.07
N ILE D 17 35.05 -8.58 0.57
CA ILE D 17 35.14 -7.61 -0.52
C ILE D 17 35.57 -8.26 -1.81
N VAL D 18 36.65 -9.04 -1.77
CA VAL D 18 37.12 -9.79 -2.92
C VAL D 18 36.40 -11.13 -2.94
N PRO D 19 35.93 -11.60 -4.11
CA PRO D 19 35.27 -12.91 -4.16
C PRO D 19 36.18 -14.00 -3.64
N LEU D 20 35.60 -14.95 -2.91
CA LEU D 20 36.37 -16.01 -2.28
C LEU D 20 37.08 -16.86 -3.33
N GLY D 21 38.39 -17.04 -3.16
CA GLY D 21 39.20 -17.81 -4.07
C GLY D 21 39.88 -17.00 -5.14
N LYS D 22 39.51 -15.73 -5.31
CA LYS D 22 40.08 -14.87 -6.33
C LYS D 22 41.11 -13.92 -5.71
N ASP D 23 42.14 -13.61 -6.49
CA ASP D 23 43.17 -12.69 -6.06
C ASP D 23 42.69 -11.25 -6.15
N PRO D 24 43.17 -10.37 -5.27
CA PRO D 24 42.77 -8.97 -5.31
C PRO D 24 43.56 -8.19 -6.35
N LYS D 25 43.11 -6.97 -6.61
CA LYS D 25 43.77 -6.09 -7.55
C LYS D 25 45.07 -5.55 -6.96
N ALA D 26 45.86 -4.90 -7.82
CA ALA D 26 47.16 -4.38 -7.39
C ALA D 26 46.99 -3.30 -6.33
N ALA D 27 46.03 -2.39 -6.52
CA ALA D 27 45.83 -1.32 -5.55
C ALA D 27 45.39 -1.86 -4.20
N GLU D 28 44.47 -2.83 -4.19
CA GLU D 28 44.02 -3.42 -2.94
C GLU D 28 45.16 -4.14 -2.23
N GLY D 29 45.97 -4.88 -2.98
CA GLY D 29 47.12 -5.54 -2.38
C GLY D 29 48.12 -4.56 -1.81
N GLN D 30 48.36 -3.45 -2.52
CA GLN D 30 49.27 -2.43 -2.01
C GLN D 30 48.73 -1.80 -0.73
N LEU D 31 47.42 -1.52 -0.69
CA LEU D 31 46.84 -0.97 0.52
C LEU D 31 46.95 -1.95 1.69
N GLY D 32 46.68 -3.23 1.43
CA GLY D 32 46.82 -4.21 2.49
C GLY D 32 48.25 -4.34 3.00
N LEU D 33 49.22 -4.33 2.07
CA LEU D 33 50.62 -4.38 2.47
C LEU D 33 51.00 -3.17 3.30
N GLU D 34 50.56 -1.98 2.88
CA GLU D 34 50.86 -0.77 3.64
C GLU D 34 50.24 -0.83 5.03
N LEU D 35 49.00 -1.32 5.13
CA LEU D 35 48.36 -1.43 6.43
C LEU D 35 49.08 -2.41 7.33
N LEU D 36 49.50 -3.56 6.79
CA LEU D 36 50.24 -4.53 7.58
C LEU D 36 51.58 -3.97 8.05
N GLN D 37 52.29 -3.28 7.16
CA GLN D 37 53.56 -2.67 7.53
C GLN D 37 53.36 -1.62 8.62
N GLY D 38 52.33 -0.79 8.48
CA GLY D 38 52.04 0.20 9.50
C GLY D 38 51.70 -0.42 10.83
N LEU D 39 50.94 -1.53 10.81
CA LEU D 39 50.63 -2.24 12.05
C LEU D 39 51.88 -2.76 12.72
N TYR D 40 52.79 -3.35 11.93
CA TYR D 40 54.03 -3.87 12.52
C TYR D 40 54.88 -2.74 13.10
N ASP D 41 55.00 -1.63 12.37
CA ASP D 41 55.80 -0.52 12.87
C ASP D 41 55.18 0.09 14.12
N GLY D 42 53.85 0.18 14.16
CA GLY D 42 53.20 0.68 15.37
C GLY D 42 53.38 -0.25 16.55
N TRP D 43 53.35 -1.56 16.30
CA TRP D 43 53.62 -2.52 17.37
C TRP D 43 55.04 -2.35 17.90
N PHE D 44 56.02 -2.18 17.01
CA PHE D 44 57.40 -2.07 17.45
C PHE D 44 57.66 -0.75 18.17
N ALA D 45 57.14 0.36 17.65
CA ALA D 45 57.37 1.65 18.27
C ALA D 45 56.42 1.92 19.43
N GLY D 46 55.25 1.30 19.45
CA GLY D 46 54.28 1.53 20.49
C GLY D 46 54.48 0.76 21.77
N GLY D 47 55.51 -0.07 21.84
CA GLY D 47 55.78 -0.83 23.04
C GLY D 47 55.04 -2.14 23.17
N MET D 48 54.57 -2.71 22.05
CA MET D 48 53.91 -4.01 22.11
C MET D 48 54.86 -5.09 22.62
N PHE D 49 56.13 -5.03 22.22
CA PHE D 49 57.14 -5.96 22.69
C PHE D 49 57.87 -5.46 23.92
N GLY D 50 57.24 -4.59 24.69
CA GLY D 50 57.84 -4.06 25.90
C GLY D 50 58.71 -2.85 25.65
N ARG D 51 59.06 -2.17 26.73
CA ARG D 51 59.96 -1.03 26.66
C ARG D 51 61.37 -1.53 26.34
N LEU D 52 61.95 -0.99 25.27
CA LEU D 52 63.25 -1.46 24.77
C LEU D 52 64.34 -0.51 25.24
N THR D 53 65.36 -1.06 25.88
CA THR D 53 66.49 -0.26 26.34
C THR D 53 67.29 0.26 25.15
N ASP D 54 67.70 1.52 25.24
CA ASP D 54 68.45 2.16 24.18
C ASP D 54 69.94 1.93 24.36
N VAL D 55 70.58 1.41 23.32
CA VAL D 55 72.02 1.16 23.31
C VAL D 55 72.59 1.87 22.09
N TYR D 56 73.77 2.47 22.24
CA TYR D 56 74.42 3.18 21.15
C TYR D 56 75.84 2.63 21.02
N THR D 57 76.22 2.26 19.80
CA THR D 57 77.49 1.57 19.58
C THR D 57 78.26 2.20 18.43
N ASP D 58 79.58 2.02 18.46
CA ASP D 58 80.49 2.41 17.39
C ASP D 58 81.27 1.26 16.80
N THR D 59 81.58 0.24 17.58
CA THR D 59 82.31 -0.93 17.11
C THR D 59 81.34 -2.09 16.91
N ALA D 60 81.89 -3.27 16.63
CA ALA D 60 81.06 -4.46 16.51
C ALA D 60 80.41 -4.77 17.85
N TYR D 61 79.10 -5.01 17.82
CA TYR D 61 78.32 -5.23 19.02
C TYR D 61 77.38 -6.41 18.82
N THR D 62 77.23 -7.22 19.86
CA THR D 62 76.31 -8.35 19.84
C THR D 62 75.03 -7.94 20.55
N ALA D 63 73.91 -7.97 19.81
CA ALA D 63 72.65 -7.49 20.35
C ALA D 63 72.10 -8.43 21.40
N LYS D 64 71.29 -7.88 22.30
CA LYS D 64 70.55 -8.63 23.30
C LYS D 64 69.06 -8.45 23.07
N GLU D 65 68.27 -9.25 23.78
CA GLU D 65 66.82 -9.18 23.65
C GLU D 65 66.30 -7.86 24.18
N GLY D 66 65.29 -7.31 23.50
CA GLY D 66 64.65 -6.09 23.92
C GLY D 66 65.56 -4.87 23.90
N GLU D 67 66.29 -4.66 22.81
CA GLU D 67 67.22 -3.55 22.69
C GLU D 67 66.99 -2.79 21.41
N ARG D 68 67.14 -1.47 21.49
CA ARG D 68 67.17 -0.57 20.34
C ARG D 68 68.61 -0.09 20.19
N VAL D 69 69.33 -0.65 19.23
CA VAL D 69 70.75 -0.40 19.04
C VAL D 69 70.92 0.60 17.91
N THR D 70 71.57 1.72 18.21
CA THR D 70 71.90 2.75 17.23
C THR D 70 73.35 2.56 16.82
N VAL D 71 73.56 2.22 15.54
CA VAL D 71 74.90 1.98 15.01
C VAL D 71 75.37 3.26 14.32
N ASP D 72 76.55 3.72 14.69
CA ASP D 72 77.14 4.94 14.16
C ASP D 72 78.53 4.66 13.61
N GLY D 73 78.64 3.61 12.80
CA GLY D 73 79.90 3.25 12.17
C GLY D 73 80.34 1.81 12.40
N GLY D 74 79.67 1.04 13.24
CA GLY D 74 80.05 -0.34 13.47
C GLY D 74 79.12 -1.33 12.83
N THR D 75 79.02 -2.53 13.42
CA THR D 75 78.13 -3.57 12.95
C THR D 75 77.39 -4.17 14.12
N LEU D 76 76.21 -4.75 13.84
CA LEU D 76 75.38 -5.38 14.84
C LEU D 76 75.21 -6.85 14.49
N THR D 77 75.62 -7.73 15.40
CA THR D 77 75.53 -9.17 15.20
C THR D 77 74.38 -9.72 16.03
N ILE D 78 73.36 -10.24 15.36
CA ILE D 78 72.20 -10.81 16.04
C ILE D 78 72.53 -12.27 16.35
N PRO D 79 72.43 -12.69 17.61
CA PRO D 79 72.71 -14.08 17.95
C PRO D 79 71.45 -14.95 17.92
N ASP D 80 71.67 -16.23 17.66
CA ASP D 80 70.59 -17.21 17.64
C ASP D 80 70.45 -17.98 18.94
N THR D 81 71.32 -17.73 19.92
CA THR D 81 71.29 -18.43 21.20
C THR D 81 71.72 -17.47 22.30
N PHE D 82 71.28 -17.78 23.52
CA PHE D 82 71.59 -16.96 24.68
C PHE D 82 71.92 -17.85 25.88
N GLU D 83 72.73 -17.32 26.78
CA GLU D 83 73.01 -17.97 28.05
C GLU D 83 72.14 -17.33 29.13
N ASP D 84 71.08 -18.03 29.53
CA ASP D 84 70.16 -17.49 30.52
C ASP D 84 70.83 -17.52 31.90
N THR D 85 70.67 -16.42 32.64
CA THR D 85 71.30 -16.32 33.95
C THR D 85 70.66 -17.22 35.00
N ASP D 86 69.46 -17.74 34.73
CA ASP D 86 68.78 -18.57 35.71
C ASP D 86 69.53 -19.86 35.97
N THR D 87 70.02 -20.52 34.91
CA THR D 87 70.73 -21.78 35.05
C THR D 87 71.99 -21.90 34.21
N GLY D 88 72.21 -21.01 33.24
CA GLY D 88 73.44 -21.01 32.48
C GLY D 88 73.47 -21.89 31.26
N LEU D 89 72.42 -22.64 30.98
CA LEU D 89 72.39 -23.45 29.78
C LEU D 89 72.11 -22.59 28.55
N THR D 90 72.45 -23.14 27.39
CA THR D 90 72.16 -22.47 26.13
C THR D 90 70.68 -22.59 25.79
N ARG D 91 70.05 -21.47 25.44
CA ARG D 91 68.64 -21.45 25.16
C ARG D 91 68.37 -20.62 23.90
N ALA D 92 67.26 -20.92 23.26
CA ALA D 92 66.80 -20.06 22.17
C ALA D 92 66.26 -18.75 22.73
N PRO D 93 66.29 -17.68 21.94
CA PRO D 93 65.73 -16.41 22.43
C PRO D 93 64.27 -16.57 22.78
N ARG D 94 63.83 -15.82 23.80
CA ARG D 94 62.45 -15.91 24.25
C ARG D 94 61.50 -15.51 23.13
N GLU D 95 60.34 -16.16 23.11
CA GLU D 95 59.38 -15.90 22.05
C GLU D 95 58.93 -14.45 22.07
N LEU D 96 58.76 -13.87 20.88
CA LEU D 96 58.36 -12.47 20.72
C LEU D 96 59.39 -11.52 21.33
N ALA D 97 60.66 -11.88 21.24
CA ALA D 97 61.73 -10.97 21.63
C ALA D 97 62.06 -10.05 20.45
N ALA D 98 62.19 -8.76 20.73
CA ALA D 98 62.34 -7.75 19.70
C ALA D 98 63.72 -7.11 19.77
N ILE D 99 64.30 -6.88 18.59
CA ILE D 99 65.55 -6.14 18.45
C ILE D 99 65.38 -5.12 17.35
N VAL D 100 65.64 -3.86 17.66
CA VAL D 100 65.53 -2.76 16.70
C VAL D 100 66.93 -2.26 16.41
N GLU D 101 67.23 -2.06 15.13
CA GLU D 101 68.53 -1.56 14.69
C GLU D 101 68.33 -0.28 13.89
N ILE D 102 69.01 0.79 14.31
CA ILE D 102 68.93 2.08 13.65
C ILE D 102 70.31 2.38 13.06
N ASN D 103 70.39 2.40 11.74
CA ASN D 103 71.65 2.60 11.03
C ASN D 103 71.44 3.63 9.93
N ALA D 104 72.05 4.80 10.10
CA ALA D 104 72.03 5.86 9.09
C ALA D 104 70.61 6.22 8.66
N GLY D 105 69.71 6.30 9.65
CA GLY D 105 68.33 6.63 9.38
C GLY D 105 67.46 5.49 8.94
N ASN D 106 68.01 4.29 8.78
CA ASN D 106 67.25 3.12 8.40
C ASN D 106 66.94 2.28 9.64
N ILE D 107 65.67 1.88 9.76
CA ILE D 107 65.18 1.16 10.93
C ILE D 107 64.87 -0.27 10.50
N THR D 108 65.43 -1.24 11.23
CA THR D 108 65.20 -2.65 10.97
C THR D 108 64.70 -3.30 12.25
N ASN D 109 63.51 -3.90 12.19
CA ASN D 109 62.89 -4.53 13.34
C ASN D 109 62.91 -6.04 13.15
N ARG D 110 63.42 -6.76 14.14
CA ARG D 110 63.47 -8.21 14.12
C ARG D 110 62.76 -8.76 15.33
N VAL D 111 61.95 -9.80 15.12
CA VAL D 111 61.21 -10.45 16.19
C VAL D 111 61.45 -11.95 16.10
N TRP D 112 61.54 -12.61 17.25
CA TRP D 112 61.80 -14.04 17.31
C TRP D 112 60.48 -14.79 17.36
N CYS D 113 60.25 -15.65 16.38
CA CYS D 113 59.05 -16.48 16.35
C CYS D 113 59.31 -17.66 15.43
N GLY D 114 59.06 -18.86 15.94
CA GLY D 114 59.27 -20.07 15.14
C GLY D 114 60.72 -20.34 14.80
N GLY D 115 61.64 -20.03 15.71
CA GLY D 115 63.04 -20.36 15.50
C GLY D 115 63.79 -19.46 14.54
N GLU D 116 63.20 -18.34 14.12
CA GLU D 116 63.85 -17.44 13.18
C GLU D 116 63.68 -15.99 13.63
N TRP D 117 64.64 -15.15 13.22
CA TRP D 117 64.56 -13.72 13.45
C TRP D 117 63.84 -13.09 12.27
N GLN D 118 62.51 -13.07 12.34
CA GLN D 118 61.71 -12.52 11.26
C GLN D 118 61.87 -11.00 11.22
N GLU D 119 62.12 -10.47 10.02
CA GLU D 119 62.28 -9.04 9.82
C GLU D 119 60.94 -8.40 9.51
N CYS D 120 60.59 -7.36 10.26
CA CYS D 120 59.32 -6.67 10.11
C CYS D 120 59.45 -5.34 9.39
N SER D 121 60.57 -5.09 8.73
CA SER D 121 60.81 -3.84 8.03
C SER D 121 61.04 -4.10 6.54
N GLY D 122 60.56 -3.17 5.72
CA GLY D 122 60.71 -3.31 4.28
C GLY D 122 59.97 -4.51 3.71
N LEU D 123 58.75 -4.76 4.18
CA LEU D 123 57.99 -5.91 3.74
C LEU D 123 57.36 -5.65 2.38
N THR D 124 57.46 -6.62 1.49
CA THR D 124 56.73 -6.65 0.23
C THR D 124 55.75 -7.81 0.27
N LEU D 125 55.02 -7.98 -0.85
CA LEU D 125 54.00 -9.03 -0.90
C LEU D 125 54.60 -10.41 -1.01
N ASN D 126 55.88 -10.53 -1.35
CA ASN D 126 56.52 -11.82 -1.58
C ASN D 126 57.29 -12.34 -0.38
N ASP D 127 57.30 -11.61 0.73
CA ASP D 127 58.01 -12.05 1.93
C ASP D 127 57.04 -12.69 2.92
N GLU D 128 57.57 -13.62 3.71
CA GLU D 128 56.77 -14.27 4.74
C GLU D 128 56.32 -13.26 5.78
N ALA D 129 55.04 -13.31 6.13
CA ALA D 129 54.52 -12.37 7.11
C ALA D 129 55.02 -12.74 8.50
N PRO D 130 55.64 -11.82 9.23
CA PRO D 130 56.07 -12.13 10.60
C PRO D 130 54.89 -12.48 11.48
N LEU D 131 55.11 -13.39 12.42
CA LEU D 131 54.12 -13.89 13.37
C LEU D 131 52.96 -14.59 12.71
N SER D 132 53.08 -14.97 11.43
CA SER D 132 52.00 -15.67 10.76
C SER D 132 51.86 -17.10 11.28
N LYS D 133 52.96 -17.72 11.71
CA LYS D 133 52.88 -19.07 12.27
C LYS D 133 52.13 -19.10 13.59
N ARG D 134 51.95 -17.96 14.25
CA ARG D 134 51.13 -17.92 15.46
C ARG D 134 49.68 -18.22 15.13
N ASP D 135 49.07 -17.38 14.29
CA ASP D 135 47.73 -17.66 13.78
C ASP D 135 47.59 -16.83 12.51
N ALA D 136 47.62 -17.50 11.35
CA ALA D 136 47.50 -16.78 10.08
C ALA D 136 46.11 -16.18 9.92
N MET D 137 45.08 -16.94 10.25
CA MET D 137 43.71 -16.45 10.10
C MET D 137 43.44 -15.29 11.06
N GLY D 138 43.99 -15.36 12.28
CA GLY D 138 43.85 -14.25 13.20
C GLY D 138 44.49 -12.97 12.70
N LEU D 139 45.70 -13.09 12.13
CA LEU D 139 46.35 -11.93 11.56
C LEU D 139 45.57 -11.38 10.38
N SER D 140 45.01 -12.27 9.55
CA SER D 140 44.18 -11.82 8.44
C SER D 140 42.94 -11.08 8.94
N CYS D 141 42.30 -11.59 9.99
CA CYS D 141 41.13 -10.91 10.55
C CYS D 141 41.50 -9.56 11.12
N LEU D 142 42.65 -9.48 11.81
CA LEU D 142 43.10 -8.21 12.35
C LEU D 142 43.38 -7.20 11.25
N LEU D 143 44.00 -7.66 10.16
CA LEU D 143 44.23 -6.76 9.02
C LEU D 143 42.92 -6.31 8.39
N ALA D 144 41.97 -7.24 8.23
CA ALA D 144 40.68 -6.89 7.64
C ALA D 144 39.93 -5.89 8.50
N LEU D 145 40.12 -5.96 9.83
CA LEU D 145 39.47 -5.01 10.73
C LEU D 145 39.76 -3.56 10.35
N HIS D 146 40.96 -3.30 9.84
CA HIS D 146 41.31 -1.97 9.35
C HIS D 146 41.11 -1.80 7.86
N MET D 147 41.19 -2.89 7.09
CA MET D 147 41.03 -2.80 5.65
C MET D 147 39.58 -2.47 5.26
N ALA D 148 38.61 -2.98 6.03
CA ALA D 148 37.22 -2.87 5.62
C ALA D 148 36.74 -1.43 5.55
N GLU D 149 37.32 -0.55 6.38
CA GLU D 149 36.86 0.84 6.41
C GLU D 149 37.19 1.58 5.11
N ALA D 150 38.33 1.27 4.50
CA ALA D 150 38.71 1.92 3.25
C ALA D 150 37.74 1.61 2.11
N PHE D 151 37.05 0.47 2.18
CA PHE D 151 36.11 0.07 1.14
C PHE D 151 34.69 0.50 1.44
N GLY D 152 34.47 1.26 2.51
CA GLY D 152 33.14 1.74 2.84
C GLY D 152 32.24 0.72 3.50
N THR D 153 32.79 -0.38 4.00
CA THR D 153 32.00 -1.42 4.63
C THR D 153 32.58 -1.73 6.02
N GLN D 154 31.88 -2.59 6.75
CA GLN D 154 32.31 -3.02 8.08
C GLN D 154 32.17 -4.54 8.18
N ILE D 155 33.04 -5.14 8.97
CA ILE D 155 33.01 -6.58 9.18
C ILE D 155 32.13 -6.88 10.39
N GLY D 156 31.72 -8.14 10.51
CA GLY D 156 30.87 -8.57 11.59
C GLY D 156 31.64 -8.67 12.90
N PRO D 157 30.90 -8.88 14.01
CA PRO D 157 31.55 -8.93 15.32
C PRO D 157 32.56 -10.07 15.46
N MET D 158 32.34 -11.21 14.82
CA MET D 158 33.21 -12.36 15.05
C MET D 158 34.60 -12.16 14.45
N THR D 159 34.67 -11.54 13.27
CA THR D 159 35.99 -11.26 12.68
C THR D 159 36.79 -10.30 13.54
N ALA D 160 36.13 -9.24 14.03
CA ALA D 160 36.81 -8.32 14.94
C ALA D 160 37.22 -9.00 16.23
N ARG D 161 36.37 -9.91 16.73
CA ARG D 161 36.72 -10.65 17.94
C ARG D 161 37.94 -11.52 17.72
N ARG D 162 38.02 -12.19 16.57
CA ARG D 162 39.18 -13.02 16.27
C ARG D 162 40.44 -12.18 16.13
N GLY D 163 40.35 -11.04 15.45
CA GLY D 163 41.51 -10.16 15.34
C GLY D 163 41.98 -9.64 16.68
N LEU D 164 41.04 -9.23 17.53
CA LEU D 164 41.40 -8.77 18.86
C LEU D 164 41.95 -9.88 19.72
N GLN D 165 41.47 -11.11 19.53
CA GLN D 165 42.03 -12.25 20.24
C GLN D 165 43.48 -12.49 19.82
N PHE D 166 43.77 -12.37 18.52
CA PHE D 166 45.14 -12.50 18.06
C PHE D 166 46.02 -11.41 18.67
N GLN D 167 45.53 -10.18 18.66
CA GLN D 167 46.31 -9.07 19.22
C GLN D 167 46.56 -9.27 20.71
N GLY D 168 45.53 -9.70 21.45
CA GLY D 168 45.70 -9.96 22.87
C GLY D 168 46.63 -11.13 23.16
N SER D 169 46.62 -12.14 22.29
CA SER D 169 47.55 -13.25 22.45
C SER D 169 48.98 -12.78 22.23
N VAL D 170 49.20 -11.91 21.25
CA VAL D 170 50.53 -11.35 21.05
C VAL D 170 50.95 -10.51 22.25
N SER D 171 50.03 -9.72 22.80
CA SER D 171 50.37 -8.85 23.92
C SER D 171 50.61 -9.63 25.20
N TYR D 172 49.87 -10.73 25.39
CA TYR D 172 49.95 -11.48 26.64
C TYR D 172 51.27 -12.24 26.75
N LYS D 173 51.69 -12.90 25.67
CA LYS D 173 52.87 -13.76 25.67
C LYS D 173 52.78 -14.83 26.75
N LEU D 174 51.61 -15.46 26.83
CA LEU D 174 51.35 -16.46 27.87
C LEU D 174 51.72 -17.87 27.45
N GLY D 175 51.77 -18.15 26.15
CA GLY D 175 51.98 -19.51 25.68
C GLY D 175 53.39 -20.05 25.82
N SER D 176 54.35 -19.21 26.21
CA SER D 176 55.73 -19.64 26.35
C SER D 176 56.37 -18.92 27.52
N THR D 177 57.51 -19.44 27.97
CA THR D 177 58.23 -18.85 29.08
C THR D 177 58.65 -17.43 28.76
N GLN D 178 58.55 -16.56 29.75
CA GLN D 178 58.90 -15.15 29.63
C GLN D 178 59.72 -14.72 30.84
N PRO D 179 60.53 -13.68 30.70
CA PRO D 179 61.33 -13.22 31.84
C PRO D 179 60.44 -12.77 32.99
N ASP D 180 60.94 -12.96 34.21
CA ASP D 180 60.19 -12.60 35.40
C ASP D 180 60.01 -11.09 35.50
N ALA D 181 58.92 -10.69 36.13
CA ALA D 181 58.60 -9.28 36.31
C ALA D 181 59.27 -8.77 37.58
N SER D 182 59.99 -7.65 37.46
CA SER D 182 60.72 -7.05 38.56
C SER D 182 60.26 -5.62 38.78
N GLY D 183 60.46 -5.14 40.01
CA GLY D 183 60.08 -3.79 40.36
C GLY D 183 61.05 -3.19 41.36
N VAL D 184 60.88 -1.90 41.63
CA VAL D 184 61.69 -1.18 42.58
C VAL D 184 61.01 -1.20 43.93
N TYR D 185 61.80 -1.10 45.00
CA TYR D 185 61.29 -1.21 46.35
C TYR D 185 61.74 -0.10 47.29
N TYR D 186 62.47 0.90 46.81
CA TYR D 186 62.88 2.01 47.66
C TYR D 186 61.72 2.99 47.84
N ALA E 2 57.42 7.68 4.32
CA ALA E 2 56.43 8.12 3.35
C ALA E 2 56.40 9.64 3.27
N THR E 3 56.34 10.16 2.04
CA THR E 3 56.28 11.60 1.84
C THR E 3 54.91 12.14 2.25
N CYS E 4 54.83 13.48 2.33
CA CYS E 4 53.58 14.11 2.72
C CYS E 4 52.48 13.82 1.71
N ARG E 5 52.83 13.77 0.42
CA ARG E 5 51.84 13.44 -0.60
C ARG E 5 51.27 12.04 -0.38
N ASP E 6 52.13 11.08 -0.05
CA ASP E 6 51.65 9.72 0.24
C ASP E 6 50.75 9.70 1.47
N ILE E 7 51.12 10.47 2.50
CA ILE E 7 50.30 10.52 3.71
C ILE E 7 48.92 11.07 3.39
N VAL E 8 48.86 12.16 2.62
CA VAL E 8 47.57 12.76 2.28
C VAL E 8 46.75 11.81 1.42
N THR E 9 47.39 11.16 0.44
CA THR E 9 46.67 10.24 -0.44
C THR E 9 46.08 9.08 0.34
N ARG E 10 46.88 8.50 1.26
CA ARG E 10 46.38 7.38 2.05
C ARG E 10 45.33 7.83 3.05
N ALA E 11 45.44 9.05 3.57
CA ALA E 11 44.40 9.59 4.44
C ALA E 11 43.08 9.71 3.71
N LEU E 12 43.11 10.22 2.47
CA LEU E 12 41.89 10.32 1.69
C LEU E 12 41.36 8.95 1.30
N HIS E 13 42.25 7.99 1.03
CA HIS E 13 41.81 6.64 0.70
C HIS E 13 41.13 5.97 1.87
N MET E 14 41.68 6.12 3.09
CA MET E 14 41.11 5.46 4.25
C MET E 14 39.76 6.03 4.64
N ALA E 15 39.45 7.27 4.25
CA ALA E 15 38.15 7.87 4.50
C ALA E 15 37.15 7.57 3.39
N ALA E 16 37.55 6.81 2.38
CA ALA E 16 36.74 6.45 1.21
C ALA E 16 36.34 7.67 0.38
N ILE E 17 36.93 8.83 0.66
CA ILE E 17 36.63 10.01 -0.14
C ILE E 17 37.17 9.87 -1.55
N VAL E 18 38.41 9.42 -1.67
CA VAL E 18 39.07 9.19 -2.96
C VAL E 18 39.11 7.68 -3.19
N PRO E 19 38.63 7.18 -4.32
CA PRO E 19 38.69 5.73 -4.56
C PRO E 19 40.12 5.25 -4.68
N LEU E 20 40.32 3.97 -4.35
CA LEU E 20 41.66 3.40 -4.38
C LEU E 20 42.24 3.44 -5.79
N GLY E 21 43.54 3.67 -5.88
CA GLY E 21 44.22 3.75 -7.16
C GLY E 21 44.13 5.10 -7.85
N LYS E 22 43.51 6.08 -7.22
CA LYS E 22 43.37 7.42 -7.80
C LYS E 22 44.00 8.45 -6.88
N ASP E 23 44.59 9.47 -7.48
CA ASP E 23 45.22 10.55 -6.74
C ASP E 23 44.29 11.76 -6.65
N PRO E 24 44.34 12.50 -5.55
CA PRO E 24 43.47 13.67 -5.41
C PRO E 24 43.98 14.86 -6.23
N LYS E 25 43.14 15.89 -6.29
CA LYS E 25 43.50 17.12 -6.99
C LYS E 25 44.55 17.90 -6.19
N ALA E 26 44.92 19.06 -6.72
CA ALA E 26 45.84 19.93 -6.00
C ALA E 26 45.18 20.54 -4.78
N ALA E 27 43.87 20.80 -4.85
CA ALA E 27 43.18 21.46 -3.75
C ALA E 27 43.15 20.59 -2.50
N GLU E 28 42.75 19.32 -2.66
CA GLU E 28 42.69 18.43 -1.50
C GLU E 28 44.09 18.13 -0.97
N GLY E 29 45.07 18.00 -1.87
CA GLY E 29 46.43 17.80 -1.41
C GLY E 29 46.95 18.97 -0.59
N GLN E 30 46.68 20.19 -1.04
CA GLN E 30 47.08 21.37 -0.29
C GLN E 30 46.36 21.45 1.05
N LEU E 31 45.07 21.13 1.06
CA LEU E 31 44.33 21.14 2.32
C LEU E 31 44.88 20.12 3.31
N GLY E 32 45.19 18.92 2.82
CA GLY E 32 45.77 17.90 3.68
C GLY E 32 47.15 18.29 4.19
N LEU E 33 47.97 18.90 3.33
CA LEU E 33 49.28 19.36 3.76
C LEU E 33 49.16 20.43 4.83
N GLU E 34 48.22 21.37 4.66
CA GLU E 34 48.02 22.40 5.66
C GLU E 34 47.52 21.82 6.97
N LEU E 35 46.63 20.84 6.90
CA LEU E 35 46.14 20.19 8.11
C LEU E 35 47.26 19.46 8.85
N LEU E 36 48.12 18.76 8.10
CA LEU E 36 49.24 18.07 8.72
C LEU E 36 50.21 19.06 9.35
N GLN E 37 50.50 20.16 8.66
CA GLN E 37 51.37 21.19 9.21
C GLN E 37 50.79 21.77 10.49
N GLY E 38 49.49 22.06 10.47
CA GLY E 38 48.85 22.60 11.67
C GLY E 38 48.85 21.61 12.82
N LEU E 39 48.65 20.33 12.53
CA LEU E 39 48.69 19.32 13.58
C LEU E 39 50.08 19.23 14.20
N TYR E 40 51.13 19.28 13.38
CA TYR E 40 52.49 19.27 13.91
C TYR E 40 52.77 20.51 14.74
N ASP E 41 52.35 21.68 14.27
CA ASP E 41 52.57 22.90 15.03
C ASP E 41 51.83 22.87 16.35
N GLY E 42 50.60 22.34 16.36
CA GLY E 42 49.86 22.21 17.60
C GLY E 42 50.49 21.23 18.56
N TRP E 43 51.04 20.14 18.02
CA TRP E 43 51.76 19.19 18.87
C TRP E 43 52.97 19.84 19.52
N PHE E 44 53.72 20.62 18.74
CA PHE E 44 54.93 21.24 19.29
C PHE E 44 54.60 22.35 20.28
N ALA E 45 53.60 23.17 19.98
CA ALA E 45 53.24 24.27 20.87
C ALA E 45 52.35 23.80 22.03
N GLY E 46 51.60 22.73 21.84
CA GLY E 46 50.69 22.25 22.86
C GLY E 46 51.29 21.40 23.95
N GLY E 47 52.59 21.11 23.88
CA GLY E 47 53.24 20.32 24.90
C GLY E 47 53.18 18.83 24.71
N MET E 48 52.94 18.35 23.49
CA MET E 48 52.93 16.91 23.25
C MET E 48 54.30 16.31 23.51
N PHE E 49 55.37 17.06 23.30
CA PHE E 49 56.72 16.62 23.58
C PHE E 49 57.22 17.12 24.92
N GLY E 50 56.31 17.39 25.85
CA GLY E 50 56.67 17.87 27.18
C GLY E 50 56.83 19.37 27.24
N ARG E 51 56.89 19.88 28.46
CA ARG E 51 57.11 21.30 28.68
C ARG E 51 58.55 21.64 28.35
N LEU E 52 58.76 22.55 27.42
CA LEU E 52 60.09 22.89 26.93
C LEU E 52 60.64 24.08 27.70
N THR E 53 61.82 23.89 28.29
CA THR E 53 62.48 24.99 29.00
C THR E 53 62.94 26.04 28.00
N ASP E 54 62.71 27.30 28.33
CA ASP E 54 63.08 28.39 27.43
C ASP E 54 64.51 28.82 27.71
N VAL E 55 65.33 28.85 26.66
CA VAL E 55 66.69 29.38 26.75
C VAL E 55 66.82 30.49 25.72
N TYR E 56 67.68 31.46 26.04
CA TYR E 56 67.91 32.61 25.18
C TYR E 56 69.41 32.73 24.94
N THR E 57 69.81 32.81 23.67
CA THR E 57 71.22 32.88 23.32
C THR E 57 71.45 33.97 22.28
N ASP E 58 72.60 34.64 22.40
CA ASP E 58 73.06 35.58 21.39
C ASP E 58 74.43 35.24 20.82
N THR E 59 75.13 34.25 21.37
CA THR E 59 76.34 33.71 20.80
C THR E 59 76.09 32.28 20.34
N ALA E 60 77.15 31.60 19.90
CA ALA E 60 77.03 30.20 19.51
C ALA E 60 76.62 29.35 20.70
N TYR E 61 75.64 28.47 20.50
CA TYR E 61 75.10 27.66 21.57
C TYR E 61 74.76 26.28 21.04
N THR E 62 75.06 25.26 21.82
CA THR E 62 74.70 23.88 21.52
C THR E 62 73.59 23.45 22.47
N ALA E 63 72.45 23.09 21.91
CA ALA E 63 71.26 22.79 22.69
C ALA E 63 71.19 21.31 23.06
N LYS E 64 70.47 21.01 24.13
CA LYS E 64 70.16 19.65 24.52
C LYS E 64 68.69 19.37 24.27
N GLU E 65 68.27 18.14 24.57
CA GLU E 65 66.90 17.72 24.26
C GLU E 65 65.89 18.44 25.13
N GLY E 66 64.79 18.85 24.51
CA GLY E 66 63.63 19.33 25.25
C GLY E 66 63.62 20.79 25.63
N GLU E 67 64.31 21.65 24.90
CA GLU E 67 64.26 23.08 25.18
C GLU E 67 63.83 23.84 23.93
N ARG E 68 63.29 25.03 24.16
CA ARG E 68 62.96 25.98 23.12
C ARG E 68 63.99 27.10 23.17
N VAL E 69 64.66 27.36 22.05
CA VAL E 69 65.80 28.25 21.99
C VAL E 69 65.41 29.52 21.25
N THR E 70 65.70 30.66 21.84
CA THR E 70 65.50 31.96 21.21
C THR E 70 66.86 32.51 20.82
N VAL E 71 67.12 32.54 19.51
CA VAL E 71 68.39 32.98 18.96
C VAL E 71 68.24 34.42 18.51
N ASP E 72 69.08 35.31 19.04
CA ASP E 72 69.07 36.72 18.66
C ASP E 72 70.15 37.05 17.64
N GLY E 73 71.39 36.69 17.91
CA GLY E 73 72.47 36.93 16.97
C GLY E 73 73.48 35.80 16.94
N GLY E 74 73.18 34.72 17.65
CA GLY E 74 74.08 33.58 17.74
C GLY E 74 73.77 32.50 16.74
N THR E 75 74.42 31.36 16.93
CA THR E 75 74.25 30.19 16.08
C THR E 75 73.88 29.00 16.95
N LEU E 76 72.82 28.29 16.57
CA LEU E 76 72.36 27.12 17.32
C LEU E 76 72.82 25.86 16.59
N THR E 77 73.55 25.01 17.31
CA THR E 77 74.07 23.76 16.77
C THR E 77 73.31 22.60 17.40
N ILE E 78 72.71 21.76 16.57
CA ILE E 78 71.97 20.59 17.03
C ILE E 78 72.93 19.41 17.03
N PRO E 79 73.15 18.75 18.17
CA PRO E 79 74.04 17.59 18.20
C PRO E 79 73.29 16.28 17.98
N ASP E 80 73.96 15.35 17.32
CA ASP E 80 73.41 14.03 17.04
C ASP E 80 73.69 13.03 18.15
N THR E 81 74.49 13.39 19.14
CA THR E 81 74.83 12.51 20.25
C THR E 81 74.85 13.31 21.54
N PHE E 82 74.63 12.62 22.65
CA PHE E 82 74.62 13.24 23.97
C PHE E 82 75.38 12.38 24.95
N GLU E 83 76.11 13.03 25.86
CA GLU E 83 76.79 12.32 26.94
C GLU E 83 75.77 12.06 28.04
N ASP E 84 75.40 10.79 28.22
CA ASP E 84 74.37 10.45 29.20
C ASP E 84 74.89 10.71 30.61
N THR E 85 74.07 11.36 31.43
CA THR E 85 74.49 11.72 32.77
C THR E 85 74.50 10.52 33.70
N ASP E 86 73.53 9.60 33.53
CA ASP E 86 73.40 8.48 34.47
C ASP E 86 74.53 7.49 34.29
N THR E 87 74.86 7.13 33.04
CA THR E 87 75.83 6.09 32.77
C THR E 87 77.18 6.60 32.26
N GLY E 88 77.21 7.76 31.60
CA GLY E 88 78.47 8.36 31.20
C GLY E 88 78.91 8.07 29.78
N LEU E 89 78.34 7.07 29.11
CA LEU E 89 78.72 6.77 27.74
C LEU E 89 77.85 7.55 26.76
N THR E 90 78.39 7.72 25.56
CA THR E 90 77.68 8.46 24.51
C THR E 90 76.42 7.70 24.11
N ARG E 91 75.35 8.44 23.84
CA ARG E 91 74.07 7.85 23.49
C ARG E 91 73.39 8.72 22.44
N ALA E 92 72.45 8.11 21.73
CA ALA E 92 71.59 8.88 20.85
C ALA E 92 70.54 9.62 21.66
N PRO E 93 70.03 10.74 21.15
CA PRO E 93 68.96 11.45 21.86
C PRO E 93 67.73 10.57 22.01
N ARG E 94 67.00 10.78 23.10
CA ARG E 94 65.83 9.97 23.39
C ARG E 94 64.79 10.13 22.27
N GLU E 95 64.00 9.07 22.09
CA GLU E 95 62.98 9.09 21.04
C GLU E 95 62.00 10.23 21.27
N LEU E 96 61.60 10.89 20.19
CA LEU E 96 60.68 12.02 20.24
C LEU E 96 61.23 13.16 21.09
N ALA E 97 62.53 13.40 21.00
CA ALA E 97 63.13 14.58 21.61
C ALA E 97 62.91 15.78 20.70
N ALA E 98 62.49 16.89 21.29
CA ALA E 98 62.08 18.07 20.54
C ALA E 98 63.00 19.25 20.81
N ILE E 99 63.34 19.98 19.75
CA ILE E 99 64.10 21.22 19.86
C ILE E 99 63.40 22.27 19.00
N VAL E 100 63.10 23.42 19.61
CA VAL E 100 62.42 24.52 18.92
C VAL E 100 63.37 25.70 18.86
N GLU E 101 63.59 26.22 17.66
CA GLU E 101 64.50 27.34 17.43
C GLU E 101 63.70 28.51 16.88
N ILE E 102 63.86 29.68 17.51
CA ILE E 102 63.21 30.91 17.07
C ILE E 102 64.31 31.86 16.63
N ASN E 103 64.34 32.16 15.33
CA ASN E 103 65.35 33.03 14.74
C ASN E 103 64.66 34.11 13.92
N ALA E 104 64.68 35.35 14.43
CA ALA E 104 64.13 36.51 13.74
C ALA E 104 62.67 36.28 13.35
N GLY E 105 61.91 35.69 14.26
CA GLY E 105 60.50 35.42 14.02
C GLY E 105 60.20 34.15 13.27
N ASN E 106 61.22 33.40 12.85
CA ASN E 106 61.03 32.14 12.16
C ASN E 106 61.16 30.99 13.16
N ILE E 107 60.18 30.09 13.16
CA ILE E 107 60.10 28.99 14.10
C ILE E 107 60.46 27.71 13.36
N THR E 108 61.42 26.97 13.89
CA THR E 108 61.84 25.68 13.34
C THR E 108 61.74 24.62 14.42
N ASN E 109 60.99 23.57 14.14
CA ASN E 109 60.78 22.47 15.09
C ASN E 109 61.48 21.23 14.56
N ARG E 110 62.37 20.67 15.38
CA ARG E 110 63.06 19.44 15.04
C ARG E 110 62.70 18.37 16.06
N VAL E 111 62.41 17.17 15.56
CA VAL E 111 62.10 16.03 16.41
C VAL E 111 63.04 14.89 16.04
N TRP E 112 63.47 14.14 17.05
CA TRP E 112 64.37 13.01 16.84
C TRP E 112 63.56 11.75 16.60
N CYS E 113 63.66 11.20 15.40
CA CYS E 113 62.96 9.96 15.07
C CYS E 113 63.77 9.23 14.01
N GLY E 114 63.65 7.90 14.02
CA GLY E 114 64.37 7.10 13.04
C GLY E 114 65.87 7.29 13.07
N GLY E 115 66.42 7.73 14.20
CA GLY E 115 67.84 8.00 14.28
C GLY E 115 68.28 9.28 13.60
N GLU E 116 67.38 10.24 13.39
CA GLU E 116 67.76 11.49 12.76
C GLU E 116 66.86 12.61 13.26
N TRP E 117 67.38 13.84 13.17
CA TRP E 117 66.60 15.04 13.46
C TRP E 117 65.84 15.44 12.22
N GLN E 118 64.51 15.35 12.28
CA GLN E 118 63.66 15.70 11.15
C GLN E 118 62.79 16.90 11.52
N GLU E 119 62.67 17.83 10.59
CA GLU E 119 62.00 19.10 10.82
C GLU E 119 60.51 18.98 10.52
N CYS E 120 59.70 19.56 11.39
CA CYS E 120 58.25 19.58 11.24
C CYS E 120 57.74 20.94 10.78
N SER E 121 58.62 21.83 10.33
CA SER E 121 58.26 23.18 9.93
C SER E 121 58.55 23.37 8.45
N GLY E 122 57.68 24.12 7.79
CA GLY E 122 57.85 24.40 6.36
C GLY E 122 57.80 23.16 5.49
N LEU E 123 56.88 22.25 5.79
CA LEU E 123 56.77 21.01 5.02
C LEU E 123 56.09 21.27 3.68
N THR E 124 56.59 20.63 2.64
CA THR E 124 55.96 20.61 1.33
C THR E 124 55.49 19.19 1.02
N LEU E 125 54.91 19.03 -0.17
CA LEU E 125 54.32 17.73 -0.52
C LEU E 125 55.37 16.67 -0.81
N ASN E 126 56.59 17.07 -1.16
CA ASN E 126 57.64 16.12 -1.50
C ASN E 126 58.55 15.76 -0.33
N ASP E 127 58.38 16.39 0.82
CA ASP E 127 59.22 16.10 1.96
C ASP E 127 58.73 14.87 2.72
N GLU E 128 59.66 14.18 3.36
CA GLU E 128 59.31 13.03 4.17
C GLU E 128 58.49 13.47 5.38
N ALA E 129 57.48 12.68 5.71
CA ALA E 129 56.65 12.99 6.87
C ALA E 129 57.45 12.80 8.14
N PRO E 130 57.55 13.81 9.01
CA PRO E 130 58.45 13.70 10.18
C PRO E 130 58.07 12.61 11.16
N LEU E 131 56.95 11.91 11.00
CA LEU E 131 56.65 10.80 11.89
C LEU E 131 56.08 9.59 11.14
N SER E 132 56.33 9.48 9.84
CA SER E 132 55.80 8.36 9.08
C SER E 132 56.47 7.05 9.46
N LYS E 133 57.71 7.10 9.95
CA LYS E 133 58.42 5.89 10.29
C LYS E 133 57.76 5.14 11.44
N ARG E 134 57.14 5.87 12.38
CA ARG E 134 56.46 5.22 13.49
C ARG E 134 55.26 4.42 13.00
N ASP E 135 54.32 5.10 12.34
CA ASP E 135 53.17 4.40 11.75
C ASP E 135 52.63 5.31 10.63
N ALA E 136 52.97 4.97 9.38
CA ALA E 136 52.46 5.74 8.26
C ALA E 136 50.94 5.64 8.16
N MET E 137 50.41 4.42 8.32
CA MET E 137 48.96 4.24 8.29
C MET E 137 48.29 4.95 9.45
N GLY E 138 48.91 4.92 10.63
CA GLY E 138 48.36 5.63 11.77
C GLY E 138 48.32 7.14 11.54
N LEU E 139 49.40 7.69 10.97
CA LEU E 139 49.42 9.11 10.68
C LEU E 139 48.37 9.47 9.62
N SER E 140 48.22 8.62 8.60
CA SER E 140 47.20 8.86 7.59
C SER E 140 45.80 8.82 8.19
N CYS E 141 45.55 7.87 9.09
CA CYS E 141 44.25 7.79 9.74
C CYS E 141 44.00 9.02 10.61
N LEU E 142 45.03 9.47 11.33
CA LEU E 142 44.88 10.66 12.16
C LEU E 142 44.59 11.89 11.31
N LEU E 143 45.27 12.02 10.16
CA LEU E 143 44.99 13.14 9.26
C LEU E 143 43.58 13.05 8.70
N ALA E 144 43.15 11.85 8.30
CA ALA E 144 41.80 11.68 7.77
C ALA E 144 40.75 12.00 8.82
N LEU E 145 41.06 11.74 10.09
CA LEU E 145 40.12 12.02 11.17
C LEU E 145 39.65 13.47 11.14
N HIS E 146 40.55 14.39 10.79
CA HIS E 146 40.19 15.80 10.67
C HIS E 146 39.82 16.21 9.25
N MET E 147 40.37 15.52 8.24
CA MET E 147 40.10 15.91 6.87
C MET E 147 38.71 15.48 6.39
N ALA E 148 38.12 14.46 7.03
CA ALA E 148 36.84 13.94 6.54
C ALA E 148 35.71 14.96 6.71
N GLU E 149 35.79 15.82 7.71
CA GLU E 149 34.71 16.77 7.97
C GLU E 149 34.58 17.79 6.84
N ALA E 150 35.70 18.20 6.25
CA ALA E 150 35.66 19.17 5.16
C ALA E 150 34.94 18.63 3.93
N PHE E 151 34.84 17.31 3.80
CA PHE E 151 34.18 16.68 2.66
C PHE E 151 32.78 16.17 3.01
N GLY E 152 32.26 16.53 4.17
CA GLY E 152 30.91 16.14 4.53
C GLY E 152 30.72 14.67 4.83
N THR E 153 31.77 13.99 5.29
CA THR E 153 31.68 12.57 5.59
C THR E 153 32.36 12.29 6.94
N GLN E 154 31.93 11.20 7.57
CA GLN E 154 32.49 10.75 8.83
C GLN E 154 33.21 9.43 8.63
N ILE E 155 34.41 9.32 9.18
CA ILE E 155 35.23 8.13 9.03
C ILE E 155 34.67 7.01 9.90
N GLY E 156 35.05 5.77 9.61
CA GLY E 156 34.61 4.64 10.37
C GLY E 156 35.23 4.59 11.75
N PRO E 157 34.64 3.80 12.65
CA PRO E 157 35.20 3.70 14.01
C PRO E 157 36.61 3.15 14.05
N MET E 158 36.96 2.23 13.15
CA MET E 158 38.29 1.64 13.19
C MET E 158 39.36 2.63 12.75
N THR E 159 39.05 3.46 11.75
CA THR E 159 40.00 4.49 11.33
C THR E 159 40.27 5.48 12.45
N ALA E 160 39.21 5.93 13.13
CA ALA E 160 39.39 6.83 14.27
C ALA E 160 40.16 6.15 15.39
N ARG E 161 39.88 4.88 15.66
CA ARG E 161 40.61 4.17 16.70
C ARG E 161 42.09 4.07 16.37
N ARG E 162 42.41 3.82 15.11
CA ARG E 162 43.81 3.77 14.70
C ARG E 162 44.48 5.14 14.84
N GLY E 163 43.76 6.21 14.48
CA GLY E 163 44.33 7.54 14.61
C GLY E 163 44.62 7.91 16.06
N LEU E 164 43.65 7.68 16.95
CA LEU E 164 43.90 7.93 18.37
C LEU E 164 44.94 6.98 18.94
N GLN E 165 45.06 5.77 18.40
CA GLN E 165 46.13 4.88 18.84
C GLN E 165 47.50 5.45 18.47
N PHE E 166 47.63 5.98 17.26
CA PHE E 166 48.88 6.63 16.87
C PHE E 166 49.18 7.82 17.77
N GLN E 167 48.16 8.65 18.04
CA GLN E 167 48.36 9.81 18.90
C GLN E 167 48.76 9.40 20.31
N GLY E 168 48.10 8.38 20.86
CA GLY E 168 48.44 7.91 22.19
C GLY E 168 49.81 7.28 22.26
N SER E 169 50.22 6.58 21.21
CA SER E 169 51.57 6.03 21.16
C SER E 169 52.61 7.14 21.13
N VAL E 170 52.33 8.22 20.38
CA VAL E 170 53.25 9.35 20.36
C VAL E 170 53.32 10.01 21.74
N SER E 171 52.17 10.20 22.39
CA SER E 171 52.16 10.88 23.67
C SER E 171 52.76 10.03 24.78
N TYR E 172 52.57 8.71 24.72
CA TYR E 172 53.03 7.83 25.78
C TYR E 172 54.55 7.68 25.79
N LYS E 173 55.15 7.53 24.60
CA LYS E 173 56.59 7.27 24.48
C LYS E 173 57.00 6.04 25.29
N LEU E 174 56.14 5.01 25.26
CA LEU E 174 56.37 3.80 26.04
C LEU E 174 57.33 2.83 25.37
N GLY E 175 57.59 2.99 24.08
CA GLY E 175 58.37 2.01 23.34
C GLY E 175 59.88 2.13 23.47
N SER E 176 60.37 3.14 24.17
CA SER E 176 61.82 3.34 24.28
C SER E 176 62.13 4.00 25.62
N THR E 177 63.41 3.96 25.98
CA THR E 177 63.86 4.54 27.23
C THR E 177 63.62 6.05 27.24
N GLN E 178 63.05 6.54 28.33
CA GLN E 178 62.72 7.95 28.50
C GLN E 178 63.24 8.44 29.84
N PRO E 179 63.48 9.74 29.96
CA PRO E 179 63.96 10.28 31.25
C PRO E 179 62.98 10.00 32.38
N ASP E 180 63.53 9.74 33.56
CA ASP E 180 62.71 9.42 34.72
C ASP E 180 61.97 10.65 35.21
N ALA E 181 60.78 10.42 35.77
CA ALA E 181 59.97 11.50 36.30
C ALA E 181 60.60 12.08 37.57
N SER E 182 60.48 13.39 37.73
CA SER E 182 61.03 14.10 38.89
C SER E 182 59.93 14.93 39.53
N GLY E 183 59.97 15.01 40.87
CA GLY E 183 58.97 15.75 41.62
C GLY E 183 59.62 16.63 42.67
N VAL E 184 58.77 17.39 43.35
CA VAL E 184 59.17 18.28 44.44
C VAL E 184 58.60 17.73 45.74
N TYR E 185 59.46 17.56 46.74
CA TYR E 185 59.09 16.92 48.00
C TYR E 185 59.09 17.91 49.16
N TYR E 186 58.85 19.19 48.88
CA TYR E 186 58.73 20.19 49.93
C TYR E 186 57.82 21.34 49.47
N ALA F 2 50.54 33.02 8.84
CA ALA F 2 49.40 33.07 7.93
C ALA F 2 48.59 34.34 8.18
N THR F 3 48.20 35.01 7.10
CA THR F 3 47.41 36.22 7.20
C THR F 3 45.97 35.88 7.59
N CYS F 4 45.23 36.92 7.98
CA CYS F 4 43.83 36.71 8.37
C CYS F 4 43.00 36.22 7.19
N ARG F 5 43.35 36.63 5.97
CA ARG F 5 42.62 36.18 4.80
C ARG F 5 42.72 34.66 4.65
N ASP F 6 43.91 34.10 4.82
CA ASP F 6 44.08 32.66 4.75
C ASP F 6 43.32 31.96 5.87
N ILE F 7 43.33 32.55 7.07
CA ILE F 7 42.61 31.96 8.19
C ILE F 7 41.12 31.88 7.89
N VAL F 8 40.55 32.97 7.40
CA VAL F 8 39.11 32.99 7.08
C VAL F 8 38.80 32.03 5.93
N THR F 9 39.65 31.99 4.90
CA THR F 9 39.41 31.11 3.77
C THR F 9 39.43 29.65 4.20
N ARG F 10 40.43 29.27 5.01
CA ARG F 10 40.50 27.88 5.46
C ARG F 10 39.37 27.56 6.44
N ALA F 11 38.94 28.54 7.24
CA ALA F 11 37.80 28.31 8.11
C ALA F 11 36.55 28.01 7.31
N LEU F 12 36.31 28.79 6.25
CA LEU F 12 35.14 28.54 5.40
C LEU F 12 35.26 27.23 4.64
N HIS F 13 36.48 26.86 4.22
CA HIS F 13 36.68 25.57 3.56
C HIS F 13 36.40 24.42 4.49
N MET F 14 36.89 24.50 5.73
CA MET F 14 36.64 23.44 6.71
C MET F 14 35.16 23.36 7.05
N ALA F 15 34.50 24.51 7.21
CA ALA F 15 33.06 24.51 7.44
C ALA F 15 32.26 24.13 6.22
N ALA F 16 32.90 24.02 5.06
CA ALA F 16 32.28 23.54 3.82
C ALA F 16 31.14 24.45 3.37
N ILE F 17 31.39 25.75 3.38
CA ILE F 17 30.49 26.73 2.77
C ILE F 17 31.03 27.21 1.44
N VAL F 18 32.30 27.64 1.42
CA VAL F 18 32.96 28.07 0.19
C VAL F 18 33.56 26.83 -0.47
N PRO F 19 33.48 26.70 -1.80
CA PRO F 19 34.10 25.55 -2.46
C PRO F 19 35.59 25.48 -2.16
N LEU F 20 36.09 24.26 -2.03
CA LEU F 20 37.48 24.05 -1.66
C LEU F 20 38.41 24.64 -2.71
N GLY F 21 39.41 25.39 -2.25
CA GLY F 21 40.37 26.02 -3.12
C GLY F 21 39.97 27.38 -3.67
N LYS F 22 38.76 27.85 -3.38
CA LYS F 22 38.26 29.11 -3.90
C LYS F 22 38.17 30.15 -2.79
N ASP F 23 38.38 31.41 -3.17
CA ASP F 23 38.31 32.54 -2.26
C ASP F 23 36.85 32.95 -2.02
N PRO F 24 36.54 33.43 -0.83
CA PRO F 24 35.16 33.86 -0.54
C PRO F 24 34.91 35.28 -1.01
N LYS F 25 33.64 35.68 -0.95
CA LYS F 25 33.25 37.02 -1.35
C LYS F 25 33.65 38.03 -0.28
N ALA F 26 33.46 39.31 -0.60
CA ALA F 26 33.87 40.37 0.30
C ALA F 26 33.10 40.34 1.61
N ALA F 27 31.79 40.07 1.55
CA ALA F 27 30.99 40.04 2.77
C ALA F 27 31.43 38.94 3.71
N GLU F 28 31.70 37.74 3.17
CA GLU F 28 32.18 36.64 4.00
C GLU F 28 33.53 36.96 4.63
N GLY F 29 34.43 37.57 3.85
CA GLY F 29 35.71 37.95 4.41
C GLY F 29 35.60 38.98 5.51
N GLN F 30 34.72 39.96 5.33
CA GLN F 30 34.51 40.96 6.38
C GLN F 30 33.91 40.33 7.63
N LEU F 31 32.95 39.43 7.47
CA LEU F 31 32.37 38.76 8.62
C LEU F 31 33.41 37.92 9.35
N GLY F 32 34.25 37.20 8.61
CA GLY F 32 35.30 36.43 9.25
C GLY F 32 36.30 37.29 9.97
N LEU F 33 36.70 38.41 9.37
CA LEU F 33 37.63 39.33 10.03
C LEU F 33 37.03 39.89 11.31
N GLU F 34 35.75 40.28 11.26
CA GLU F 34 35.09 40.80 12.45
C GLU F 34 34.98 39.74 13.54
N LEU F 35 34.65 38.50 13.16
CA LEU F 35 34.57 37.43 14.15
C LEU F 35 35.94 37.17 14.78
N LEU F 36 37.00 37.15 13.98
CA LEU F 36 38.33 36.94 14.53
C LEU F 36 38.73 38.08 15.46
N GLN F 37 38.44 39.32 15.07
CA GLN F 37 38.75 40.46 15.92
C GLN F 37 37.98 40.40 17.23
N GLY F 38 36.69 40.04 17.17
CA GLY F 38 35.91 39.89 18.38
C GLY F 38 36.45 38.79 19.29
N LEU F 39 36.86 37.67 18.70
CA LEU F 39 37.46 36.60 19.49
C LEU F 39 38.73 37.07 20.18
N TYR F 40 39.58 37.79 19.47
CA TYR F 40 40.83 38.27 20.06
C TYR F 40 40.56 39.26 21.19
N ASP F 41 39.66 40.20 20.96
CA ASP F 41 39.34 41.18 22.00
C ASP F 41 38.70 40.51 23.22
N GLY F 42 37.84 39.51 22.99
CA GLY F 42 37.27 38.78 24.10
C GLY F 42 38.31 38.02 24.89
N TRP F 43 39.27 37.42 24.19
CA TRP F 43 40.38 36.75 24.88
C TRP F 43 41.16 37.74 25.73
N PHE F 44 41.45 38.93 25.19
CA PHE F 44 42.28 39.88 25.92
C PHE F 44 41.52 40.47 27.11
N ALA F 45 40.25 40.79 26.95
CA ALA F 45 39.48 41.43 28.00
C ALA F 45 38.84 40.45 28.98
N GLY F 46 38.86 39.15 28.68
CA GLY F 46 38.26 38.15 29.54
C GLY F 46 39.20 37.42 30.44
N GLY F 47 40.49 37.77 30.45
CA GLY F 47 41.44 37.11 31.31
C GLY F 47 42.03 35.84 30.77
N MET F 48 41.96 35.61 29.46
CA MET F 48 42.60 34.43 28.89
C MET F 48 44.10 34.45 29.08
N PHE F 49 44.73 35.62 28.96
CA PHE F 49 46.15 35.78 29.21
C PHE F 49 46.43 36.18 30.66
N GLY F 50 45.53 35.85 31.57
CA GLY F 50 45.73 36.13 32.98
C GLY F 50 45.17 37.49 33.39
N ARG F 51 45.04 37.67 34.69
CA ARG F 51 44.59 38.93 35.25
C ARG F 51 45.69 39.98 35.05
N LEU F 52 45.46 40.94 34.16
CA LEU F 52 46.45 41.93 33.83
C LEU F 52 46.55 42.99 34.93
N THR F 53 47.77 43.26 35.38
CA THR F 53 47.98 44.30 36.38
C THR F 53 47.79 45.67 35.76
N ASP F 54 47.01 46.52 36.42
CA ASP F 54 46.71 47.85 35.90
C ASP F 54 47.80 48.83 36.29
N VAL F 55 48.32 49.55 35.32
CA VAL F 55 49.34 50.58 35.52
C VAL F 55 48.87 51.85 34.83
N TYR F 56 49.03 52.99 35.50
CA TYR F 56 48.71 54.29 34.94
C TYR F 56 49.98 55.12 34.84
N THR F 57 50.25 55.65 33.64
CA THR F 57 51.47 56.41 33.44
C THR F 57 51.17 57.66 32.63
N ASP F 58 52.00 58.68 32.82
CA ASP F 58 51.94 59.91 32.04
C ASP F 58 53.27 60.32 31.45
N THR F 59 54.36 59.64 31.80
CA THR F 59 55.69 59.88 31.27
C THR F 59 56.20 58.60 30.59
N ALA F 60 57.46 58.61 30.21
CA ALA F 60 58.07 57.43 29.59
C ALA F 60 58.08 56.28 30.59
N TYR F 61 57.65 55.11 30.12
CA TYR F 61 57.52 53.93 30.97
C TYR F 61 57.81 52.68 30.15
N THR F 62 58.42 51.69 30.79
CA THR F 62 58.76 50.43 30.14
C THR F 62 57.79 49.35 30.61
N ALA F 63 57.21 48.63 29.66
CA ALA F 63 56.17 47.65 29.97
C ALA F 63 56.76 46.40 30.61
N LYS F 64 55.92 45.71 31.37
CA LYS F 64 56.21 44.39 31.90
C LYS F 64 55.23 43.39 31.31
N GLU F 65 55.57 42.11 31.46
CA GLU F 65 54.72 41.06 30.91
C GLU F 65 53.37 41.05 31.60
N GLY F 66 52.31 40.91 30.81
CA GLY F 66 50.96 40.85 31.34
C GLY F 66 50.53 42.10 32.07
N GLU F 67 50.52 43.23 31.37
CA GLU F 67 50.20 44.51 31.99
C GLU F 67 49.17 45.25 31.15
N ARG F 68 48.45 46.16 31.82
CA ARG F 68 47.44 47.01 31.19
C ARG F 68 47.83 48.45 31.51
N VAL F 69 48.51 49.12 30.58
CA VAL F 69 49.07 50.44 30.81
C VAL F 69 48.15 51.47 30.18
N THR F 70 47.68 52.42 30.99
CA THR F 70 46.89 53.55 30.54
C THR F 70 47.81 54.77 30.46
N VAL F 71 47.97 55.29 29.24
CA VAL F 71 48.88 56.39 28.97
C VAL F 71 48.07 57.68 28.89
N ASP F 72 48.50 58.70 29.63
CA ASP F 72 47.82 59.99 29.67
C ASP F 72 48.71 61.11 29.15
N GLY F 73 49.62 60.78 28.21
CA GLY F 73 50.47 61.79 27.62
C GLY F 73 51.90 61.34 27.43
N GLY F 74 52.26 60.20 28.01
CA GLY F 74 53.60 59.67 27.90
C GLY F 74 53.77 58.75 26.71
N THR F 75 54.90 58.05 26.69
CA THR F 75 55.19 57.04 25.70
C THR F 75 55.60 55.76 26.41
N LEU F 76 54.98 54.65 26.04
CA LEU F 76 55.27 53.36 26.64
C LEU F 76 56.07 52.52 25.66
N THR F 77 57.20 52.00 26.12
CA THR F 77 58.13 51.25 25.27
C THR F 77 57.97 49.76 25.57
N ILE F 78 57.71 48.97 24.54
CA ILE F 78 57.60 47.52 24.66
C ILE F 78 58.99 46.93 24.46
N PRO F 79 59.51 46.16 25.42
CA PRO F 79 60.84 45.57 25.26
C PRO F 79 60.81 44.18 24.67
N ASP F 80 61.85 43.87 23.90
CA ASP F 80 61.99 42.57 23.28
C ASP F 80 62.69 41.55 24.19
N THR F 81 63.24 41.98 25.31
CA THR F 81 63.92 41.10 26.25
C THR F 81 63.58 41.51 27.67
N PHE F 82 63.83 40.59 28.61
CA PHE F 82 63.59 40.85 30.01
C PHE F 82 64.73 40.24 30.83
N GLU F 83 64.84 40.70 32.07
CA GLU F 83 65.82 40.17 33.01
C GLU F 83 65.11 39.17 33.92
N ASP F 84 65.45 37.90 33.80
CA ASP F 84 64.81 36.86 34.59
C ASP F 84 65.23 36.99 36.04
N THR F 85 64.25 37.09 36.94
CA THR F 85 64.56 37.25 38.36
C THR F 85 65.07 35.95 38.96
N ASP F 86 64.64 34.80 38.43
CA ASP F 86 65.01 33.53 39.03
C ASP F 86 66.47 33.18 38.74
N THR F 87 66.94 33.43 37.52
CA THR F 87 68.28 33.03 37.12
C THR F 87 69.23 34.19 36.87
N GLY F 88 68.72 35.36 36.48
CA GLY F 88 69.54 36.54 36.31
C GLY F 88 69.98 36.83 34.89
N LEU F 89 69.87 35.86 33.98
CA LEU F 89 70.28 36.09 32.60
C LEU F 89 69.15 36.70 31.79
N THR F 90 69.52 37.32 30.67
CA THR F 90 68.53 37.89 29.76
C THR F 90 67.72 36.78 29.12
N ARG F 91 66.41 36.99 29.03
CA ARG F 91 65.51 35.99 28.48
C ARG F 91 64.49 36.68 27.58
N ALA F 92 63.91 35.88 26.69
CA ALA F 92 62.78 36.34 25.89
C ALA F 92 61.52 36.40 26.75
N PRO F 93 60.56 37.24 26.38
CA PRO F 93 59.29 37.25 27.12
C PRO F 93 58.62 35.90 27.08
N ARG F 94 57.94 35.55 28.17
CA ARG F 94 57.27 34.27 28.26
C ARG F 94 56.21 34.15 27.17
N GLU F 95 56.03 32.94 26.67
CA GLU F 95 55.06 32.69 25.60
C GLU F 95 53.66 33.11 26.04
N LEU F 96 52.96 33.80 25.15
CA LEU F 96 51.61 34.31 25.40
C LEU F 96 51.62 35.31 26.56
N ALA F 97 52.48 36.33 26.45
CA ALA F 97 52.50 37.45 27.38
C ALA F 97 51.75 38.62 26.76
N ALA F 98 50.89 39.26 27.56
CA ALA F 98 49.97 40.27 27.06
C ALA F 98 50.35 41.64 27.59
N ILE F 99 50.44 42.61 26.69
CA ILE F 99 50.60 44.02 27.05
C ILE F 99 49.52 44.82 26.34
N VAL F 100 48.75 45.57 27.12
CA VAL F 100 47.63 46.35 26.59
C VAL F 100 47.95 47.83 26.76
N GLU F 101 47.82 48.58 25.67
CA GLU F 101 47.98 50.03 25.68
C GLU F 101 46.61 50.68 25.57
N ILE F 102 46.32 51.59 26.50
CA ILE F 102 45.10 52.38 26.46
C ILE F 102 45.53 53.84 26.31
N ASN F 103 45.38 54.40 25.11
CA ASN F 103 45.85 55.74 24.78
C ASN F 103 44.70 56.54 24.20
N ALA F 104 44.10 57.40 25.02
CA ALA F 104 43.05 58.33 24.57
C ALA F 104 41.90 57.59 23.88
N GLY F 105 41.51 56.45 24.45
CA GLY F 105 40.44 55.65 23.90
C GLY F 105 40.87 54.62 22.88
N ASN F 106 42.13 54.63 22.47
CA ASN F 106 42.64 53.64 21.52
C ASN F 106 43.23 52.46 22.29
N ILE F 107 42.84 51.26 21.91
CA ILE F 107 43.24 50.03 22.60
C ILE F 107 44.15 49.25 21.69
N THR F 108 45.32 48.88 22.20
CA THR F 108 46.32 48.13 21.44
C THR F 108 46.74 46.92 22.25
N ASN F 109 46.34 45.73 21.82
CA ASN F 109 46.68 44.49 22.50
C ASN F 109 47.86 43.84 21.76
N ARG F 110 48.95 43.61 22.49
CA ARG F 110 50.14 42.98 21.94
C ARG F 110 50.40 41.68 22.69
N VAL F 111 50.63 40.61 21.94
CA VAL F 111 50.93 39.31 22.50
C VAL F 111 52.27 38.84 21.95
N TRP F 112 53.02 38.11 22.78
CA TRP F 112 54.33 37.61 22.40
C TRP F 112 54.19 36.16 21.91
N CYS F 113 54.54 35.93 20.66
CA CYS F 113 54.53 34.59 20.10
C CYS F 113 55.51 34.52 18.94
N GLY F 114 56.10 33.36 18.75
CA GLY F 114 57.06 33.17 17.67
C GLY F 114 58.22 34.13 17.71
N GLY F 115 58.58 34.61 18.91
CA GLY F 115 59.65 35.59 19.02
C GLY F 115 59.28 36.98 18.57
N GLU F 116 57.99 37.32 18.55
CA GLU F 116 57.57 38.63 18.09
C GLU F 116 56.40 39.14 18.93
N TRP F 117 56.37 40.45 19.14
CA TRP F 117 55.22 41.15 19.72
C TRP F 117 54.28 41.50 18.57
N GLN F 118 53.17 40.78 18.47
CA GLN F 118 52.19 41.03 17.42
C GLN F 118 50.94 41.64 18.01
N GLU F 119 50.40 42.64 17.31
CA GLU F 119 49.23 43.38 17.76
C GLU F 119 47.96 42.68 17.29
N CYS F 120 47.00 42.54 18.18
CA CYS F 120 45.71 41.94 17.88
C CYS F 120 44.62 42.96 17.64
N SER F 121 44.97 44.24 17.55
CA SER F 121 44.02 45.32 17.35
C SER F 121 44.19 45.94 15.99
N GLY F 122 43.07 46.39 15.41
CA GLY F 122 43.09 46.97 14.08
C GLY F 122 43.52 45.99 13.01
N LEU F 123 43.04 44.75 13.08
CA LEU F 123 43.43 43.72 12.12
C LEU F 123 42.65 43.88 10.83
N THR F 124 43.36 43.81 9.71
CA THR F 124 42.75 43.74 8.39
C THR F 124 43.04 42.37 7.78
N LEU F 125 42.46 42.13 6.60
CA LEU F 125 42.61 40.84 5.95
C LEU F 125 44.05 40.59 5.49
N ASN F 126 44.85 41.64 5.36
CA ASN F 126 46.23 41.50 4.92
C ASN F 126 47.22 41.35 6.07
N ASP F 127 46.77 41.47 7.31
CA ASP F 127 47.64 41.36 8.46
C ASP F 127 47.80 39.90 8.90
N GLU F 128 48.98 39.58 9.41
CA GLU F 128 49.25 38.22 9.87
C GLU F 128 48.41 37.90 11.10
N ALA F 129 47.92 36.68 11.16
CA ALA F 129 47.16 36.24 12.33
C ALA F 129 48.11 36.04 13.50
N PRO F 130 47.87 36.69 14.65
CA PRO F 130 48.85 36.62 15.74
C PRO F 130 49.17 35.22 16.22
N LEU F 131 48.20 34.33 16.28
CA LEU F 131 48.41 32.99 16.82
C LEU F 131 48.29 31.92 15.74
N SER F 132 48.53 32.30 14.48
CA SER F 132 48.47 31.33 13.40
C SER F 132 49.63 30.32 13.48
N LYS F 133 50.78 30.77 13.97
CA LYS F 133 51.95 29.89 14.01
C LYS F 133 51.75 28.73 14.97
N ARG F 134 51.00 28.93 16.06
CA ARG F 134 50.73 27.84 16.99
C ARG F 134 49.94 26.74 16.31
N ASP F 135 48.80 27.09 15.70
CA ASP F 135 48.02 26.13 14.92
C ASP F 135 47.17 26.94 13.94
N ALA F 136 47.59 26.99 12.68
CA ALA F 136 46.82 27.73 11.68
C ALA F 136 45.48 27.05 11.44
N MET F 137 45.48 25.74 11.22
CA MET F 137 44.23 25.04 10.97
C MET F 137 43.37 24.97 12.23
N GLY F 138 44.00 24.90 13.41
CA GLY F 138 43.23 24.97 14.64
C GLY F 138 42.51 26.30 14.80
N LEU F 139 43.20 27.40 14.49
CA LEU F 139 42.57 28.71 14.52
C LEU F 139 41.46 28.81 13.49
N SER F 140 41.68 28.24 12.29
CA SER F 140 40.63 28.23 11.28
C SER F 140 39.41 27.46 11.77
N CYS F 141 39.62 26.31 12.41
CA CYS F 141 38.50 25.54 12.94
C CYS F 141 37.76 26.31 14.04
N LEU F 142 38.51 26.99 14.90
CA LEU F 142 37.89 27.78 15.95
C LEU F 142 37.05 28.91 15.36
N LEU F 143 37.56 29.58 14.33
CA LEU F 143 36.80 30.63 13.67
C LEU F 143 35.56 30.07 12.98
N ALA F 144 35.69 28.91 12.33
CA ALA F 144 34.56 28.29 11.67
C ALA F 144 33.48 27.90 12.67
N LEU F 145 33.88 27.53 13.90
CA LEU F 145 32.91 27.19 14.93
C LEU F 145 31.89 28.29 15.15
N HIS F 146 32.31 29.55 15.04
CA HIS F 146 31.40 30.67 15.17
C HIS F 146 30.84 31.12 13.82
N MET F 147 31.60 30.95 12.74
CA MET F 147 31.15 31.44 11.44
C MET F 147 30.05 30.60 10.83
N ALA F 148 30.07 29.28 11.05
CA ALA F 148 29.09 28.41 10.40
C ALA F 148 27.66 28.72 10.82
N GLU F 149 27.48 29.34 11.99
CA GLU F 149 26.13 29.65 12.46
C GLU F 149 25.48 30.74 11.61
N ALA F 150 26.28 31.71 11.16
CA ALA F 150 25.73 32.82 10.37
C ALA F 150 25.21 32.37 9.01
N PHE F 151 25.63 31.21 8.52
CA PHE F 151 25.19 30.69 7.24
C PHE F 151 24.04 29.71 7.35
N GLY F 152 23.49 29.52 8.55
CA GLY F 152 22.39 28.62 8.75
C GLY F 152 22.75 27.15 8.79
N THR F 153 24.02 26.81 8.92
CA THR F 153 24.48 25.43 8.94
C THR F 153 25.30 25.19 10.21
N GLN F 154 25.81 23.96 10.32
CA GLN F 154 26.65 23.56 11.45
C GLN F 154 27.77 22.68 10.93
N ILE F 155 28.84 22.59 11.71
CA ILE F 155 30.01 21.81 11.34
C ILE F 155 29.96 20.47 12.07
N GLY F 156 30.83 19.55 11.64
CA GLY F 156 30.92 18.26 12.27
C GLY F 156 31.58 18.32 13.63
N PRO F 157 31.46 17.23 14.39
CA PRO F 157 32.03 17.24 15.75
C PRO F 157 33.54 17.44 15.79
N MET F 158 34.27 16.94 14.79
CA MET F 158 35.73 16.97 14.86
C MET F 158 36.30 18.36 14.59
N THR F 159 35.66 19.15 13.72
CA THR F 159 36.11 20.53 13.54
C THR F 159 35.98 21.32 14.83
N ALA F 160 34.84 21.17 15.52
CA ALA F 160 34.66 21.82 16.81
C ALA F 160 35.65 21.28 17.83
N ARG F 161 35.92 19.98 17.79
CA ARG F 161 36.89 19.41 18.72
C ARG F 161 38.27 20.01 18.52
N ARG F 162 38.68 20.19 17.26
CA ARG F 162 39.97 20.82 16.98
C ARG F 162 39.97 22.28 17.42
N GLY F 163 38.86 22.99 17.23
CA GLY F 163 38.79 24.38 17.67
C GLY F 163 38.93 24.52 19.18
N LEU F 164 38.17 23.72 19.93
CA LEU F 164 38.33 23.75 21.38
C LEU F 164 39.67 23.22 21.83
N GLN F 165 40.29 22.31 21.07
CA GLN F 165 41.65 21.89 21.39
C GLN F 165 42.63 23.05 21.26
N PHE F 166 42.50 23.84 20.19
CA PHE F 166 43.34 25.03 20.03
C PHE F 166 43.10 26.01 21.18
N GLN F 167 41.84 26.25 21.53
CA GLN F 167 41.52 27.17 22.61
C GLN F 167 42.10 26.68 23.94
N GLY F 168 41.95 25.39 24.23
CA GLY F 168 42.48 24.85 25.47
C GLY F 168 43.99 24.85 25.50
N SER F 169 44.64 24.63 24.36
CA SER F 169 46.09 24.73 24.31
C SER F 169 46.55 26.16 24.57
N VAL F 170 45.82 27.14 24.03
CA VAL F 170 46.15 28.54 24.30
C VAL F 170 45.98 28.85 25.78
N SER F 171 44.89 28.37 26.38
CA SER F 171 44.62 28.67 27.78
C SER F 171 45.59 27.96 28.71
N TYR F 172 46.02 26.75 28.35
CA TYR F 172 46.86 25.95 29.24
C TYR F 172 48.27 26.51 29.32
N LYS F 173 48.86 26.88 28.18
CA LYS F 173 50.24 27.36 28.11
C LYS F 173 51.21 26.33 28.67
N LEU F 174 50.98 25.06 28.35
CA LEU F 174 51.84 23.97 28.78
C LEU F 174 53.09 23.81 27.91
N GLY F 175 53.12 24.44 26.73
CA GLY F 175 54.21 24.19 25.81
C GLY F 175 55.55 24.71 26.30
N SER F 176 55.57 25.89 26.91
CA SER F 176 56.82 26.55 27.27
C SER F 176 56.80 26.89 28.75
N THR F 177 57.93 27.41 29.24
CA THR F 177 58.07 27.79 30.64
C THR F 177 57.14 28.95 30.97
N GLN F 178 56.49 28.85 32.11
CA GLN F 178 55.54 29.86 32.58
C GLN F 178 55.86 30.25 34.01
N PRO F 179 55.49 31.45 34.43
CA PRO F 179 55.75 31.86 35.82
C PRO F 179 55.04 30.95 36.80
N ASP F 180 55.69 30.69 37.93
CA ASP F 180 55.15 29.81 38.95
C ASP F 180 53.95 30.45 39.64
N ALA F 181 52.99 29.62 40.02
CA ALA F 181 51.81 30.10 40.71
C ALA F 181 52.12 30.40 42.17
N SER F 182 51.52 31.48 42.68
CA SER F 182 51.72 31.91 44.05
C SER F 182 50.37 32.09 44.73
N GLY F 183 50.36 31.96 46.06
CA GLY F 183 49.15 32.07 46.83
C GLY F 183 49.34 32.97 48.04
N VAL F 184 48.30 33.02 48.86
CA VAL F 184 48.27 33.80 50.09
C VAL F 184 48.07 32.85 51.26
N TYR F 185 48.91 33.00 52.29
CA TYR F 185 48.90 32.08 53.42
C TYR F 185 48.57 32.78 54.74
N TYR F 186 47.97 33.97 54.69
CA TYR F 186 47.57 34.64 55.92
C TYR F 186 46.35 33.96 56.54
N ALA G 2 32.38 50.34 17.67
CA ALA G 2 31.31 49.94 16.76
C ALA G 2 30.01 50.69 17.10
N THR G 3 29.38 51.26 16.07
CA THR G 3 28.13 51.97 16.28
C THR G 3 27.00 50.97 16.57
N CYS G 4 25.91 51.51 17.14
CA CYS G 4 24.76 50.66 17.45
C CYS G 4 24.16 50.06 16.19
N ARG G 5 24.19 50.79 15.08
CA ARG G 5 23.71 50.25 13.82
C ARG G 5 24.50 49.02 13.41
N ASP G 6 25.83 49.08 13.55
CA ASP G 6 26.66 47.93 13.23
C ASP G 6 26.34 46.75 14.13
N ILE G 7 26.12 47.01 15.42
CA ILE G 7 25.81 45.94 16.37
C ILE G 7 24.50 45.27 15.98
N VAL G 8 23.48 46.06 15.67
CA VAL G 8 22.18 45.49 15.30
C VAL G 8 22.29 44.72 13.99
N THR G 9 23.00 45.27 13.01
CA THR G 9 23.14 44.60 11.72
C THR G 9 23.84 43.26 11.87
N ARG G 10 24.93 43.22 12.64
CA ARG G 10 25.65 41.97 12.82
C ARG G 10 24.87 41.00 13.69
N ALA G 11 24.06 41.50 14.63
CA ALA G 11 23.19 40.62 15.40
C ALA G 11 22.17 39.94 14.51
N LEU G 12 21.58 40.69 13.58
CA LEU G 12 20.63 40.09 12.65
C LEU G 12 21.33 39.15 11.67
N HIS G 13 22.55 39.47 11.27
CA HIS G 13 23.29 38.60 10.37
C HIS G 13 23.65 37.27 11.04
N MET G 14 24.08 37.33 12.30
CA MET G 14 24.46 36.10 13.00
C MET G 14 23.27 35.18 13.22
N ALA G 15 22.07 35.75 13.33
CA ALA G 15 20.86 34.96 13.51
C ALA G 15 20.28 34.46 12.19
N ALA G 16 20.92 34.80 11.07
CA ALA G 16 20.50 34.42 9.72
C ALA G 16 19.15 35.02 9.34
N ILE G 17 18.63 35.97 10.12
CA ILE G 17 17.37 36.60 9.78
C ILE G 17 17.52 37.47 8.54
N VAL G 18 18.58 38.27 8.50
CA VAL G 18 18.89 39.14 7.37
C VAL G 18 20.03 38.51 6.59
N PRO G 19 19.92 38.36 5.27
CA PRO G 19 21.00 37.73 4.50
C PRO G 19 22.30 38.53 4.61
N LEU G 20 23.41 37.81 4.56
CA LEU G 20 24.73 38.41 4.69
C LEU G 20 24.98 39.44 3.59
N GLY G 21 25.38 40.64 3.97
CA GLY G 21 25.67 41.71 3.03
C GLY G 21 24.54 42.70 2.83
N LYS G 22 23.38 42.50 3.45
CA LYS G 22 22.24 43.37 3.29
C LYS G 22 21.92 44.08 4.60
N ASP G 23 21.60 45.37 4.50
CA ASP G 23 21.21 46.14 5.68
C ASP G 23 19.76 45.84 6.06
N PRO G 24 19.43 45.93 7.34
CA PRO G 24 18.05 45.69 7.77
C PRO G 24 17.16 46.91 7.53
N LYS G 25 15.87 46.70 7.72
CA LYS G 25 14.90 47.77 7.57
C LYS G 25 15.01 48.74 8.75
N ALA G 26 14.20 49.80 8.68
CA ALA G 26 14.17 50.76 9.78
C ALA G 26 13.49 50.17 11.01
N ALA G 27 12.45 49.36 10.81
CA ALA G 27 11.73 48.79 11.95
C ALA G 27 12.61 47.83 12.75
N GLU G 28 13.33 46.94 12.06
CA GLU G 28 14.22 46.02 12.76
C GLU G 28 15.38 46.75 13.42
N GLY G 29 15.90 47.80 12.78
CA GLY G 29 16.93 48.61 13.41
C GLY G 29 16.44 49.27 14.68
N GLN G 30 15.23 49.83 14.65
CA GLN G 30 14.67 50.44 15.85
C GLN G 30 14.45 49.40 16.94
N LEU G 31 13.96 48.22 16.57
CA LEU G 31 13.76 47.15 17.55
C LEU G 31 15.09 46.73 18.18
N GLY G 32 16.14 46.60 17.36
CA GLY G 32 17.44 46.25 17.90
C GLY G 32 18.01 47.32 18.80
N LEU G 33 17.83 48.60 18.43
CA LEU G 33 18.31 49.68 19.27
C LEU G 33 17.58 49.68 20.61
N GLU G 34 16.27 49.48 20.60
CA GLU G 34 15.51 49.44 21.85
C GLU G 34 15.92 48.23 22.69
N LEU G 35 16.16 47.08 22.06
CA LEU G 35 16.60 45.91 22.80
C LEU G 35 17.96 46.14 23.45
N LEU G 36 18.89 46.76 22.72
CA LEU G 36 20.20 47.05 23.28
C LEU G 36 20.11 48.05 24.44
N GLN G 37 19.30 49.09 24.27
CA GLN G 37 19.13 50.06 25.35
C GLN G 37 18.51 49.41 26.57
N GLY G 38 17.52 48.54 26.37
CA GLY G 38 16.94 47.83 27.50
C GLY G 38 17.92 46.91 28.18
N LEU G 39 18.78 46.26 27.40
CA LEU G 39 19.81 45.40 27.97
C LEU G 39 20.77 46.21 28.85
N TYR G 40 21.21 47.37 28.34
CA TYR G 40 22.10 48.21 29.14
C TYR G 40 21.41 48.70 30.41
N ASP G 41 20.16 49.13 30.30
CA ASP G 41 19.44 49.62 31.46
C ASP G 41 19.23 48.52 32.49
N GLY G 42 18.90 47.31 32.03
CA GLY G 42 18.75 46.19 32.94
C GLY G 42 20.06 45.81 33.61
N TRP G 43 21.16 45.88 32.88
CA TRP G 43 22.47 45.64 33.48
C TRP G 43 22.75 46.66 34.58
N PHE G 44 22.45 47.92 34.32
CA PHE G 44 22.74 48.96 35.31
C PHE G 44 21.83 48.85 36.53
N ALA G 45 20.56 48.50 36.32
CA ALA G 45 19.60 48.48 37.42
C ALA G 45 19.66 47.18 38.21
N GLY G 46 20.10 46.09 37.60
CA GLY G 46 20.13 44.79 38.24
C GLY G 46 21.39 44.45 38.98
N GLY G 47 22.33 45.40 39.12
CA GLY G 47 23.54 45.15 39.85
C GLY G 47 24.59 44.35 39.09
N MET G 48 24.59 44.44 37.77
CA MET G 48 25.64 43.78 36.99
C MET G 48 27.01 44.37 37.32
N PHE G 49 27.06 45.68 37.58
CA PHE G 49 28.30 46.35 37.97
C PHE G 49 28.43 46.46 39.49
N GLY G 50 27.75 45.59 40.22
CA GLY G 50 27.80 45.59 41.67
C GLY G 50 26.70 46.43 42.28
N ARG G 51 26.59 46.31 43.61
CA ARG G 51 25.61 47.09 44.37
C ARG G 51 26.14 48.52 44.50
N LEU G 52 25.40 49.48 43.93
CA LEU G 52 25.82 50.87 43.92
C LEU G 52 25.31 51.58 45.17
N THR G 53 26.22 52.18 45.92
CA THR G 53 25.84 52.90 47.12
C THR G 53 25.10 54.18 46.76
N ASP G 54 23.98 54.41 47.43
CA ASP G 54 23.19 55.61 47.16
C ASP G 54 23.85 56.84 47.79
N VAL G 55 23.97 57.90 47.01
CA VAL G 55 24.52 59.16 47.46
C VAL G 55 23.60 60.27 46.99
N TYR G 56 23.27 61.19 47.89
CA TYR G 56 22.42 62.33 47.59
C TYR G 56 23.24 63.60 47.71
N THR G 57 23.14 64.46 46.70
CA THR G 57 23.92 65.70 46.68
C THR G 57 23.03 66.88 46.32
N ASP G 58 23.43 68.05 46.79
CA ASP G 58 22.76 69.31 46.46
C ASP G 58 23.70 70.40 45.98
N THR G 59 25.01 70.25 46.18
CA THR G 59 26.02 71.17 45.71
C THR G 59 26.96 70.44 44.75
N ALA G 60 28.04 71.11 44.36
CA ALA G 60 29.04 70.48 43.51
C ALA G 60 29.63 69.26 44.20
N TYR G 61 29.70 68.15 43.47
CA TYR G 61 30.15 66.88 44.03
C TYR G 61 30.94 66.11 42.99
N THR G 62 32.05 65.51 43.42
CA THR G 62 32.90 64.69 42.56
C THR G 62 32.70 63.24 42.95
N ALA G 63 32.07 62.48 42.06
CA ALA G 63 31.76 61.08 42.37
C ALA G 63 32.99 60.20 42.23
N LYS G 64 33.06 59.16 43.07
CA LYS G 64 34.06 58.13 42.94
C LYS G 64 33.43 56.90 42.28
N GLU G 65 34.17 55.80 42.24
CA GLU G 65 33.71 54.63 41.51
C GLU G 65 32.57 53.93 42.24
N GLY G 66 31.51 53.63 41.51
CA GLY G 66 30.49 52.73 42.00
C GLY G 66 29.46 53.31 42.96
N GLU G 67 28.83 54.42 42.60
CA GLU G 67 27.72 54.94 43.38
C GLU G 67 26.55 55.31 42.46
N ARG G 68 25.43 55.63 43.09
CA ARG G 68 24.26 56.16 42.42
C ARG G 68 24.00 57.55 42.99
N VAL G 69 24.25 58.58 42.20
CA VAL G 69 24.18 59.97 42.66
C VAL G 69 22.83 60.54 42.30
N THR G 70 22.14 61.10 43.29
CA THR G 70 20.86 61.77 43.11
C THR G 70 21.07 63.27 43.33
N VAL G 71 20.81 64.06 42.30
CA VAL G 71 21.07 65.50 42.31
C VAL G 71 19.75 66.24 42.27
N ASP G 72 19.57 67.19 43.18
CA ASP G 72 18.35 67.99 43.27
C ASP G 72 18.59 69.45 42.91
N GLY G 73 19.68 69.75 42.22
CA GLY G 73 20.00 71.12 41.87
C GLY G 73 21.48 71.42 41.86
N GLY G 74 22.29 70.47 42.34
CA GLY G 74 23.73 70.61 42.32
C GLY G 74 24.34 70.20 41.01
N THR G 75 25.66 70.08 41.01
CA THR G 75 26.42 69.67 39.84
C THR G 75 27.27 68.46 40.19
N LEU G 76 27.36 67.52 39.24
CA LEU G 76 28.15 66.30 39.41
C LEU G 76 29.32 66.33 38.43
N THR G 77 30.52 66.08 38.95
CA THR G 77 31.74 66.06 38.17
C THR G 77 32.26 64.64 38.09
N ILE G 78 32.53 64.17 36.87
CA ILE G 78 33.02 62.81 36.64
C ILE G 78 34.52 62.89 36.42
N PRO G 79 35.34 62.37 37.34
CA PRO G 79 36.79 62.45 37.18
C PRO G 79 37.31 61.34 36.27
N ASP G 80 38.45 61.63 35.65
CA ASP G 80 39.13 60.67 34.79
C ASP G 80 40.23 59.90 35.50
N THR G 81 40.59 60.29 36.72
CA THR G 81 41.63 59.62 37.48
C THR G 81 41.21 59.52 38.94
N PHE G 82 41.84 58.60 39.67
CA PHE G 82 41.55 58.39 41.08
C PHE G 82 42.85 58.14 41.83
N GLU G 83 42.85 58.50 43.11
CA GLU G 83 43.95 58.19 44.01
C GLU G 83 43.58 56.95 44.81
N ASP G 84 44.18 55.82 44.46
CA ASP G 84 43.86 54.58 45.15
C ASP G 84 44.50 54.56 46.54
N THR G 85 43.78 53.99 47.50
CA THR G 85 44.28 53.95 48.87
C THR G 85 45.36 52.91 49.04
N ASP G 86 45.45 51.94 48.13
CA ASP G 86 46.42 50.85 48.27
C ASP G 86 47.85 51.36 48.16
N THR G 87 48.13 52.19 47.15
CA THR G 87 49.48 52.67 46.91
C THR G 87 49.60 54.19 46.81
N GLY G 88 48.50 54.92 46.65
CA GLY G 88 48.53 56.36 46.69
C GLY G 88 48.88 57.06 45.40
N LEU G 89 49.19 56.32 44.33
CA LEU G 89 49.51 56.95 43.06
C LEU G 89 48.24 57.14 42.23
N THR G 90 48.36 58.01 41.22
CA THR G 90 47.25 58.28 40.32
C THR G 90 46.99 57.05 39.46
N ARG G 91 45.70 56.72 39.28
CA ARG G 91 45.32 55.53 38.53
C ARG G 91 44.09 55.84 37.70
N ALA G 92 43.92 55.07 36.64
CA ALA G 92 42.68 55.12 35.89
C ALA G 92 41.59 54.38 36.65
N PRO G 93 40.33 54.74 36.44
CA PRO G 93 39.24 54.01 37.10
C PRO G 93 39.25 52.54 36.71
N ARG G 94 38.87 51.69 37.66
CA ARG G 94 38.81 50.26 37.41
C ARG G 94 37.87 49.95 36.25
N GLU G 95 38.22 48.91 35.50
CA GLU G 95 37.42 48.51 34.34
C GLU G 95 36.00 48.17 34.78
N LEU G 96 35.04 48.57 33.94
CA LEU G 96 33.62 48.32 34.21
C LEU G 96 33.17 48.94 35.53
N ALA G 97 33.64 50.15 35.81
CA ALA G 97 33.17 50.92 36.95
C ALA G 97 31.99 51.78 36.52
N ALA G 98 30.91 51.74 37.28
CA ALA G 98 29.66 52.36 36.89
C ALA G 98 29.33 53.54 37.79
N ILE G 99 28.85 54.61 37.17
CA ILE G 99 28.34 55.79 37.87
C ILE G 99 26.97 56.13 37.28
N VAL G 100 25.96 56.24 38.14
CA VAL G 100 24.61 56.55 37.73
C VAL G 100 24.21 57.88 38.35
N GLU G 101 23.77 58.80 37.51
CA GLU G 101 23.35 60.13 37.94
C GLU G 101 21.86 60.32 37.67
N ILE G 102 21.14 60.79 38.68
CA ILE G 102 19.71 61.05 38.56
C ILE G 102 19.52 62.55 38.71
N ASN G 103 18.99 63.19 37.66
CA ASN G 103 18.80 64.63 37.64
C ASN G 103 17.40 64.93 37.13
N ALA G 104 16.52 65.35 38.04
CA ALA G 104 15.14 65.75 37.69
C ALA G 104 14.41 64.65 36.92
N GLY G 105 14.60 63.41 37.35
CA GLY G 105 13.97 62.28 36.71
C GLY G 105 14.70 61.72 35.51
N ASN G 106 15.83 62.30 35.13
CA ASN G 106 16.62 61.82 34.01
C ASN G 106 17.77 60.97 34.55
N ILE G 107 17.90 59.76 34.03
CA ILE G 107 18.91 58.81 34.48
C ILE G 107 20.01 58.75 33.44
N THR G 108 21.25 58.97 33.87
CA THR G 108 22.42 58.89 33.01
C THR G 108 23.37 57.85 33.60
N ASN G 109 23.63 56.80 32.83
CA ASN G 109 24.51 55.71 33.25
C ASN G 109 25.81 55.80 32.48
N ARG G 110 26.93 55.82 33.20
CA ARG G 110 28.24 55.87 32.59
C ARG G 110 29.07 54.69 33.10
N VAL G 111 29.79 54.05 32.19
CA VAL G 111 30.65 52.92 32.53
C VAL G 111 32.05 53.20 31.99
N TRP G 112 33.06 52.86 32.76
CA TRP G 112 34.45 53.09 32.36
C TRP G 112 34.93 51.89 31.54
N CYS G 113 35.15 52.12 30.26
CA CYS G 113 35.68 51.08 29.39
C CYS G 113 36.55 51.73 28.32
N GLY G 114 37.57 51.00 27.88
CA GLY G 114 38.45 51.52 26.83
C GLY G 114 39.10 52.83 27.18
N GLY G 115 39.29 53.09 28.48
CA GLY G 115 39.86 54.34 28.91
C GLY G 115 38.96 55.54 28.77
N GLU G 116 37.64 55.34 28.75
CA GLU G 116 36.72 56.46 28.64
C GLU G 116 35.39 56.11 29.31
N TRP G 117 34.66 57.16 29.68
CA TRP G 117 33.33 57.01 30.26
C TRP G 117 32.31 56.94 29.12
N GLN G 118 31.78 55.76 28.87
CA GLN G 118 30.76 55.58 27.86
C GLN G 118 29.39 55.69 28.50
N GLU G 119 28.52 56.51 27.89
CA GLU G 119 27.16 56.67 28.38
C GLU G 119 26.26 55.62 27.76
N CYS G 120 25.50 54.92 28.61
CA CYS G 120 24.62 53.86 28.17
C CYS G 120 23.15 54.27 28.17
N SER G 121 22.87 55.56 28.21
CA SER G 121 21.51 56.08 28.21
C SER G 121 21.29 56.98 27.02
N GLY G 122 20.09 56.94 26.47
CA GLY G 122 19.77 57.77 25.30
C GLY G 122 20.57 57.41 24.07
N LEU G 123 20.73 56.12 23.80
CA LEU G 123 21.51 55.68 22.66
C LEU G 123 20.67 55.72 21.39
N THR G 124 21.28 56.19 20.30
CA THR G 124 20.70 56.15 18.97
C THR G 124 21.51 55.19 18.10
N LEU G 125 21.13 55.12 16.83
CA LEU G 125 21.78 54.20 15.89
C LEU G 125 23.14 54.68 15.44
N ASN G 126 23.52 55.92 15.75
CA ASN G 126 24.80 56.47 15.31
C ASN G 126 25.86 56.49 16.40
N ASP G 127 25.48 56.56 17.67
CA ASP G 127 26.45 56.60 18.75
C ASP G 127 27.15 55.25 18.89
N GLU G 128 28.41 55.31 19.32
CA GLU G 128 29.17 54.09 19.54
C GLU G 128 28.55 53.26 20.65
N ALA G 129 28.46 51.96 20.41
CA ALA G 129 27.86 51.06 21.40
C ALA G 129 28.80 50.89 22.59
N PRO G 130 28.35 51.15 23.80
CA PRO G 130 29.21 50.93 24.97
C PRO G 130 29.57 49.46 25.11
N LEU G 131 30.77 49.21 25.63
CA LEU G 131 31.33 47.88 25.86
C LEU G 131 31.51 47.09 24.57
N SER G 132 31.44 47.75 23.41
CA SER G 132 31.70 47.06 22.15
C SER G 132 33.18 46.77 21.95
N LYS G 133 34.06 47.50 22.62
CA LYS G 133 35.48 47.24 22.50
C LYS G 133 35.86 45.90 23.12
N ARG G 134 35.12 45.46 24.14
CA ARG G 134 35.42 44.17 24.77
C ARG G 134 35.26 43.03 23.77
N ASP G 135 34.09 42.95 23.12
CA ASP G 135 33.89 42.01 22.03
C ASP G 135 32.65 42.49 21.27
N ALA G 136 32.85 42.99 20.04
CA ALA G 136 31.71 43.42 19.25
C ALA G 136 30.85 42.22 18.83
N MET G 137 31.50 41.13 18.42
CA MET G 137 30.76 39.95 18.00
C MET G 137 29.99 39.33 19.15
N GLY G 138 30.58 39.33 20.35
CA GLY G 138 29.87 38.82 21.51
C GLY G 138 28.64 39.65 21.83
N LEU G 139 28.76 40.98 21.75
CA LEU G 139 27.60 41.84 21.97
C LEU G 139 26.53 41.59 20.92
N SER G 140 26.93 41.42 19.66
CA SER G 140 25.96 41.13 18.61
C SER G 140 25.26 39.80 18.85
N CYS G 141 26.00 38.79 19.28
CA CYS G 141 25.39 37.49 19.57
C CYS G 141 24.44 37.58 20.75
N LEU G 142 24.82 38.34 21.78
CA LEU G 142 23.93 38.53 22.93
C LEU G 142 22.64 39.23 22.52
N LEU G 143 22.76 40.25 21.65
CA LEU G 143 21.57 40.93 21.16
C LEU G 143 20.71 40.00 20.31
N ALA G 144 21.34 39.18 19.47
CA ALA G 144 20.58 38.25 18.64
C ALA G 144 19.86 37.21 19.48
N LEU G 145 20.44 36.83 20.62
CA LEU G 145 19.80 35.86 21.51
C LEU G 145 18.39 36.29 21.88
N HIS G 146 18.18 37.60 22.07
CA HIS G 146 16.85 38.12 22.38
C HIS G 146 16.08 38.55 21.14
N MET G 147 16.79 38.94 20.07
CA MET G 147 16.11 39.42 18.87
C MET G 147 15.50 38.29 18.05
N ALA G 148 16.05 37.08 18.14
CA ALA G 148 15.62 36.00 17.25
C ALA G 148 14.16 35.60 17.51
N GLU G 149 13.70 35.73 18.75
CA GLU G 149 12.34 35.30 19.07
C GLU G 149 11.28 36.14 18.36
N ALA G 150 11.54 37.45 18.20
CA ALA G 150 10.57 38.32 17.55
C ALA G 150 10.39 37.97 16.07
N PHE G 151 11.34 37.25 15.47
CA PHE G 151 11.27 36.86 14.07
C PHE G 151 10.91 35.39 13.90
N GLY G 152 10.46 34.73 14.96
CA GLY G 152 10.04 33.35 14.87
C GLY G 152 11.15 32.37 14.56
N THR G 153 12.36 32.64 15.06
CA THR G 153 13.49 31.75 14.84
C THR G 153 14.30 31.64 16.13
N GLN G 154 15.06 30.55 16.22
CA GLN G 154 15.94 30.31 17.36
C GLN G 154 17.36 30.19 16.84
N ILE G 155 18.29 30.91 17.47
CA ILE G 155 19.68 30.85 17.04
C ILE G 155 20.29 29.50 17.44
N GLY G 156 21.38 29.16 16.78
CA GLY G 156 22.06 27.91 17.05
C GLY G 156 22.77 27.94 18.38
N PRO G 157 23.24 26.77 18.83
CA PRO G 157 23.90 26.71 20.15
C PRO G 157 25.14 27.57 20.25
N MET G 158 25.91 27.72 19.16
CA MET G 158 27.18 28.43 19.26
C MET G 158 26.98 29.94 19.42
N THR G 159 25.99 30.51 18.73
CA THR G 159 25.73 31.94 18.90
C THR G 159 25.29 32.25 20.32
N ALA G 160 24.39 31.44 20.88
CA ALA G 160 23.99 31.62 22.26
C ALA G 160 25.15 31.42 23.22
N ARG G 161 26.01 30.44 22.94
CA ARG G 161 27.17 30.22 23.79
C ARG G 161 28.09 31.42 23.78
N ARG G 162 28.29 32.03 22.60
CA ARG G 162 29.12 33.23 22.52
C ARG G 162 28.48 34.40 23.26
N GLY G 163 27.16 34.55 23.16
CA GLY G 163 26.50 35.62 23.88
C GLY G 163 26.60 35.47 25.39
N LEU G 164 26.34 34.27 25.91
CA LEU G 164 26.53 34.05 27.34
C LEU G 164 27.98 34.14 27.75
N GLN G 165 28.92 33.81 26.87
CA GLN G 165 30.33 34.00 27.18
C GLN G 165 30.65 35.47 27.35
N PHE G 166 30.12 36.32 26.46
CA PHE G 166 30.31 37.76 26.61
C PHE G 166 29.70 38.26 27.91
N GLN G 167 28.48 37.81 28.21
CA GLN G 167 27.81 38.25 29.44
C GLN G 167 28.60 37.82 30.68
N GLY G 168 29.09 36.57 30.69
CA GLY G 168 29.88 36.09 31.79
C GLY G 168 31.21 36.80 31.93
N SER G 169 31.82 37.17 30.81
CA SER G 169 33.06 37.95 30.87
C SER G 169 32.79 39.32 31.47
N VAL G 170 31.67 39.95 31.11
CA VAL G 170 31.32 41.23 31.71
C VAL G 170 31.07 41.09 33.21
N SER G 171 30.36 40.02 33.60
CA SER G 171 30.02 39.84 35.02
C SER G 171 31.24 39.48 35.84
N TYR G 172 32.17 38.71 35.27
CA TYR G 172 33.31 38.21 36.03
C TYR G 172 34.32 39.32 36.31
N LYS G 173 34.62 40.13 35.30
CA LYS G 173 35.63 41.19 35.40
C LYS G 173 36.99 40.63 35.79
N LEU G 174 37.33 39.48 35.21
CA LEU G 174 38.61 38.84 35.48
C LEU G 174 39.75 39.41 34.65
N GLY G 175 39.46 40.20 33.62
CA GLY G 175 40.50 40.66 32.72
C GLY G 175 41.51 41.57 33.38
N SER G 176 41.04 42.52 34.20
CA SER G 176 41.90 43.53 34.79
C SER G 176 41.71 43.52 36.30
N THR G 177 42.48 44.38 36.98
CA THR G 177 42.43 44.45 38.43
C THR G 177 41.07 44.96 38.90
N GLN G 178 40.58 44.35 39.98
CA GLN G 178 39.32 44.73 40.62
C GLN G 178 39.53 44.89 42.11
N PRO G 179 38.69 45.71 42.77
CA PRO G 179 38.81 45.86 44.22
C PRO G 179 38.64 44.53 44.95
N ASP G 180 39.39 44.37 46.03
CA ASP G 180 39.32 43.14 46.81
C ASP G 180 37.98 43.03 47.54
N ALA G 181 37.52 41.79 47.68
CA ALA G 181 36.27 41.53 48.37
C ALA G 181 36.41 41.77 49.87
N SER G 182 35.30 42.15 50.50
CA SER G 182 35.28 42.43 51.92
C SER G 182 34.05 41.77 52.54
N GLY G 183 34.13 41.53 53.85
CA GLY G 183 33.05 40.89 54.57
C GLY G 183 32.99 41.37 56.00
N VAL G 184 31.97 40.90 56.72
CA VAL G 184 31.76 41.25 58.11
C VAL G 184 32.06 40.02 58.96
N TYR G 185 32.90 40.20 59.99
CA TYR G 185 33.38 39.09 60.80
C TYR G 185 32.76 39.06 62.19
N TYR G 186 31.63 39.73 62.38
CA TYR G 186 30.92 39.67 63.65
C TYR G 186 29.40 39.70 63.43
N ALA H 2 9.22 55.38 28.82
CA ALA H 2 8.30 54.74 27.87
C ALA H 2 6.90 54.68 28.46
N THR H 3 5.92 55.19 27.70
CA THR H 3 4.54 55.17 28.15
C THR H 3 3.98 53.76 28.04
N CYS H 4 2.80 53.57 28.63
CA CYS H 4 2.15 52.26 28.60
C CYS H 4 1.86 51.81 27.18
N ARG H 5 1.55 52.75 26.29
CA ARG H 5 1.27 52.40 24.89
C ARG H 5 2.48 51.75 24.25
N ASP H 6 3.67 52.32 24.45
CA ASP H 6 4.88 51.73 23.90
C ASP H 6 5.16 50.36 24.50
N ILE H 7 4.91 50.21 25.81
CA ILE H 7 5.14 48.93 26.46
C ILE H 7 4.25 47.86 25.85
N VAL H 8 2.95 48.18 25.67
CA VAL H 8 2.03 47.21 25.08
C VAL H 8 2.40 46.91 23.64
N THR H 9 2.75 47.94 22.87
CA THR H 9 3.10 47.75 21.48
C THR H 9 4.32 46.84 21.33
N ARG H 10 5.36 47.08 22.14
CA ARG H 10 6.55 46.25 22.05
C ARG H 10 6.31 44.86 22.63
N ALA H 11 5.40 44.73 23.59
CA ALA H 11 5.03 43.41 24.07
C ALA H 11 4.37 42.60 22.97
N LEU H 12 3.48 43.23 22.20
CA LEU H 12 2.85 42.52 21.09
C LEU H 12 3.83 42.26 19.95
N HIS H 13 4.78 43.17 19.71
CA HIS H 13 5.78 42.94 18.68
C HIS H 13 6.71 41.79 19.04
N MET H 14 7.15 41.72 20.30
CA MET H 14 8.02 40.63 20.72
C MET H 14 7.29 39.30 20.69
N ALA H 15 5.97 39.31 20.78
CA ALA H 15 5.17 38.08 20.69
C ALA H 15 4.90 37.68 19.26
N ALA H 16 5.34 38.46 18.27
CA ALA H 16 5.14 38.18 16.86
C ALA H 16 3.65 38.02 16.54
N ILE H 17 2.84 38.88 17.15
CA ILE H 17 1.40 38.91 16.91
C ILE H 17 1.01 40.09 16.05
N VAL H 18 1.48 41.28 16.40
CA VAL H 18 1.24 42.49 15.61
C VAL H 18 2.43 42.68 14.69
N PRO H 19 2.23 43.06 13.42
CA PRO H 19 3.37 43.30 12.53
C PRO H 19 4.33 44.32 13.11
N LEU H 20 5.62 44.09 12.90
CA LEU H 20 6.65 44.94 13.47
C LEU H 20 6.51 46.37 12.97
N GLY H 21 6.55 47.32 13.90
CA GLY H 21 6.45 48.73 13.57
C GLY H 21 5.05 49.27 13.41
N LYS H 22 4.02 48.46 13.65
CA LYS H 22 2.64 48.88 13.49
C LYS H 22 1.93 48.90 14.83
N ASP H 23 1.06 49.89 15.01
CA ASP H 23 0.30 50.00 16.25
C ASP H 23 -0.80 48.95 16.31
N PRO H 24 -1.13 48.46 17.49
CA PRO H 24 -2.19 47.46 17.62
C PRO H 24 -3.57 48.12 17.61
N LYS H 25 -4.59 47.26 17.57
CA LYS H 25 -5.96 47.72 17.58
C LYS H 25 -6.36 48.22 18.97
N ALA H 26 -7.54 48.84 19.03
CA ALA H 26 -8.01 49.39 20.30
C ALA H 26 -8.23 48.29 21.34
N ALA H 27 -8.82 47.17 20.92
CA ALA H 27 -9.06 46.08 21.85
C ALA H 27 -7.75 45.49 22.36
N GLU H 28 -6.76 45.33 21.48
CA GLU H 28 -5.46 44.84 21.91
C GLU H 28 -4.82 45.78 22.92
N GLY H 29 -4.88 47.09 22.66
CA GLY H 29 -4.32 48.05 23.59
C GLY H 29 -5.03 48.03 24.94
N GLN H 30 -6.35 47.92 24.92
CA GLN H 30 -7.10 47.86 26.17
C GLN H 30 -6.74 46.61 26.96
N LEU H 31 -6.63 45.45 26.28
CA LEU H 31 -6.24 44.23 26.98
C LEU H 31 -4.84 44.34 27.56
N GLY H 32 -3.91 44.92 26.80
CA GLY H 32 -2.56 45.09 27.31
C GLY H 32 -2.52 46.02 28.51
N LEU H 33 -3.26 47.13 28.46
CA LEU H 33 -3.31 48.05 29.58
C LEU H 33 -3.91 47.38 30.81
N GLU H 34 -4.98 46.60 30.62
CA GLU H 34 -5.59 45.91 31.75
C GLU H 34 -4.63 44.88 32.35
N LEU H 35 -3.91 44.15 31.50
CA LEU H 35 -2.93 43.18 32.01
C LEU H 35 -1.82 43.87 32.79
N LEU H 36 -1.31 44.99 32.26
CA LEU H 36 -0.25 45.71 32.95
C LEU H 36 -0.73 46.26 34.29
N GLN H 37 -1.94 46.83 34.32
CA GLN H 37 -2.49 47.33 35.57
C GLN H 37 -2.70 46.21 36.57
N GLY H 38 -3.20 45.06 36.11
CA GLY H 38 -3.34 43.93 36.99
C GLY H 38 -2.02 43.45 37.55
N LEU H 39 -0.98 43.45 36.71
CA LEU H 39 0.35 43.06 37.18
C LEU H 39 0.85 44.01 38.26
N TYR H 40 0.66 45.31 38.06
CA TYR H 40 1.12 46.29 39.04
C TYR H 40 0.36 46.14 40.37
N ASP H 41 -0.96 46.01 40.29
CA ASP H 41 -1.74 45.83 41.52
C ASP H 41 -1.42 44.52 42.22
N GLY H 42 -1.16 43.46 41.46
CA GLY H 42 -0.75 42.21 42.06
C GLY H 42 0.60 42.32 42.75
N TRP H 43 1.53 43.04 42.13
CA TRP H 43 2.82 43.28 42.77
C TRP H 43 2.66 44.04 44.06
N PHE H 44 1.80 45.07 44.07
CA PHE H 44 1.64 45.88 45.28
C PHE H 44 0.93 45.11 46.39
N ALA H 45 -0.10 44.33 46.03
CA ALA H 45 -0.87 43.60 47.03
C ALA H 45 -0.16 42.37 47.54
N GLY H 46 0.63 41.70 46.71
CA GLY H 46 1.26 40.45 47.07
C GLY H 46 2.56 40.56 47.82
N GLY H 47 2.99 41.77 48.16
CA GLY H 47 4.22 41.93 48.91
C GLY H 47 5.49 41.91 48.09
N MET H 48 5.42 42.21 46.80
CA MET H 48 6.63 42.30 46.00
C MET H 48 7.55 43.40 46.51
N PHE H 49 6.97 44.52 46.97
CA PHE H 49 7.72 45.60 47.56
C PHE H 49 7.85 45.46 49.08
N GLY H 50 7.79 44.24 49.59
CA GLY H 50 7.91 43.98 51.01
C GLY H 50 6.56 44.05 51.71
N ARG H 51 6.59 43.67 52.99
CA ARG H 51 5.40 43.74 53.83
C ARG H 51 5.20 45.18 54.27
N LEU H 52 4.06 45.75 53.92
CA LEU H 52 3.77 47.16 54.19
C LEU H 52 3.11 47.30 55.55
N THR H 53 3.71 48.13 56.41
CA THR H 53 3.14 48.39 57.72
C THR H 53 1.87 49.22 57.57
N ASP H 54 0.84 48.85 58.32
CA ASP H 54 -0.45 49.52 58.24
C ASP H 54 -0.49 50.72 59.18
N VAL H 55 -0.89 51.87 58.65
CA VAL H 55 -1.02 53.11 59.41
C VAL H 55 -2.38 53.69 59.09
N TYR H 56 -3.07 54.21 60.10
CA TYR H 56 -4.39 54.80 59.93
C TYR H 56 -4.35 56.22 60.51
N THR H 57 -4.80 57.19 59.73
CA THR H 57 -4.69 58.59 60.13
C THR H 57 -6.00 59.33 59.88
N ASP H 58 -6.22 60.37 60.69
CA ASP H 58 -7.32 61.30 60.52
C ASP H 58 -6.89 62.73 60.24
N THR H 59 -5.68 63.12 60.65
CA THR H 59 -5.15 64.45 60.41
C THR H 59 -4.13 64.40 59.28
N ALA H 60 -3.46 65.52 59.05
CA ALA H 60 -2.40 65.56 58.06
C ALA H 60 -1.23 64.70 58.52
N TYR H 61 -0.78 63.80 57.64
CA TYR H 61 0.27 62.84 57.97
C TYR H 61 1.31 62.81 56.87
N THR H 62 2.56 62.64 57.26
CA THR H 62 3.66 62.50 56.31
C THR H 62 4.03 61.02 56.19
N ALA H 63 3.99 60.51 54.97
CA ALA H 63 4.19 59.08 54.75
C ALA H 63 5.66 58.70 54.91
N LYS H 64 5.88 57.43 55.23
CA LYS H 64 7.20 56.84 55.30
C LYS H 64 7.33 55.75 54.23
N GLU H 65 8.55 55.26 54.05
CA GLU H 65 8.80 54.25 53.03
C GLU H 65 8.11 52.94 53.38
N GLY H 66 7.52 52.31 52.38
CA GLY H 66 6.90 51.01 52.54
C GLY H 66 5.74 51.00 53.52
N GLU H 67 4.76 51.88 53.31
CA GLU H 67 3.65 52.02 54.24
C GLU H 67 2.32 51.87 53.51
N ARG H 68 1.29 51.50 54.26
CA ARG H 68 -0.08 51.44 53.78
C ARG H 68 -0.91 52.35 54.68
N VAL H 69 -1.16 53.57 54.20
CA VAL H 69 -1.80 54.61 54.99
C VAL H 69 -3.27 54.70 54.60
N THR H 70 -4.15 54.57 55.59
CA THR H 70 -5.58 54.72 55.39
C THR H 70 -5.98 56.10 55.90
N VAL H 71 -6.45 56.95 54.99
CA VAL H 71 -6.83 58.32 55.31
C VAL H 71 -8.33 58.34 55.56
N ASP H 72 -8.74 58.91 56.69
CA ASP H 72 -10.15 58.98 57.03
C ASP H 72 -10.52 60.42 57.34
N GLY H 73 -10.12 61.35 56.47
CA GLY H 73 -10.44 62.74 56.66
C GLY H 73 -9.24 63.65 56.60
N GLY H 74 -8.05 63.08 56.68
CA GLY H 74 -6.80 63.83 56.67
C GLY H 74 -6.19 63.93 55.29
N THR H 75 -4.94 64.38 55.26
CA THR H 75 -4.18 64.50 54.03
C THR H 75 -2.87 63.75 54.18
N LEU H 76 -2.46 63.05 53.13
CA LEU H 76 -1.21 62.30 53.11
C LEU H 76 -0.21 63.04 52.24
N THR H 77 0.89 63.48 52.85
CA THR H 77 1.93 64.23 52.15
C THR H 77 3.11 63.31 51.88
N ILE H 78 3.34 63.01 50.61
CA ILE H 78 4.46 62.15 50.21
C ILE H 78 5.71 63.03 50.16
N PRO H 79 6.77 62.66 50.89
CA PRO H 79 8.01 63.43 50.83
C PRO H 79 8.95 62.94 49.74
N ASP H 80 9.68 63.88 49.16
CA ASP H 80 10.63 63.58 48.11
C ASP H 80 12.02 63.21 48.64
N THR H 81 12.21 63.27 49.95
CA THR H 81 13.50 62.93 50.54
C THR H 81 13.28 62.55 52.00
N PHE H 82 14.29 61.87 52.57
CA PHE H 82 14.21 61.37 53.93
C PHE H 82 15.52 61.66 54.65
N GLU H 83 15.53 61.36 55.95
CA GLU H 83 16.72 61.46 56.78
C GLU H 83 17.03 60.06 57.31
N ASP H 84 18.09 59.45 56.79
CA ASP H 84 18.43 58.09 57.19
C ASP H 84 18.99 58.09 58.61
N THR H 85 18.54 57.14 59.41
CA THR H 85 19.01 57.04 60.79
C THR H 85 20.42 56.49 60.88
N ASP H 86 20.96 55.96 59.77
CA ASP H 86 22.30 55.38 59.80
C ASP H 86 23.36 56.45 60.05
N THR H 87 23.33 57.54 59.30
CA THR H 87 24.33 58.58 59.46
C THR H 87 23.77 60.00 59.48
N GLY H 88 22.49 60.20 59.17
CA GLY H 88 21.81 61.44 59.46
C GLY H 88 21.70 62.44 58.32
N LEU H 89 22.37 62.24 57.20
CA LEU H 89 22.26 63.20 56.13
C LEU H 89 20.94 63.02 55.37
N THR H 90 20.61 64.03 54.56
CA THR H 90 19.44 63.96 53.71
C THR H 90 19.72 63.02 52.54
N ARG H 91 18.78 62.11 52.28
CA ARG H 91 18.93 61.11 51.24
C ARG H 91 17.66 61.01 50.42
N ALA H 92 17.80 60.49 49.21
CA ALA H 92 16.64 60.17 48.40
C ALA H 92 16.00 58.89 48.89
N PRO H 93 14.70 58.71 48.68
CA PRO H 93 14.05 57.46 49.08
C PRO H 93 14.67 56.26 48.38
N ARG H 94 14.73 55.15 49.09
CA ARG H 94 15.30 53.93 48.53
C ARG H 94 14.47 53.45 47.35
N GLU H 95 15.13 52.80 46.40
CA GLU H 95 14.42 52.29 45.23
C GLU H 95 13.39 51.23 45.62
N LEU H 96 12.32 51.17 44.83
CA LEU H 96 11.20 50.26 45.07
C LEU H 96 10.62 50.47 46.46
N ALA H 97 10.55 51.72 46.90
CA ALA H 97 9.86 52.08 48.12
C ALA H 97 8.39 52.31 47.81
N ALA H 98 7.52 51.62 48.54
CA ALA H 98 6.10 51.59 48.22
C ALA H 98 5.30 52.36 49.26
N ILE H 99 4.46 53.27 48.78
CA ILE H 99 3.48 53.96 49.62
C ILE H 99 2.11 53.72 49.01
N VAL H 100 1.22 53.09 49.76
CA VAL H 100 -0.15 52.84 49.33
C VAL H 100 -1.06 53.73 50.14
N GLU H 101 -1.99 54.39 49.47
CA GLU H 101 -2.94 55.30 50.10
C GLU H 101 -4.34 54.79 49.88
N ILE H 102 -5.09 54.63 50.96
CA ILE H 102 -6.47 54.16 50.92
C ILE H 102 -7.34 55.34 51.32
N ASN H 103 -8.11 55.87 50.37
CA ASN H 103 -8.92 57.06 50.60
C ASN H 103 -10.32 56.82 50.05
N ALA H 104 -11.28 56.58 50.96
CA ALA H 104 -12.68 56.43 50.60
C ALA H 104 -12.89 55.35 49.54
N GLY H 105 -12.20 54.23 49.71
CA GLY H 105 -12.29 53.13 48.77
C GLY H 105 -11.41 53.27 47.54
N ASN H 106 -10.62 54.33 47.43
CA ASN H 106 -9.73 54.54 46.31
C ASN H 106 -8.31 54.15 46.71
N ILE H 107 -7.65 53.38 45.87
CA ILE H 107 -6.31 52.86 46.12
C ILE H 107 -5.33 53.62 45.24
N THR H 108 -4.30 54.19 45.86
CA THR H 108 -3.24 54.90 45.13
C THR H 108 -1.90 54.29 45.50
N ASN H 109 -1.24 53.65 44.55
CA ASN H 109 0.05 53.03 44.77
C ASN H 109 1.14 53.89 44.16
N ARG H 110 2.15 54.24 44.97
CA ARG H 110 3.27 55.03 44.52
C ARG H 110 4.56 54.27 44.80
N VAL H 111 5.43 54.22 43.80
CA VAL H 111 6.72 53.55 43.93
C VAL H 111 7.82 54.53 43.51
N TRP H 112 8.94 54.50 44.22
CA TRP H 112 10.04 55.42 43.94
C TRP H 112 10.98 54.77 42.93
N CYS H 113 11.17 55.43 41.80
CA CYS H 113 12.12 54.94 40.78
C CYS H 113 12.53 56.12 39.91
N GLY H 114 13.77 56.08 39.44
CA GLY H 114 14.27 57.16 38.58
C GLY H 114 14.20 58.53 39.21
N GLY H 115 14.25 58.61 40.54
CA GLY H 115 14.12 59.88 41.20
C GLY H 115 12.73 60.45 41.24
N GLU H 116 11.71 59.64 41.01
CA GLU H 116 10.33 60.12 40.98
C GLU H 116 9.40 59.12 41.63
N TRP H 117 8.30 59.64 42.19
CA TRP H 117 7.23 58.83 42.75
C TRP H 117 6.23 58.52 41.64
N GLN H 118 6.39 57.38 40.99
CA GLN H 118 5.48 56.98 39.93
C GLN H 118 4.24 56.35 40.52
N GLU H 119 3.07 56.73 39.99
CA GLU H 119 1.80 56.20 40.43
C GLU H 119 1.41 55.00 39.57
N CYS H 120 1.11 53.88 40.22
CA CYS H 120 0.76 52.65 39.53
C CYS H 120 -0.74 52.39 39.52
N SER H 121 -1.55 53.38 39.86
CA SER H 121 -3.00 53.24 39.93
C SER H 121 -3.66 54.13 38.88
N GLY H 122 -4.73 53.63 38.29
CA GLY H 122 -5.44 54.39 37.26
C GLY H 122 -4.62 54.67 36.03
N LEU H 123 -3.85 53.69 35.56
CA LEU H 123 -3.00 53.90 34.39
C LEU H 123 -3.81 53.82 33.11
N THR H 124 -3.52 54.73 32.19
CA THR H 124 -4.03 54.69 30.83
C THR H 124 -2.86 54.53 29.86
N LEU H 125 -3.17 54.51 28.57
CA LEU H 125 -2.12 54.30 27.58
C LEU H 125 -1.22 55.52 27.42
N ASN H 126 -1.64 56.69 27.88
CA ASN H 126 -0.90 57.93 27.68
C ASN H 126 0.00 58.28 28.86
N ASP H 127 0.01 57.49 29.93
CA ASP H 127 0.85 57.77 31.08
C ASP H 127 2.14 56.96 31.01
N GLU H 128 3.20 57.52 31.60
CA GLU H 128 4.48 56.82 31.66
C GLU H 128 4.34 55.54 32.46
N ALA H 129 4.87 54.45 31.92
CA ALA H 129 4.79 53.17 32.60
C ALA H 129 5.75 53.17 33.79
N PRO H 130 5.27 52.85 34.99
CA PRO H 130 6.18 52.76 36.14
C PRO H 130 7.21 51.66 35.95
N LEU H 131 8.40 51.90 36.48
CA LEU H 131 9.52 50.96 36.43
C LEU H 131 9.97 50.67 35.00
N SER H 132 9.60 51.51 34.04
CA SER H 132 10.00 51.30 32.66
C SER H 132 11.46 51.65 32.42
N LYS H 133 12.02 52.59 33.18
CA LYS H 133 13.42 52.97 33.01
C LYS H 133 14.37 51.89 33.51
N ARG H 134 13.89 50.92 34.29
CA ARG H 134 14.75 49.80 34.69
C ARG H 134 15.14 48.96 33.48
N ASP H 135 14.15 48.38 32.80
CA ASP H 135 14.40 47.73 31.52
C ASP H 135 13.04 47.70 30.82
N ALA H 136 12.85 48.60 29.85
CA ALA H 136 11.56 48.70 29.18
C ALA H 136 11.22 47.43 28.42
N MET H 137 12.20 46.88 27.69
CA MET H 137 11.93 45.67 26.91
C MET H 137 11.72 44.46 27.80
N GLY H 138 12.35 44.43 28.97
CA GLY H 138 12.06 43.37 29.92
C GLY H 138 10.63 43.40 30.41
N LEU H 139 10.13 44.61 30.70
CA LEU H 139 8.72 44.74 31.07
C LEU H 139 7.81 44.35 29.91
N SER H 140 8.20 44.69 28.68
CA SER H 140 7.42 44.29 27.52
C SER H 140 7.37 42.77 27.40
N CYS H 141 8.50 42.10 27.60
CA CYS H 141 8.53 40.64 27.55
C CYS H 141 7.69 40.03 28.66
N LEU H 142 7.75 40.61 29.86
CA LEU H 142 6.94 40.11 30.97
C LEU H 142 5.45 40.26 30.66
N LEU H 143 5.06 41.38 30.06
CA LEU H 143 3.67 41.56 29.66
C LEU H 143 3.27 40.57 28.56
N ALA H 144 4.16 40.34 27.60
CA ALA H 144 3.88 39.39 26.53
C ALA H 144 3.70 37.98 27.07
N LEU H 145 4.42 37.64 28.15
CA LEU H 145 4.26 36.33 28.78
C LEU H 145 2.80 36.03 29.08
N HIS H 146 2.07 37.01 29.60
CA HIS H 146 0.66 36.81 29.92
C HIS H 146 -0.25 37.15 28.74
N MET H 147 0.20 38.02 27.84
CA MET H 147 -0.64 38.43 26.72
C MET H 147 -0.76 37.38 25.64
N ALA H 148 0.28 36.56 25.45
CA ALA H 148 0.29 35.62 24.32
C ALA H 148 -0.82 34.59 24.43
N GLU H 149 -1.25 34.25 25.65
CA GLU H 149 -2.25 33.21 25.82
C GLU H 149 -3.61 33.65 25.30
N ALA H 150 -3.94 34.94 25.41
CA ALA H 150 -5.23 35.43 24.94
C ALA H 150 -5.37 35.30 23.42
N PHE H 151 -4.26 35.24 22.69
CA PHE H 151 -4.28 35.13 21.23
C PHE H 151 -4.12 33.70 20.75
N GLY H 152 -4.11 32.73 21.66
CA GLY H 152 -3.99 31.34 21.27
C GLY H 152 -2.61 30.92 20.84
N THR H 153 -1.56 31.64 21.24
CA THR H 153 -0.20 31.32 20.86
C THR H 153 0.70 31.38 22.09
N GLN H 154 1.93 30.92 21.91
CA GLN H 154 2.94 30.95 22.96
C GLN H 154 4.21 31.58 22.41
N ILE H 155 4.99 32.18 23.29
CA ILE H 155 6.22 32.84 22.91
C ILE H 155 7.40 31.95 23.23
N GLY H 156 8.57 32.30 22.69
CA GLY H 156 9.75 31.48 22.83
C GLY H 156 10.34 31.52 24.22
N PRO H 157 11.29 30.63 24.48
CA PRO H 157 11.88 30.57 25.83
C PRO H 157 12.70 31.79 26.19
N MET H 158 13.29 32.48 25.21
CA MET H 158 14.13 33.63 25.54
C MET H 158 13.30 34.82 25.99
N THR H 159 12.13 35.02 25.39
CA THR H 159 11.24 36.08 25.86
C THR H 159 10.79 35.83 27.29
N ALA H 160 10.43 34.58 27.60
CA ALA H 160 10.07 34.22 28.97
C ALA H 160 11.25 34.44 29.91
N ARG H 161 12.46 34.08 29.47
CA ARG H 161 13.64 34.27 30.29
C ARG H 161 13.87 35.74 30.58
N ARG H 162 13.71 36.60 29.57
CA ARG H 162 13.89 38.04 29.77
C ARG H 162 12.84 38.60 30.72
N GLY H 163 11.58 38.20 30.55
CA GLY H 163 10.55 38.67 31.46
C GLY H 163 10.77 38.24 32.89
N LEU H 164 11.14 36.97 33.08
CA LEU H 164 11.43 36.47 34.42
C LEU H 164 12.68 37.13 35.00
N GLN H 165 13.66 37.45 34.16
CA GLN H 165 14.82 38.18 34.64
C GLN H 165 14.45 39.57 35.12
N PHE H 166 13.57 40.25 34.39
CA PHE H 166 13.09 41.57 34.83
C PHE H 166 12.36 41.45 36.17
N GLN H 167 11.48 40.44 36.30
CA GLN H 167 10.75 40.26 37.54
C GLN H 167 11.70 39.95 38.70
N GLY H 168 12.68 39.08 38.47
CA GLY H 168 13.64 38.75 39.51
C GLY H 168 14.52 39.92 39.89
N SER H 169 14.88 40.76 38.92
CA SER H 169 15.65 41.96 39.23
C SER H 169 14.83 42.92 40.06
N VAL H 170 13.53 43.05 39.77
CA VAL H 170 12.67 43.90 40.58
C VAL H 170 12.56 43.35 42.00
N SER H 171 12.40 42.03 42.13
CA SER H 171 12.23 41.44 43.45
C SER H 171 13.52 41.45 44.26
N TYR H 172 14.67 41.31 43.60
CA TYR H 172 15.94 41.20 44.31
C TYR H 172 16.34 42.53 44.95
N LYS H 173 16.18 43.64 44.22
CA LYS H 173 16.60 44.96 44.66
C LYS H 173 18.10 44.97 45.01
N LEU H 174 18.90 44.46 44.08
CA LEU H 174 20.34 44.38 44.28
C LEU H 174 21.09 45.57 43.70
N GLY H 175 20.48 46.33 42.78
CA GLY H 175 21.19 47.39 42.09
C GLY H 175 21.65 48.51 43.01
N SER H 176 20.84 48.89 43.99
CA SER H 176 21.14 50.01 44.86
C SER H 176 21.05 49.57 46.31
N THR H 177 21.40 50.47 47.21
CA THR H 177 21.37 50.18 48.64
C THR H 177 19.95 49.90 49.11
N GLN H 178 19.81 49.00 50.06
CA GLN H 178 18.54 48.63 50.64
C GLN H 178 18.67 48.58 52.15
N PRO H 179 17.57 48.73 52.88
CA PRO H 179 17.64 48.63 54.34
C PRO H 179 18.15 47.28 54.80
N ASP H 180 18.89 47.29 55.91
CA ASP H 180 19.45 46.07 56.46
C ASP H 180 18.36 45.14 56.97
N ALA H 181 18.59 43.84 56.81
CA ALA H 181 17.66 42.83 57.29
C ALA H 181 17.80 42.64 58.79
N SER H 182 16.66 42.50 59.46
CA SER H 182 16.63 42.33 60.91
C SER H 182 15.73 41.16 61.27
N GLY H 183 15.95 40.58 62.45
CA GLY H 183 15.18 39.46 62.92
C GLY H 183 15.00 39.53 64.43
N VAL H 184 14.29 38.52 64.95
CA VAL H 184 14.01 38.40 66.38
C VAL H 184 14.91 37.30 66.94
N TYR H 185 15.62 37.62 68.03
CA TYR H 185 16.59 36.70 68.60
C TYR H 185 16.13 36.12 69.93
N TYR H 186 14.83 36.16 70.21
CA TYR H 186 14.30 35.54 71.42
C TYR H 186 12.95 34.90 71.13
N ALA I 2 -13.42 46.46 39.14
CA ALA I 2 -14.05 45.85 37.97
C ALA I 2 -15.32 45.11 38.36
N THR I 3 -16.37 45.31 37.56
CA THR I 3 -17.64 44.64 37.82
C THR I 3 -17.53 43.16 37.47
N CYS I 4 -18.54 42.40 37.90
CA CYS I 4 -18.57 40.96 37.60
C CYS I 4 -18.65 40.71 36.10
N ARG I 5 -19.36 41.55 35.36
CA ARG I 5 -19.43 41.40 33.91
C ARG I 5 -18.05 41.53 33.27
N ASP I 6 -17.27 42.53 33.70
CA ASP I 6 -15.93 42.69 33.18
C ASP I 6 -15.05 41.50 33.53
N ILE I 7 -15.19 40.99 34.75
CA ILE I 7 -14.39 39.85 35.19
C ILE I 7 -14.69 38.64 34.31
N VAL I 8 -15.98 38.37 34.08
CA VAL I 8 -16.36 37.22 33.26
C VAL I 8 -15.91 37.40 31.82
N THR I 9 -16.06 38.62 31.28
CA THR I 9 -15.64 38.88 29.90
C THR I 9 -14.15 38.66 29.73
N ARG I 10 -13.34 39.18 30.66
CA ARG I 10 -11.90 38.99 30.56
C ARG I 10 -11.51 37.53 30.80
N ALA I 11 -12.24 36.82 31.66
CA ALA I 11 -11.96 35.41 31.87
C ALA I 11 -12.20 34.63 30.58
N LEU I 12 -13.29 34.92 29.88
CA LEU I 12 -13.53 34.25 28.60
C LEU I 12 -12.53 34.69 27.53
N HIS I 13 -12.05 35.93 27.62
CA HIS I 13 -11.07 36.40 26.64
C HIS I 13 -9.73 35.69 26.81
N MET I 14 -9.26 35.55 28.06
CA MET I 14 -7.98 34.90 28.28
C MET I 14 -7.99 33.42 27.94
N ALA I 15 -9.17 32.80 27.93
CA ALA I 15 -9.28 31.40 27.52
C ALA I 15 -9.40 31.24 26.02
N ALA I 16 -9.42 32.35 25.27
CA ALA I 16 -9.57 32.38 23.82
C ALA I 16 -10.91 31.83 23.35
N ILE I 17 -11.84 31.58 24.28
CA ILE I 17 -13.16 31.07 23.89
C ILE I 17 -13.94 32.14 23.15
N VAL I 18 -13.95 33.35 23.69
CA VAL I 18 -14.64 34.48 23.08
C VAL I 18 -13.58 35.40 22.45
N PRO I 19 -13.71 35.75 21.17
CA PRO I 19 -12.68 36.58 20.54
C PRO I 19 -12.60 37.95 21.18
N LEU I 20 -11.41 38.54 21.12
CA LEU I 20 -11.18 39.86 21.71
C LEU I 20 -12.10 40.90 21.09
N GLY I 21 -12.62 41.78 21.94
CA GLY I 21 -13.51 42.83 21.48
C GLY I 21 -14.98 42.42 21.37
N LYS I 22 -15.31 41.19 21.74
CA LYS I 22 -16.68 40.70 21.67
C LYS I 22 -17.16 40.31 23.06
N ASP I 23 -18.46 40.51 23.30
CA ASP I 23 -19.05 40.16 24.57
C ASP I 23 -19.79 38.83 24.47
N PRO I 24 -19.82 38.05 25.54
CA PRO I 24 -20.50 36.76 25.51
C PRO I 24 -22.01 36.92 25.64
N LYS I 25 -22.71 35.83 25.37
CA LYS I 25 -24.17 35.81 25.48
C LYS I 25 -24.58 35.75 26.96
N ALA I 26 -25.88 35.65 27.20
CA ALA I 26 -26.38 35.60 28.57
C ALA I 26 -26.02 34.29 29.25
N ALA I 27 -25.95 33.19 28.50
CA ALA I 27 -25.69 31.89 29.10
C ALA I 27 -24.30 31.83 29.73
N GLU I 28 -23.28 32.21 28.96
CA GLU I 28 -21.92 32.18 29.50
C GLU I 28 -21.72 33.22 30.59
N GLY I 29 -22.39 34.37 30.48
CA GLY I 29 -22.31 35.36 31.54
C GLY I 29 -22.88 34.84 32.84
N GLN I 30 -24.04 34.18 32.77
CA GLN I 30 -24.62 33.60 33.98
C GLN I 30 -23.74 32.49 34.53
N LEU I 31 -23.18 31.66 33.65
CA LEU I 31 -22.30 30.59 34.11
C LEU I 31 -21.08 31.14 34.81
N GLY I 32 -20.47 32.19 34.25
CA GLY I 32 -19.32 32.80 34.88
C GLY I 32 -19.66 33.45 36.20
N LEU I 33 -20.80 34.13 36.28
CA LEU I 33 -21.22 34.73 37.53
C LEU I 33 -21.42 33.68 38.60
N GLU I 34 -22.05 32.55 38.25
CA GLU I 34 -22.31 31.52 39.25
C GLU I 34 -21.04 30.80 39.64
N LEU I 35 -20.10 30.62 38.71
CA LEU I 35 -18.80 30.07 39.05
C LEU I 35 -18.05 30.99 40.02
N LEU I 36 -18.09 32.31 39.77
CA LEU I 36 -17.45 33.25 40.68
C LEU I 36 -18.10 33.22 42.05
N GLN I 37 -19.42 33.16 42.10
CA GLN I 37 -20.12 33.08 43.38
C GLN I 37 -19.75 31.81 44.13
N GLY I 38 -19.69 30.68 43.42
CA GLY I 38 -19.28 29.44 44.06
C GLY I 38 -17.86 29.50 44.57
N LEU I 39 -16.96 30.15 43.81
CA LEU I 39 -15.58 30.30 44.25
C LEU I 39 -15.51 31.12 45.54
N TYR I 40 -16.25 32.22 45.60
CA TYR I 40 -16.26 33.05 46.80
C TYR I 40 -16.83 32.28 48.00
N ASP I 41 -17.93 31.56 47.79
CA ASP I 41 -18.53 30.81 48.89
C ASP I 41 -17.60 29.71 49.37
N GLY I 42 -16.92 29.03 48.45
CA GLY I 42 -15.96 28.02 48.84
C GLY I 42 -14.78 28.61 49.60
N TRP I 43 -14.31 29.78 49.18
CA TRP I 43 -13.25 30.47 49.92
C TRP I 43 -13.70 30.78 51.34
N PHE I 44 -14.93 31.27 51.50
CA PHE I 44 -15.38 31.65 52.83
C PHE I 44 -15.62 30.44 53.72
N ALA I 45 -16.21 29.37 53.17
CA ALA I 45 -16.54 28.20 53.97
C ALA I 45 -15.39 27.24 54.15
N GLY I 46 -14.32 27.36 53.37
CA GLY I 46 -13.20 26.44 53.45
C GLY I 46 -12.04 26.88 54.31
N GLY I 47 -12.12 28.06 54.91
CA GLY I 47 -11.06 28.55 55.76
C GLY I 47 -9.98 29.36 55.05
N MET I 48 -10.24 29.85 53.84
CA MET I 48 -9.26 30.69 53.17
C MET I 48 -8.97 31.95 53.97
N PHE I 49 -9.98 32.50 54.63
CA PHE I 49 -9.82 33.67 55.48
C PHE I 49 -9.60 33.30 56.95
N GLY I 50 -9.11 32.08 57.20
CA GLY I 50 -8.82 31.62 58.55
C GLY I 50 -9.99 30.86 59.15
N ARG I 51 -9.71 30.28 60.31
CA ARG I 51 -10.73 29.56 61.07
C ARG I 51 -11.56 30.59 61.82
N LEU I 52 -12.82 30.74 61.42
CA LEU I 52 -13.67 31.78 61.98
C LEU I 52 -14.28 31.32 63.30
N THR I 53 -14.20 32.20 64.30
CA THR I 53 -14.78 31.91 65.61
C THR I 53 -16.31 32.03 65.53
N ASP I 54 -17.01 31.02 66.04
CA ASP I 54 -18.46 30.99 66.01
C ASP I 54 -19.02 31.71 67.24
N VAL I 55 -19.87 32.71 67.00
CA VAL I 55 -20.56 33.39 68.08
C VAL I 55 -22.06 33.39 67.77
N TYR I 56 -22.86 33.49 68.83
CA TYR I 56 -24.31 33.46 68.73
C TYR I 56 -24.87 34.65 69.49
N THR I 57 -25.69 35.46 68.82
CA THR I 57 -26.23 36.67 69.43
C THR I 57 -27.72 36.76 69.18
N ASP I 58 -28.44 37.25 70.18
CA ASP I 58 -29.86 37.54 70.07
C ASP I 58 -30.21 39.00 70.26
N THR I 59 -29.26 39.83 70.70
CA THR I 59 -29.43 41.26 70.84
C THR I 59 -28.45 41.99 69.92
N ALA I 60 -28.39 43.31 70.06
CA ALA I 60 -27.45 44.10 69.28
C ALA I 60 -26.02 43.72 69.64
N TYR I 61 -25.19 43.55 68.61
CA TYR I 61 -23.82 43.11 68.81
C TYR I 61 -22.94 43.68 67.72
N THR I 62 -21.74 44.10 68.10
CA THR I 62 -20.75 44.60 67.16
C THR I 62 -19.66 43.54 66.98
N ALA I 63 -19.49 43.09 65.75
CA ALA I 63 -18.56 41.99 65.48
C ALA I 63 -17.15 42.51 65.25
N LYS I 64 -16.18 41.63 65.49
CA LYS I 64 -14.79 41.89 65.21
C LYS I 64 -14.37 41.08 63.98
N GLU I 65 -13.09 41.18 63.64
CA GLU I 65 -12.58 40.48 62.46
C GLU I 65 -12.56 38.97 62.68
N GLY I 66 -12.81 38.23 61.61
CA GLY I 66 -12.70 36.79 61.65
C GLY I 66 -13.71 36.06 62.52
N GLU I 67 -14.98 36.44 62.45
CA GLU I 67 -16.03 35.73 63.19
C GLU I 67 -17.19 35.38 62.28
N ARG I 68 -17.88 34.31 62.65
CA ARG I 68 -19.15 33.91 62.06
C ARG I 68 -20.22 34.06 63.14
N VAL I 69 -21.19 34.92 62.88
CA VAL I 69 -22.17 35.35 63.88
C VAL I 69 -23.54 34.82 63.48
N THR I 70 -24.14 34.03 64.36
CA THR I 70 -25.50 33.56 64.16
C THR I 70 -26.45 34.50 64.89
N VAL I 71 -27.29 35.20 64.14
CA VAL I 71 -28.20 36.21 64.67
C VAL I 71 -29.58 35.59 64.80
N ASP I 72 -30.15 35.67 65.99
CA ASP I 72 -31.48 35.12 66.24
C ASP I 72 -32.43 36.18 66.77
N GLY I 73 -32.39 37.37 66.18
CA GLY I 73 -33.27 38.45 66.59
C GLY I 73 -32.55 39.75 66.82
N GLY I 74 -31.24 39.70 67.02
CA GLY I 74 -30.46 40.89 67.26
C GLY I 74 -30.06 41.59 65.98
N THR I 75 -29.22 42.61 66.14
CA THR I 75 -28.68 43.38 65.02
C THR I 75 -27.16 43.30 65.05
N LEU I 76 -26.56 43.01 63.90
CA LEU I 76 -25.11 42.91 63.77
C LEU I 76 -24.58 44.19 63.14
N THR I 77 -23.72 44.89 63.86
CA THR I 77 -23.13 46.14 63.39
C THR I 77 -21.69 45.89 63.00
N ILE I 78 -21.35 46.17 61.74
CA ILE I 78 -20.00 46.01 61.23
C ILE I 78 -19.26 47.32 61.44
N PRO I 79 -18.14 47.33 62.17
CA PRO I 79 -17.39 48.57 62.36
C PRO I 79 -16.29 48.75 61.31
N ASP I 80 -16.10 50.01 60.92
CA ASP I 80 -15.07 50.36 59.96
C ASP I 80 -13.72 50.62 60.60
N THR I 81 -13.66 50.69 61.93
CA THR I 81 -12.41 50.90 62.64
C THR I 81 -12.35 49.97 63.84
N PHE I 82 -11.13 49.69 64.29
CA PHE I 82 -10.90 48.81 65.43
C PHE I 82 -9.86 49.43 66.35
N GLU I 83 -9.91 49.03 67.61
CA GLU I 83 -8.92 49.45 68.60
C GLU I 83 -7.80 48.43 68.62
N ASP I 84 -6.61 48.84 68.19
CA ASP I 84 -5.46 47.95 68.15
C ASP I 84 -5.08 47.54 69.58
N THR I 85 -5.03 46.24 69.83
CA THR I 85 -4.71 45.76 71.17
C THR I 85 -3.25 46.04 71.52
N ASP I 86 -2.35 45.95 70.54
CA ASP I 86 -0.93 46.11 70.81
C ASP I 86 -0.59 47.56 71.14
N THR I 87 -1.09 48.51 70.35
CA THR I 87 -0.69 49.91 70.47
C THR I 87 -1.77 50.82 71.05
N GLY I 88 -3.05 50.43 70.97
CA GLY I 88 -4.12 51.25 71.48
C GLY I 88 -4.62 52.32 70.53
N LEU I 89 -4.02 52.44 69.35
CA LEU I 89 -4.45 53.43 68.37
C LEU I 89 -5.53 52.86 67.48
N THR I 90 -6.40 53.75 66.98
CA THR I 90 -7.44 53.34 66.05
C THR I 90 -6.80 52.90 64.73
N ARG I 91 -7.28 51.78 64.20
CA ARG I 91 -6.72 51.21 62.97
C ARG I 91 -7.84 50.68 62.09
N ALA I 92 -7.52 50.49 60.83
CA ALA I 92 -8.44 49.84 59.92
C ALA I 92 -8.36 48.33 60.09
N PRO I 93 -9.44 47.62 59.74
CA PRO I 93 -9.37 46.15 59.79
C PRO I 93 -8.31 45.62 58.84
N ARG I 94 -7.79 44.44 59.17
CA ARG I 94 -6.70 43.87 58.38
C ARG I 94 -7.13 43.64 56.94
N GLU I 95 -6.14 43.45 56.07
CA GLU I 95 -6.37 43.53 54.62
C GLU I 95 -7.28 42.40 54.13
N LEU I 96 -7.43 41.34 54.92
CA LEU I 96 -8.32 40.24 54.57
C LEU I 96 -9.21 39.83 55.74
N ALA I 97 -9.67 40.80 56.52
CA ALA I 97 -10.61 40.50 57.59
C ALA I 97 -11.96 40.08 57.01
N ALA I 98 -12.53 39.02 57.56
CA ALA I 98 -13.78 38.47 57.06
C ALA I 98 -14.78 38.33 58.19
N ILE I 99 -16.03 38.66 57.90
CA ILE I 99 -17.13 38.51 58.84
C ILE I 99 -18.27 37.80 58.13
N VAL I 100 -18.76 36.71 58.71
CA VAL I 100 -19.88 35.96 58.18
C VAL I 100 -21.08 36.17 59.10
N GLU I 101 -22.24 36.41 58.51
CA GLU I 101 -23.47 36.62 59.26
C GLU I 101 -24.53 35.63 58.79
N ILE I 102 -25.15 34.93 59.72
CA ILE I 102 -26.22 33.99 59.42
C ILE I 102 -27.48 34.50 60.11
N ASN I 103 -28.42 35.02 59.31
CA ASN I 103 -29.66 35.59 59.80
C ASN I 103 -30.83 34.86 59.14
N ALA I 104 -31.56 34.08 59.93
CA ALA I 104 -32.77 33.38 59.46
C ALA I 104 -32.48 32.52 58.24
N GLY I 105 -31.33 31.84 58.25
CA GLY I 105 -30.96 30.98 57.15
C GLY I 105 -30.30 31.68 55.98
N ASN I 106 -30.11 32.99 56.05
CA ASN I 106 -29.45 33.76 54.99
C ASN I 106 -28.02 34.06 55.41
N ILE I 107 -27.07 33.75 54.53
CA ILE I 107 -25.65 33.92 54.81
C ILE I 107 -25.14 35.12 54.05
N THR I 108 -24.50 36.04 54.76
CA THR I 108 -23.88 37.23 54.17
C THR I 108 -22.41 37.23 54.54
N ASN I 109 -21.53 37.21 53.54
CA ASN I 109 -20.09 37.20 53.74
C ASN I 109 -19.54 38.56 53.37
N ARG I 110 -18.84 39.19 54.31
CA ARG I 110 -18.21 40.49 54.09
C ARG I 110 -16.71 40.34 54.26
N VAL I 111 -15.94 40.94 53.35
CA VAL I 111 -14.49 40.93 53.44
C VAL I 111 -14.00 42.37 53.34
N TRP I 112 -12.92 42.66 54.06
CA TRP I 112 -12.32 43.98 54.06
C TRP I 112 -11.28 44.04 52.96
N CYS I 113 -11.41 45.01 52.06
CA CYS I 113 -10.44 45.18 50.97
C CYS I 113 -10.59 46.58 50.42
N GLY I 114 -9.46 47.20 50.09
CA GLY I 114 -9.48 48.55 49.52
C GLY I 114 -10.14 49.56 50.43
N GLY I 115 -10.08 49.35 51.74
CA GLY I 115 -10.75 50.23 52.67
C GLY I 115 -12.25 50.13 52.67
N GLU I 116 -12.80 49.01 52.19
CA GLU I 116 -14.24 48.86 52.09
C GLU I 116 -14.64 47.46 52.55
N TRP I 117 -15.84 47.37 53.12
CA TRP I 117 -16.47 46.10 53.44
C TRP I 117 -17.28 45.66 52.23
N GLN I 118 -16.76 44.68 51.49
CA GLN I 118 -17.37 44.22 50.25
C GLN I 118 -18.09 42.90 50.51
N GLU I 119 -19.34 42.82 50.08
CA GLU I 119 -20.14 41.62 50.26
C GLU I 119 -19.87 40.65 49.11
N CYS I 120 -19.70 39.37 49.45
CA CYS I 120 -19.50 38.32 48.47
C CYS I 120 -20.74 37.46 48.27
N SER I 121 -21.90 37.93 48.74
CA SER I 121 -23.15 37.19 48.64
C SER I 121 -24.15 37.97 47.80
N GLY I 122 -24.96 37.25 47.04
CA GLY I 122 -25.94 37.87 46.18
C GLY I 122 -25.34 38.73 45.09
N LEU I 123 -24.25 38.27 44.48
CA LEU I 123 -23.60 39.04 43.44
C LEU I 123 -24.40 38.98 42.14
N THR I 124 -24.52 40.13 41.48
CA THR I 124 -25.16 40.24 40.18
C THR I 124 -24.12 40.58 39.13
N LEU I 125 -24.58 40.76 37.89
CA LEU I 125 -23.68 41.08 36.80
C LEU I 125 -23.13 42.49 36.90
N ASN I 126 -23.85 43.41 37.55
CA ASN I 126 -23.44 44.80 37.65
C ASN I 126 -22.74 45.13 38.97
N ASP I 127 -22.77 44.22 39.94
CA ASP I 127 -22.12 44.48 41.21
C ASP I 127 -20.61 44.43 41.07
N GLU I 128 -19.93 45.23 41.88
CA GLU I 128 -18.47 45.25 41.89
C GLU I 128 -17.95 43.91 42.41
N ALA I 129 -16.97 43.35 41.72
CA ALA I 129 -16.41 42.07 42.10
C ALA I 129 -15.53 42.23 43.34
N PRO I 130 -15.80 41.50 44.43
CA PRO I 130 -14.92 41.58 45.60
C PRO I 130 -13.51 41.12 45.25
N LEU I 131 -12.53 41.76 45.89
CA LEU I 131 -11.10 41.49 45.73
C LEU I 131 -10.62 41.73 44.30
N SER I 132 -11.39 42.46 43.48
CA SER I 132 -10.95 42.72 42.12
C SER I 132 -9.84 43.75 42.07
N LYS I 133 -9.81 44.68 43.03
CA LYS I 133 -8.76 45.69 43.06
C LYS I 133 -7.39 45.11 43.35
N ARG I 134 -7.33 43.96 44.02
CA ARG I 134 -6.04 43.31 44.23
C ARG I 134 -5.40 42.92 42.90
N ASP I 135 -6.14 42.20 42.07
CA ASP I 135 -5.73 41.94 40.69
C ASP I 135 -6.98 41.54 39.92
N ALA I 136 -7.44 42.42 39.04
CA ALA I 136 -8.62 42.08 38.23
C ALA I 136 -8.28 41.02 37.19
N MET I 137 -7.14 41.16 36.52
CA MET I 137 -6.75 40.18 35.52
C MET I 137 -6.43 38.84 36.17
N GLY I 138 -5.84 38.84 37.36
CA GLY I 138 -5.61 37.60 38.07
C GLY I 138 -6.90 36.89 38.45
N LEU I 139 -7.89 37.66 38.91
CA LEU I 139 -9.20 37.08 39.21
C LEU I 139 -9.85 36.51 37.96
N SER I 140 -9.74 37.23 36.83
CA SER I 140 -10.28 36.72 35.58
C SER I 140 -9.58 35.43 35.16
N CYS I 141 -8.25 35.37 35.33
CA CYS I 141 -7.52 34.16 35.00
C CYS I 141 -7.94 33.00 35.89
N LEU I 142 -8.12 33.26 37.19
CA LEU I 142 -8.57 32.21 38.10
C LEU I 142 -9.96 31.71 37.72
N LEU I 143 -10.86 32.62 37.35
CA LEU I 143 -12.19 32.20 36.92
C LEU I 143 -12.12 31.39 35.63
N ALA I 144 -11.28 31.82 34.68
CA ALA I 144 -11.13 31.09 33.43
C ALA I 144 -10.58 29.69 33.67
N LEU I 145 -9.70 29.55 34.67
CA LEU I 145 -9.12 28.25 34.97
C LEU I 145 -10.20 27.19 35.19
N HIS I 146 -11.31 27.58 35.81
CA HIS I 146 -12.42 26.65 36.03
C HIS I 146 -13.45 26.70 34.91
N MET I 147 -13.64 27.87 34.28
CA MET I 147 -14.70 28.00 33.27
C MET I 147 -14.34 27.39 31.93
N ALA I 148 -13.05 27.28 31.60
CA ALA I 148 -12.67 26.79 30.29
C ALA I 148 -13.06 25.34 30.06
N GLU I 149 -13.24 24.57 31.13
CA GLU I 149 -13.55 23.15 30.97
C GLU I 149 -14.95 22.93 30.43
N ALA I 150 -15.89 23.80 30.78
CA ALA I 150 -17.26 23.67 30.29
C ALA I 150 -17.36 23.88 28.78
N PHE I 151 -16.36 24.52 28.18
CA PHE I 151 -16.34 24.77 26.74
C PHE I 151 -15.41 23.83 25.99
N GLY I 152 -14.91 22.79 26.65
CA GLY I 152 -14.07 21.82 25.97
C GLY I 152 -12.68 22.29 25.61
N THR I 153 -12.16 23.30 26.31
CA THR I 153 -10.84 23.83 26.03
C THR I 153 -10.02 23.89 27.32
N GLN I 154 -8.70 23.91 27.15
CA GLN I 154 -7.77 24.03 28.27
C GLN I 154 -6.98 25.32 28.11
N ILE I 155 -6.87 26.08 29.20
CA ILE I 155 -6.13 27.33 29.15
C ILE I 155 -4.64 27.06 29.11
N GLY I 156 -3.87 28.07 28.71
CA GLY I 156 -2.44 27.96 28.63
C GLY I 156 -1.79 27.91 30.00
N PRO I 157 -0.53 27.49 30.05
CA PRO I 157 0.17 27.42 31.35
C PRO I 157 0.29 28.77 32.02
N MET I 158 0.46 29.85 31.26
CA MET I 158 0.63 31.16 31.86
C MET I 158 -0.66 31.64 32.53
N THR I 159 -1.81 31.38 31.90
CA THR I 159 -3.08 31.76 32.50
C THR I 159 -3.31 31.02 33.82
N ALA I 160 -3.05 29.71 33.83
CA ALA I 160 -3.19 28.94 35.06
C ALA I 160 -2.23 29.42 36.12
N ARG I 161 -0.99 29.72 35.74
CA ARG I 161 -0.01 30.20 36.70
C ARG I 161 -0.43 31.54 37.28
N ARG I 162 -0.97 32.44 36.46
CA ARG I 162 -1.43 33.73 36.96
C ARG I 162 -2.61 33.56 37.92
N GLY I 163 -3.56 32.69 37.58
CA GLY I 163 -4.67 32.45 38.49
C GLY I 163 -4.23 31.84 39.81
N LEU I 164 -3.31 30.88 39.75
CA LEU I 164 -2.79 30.29 40.98
C LEU I 164 -1.97 31.28 41.78
N GLN I 165 -1.27 32.20 41.11
CA GLN I 165 -0.56 33.26 41.81
C GLN I 165 -1.52 34.18 42.54
N PHE I 166 -2.64 34.53 41.90
CA PHE I 166 -3.66 35.34 42.57
C PHE I 166 -4.20 34.61 43.80
N GLN I 167 -4.51 33.32 43.65
CA GLN I 167 -5.02 32.54 44.77
C GLN I 167 -4.00 32.46 45.90
N GLY I 168 -2.73 32.23 45.56
CA GLY I 168 -1.69 32.14 46.57
C GLY I 168 -1.44 33.47 47.26
N SER I 169 -1.55 34.57 46.53
CA SER I 169 -1.42 35.89 47.15
C SER I 169 -2.58 36.16 48.10
N VAL I 170 -3.78 35.73 47.73
CA VAL I 170 -4.92 35.88 48.63
C VAL I 170 -4.71 35.04 49.89
N SER I 171 -4.22 33.81 49.73
CA SER I 171 -4.06 32.92 50.88
C SER I 171 -2.87 33.31 51.76
N TYR I 172 -1.87 33.97 51.18
CA TYR I 172 -0.64 34.28 51.92
C TYR I 172 -0.82 35.52 52.79
N LYS I 173 -1.44 36.57 52.24
CA LYS I 173 -1.66 37.83 52.95
C LYS I 173 -0.34 38.42 53.44
N LEU I 174 0.70 38.34 52.61
CA LEU I 174 2.01 38.86 52.94
C LEU I 174 2.17 40.34 52.66
N GLY I 175 1.25 40.95 51.92
CA GLY I 175 1.40 42.33 51.52
C GLY I 175 1.04 43.37 52.55
N SER I 176 0.49 42.95 53.70
CA SER I 176 0.06 43.90 54.71
C SER I 176 0.21 43.26 56.09
N THR I 177 0.12 44.10 57.11
CA THR I 177 0.24 43.63 58.49
C THR I 177 -0.88 42.66 58.82
N GLN I 178 -0.52 41.55 59.45
CA GLN I 178 -1.44 40.50 59.83
C GLN I 178 -1.22 40.13 61.29
N PRO I 179 -2.24 39.60 61.96
CA PRO I 179 -2.06 39.20 63.36
C PRO I 179 -0.98 38.12 63.49
N ASP I 180 -0.24 38.19 64.59
CA ASP I 180 0.85 37.25 64.83
C ASP I 180 0.30 35.87 65.15
N ALA I 181 0.98 34.84 64.68
CA ALA I 181 0.57 33.47 64.95
C ALA I 181 0.83 33.11 66.40
N SER I 182 -0.07 32.32 66.97
CA SER I 182 0.04 31.87 68.35
C SER I 182 -0.08 30.35 68.39
N GLY I 183 0.36 29.78 69.51
CA GLY I 183 0.33 28.34 69.69
C GLY I 183 0.14 27.97 71.14
N VAL I 184 0.02 26.67 71.39
CA VAL I 184 -0.17 26.12 72.72
C VAL I 184 1.13 25.42 73.12
N TYR I 185 1.65 25.77 74.30
CA TYR I 185 2.93 25.25 74.76
C TYR I 185 2.79 24.26 75.91
N TYR I 186 1.58 23.78 76.19
CA TYR I 186 1.40 22.78 77.23
C TYR I 186 0.51 21.64 76.72
N ALA J 2 -30.03 25.86 47.16
CA ALA J 2 -30.23 25.80 45.69
C ALA J 2 -31.09 24.58 45.33
N THR J 3 -32.13 24.79 44.52
CA THR J 3 -32.95 23.64 44.04
C THR J 3 -32.00 22.60 43.44
N CYS J 4 -32.08 21.36 43.90
CA CYS J 4 -31.16 20.32 43.44
C CYS J 4 -31.34 20.18 41.92
N ARG J 5 -32.49 20.58 41.40
CA ARG J 5 -32.68 20.59 39.95
C ARG J 5 -31.59 21.41 39.27
N ASP J 6 -31.32 22.62 39.79
CA ASP J 6 -30.26 23.43 39.23
C ASP J 6 -28.89 22.82 39.47
N ILE J 7 -28.69 22.12 40.59
CA ILE J 7 -27.42 21.44 40.83
C ILE J 7 -27.16 20.41 39.75
N VAL J 8 -28.17 19.61 39.42
CA VAL J 8 -28.02 18.60 38.38
C VAL J 8 -27.84 19.27 37.01
N THR J 9 -28.60 20.33 36.76
CA THR J 9 -28.50 21.02 35.48
C THR J 9 -27.09 21.56 35.25
N ARG J 10 -26.52 22.21 36.26
CA ARG J 10 -25.17 22.74 36.11
C ARG J 10 -24.10 21.66 36.18
N ALA J 11 -24.39 20.52 36.83
CA ALA J 11 -23.48 19.39 36.73
C ALA J 11 -23.40 18.89 35.30
N LEU J 12 -24.54 18.82 34.61
CA LEU J 12 -24.54 18.41 33.22
C LEU J 12 -23.94 19.49 32.31
N HIS J 13 -24.13 20.76 32.66
CA HIS J 13 -23.55 21.84 31.87
C HIS J 13 -22.03 21.85 31.97
N MET J 14 -21.49 21.76 33.18
CA MET J 14 -20.05 21.78 33.36
C MET J 14 -19.40 20.56 32.72
N ALA J 15 -20.02 19.40 32.86
CA ALA J 15 -19.53 18.19 32.20
C ALA J 15 -19.79 18.19 30.70
N ALA J 16 -20.56 19.15 30.20
CA ALA J 16 -20.74 19.38 28.76
C ALA J 16 -21.44 18.21 28.07
N ILE J 17 -22.59 17.80 28.61
CA ILE J 17 -23.50 16.91 27.91
C ILE J 17 -24.75 17.63 27.45
N VAL J 18 -25.34 18.43 28.32
CA VAL J 18 -26.51 19.24 27.97
C VAL J 18 -26.01 20.59 27.46
N PRO J 19 -26.62 21.14 26.41
CA PRO J 19 -26.20 22.47 25.94
C PRO J 19 -26.33 23.52 27.04
N LEU J 20 -25.41 24.46 27.04
CA LEU J 20 -25.35 25.47 28.09
C LEU J 20 -26.63 26.29 28.13
N GLY J 21 -27.18 26.46 29.33
CA GLY J 21 -28.38 27.24 29.53
C GLY J 21 -29.68 26.49 29.29
N LYS J 22 -29.61 25.22 28.87
CA LYS J 22 -30.80 24.44 28.57
C LYS J 22 -31.04 23.41 29.66
N ASP J 23 -32.31 23.15 29.94
CA ASP J 23 -32.69 22.16 30.93
C ASP J 23 -32.54 20.75 30.37
N PRO J 24 -32.17 19.79 31.22
CA PRO J 24 -32.02 18.41 30.75
C PRO J 24 -33.35 17.67 30.71
N LYS J 25 -33.30 16.47 30.13
CA LYS J 25 -34.49 15.64 30.03
C LYS J 25 -34.83 15.01 31.38
N ALA J 26 -35.98 14.35 31.42
CA ALA J 26 -36.44 13.76 32.68
C ALA J 26 -35.51 12.65 33.15
N ALA J 27 -35.02 11.82 32.23
CA ALA J 27 -34.14 10.71 32.62
C ALA J 27 -32.83 11.23 33.21
N GLU J 28 -32.23 12.25 32.58
CA GLU J 28 -31.00 12.81 33.11
C GLU J 28 -31.21 13.43 34.48
N GLY J 29 -32.32 14.14 34.66
CA GLY J 29 -32.62 14.73 35.96
C GLY J 29 -32.81 13.67 37.03
N GLN J 30 -33.51 12.59 36.70
CA GLN J 30 -33.72 11.52 37.66
C GLN J 30 -32.39 10.85 38.02
N LEU J 31 -31.54 10.60 37.03
CA LEU J 31 -30.24 9.99 37.30
C LEU J 31 -29.39 10.91 38.19
N GLY J 32 -29.38 12.20 37.89
CA GLY J 32 -28.62 13.13 38.72
C GLY J 32 -29.14 13.20 40.14
N LEU J 33 -30.47 13.21 40.29
CA LEU J 33 -31.05 13.23 41.63
C LEU J 33 -30.70 11.97 42.41
N GLU J 34 -30.76 10.81 41.74
CA GLU J 34 -30.41 9.56 42.41
C GLU J 34 -28.93 9.55 42.80
N LEU J 35 -28.05 10.04 41.92
CA LEU J 35 -26.63 10.09 42.25
C LEU J 35 -26.37 11.02 43.42
N LEU J 36 -27.04 12.18 43.46
CA LEU J 36 -26.86 13.10 44.57
C LEU J 36 -27.36 12.49 45.87
N GLN J 37 -28.51 11.83 45.83
CA GLN J 37 -29.03 11.17 47.03
C GLN J 37 -28.09 10.07 47.51
N GLY J 38 -27.56 9.29 46.58
CA GLY J 38 -26.60 8.26 46.95
C GLY J 38 -25.34 8.84 47.55
N LEU J 39 -24.86 9.96 47.02
CA LEU J 39 -23.70 10.61 47.58
C LEU J 39 -23.97 11.08 49.01
N TYR J 40 -25.15 11.67 49.25
CA TYR J 40 -25.49 12.13 50.59
C TYR J 40 -25.58 10.97 51.57
N ASP J 41 -26.25 9.89 51.18
CA ASP J 41 -26.37 8.74 52.07
C ASP J 41 -25.02 8.07 52.30
N GLY J 42 -24.15 8.04 51.30
CA GLY J 42 -22.82 7.50 51.51
C GLY J 42 -21.99 8.36 52.45
N TRP J 43 -22.14 9.68 52.35
CA TRP J 43 -21.47 10.57 53.30
C TRP J 43 -21.96 10.32 54.72
N PHE J 44 -23.27 10.18 54.89
CA PHE J 44 -23.82 10.02 56.24
C PHE J 44 -23.45 8.65 56.82
N ALA J 45 -23.63 7.58 56.05
CA ALA J 45 -23.33 6.25 56.55
C ALA J 45 -21.83 5.96 56.57
N GLY J 46 -21.06 6.59 55.67
CA GLY J 46 -19.65 6.32 55.58
C GLY J 46 -18.77 7.01 56.61
N GLY J 47 -19.36 7.83 57.48
CA GLY J 47 -18.60 8.51 58.50
C GLY J 47 -17.97 9.81 58.08
N MET J 48 -18.48 10.46 57.03
CA MET J 48 -17.93 11.75 56.63
C MET J 48 -18.12 12.80 57.71
N PHE J 49 -19.24 12.77 58.41
CA PHE J 49 -19.51 13.68 59.52
C PHE J 49 -19.03 13.13 60.85
N GLY J 50 -18.18 12.11 60.84
CA GLY J 50 -17.64 11.54 62.05
C GLY J 50 -18.42 10.33 62.52
N ARG J 51 -17.78 9.54 63.37
CA ARG J 51 -18.41 8.37 63.97
C ARG J 51 -19.55 8.83 64.86
N LEU J 52 -20.77 8.45 64.52
CA LEU J 52 -21.96 8.90 65.23
C LEU J 52 -22.27 7.96 66.38
N THR J 53 -22.39 8.51 67.59
CA THR J 53 -22.73 7.71 68.75
C THR J 53 -24.16 7.20 68.63
N ASP J 54 -24.36 5.92 68.96
CA ASP J 54 -25.66 5.30 68.83
C ASP J 54 -26.48 5.48 70.10
N VAL J 55 -27.72 5.93 69.94
CA VAL J 55 -28.65 6.11 71.04
C VAL J 55 -29.95 5.39 70.68
N TYR J 56 -30.53 4.69 71.64
CA TYR J 56 -31.81 4.02 71.47
C TYR J 56 -32.82 4.64 72.42
N THR J 57 -33.95 5.08 71.89
CA THR J 57 -34.96 5.74 72.70
C THR J 57 -36.34 5.19 72.35
N ASP J 58 -37.24 5.27 73.34
CA ASP J 58 -38.63 4.91 73.16
C ASP J 58 -39.60 5.95 73.68
N THR J 59 -39.12 6.99 74.35
CA THR J 59 -39.92 8.09 74.84
C THR J 59 -39.42 9.39 74.20
N ALA J 60 -39.96 10.52 74.68
CA ALA J 60 -39.50 11.82 74.19
C ALA J 60 -38.03 12.02 74.54
N TYR J 61 -37.25 12.46 73.57
CA TYR J 61 -35.82 12.61 73.75
C TYR J 61 -35.32 13.77 72.90
N THR J 62 -34.36 14.52 73.42
CA THR J 62 -33.78 15.66 72.72
C THR J 62 -32.44 15.25 72.13
N ALA J 63 -32.29 15.43 70.83
CA ALA J 63 -31.10 14.97 70.13
C ALA J 63 -29.90 15.86 70.44
N LYS J 64 -28.71 15.30 70.25
CA LYS J 64 -27.45 16.01 70.38
C LYS J 64 -26.69 15.92 69.05
N GLU J 65 -25.70 16.78 68.90
CA GLU J 65 -24.95 16.84 67.65
C GLU J 65 -24.21 15.53 67.40
N GLY J 66 -24.15 15.13 66.14
CA GLY J 66 -23.42 13.93 65.75
C GLY J 66 -23.92 12.65 66.37
N GLU J 67 -25.24 12.41 66.30
CA GLU J 67 -25.84 11.27 66.97
C GLU J 67 -26.67 10.46 65.99
N ARG J 68 -26.85 9.17 66.31
CA ARG J 68 -27.68 8.25 65.54
C ARG J 68 -28.72 7.69 66.48
N VAL J 69 -29.93 8.22 66.43
CA VAL J 69 -30.99 7.89 67.37
C VAL J 69 -31.97 6.95 66.70
N THR J 70 -32.18 5.78 67.31
CA THR J 70 -33.18 4.82 66.89
C THR J 70 -34.39 4.95 67.79
N VAL J 71 -35.53 5.33 67.21
CA VAL J 71 -36.75 5.58 67.95
C VAL J 71 -37.66 4.39 67.81
N ASP J 72 -38.19 3.89 68.92
CA ASP J 72 -39.06 2.72 68.95
C ASP J 72 -40.41 3.06 69.57
N GLY J 73 -40.95 4.23 69.23
CA GLY J 73 -42.25 4.62 69.73
C GLY J 73 -42.28 6.01 70.33
N GLY J 74 -41.10 6.60 70.54
CA GLY J 74 -41.00 7.92 71.10
C GLY J 74 -40.98 9.01 70.05
N THR J 75 -40.62 10.21 70.49
CA THR J 75 -40.48 11.36 69.61
C THR J 75 -39.12 11.99 69.82
N LEU J 76 -38.48 12.39 68.72
CA LEU J 76 -37.17 13.01 68.76
C LEU J 76 -37.32 14.50 68.48
N THR J 77 -36.73 15.33 69.35
CA THR J 77 -36.77 16.78 69.21
C THR J 77 -35.41 17.27 68.74
N ILE J 78 -35.42 18.06 67.67
CA ILE J 78 -34.19 18.59 67.08
C ILE J 78 -34.05 20.04 67.54
N PRO J 79 -33.09 20.36 68.40
CA PRO J 79 -32.96 21.73 68.89
C PRO J 79 -32.14 22.61 67.95
N ASP J 80 -32.56 23.86 67.85
CA ASP J 80 -31.86 24.84 67.03
C ASP J 80 -30.71 25.52 67.77
N THR J 81 -30.59 25.30 69.07
CA THR J 81 -29.52 25.88 69.87
C THR J 81 -29.01 24.84 70.86
N PHE J 82 -27.80 25.07 71.35
CA PHE J 82 -27.16 24.15 72.29
C PHE J 82 -26.49 24.96 73.39
N GLU J 83 -26.29 24.30 74.53
CA GLU J 83 -25.60 24.90 75.66
C GLU J 83 -24.12 24.52 75.57
N ASP J 84 -23.27 25.51 75.33
CA ASP J 84 -21.84 25.25 75.19
C ASP J 84 -21.25 24.89 76.53
N THR J 85 -20.57 23.75 76.60
CA THR J 85 -19.97 23.31 77.85
C THR J 85 -18.70 24.08 78.17
N ASP J 86 -17.93 24.47 77.15
CA ASP J 86 -16.66 25.14 77.38
C ASP J 86 -16.85 26.57 77.88
N THR J 87 -17.80 27.31 77.28
CA THR J 87 -17.97 28.72 77.59
C THR J 87 -19.22 29.03 78.39
N GLY J 88 -20.25 28.17 78.34
CA GLY J 88 -21.43 28.35 79.15
C GLY J 88 -22.54 29.17 78.52
N LEU J 89 -22.33 29.74 77.35
CA LEU J 89 -23.36 30.52 76.68
C LEU J 89 -24.02 29.69 75.58
N THR J 90 -25.23 30.11 75.21
CA THR J 90 -25.97 29.45 74.13
C THR J 90 -25.26 29.66 72.81
N ARG J 91 -25.19 28.59 72.01
CA ARG J 91 -24.52 28.64 70.72
C ARG J 91 -25.35 27.90 69.68
N ALA J 92 -25.06 28.19 68.42
CA ALA J 92 -25.63 27.41 67.34
C ALA J 92 -24.88 26.09 67.21
N PRO J 93 -25.53 25.06 66.68
CA PRO J 93 -24.82 23.79 66.46
C PRO J 93 -23.62 23.99 65.55
N ARG J 94 -22.56 23.22 65.81
CA ARG J 94 -21.35 23.33 65.01
C ARG J 94 -21.65 22.98 63.55
N GLU J 95 -20.91 23.62 62.64
CA GLU J 95 -21.12 23.40 61.22
C GLU J 95 -20.92 21.93 60.88
N LEU J 96 -21.79 21.42 60.00
CA LEU J 96 -21.75 20.02 59.56
C LEU J 96 -21.93 19.06 60.75
N ALA J 97 -22.90 19.36 61.60
CA ALA J 97 -23.28 18.46 62.68
C ALA J 97 -24.39 17.55 62.19
N ALA J 98 -24.23 16.25 62.41
CA ALA J 98 -25.11 15.24 61.83
C ALA J 98 -25.98 14.59 62.89
N ILE J 99 -27.29 14.53 62.61
CA ILE J 99 -28.23 13.78 63.42
C ILE J 99 -29.00 12.85 62.49
N VAL J 100 -28.99 11.55 62.81
CA VAL J 100 -29.68 10.54 62.03
C VAL J 100 -30.81 9.98 62.88
N GLU J 101 -31.99 9.90 62.29
CA GLU J 101 -33.17 9.36 62.94
C GLU J 101 -33.57 8.06 62.24
N ILE J 102 -33.72 6.99 63.00
CA ILE J 102 -34.16 5.71 62.48
C ILE J 102 -35.51 5.41 63.12
N ASN J 103 -36.58 5.46 62.32
CA ASN J 103 -37.94 5.30 62.80
C ASN J 103 -38.66 4.29 61.91
N ALA J 104 -38.87 3.08 62.44
CA ALA J 104 -39.64 2.05 61.76
C ALA J 104 -39.09 1.76 60.36
N GLY J 105 -37.76 1.72 60.25
CA GLY J 105 -37.11 1.46 58.99
C GLY J 105 -36.88 2.67 58.11
N ASN J 106 -37.34 3.84 58.53
CA ASN J 106 -37.14 5.08 57.78
C ASN J 106 -35.94 5.83 58.35
N ILE J 107 -35.02 6.23 57.47
CA ILE J 107 -33.82 6.94 57.86
C ILE J 107 -33.95 8.39 57.44
N THR J 108 -33.75 9.31 58.39
CA THR J 108 -33.79 10.74 58.13
C THR J 108 -32.47 11.35 58.59
N ASN J 109 -31.74 11.94 57.65
CA ASN J 109 -30.44 12.53 57.93
C ASN J 109 -30.58 14.05 57.95
N ARG J 110 -30.08 14.68 59.01
CA ARG J 110 -30.13 16.13 59.16
C ARG J 110 -28.73 16.65 59.41
N VAL J 111 -28.34 17.68 58.67
CA VAL J 111 -27.04 18.31 58.81
C VAL J 111 -27.24 19.80 59.03
N TRP J 112 -26.50 20.38 59.97
CA TRP J 112 -26.61 21.80 60.27
C TRP J 112 -25.68 22.57 59.34
N CYS J 113 -26.26 23.26 58.36
CA CYS J 113 -25.52 24.11 57.46
C CYS J 113 -26.33 25.37 57.17
N GLY J 114 -25.67 26.52 57.22
CA GLY J 114 -26.34 27.77 56.92
C GLY J 114 -27.42 28.15 57.91
N GLY J 115 -27.24 27.83 59.18
CA GLY J 115 -28.17 28.25 60.21
C GLY J 115 -29.46 27.47 60.29
N GLU J 116 -29.56 26.33 59.63
CA GLU J 116 -30.77 25.53 59.68
C GLU J 116 -30.42 24.06 59.44
N TRP J 117 -31.31 23.19 59.90
CA TRP J 117 -31.15 21.75 59.71
C TRP J 117 -31.66 21.37 58.32
N GLN J 118 -30.76 20.91 57.46
CA GLN J 118 -31.12 20.46 56.12
C GLN J 118 -31.25 18.95 56.12
N GLU J 119 -32.38 18.47 55.60
CA GLU J 119 -32.64 17.04 55.49
C GLU J 119 -32.06 16.51 54.17
N CYS J 120 -31.27 15.45 54.25
CA CYS J 120 -30.65 14.84 53.09
C CYS J 120 -31.35 13.54 52.67
N SER J 121 -32.53 13.27 53.20
CA SER J 121 -33.27 12.05 52.90
C SER J 121 -34.55 12.38 52.15
N GLY J 122 -34.90 11.54 51.19
CA GLY J 122 -36.10 11.76 50.40
C GLY J 122 -36.07 13.03 49.58
N LEU J 123 -34.93 13.33 48.96
CA LEU J 123 -34.79 14.54 48.18
C LEU J 123 -35.42 14.37 46.81
N THR J 124 -36.16 15.40 46.38
CA THR J 124 -36.68 15.49 45.02
C THR J 124 -36.02 16.68 44.33
N LEU J 125 -36.35 16.85 43.04
CA LEU J 125 -35.73 17.91 42.26
C LEU J 125 -36.13 19.29 42.72
N ASN J 126 -37.26 19.42 43.42
CA ASN J 126 -37.73 20.73 43.88
C ASN J 126 -37.24 21.08 45.27
N ASP J 127 -36.62 20.15 45.98
CA ASP J 127 -36.14 20.45 47.33
C ASP J 127 -34.83 21.23 47.28
N GLU J 128 -34.48 21.82 48.41
CA GLU J 128 -33.24 22.56 48.54
C GLU J 128 -32.08 21.59 48.72
N ALA J 129 -31.03 21.75 47.93
CA ALA J 129 -29.89 20.85 48.02
C ALA J 129 -29.07 21.17 49.26
N PRO J 130 -28.88 20.21 50.17
CA PRO J 130 -28.06 20.47 51.36
C PRO J 130 -26.61 20.71 51.00
N LEU J 131 -25.94 21.52 51.81
CA LEU J 131 -24.53 21.87 51.68
C LEU J 131 -24.22 22.61 50.38
N SER J 132 -25.23 23.03 49.64
CA SER J 132 -24.99 23.75 48.39
C SER J 132 -24.55 25.18 48.64
N LYS J 133 -24.97 25.78 49.75
CA LYS J 133 -24.54 27.13 50.08
C LYS J 133 -23.05 27.23 50.33
N ARG J 134 -22.41 26.13 50.74
CA ARG J 134 -20.96 26.12 50.91
C ARG J 134 -20.26 26.36 49.58
N ASP J 135 -20.60 25.56 48.57
CA ASP J 135 -20.09 25.79 47.22
C ASP J 135 -21.05 25.08 46.25
N ALA J 136 -21.94 25.85 45.62
CA ALA J 136 -22.87 25.26 44.68
C ALA J 136 -22.15 24.71 43.45
N MET J 137 -21.18 25.46 42.93
CA MET J 137 -20.42 24.98 41.77
C MET J 137 -19.56 23.78 42.14
N GLY J 138 -19.01 23.76 43.34
CA GLY J 138 -18.26 22.59 43.79
C GLY J 138 -19.13 21.35 43.86
N LEU J 139 -20.35 21.49 44.40
CA LEU J 139 -21.26 20.37 44.44
C LEU J 139 -21.66 19.91 43.04
N SER J 140 -21.88 20.87 42.12
CA SER J 140 -22.20 20.50 40.75
C SER J 140 -21.05 19.74 40.10
N CYS J 141 -19.82 20.19 40.32
CA CYS J 141 -18.66 19.49 39.76
C CYS J 141 -18.52 18.10 40.37
N LEU J 142 -18.74 17.97 41.68
CA LEU J 142 -18.67 16.66 42.31
C LEU J 142 -19.71 15.71 41.75
N LEU J 143 -20.94 16.21 41.54
CA LEU J 143 -21.97 15.38 40.93
C LEU J 143 -21.61 15.00 39.50
N ALA J 144 -21.07 15.95 38.74
CA ALA J 144 -20.68 15.67 37.36
C ALA J 144 -19.57 14.62 37.30
N LEU J 145 -18.70 14.59 38.31
CA LEU J 145 -17.61 13.63 38.34
C LEU J 145 -18.12 12.20 38.24
N HIS J 146 -19.32 11.93 38.76
CA HIS J 146 -19.94 10.63 38.63
C HIS J 146 -20.98 10.57 37.51
N MET J 147 -21.59 11.69 37.16
CA MET J 147 -22.59 11.70 36.11
C MET J 147 -21.97 11.43 34.73
N ALA J 148 -20.77 11.96 34.49
CA ALA J 148 -20.19 11.90 33.15
C ALA J 148 -19.95 10.47 32.68
N GLU J 149 -19.69 9.55 33.62
CA GLU J 149 -19.41 8.17 33.24
C GLU J 149 -20.62 7.51 32.60
N ALA J 150 -21.81 7.79 33.11
CA ALA J 150 -23.02 7.17 32.57
C ALA J 150 -23.31 7.59 31.13
N PHE J 151 -22.73 8.70 30.67
CA PHE J 151 -22.93 9.18 29.32
C PHE J 151 -21.79 8.77 28.38
N GLY J 152 -20.84 7.97 28.85
CA GLY J 152 -19.75 7.53 28.02
C GLY J 152 -18.66 8.55 27.79
N THR J 153 -18.60 9.61 28.59
CA THR J 153 -17.61 10.66 28.44
C THR J 153 -16.90 10.88 29.77
N GLN J 154 -15.86 11.71 29.74
CA GLN J 154 -15.09 12.05 30.94
C GLN J 154 -14.87 13.55 30.97
N ILE J 155 -14.83 14.10 32.18
CA ILE J 155 -14.62 15.54 32.36
C ILE J 155 -13.14 15.85 32.31
N GLY J 156 -12.80 17.12 32.21
CA GLY J 156 -11.43 17.56 32.31
C GLY J 156 -10.93 17.52 33.74
N PRO J 157 -9.61 17.61 33.88
CA PRO J 157 -9.03 17.53 35.23
C PRO J 157 -9.45 18.65 36.16
N MET J 158 -9.77 19.84 35.63
CA MET J 158 -10.10 20.96 36.50
C MET J 158 -11.44 20.78 37.19
N THR J 159 -12.43 20.24 36.47
CA THR J 159 -13.73 19.99 37.10
C THR J 159 -13.60 18.95 38.21
N ALA J 160 -12.84 17.89 37.96
CA ALA J 160 -12.62 16.89 39.00
C ALA J 160 -11.85 17.50 40.17
N ARG J 161 -10.88 18.36 39.90
CA ARG J 161 -10.13 19.01 40.97
C ARG J 161 -11.06 19.86 41.83
N ARG J 162 -11.97 20.60 41.20
CA ARG J 162 -12.93 21.40 41.96
C ARG J 162 -13.86 20.52 42.78
N GLY J 163 -14.30 19.39 42.22
CA GLY J 163 -15.17 18.50 42.97
C GLY J 163 -14.49 17.90 44.19
N LEU J 164 -13.26 17.40 44.01
CA LEU J 164 -12.53 16.89 45.16
C LEU J 164 -12.14 18.00 46.13
N GLN J 165 -11.97 19.24 45.65
CA GLN J 165 -11.75 20.34 46.57
C GLN J 165 -12.97 20.57 47.44
N PHE J 166 -14.16 20.52 46.85
CA PHE J 166 -15.39 20.64 47.64
C PHE J 166 -15.50 19.51 48.65
N GLN J 167 -15.21 18.28 48.21
CA GLN J 167 -15.30 17.13 49.11
C GLN J 167 -14.30 17.26 50.26
N GLY J 168 -13.07 17.67 49.97
CA GLY J 168 -12.07 17.86 51.01
C GLY J 168 -12.41 18.99 51.94
N SER J 169 -13.03 20.06 51.43
CA SER J 169 -13.48 21.14 52.30
C SER J 169 -14.56 20.67 53.25
N VAL J 170 -15.47 19.83 52.76
CA VAL J 170 -16.50 19.27 53.64
C VAL J 170 -15.87 18.37 54.69
N SER J 171 -14.90 17.54 54.28
CA SER J 171 -14.28 16.61 55.21
C SER J 171 -13.43 17.33 56.26
N TYR J 172 -12.76 18.42 55.87
CA TYR J 172 -11.83 19.09 56.76
C TYR J 172 -12.56 19.85 57.86
N LYS J 173 -13.62 20.58 57.50
CA LYS J 173 -14.35 21.44 58.43
C LYS J 173 -13.42 22.47 59.09
N LEU J 174 -12.52 23.04 58.29
CA LEU J 174 -11.56 24.00 58.81
C LEU J 174 -12.14 25.41 58.91
N GLY J 175 -13.22 25.70 58.21
CA GLY J 175 -13.72 27.06 58.13
C GLY J 175 -14.50 27.55 59.33
N SER J 176 -14.73 26.70 60.32
CA SER J 176 -15.52 27.10 61.48
C SER J 176 -15.04 26.33 62.70
N THR J 177 -15.44 26.82 63.88
CA THR J 177 -15.04 26.20 65.13
C THR J 177 -15.58 24.78 65.22
N GLN J 178 -14.72 23.85 65.63
CA GLN J 178 -15.07 22.45 65.74
C GLN J 178 -14.63 21.91 67.10
N PRO J 179 -15.27 20.86 67.60
CA PRO J 179 -14.86 20.29 68.88
C PRO J 179 -13.41 19.80 68.83
N ASP J 180 -12.70 19.97 69.95
CA ASP J 180 -11.31 19.57 70.02
C ASP J 180 -11.20 18.05 70.03
N ALA J 181 -10.13 17.56 69.39
CA ALA J 181 -9.88 16.13 69.34
C ALA J 181 -9.40 15.61 70.69
N SER J 182 -9.87 14.42 71.05
CA SER J 182 -9.51 13.79 72.31
C SER J 182 -9.14 12.34 72.07
N GLY J 183 -8.31 11.80 72.97
CA GLY J 183 -7.89 10.42 72.88
C GLY J 183 -7.75 9.81 74.26
N VAL J 184 -7.32 8.55 74.27
CA VAL J 184 -7.09 7.80 75.50
C VAL J 184 -5.59 7.79 75.77
N TYR J 185 -5.22 7.70 77.06
CA TYR J 185 -3.83 7.76 77.47
C TYR J 185 -3.43 6.58 78.35
N TYR J 186 -4.20 5.49 78.33
CA TYR J 186 -3.86 4.31 79.10
C TYR J 186 -4.18 3.04 78.32
N ALA K 2 -34.56 0.62 47.68
CA ALA K 2 -34.47 0.35 46.26
C ALA K 2 -34.53 -1.15 45.99
N THR K 3 -35.45 -1.55 45.11
CA THR K 3 -35.59 -2.95 44.76
C THR K 3 -34.40 -3.41 43.92
N CYS K 4 -34.23 -4.73 43.84
CA CYS K 4 -33.14 -5.29 43.05
C CYS K 4 -33.26 -4.92 41.58
N ARG K 5 -34.49 -4.76 41.08
CA ARG K 5 -34.68 -4.32 39.70
C ARG K 5 -34.06 -2.96 39.46
N ASP K 6 -34.30 -2.02 40.39
CA ASP K 6 -33.71 -0.69 40.26
C ASP K 6 -32.20 -0.75 40.35
N ILE K 7 -31.67 -1.59 41.24
CA ILE K 7 -30.22 -1.72 41.38
C ILE K 7 -29.60 -2.22 40.09
N VAL K 8 -30.19 -3.25 39.48
CA VAL K 8 -29.67 -3.79 38.23
C VAL K 8 -29.78 -2.77 37.11
N THR K 9 -30.92 -2.08 37.03
CA THR K 9 -31.11 -1.09 35.98
C THR K 9 -30.09 0.03 36.08
N ARG K 10 -29.85 0.54 37.29
CA ARG K 10 -28.88 1.60 37.47
C ARG K 10 -27.46 1.11 37.25
N ALA K 11 -27.18 -0.14 37.61
CA ALA K 11 -25.85 -0.71 37.34
C ALA K 11 -25.60 -0.77 35.84
N LEU K 12 -26.59 -1.19 35.07
CA LEU K 12 -26.43 -1.23 33.62
C LEU K 12 -26.35 0.17 33.03
N HIS K 13 -27.08 1.13 33.60
CA HIS K 13 -27.03 2.50 33.11
C HIS K 13 -25.65 3.12 33.35
N MET K 14 -25.07 2.90 34.53
CA MET K 14 -23.79 3.50 34.85
C MET K 14 -22.67 2.96 33.95
N ALA K 15 -22.79 1.72 33.49
CA ALA K 15 -21.81 1.14 32.58
C ALA K 15 -22.07 1.52 31.13
N ALA K 16 -23.11 2.29 30.86
CA ALA K 16 -23.51 2.72 29.52
C ALA K 16 -23.90 1.55 28.62
N ILE K 17 -24.04 0.35 29.18
CA ILE K 17 -24.46 -0.81 28.39
C ILE K 17 -25.90 -0.64 27.93
N VAL K 18 -26.79 -0.27 28.84
CA VAL K 18 -28.18 0.01 28.53
C VAL K 18 -28.34 1.53 28.42
N PRO K 19 -28.91 2.04 27.33
CA PRO K 19 -29.07 3.50 27.21
C PRO K 19 -29.96 4.05 28.32
N LEU K 20 -29.66 5.29 28.71
CA LEU K 20 -30.39 5.94 29.79
C LEU K 20 -31.88 6.05 29.45
N GLY K 21 -32.73 5.67 30.40
CA GLY K 21 -34.17 5.74 30.22
C GLY K 21 -34.80 4.44 29.77
N LYS K 22 -34.01 3.48 29.30
CA LYS K 22 -34.53 2.19 28.84
C LYS K 22 -34.28 1.11 29.89
N ASP K 23 -35.16 0.12 29.89
CA ASP K 23 -35.05 -1.02 30.80
C ASP K 23 -34.44 -2.22 30.09
N PRO K 24 -33.70 -3.05 30.80
CA PRO K 24 -33.11 -4.24 30.18
C PRO K 24 -34.12 -5.35 30.01
N LYS K 25 -33.73 -6.37 29.25
CA LYS K 25 -34.55 -7.55 29.06
C LYS K 25 -34.52 -8.43 30.31
N ALA K 26 -35.11 -9.61 30.18
CA ALA K 26 -35.09 -10.56 31.30
C ALA K 26 -33.72 -11.16 31.50
N ALA K 27 -32.95 -11.34 30.43
CA ALA K 27 -31.67 -12.04 30.53
C ALA K 27 -30.69 -11.26 31.40
N GLU K 28 -30.46 -9.99 31.09
CA GLU K 28 -29.50 -9.21 31.86
C GLU K 28 -30.03 -8.91 33.25
N GLY K 29 -31.35 -8.77 33.41
CA GLY K 29 -31.91 -8.62 34.74
C GLY K 29 -31.64 -9.82 35.62
N GLN K 30 -31.84 -11.02 35.07
CA GLN K 30 -31.56 -12.24 35.82
C GLN K 30 -30.07 -12.37 36.11
N LEU K 31 -29.22 -12.02 35.14
CA LEU K 31 -27.78 -12.06 35.36
C LEU K 31 -27.37 -11.11 36.48
N GLY K 32 -27.94 -9.90 36.50
CA GLY K 32 -27.62 -8.96 37.55
C GLY K 32 -28.12 -9.42 38.90
N LEU K 33 -29.32 -10.01 38.94
CA LEU K 33 -29.84 -10.54 40.20
C LEU K 33 -28.94 -11.66 40.74
N GLU K 34 -28.49 -12.55 39.86
CA GLU K 34 -27.60 -13.62 40.28
C GLU K 34 -26.25 -13.07 40.75
N LEU K 35 -25.73 -12.06 40.06
CA LEU K 35 -24.47 -11.46 40.48
C LEU K 35 -24.61 -10.79 41.85
N LEU K 36 -25.71 -10.09 42.08
CA LEU K 36 -25.94 -9.45 43.37
C LEU K 36 -26.09 -10.48 44.48
N GLN K 37 -26.83 -11.57 44.21
CA GLN K 37 -26.98 -12.62 45.21
C GLN K 37 -25.64 -13.27 45.52
N GLY K 38 -24.83 -13.52 44.49
CA GLY K 38 -23.50 -14.07 44.72
C GLY K 38 -22.60 -13.13 45.51
N LEU K 39 -22.72 -11.83 45.24
CA LEU K 39 -21.95 -10.85 46.00
C LEU K 39 -22.33 -10.88 47.47
N TYR K 40 -23.63 -10.91 47.76
CA TYR K 40 -24.08 -10.97 49.15
C TYR K 40 -23.62 -12.26 49.82
N ASP K 41 -23.74 -13.39 49.12
CA ASP K 41 -23.31 -14.66 49.69
C ASP K 41 -21.81 -14.68 49.97
N GLY K 42 -21.03 -14.14 49.04
CA GLY K 42 -19.59 -14.07 49.26
C GLY K 42 -19.23 -13.13 50.40
N TRP K 43 -19.96 -12.03 50.55
CA TRP K 43 -19.75 -11.15 51.68
C TRP K 43 -20.02 -11.86 52.99
N PHE K 44 -21.09 -12.66 53.04
CA PHE K 44 -21.44 -13.33 54.29
C PHE K 44 -20.49 -14.48 54.59
N ALA K 45 -20.01 -15.18 53.56
CA ALA K 45 -19.16 -16.34 53.77
C ALA K 45 -17.69 -15.99 53.93
N GLY K 46 -17.24 -14.85 53.40
CA GLY K 46 -15.85 -14.46 53.44
C GLY K 46 -15.45 -13.63 54.64
N GLY K 47 -16.34 -13.43 55.61
CA GLY K 47 -15.99 -12.68 56.79
C GLY K 47 -16.01 -11.17 56.63
N MET K 48 -16.78 -10.65 55.68
CA MET K 48 -16.91 -9.21 55.55
C MET K 48 -17.55 -8.60 56.79
N PHE K 49 -18.47 -9.32 57.43
CA PHE K 49 -19.09 -8.89 58.66
C PHE K 49 -18.39 -9.44 59.90
N GLY K 50 -17.15 -9.87 59.75
CA GLY K 50 -16.38 -10.41 60.85
C GLY K 50 -16.41 -11.93 60.90
N ARG K 51 -15.59 -12.46 61.80
CA ARG K 51 -15.54 -13.91 62.01
C ARG K 51 -16.73 -14.31 62.87
N LEU K 52 -17.71 -14.97 62.27
CA LEU K 52 -18.93 -15.33 62.96
C LEU K 52 -18.70 -16.53 63.87
N THR K 53 -19.13 -16.40 65.12
CA THR K 53 -19.01 -17.51 66.06
C THR K 53 -19.98 -18.62 65.68
N ASP K 54 -19.48 -19.85 65.63
CA ASP K 54 -20.29 -21.00 65.23
C ASP K 54 -20.98 -21.57 66.47
N VAL K 55 -22.31 -21.59 66.46
CA VAL K 55 -23.08 -22.18 67.54
C VAL K 55 -24.06 -23.20 66.95
N TYR K 56 -24.42 -24.18 67.77
CA TYR K 56 -25.30 -25.26 67.37
C TYR K 56 -26.42 -25.36 68.39
N THR K 57 -27.67 -25.42 67.92
CA THR K 57 -28.82 -25.50 68.79
C THR K 57 -29.80 -26.56 68.28
N ASP K 58 -30.51 -27.17 69.22
CA ASP K 58 -31.59 -28.09 68.91
C ASP K 58 -32.90 -27.72 69.57
N THR K 59 -32.89 -26.88 70.60
CA THR K 59 -34.09 -26.33 71.21
C THR K 59 -34.26 -24.87 70.76
N ALA K 60 -35.22 -24.17 71.36
CA ALA K 60 -35.43 -22.77 71.05
C ALA K 60 -34.21 -21.96 71.49
N TYR K 61 -33.75 -21.07 70.62
CA TYR K 61 -32.57 -20.25 70.87
C TYR K 61 -32.83 -18.83 70.44
N THR K 62 -32.21 -17.88 71.16
CA THR K 62 -32.29 -16.46 70.85
C THR K 62 -30.88 -15.96 70.57
N ALA K 63 -30.56 -15.83 69.28
CA ALA K 63 -29.21 -15.49 68.88
C ALA K 63 -28.89 -14.02 69.20
N LYS K 64 -27.64 -13.76 69.53
CA LYS K 64 -27.12 -12.42 69.69
C LYS K 64 -26.34 -12.02 68.45
N GLU K 65 -25.64 -10.89 68.52
CA GLU K 65 -24.96 -10.35 67.35
C GLU K 65 -23.85 -11.29 66.89
N GLY K 66 -23.84 -11.59 65.59
CA GLY K 66 -22.71 -12.23 64.95
C GLY K 66 -22.50 -13.71 65.24
N GLU K 67 -23.40 -14.58 64.80
CA GLU K 67 -23.18 -16.01 64.88
C GLU K 67 -23.70 -16.71 63.63
N ARG K 68 -23.13 -17.89 63.41
CA ARG K 68 -23.65 -18.89 62.48
C ARG K 68 -24.32 -19.97 63.34
N VAL K 69 -25.65 -19.99 63.32
CA VAL K 69 -26.44 -20.86 64.18
C VAL K 69 -26.91 -22.03 63.35
N THR K 70 -26.47 -23.23 63.71
CA THR K 70 -26.91 -24.46 63.06
C THR K 70 -28.08 -25.03 63.85
N VAL K 71 -29.26 -25.04 63.24
CA VAL K 71 -30.48 -25.50 63.88
C VAL K 71 -30.73 -26.94 63.49
N ASP K 72 -31.01 -27.79 64.48
CA ASP K 72 -31.21 -29.22 64.27
C ASP K 72 -32.56 -29.60 64.88
N GLY K 73 -33.59 -28.83 64.51
CA GLY K 73 -34.94 -29.06 64.97
C GLY K 73 -35.49 -28.00 65.90
N GLY K 74 -34.69 -27.05 66.36
CA GLY K 74 -35.14 -26.00 67.24
C GLY K 74 -35.71 -24.83 66.47
N THR K 75 -35.96 -23.74 67.21
CA THR K 75 -36.43 -22.50 66.63
C THR K 75 -35.47 -21.38 66.99
N LEU K 76 -35.10 -20.58 66.00
CA LEU K 76 -34.19 -19.46 66.19
C LEU K 76 -34.99 -18.17 66.18
N THR K 77 -34.88 -17.40 67.24
CA THR K 77 -35.61 -16.14 67.39
C THR K 77 -34.63 -14.98 67.24
N ILE K 78 -34.86 -14.14 66.25
CA ILE K 78 -34.04 -12.95 66.01
C ILE K 78 -34.61 -11.82 66.84
N PRO K 79 -33.81 -11.18 67.69
CA PRO K 79 -34.32 -10.06 68.50
C PRO K 79 -34.09 -8.72 67.81
N ASP K 80 -35.01 -7.79 68.09
CA ASP K 80 -34.92 -6.44 67.56
C ASP K 80 -34.17 -5.49 68.49
N THR K 81 -33.89 -5.90 69.73
CA THR K 81 -33.15 -5.08 70.67
C THR K 81 -32.20 -5.97 71.45
N PHE K 82 -31.20 -5.34 72.06
CA PHE K 82 -30.19 -6.05 72.84
C PHE K 82 -29.95 -5.31 74.15
N GLU K 83 -29.51 -6.06 75.15
CA GLU K 83 -29.09 -5.47 76.42
C GLU K 83 -27.62 -5.11 76.32
N ASP K 84 -27.33 -3.82 76.20
CA ASP K 84 -25.95 -3.37 76.04
C ASP K 84 -25.16 -3.69 77.31
N THR K 85 -23.89 -4.06 77.12
CA THR K 85 -23.10 -4.60 78.22
C THR K 85 -22.61 -3.50 79.15
N ASP K 86 -21.82 -2.57 78.63
CA ASP K 86 -21.13 -1.60 79.50
C ASP K 86 -22.11 -0.67 80.20
N THR K 87 -23.15 -0.21 79.50
CA THR K 87 -24.08 0.74 80.08
C THR K 87 -25.35 0.09 80.63
N GLY K 88 -25.71 -1.09 80.16
CA GLY K 88 -26.87 -1.79 80.66
C GLY K 88 -28.19 -1.36 80.10
N LEU K 89 -28.22 -0.39 79.20
CA LEU K 89 -29.46 0.09 78.60
C LEU K 89 -29.80 -0.71 77.36
N THR K 90 -31.09 -0.67 77.01
CA THR K 90 -31.55 -1.33 75.79
C THR K 90 -31.06 -0.56 74.57
N ARG K 91 -30.52 -1.29 73.60
CA ARG K 91 -29.96 -0.66 72.40
C ARG K 91 -30.37 -1.43 71.17
N ALA K 92 -30.36 -0.75 70.03
CA ALA K 92 -30.55 -1.41 68.76
C ALA K 92 -29.30 -2.20 68.39
N PRO K 93 -29.44 -3.25 67.60
CA PRO K 93 -28.25 -3.99 67.15
C PRO K 93 -27.32 -3.07 66.37
N ARG K 94 -26.03 -3.34 66.49
CA ARG K 94 -25.02 -2.51 65.83
C ARG K 94 -25.19 -2.56 64.33
N GLU K 95 -24.84 -1.46 63.67
CA GLU K 95 -24.96 -1.37 62.22
C GLU K 95 -24.12 -2.46 61.55
N LEU K 96 -24.70 -3.08 60.52
CA LEU K 96 -24.06 -4.15 59.76
C LEU K 96 -23.68 -5.31 60.67
N ALA K 97 -24.60 -5.69 61.57
CA ALA K 97 -24.45 -6.90 62.37
C ALA K 97 -25.14 -8.04 61.65
N ALA K 98 -24.44 -9.16 61.51
CA ALA K 98 -24.88 -10.27 60.67
C ALA K 98 -25.21 -11.50 61.51
N ILE K 99 -26.28 -12.19 61.13
CA ILE K 99 -26.66 -13.47 61.73
C ILE K 99 -26.96 -14.44 60.60
N VAL K 100 -26.32 -15.60 60.63
CA VAL K 100 -26.53 -16.65 59.64
C VAL K 100 -27.22 -17.81 60.32
N GLU K 101 -28.27 -18.34 59.68
CA GLU K 101 -29.02 -19.47 60.18
C GLU K 101 -28.94 -20.61 59.17
N ILE K 102 -28.57 -21.80 59.64
CA ILE K 102 -28.47 -22.98 58.79
C ILE K 102 -29.49 -24.00 59.31
N ASN K 103 -30.57 -24.17 58.57
CA ASN K 103 -31.67 -25.05 58.98
C ASN K 103 -31.93 -26.05 57.85
N ALA K 104 -31.62 -27.32 58.11
CA ALA K 104 -31.90 -28.41 57.17
C ALA K 104 -31.30 -28.15 55.80
N GLY K 105 -30.08 -27.60 55.78
CA GLY K 105 -29.40 -27.31 54.55
C GLY K 105 -29.76 -25.99 53.91
N ASN K 106 -30.69 -25.24 54.48
CA ASN K 106 -31.08 -23.93 53.98
C ASN K 106 -30.34 -22.85 54.75
N ILE K 107 -29.70 -21.94 54.04
CA ILE K 107 -28.90 -20.88 54.63
C ILE K 107 -29.66 -19.57 54.49
N THR K 108 -29.85 -18.88 55.62
CA THR K 108 -30.53 -17.58 55.65
C THR K 108 -29.61 -16.57 56.30
N ASN K 109 -29.25 -15.53 55.56
CA ASN K 109 -28.36 -14.49 56.05
C ASN K 109 -29.17 -13.23 56.32
N ARG K 110 -29.04 -12.69 57.53
CA ARG K 110 -29.72 -11.46 57.91
C ARG K 110 -28.68 -10.43 58.35
N VAL K 111 -28.86 -9.19 57.92
CA VAL K 111 -27.96 -8.10 58.31
C VAL K 111 -28.81 -6.95 58.84
N TRP K 112 -28.35 -6.32 59.90
CA TRP K 112 -29.07 -5.22 60.52
C TRP K 112 -28.66 -3.92 59.84
N CYS K 113 -29.61 -3.29 59.14
CA CYS K 113 -29.37 -2.01 58.51
C CYS K 113 -30.69 -1.25 58.45
N GLY K 114 -30.59 0.08 58.48
CA GLY K 114 -31.76 0.92 58.42
C GLY K 114 -32.76 0.64 59.52
N GLY K 115 -32.31 0.12 60.66
CA GLY K 115 -33.22 -0.23 61.73
C GLY K 115 -34.04 -1.48 61.50
N GLU K 116 -33.60 -2.37 60.61
CA GLU K 116 -34.34 -3.60 60.37
C GLU K 116 -33.39 -4.70 59.93
N TRP K 117 -33.84 -5.93 60.10
CA TRP K 117 -33.10 -7.11 59.65
C TRP K 117 -33.47 -7.39 58.20
N GLN K 118 -32.53 -7.17 57.29
CA GLN K 118 -32.71 -7.45 55.88
C GLN K 118 -32.12 -8.81 55.55
N GLU K 119 -32.90 -9.64 54.87
CA GLU K 119 -32.45 -10.97 54.46
C GLU K 119 -31.76 -10.85 53.11
N CYS K 120 -30.55 -11.41 53.03
CA CYS K 120 -29.73 -11.37 51.83
C CYS K 120 -29.69 -12.70 51.09
N SER K 121 -30.66 -13.57 51.34
CA SER K 121 -30.73 -14.87 50.70
C SER K 121 -32.09 -15.05 50.02
N GLY K 122 -32.08 -15.73 48.89
CA GLY K 122 -33.30 -15.94 48.13
C GLY K 122 -33.92 -14.66 47.61
N LEU K 123 -33.10 -13.75 47.10
CA LEU K 123 -33.60 -12.47 46.61
C LEU K 123 -34.26 -12.63 45.25
N THR K 124 -35.34 -11.90 45.05
CA THR K 124 -36.02 -11.80 43.77
C THR K 124 -35.81 -10.41 43.19
N LEU K 125 -36.40 -10.17 42.02
CA LEU K 125 -36.24 -8.89 41.35
C LEU K 125 -37.13 -7.80 41.95
N ASN K 126 -38.11 -8.16 42.78
CA ASN K 126 -38.97 -7.18 43.42
C ASN K 126 -38.61 -6.94 44.88
N ASP K 127 -37.85 -7.83 45.51
CA ASP K 127 -37.47 -7.65 46.90
C ASP K 127 -36.52 -6.47 47.04
N GLU K 128 -36.65 -5.75 48.15
CA GLU K 128 -35.75 -4.63 48.43
C GLU K 128 -34.32 -5.12 48.58
N ALA K 129 -33.40 -4.40 47.96
CA ALA K 129 -31.99 -4.77 48.01
C ALA K 129 -31.42 -4.46 49.39
N PRO K 130 -30.85 -5.45 50.09
CA PRO K 130 -30.22 -5.15 51.39
C PRO K 130 -29.04 -4.20 51.21
N LEU K 131 -28.83 -3.37 52.24
CA LEU K 131 -27.75 -2.38 52.30
C LEU K 131 -27.87 -1.32 51.21
N SER K 132 -29.00 -1.24 50.52
CA SER K 132 -29.17 -0.21 49.50
C SER K 132 -29.41 1.17 50.11
N LYS K 133 -29.82 1.23 51.38
CA LYS K 133 -30.04 2.51 52.03
C LYS K 133 -28.74 3.26 52.28
N ARG K 134 -27.64 2.53 52.47
CA ARG K 134 -26.35 3.19 52.67
C ARG K 134 -25.96 3.98 51.42
N ASP K 135 -25.97 3.33 50.26
CA ASP K 135 -25.76 4.04 49.00
C ASP K 135 -26.31 3.14 47.89
N ALA K 136 -27.43 3.56 47.28
CA ALA K 136 -28.01 2.79 46.19
C ALA K 136 -27.14 2.87 44.95
N MET K 137 -26.69 4.08 44.60
CA MET K 137 -25.86 4.24 43.42
C MET K 137 -24.48 3.61 43.61
N GLY K 138 -23.95 3.63 44.83
CA GLY K 138 -22.71 2.92 45.10
C GLY K 138 -22.85 1.43 44.91
N LEU K 139 -23.96 0.84 45.38
CA LEU K 139 -24.21 -0.58 45.15
C LEU K 139 -24.38 -0.87 43.67
N SER K 140 -25.04 0.04 42.94
CA SER K 140 -25.18 -0.14 41.49
C SER K 140 -23.82 -0.12 40.81
N CYS K 141 -22.93 0.80 41.21
CA CYS K 141 -21.59 0.85 40.64
C CYS K 141 -20.81 -0.42 40.97
N LEU K 142 -20.94 -0.92 42.20
CA LEU K 142 -20.26 -2.15 42.57
C LEU K 142 -20.75 -3.32 41.74
N LEU K 143 -22.06 -3.40 41.50
CA LEU K 143 -22.61 -4.47 40.65
C LEU K 143 -22.13 -4.32 39.21
N ALA K 144 -22.09 -3.09 38.71
CA ALA K 144 -21.63 -2.85 37.34
C ALA K 144 -20.17 -3.23 37.17
N LEU K 145 -19.36 -3.05 38.22
CA LEU K 145 -17.94 -3.41 38.15
C LEU K 145 -17.76 -4.86 37.75
N HIS K 146 -18.66 -5.74 38.17
CA HIS K 146 -18.60 -7.15 37.78
C HIS K 146 -19.45 -7.48 36.57
N MET K 147 -20.53 -6.72 36.34
CA MET K 147 -21.40 -7.01 35.20
C MET K 147 -20.80 -6.58 33.87
N ALA K 148 -19.97 -5.54 33.86
CA ALA K 148 -19.51 -4.97 32.60
C ALA K 148 -18.65 -5.94 31.79
N GLU K 149 -18.00 -6.91 32.44
CA GLU K 149 -17.16 -7.84 31.70
C GLU K 149 -17.98 -8.78 30.84
N ALA K 150 -19.17 -9.17 31.30
CA ALA K 150 -20.02 -10.06 30.53
C ALA K 150 -20.52 -9.43 29.24
N PHE K 151 -20.46 -8.10 29.13
CA PHE K 151 -20.90 -7.40 27.93
C PHE K 151 -19.72 -6.82 27.14
N GLY K 152 -18.50 -7.26 27.43
CA GLY K 152 -17.34 -6.75 26.74
C GLY K 152 -17.12 -5.26 26.97
N THR K 153 -17.27 -4.80 28.21
CA THR K 153 -17.19 -3.40 28.54
C THR K 153 -16.30 -3.19 29.76
N GLN K 154 -15.47 -2.15 29.71
CA GLN K 154 -14.71 -1.70 30.86
C GLN K 154 -15.23 -0.33 31.27
N ILE K 155 -15.67 -0.20 32.52
CA ILE K 155 -16.26 1.05 32.99
C ILE K 155 -15.17 2.07 33.21
N GLY K 156 -15.56 3.33 33.37
CA GLY K 156 -14.62 4.39 33.65
C GLY K 156 -14.07 4.30 35.05
N PRO K 157 -12.98 5.03 35.31
CA PRO K 157 -12.36 4.96 36.64
C PRO K 157 -13.27 5.43 37.76
N MET K 158 -14.16 6.38 37.52
CA MET K 158 -14.97 6.95 38.60
C MET K 158 -16.04 5.97 39.07
N THR K 159 -16.63 5.20 38.15
CA THR K 159 -17.60 4.19 38.55
C THR K 159 -16.96 3.13 39.43
N ALA K 160 -15.77 2.66 39.05
CA ALA K 160 -15.04 1.70 39.87
C ALA K 160 -14.66 2.30 41.21
N ARG K 161 -14.25 3.57 41.21
CA ARG K 161 -13.90 4.23 42.47
C ARG K 161 -15.11 4.29 43.40
N ARG K 162 -16.28 4.60 42.84
CA ARG K 162 -17.49 4.65 43.66
C ARG K 162 -17.84 3.25 44.20
N GLY K 163 -17.69 2.22 43.37
CA GLY K 163 -17.99 0.87 43.85
C GLY K 163 -17.06 0.41 44.95
N LEU K 164 -15.75 0.62 44.79
CA LEU K 164 -14.83 0.27 45.85
C LEU K 164 -14.99 1.18 47.07
N GLN K 165 -15.44 2.42 46.88
CA GLN K 165 -15.75 3.26 48.04
C GLN K 165 -16.91 2.69 48.84
N PHE K 166 -17.96 2.22 48.14
CA PHE K 166 -19.07 1.58 48.83
C PHE K 166 -18.60 0.34 49.57
N GLN K 167 -17.77 -0.48 48.91
CA GLN K 167 -17.28 -1.71 49.55
C GLN K 167 -16.43 -1.38 50.78
N GLY K 168 -15.56 -0.38 50.66
CA GLY K 168 -14.72 0.01 51.79
C GLY K 168 -15.51 0.61 52.93
N SER K 169 -16.58 1.36 52.61
CA SER K 169 -17.44 1.88 53.65
C SER K 169 -18.16 0.76 54.37
N VAL K 170 -18.60 -0.27 53.64
CA VAL K 170 -19.24 -1.40 54.26
C VAL K 170 -18.26 -2.15 55.17
N SER K 171 -17.02 -2.33 54.70
CA SER K 171 -16.04 -3.08 55.47
C SER K 171 -15.54 -2.30 56.68
N TYR K 172 -15.43 -0.98 56.56
CA TYR K 172 -14.85 -0.16 57.62
C TYR K 172 -15.81 -0.04 58.81
N LYS K 173 -17.10 0.20 58.53
CA LYS K 173 -18.11 0.40 59.57
C LYS K 173 -17.73 1.56 60.49
N LEU K 174 -17.23 2.64 59.90
CA LEU K 174 -16.84 3.83 60.65
C LEU K 174 -18.01 4.75 60.96
N GLY K 175 -19.16 4.55 60.31
CA GLY K 175 -20.26 5.49 60.46
C GLY K 175 -20.85 5.52 61.86
N SER K 176 -21.04 4.35 62.47
CA SER K 176 -21.72 4.24 63.75
C SER K 176 -20.84 3.48 64.74
N THR K 177 -21.33 3.38 65.97
CA THR K 177 -20.58 2.71 67.02
C THR K 177 -20.43 1.23 66.72
N GLN K 178 -19.25 0.70 67.02
CA GLN K 178 -18.91 -0.70 66.79
C GLN K 178 -18.26 -1.27 68.04
N PRO K 179 -18.32 -2.59 68.23
CA PRO K 179 -17.68 -3.19 69.40
C PRO K 179 -16.17 -2.94 69.40
N ASP K 180 -15.63 -2.77 70.60
CA ASP K 180 -14.21 -2.49 70.75
C ASP K 180 -13.38 -3.72 70.41
N ALA K 181 -12.24 -3.49 69.77
CA ALA K 181 -11.34 -4.58 69.43
C ALA K 181 -10.65 -5.13 70.67
N SER K 182 -10.41 -6.44 70.68
CA SER K 182 -9.75 -7.10 71.79
C SER K 182 -8.63 -7.99 71.28
N GLY K 183 -7.67 -8.27 72.15
CA GLY K 183 -6.53 -9.09 71.81
C GLY K 183 -6.18 -10.06 72.92
N VAL K 184 -5.15 -10.85 72.66
CA VAL K 184 -4.66 -11.84 73.62
C VAL K 184 -3.27 -11.40 74.07
N TYR K 185 -3.06 -11.38 75.38
CA TYR K 185 -1.82 -10.88 75.96
C TYR K 185 -0.98 -11.95 76.64
N TYR K 186 -1.33 -13.22 76.50
CA TYR K 186 -0.53 -14.29 77.08
C TYR K 186 0.79 -14.43 76.35
N ALA L 2 -26.25 -25.09 43.89
CA ALA L 2 -26.93 -24.92 42.59
C ALA L 2 -26.51 -26.05 41.65
N THR L 3 -27.31 -26.32 40.61
CA THR L 3 -26.93 -27.34 39.60
C THR L 3 -25.58 -26.94 38.98
N CYS L 4 -24.62 -27.87 38.94
CA CYS L 4 -23.37 -27.54 38.28
C CYS L 4 -23.52 -27.23 36.79
N ARG L 5 -24.58 -27.77 36.17
CA ARG L 5 -24.95 -27.31 34.83
C ARG L 5 -25.13 -25.80 34.81
N ASP L 6 -25.84 -25.26 35.80
CA ASP L 6 -26.01 -23.81 35.89
C ASP L 6 -24.68 -23.11 36.15
N ILE L 7 -23.80 -23.74 36.92
CA ILE L 7 -22.48 -23.16 37.19
C ILE L 7 -21.71 -23.01 35.89
N VAL L 8 -21.70 -24.06 35.07
CA VAL L 8 -21.00 -24.00 33.79
C VAL L 8 -21.66 -23.00 32.85
N THR L 9 -23.00 -22.96 32.85
CA THR L 9 -23.70 -22.01 32.00
C THR L 9 -23.35 -20.58 32.35
N ARG L 10 -23.34 -20.24 33.64
CA ARG L 10 -22.98 -18.90 34.05
C ARG L 10 -21.51 -18.61 33.82
N ALA L 11 -20.65 -19.63 33.93
CA ALA L 11 -19.24 -19.44 33.62
C ALA L 11 -19.06 -19.08 32.15
N LEU L 12 -19.78 -19.76 31.26
CA LEU L 12 -19.69 -19.44 29.84
C LEU L 12 -20.33 -18.09 29.53
N HIS L 13 -21.40 -17.73 30.24
CA HIS L 13 -22.02 -16.43 30.03
C HIS L 13 -21.10 -15.29 30.46
N MET L 14 -20.41 -15.45 31.59
CA MET L 14 -19.48 -14.41 32.05
C MET L 14 -18.31 -14.25 31.08
N ALA L 15 -17.82 -15.36 30.55
CA ALA L 15 -16.78 -15.31 29.52
C ALA L 15 -17.30 -14.81 28.19
N ALA L 16 -18.62 -14.66 28.05
CA ALA L 16 -19.24 -14.15 26.82
C ALA L 16 -18.92 -15.05 25.62
N ILE L 17 -18.87 -16.35 25.86
CA ILE L 17 -18.72 -17.31 24.77
C ILE L 17 -20.07 -17.82 24.29
N VAL L 18 -20.98 -18.12 25.23
CA VAL L 18 -22.34 -18.53 24.90
C VAL L 18 -23.24 -17.32 25.02
N PRO L 19 -24.20 -17.13 24.10
CA PRO L 19 -25.10 -15.98 24.21
C PRO L 19 -25.84 -15.98 25.54
N LEU L 20 -26.07 -14.78 26.08
CA LEU L 20 -26.68 -14.64 27.39
C LEU L 20 -28.07 -15.25 27.40
N GLY L 21 -28.28 -16.18 28.33
CA GLY L 21 -29.55 -16.86 28.49
C GLY L 21 -29.67 -18.18 27.76
N LYS L 22 -28.81 -18.42 26.76
CA LYS L 22 -28.85 -19.66 25.99
C LYS L 22 -28.03 -20.74 26.68
N ASP L 23 -28.49 -21.98 26.54
CA ASP L 23 -27.76 -23.10 27.10
C ASP L 23 -26.60 -23.51 26.17
N PRO L 24 -25.51 -24.02 26.73
CA PRO L 24 -24.39 -24.46 25.89
C PRO L 24 -24.64 -25.84 25.32
N LYS L 25 -23.79 -26.19 24.35
CA LYS L 25 -23.89 -27.49 23.71
C LYS L 25 -23.39 -28.59 24.64
N ALA L 26 -23.54 -29.84 24.20
CA ALA L 26 -23.14 -30.97 25.03
C ALA L 26 -21.63 -30.98 25.25
N ALA L 27 -20.85 -30.66 24.22
CA ALA L 27 -19.40 -30.67 24.35
C ALA L 27 -18.92 -29.63 25.35
N GLU L 28 -19.47 -28.41 25.30
CA GLU L 28 -19.07 -27.39 26.25
C GLU L 28 -19.48 -27.77 27.67
N GLY L 29 -20.67 -28.35 27.83
CA GLY L 29 -21.08 -28.79 29.16
C GLY L 29 -20.17 -29.87 29.71
N GLN L 30 -19.77 -30.82 28.86
CA GLN L 30 -18.86 -31.87 29.31
C GLN L 30 -17.51 -31.29 29.68
N LEU L 31 -16.99 -30.35 28.88
CA LEU L 31 -15.72 -29.72 29.21
C LEU L 31 -15.79 -28.96 30.52
N GLY L 32 -16.88 -28.22 30.74
CA GLY L 32 -17.04 -27.50 32.00
C GLY L 32 -17.14 -28.43 33.19
N LEU L 33 -17.88 -29.53 33.03
CA LEU L 33 -17.98 -30.52 34.10
C LEU L 33 -16.62 -31.13 34.42
N GLU L 34 -15.85 -31.46 33.40
CA GLU L 34 -14.53 -32.04 33.63
C GLU L 34 -13.61 -31.02 34.30
N LEU L 35 -13.65 -29.76 33.87
CA LEU L 35 -12.83 -28.74 34.51
C LEU L 35 -13.20 -28.54 35.96
N LEU L 36 -14.50 -28.51 36.27
CA LEU L 36 -14.93 -28.35 37.65
C LEU L 36 -14.52 -29.54 38.51
N GLN L 37 -14.69 -30.76 37.99
CA GLN L 37 -14.26 -31.93 38.73
C GLN L 37 -12.76 -31.92 38.97
N GLY L 38 -11.99 -31.56 37.95
CA GLY L 38 -10.54 -31.46 38.12
C GLY L 38 -10.16 -30.42 39.16
N LEU L 39 -10.88 -29.30 39.18
CA LEU L 39 -10.61 -28.27 40.18
C LEU L 39 -10.86 -28.80 41.59
N TYR L 40 -11.97 -29.51 41.78
CA TYR L 40 -12.27 -30.05 43.11
C TYR L 40 -11.24 -31.10 43.53
N ASP L 41 -10.87 -31.99 42.61
CA ASP L 41 -9.87 -33.01 42.96
C ASP L 41 -8.52 -32.38 43.24
N GLY L 42 -8.15 -31.33 42.50
CA GLY L 42 -6.91 -30.64 42.79
C GLY L 42 -6.94 -29.94 44.13
N TRP L 43 -8.08 -29.36 44.50
CA TRP L 43 -8.22 -28.75 45.80
C TRP L 43 -8.07 -29.79 46.91
N PHE L 44 -8.68 -30.96 46.74
CA PHE L 44 -8.63 -31.98 47.79
C PHE L 44 -7.25 -32.59 47.91
N ALA L 45 -6.65 -32.96 46.77
CA ALA L 45 -5.33 -33.60 46.79
C ALA L 45 -4.22 -32.59 47.02
N GLY L 46 -4.42 -31.34 46.62
CA GLY L 46 -3.39 -30.32 46.74
C GLY L 46 -3.24 -29.71 48.11
N GLY L 47 -4.06 -30.10 49.08
CA GLY L 47 -3.95 -29.58 50.43
C GLY L 47 -4.68 -28.28 50.66
N MET L 48 -5.67 -27.93 49.84
CA MET L 48 -6.43 -26.71 50.07
C MET L 48 -7.19 -26.77 51.39
N PHE L 49 -7.74 -27.94 51.72
CA PHE L 49 -8.46 -28.15 52.97
C PHE L 49 -7.53 -28.60 54.09
N GLY L 50 -6.24 -28.29 54.00
CA GLY L 50 -5.28 -28.63 55.02
C GLY L 50 -4.68 -30.00 54.80
N ARG L 51 -3.62 -30.28 55.57
CA ARG L 51 -2.97 -31.58 55.53
C ARG L 51 -3.85 -32.61 56.23
N LEU L 52 -4.29 -33.61 55.47
CA LEU L 52 -5.22 -34.60 55.98
C LEU L 52 -4.48 -35.74 56.66
N THR L 53 -4.86 -36.04 57.90
CA THR L 53 -4.26 -37.15 58.62
C THR L 53 -4.69 -38.47 57.99
N ASP L 54 -3.74 -39.35 57.73
CA ASP L 54 -4.00 -40.61 57.05
C ASP L 54 -4.27 -41.70 58.08
N VAL L 55 -5.44 -42.35 57.97
CA VAL L 55 -5.79 -43.49 58.81
C VAL L 55 -6.20 -44.63 57.91
N TYR L 56 -6.09 -45.85 58.44
CA TYR L 56 -6.39 -47.06 57.68
C TYR L 56 -7.16 -48.01 58.59
N THR L 57 -8.35 -48.41 58.16
CA THR L 57 -9.26 -49.19 58.99
C THR L 57 -9.69 -50.46 58.28
N ASP L 58 -9.92 -51.51 59.08
CA ASP L 58 -10.50 -52.75 58.60
C ASP L 58 -11.92 -52.99 59.10
N THR L 59 -12.27 -52.44 60.25
CA THR L 59 -13.60 -52.59 60.83
C THR L 59 -14.40 -51.31 60.63
N ALA L 60 -15.58 -51.25 61.23
CA ALA L 60 -16.38 -50.03 61.17
C ALA L 60 -15.69 -48.91 61.93
N TYR L 61 -15.59 -47.75 61.30
CA TYR L 61 -14.87 -46.61 61.85
C TYR L 61 -15.66 -45.34 61.60
N THR L 62 -15.68 -44.46 62.60
CA THR L 62 -16.37 -43.18 62.50
C THR L 62 -15.34 -42.10 62.19
N ALA L 63 -15.48 -41.47 61.03
CA ALA L 63 -14.49 -40.52 60.57
C ALA L 63 -14.53 -39.22 61.39
N LYS L 64 -13.42 -38.49 61.33
CA LYS L 64 -13.29 -37.19 61.98
C LYS L 64 -12.97 -36.13 60.94
N GLU L 65 -12.93 -34.89 61.37
CA GLU L 65 -12.72 -33.77 60.46
C GLU L 65 -11.33 -33.82 59.85
N GLY L 66 -11.24 -33.52 58.56
CA GLY L 66 -9.97 -33.42 57.88
C GLY L 66 -9.16 -34.71 57.87
N GLU L 67 -9.79 -35.82 57.50
CA GLU L 67 -9.14 -37.13 57.57
C GLU L 67 -9.14 -37.79 56.21
N ARG L 68 -8.19 -38.72 56.03
CA ARG L 68 -8.08 -39.55 54.84
C ARG L 68 -8.12 -41.01 55.29
N VAL L 69 -9.30 -41.63 55.18
CA VAL L 69 -9.53 -42.97 55.68
C VAL L 69 -9.42 -43.95 54.53
N THR L 70 -8.55 -44.95 54.68
CA THR L 70 -8.43 -46.05 53.74
C THR L 70 -9.18 -47.24 54.29
N VAL L 71 -10.26 -47.62 53.61
CA VAL L 71 -11.11 -48.71 54.04
C VAL L 71 -10.66 -49.98 53.32
N ASP L 72 -10.36 -51.02 54.09
CA ASP L 72 -9.89 -52.27 53.51
C ASP L 72 -10.79 -53.42 53.95
N GLY L 73 -12.10 -53.21 53.88
CA GLY L 73 -13.04 -54.26 54.24
C GLY L 73 -14.05 -53.85 55.27
N GLY L 74 -13.94 -52.61 55.78
CA GLY L 74 -14.83 -52.10 56.79
C GLY L 74 -15.85 -51.13 56.24
N THR L 75 -16.42 -50.34 57.14
CA THR L 75 -17.38 -49.31 56.80
C THR L 75 -16.97 -47.99 57.43
N LEU L 76 -17.26 -46.90 56.74
CA LEU L 76 -16.95 -45.56 57.22
C LEU L 76 -18.25 -44.78 57.37
N THR L 77 -18.56 -44.36 58.59
CA THR L 77 -19.77 -43.62 58.89
C THR L 77 -19.40 -42.17 59.14
N ILE L 78 -19.88 -41.28 58.28
CA ILE L 78 -19.62 -39.84 58.42
C ILE L 78 -20.61 -39.29 59.43
N PRO L 79 -20.14 -38.65 60.51
CA PRO L 79 -21.06 -38.07 61.49
C PRO L 79 -21.42 -36.63 61.15
N ASP L 80 -22.68 -36.29 61.45
CA ASP L 80 -23.19 -34.95 61.22
C ASP L 80 -22.96 -34.00 62.39
N THR L 81 -22.50 -34.50 63.53
CA THR L 81 -22.23 -33.68 64.70
C THR L 81 -20.96 -34.18 65.37
N PHE L 82 -20.31 -33.28 66.09
CA PHE L 82 -19.08 -33.60 66.81
C PHE L 82 -19.15 -33.08 68.23
N GLU L 83 -18.34 -33.67 69.10
CA GLU L 83 -18.23 -33.23 70.49
C GLU L 83 -17.03 -32.29 70.58
N ASP L 84 -17.30 -30.99 70.77
CA ASP L 84 -16.23 -30.01 70.82
C ASP L 84 -15.40 -30.20 72.08
N THR L 85 -14.08 -30.27 71.91
CA THR L 85 -13.20 -30.50 73.04
C THR L 85 -13.02 -29.26 73.89
N ASP L 86 -13.11 -28.06 73.29
CA ASP L 86 -12.85 -26.84 74.04
C ASP L 86 -14.00 -26.53 75.00
N THR L 87 -15.24 -26.66 74.53
CA THR L 87 -16.39 -26.28 75.33
C THR L 87 -17.23 -27.45 75.84
N GLY L 88 -17.21 -28.59 75.14
CA GLY L 88 -17.88 -29.78 75.61
C GLY L 88 -19.27 -30.01 75.05
N LEU L 89 -19.88 -29.01 74.43
CA LEU L 89 -21.21 -29.19 73.87
C LEU L 89 -21.14 -29.67 72.43
N THR L 90 -22.23 -30.28 71.97
CA THR L 90 -22.32 -30.77 70.60
C THR L 90 -22.29 -29.59 69.62
N ARG L 91 -21.53 -29.76 68.54
CA ARG L 91 -21.39 -28.72 67.53
C ARG L 91 -21.46 -29.34 66.15
N ALA L 92 -21.76 -28.50 65.16
CA ALA L 92 -21.65 -28.92 63.79
C ALA L 92 -20.20 -28.93 63.35
N PRO L 93 -19.84 -29.76 62.37
CA PRO L 93 -18.45 -29.77 61.89
C PRO L 93 -18.05 -28.40 61.38
N ARG L 94 -16.77 -28.07 61.57
CA ARG L 94 -16.26 -26.78 61.14
C ARG L 94 -16.42 -26.63 59.63
N GLU L 95 -16.68 -25.39 59.21
CA GLU L 95 -16.90 -25.12 57.79
C GLU L 95 -15.68 -25.52 56.99
N LEU L 96 -15.93 -26.16 55.83
CA LEU L 96 -14.88 -26.66 54.94
C LEU L 96 -14.02 -27.71 55.62
N ALA L 97 -14.68 -28.70 56.23
CA ALA L 97 -14.00 -29.85 56.79
C ALA L 97 -13.97 -30.96 55.76
N ALA L 98 -12.80 -31.57 55.56
CA ALA L 98 -12.58 -32.52 54.49
C ALA L 98 -12.49 -33.95 55.02
N ILE L 99 -13.28 -34.83 54.42
CA ILE L 99 -13.23 -36.26 54.71
C ILE L 99 -13.05 -37.00 53.39
N VAL L 100 -11.92 -37.68 53.22
CA VAL L 100 -11.63 -38.43 52.01
C VAL L 100 -11.68 -39.91 52.37
N GLU L 101 -12.37 -40.69 51.54
CA GLU L 101 -12.49 -42.13 51.73
C GLU L 101 -11.95 -42.85 50.52
N ILE L 102 -11.00 -43.76 50.75
CA ILE L 102 -10.40 -44.56 49.69
C ILE L 102 -10.84 -45.99 49.90
N ASN L 103 -11.67 -46.51 48.99
CA ASN L 103 -12.24 -47.84 49.10
C ASN L 103 -12.07 -48.56 47.77
N ALA L 104 -11.19 -49.57 47.77
CA ALA L 104 -10.98 -50.43 46.60
C ALA L 104 -10.64 -49.62 45.35
N GLY L 105 -9.80 -48.60 45.52
CA GLY L 105 -9.40 -47.77 44.41
C GLY L 105 -10.37 -46.65 44.06
N ASN L 106 -11.47 -46.51 44.79
CA ASN L 106 -12.44 -45.45 44.54
C ASN L 106 -12.27 -44.37 45.61
N ILE L 107 -12.22 -43.11 45.15
CA ILE L 107 -12.01 -41.97 46.03
C ILE L 107 -13.33 -41.22 46.17
N THR L 108 -13.74 -40.96 47.41
CA THR L 108 -14.92 -40.16 47.70
C THR L 108 -14.50 -39.00 48.58
N ASN L 109 -14.74 -37.78 48.09
CA ASN L 109 -14.37 -36.56 48.79
C ASN L 109 -15.62 -35.88 49.31
N ARG L 110 -15.69 -35.64 50.61
CA ARG L 110 -16.82 -34.98 51.23
C ARG L 110 -16.35 -33.72 51.93
N VAL L 111 -17.07 -32.63 51.71
CA VAL L 111 -16.79 -31.35 52.35
C VAL L 111 -18.05 -30.87 53.04
N TRP L 112 -17.88 -30.24 54.21
CA TRP L 112 -19.00 -29.75 54.99
C TRP L 112 -19.26 -28.29 54.64
N CYS L 113 -20.46 -28.01 54.14
CA CYS L 113 -20.86 -26.64 53.85
C CYS L 113 -22.38 -26.57 53.86
N GLY L 114 -22.91 -25.40 54.21
CA GLY L 114 -24.34 -25.23 54.26
C GLY L 114 -25.05 -26.18 55.18
N GLY L 115 -24.36 -26.68 56.19
CA GLY L 115 -24.96 -27.67 57.08
C GLY L 115 -25.11 -29.05 56.47
N GLU L 116 -24.29 -29.39 55.48
CA GLU L 116 -24.41 -30.69 54.83
C GLU L 116 -23.04 -31.17 54.37
N TRP L 117 -22.84 -32.48 54.45
CA TRP L 117 -21.69 -33.14 53.84
C TRP L 117 -22.00 -33.39 52.37
N GLN L 118 -21.39 -32.62 51.48
CA GLN L 118 -21.60 -32.78 50.06
C GLN L 118 -20.37 -33.40 49.40
N GLU L 119 -20.61 -34.27 48.43
CA GLU L 119 -19.56 -35.04 47.79
C GLU L 119 -19.05 -34.32 46.56
N CYS L 120 -17.72 -34.29 46.43
CA CYS L 120 -17.05 -33.66 45.29
C CYS L 120 -16.54 -34.68 44.29
N SER L 121 -16.96 -35.93 44.39
CA SER L 121 -16.50 -37.00 43.52
C SER L 121 -17.66 -37.53 42.70
N GLY L 122 -17.36 -37.92 41.46
CA GLY L 122 -18.38 -38.43 40.56
C GLY L 122 -19.46 -37.42 40.24
N LEU L 123 -19.07 -36.16 40.03
CA LEU L 123 -20.05 -35.12 39.74
C LEU L 123 -20.52 -35.21 38.30
N THR L 124 -21.82 -34.97 38.10
CA THR L 124 -22.42 -34.79 36.79
C THR L 124 -23.09 -33.42 36.76
N LEU L 125 -23.74 -33.13 35.62
CA LEU L 125 -24.36 -31.81 35.47
C LEU L 125 -25.62 -31.66 36.31
N ASN L 126 -26.20 -32.76 36.79
CA ASN L 126 -27.47 -32.71 37.52
C ASN L 126 -27.31 -32.67 39.03
N ASP L 127 -26.08 -32.74 39.55
CA ASP L 127 -25.89 -32.74 40.99
C ASP L 127 -25.63 -31.33 41.52
N GLU L 128 -25.64 -31.22 42.84
CA GLU L 128 -25.38 -29.95 43.48
C GLU L 128 -23.89 -29.61 43.44
N ALA L 129 -23.58 -28.36 43.14
CA ALA L 129 -22.20 -27.91 43.17
C ALA L 129 -21.74 -27.84 44.63
N PRO L 130 -20.60 -28.44 44.97
CA PRO L 130 -20.21 -28.53 46.39
C PRO L 130 -20.06 -27.20 47.10
N LEU L 131 -19.60 -26.15 46.41
CA LEU L 131 -19.35 -24.88 47.09
C LEU L 131 -20.07 -23.73 46.41
N SER L 132 -21.24 -24.00 45.83
CA SER L 132 -22.00 -22.94 45.18
C SER L 132 -22.68 -22.02 46.18
N LYS L 133 -23.05 -22.56 47.35
CA LYS L 133 -23.73 -21.75 48.35
C LYS L 133 -22.84 -20.66 48.93
N ARG L 134 -21.51 -20.82 48.84
CA ARG L 134 -20.62 -19.75 49.27
C ARG L 134 -20.71 -18.56 48.33
N ASP L 135 -20.39 -18.77 47.06
CA ASP L 135 -20.58 -17.73 46.04
C ASP L 135 -20.70 -18.45 44.70
N ALA L 136 -21.94 -18.61 44.22
CA ALA L 136 -22.15 -19.31 42.96
C ALA L 136 -21.53 -18.56 41.79
N MET L 137 -21.70 -17.23 41.76
CA MET L 137 -21.14 -16.44 40.68
C MET L 137 -19.62 -16.39 40.76
N GLY L 138 -19.05 -16.37 41.96
CA GLY L 138 -17.61 -16.44 42.10
C GLY L 138 -17.05 -17.76 41.60
N LEU L 139 -17.74 -18.86 41.90
CA LEU L 139 -17.32 -20.16 41.37
C LEU L 139 -17.44 -20.20 39.86
N SER L 140 -18.50 -19.59 39.31
CA SER L 140 -18.63 -19.51 37.86
C SER L 140 -17.48 -18.73 37.24
N CYS L 141 -17.11 -17.60 37.86
CA CYS L 141 -15.99 -16.82 37.36
C CYS L 141 -14.69 -17.60 37.43
N LEU L 142 -14.49 -18.34 38.53
CA LEU L 142 -13.28 -19.15 38.66
C LEU L 142 -13.22 -20.24 37.60
N LEU L 143 -14.36 -20.88 37.32
CA LEU L 143 -14.40 -21.89 36.27
C LEU L 143 -14.14 -21.28 34.90
N ALA L 144 -14.74 -20.12 34.62
CA ALA L 144 -14.52 -19.46 33.35
C ALA L 144 -13.06 -19.05 33.19
N LEU L 145 -12.39 -18.73 34.30
CA LEU L 145 -10.99 -18.32 34.24
C LEU L 145 -10.14 -19.38 33.57
N HIS L 146 -10.48 -20.67 33.78
CA HIS L 146 -9.79 -21.75 33.10
C HIS L 146 -10.45 -22.15 31.78
N MET L 147 -11.77 -22.00 31.67
CA MET L 147 -12.47 -22.44 30.47
C MET L 147 -12.23 -21.52 29.28
N ALA L 148 -11.90 -20.26 29.51
CA ALA L 148 -11.76 -19.31 28.42
C ALA L 148 -10.65 -19.70 27.45
N GLU L 149 -9.58 -20.32 27.96
CA GLU L 149 -8.44 -20.64 27.11
C GLU L 149 -8.78 -21.73 26.09
N ALA L 150 -9.68 -22.65 26.44
CA ALA L 150 -10.04 -23.72 25.51
C ALA L 150 -10.76 -23.19 24.27
N PHE L 151 -11.34 -21.99 24.34
CA PHE L 151 -12.04 -21.40 23.22
C PHE L 151 -11.19 -20.38 22.46
N GLY L 152 -9.91 -20.29 22.79
CA GLY L 152 -9.04 -19.36 22.10
C GLY L 152 -9.26 -17.90 22.47
N THR L 153 -9.83 -17.63 23.64
CA THR L 153 -10.09 -16.27 24.08
C THR L 153 -9.66 -16.11 25.53
N GLN L 154 -9.77 -14.87 26.02
CA GLN L 154 -9.42 -14.54 27.39
C GLN L 154 -10.51 -13.67 27.99
N ILE L 155 -10.60 -13.67 29.30
CA ILE L 155 -11.60 -12.90 30.02
C ILE L 155 -10.97 -11.63 30.55
N GLY L 156 -11.81 -10.70 31.00
CA GLY L 156 -11.33 -9.45 31.53
C GLY L 156 -10.72 -9.60 32.90
N PRO L 157 -10.20 -8.50 33.43
CA PRO L 157 -9.52 -8.57 34.74
C PRO L 157 -10.49 -8.72 35.89
N MET L 158 -11.70 -8.17 35.80
CA MET L 158 -12.62 -8.23 36.92
C MET L 158 -13.14 -9.65 37.14
N THR L 159 -13.38 -10.40 36.07
CA THR L 159 -13.81 -11.79 36.22
C THR L 159 -12.73 -12.63 36.89
N ALA L 160 -11.48 -12.47 36.45
CA ALA L 160 -10.38 -13.19 37.09
C ALA L 160 -10.21 -12.77 38.54
N ARG L 161 -10.39 -11.47 38.82
CA ARG L 161 -10.31 -10.99 40.19
C ARG L 161 -11.40 -11.61 41.06
N ARG L 162 -12.62 -11.73 40.54
CA ARG L 162 -13.70 -12.35 41.30
C ARG L 162 -13.42 -13.83 41.55
N GLY L 163 -12.93 -14.54 40.53
CA GLY L 163 -12.59 -15.94 40.73
C GLY L 163 -11.48 -16.13 41.76
N LEU L 164 -10.44 -15.30 41.68
CA LEU L 164 -9.36 -15.38 42.65
C LEU L 164 -9.84 -14.99 44.05
N GLN L 165 -10.78 -14.06 44.14
CA GLN L 165 -11.36 -13.71 45.44
C GLN L 165 -12.12 -14.88 46.03
N PHE L 166 -12.87 -15.60 45.19
CA PHE L 166 -13.57 -16.80 45.65
C PHE L 166 -12.57 -17.84 46.15
N GLN L 167 -11.50 -18.07 45.38
CA GLN L 167 -10.49 -19.04 45.79
C GLN L 167 -9.82 -18.63 47.10
N GLY L 168 -9.48 -17.35 47.23
CA GLY L 168 -8.84 -16.88 48.44
C GLY L 168 -9.78 -16.94 49.65
N SER L 169 -11.06 -16.68 49.44
CA SER L 169 -12.02 -16.82 50.52
C SER L 169 -12.17 -18.26 50.96
N VAL L 170 -12.13 -19.19 50.00
CA VAL L 170 -12.18 -20.61 50.35
C VAL L 170 -10.94 -21.00 51.14
N SER L 171 -9.78 -20.53 50.71
CA SER L 171 -8.52 -20.90 51.38
C SER L 171 -8.39 -20.24 52.75
N TYR L 172 -8.93 -19.04 52.92
CA TYR L 172 -8.73 -18.29 54.16
C TYR L 172 -9.57 -18.88 55.30
N LYS L 173 -10.81 -19.26 55.01
CA LYS L 173 -11.74 -19.78 56.02
C LYS L 173 -11.92 -18.81 57.17
N LEU L 174 -12.09 -17.53 56.84
CA LEU L 174 -12.28 -16.48 57.83
C LEU L 174 -13.73 -16.30 58.26
N GLY L 175 -14.69 -16.81 57.48
CA GLY L 175 -16.09 -16.54 57.75
C GLY L 175 -16.64 -17.20 58.99
N SER L 176 -16.02 -18.27 59.47
CA SER L 176 -16.54 -19.00 60.61
C SER L 176 -15.39 -19.47 61.48
N THR L 177 -15.74 -19.99 62.66
CA THR L 177 -14.74 -20.46 63.61
C THR L 177 -13.94 -21.63 63.03
N GLN L 178 -12.64 -21.62 63.27
CA GLN L 178 -11.73 -22.64 62.80
C GLN L 178 -10.83 -23.10 63.93
N PRO L 179 -10.31 -24.32 63.86
CA PRO L 179 -9.42 -24.81 64.93
C PRO L 179 -8.19 -23.93 65.07
N ASP L 180 -7.72 -23.81 66.31
CA ASP L 180 -6.56 -22.98 66.60
C ASP L 180 -5.29 -23.59 66.01
N ALA L 181 -4.37 -22.72 65.60
CA ALA L 181 -3.10 -23.16 65.06
C ALA L 181 -2.14 -23.55 66.17
N SER L 182 -1.44 -24.66 66.00
CA SER L 182 -0.51 -25.17 66.99
C SER L 182 0.85 -25.42 66.33
N GLY L 183 1.91 -25.33 67.14
CA GLY L 183 3.26 -25.53 66.66
C GLY L 183 4.06 -26.39 67.62
N VAL L 184 5.32 -26.60 67.26
CA VAL L 184 6.25 -27.39 68.05
C VAL L 184 7.29 -26.44 68.62
N TYR L 185 7.54 -26.54 69.93
CA TYR L 185 8.40 -25.60 70.63
C TYR L 185 9.72 -26.22 71.09
N TYR L 186 10.09 -27.37 70.53
CA TYR L 186 11.38 -27.97 70.82
C TYR L 186 12.03 -28.49 69.53
N ASP M 2 20.19 12.44 -6.72
CA ASP M 2 19.90 12.36 -8.14
C ASP M 2 19.34 13.67 -8.66
N LEU M 3 20.14 14.38 -9.45
CA LEU M 3 19.71 15.64 -10.04
C LEU M 3 18.93 15.37 -11.33
N ALA M 4 18.02 16.29 -11.65
CA ALA M 4 17.21 16.21 -12.85
C ALA M 4 17.82 17.12 -13.90
N TYR M 5 18.39 16.52 -14.94
CA TYR M 5 18.98 17.28 -16.03
C TYR M 5 17.93 17.56 -17.11
N GLY M 6 18.16 18.63 -17.86
CA GLY M 6 17.24 19.03 -18.89
C GLY M 6 17.15 18.05 -20.04
N THR M 7 16.00 17.37 -20.17
CA THR M 7 15.80 16.42 -21.26
C THR M 7 15.56 17.10 -22.60
N GLY M 8 15.32 18.41 -22.61
CA GLY M 8 15.10 19.12 -23.86
C GLY M 8 15.69 20.50 -23.77
N ALA M 9 16.05 21.04 -24.93
CA ALA M 9 16.64 22.38 -25.00
C ALA M 9 15.57 23.41 -24.67
N TYR M 10 15.67 23.99 -23.48
CA TYR M 10 14.73 25.01 -23.02
C TYR M 10 15.54 26.24 -22.64
N ALA M 11 15.56 27.23 -23.53
CA ALA M 11 16.30 28.48 -23.33
C ALA M 11 15.34 29.63 -23.56
N ARG M 12 14.69 30.09 -22.50
CA ARG M 12 13.75 31.20 -22.55
C ARG M 12 14.39 32.42 -21.91
N THR M 13 14.53 33.50 -22.69
CA THR M 13 15.13 34.72 -22.19
C THR M 13 14.12 35.68 -21.59
N ARG M 14 12.86 35.63 -22.04
CA ARG M 14 11.82 36.46 -21.46
C ARG M 14 11.49 35.95 -20.06
N GLY M 15 11.63 36.83 -19.06
CA GLY M 15 11.46 36.44 -17.68
C GLY M 15 12.72 35.91 -17.03
N ASN M 16 13.80 35.75 -17.79
CA ASN M 16 15.09 35.28 -17.26
C ASN M 16 14.95 33.95 -16.54
N LEU M 17 14.19 33.03 -17.13
CA LEU M 17 14.15 31.68 -16.62
C LEU M 17 15.51 31.01 -16.77
N PRO M 18 15.88 30.12 -15.86
CA PRO M 18 17.11 29.34 -16.04
C PRO M 18 17.05 28.55 -17.34
N GLU M 19 18.18 28.51 -18.04
CA GLU M 19 18.26 27.85 -19.34
C GLU M 19 18.90 26.49 -19.20
N LEU M 20 18.40 25.53 -19.96
CA LEU M 20 18.92 24.15 -19.98
C LEU M 20 19.22 23.77 -21.42
N PRO M 21 20.31 24.30 -21.99
CA PRO M 21 20.64 24.00 -23.38
C PRO M 21 21.15 22.57 -23.53
N LEU M 22 20.69 21.90 -24.58
CA LEU M 22 21.14 20.57 -24.94
C LEU M 22 21.86 20.68 -26.27
N VAL M 23 23.19 20.74 -26.22
CA VAL M 23 24.02 20.95 -27.42
C VAL M 23 24.59 19.60 -27.83
N ASN M 24 24.26 19.16 -29.05
CA ASN M 24 24.78 17.94 -29.64
C ASN M 24 24.45 16.70 -28.81
N LEU M 25 23.44 16.78 -27.97
CA LEU M 25 22.97 15.65 -27.18
C LEU M 25 21.46 15.54 -27.31
N PHE M 26 20.95 14.32 -27.41
CA PHE M 26 19.52 14.09 -27.49
C PHE M 26 19.11 12.96 -26.55
N VAL M 27 17.87 13.02 -26.08
CA VAL M 27 17.34 12.02 -25.18
C VAL M 27 16.95 10.77 -25.97
N GLU M 28 17.40 9.61 -25.50
CA GLU M 28 17.07 8.34 -26.12
C GLU M 28 16.62 7.37 -25.04
N ALA M 29 15.52 6.66 -25.31
CA ALA M 29 15.02 5.66 -24.39
C ALA M 29 15.90 4.41 -24.44
N THR M 30 16.14 3.81 -23.28
CA THR M 30 16.96 2.63 -23.18
C THR M 30 16.42 1.72 -22.09
N ARG M 31 16.77 0.43 -22.18
CA ARG M 31 16.28 -0.59 -21.27
C ARG M 31 17.33 -1.08 -20.31
N SER M 32 18.51 -0.47 -20.28
CA SER M 32 19.62 -0.97 -19.47
C SER M 32 19.69 -0.36 -18.08
N ASP M 33 18.81 0.60 -17.76
CA ASP M 33 18.86 1.26 -16.46
C ASP M 33 17.44 1.45 -15.92
N GLN M 34 17.37 1.74 -14.63
CA GLN M 34 16.07 1.99 -14.00
C GLN M 34 15.42 3.25 -14.56
N ARG M 35 16.22 4.29 -14.82
CA ARG M 35 15.67 5.55 -15.30
C ARG M 35 15.03 5.39 -16.67
N GLY M 36 15.67 4.66 -17.59
CA GLY M 36 15.11 4.38 -18.88
C GLY M 36 15.41 5.40 -19.96
N VAL M 37 16.06 6.51 -19.64
CA VAL M 37 16.41 7.53 -20.61
C VAL M 37 17.85 7.93 -20.42
N VAL M 38 18.56 8.15 -21.53
CA VAL M 38 19.94 8.57 -21.51
C VAL M 38 20.14 9.71 -22.49
N LEU M 39 21.25 10.42 -22.34
CA LEU M 39 21.65 11.47 -23.26
C LEU M 39 22.73 10.92 -24.18
N GLN M 40 22.44 10.87 -25.47
CA GLN M 40 23.38 10.35 -26.46
C GLN M 40 23.85 11.48 -27.35
N SER M 41 25.15 11.46 -27.66
CA SER M 41 25.76 12.48 -28.51
C SER M 41 25.59 12.14 -29.97
N ARG M 42 25.22 13.13 -30.77
CA ARG M 42 25.08 12.93 -32.20
C ARG M 42 26.46 12.70 -32.84
N LYS M 43 26.49 11.82 -33.83
CA LYS M 43 27.74 11.51 -34.50
C LYS M 43 28.27 12.70 -35.28
N GLY M 44 29.58 12.76 -35.44
CA GLY M 44 30.19 13.85 -36.17
C GLY M 44 29.97 13.74 -37.67
N LEU M 45 30.17 14.86 -38.34
CA LEU M 45 30.02 14.94 -39.79
C LEU M 45 31.34 14.61 -40.46
N VAL M 46 31.31 13.69 -41.43
CA VAL M 46 32.49 13.32 -42.19
C VAL M 46 32.16 13.39 -43.66
N GLU M 47 33.21 13.55 -44.48
CA GLU M 47 33.06 13.76 -45.91
C GLU M 47 32.34 12.58 -46.57
N ASP M 48 31.48 12.90 -47.54
CA ASP M 48 30.90 11.88 -48.41
C ASP M 48 31.22 12.14 -49.87
N ALA M 49 31.02 13.38 -50.34
CA ALA M 49 31.33 13.74 -51.71
C ALA M 49 31.49 15.25 -51.78
N GLU M 50 32.38 15.70 -52.66
CA GLU M 50 32.65 17.12 -52.87
C GLU M 50 32.26 17.47 -54.31
N VAL M 51 31.21 18.26 -54.46
CA VAL M 51 30.72 18.70 -55.75
C VAL M 51 30.48 20.20 -55.72
N GLY M 52 30.81 20.88 -56.80
CA GLY M 52 30.60 22.30 -56.90
C GLY M 52 31.63 23.11 -56.14
N THR M 53 31.38 24.41 -56.07
CA THR M 53 32.27 25.33 -55.39
C THR M 53 31.53 26.32 -54.49
N GLY M 54 30.26 26.05 -54.17
CA GLY M 54 29.48 26.94 -53.36
C GLY M 54 28.48 26.21 -52.50
N PRO M 55 27.54 26.97 -51.91
CA PRO M 55 26.57 26.35 -51.00
C PRO M 55 25.75 25.27 -51.70
N ILE M 56 25.46 24.19 -50.97
CA ILE M 56 24.63 23.11 -51.46
C ILE M 56 23.18 23.45 -51.17
N ARG M 57 22.35 23.47 -52.22
CA ARG M 57 20.96 23.85 -52.08
C ARG M 57 20.01 22.65 -52.11
N GLY M 58 20.42 21.53 -52.69
CA GLY M 58 19.56 20.36 -52.74
C GLY M 58 20.28 19.12 -53.22
N VAL M 59 19.93 17.97 -52.64
CA VAL M 59 20.49 16.68 -53.01
C VAL M 59 19.33 15.72 -53.27
N PHE M 60 19.40 15.00 -54.38
CA PHE M 60 18.35 14.07 -54.77
C PHE M 60 18.95 12.71 -55.03
N ARG M 61 18.25 11.67 -54.58
CA ARG M 61 18.72 10.29 -54.76
C ARG M 61 17.52 9.36 -54.82
N LYS M 62 17.36 8.68 -55.96
CA LYS M 62 16.34 7.65 -56.11
C LYS M 62 16.90 6.57 -57.03
N ASP M 63 16.92 5.33 -56.54
CA ASP M 63 17.56 4.25 -57.27
C ASP M 63 16.88 4.01 -58.62
N GLY M 64 15.56 4.05 -58.64
CA GLY M 64 14.82 3.83 -59.87
C GLY M 64 14.73 5.02 -60.80
N VAL M 65 15.29 6.16 -60.43
CA VAL M 65 15.22 7.37 -61.24
C VAL M 65 16.61 7.63 -61.81
N LEU M 66 16.73 7.49 -63.13
CA LEU M 66 17.96 7.82 -63.86
C LEU M 66 19.17 7.08 -63.27
N GLY M 67 18.96 5.83 -62.87
CA GLY M 67 20.04 5.01 -62.37
C GLY M 67 20.62 5.44 -61.05
N GLY M 68 19.86 6.18 -60.24
CA GLY M 68 20.34 6.61 -58.93
C GLY M 68 21.53 7.56 -58.98
N ALA M 69 21.50 8.54 -59.87
CA ALA M 69 22.61 9.47 -60.01
C ALA M 69 22.58 10.50 -58.88
N GLU M 70 23.75 11.04 -58.58
CA GLU M 70 23.90 12.09 -57.56
C GLU M 70 23.55 13.43 -58.18
N PHE M 71 22.34 13.91 -57.95
CA PHE M 71 21.88 15.20 -58.45
C PHE M 71 22.01 16.23 -57.33
N VAL M 72 22.95 17.16 -57.50
CA VAL M 72 23.23 18.16 -56.48
C VAL M 72 23.13 19.54 -57.13
N VAL M 73 22.86 20.55 -56.31
CA VAL M 73 22.76 21.93 -56.76
C VAL M 73 23.72 22.81 -55.97
N SER M 74 24.80 23.22 -56.63
CA SER M 74 25.68 24.19 -55.95
C SER M 74 25.10 25.54 -56.34
N ASP M 75 25.72 26.64 -55.91
CA ASP M 75 25.13 27.98 -56.24
C ASP M 75 24.84 27.86 -57.74
N ASP M 76 23.58 28.00 -58.16
CA ASP M 76 23.21 28.03 -59.60
C ASP M 76 23.92 27.06 -60.56
N GLU M 77 24.06 25.80 -60.15
CA GLU M 77 24.79 24.80 -60.97
C GLU M 77 24.31 23.38 -60.64
N LEU M 78 23.78 22.65 -61.63
CA LEU M 78 23.37 21.27 -61.41
C LEU M 78 24.47 20.28 -61.74
N TYR M 79 24.78 19.40 -60.78
CA TYR M 79 25.84 18.42 -60.91
C TYR M 79 25.24 17.02 -60.85
N GLU M 80 25.66 16.17 -61.78
CA GLU M 80 25.24 14.76 -61.84
C GLU M 80 26.47 13.89 -61.60
N ASP M 81 26.52 13.24 -60.44
CA ASP M 81 27.64 12.37 -60.08
C ASP M 81 28.97 13.10 -60.17
N GLY M 82 28.98 14.36 -59.74
CA GLY M 82 30.17 15.19 -59.80
C GLY M 82 30.43 15.84 -61.15
N VAL M 83 29.57 15.61 -62.13
CA VAL M 83 29.72 16.19 -63.47
C VAL M 83 28.67 17.26 -63.64
N SER M 84 29.11 18.47 -63.97
CA SER M 84 28.19 19.59 -64.15
C SER M 84 27.28 19.36 -65.35
N LEU M 85 25.99 19.66 -65.17
CA LEU M 85 25.01 19.56 -66.25
C LEU M 85 24.62 20.90 -66.83
N GLY M 86 24.67 21.96 -66.05
CA GLY M 86 24.29 23.28 -66.55
C GLY M 86 24.08 24.24 -65.40
N THR M 87 23.67 25.45 -65.78
CA THR M 87 23.43 26.54 -64.85
C THR M 87 21.93 26.66 -64.60
N ILE M 88 21.54 26.73 -63.33
CA ILE M 88 20.15 26.83 -62.94
C ILE M 88 19.87 28.28 -62.53
N ASN M 89 18.79 28.89 -63.02
CA ASN M 89 18.50 30.26 -62.49
C ASN M 89 17.58 30.16 -61.26
N GLY M 90 18.05 30.63 -60.09
CA GLY M 90 17.18 30.99 -58.95
C GLY M 90 17.95 31.22 -57.66
N THR M 91 17.26 31.63 -56.58
CA THR M 91 17.91 31.92 -55.27
C THR M 91 17.14 31.24 -54.13
N GLY M 92 15.81 31.15 -54.23
CA GLY M 92 14.97 30.43 -53.30
C GLY M 92 15.29 28.95 -53.22
N PRO M 93 14.80 28.29 -52.18
CA PRO M 93 15.03 26.85 -52.04
C PRO M 93 14.78 26.00 -53.28
N VAL M 94 15.53 24.92 -53.38
CA VAL M 94 15.50 24.03 -54.54
C VAL M 94 14.56 22.86 -54.25
N SER M 95 13.65 22.59 -55.17
CA SER M 95 12.71 21.48 -55.05
C SER M 95 12.87 20.56 -56.25
N PHE M 96 12.82 19.25 -55.98
CA PHE M 96 12.97 18.22 -57.00
C PHE M 96 11.66 17.47 -57.19
N ALA M 97 11.41 17.04 -58.42
CA ALA M 97 10.26 16.19 -58.72
C ALA M 97 10.65 15.27 -59.86
N ALA M 98 10.70 13.97 -59.61
CA ALA M 98 11.27 13.04 -60.58
C ALA M 98 10.35 11.85 -60.80
N ILE M 99 10.45 11.29 -62.00
CA ILE M 99 9.81 10.03 -62.36
C ILE M 99 10.89 9.15 -62.96
N GLU M 100 10.50 7.99 -63.50
CA GLU M 100 11.48 7.01 -63.95
C GLU M 100 12.42 7.55 -65.03
N ASP M 101 12.00 8.59 -65.76
CA ASP M 101 12.83 9.10 -66.85
C ASP M 101 12.90 10.62 -66.93
N GLU M 102 12.24 11.36 -66.04
CA GLU M 102 12.22 12.81 -66.08
C GLU M 102 12.55 13.37 -64.70
N LEU M 103 13.30 14.47 -64.68
CA LEU M 103 13.65 15.12 -63.42
C LEU M 103 13.47 16.62 -63.58
N LEU M 104 12.59 17.21 -62.76
CA LEU M 104 12.33 18.63 -62.77
C LEU M 104 12.91 19.26 -61.52
N VAL M 105 13.64 20.37 -61.69
CA VAL M 105 14.28 21.10 -60.62
C VAL M 105 13.76 22.52 -60.64
N CYS M 106 13.36 23.03 -59.47
CA CYS M 106 12.88 24.40 -59.34
C CYS M 106 13.74 25.12 -58.30
N ALA M 107 14.23 26.31 -58.67
CA ALA M 107 15.05 27.11 -57.79
C ALA M 107 14.34 28.38 -57.33
N GLY M 108 13.02 28.45 -57.54
CA GLY M 108 12.24 29.60 -57.16
C GLY M 108 11.91 30.55 -58.29
N GLU M 109 12.52 30.40 -59.45
CA GLU M 109 12.22 31.30 -60.56
C GLU M 109 11.78 30.57 -61.82
N SER M 110 12.39 29.42 -62.13
CA SER M 110 12.08 28.71 -63.36
C SER M 110 12.22 27.21 -63.14
N ILE M 111 11.61 26.45 -64.04
CA ILE M 111 11.65 24.99 -63.99
C ILE M 111 12.66 24.49 -65.00
N TRP M 112 13.51 23.55 -64.58
CA TRP M 112 14.51 22.96 -65.45
C TRP M 112 14.29 21.45 -65.53
N SER M 113 14.38 20.91 -66.74
CA SER M 113 14.11 19.51 -66.99
C SER M 113 15.39 18.79 -67.41
N TYR M 114 15.56 17.58 -66.88
CA TYR M 114 16.67 16.71 -67.25
C TYR M 114 16.13 15.30 -67.47
N ASP M 115 16.35 14.77 -68.67
CA ASP M 115 15.87 13.45 -69.06
C ASP M 115 17.00 12.44 -69.20
N GLY M 116 18.16 12.71 -68.63
CA GLY M 116 19.32 11.84 -68.75
C GLY M 116 20.19 12.12 -69.95
N THR M 117 19.81 13.03 -70.83
CA THR M 117 20.59 13.38 -72.00
C THR M 117 21.05 14.83 -72.00
N THR M 118 20.16 15.78 -71.73
CA THR M 118 20.53 17.18 -71.70
C THR M 118 19.59 17.91 -70.74
N LEU M 119 20.06 19.05 -70.26
CA LEU M 119 19.30 19.90 -69.34
C LEU M 119 18.71 21.07 -70.12
N ASP M 120 17.39 21.23 -70.05
CA ASP M 120 16.71 22.28 -70.78
C ASP M 120 15.81 23.06 -69.81
N GLU M 121 15.27 24.16 -70.30
CA GLU M 121 14.37 25.01 -69.53
C GLU M 121 12.94 24.78 -69.98
N VAL M 122 12.04 24.56 -69.02
CA VAL M 122 10.65 24.30 -69.32
C VAL M 122 9.92 25.63 -69.51
N THR M 123 9.19 25.74 -70.61
CA THR M 123 8.44 26.96 -70.92
C THR M 123 7.13 26.93 -70.15
N PHE M 124 7.12 27.59 -68.99
CA PHE M 124 5.91 27.67 -68.19
C PHE M 124 4.89 28.60 -68.85
N PRO M 125 3.60 28.34 -68.66
CA PRO M 125 2.58 29.25 -69.21
C PRO M 125 2.76 30.66 -68.70
N ASP M 126 2.60 31.63 -69.61
CA ASP M 126 2.69 33.06 -69.34
C ASP M 126 4.12 33.45 -68.95
N GLY M 127 5.02 32.48 -68.84
CA GLY M 127 6.37 32.77 -68.41
C GLY M 127 6.48 33.20 -66.96
N ALA M 128 5.49 32.87 -66.14
CA ALA M 128 5.51 33.28 -64.74
C ALA M 128 6.51 32.44 -63.96
N ASP M 129 6.97 33.01 -62.85
CA ASP M 129 7.92 32.32 -61.98
C ASP M 129 7.22 31.23 -61.19
N VAL M 130 7.95 30.14 -60.96
CA VAL M 130 7.44 28.98 -60.21
C VAL M 130 8.20 28.90 -58.90
N THR M 131 7.46 28.77 -57.79
CA THR M 131 8.08 28.69 -56.48
C THR M 131 8.42 27.26 -56.08
N LYS M 132 7.51 26.31 -56.32
CA LYS M 132 7.74 24.93 -55.92
C LYS M 132 7.21 23.99 -56.98
N VAL M 133 7.86 22.84 -57.11
CA VAL M 133 7.48 21.80 -58.05
C VAL M 133 7.47 20.46 -57.31
N ALA M 134 6.40 19.69 -57.49
CA ALA M 134 6.26 18.39 -56.85
C ALA M 134 5.60 17.42 -57.83
N TYR M 135 5.50 16.17 -57.42
CA TYR M 135 4.89 15.12 -58.23
C TYR M 135 3.87 14.37 -57.41
N SER M 136 2.72 14.08 -58.00
CA SER M 136 1.65 13.38 -57.30
C SER M 136 0.73 12.70 -58.29
N SER M 137 0.49 11.40 -58.08
CA SER M 137 -0.48 10.61 -58.83
C SER M 137 -0.33 10.79 -60.35
N GLY M 138 0.91 10.72 -60.81
CA GLY M 138 1.18 10.79 -62.23
C GLY M 138 1.21 12.19 -62.81
N TYR M 139 1.02 13.22 -62.00
CA TYR M 139 0.99 14.59 -62.48
C TYR M 139 2.12 15.40 -61.83
N PHE M 140 2.57 16.43 -62.52
CA PHE M 140 3.55 17.36 -61.99
C PHE M 140 2.86 18.66 -61.62
N ILE M 141 3.04 19.07 -60.36
CA ILE M 141 2.38 20.25 -59.81
C ILE M 141 3.40 21.35 -59.65
N ALA M 142 3.06 22.55 -60.15
CA ALA M 142 3.91 23.72 -60.04
C ALA M 142 3.11 24.86 -59.42
N LEU M 143 3.77 25.62 -58.55
CA LEU M 143 3.14 26.74 -57.85
C LEU M 143 3.59 28.05 -58.50
N ARG M 144 2.63 28.80 -59.03
CA ARG M 144 2.93 30.12 -59.55
C ARG M 144 3.25 31.06 -58.40
N ALA M 145 4.26 31.92 -58.61
CA ALA M 145 4.80 32.72 -57.52
C ALA M 145 3.80 33.78 -57.05
N GLY M 146 3.44 34.70 -57.94
CA GLY M 146 2.64 35.84 -57.52
C GLY M 146 1.24 35.47 -57.08
N THR M 147 0.58 34.60 -57.83
CA THR M 147 -0.83 34.29 -57.61
C THR M 147 -1.00 32.98 -56.84
N GLY M 148 -2.23 32.71 -56.45
CA GLY M 148 -2.58 31.56 -55.64
C GLY M 148 -3.04 30.33 -56.40
N GLN M 149 -2.99 30.34 -57.73
CA GLN M 149 -3.37 29.17 -58.50
C GLN M 149 -2.15 28.30 -58.80
N TRP M 150 -2.39 27.00 -58.88
CA TRP M 150 -1.33 26.03 -59.12
C TRP M 150 -1.64 25.24 -60.38
N TYR M 151 -0.59 24.98 -61.17
CA TYR M 151 -0.74 24.33 -62.46
C TYR M 151 -0.32 22.88 -62.37
N PHE M 152 -0.94 22.04 -63.21
CA PHE M 152 -0.59 20.63 -63.31
C PHE M 152 -0.24 20.31 -64.75
N SER M 153 0.81 19.51 -64.93
CA SER M 153 1.31 19.18 -66.24
C SER M 153 0.54 17.99 -66.82
N ALA M 154 1.00 17.48 -67.95
CA ALA M 154 0.38 16.32 -68.57
C ALA M 154 0.76 15.05 -67.79
N LEU M 155 0.06 13.96 -68.11
CA LEU M 155 0.28 12.69 -67.43
C LEU M 155 1.68 12.16 -67.74
N TYR M 156 2.48 11.96 -66.68
CA TYR M 156 3.82 11.40 -66.78
C TYR M 156 4.75 12.22 -67.67
N ASP M 157 4.45 13.51 -67.85
CA ASP M 157 5.29 14.39 -68.66
C ASP M 157 5.43 15.72 -67.93
N GLY M 158 6.67 16.18 -67.76
CA GLY M 158 6.95 17.42 -67.08
C GLY M 158 7.28 18.59 -67.98
N THR M 159 7.39 18.38 -69.29
CA THR M 159 7.78 19.43 -70.21
C THR M 159 6.61 20.16 -70.85
N SER M 160 5.41 19.58 -70.82
CA SER M 160 4.23 20.17 -71.45
C SER M 160 3.29 20.66 -70.35
N TRP M 161 3.14 21.97 -70.25
CA TRP M 161 2.23 22.60 -69.31
C TRP M 161 1.23 23.45 -70.07
N ASP M 162 -0.05 23.24 -69.80
CA ASP M 162 -1.12 23.95 -70.49
C ASP M 162 -1.60 25.12 -69.64
N GLY M 163 -1.88 26.24 -70.30
CA GLY M 163 -2.27 27.44 -69.58
C GLY M 163 -3.57 27.29 -68.82
N LEU M 164 -4.53 26.55 -69.38
CA LEU M 164 -5.82 26.34 -68.74
C LEU M 164 -5.79 25.23 -67.70
N ASP M 165 -4.70 24.47 -67.60
CA ASP M 165 -4.59 23.38 -66.64
C ASP M 165 -4.09 23.93 -65.31
N PHE M 166 -5.01 24.55 -64.58
CA PHE M 166 -4.70 25.15 -63.29
C PHE M 166 -5.91 25.05 -62.37
N ALA M 167 -5.65 25.13 -61.07
CA ALA M 167 -6.69 25.14 -60.07
C ALA M 167 -6.38 26.19 -59.02
N THR M 168 -7.42 26.84 -58.51
CA THR M 168 -7.28 27.95 -57.58
C THR M 168 -7.81 27.54 -56.20
N ALA M 169 -7.03 27.86 -55.17
CA ALA M 169 -7.45 27.59 -53.78
C ALA M 169 -8.42 28.69 -53.37
N GLU M 170 -9.71 28.32 -53.29
CA GLU M 170 -10.74 29.32 -53.04
C GLU M 170 -10.60 29.93 -51.64
N SER M 171 -10.32 29.11 -50.63
CA SER M 171 -10.24 29.59 -49.26
C SER M 171 -9.00 30.43 -48.99
N GLU M 172 -8.01 30.41 -49.89
CA GLU M 172 -6.80 31.19 -49.71
C GLU M 172 -6.82 32.38 -50.66
N PRO M 173 -6.94 33.61 -50.15
CA PRO M 173 -6.94 34.79 -51.03
C PRO M 173 -5.57 35.32 -51.38
N ASP M 174 -4.49 34.58 -51.05
CA ASP M 174 -3.14 35.02 -51.35
C ASP M 174 -2.40 33.93 -52.11
N ALA M 175 -1.10 34.09 -52.30
CA ALA M 175 -0.33 33.13 -53.07
C ALA M 175 0.04 31.92 -52.21
N LEU M 176 0.01 30.74 -52.83
CA LEU M 176 0.48 29.53 -52.17
C LEU M 176 2.00 29.55 -52.04
N LEU M 177 2.51 28.79 -51.07
CA LEU M 177 3.94 28.84 -50.80
C LEU M 177 4.60 27.47 -50.77
N ASP M 178 3.87 26.44 -50.36
CA ASP M 178 4.53 25.15 -50.15
C ASP M 178 3.61 24.00 -50.55
N ILE M 179 4.25 22.86 -50.84
CA ILE M 179 3.57 21.63 -51.23
C ILE M 179 4.07 20.49 -50.35
N VAL M 180 3.15 19.66 -49.86
CA VAL M 180 3.51 18.44 -49.14
C VAL M 180 2.72 17.29 -49.73
N VAL M 181 3.42 16.24 -50.15
CA VAL M 181 2.78 15.06 -50.72
C VAL M 181 2.53 14.08 -49.58
N LEU M 182 1.29 14.00 -49.13
CA LEU M 182 0.90 13.14 -48.02
C LEU M 182 -0.14 12.14 -48.50
N ASP M 183 0.13 10.84 -48.26
CA ASP M 183 -0.75 9.75 -48.67
C ASP M 183 -1.01 9.78 -50.18
N GLY M 184 -0.03 10.22 -50.96
CA GLY M 184 -0.17 10.32 -52.39
C GLY M 184 -0.99 11.51 -52.87
N ASN M 185 -1.42 12.38 -51.96
CA ASN M 185 -2.24 13.53 -52.29
C ASN M 185 -1.52 14.83 -51.96
N PRO M 186 -1.75 15.89 -52.72
CA PRO M 186 -1.08 17.16 -52.44
C PRO M 186 -1.77 17.94 -51.34
N VAL M 187 -0.95 18.62 -50.53
CA VAL M 187 -1.40 19.52 -49.50
C VAL M 187 -0.73 20.86 -49.74
N PHE M 188 -1.54 21.92 -49.81
CA PHE M 188 -1.09 23.24 -50.23
C PHE M 188 -0.99 24.14 -49.02
N PHE M 189 0.17 24.76 -48.83
CA PHE M 189 0.41 25.68 -47.73
C PHE M 189 0.50 27.10 -48.29
N GLY M 190 -0.45 27.95 -47.92
CA GLY M 190 -0.44 29.34 -48.28
C GLY M 190 -0.13 30.24 -47.09
N THR M 191 -0.28 31.54 -47.33
CA THR M 191 0.02 32.52 -46.28
C THR M 191 -1.07 32.58 -45.21
N GLN M 192 -2.27 32.09 -45.51
CA GLN M 192 -3.40 32.21 -44.59
C GLN M 192 -4.14 30.92 -44.32
N SER M 193 -3.90 29.86 -45.09
CA SER M 193 -4.66 28.63 -44.90
C SER M 193 -3.86 27.45 -45.42
N VAL M 194 -4.29 26.26 -45.00
CA VAL M 194 -3.74 24.99 -45.47
C VAL M 194 -4.86 24.19 -46.11
N GLU M 195 -4.66 23.78 -47.36
CA GLU M 195 -5.70 23.12 -48.14
C GLU M 195 -5.32 21.66 -48.41
N PHE M 196 -6.30 20.79 -48.28
CA PHE M 196 -6.14 19.37 -48.59
C PHE M 196 -6.81 19.06 -49.92
N TRP M 197 -6.04 18.52 -50.86
CA TRP M 197 -6.56 18.16 -52.18
C TRP M 197 -6.27 16.69 -52.45
N SER M 198 -7.18 16.05 -53.18
CA SER M 198 -7.05 14.63 -53.50
C SER M 198 -7.32 14.41 -54.98
N ALA M 199 -6.69 13.37 -55.53
CA ALA M 199 -6.87 13.02 -56.92
C ALA M 199 -8.15 12.22 -57.09
N THR M 200 -9.04 12.71 -57.95
CA THR M 200 -10.32 12.04 -58.20
C THR M 200 -10.28 11.12 -59.41
N GLY M 201 -9.15 11.03 -60.10
CA GLY M 201 -9.04 10.14 -61.24
C GLY M 201 -9.72 10.62 -62.50
N ASP M 202 -10.18 11.87 -62.53
CA ASP M 202 -10.84 12.42 -63.70
C ASP M 202 -9.82 13.14 -64.56
N PRO M 203 -9.59 12.72 -65.80
CA PRO M 203 -8.61 13.44 -66.64
C PRO M 203 -8.96 14.90 -66.87
N ASP M 204 -10.25 15.26 -66.83
CA ASP M 204 -10.63 16.67 -66.98
C ASP M 204 -10.19 17.47 -65.78
N ILE M 205 -10.68 17.12 -64.59
CA ILE M 205 -10.26 17.74 -63.34
C ILE M 205 -9.50 16.71 -62.54
N PRO M 206 -8.17 16.75 -62.50
CA PRO M 206 -7.44 15.67 -61.84
C PRO M 206 -7.48 15.75 -60.32
N PHE M 207 -7.47 16.95 -59.76
CA PHE M 207 -7.43 17.12 -58.31
C PHE M 207 -8.62 17.97 -57.86
N ALA M 208 -9.20 17.58 -56.72
CA ALA M 208 -10.31 18.31 -56.14
C ALA M 208 -10.03 18.55 -54.65
N PRO M 209 -10.45 19.68 -54.11
CA PRO M 209 -10.19 19.95 -52.70
C PRO M 209 -11.14 19.17 -51.79
N ILE M 210 -10.63 18.83 -50.61
CA ILE M 210 -11.43 18.15 -49.60
C ILE M 210 -12.22 19.21 -48.83
N GLN M 211 -13.54 19.17 -48.95
CA GLN M 211 -14.38 20.15 -48.29
C GLN M 211 -14.33 19.98 -46.77
N ASN M 212 -14.44 21.10 -46.07
CA ASN M 212 -14.49 21.13 -44.60
C ASN M 212 -13.24 20.52 -43.97
N ARG M 213 -12.07 20.73 -44.58
CA ARG M 213 -10.80 20.33 -43.98
C ARG M 213 -9.74 21.35 -44.36
N THR M 214 -9.58 22.37 -43.51
CA THR M 214 -8.56 23.39 -43.68
C THR M 214 -8.08 23.86 -42.32
N PHE M 215 -6.89 24.44 -42.31
CA PHE M 215 -6.31 25.03 -41.10
C PHE M 215 -6.13 26.52 -41.30
N GLU M 216 -6.57 27.32 -40.32
CA GLU M 216 -6.48 28.77 -40.44
C GLU M 216 -5.06 29.30 -40.30
N GLN M 217 -4.11 28.47 -39.91
CA GLN M 217 -2.72 28.90 -39.77
C GLN M 217 -1.98 28.63 -41.08
N GLY M 218 -1.38 29.68 -41.65
CA GLY M 218 -0.64 29.54 -42.88
C GLY M 218 0.80 29.13 -42.63
N ILE M 219 1.56 29.09 -43.71
CA ILE M 219 2.99 28.76 -43.65
C ILE M 219 3.78 30.06 -43.65
N PHE M 220 4.90 30.04 -42.91
CA PHE M 220 5.72 31.25 -42.81
C PHE M 220 6.35 31.61 -44.14
N ALA M 221 6.99 30.64 -44.80
CA ALA M 221 7.68 30.89 -46.06
C ALA M 221 7.87 29.56 -46.78
N THR M 222 8.43 29.64 -47.99
CA THR M 222 8.68 28.44 -48.77
C THR M 222 9.76 27.60 -48.13
N GLY M 223 9.60 26.28 -48.21
CA GLY M 223 10.57 25.36 -47.66
C GLY M 223 10.43 25.09 -46.17
N CYS M 224 9.33 25.52 -45.56
CA CYS M 224 9.10 25.33 -44.12
C CYS M 224 8.10 24.23 -43.85
N ALA M 225 8.11 23.15 -44.64
CA ALA M 225 7.20 22.04 -44.43
C ALA M 225 7.88 20.74 -44.83
N VAL M 226 7.82 19.74 -43.94
CA VAL M 226 8.34 18.41 -44.22
C VAL M 226 7.25 17.40 -43.90
N ALA M 227 7.38 16.21 -44.47
CA ALA M 227 6.36 15.17 -44.35
C ALA M 227 7.02 13.86 -43.98
N ILE M 228 6.80 13.41 -42.74
CA ILE M 228 7.28 12.11 -42.26
C ILE M 228 6.26 11.52 -41.29
N ASP M 229 6.43 10.24 -40.96
CA ASP M 229 5.53 9.58 -39.97
C ASP M 229 4.07 9.80 -40.35
N ASN M 230 3.69 9.52 -41.61
CA ASN M 230 2.30 9.58 -42.03
C ASN M 230 1.69 10.96 -41.76
N SER M 231 2.52 11.97 -41.47
CA SER M 231 2.02 13.30 -41.15
C SER M 231 3.03 14.32 -41.67
N PHE M 232 2.79 15.59 -41.35
CA PHE M 232 3.69 16.64 -41.80
C PHE M 232 3.86 17.69 -40.70
N PHE M 233 5.08 18.18 -40.58
CA PHE M 233 5.42 19.31 -39.75
C PHE M 233 5.57 20.55 -40.62
N TRP M 234 5.13 21.69 -40.09
CA TRP M 234 5.21 22.92 -40.86
C TRP M 234 5.31 24.11 -39.92
N VAL M 235 6.13 25.09 -40.31
CA VAL M 235 6.26 26.32 -39.53
C VAL M 235 5.08 27.21 -39.84
N GLY M 236 4.31 27.54 -38.81
CA GLY M 236 3.12 28.36 -39.00
C GLY M 236 3.47 29.79 -39.35
N ALA M 237 2.44 30.53 -39.78
CA ALA M 237 2.62 31.95 -40.10
C ALA M 237 3.01 32.77 -38.88
N ASP M 238 2.73 32.26 -37.67
CA ASP M 238 3.09 32.92 -36.43
C ASP M 238 4.39 32.39 -35.85
N LYS M 239 5.26 31.84 -36.70
CA LYS M 239 6.57 31.31 -36.28
C LYS M 239 6.43 30.21 -35.25
N ILE M 240 5.42 29.36 -35.38
CA ILE M 240 5.20 28.24 -34.48
C ILE M 240 5.13 26.96 -35.30
N VAL M 241 5.86 25.94 -34.88
CA VAL M 241 5.89 24.66 -35.59
C VAL M 241 4.66 23.85 -35.21
N TYR M 242 3.96 23.32 -36.21
CA TYR M 242 2.75 22.55 -36.03
C TYR M 242 2.88 21.18 -36.65
N ARG M 243 2.20 20.21 -36.06
CA ARG M 243 2.11 18.85 -36.56
C ARG M 243 0.70 18.57 -37.06
N ASN M 244 0.62 17.73 -38.10
CA ASN M 244 -0.68 17.37 -38.66
C ASN M 244 -1.48 16.52 -37.69
N ASP M 245 -2.77 16.83 -37.60
CA ASP M 245 -3.71 16.11 -36.73
C ASP M 245 -5.10 16.62 -37.09
N ALA M 246 -6.12 16.08 -36.42
CA ALA M 246 -7.46 16.62 -36.57
C ALA M 246 -7.50 18.08 -36.18
N VAL M 247 -6.80 18.43 -35.10
CA VAL M 247 -6.51 19.82 -34.75
C VAL M 247 -5.01 19.93 -34.64
N PRO M 248 -4.34 20.78 -35.43
CA PRO M 248 -2.88 20.88 -35.36
C PRO M 248 -2.42 21.27 -33.96
N VAL M 249 -1.32 20.67 -33.53
CA VAL M 249 -0.76 20.89 -32.20
C VAL M 249 0.58 21.59 -32.35
N ALA M 250 0.84 22.54 -31.46
CA ALA M 250 2.10 23.29 -31.47
C ALA M 250 3.15 22.48 -30.74
N VAL M 251 4.02 21.79 -31.51
CA VAL M 251 5.08 20.99 -30.90
C VAL M 251 6.26 21.83 -30.45
N ALA M 252 6.25 23.14 -30.73
CA ALA M 252 7.32 24.03 -30.31
C ALA M 252 6.91 24.74 -29.02
N ASP M 253 7.79 24.68 -28.02
CA ASP M 253 7.52 25.30 -26.73
C ASP M 253 7.79 26.80 -26.82
N ASP M 254 7.70 27.49 -25.68
CA ASP M 254 7.86 28.95 -25.67
C ASP M 254 9.27 29.36 -26.09
N GLY M 255 10.29 28.66 -25.59
CA GLY M 255 11.65 29.01 -25.94
C GLY M 255 11.94 28.84 -27.42
N ILE M 256 11.43 27.76 -28.02
CA ILE M 256 11.61 27.55 -29.45
C ILE M 256 10.96 28.67 -30.24
N VAL M 257 9.78 29.11 -29.80
CA VAL M 257 9.10 30.21 -30.48
C VAL M 257 9.90 31.50 -30.36
N GLU M 258 10.47 31.76 -29.18
CA GLU M 258 11.30 32.96 -29.03
C GLU M 258 12.52 32.91 -29.94
N ARG M 259 13.18 31.75 -30.03
CA ARG M 259 14.32 31.65 -30.94
C ARG M 259 13.89 31.85 -32.38
N ALA M 260 12.72 31.32 -32.75
CA ALA M 260 12.23 31.48 -34.12
C ALA M 260 11.94 32.95 -34.43
N THR M 261 11.29 33.66 -33.49
CA THR M 261 10.92 35.04 -33.73
C THR M 261 12.13 35.96 -33.81
N GLY M 262 13.25 35.57 -33.22
CA GLY M 262 14.47 36.35 -33.34
C GLY M 262 15.20 36.18 -34.66
N SER M 263 14.72 35.29 -35.52
CA SER M 263 15.33 35.02 -36.81
C SER M 263 14.42 35.51 -37.93
N THR M 264 15.02 36.10 -38.95
CA THR M 264 14.27 36.60 -40.10
C THR M 264 14.05 35.55 -41.18
N ASP M 265 14.86 34.49 -41.21
CA ASP M 265 14.73 33.44 -42.20
C ASP M 265 14.70 32.10 -41.47
N LEU M 266 13.68 31.30 -41.75
CA LEU M 266 13.50 29.99 -41.15
C LEU M 266 13.41 28.92 -42.23
N ARG M 267 14.01 27.76 -41.96
CA ARG M 267 13.95 26.64 -42.90
C ARG M 267 13.74 25.35 -42.12
N LEU M 268 12.74 24.57 -42.53
CA LEU M 268 12.42 23.31 -41.88
C LEU M 268 12.82 22.17 -42.80
N PHE M 269 13.71 21.30 -42.32
CA PHE M 269 14.18 20.17 -43.11
C PHE M 269 14.26 18.94 -42.19
N LEU M 270 14.85 17.87 -42.70
CA LEU M 270 14.89 16.60 -42.00
C LEU M 270 16.31 16.07 -41.88
N LEU M 271 16.58 15.40 -40.77
CA LEU M 271 17.84 14.70 -40.54
C LEU M 271 17.52 13.31 -40.00
N ILE M 272 18.39 12.36 -40.32
CA ILE M 272 18.14 10.95 -40.04
C ILE M 272 19.32 10.41 -39.21
N ASP M 273 19.01 9.88 -38.03
CA ASP M 273 19.92 9.04 -37.27
C ASP M 273 19.33 7.63 -37.23
N GLU M 274 20.16 6.67 -36.79
CA GLU M 274 19.86 5.25 -36.94
C GLU M 274 18.39 4.93 -36.74
N ARG M 275 17.78 5.46 -35.69
CA ARG M 275 16.35 5.35 -35.49
C ARG M 275 15.67 6.70 -35.35
N HIS M 276 16.42 7.78 -35.21
CA HIS M 276 15.84 9.07 -34.86
C HIS M 276 15.51 9.90 -36.09
N LYS M 277 14.34 10.52 -36.07
CA LYS M 277 13.88 11.40 -37.16
C LYS M 277 13.86 12.81 -36.60
N PHE M 278 14.86 13.62 -36.95
CA PHE M 278 14.99 14.97 -36.44
C PHE M 278 14.39 15.95 -37.45
N VAL M 279 13.26 16.56 -37.09
CA VAL M 279 12.72 17.68 -37.85
C VAL M 279 13.48 18.92 -37.38
N CYS M 280 14.33 19.46 -38.26
CA CYS M 280 15.25 20.51 -37.89
C CYS M 280 14.75 21.85 -38.40
N LEU M 281 14.62 22.80 -37.49
CA LEU M 281 14.28 24.18 -37.80
C LEU M 281 15.55 25.01 -37.69
N ARG M 282 15.95 25.63 -38.79
CA ARG M 282 17.22 26.35 -38.90
C ARG M 282 16.93 27.83 -39.12
N GLY M 283 17.53 28.68 -38.28
CA GLY M 283 17.51 30.10 -38.45
C GLY M 283 18.86 30.66 -38.87
N ASP M 284 19.01 31.96 -38.71
CA ASP M 284 20.26 32.61 -39.05
C ASP M 284 21.36 32.35 -38.03
N THR M 285 21.00 32.05 -36.78
CA THR M 285 21.98 31.87 -35.71
C THR M 285 21.72 30.63 -34.86
N PHE M 286 20.84 29.73 -35.28
CA PHE M 286 20.53 28.56 -34.48
C PHE M 286 20.01 27.45 -35.39
N THR M 287 20.01 26.23 -34.85
CA THR M 287 19.50 25.07 -35.58
C THR M 287 18.96 24.09 -34.53
N MET M 288 17.66 24.14 -34.29
CA MET M 288 17.03 23.22 -33.35
C MET M 288 16.53 21.99 -34.07
N ALA M 289 16.37 20.90 -33.32
CA ALA M 289 15.90 19.64 -33.88
C ALA M 289 14.89 19.01 -32.94
N PHE M 290 13.73 18.67 -33.48
CA PHE M 290 12.67 17.99 -32.73
C PHE M 290 12.70 16.52 -33.09
N ASP M 291 12.81 15.67 -32.07
CA ASP M 291 12.88 14.22 -32.28
C ASP M 291 11.46 13.66 -32.26
N ILE M 292 11.08 12.98 -33.34
CA ILE M 292 9.74 12.41 -33.42
C ILE M 292 9.58 11.28 -32.41
N THR M 293 10.60 10.43 -32.27
CA THR M 293 10.49 9.26 -31.39
C THR M 293 10.33 9.68 -29.93
N THR M 294 11.07 10.70 -29.50
CA THR M 294 11.09 11.09 -28.09
C THR M 294 10.34 12.38 -27.80
N ASN M 295 9.87 13.08 -28.83
CA ASN M 295 9.09 14.31 -28.65
C ASN M 295 9.84 15.35 -27.82
N GLU M 296 11.13 15.51 -28.11
CA GLU M 296 11.98 16.43 -27.36
C GLU M 296 12.81 17.27 -28.32
N TRP M 297 13.19 18.45 -27.85
CA TRP M 297 13.97 19.40 -28.64
C TRP M 297 15.43 19.37 -28.20
N CYS M 298 16.34 19.40 -29.17
CA CYS M 298 17.76 19.49 -28.93
C CYS M 298 18.35 20.55 -29.85
N GLU M 299 19.61 20.89 -29.62
CA GLU M 299 20.30 21.91 -30.40
C GLU M 299 21.57 21.33 -30.98
N PHE M 300 21.77 21.53 -32.28
CA PHE M 300 22.98 21.11 -32.97
C PHE M 300 23.85 22.32 -33.28
N GLN M 301 25.12 22.24 -32.92
CA GLN M 301 26.06 23.32 -33.15
C GLN M 301 27.34 22.78 -33.76
N SER M 302 28.02 23.63 -34.52
CA SER M 302 29.32 23.32 -35.09
C SER M 302 30.35 24.26 -34.49
N TYR M 303 31.47 23.70 -34.05
CA TYR M 303 32.50 24.50 -33.39
C TYR M 303 33.07 25.55 -34.36
N GLY M 304 33.21 26.78 -33.86
CA GLY M 304 33.75 27.85 -34.66
C GLY M 304 32.80 28.45 -35.66
N ARG M 305 31.52 28.07 -35.62
CA ARG M 305 30.53 28.55 -36.57
C ARG M 305 29.33 29.12 -35.82
N THR M 306 28.71 30.13 -36.42
CA THR M 306 27.52 30.74 -35.83
C THR M 306 26.28 29.88 -35.99
N ASN M 307 26.35 28.80 -36.77
CA ASN M 307 25.21 27.93 -37.01
C ASN M 307 25.73 26.54 -37.36
N PHE M 308 24.82 25.57 -37.32
CA PHE M 308 25.17 24.19 -37.63
C PHE M 308 25.68 24.08 -39.06
N ARG M 309 26.78 23.35 -39.23
CA ARG M 309 27.40 23.23 -40.55
C ARG M 309 26.49 22.54 -41.55
N CYS M 310 25.86 21.45 -41.14
CA CYS M 310 25.01 20.68 -42.03
C CYS M 310 23.68 21.38 -42.26
N GLY M 311 23.22 21.37 -43.51
CA GLY M 311 21.96 21.97 -43.86
C GLY M 311 20.96 20.95 -44.36
N PRO M 312 20.01 21.40 -45.18
CA PRO M 312 19.01 20.47 -45.72
C PRO M 312 19.66 19.43 -46.62
N ASP M 313 19.09 18.23 -46.61
CA ASP M 313 19.58 17.11 -47.42
C ASP M 313 21.03 16.77 -47.11
N MET M 314 21.45 16.96 -45.86
CA MET M 314 22.79 16.63 -45.40
C MET M 314 23.88 17.33 -46.22
N GLY M 315 23.63 18.58 -46.61
CA GLY M 315 24.54 19.33 -47.43
C GLY M 315 25.14 20.50 -46.67
N ASP M 316 26.34 20.90 -47.06
CA ASP M 316 27.02 22.01 -46.41
C ASP M 316 26.32 23.33 -46.75
N ASP M 317 26.67 24.37 -46.00
CA ASP M 317 26.01 25.66 -46.14
C ASP M 317 26.81 26.72 -46.88
N GLU M 318 28.15 26.61 -46.89
CA GLU M 318 28.94 27.61 -47.60
C GLU M 318 30.07 27.05 -48.45
N THR M 319 30.53 25.82 -48.22
CA THR M 319 31.65 25.28 -48.99
C THR M 319 31.19 24.43 -50.18
N GLY M 320 30.39 23.41 -49.93
CA GLY M 320 29.93 22.56 -51.01
C GLY M 320 30.24 21.09 -50.85
N ILE M 321 30.35 20.62 -49.61
CA ILE M 321 30.57 19.21 -49.34
C ILE M 321 29.24 18.58 -48.93
N ILE M 322 29.17 17.27 -49.06
CA ILE M 322 28.06 16.47 -48.53
C ILE M 322 28.58 15.73 -47.31
N TRP M 323 27.82 15.77 -46.23
CA TRP M 323 28.24 15.17 -44.96
C TRP M 323 27.55 13.84 -44.75
N ARG M 324 28.10 13.05 -43.84
CA ARG M 324 27.43 11.86 -43.36
C ARG M 324 27.82 11.64 -41.90
N PHE M 325 26.94 10.97 -41.16
CA PHE M 325 27.10 10.79 -39.72
C PHE M 325 27.99 9.57 -39.48
N GLU M 326 29.27 9.82 -39.20
CA GLU M 326 30.20 8.76 -38.85
C GLU M 326 31.24 9.33 -37.90
N GLY M 327 31.70 8.49 -36.98
CA GLY M 327 32.69 8.96 -36.03
C GLY M 327 32.09 9.96 -35.06
N TYR M 328 32.97 10.73 -34.43
CA TYR M 328 32.54 11.74 -33.48
C TYR M 328 33.33 13.05 -33.61
N SER M 329 33.97 13.29 -34.74
CA SER M 329 34.71 14.52 -34.99
C SER M 329 34.05 15.28 -36.12
N ASP M 330 33.71 16.53 -35.88
CA ASP M 330 33.07 17.37 -36.88
C ASP M 330 34.13 17.88 -37.84
N ASN M 331 34.13 17.36 -39.07
CA ASN M 331 35.11 17.71 -40.10
C ASN M 331 36.54 17.49 -39.62
N GLY M 332 36.75 16.44 -38.82
CA GLY M 332 38.06 16.18 -38.26
C GLY M 332 38.47 17.12 -37.16
N GLY M 333 37.55 17.92 -36.63
CA GLY M 333 37.90 18.90 -35.62
C GLY M 333 37.41 18.54 -34.22
N VAL M 334 36.64 19.43 -33.62
CA VAL M 334 36.19 19.30 -32.24
C VAL M 334 34.67 19.33 -32.21
N LEU M 335 34.08 18.36 -31.52
CA LEU M 335 32.63 18.29 -31.32
C LEU M 335 32.32 18.62 -29.87
N GLU M 336 31.46 19.60 -29.63
CA GLU M 336 31.18 20.01 -28.23
C GLU M 336 29.88 19.40 -27.72
N ARG M 337 29.94 18.60 -26.65
CA ARG M 337 28.71 18.05 -26.03
C ARG M 337 28.46 18.81 -24.73
N ARG M 338 27.40 19.71 -24.69
CA ARG M 338 27.19 20.40 -23.42
C ARG M 338 25.74 20.25 -22.95
N PHE M 339 25.57 20.29 -21.62
CA PHE M 339 24.25 20.17 -21.02
C PHE M 339 24.28 20.76 -19.62
N ARG M 340 23.12 20.82 -18.99
CA ARG M 340 22.98 21.42 -17.67
C ARG M 340 22.07 20.57 -16.79
N ALA M 341 22.46 20.42 -15.54
CA ALA M 341 21.64 19.78 -14.52
C ALA M 341 21.52 20.73 -13.33
N GLY M 342 20.73 20.32 -12.34
CA GLY M 342 20.60 21.11 -11.14
C GLY M 342 19.22 20.97 -10.54
N ALA M 343 18.95 21.82 -9.55
CA ALA M 343 17.69 21.75 -8.84
C ALA M 343 17.42 23.08 -8.15
N THR M 344 16.16 23.28 -7.79
CA THR M 344 15.73 24.44 -7.03
C THR M 344 15.65 24.07 -5.55
N LEU M 345 16.21 24.91 -4.70
CA LEU M 345 16.28 24.57 -3.29
C LEU M 345 15.40 25.51 -2.46
N PRO M 346 14.72 25.00 -1.44
CA PRO M 346 13.91 25.87 -0.58
C PRO M 346 14.77 26.57 0.46
N GLY M 347 15.93 26.00 0.76
CA GLY M 347 16.85 26.57 1.72
C GLY M 347 18.27 26.19 1.43
N PRO M 348 19.15 26.31 2.42
CA PRO M 348 20.56 25.95 2.20
C PRO M 348 20.72 24.46 1.97
N PHE M 349 21.71 24.12 1.15
CA PHE M 349 21.99 22.73 0.82
C PHE M 349 23.47 22.58 0.51
N ARG M 350 24.11 21.61 1.15
CA ARG M 350 25.53 21.37 0.99
C ARG M 350 25.75 20.28 -0.04
N VAL M 351 26.61 20.55 -1.03
CA VAL M 351 26.93 19.60 -2.08
C VAL M 351 28.33 19.07 -1.78
N ASN M 352 28.39 17.92 -1.12
CA ASN M 352 29.67 17.34 -0.76
C ASN M 352 30.35 16.86 -2.03
N ARG M 353 29.66 16.06 -2.85
CA ARG M 353 30.21 15.58 -4.10
C ARG M 353 29.16 15.52 -5.20
N LEU M 354 29.62 15.67 -6.44
CA LEU M 354 28.78 15.59 -7.62
C LEU M 354 29.32 14.48 -8.51
N ARG M 355 28.57 13.40 -8.65
CA ARG M 355 28.96 12.27 -9.47
C ARG M 355 28.17 12.27 -10.77
N LEU M 356 28.85 11.93 -11.86
CA LEU M 356 28.24 11.94 -13.19
C LEU M 356 28.45 10.55 -13.80
N ILE M 357 27.44 9.69 -13.68
CA ILE M 357 27.49 8.36 -14.28
C ILE M 357 27.31 8.54 -15.77
N CYS M 358 28.38 8.29 -16.52
CA CYS M 358 28.43 8.49 -17.97
C CYS M 358 29.23 7.37 -18.62
N GLU M 359 29.62 7.56 -19.87
CA GLU M 359 30.48 6.60 -20.56
C GLU M 359 31.94 6.96 -20.32
N VAL M 360 32.73 5.97 -19.89
CA VAL M 360 34.14 6.17 -19.59
C VAL M 360 34.95 5.05 -20.24
N GLY M 361 36.22 5.35 -20.50
CA GLY M 361 37.15 4.35 -20.98
C GLY M 361 36.91 3.83 -22.38
N THR M 362 36.22 4.61 -23.22
CA THR M 362 35.90 4.19 -24.58
C THR M 362 36.57 5.12 -25.60
N THR M 363 37.81 5.49 -25.34
CA THR M 363 38.45 6.37 -26.30
C THR M 363 39.32 5.58 -27.27
N PRO M 364 39.24 5.85 -28.57
CA PRO M 364 40.05 5.12 -29.54
C PRO M 364 41.47 5.64 -29.69
N ASN M 365 41.85 6.66 -28.93
CA ASN M 365 43.18 7.25 -29.01
C ASN M 365 44.03 6.76 -27.84
N LEU M 366 45.26 6.34 -28.14
CA LEU M 366 46.18 5.85 -27.13
C LEU M 366 47.39 6.74 -26.91
N SER M 367 47.71 7.63 -27.85
CA SER M 367 48.90 8.46 -27.76
C SER M 367 48.66 9.94 -27.96
N GLY M 368 47.57 10.35 -28.61
CA GLY M 368 47.33 11.74 -28.87
C GLY M 368 46.88 12.51 -27.64
N GLU M 369 46.61 13.79 -27.85
CA GLU M 369 46.13 14.64 -26.76
C GLU M 369 44.76 14.21 -26.28
N TYR M 370 44.02 13.44 -27.08
CA TYR M 370 42.71 12.94 -26.70
C TYR M 370 42.78 11.51 -26.17
N ALA M 371 43.98 11.03 -25.79
CA ALA M 371 44.09 9.72 -25.18
C ALA M 371 43.33 9.65 -23.87
N ASP M 372 43.15 10.77 -23.20
CA ASP M 372 42.32 10.86 -22.01
C ASP M 372 41.50 12.14 -22.16
N PRO M 373 40.22 12.04 -22.49
CA PRO M 373 39.42 13.25 -22.69
C PRO M 373 39.13 13.95 -21.37
N VAL M 374 38.91 15.25 -21.46
CA VAL M 374 38.66 16.10 -20.31
C VAL M 374 37.24 16.64 -20.40
N ILE M 375 36.46 16.46 -19.34
CA ILE M 375 35.10 16.98 -19.24
C ILE M 375 35.08 18.02 -18.15
N GLU M 376 34.62 19.23 -18.48
CA GLU M 376 34.64 20.34 -17.56
C GLU M 376 33.25 20.57 -16.99
N MET M 377 33.19 21.01 -15.73
CA MET M 377 31.94 21.38 -15.09
C MET M 377 32.12 22.73 -14.43
N ARG M 378 31.07 23.55 -14.46
CA ARG M 378 31.06 24.79 -13.71
C ARG M 378 29.72 24.93 -13.01
N ALA M 379 29.75 25.58 -11.84
CA ALA M 379 28.59 25.67 -10.97
C ALA M 379 28.11 27.10 -10.86
N SER M 380 26.81 27.25 -10.62
CA SER M 380 26.18 28.55 -10.45
C SER M 380 25.08 28.46 -9.41
N ASP M 381 24.93 29.53 -8.63
CA ASP M 381 23.91 29.62 -7.60
C ASP M 381 22.80 30.61 -7.94
N ASP M 382 23.07 31.61 -8.77
CA ASP M 382 22.05 32.60 -9.15
C ASP M 382 21.32 32.20 -10.42
N ALA M 383 20.79 30.97 -10.44
CA ALA M 383 19.99 30.46 -11.55
C ALA M 383 20.74 30.52 -12.87
N GLY M 384 22.05 30.31 -12.82
CA GLY M 384 22.85 30.24 -14.02
C GLY M 384 23.21 31.57 -14.65
N ASN M 385 22.91 32.69 -14.00
CA ASN M 385 23.21 33.99 -14.58
C ASN M 385 24.70 34.27 -14.55
N THR M 386 25.37 33.98 -13.44
CA THR M 386 26.82 34.09 -13.32
C THR M 386 27.38 32.75 -12.92
N TRP M 387 28.57 32.44 -13.45
CA TRP M 387 29.16 31.12 -13.31
C TRP M 387 30.56 31.21 -12.71
N GLY M 388 31.01 30.07 -12.17
CA GLY M 388 32.35 29.95 -11.66
C GLY M 388 33.34 29.47 -12.71
N ILE M 389 34.53 29.12 -12.25
CA ILE M 389 35.60 28.68 -13.12
C ILE M 389 35.41 27.20 -13.45
N TRP M 390 35.62 26.84 -14.72
CA TRP M 390 35.50 25.46 -15.14
C TRP M 390 36.52 24.60 -14.41
N GLU M 391 36.06 23.45 -13.90
CA GLU M 391 36.94 22.45 -13.28
C GLU M 391 36.86 21.17 -14.09
N GLY M 392 38.01 20.60 -14.41
CA GLY M 392 38.09 19.48 -15.34
C GLY M 392 38.26 18.14 -14.63
N GLU M 393 37.61 17.13 -15.19
CA GLU M 393 37.78 15.73 -14.82
C GLU M 393 38.23 14.93 -16.04
N THR M 394 38.81 13.77 -15.76
CA THR M 394 39.32 12.88 -16.79
C THR M 394 38.32 11.75 -16.99
N LEU M 395 38.00 11.47 -18.25
CA LEU M 395 37.10 10.37 -18.56
C LEU M 395 37.80 9.01 -18.58
N GLY M 396 39.11 8.99 -18.36
CA GLY M 396 39.84 7.74 -18.31
C GLY M 396 40.43 7.36 -19.65
N ALA M 397 41.57 6.67 -19.59
CA ALA M 397 42.22 6.20 -20.80
C ALA M 397 41.45 5.02 -21.38
N GLN M 398 41.94 4.51 -22.51
CA GLN M 398 41.31 3.36 -23.14
C GLN M 398 41.41 2.14 -22.24
N GLY M 399 40.27 1.52 -21.96
CA GLY M 399 40.22 0.33 -21.13
C GLY M 399 39.85 0.59 -19.67
N ASN M 400 39.86 1.84 -19.22
CA ASN M 400 39.49 2.16 -17.84
C ASN M 400 37.99 2.36 -17.77
N TYR M 401 37.27 1.24 -17.75
CA TYR M 401 35.81 1.28 -17.69
C TYR M 401 35.27 1.47 -16.28
N ARG M 402 36.13 1.46 -15.27
CA ARG M 402 35.74 1.66 -13.88
C ARG M 402 36.03 3.07 -13.38
N GLN M 403 36.39 3.98 -14.28
CA GLN M 403 36.71 5.34 -13.89
C GLN M 403 35.48 6.04 -13.34
N ARG M 404 35.67 6.79 -12.26
CA ARG M 404 34.61 7.55 -11.62
C ARG M 404 34.74 9.03 -11.99
N VAL M 405 33.69 9.60 -12.55
CA VAL M 405 33.63 11.02 -12.88
C VAL M 405 32.94 11.70 -11.71
N GLU M 406 33.72 12.41 -10.88
CA GLU M 406 33.19 12.95 -9.64
C GLU M 406 33.97 14.20 -9.26
N TRP M 407 33.24 15.23 -8.85
CA TRP M 407 33.82 16.48 -8.36
C TRP M 407 33.55 16.58 -6.86
N ARG M 408 34.57 16.97 -6.09
CA ARG M 408 34.37 16.96 -4.61
C ARG M 408 34.27 18.39 -4.06
N ALA M 409 33.55 18.59 -2.95
CA ALA M 409 33.47 19.91 -2.27
C ALA M 409 32.95 21.03 -3.17
N LEU M 410 31.67 20.98 -3.57
CA LEU M 410 31.04 22.09 -4.32
C LEU M 410 30.59 23.30 -3.49
N GLY M 411 30.14 23.09 -2.25
CA GLY M 411 29.81 24.24 -1.37
C GLY M 411 28.34 24.35 -1.02
N LEU M 412 27.95 25.43 -0.32
CA LEU M 412 26.58 25.64 0.09
C LEU M 412 25.83 26.41 -0.99
N PHE M 413 24.64 25.94 -1.32
CA PHE M 413 23.77 26.59 -2.30
C PHE M 413 22.48 27.01 -1.62
N ASP M 414 22.02 28.20 -1.92
CA ASP M 414 20.94 28.86 -1.20
C ASP M 414 19.62 28.78 -1.99
N ASP M 415 18.65 29.56 -1.54
CA ASP M 415 17.29 29.51 -2.07
C ASP M 415 17.17 29.60 -3.59
N PRO M 416 17.90 30.46 -4.31
CA PRO M 416 17.71 30.51 -5.77
C PRO M 416 17.90 29.17 -6.46
N GLY M 417 18.79 28.32 -5.98
CA GLY M 417 18.98 26.99 -6.51
C GLY M 417 20.42 26.78 -6.96
N MET M 418 20.67 25.56 -7.44
CA MET M 418 21.97 25.17 -7.94
C MET M 418 21.85 24.72 -9.38
N LEU M 419 22.81 25.12 -10.21
CA LEU M 419 22.83 24.76 -11.62
C LEU M 419 24.25 24.44 -12.03
N PHE M 420 24.47 23.22 -12.52
CA PHE M 420 25.79 22.76 -12.95
C PHE M 420 25.78 22.55 -14.46
N GLU M 421 26.72 23.20 -15.16
CA GLU M 421 26.86 23.07 -16.59
C GLU M 421 28.07 22.19 -16.89
N HIS M 422 27.85 21.15 -17.69
CA HIS M 422 28.89 20.22 -18.09
C HIS M 422 29.17 20.37 -19.58
N ARG M 423 30.45 20.44 -19.93
CA ARG M 423 30.91 20.61 -21.30
C ARG M 423 31.97 19.57 -21.59
N MET M 424 31.99 19.09 -22.83
CA MET M 424 32.94 18.06 -23.25
C MET M 424 33.27 18.31 -24.72
N THR M 425 34.52 18.69 -25.00
CA THR M 425 34.91 19.08 -26.34
C THR M 425 35.99 18.16 -26.90
N ALA M 426 35.82 16.86 -26.74
CA ALA M 426 36.76 15.92 -27.32
C ALA M 426 36.09 15.14 -28.45
N PRO M 427 36.81 14.83 -29.52
CA PRO M 427 36.23 14.10 -30.66
C PRO M 427 36.13 12.59 -30.44
N VAL M 428 35.52 12.21 -29.32
CA VAL M 428 35.27 10.80 -29.00
C VAL M 428 33.81 10.67 -28.56
N SER M 429 33.36 9.41 -28.49
CA SER M 429 31.98 9.15 -28.13
C SER M 429 31.68 9.60 -26.70
N PHE M 430 30.42 9.97 -26.47
CA PHE M 430 30.00 10.44 -25.16
C PHE M 430 28.56 10.05 -24.92
N ARG M 431 28.24 9.74 -23.67
CA ARG M 431 26.89 9.38 -23.26
C ARG M 431 26.74 9.66 -21.78
N VAL M 432 25.64 10.30 -21.39
CA VAL M 432 25.37 10.64 -20.02
C VAL M 432 24.18 9.83 -19.53
N THR M 433 24.38 9.09 -18.44
CA THR M 433 23.30 8.30 -17.85
C THR M 433 22.61 9.01 -16.70
N ALA M 434 23.38 9.53 -15.74
CA ALA M 434 22.75 10.17 -14.59
C ALA M 434 23.72 11.13 -13.92
N VAL M 435 23.16 12.06 -13.14
CA VAL M 435 23.92 13.00 -12.34
C VAL M 435 23.35 12.98 -10.93
N THR M 436 24.20 12.72 -9.94
CA THR M 436 23.78 12.63 -8.55
C THR M 436 24.62 13.55 -7.67
N VAL M 437 24.02 13.98 -6.57
CA VAL M 437 24.68 14.79 -5.56
C VAL M 437 24.73 14.01 -4.25
N ASN M 438 25.86 14.09 -3.56
CA ASN M 438 26.04 13.45 -2.26
C ASN M 438 25.76 11.95 -2.32
N GLY M 439 26.35 11.29 -3.31
CA GLY M 439 26.16 9.86 -3.49
C GLY M 439 26.86 9.07 -2.40
N GLU M 440 26.51 7.79 -2.34
CA GLU M 440 27.10 6.89 -1.35
C GLU M 440 28.59 6.71 -1.62
N LEU M 441 29.35 6.59 -0.54
CA LEU M 441 30.81 6.51 -0.60
C LEU M 441 31.27 5.09 -0.32
N GLY M 442 32.37 4.72 -0.94
CA GLY M 442 32.95 3.40 -0.74
C GLY M 442 32.86 2.55 -1.99
N GLY M 443 33.86 1.69 -2.17
CA GLY M 443 33.88 0.80 -3.32
C GLY M 443 35.22 0.08 -3.39
N ARG M 444 35.35 -0.74 -4.41
CA ARG M 444 36.58 -1.49 -4.63
C ARG M 444 37.60 -0.61 -5.37
N SER M 445 38.74 -1.20 -5.70
CA SER M 445 39.79 -0.48 -6.39
C SER M 445 39.37 -0.18 -7.82
N ARG M 446 39.32 1.10 -8.18
CA ARG M 446 38.89 1.50 -9.51
C ARG M 446 39.94 2.38 -10.18
N ASP N 2 4.57 27.23 1.46
CA ASP N 2 4.33 27.70 0.10
C ASP N 2 2.92 28.23 -0.06
N LEU N 3 2.80 29.43 -0.63
CA LEU N 3 1.51 30.07 -0.87
C LEU N 3 1.10 29.88 -2.32
N ALA N 4 -0.18 29.64 -2.54
CA ALA N 4 -0.73 29.43 -3.87
C ALA N 4 -1.36 30.74 -4.35
N TYR N 5 -0.67 31.42 -5.27
CA TYR N 5 -1.18 32.66 -5.83
C TYR N 5 -2.28 32.36 -6.83
N GLY N 6 -3.16 33.35 -7.02
CA GLY N 6 -4.23 33.21 -7.99
C GLY N 6 -3.71 33.11 -9.41
N THR N 7 -3.87 31.93 -10.01
CA THR N 7 -3.36 31.71 -11.37
C THR N 7 -4.18 32.48 -12.42
N GLY N 8 -5.44 32.77 -12.13
CA GLY N 8 -6.28 33.48 -13.07
C GLY N 8 -7.05 34.58 -12.38
N ALA N 9 -7.46 35.57 -13.18
CA ALA N 9 -8.21 36.70 -12.66
C ALA N 9 -9.60 36.25 -12.26
N TYR N 10 -9.86 36.22 -10.95
CA TYR N 10 -11.15 35.81 -10.41
C TYR N 10 -11.62 36.88 -9.43
N ALA N 11 -12.44 37.81 -9.92
CA ALA N 11 -12.97 38.91 -9.12
C ALA N 11 -14.50 38.82 -9.14
N ARG N 12 -15.05 38.08 -8.19
CA ARG N 12 -16.50 37.89 -8.08
C ARG N 12 -17.00 38.71 -6.89
N THR N 13 -17.76 39.77 -7.19
CA THR N 13 -18.29 40.64 -6.15
C THR N 13 -19.59 40.12 -5.55
N ARG N 14 -20.22 39.11 -6.16
CA ARG N 14 -21.42 38.52 -5.60
C ARG N 14 -21.04 37.56 -4.48
N GLY N 15 -21.59 37.78 -3.30
CA GLY N 15 -21.20 37.01 -2.13
C GLY N 15 -19.95 37.48 -1.44
N ASN N 16 -19.34 38.57 -1.91
CA ASN N 16 -18.14 39.15 -1.30
C ASN N 16 -17.03 38.11 -1.19
N LEU N 17 -16.90 37.27 -2.21
CA LEU N 17 -15.84 36.29 -2.23
C LEU N 17 -14.48 36.99 -2.36
N PRO N 18 -13.43 36.41 -1.79
CA PRO N 18 -12.10 37.00 -1.94
C PRO N 18 -11.71 37.09 -3.41
N GLU N 19 -11.08 38.20 -3.78
CA GLU N 19 -10.72 38.47 -5.16
C GLU N 19 -9.23 38.23 -5.36
N LEU N 20 -8.89 37.67 -6.52
CA LEU N 20 -7.50 37.42 -6.90
C LEU N 20 -7.26 38.02 -8.28
N PRO N 21 -7.21 39.36 -8.36
CA PRO N 21 -7.06 40.01 -9.66
C PRO N 21 -5.63 39.91 -10.17
N LEU N 22 -5.48 39.62 -11.45
CA LEU N 22 -4.18 39.57 -12.11
C LEU N 22 -4.12 40.70 -13.12
N VAL N 23 -3.15 41.60 -12.95
CA VAL N 23 -3.02 42.78 -13.80
C VAL N 23 -1.73 42.66 -14.58
N ASN N 24 -1.85 42.62 -15.91
CA ASN N 24 -0.71 42.59 -16.83
C ASN N 24 0.21 41.40 -16.60
N LEU N 25 -0.31 40.34 -15.99
CA LEU N 25 0.45 39.11 -15.77
C LEU N 25 -0.40 37.92 -16.23
N PHE N 26 0.26 36.94 -16.83
CA PHE N 26 -0.44 35.74 -17.29
C PHE N 26 0.38 34.51 -16.95
N VAL N 27 -0.33 33.39 -16.78
CA VAL N 27 0.30 32.13 -16.41
C VAL N 27 0.87 31.48 -17.67
N GLU N 28 2.11 31.01 -17.57
CA GLU N 28 2.75 30.27 -18.65
C GLU N 28 3.43 29.02 -18.08
N ALA N 29 3.27 27.90 -18.78
CA ALA N 29 3.94 26.68 -18.39
C ALA N 29 5.44 26.76 -18.71
N THR N 30 6.26 26.23 -17.82
CA THR N 30 7.71 26.28 -17.98
C THR N 30 8.33 24.96 -17.52
N ARG N 31 9.56 24.72 -17.97
CA ARG N 31 10.30 23.53 -17.60
C ARG N 31 11.43 23.80 -16.64
N SER N 32 11.77 25.06 -16.39
CA SER N 32 12.91 25.38 -15.54
C SER N 32 12.67 24.95 -14.10
N ASP N 33 11.46 25.18 -13.59
CA ASP N 33 11.13 24.94 -12.19
C ASP N 33 10.20 23.74 -12.04
N GLN N 34 10.14 23.21 -10.81
CA GLN N 34 9.35 22.02 -10.55
C GLN N 34 7.86 22.30 -10.57
N ARG N 35 7.44 23.50 -10.17
CA ARG N 35 6.02 23.83 -10.12
C ARG N 35 5.38 23.85 -11.50
N GLY N 36 6.17 24.02 -12.55
CA GLY N 36 5.70 23.91 -13.91
C GLY N 36 5.20 25.19 -14.53
N VAL N 37 4.65 26.10 -13.73
CA VAL N 37 4.06 27.33 -14.24
C VAL N 37 4.71 28.54 -13.57
N VAL N 38 4.66 29.66 -14.28
CA VAL N 38 5.18 30.94 -13.80
C VAL N 38 4.23 32.04 -14.23
N LEU N 39 4.40 33.22 -13.64
CA LEU N 39 3.66 34.41 -14.02
C LEU N 39 4.57 35.33 -14.82
N GLN N 40 4.18 35.64 -16.05
CA GLN N 40 4.97 36.49 -16.91
C GLN N 40 4.21 37.78 -17.21
N SER N 41 4.95 38.89 -17.26
CA SER N 41 4.37 40.20 -17.49
C SER N 41 4.24 40.48 -18.97
N ARG N 42 3.11 41.06 -19.36
CA ARG N 42 2.90 41.45 -20.74
C ARG N 42 3.85 42.58 -21.12
N LYS N 43 4.26 42.58 -22.39
CA LYS N 43 5.17 43.60 -22.88
C LYS N 43 4.44 44.94 -23.04
N GLY N 44 5.21 46.02 -23.01
CA GLY N 44 4.66 47.35 -23.12
C GLY N 44 4.25 47.70 -24.53
N LEU N 45 3.61 48.86 -24.66
CA LEU N 45 3.13 49.36 -25.93
C LEU N 45 4.10 50.42 -26.45
N VAL N 46 4.55 50.25 -27.68
CA VAL N 46 5.54 51.12 -28.31
C VAL N 46 4.98 51.63 -29.64
N GLU N 47 5.48 52.79 -30.06
CA GLU N 47 5.10 53.39 -31.33
C GLU N 47 5.30 52.42 -32.48
N ASP N 48 4.31 52.33 -33.37
CA ASP N 48 4.49 51.65 -34.64
C ASP N 48 4.10 52.52 -35.83
N ALA N 49 3.03 53.31 -35.70
CA ALA N 49 2.60 54.25 -36.72
C ALA N 49 1.58 55.18 -36.11
N GLU N 50 1.66 56.46 -36.49
CA GLU N 50 0.70 57.47 -36.08
C GLU N 50 -0.12 57.85 -37.30
N VAL N 51 -1.37 57.39 -37.33
CA VAL N 51 -2.23 57.57 -38.49
C VAL N 51 -3.52 58.25 -38.04
N GLY N 52 -3.86 59.36 -38.70
CA GLY N 52 -5.11 60.03 -38.40
C GLY N 52 -5.10 60.71 -37.04
N THR N 53 -6.29 61.11 -36.61
CA THR N 53 -6.49 61.75 -35.32
C THR N 53 -7.49 61.02 -34.43
N GLY N 54 -8.57 60.51 -35.00
CA GLY N 54 -9.57 59.83 -34.23
C GLY N 54 -9.17 58.41 -33.89
N PRO N 55 -10.03 57.74 -33.12
CA PRO N 55 -9.72 56.37 -32.68
C PRO N 55 -9.54 55.42 -33.86
N ILE N 56 -8.61 54.49 -33.71
CA ILE N 56 -8.35 53.49 -34.74
C ILE N 56 -9.44 52.42 -34.64
N ARG N 57 -10.35 52.41 -35.60
CA ARG N 57 -11.46 51.47 -35.62
C ARG N 57 -11.10 50.16 -36.30
N GLY N 58 -9.95 50.06 -36.96
CA GLY N 58 -9.56 48.84 -37.62
C GLY N 58 -8.29 48.97 -38.43
N VAL N 59 -7.44 47.94 -38.40
CA VAL N 59 -6.19 47.91 -39.14
C VAL N 59 -6.18 46.64 -39.99
N PHE N 60 -5.82 46.78 -41.27
CA PHE N 60 -5.74 45.66 -42.19
C PHE N 60 -4.33 45.59 -42.77
N ARG N 61 -3.77 44.38 -42.78
CA ARG N 61 -2.43 44.16 -43.30
C ARG N 61 -2.38 42.80 -43.96
N LYS N 62 -2.16 42.77 -45.27
CA LYS N 62 -1.93 41.54 -45.99
C LYS N 62 -0.89 41.80 -47.08
N ASP N 63 0.19 41.01 -47.06
CA ASP N 63 1.29 41.24 -47.98
C ASP N 63 0.87 41.04 -49.42
N GLY N 64 0.03 40.04 -49.68
CA GLY N 64 -0.41 39.75 -51.03
C GLY N 64 -1.61 40.53 -51.51
N VAL N 65 -2.09 41.48 -50.72
CA VAL N 65 -3.27 42.29 -51.07
C VAL N 65 -2.81 43.71 -51.33
N LEU N 66 -3.00 44.16 -52.58
CA LEU N 66 -2.73 45.54 -52.97
C LEU N 66 -1.30 45.96 -52.64
N GLY N 67 -0.35 45.04 -52.86
CA GLY N 67 1.05 45.36 -52.68
C GLY N 67 1.51 45.40 -51.24
N GLY N 68 0.69 44.96 -50.29
CA GLY N 68 1.09 44.90 -48.90
C GLY N 68 0.95 46.19 -48.12
N ALA N 69 0.35 47.23 -48.69
CA ALA N 69 0.12 48.46 -47.96
C ALA N 69 -0.97 48.26 -46.91
N GLU N 70 -0.78 48.89 -45.75
CA GLU N 70 -1.76 48.78 -44.67
C GLU N 70 -2.90 49.76 -44.87
N PHE N 71 -4.06 49.41 -44.33
CA PHE N 71 -5.25 50.25 -44.43
C PHE N 71 -5.80 50.47 -43.02
N VAL N 72 -5.77 51.72 -42.57
CA VAL N 72 -6.21 52.04 -41.19
C VAL N 72 -7.45 52.91 -41.23
N VAL N 73 -8.46 52.60 -40.40
CA VAL N 73 -9.68 53.45 -40.34
C VAL N 73 -9.59 54.37 -39.12
N SER N 74 -9.28 55.65 -39.33
CA SER N 74 -9.28 56.61 -38.19
C SER N 74 -10.69 57.19 -38.05
N ASP N 75 -10.88 58.19 -37.19
CA ASP N 75 -12.21 58.83 -37.05
C ASP N 75 -12.72 59.19 -38.44
N ASP N 76 -13.85 58.60 -38.86
CA ASP N 76 -14.47 58.93 -40.17
C ASP N 76 -13.45 59.09 -41.31
N GLU N 77 -12.44 58.23 -41.40
CA GLU N 77 -11.39 58.45 -42.44
C GLU N 77 -10.59 57.18 -42.73
N LEU N 78 -10.42 56.83 -44.02
CA LEU N 78 -9.59 55.71 -44.41
C LEU N 78 -8.21 56.20 -44.82
N TYR N 79 -7.16 55.49 -44.41
CA TYR N 79 -5.80 55.88 -44.67
C TYR N 79 -4.99 54.70 -45.21
N GLU N 80 -4.12 55.00 -46.18
CA GLU N 80 -3.18 54.02 -46.72
C GLU N 80 -1.80 54.66 -46.74
N ASP N 81 -0.86 54.09 -45.98
CA ASP N 81 0.51 54.62 -45.87
C ASP N 81 0.51 56.07 -45.41
N GLY N 82 -0.39 56.40 -44.49
CA GLY N 82 -0.48 57.75 -43.97
C GLY N 82 -1.17 58.73 -44.89
N VAL N 83 -1.75 58.27 -46.00
CA VAL N 83 -2.43 59.13 -46.96
C VAL N 83 -3.91 58.84 -46.86
N SER N 84 -4.71 59.88 -46.61
CA SER N 84 -6.14 59.71 -46.51
C SER N 84 -6.73 59.38 -47.89
N LEU N 85 -7.70 58.47 -47.90
CA LEU N 85 -8.36 58.06 -49.14
C LEU N 85 -9.80 58.52 -49.23
N GLY N 86 -10.48 58.74 -48.09
CA GLY N 86 -11.85 59.30 -48.16
C GLY N 86 -12.64 59.21 -46.87
N THR N 87 -13.73 59.99 -46.76
CA THR N 87 -14.63 59.95 -45.56
C THR N 87 -15.55 58.72 -45.70
N ILE N 88 -15.51 57.81 -44.72
CA ILE N 88 -16.34 56.57 -44.77
C ILE N 88 -17.55 56.77 -43.86
N ASN N 89 -18.74 56.35 -44.33
CA ASN N 89 -19.98 56.53 -43.53
C ASN N 89 -20.26 55.27 -42.70
N GLY N 90 -20.84 55.43 -41.51
CA GLY N 90 -21.16 54.28 -40.64
C GLY N 90 -20.53 54.41 -39.26
N THR N 91 -21.34 54.26 -38.20
CA THR N 91 -20.74 54.30 -36.84
C THR N 91 -20.50 52.91 -36.26
N GLY N 92 -20.74 51.87 -37.05
CA GLY N 92 -20.60 50.50 -36.54
C GLY N 92 -19.17 50.00 -36.62
N PRO N 93 -18.88 48.84 -36.00
CA PRO N 93 -17.55 48.21 -36.08
C PRO N 93 -17.11 48.04 -37.52
N VAL N 94 -15.81 48.21 -37.74
CA VAL N 94 -15.24 48.20 -39.08
C VAL N 94 -14.82 46.77 -39.45
N SER N 95 -15.24 46.33 -40.64
CA SER N 95 -14.91 45.00 -41.13
C SER N 95 -14.25 45.13 -42.50
N PHE N 96 -13.20 44.32 -42.72
CA PHE N 96 -12.46 44.32 -43.97
C PHE N 96 -12.64 42.99 -44.68
N ALA N 97 -12.74 43.04 -46.01
CA ALA N 97 -12.79 41.84 -46.84
C ALA N 97 -12.01 42.14 -48.12
N ALA N 98 -10.87 41.49 -48.31
CA ALA N 98 -9.98 41.84 -49.40
C ALA N 98 -9.52 40.60 -50.16
N ILE N 99 -9.34 40.79 -51.47
CA ILE N 99 -8.65 39.84 -52.32
C ILE N 99 -7.56 40.60 -53.08
N GLU N 100 -6.76 39.87 -53.85
CA GLU N 100 -5.47 40.35 -54.31
C GLU N 100 -5.54 41.70 -55.02
N ASP N 101 -6.72 42.15 -55.45
CA ASP N 101 -6.84 43.40 -56.17
C ASP N 101 -7.96 44.31 -55.68
N GLU N 102 -8.65 43.96 -54.60
CA GLU N 102 -9.78 44.77 -54.14
C GLU N 102 -9.91 44.66 -52.63
N LEU N 103 -10.27 45.77 -51.99
CA LEU N 103 -10.53 45.82 -50.57
C LEU N 103 -11.90 46.43 -50.33
N LEU N 104 -12.71 45.77 -49.50
CA LEU N 104 -14.03 46.24 -49.13
C LEU N 104 -14.05 46.54 -47.64
N VAL N 105 -14.51 47.74 -47.29
CA VAL N 105 -14.59 48.19 -45.91
C VAL N 105 -16.04 48.46 -45.57
N CYS N 106 -16.51 47.89 -44.46
CA CYS N 106 -17.87 48.10 -43.99
C CYS N 106 -17.81 48.75 -42.61
N ALA N 107 -18.50 49.88 -42.46
CA ALA N 107 -18.57 50.58 -41.19
C ALA N 107 -19.93 50.46 -40.52
N GLY N 108 -20.79 49.56 -40.99
CA GLY N 108 -22.11 49.35 -40.44
C GLY N 108 -23.23 49.97 -41.23
N GLU N 109 -22.92 50.85 -42.19
CA GLU N 109 -23.96 51.50 -42.98
C GLU N 109 -23.81 51.28 -44.48
N SER N 110 -22.60 51.36 -45.02
CA SER N 110 -22.41 51.16 -46.45
C SER N 110 -21.04 50.53 -46.69
N ILE N 111 -20.91 49.91 -47.86
CA ILE N 111 -19.68 49.23 -48.26
C ILE N 111 -18.86 50.18 -49.13
N TRP N 112 -17.55 50.23 -48.89
CA TRP N 112 -16.64 51.04 -49.68
C TRP N 112 -15.61 50.13 -50.34
N SER N 113 -15.38 50.35 -51.63
CA SER N 113 -14.46 49.55 -52.42
C SER N 113 -13.24 50.37 -52.81
N TYR N 114 -12.07 49.76 -52.67
CA TYR N 114 -10.80 50.37 -53.05
C TYR N 114 -10.00 49.39 -53.88
N ASP N 115 -9.35 49.90 -54.93
CA ASP N 115 -8.61 49.03 -55.83
C ASP N 115 -7.26 49.63 -56.23
N GLY N 116 -6.69 50.52 -55.41
CA GLY N 116 -5.43 51.15 -55.72
C GLY N 116 -5.53 52.42 -56.53
N THR N 117 -6.73 52.78 -56.99
CA THR N 117 -6.93 54.00 -57.78
C THR N 117 -7.79 55.01 -57.03
N THR N 118 -8.98 54.62 -56.59
CA THR N 118 -9.86 55.53 -55.87
C THR N 118 -10.79 54.71 -54.99
N LEU N 119 -11.32 55.37 -53.96
CA LEU N 119 -12.29 54.77 -53.05
C LEU N 119 -13.68 55.18 -53.47
N ASP N 120 -14.57 54.19 -53.61
CA ASP N 120 -15.91 54.44 -54.10
C ASP N 120 -16.93 53.73 -53.21
N GLU N 121 -18.18 54.19 -53.29
CA GLU N 121 -19.28 53.54 -52.58
C GLU N 121 -19.85 52.42 -53.44
N VAL N 122 -20.11 51.28 -52.80
CA VAL N 122 -20.64 50.12 -53.49
C VAL N 122 -22.16 50.19 -53.51
N THR N 123 -22.74 50.00 -54.69
CA THR N 123 -24.19 50.04 -54.85
C THR N 123 -24.78 48.74 -54.33
N PHE N 124 -25.55 48.83 -53.26
CA PHE N 124 -26.17 47.66 -52.64
C PHE N 124 -27.64 47.58 -53.00
N PRO N 125 -28.20 46.37 -53.10
CA PRO N 125 -29.63 46.23 -53.40
C PRO N 125 -30.48 46.97 -52.38
N ASP N 126 -31.50 47.66 -52.88
CA ASP N 126 -32.46 48.43 -52.09
C ASP N 126 -31.81 49.54 -51.26
N GLY N 127 -30.52 49.80 -51.47
CA GLY N 127 -29.82 50.79 -50.67
C GLY N 127 -29.82 50.48 -49.19
N ALA N 128 -29.99 49.22 -48.80
CA ALA N 128 -30.12 48.84 -47.40
C ALA N 128 -28.77 48.91 -46.70
N ASP N 129 -28.84 49.12 -45.38
CA ASP N 129 -27.64 49.18 -44.56
C ASP N 129 -27.01 47.80 -44.44
N VAL N 130 -25.68 47.77 -44.42
CA VAL N 130 -24.92 46.53 -44.35
C VAL N 130 -24.26 46.44 -42.99
N THR N 131 -24.59 45.37 -42.24
CA THR N 131 -24.01 45.20 -40.91
C THR N 131 -22.51 44.92 -40.99
N LYS N 132 -22.12 43.95 -41.81
CA LYS N 132 -20.71 43.59 -41.94
C LYS N 132 -20.52 42.74 -43.18
N VAL N 133 -19.28 42.74 -43.68
CA VAL N 133 -18.91 42.03 -44.90
C VAL N 133 -17.72 41.13 -44.59
N ALA N 134 -17.55 40.10 -45.42
CA ALA N 134 -16.44 39.15 -45.31
C ALA N 134 -16.23 38.48 -46.66
N TYR N 135 -15.18 37.67 -46.74
CA TYR N 135 -14.84 36.96 -47.96
C TYR N 135 -14.72 35.47 -47.68
N SER N 136 -15.25 34.65 -48.57
CA SER N 136 -15.18 33.21 -48.41
C SER N 136 -15.37 32.52 -49.76
N SER N 137 -14.46 31.60 -50.08
CA SER N 137 -14.57 30.72 -51.25
C SER N 137 -14.86 31.51 -52.53
N GLY N 138 -14.16 32.62 -52.72
CA GLY N 138 -14.29 33.41 -53.92
C GLY N 138 -15.48 34.34 -53.96
N TYR N 139 -16.27 34.41 -52.89
CA TYR N 139 -17.44 35.27 -52.84
C TYR N 139 -17.31 36.28 -51.72
N PHE N 140 -18.02 37.40 -51.87
CA PHE N 140 -18.10 38.41 -50.83
C PHE N 140 -19.48 38.35 -50.20
N ILE N 141 -19.53 38.20 -48.88
CA ILE N 141 -20.77 38.06 -48.13
C ILE N 141 -21.02 39.36 -47.37
N ALA N 142 -22.23 39.88 -47.49
CA ALA N 142 -22.63 41.09 -46.77
C ALA N 142 -23.95 40.83 -46.07
N LEU N 143 -24.01 41.15 -44.77
CA LEU N 143 -25.20 40.93 -43.97
C LEU N 143 -26.06 42.19 -44.00
N ARG N 144 -27.34 42.05 -44.40
CA ARG N 144 -28.22 43.20 -44.39
C ARG N 144 -28.59 43.57 -42.96
N ALA N 145 -28.52 44.86 -42.66
CA ALA N 145 -28.75 45.32 -41.30
C ALA N 145 -30.23 45.23 -40.94
N GLY N 146 -30.52 44.67 -39.76
CA GLY N 146 -31.87 44.61 -39.25
C GLY N 146 -32.70 43.44 -39.74
N THR N 147 -32.19 42.64 -40.66
CA THR N 147 -32.89 41.50 -41.22
C THR N 147 -32.01 40.26 -41.19
N GLY N 148 -32.62 39.12 -41.50
CA GLY N 148 -31.89 37.87 -41.57
C GLY N 148 -31.50 37.50 -42.98
N GLN N 149 -31.10 38.50 -43.77
CA GLN N 149 -30.71 38.31 -45.15
C GLN N 149 -29.21 38.50 -45.29
N TRP N 150 -28.56 37.63 -46.06
CA TRP N 150 -27.16 37.84 -46.40
C TRP N 150 -26.98 37.67 -47.91
N TYR N 151 -26.34 38.66 -48.53
CA TYR N 151 -26.14 38.69 -49.97
C TYR N 151 -24.71 38.28 -50.30
N PHE N 152 -24.54 37.69 -51.49
CA PHE N 152 -23.23 37.29 -51.97
C PHE N 152 -22.97 37.98 -53.31
N SER N 153 -21.75 38.46 -53.50
CA SER N 153 -21.37 39.19 -54.70
C SER N 153 -20.96 38.21 -55.79
N ALA N 154 -20.43 38.74 -56.90
CA ALA N 154 -19.99 37.91 -58.00
C ALA N 154 -18.65 37.26 -57.66
N LEU N 155 -18.09 36.54 -58.64
CA LEU N 155 -16.84 35.82 -58.43
C LEU N 155 -15.67 36.80 -58.41
N TYR N 156 -15.01 36.91 -57.26
CA TYR N 156 -13.83 37.78 -57.09
C TYR N 156 -14.12 39.22 -57.50
N ASP N 157 -15.34 39.68 -57.25
CA ASP N 157 -15.73 41.05 -57.57
C ASP N 157 -16.79 41.49 -56.58
N GLY N 158 -16.46 42.49 -55.76
CA GLY N 158 -17.37 42.99 -54.75
C GLY N 158 -18.16 44.22 -55.13
N THR N 159 -17.98 44.74 -56.34
CA THR N 159 -18.70 45.93 -56.77
C THR N 159 -20.03 45.62 -57.43
N SER N 160 -20.34 44.36 -57.67
CA SER N 160 -21.58 43.94 -58.33
C SER N 160 -22.37 43.05 -57.38
N TRP N 161 -23.45 43.60 -56.81
CA TRP N 161 -24.34 42.87 -55.93
C TRP N 161 -25.72 42.81 -56.56
N ASP N 162 -26.28 41.61 -56.68
CA ASP N 162 -27.57 41.40 -57.30
C ASP N 162 -28.63 41.19 -56.23
N GLY N 163 -29.81 41.78 -56.44
CA GLY N 163 -30.87 41.70 -55.46
C GLY N 163 -31.35 40.28 -55.20
N LEU N 164 -31.37 39.45 -56.24
CA LEU N 164 -31.80 38.07 -56.09
C LEU N 164 -30.69 37.17 -55.52
N ASP N 165 -29.46 37.67 -55.43
CA ASP N 165 -28.35 36.89 -54.88
C ASP N 165 -28.31 37.04 -53.35
N PHE N 166 -29.35 36.51 -52.70
CA PHE N 166 -29.48 36.59 -51.25
C PHE N 166 -29.87 35.22 -50.71
N ALA N 167 -29.58 35.01 -49.43
CA ALA N 167 -29.97 33.79 -48.74
C ALA N 167 -30.42 34.15 -47.32
N THR N 168 -31.15 33.21 -46.73
CA THR N 168 -31.84 33.44 -45.47
C THR N 168 -31.46 32.36 -44.46
N ALA N 169 -31.53 32.72 -43.18
CA ALA N 169 -31.40 31.76 -42.09
C ALA N 169 -32.80 31.40 -41.64
N GLU N 170 -33.31 30.28 -42.19
CA GLU N 170 -34.71 29.91 -41.95
C GLU N 170 -34.98 29.61 -40.49
N SER N 171 -34.05 28.94 -39.81
CA SER N 171 -34.23 28.62 -38.40
C SER N 171 -34.11 29.85 -37.50
N GLU N 172 -33.66 30.98 -38.03
CA GLU N 172 -33.50 32.21 -37.26
C GLU N 172 -34.47 33.27 -37.78
N PRO N 173 -35.58 33.52 -37.08
CA PRO N 173 -36.55 34.52 -37.57
C PRO N 173 -36.15 35.96 -37.29
N ASP N 174 -35.08 36.19 -36.56
CA ASP N 174 -34.60 37.54 -36.28
C ASP N 174 -33.29 37.81 -37.02
N ALA N 175 -32.78 39.02 -36.85
CA ALA N 175 -31.68 39.50 -37.68
C ALA N 175 -30.36 38.82 -37.33
N LEU N 176 -29.50 38.71 -38.34
CA LEU N 176 -28.13 38.25 -38.14
C LEU N 176 -27.25 39.42 -37.74
N LEU N 177 -26.17 39.11 -37.03
CA LEU N 177 -25.30 40.15 -36.50
C LEU N 177 -23.82 39.97 -36.82
N ASP N 178 -23.33 38.75 -37.07
CA ASP N 178 -21.91 38.57 -37.29
C ASP N 178 -21.67 37.39 -38.22
N ILE N 179 -20.46 37.37 -38.81
CA ILE N 179 -20.00 36.27 -39.64
C ILE N 179 -18.57 35.93 -39.27
N VAL N 180 -18.26 34.64 -39.30
CA VAL N 180 -16.91 34.17 -39.06
C VAL N 180 -16.57 33.12 -40.11
N VAL N 181 -15.44 33.29 -40.79
CA VAL N 181 -14.99 32.34 -41.80
C VAL N 181 -14.20 31.25 -41.09
N LEU N 182 -14.88 30.16 -40.73
CA LEU N 182 -14.27 29.03 -40.09
C LEU N 182 -14.09 27.91 -41.10
N ASP N 183 -12.86 27.42 -41.24
CA ASP N 183 -12.53 26.32 -42.13
C ASP N 183 -13.12 26.58 -43.51
N GLY N 184 -12.68 27.65 -44.15
CA GLY N 184 -13.14 28.01 -45.48
C GLY N 184 -14.62 28.26 -45.64
N ASN N 185 -15.40 28.20 -44.56
CA ASN N 185 -16.85 28.27 -44.72
C ASN N 185 -17.44 29.32 -43.78
N PRO N 186 -18.53 29.96 -44.17
CA PRO N 186 -19.11 31.01 -43.32
C PRO N 186 -19.97 30.43 -42.21
N VAL N 187 -19.87 31.06 -41.04
CA VAL N 187 -20.71 30.75 -39.89
C VAL N 187 -21.40 32.03 -39.47
N PHE N 188 -22.72 31.98 -39.34
CA PHE N 188 -23.55 33.16 -39.09
C PHE N 188 -23.98 33.20 -37.64
N PHE N 189 -23.75 34.33 -36.99
CA PHE N 189 -24.15 34.55 -35.61
C PHE N 189 -25.30 35.54 -35.60
N GLY N 190 -26.49 35.06 -35.23
CA GLY N 190 -27.65 35.90 -35.02
C GLY N 190 -27.89 36.12 -33.53
N THR N 191 -28.95 36.87 -33.25
CA THR N 191 -29.27 37.21 -31.87
C THR N 191 -29.77 36.00 -31.08
N GLN N 192 -30.37 35.01 -31.74
CA GLN N 192 -30.91 33.85 -31.04
C GLN N 192 -30.37 32.52 -31.51
N SER N 193 -29.64 32.45 -32.63
CA SER N 193 -29.16 31.18 -33.12
C SER N 193 -27.85 31.38 -33.87
N VAL N 194 -27.10 30.29 -34.02
CA VAL N 194 -25.86 30.26 -34.78
C VAL N 194 -25.99 29.20 -35.87
N GLU N 195 -25.73 29.59 -37.11
CA GLU N 195 -25.94 28.73 -38.27
C GLU N 195 -24.61 28.40 -38.93
N PHE N 196 -24.47 27.15 -39.35
CA PHE N 196 -23.29 26.68 -40.08
C PHE N 196 -23.65 26.50 -41.55
N TRP N 197 -22.85 27.11 -42.43
CA TRP N 197 -23.08 27.04 -43.86
C TRP N 197 -21.80 26.58 -44.55
N SER N 198 -21.96 25.89 -45.67
CA SER N 198 -20.84 25.32 -46.42
C SER N 198 -20.90 25.78 -47.87
N ALA N 199 -19.73 25.91 -48.47
CA ALA N 199 -19.62 26.36 -49.85
C ALA N 199 -19.94 25.20 -50.80
N THR N 200 -20.66 25.50 -51.86
CA THR N 200 -21.03 24.52 -52.88
C THR N 200 -20.44 24.92 -54.22
N GLY N 201 -20.12 23.91 -55.03
CA GLY N 201 -19.61 24.18 -56.37
C GLY N 201 -20.66 24.68 -57.33
N ASP N 202 -21.92 24.60 -56.96
CA ASP N 202 -23.01 25.07 -57.82
C ASP N 202 -22.98 26.59 -57.87
N PRO N 203 -22.85 27.21 -59.06
CA PRO N 203 -22.78 28.68 -59.10
C PRO N 203 -24.13 29.36 -58.89
N ASP N 204 -25.24 28.71 -59.21
CA ASP N 204 -26.55 29.32 -58.96
C ASP N 204 -26.79 29.48 -57.47
N ILE N 205 -26.58 28.42 -56.69
CA ILE N 205 -26.64 28.48 -55.24
C ILE N 205 -25.25 28.13 -54.70
N PRO N 206 -24.48 29.14 -54.28
CA PRO N 206 -23.08 28.88 -53.90
C PRO N 206 -22.89 28.40 -52.48
N PHE N 207 -23.88 28.59 -51.60
CA PHE N 207 -23.75 28.20 -50.20
C PHE N 207 -25.01 27.47 -49.75
N ALA N 208 -24.82 26.43 -48.93
CA ALA N 208 -25.93 25.66 -48.42
C ALA N 208 -25.81 25.51 -46.91
N PRO N 209 -26.92 25.54 -46.18
CA PRO N 209 -26.84 25.43 -44.72
C PRO N 209 -26.62 23.99 -44.28
N ILE N 210 -25.73 23.81 -43.32
CA ILE N 210 -25.47 22.50 -42.75
C ILE N 210 -26.54 22.21 -41.71
N GLN N 211 -27.33 21.17 -41.95
CA GLN N 211 -28.48 20.89 -41.11
C GLN N 211 -28.07 20.20 -39.82
N ASN N 212 -28.96 20.30 -38.82
CA ASN N 212 -28.84 19.62 -37.54
C ASN N 212 -27.61 20.04 -36.73
N ARG N 213 -27.01 21.18 -37.06
CA ARG N 213 -25.92 21.74 -36.25
C ARG N 213 -26.16 23.24 -36.11
N THR N 214 -26.93 23.62 -35.10
CA THR N 214 -27.14 25.01 -34.75
C THR N 214 -27.06 25.16 -33.24
N PHE N 215 -26.46 26.26 -32.78
CA PHE N 215 -26.40 26.58 -31.37
C PHE N 215 -27.41 27.67 -31.05
N GLU N 216 -28.26 27.42 -30.06
CA GLU N 216 -29.28 28.39 -29.67
C GLU N 216 -28.72 29.54 -28.85
N GLN N 217 -27.44 29.51 -28.49
CA GLN N 217 -26.79 30.65 -27.86
C GLN N 217 -26.41 31.65 -28.94
N GLY N 218 -27.14 32.76 -29.01
CA GLY N 218 -26.92 33.74 -30.05
C GLY N 218 -25.66 34.55 -29.87
N ILE N 219 -25.64 35.77 -30.39
CA ILE N 219 -24.52 36.68 -30.24
C ILE N 219 -25.02 37.98 -29.63
N PHE N 220 -24.22 38.58 -28.77
CA PHE N 220 -24.65 39.78 -28.06
C PHE N 220 -24.79 40.96 -29.01
N ALA N 221 -23.78 41.19 -29.84
CA ALA N 221 -23.77 42.32 -30.77
C ALA N 221 -22.72 42.05 -31.84
N THR N 222 -22.63 42.96 -32.80
CA THR N 222 -21.65 42.84 -33.86
C THR N 222 -20.24 43.00 -33.32
N GLY N 223 -19.30 42.24 -33.91
CA GLY N 223 -17.92 42.31 -33.46
C GLY N 223 -17.61 41.50 -32.23
N CYS N 224 -18.46 40.54 -31.88
CA CYS N 224 -18.27 39.71 -30.70
C CYS N 224 -17.98 38.26 -31.08
N ALA N 225 -17.20 38.06 -32.13
CA ALA N 225 -16.85 36.71 -32.57
C ALA N 225 -15.48 36.73 -33.24
N VAL N 226 -14.58 35.86 -32.77
CA VAL N 226 -13.24 35.75 -33.32
C VAL N 226 -12.95 34.28 -33.60
N ALA N 227 -11.94 34.04 -34.42
CA ALA N 227 -11.56 32.69 -34.83
C ALA N 227 -10.11 32.41 -34.44
N ILE N 228 -9.89 31.32 -33.73
CA ILE N 228 -8.56 30.86 -33.35
C ILE N 228 -8.49 29.35 -33.52
N ASP N 229 -7.43 28.88 -34.18
CA ASP N 229 -7.04 27.46 -34.20
C ASP N 229 -8.21 26.54 -34.51
N ASN N 230 -8.80 26.77 -35.69
CA ASN N 230 -9.89 25.93 -36.21
C ASN N 230 -11.08 25.88 -35.26
N SER N 231 -11.31 26.97 -34.52
CA SER N 231 -12.47 27.11 -33.67
C SER N 231 -12.79 28.59 -33.56
N PHE N 232 -13.92 28.90 -32.94
CA PHE N 232 -14.30 30.30 -32.77
C PHE N 232 -14.84 30.55 -31.37
N PHE N 233 -14.60 31.76 -30.90
CA PHE N 233 -15.07 32.23 -29.61
C PHE N 233 -16.05 33.38 -29.84
N TRP N 234 -17.21 33.30 -29.19
CA TRP N 234 -18.21 34.34 -29.39
C TRP N 234 -18.96 34.59 -28.08
N VAL N 235 -19.44 35.82 -27.92
CA VAL N 235 -20.20 36.21 -26.75
C VAL N 235 -21.67 35.87 -27.00
N GLY N 236 -22.24 35.05 -26.13
CA GLY N 236 -23.61 34.64 -26.29
C GLY N 236 -24.58 35.75 -25.95
N ALA N 237 -25.87 35.47 -26.19
CA ALA N 237 -26.91 36.43 -25.87
C ALA N 237 -27.03 36.69 -24.37
N ASP N 238 -26.50 35.78 -23.55
CA ASP N 238 -26.52 35.93 -22.10
C ASP N 238 -25.20 36.46 -21.55
N LYS N 239 -24.44 37.18 -22.38
CA LYS N 239 -23.16 37.77 -21.98
C LYS N 239 -22.19 36.71 -21.45
N ILE N 240 -22.18 35.55 -22.08
CA ILE N 240 -21.30 34.44 -21.72
C ILE N 240 -20.44 34.11 -22.92
N VAL N 241 -19.13 34.00 -22.70
CA VAL N 241 -18.20 33.68 -23.78
C VAL N 241 -18.20 32.17 -24.00
N TYR N 242 -18.43 31.77 -25.25
CA TYR N 242 -18.49 30.36 -25.62
C TYR N 242 -17.41 30.05 -26.65
N ARG N 243 -16.86 28.85 -26.54
CA ARG N 243 -15.90 28.31 -27.50
C ARG N 243 -16.56 27.17 -28.27
N ASN N 244 -16.30 27.13 -29.58
CA ASN N 244 -16.87 26.10 -30.43
C ASN N 244 -16.26 24.74 -30.12
N ASP N 245 -17.12 23.73 -29.99
CA ASP N 245 -16.70 22.35 -29.81
C ASP N 245 -17.81 21.47 -30.39
N ALA N 246 -17.80 20.18 -30.03
CA ALA N 246 -18.94 19.33 -30.34
C ALA N 246 -20.21 19.92 -29.77
N VAL N 247 -20.14 20.41 -28.53
CA VAL N 247 -21.17 21.27 -27.95
C VAL N 247 -20.44 22.51 -27.43
N PRO N 248 -20.96 23.71 -27.66
CA PRO N 248 -20.25 24.91 -27.22
C PRO N 248 -19.98 24.87 -25.72
N VAL N 249 -18.78 25.30 -25.34
CA VAL N 249 -18.34 25.25 -23.95
C VAL N 249 -18.17 26.67 -23.43
N ALA N 250 -18.73 26.93 -22.25
CA ALA N 250 -18.63 28.25 -21.64
C ALA N 250 -17.27 28.37 -20.99
N VAL N 251 -16.33 29.04 -21.67
CA VAL N 251 -14.98 29.23 -21.14
C VAL N 251 -14.90 30.33 -20.11
N ALA N 252 -16.00 31.05 -19.86
CA ALA N 252 -16.02 32.12 -18.88
C ALA N 252 -16.74 31.63 -17.63
N ASP N 253 -16.07 31.74 -16.48
CA ASP N 253 -16.66 31.36 -15.22
C ASP N 253 -17.56 32.48 -14.70
N ASP N 254 -18.00 32.38 -13.45
CA ASP N 254 -18.99 33.30 -12.92
C ASP N 254 -18.46 34.74 -12.87
N GLY N 255 -17.18 34.91 -12.53
CA GLY N 255 -16.62 36.25 -12.43
C GLY N 255 -16.63 36.98 -13.76
N ILE N 256 -16.26 36.30 -14.83
CA ILE N 256 -16.21 36.94 -16.15
C ILE N 256 -17.59 37.41 -16.55
N VAL N 257 -18.60 36.56 -16.38
CA VAL N 257 -19.96 36.93 -16.75
C VAL N 257 -20.48 38.05 -15.87
N GLU N 258 -20.11 38.03 -14.58
CA GLU N 258 -20.54 39.10 -13.68
C GLU N 258 -19.96 40.44 -14.12
N ARG N 259 -18.68 40.46 -14.50
CA ARG N 259 -18.09 41.69 -15.01
C ARG N 259 -18.74 42.11 -16.33
N ALA N 260 -19.02 41.15 -17.20
CA ALA N 260 -19.61 41.47 -18.51
C ALA N 260 -21.00 42.06 -18.37
N THR N 261 -21.82 41.52 -17.47
CA THR N 261 -23.19 42.01 -17.32
C THR N 261 -23.23 43.45 -16.84
N GLY N 262 -22.19 43.93 -16.16
CA GLY N 262 -22.13 45.32 -15.77
C GLY N 262 -21.74 46.28 -16.86
N SER N 263 -21.38 45.77 -18.04
CA SER N 263 -20.98 46.58 -19.17
C SER N 263 -22.04 46.52 -20.26
N THR N 264 -22.35 47.66 -20.85
CA THR N 264 -23.36 47.74 -21.90
C THR N 264 -22.82 47.32 -23.26
N ASP N 265 -21.58 47.68 -23.58
CA ASP N 265 -20.96 47.35 -24.85
C ASP N 265 -19.79 46.40 -24.61
N LEU N 266 -19.80 45.28 -25.34
CA LEU N 266 -18.73 44.29 -25.26
C LEU N 266 -18.14 44.08 -26.65
N ARG N 267 -16.82 44.01 -26.74
CA ARG N 267 -16.15 43.76 -28.00
C ARG N 267 -15.13 42.65 -27.82
N LEU N 268 -15.18 41.65 -28.70
CA LEU N 268 -14.26 40.52 -28.66
C LEU N 268 -13.25 40.67 -29.80
N PHE N 269 -11.97 40.74 -29.45
CA PHE N 269 -10.92 40.91 -30.44
C PHE N 269 -9.74 40.03 -30.05
N LEU N 270 -8.60 40.23 -30.70
CA LEU N 270 -7.48 39.31 -30.62
C LEU N 270 -6.19 40.05 -30.33
N LEU N 271 -5.41 39.52 -29.39
CA LEU N 271 -4.04 39.96 -29.15
C LEU N 271 -3.10 38.79 -29.33
N ILE N 272 -1.89 39.07 -29.81
CA ILE N 272 -0.92 38.04 -30.15
C ILE N 272 0.40 38.34 -29.45
N ASP N 273 0.87 37.38 -28.66
CA ASP N 273 2.25 37.34 -28.19
C ASP N 273 2.88 36.16 -28.92
N GLU N 274 4.18 35.97 -28.67
CA GLU N 274 5.03 35.09 -29.49
C GLU N 274 4.39 33.70 -29.59
N ARG N 275 3.84 33.19 -28.50
CA ARG N 275 3.10 31.94 -28.53
C ARG N 275 1.71 32.03 -27.92
N HIS N 276 1.37 33.15 -27.28
CA HIS N 276 0.13 33.25 -26.51
C HIS N 276 -0.89 34.00 -27.36
N LYS N 277 -2.01 33.34 -27.65
CA LYS N 277 -3.10 33.94 -28.40
C LYS N 277 -4.20 34.31 -27.42
N PHE N 278 -4.37 35.60 -27.18
CA PHE N 278 -5.34 36.10 -26.21
C PHE N 278 -6.62 36.51 -26.92
N VAL N 279 -7.74 35.91 -26.53
CA VAL N 279 -9.06 36.36 -26.94
C VAL N 279 -9.50 37.40 -25.92
N CYS N 280 -9.57 38.66 -26.33
CA CYS N 280 -9.77 39.77 -25.40
C CYS N 280 -11.21 40.25 -25.46
N LEU N 281 -11.87 40.27 -24.31
CA LEU N 281 -13.19 40.87 -24.15
C LEU N 281 -13.01 42.25 -23.53
N ARG N 282 -13.52 43.27 -24.22
CA ARG N 282 -13.38 44.66 -23.83
C ARG N 282 -14.74 45.21 -23.48
N GLY N 283 -14.87 45.73 -22.25
CA GLY N 283 -16.07 46.37 -21.80
C GLY N 283 -15.90 47.87 -21.62
N ASP N 284 -16.86 48.47 -20.92
CA ASP N 284 -16.81 49.90 -20.68
C ASP N 284 -15.62 50.28 -19.81
N THR N 285 -15.33 49.49 -18.78
CA THR N 285 -14.28 49.83 -17.83
C THR N 285 -13.34 48.65 -17.55
N PHE N 286 -13.26 47.68 -18.45
CA PHE N 286 -12.39 46.54 -18.23
C PHE N 286 -11.95 45.94 -19.56
N THR N 287 -10.87 45.17 -19.51
CA THR N 287 -10.39 44.43 -20.67
C THR N 287 -9.72 43.16 -20.14
N MET N 288 -10.29 42.01 -20.47
CA MET N 288 -9.82 40.74 -19.94
C MET N 288 -9.52 39.78 -21.08
N ALA N 289 -8.34 39.19 -21.04
CA ALA N 289 -7.85 38.29 -22.09
C ALA N 289 -7.89 36.86 -21.59
N PHE N 290 -8.45 35.97 -22.42
CA PHE N 290 -8.44 34.53 -22.19
C PHE N 290 -7.33 33.93 -23.04
N ASP N 291 -6.41 33.20 -22.40
CA ASP N 291 -5.28 32.63 -23.10
C ASP N 291 -5.65 31.28 -23.68
N ILE N 292 -5.32 31.08 -24.96
CA ILE N 292 -5.68 29.83 -25.63
C ILE N 292 -4.85 28.68 -25.08
N THR N 293 -3.54 28.90 -24.92
CA THR N 293 -2.64 27.81 -24.53
C THR N 293 -2.92 27.33 -23.10
N THR N 294 -3.18 28.25 -22.19
CA THR N 294 -3.34 27.92 -20.78
C THR N 294 -4.78 27.86 -20.32
N ASN N 295 -5.73 28.29 -21.15
CA ASN N 295 -7.16 28.25 -20.82
C ASN N 295 -7.46 28.99 -19.52
N GLU N 296 -6.88 30.18 -19.37
CA GLU N 296 -7.05 30.95 -18.14
C GLU N 296 -7.16 32.43 -18.49
N TRP N 297 -7.77 33.19 -17.58
CA TRP N 297 -8.09 34.59 -17.81
C TRP N 297 -7.08 35.50 -17.11
N CYS N 298 -6.98 36.73 -17.62
CA CYS N 298 -6.16 37.76 -17.01
C CYS N 298 -6.73 39.12 -17.38
N GLU N 299 -6.30 40.15 -16.67
CA GLU N 299 -6.73 41.52 -16.92
C GLU N 299 -5.59 42.31 -17.55
N PHE N 300 -5.92 43.11 -18.57
CA PHE N 300 -4.99 44.06 -19.15
C PHE N 300 -5.41 45.46 -18.74
N GLN N 301 -4.47 46.23 -18.21
CA GLN N 301 -4.75 47.58 -17.73
C GLN N 301 -3.71 48.55 -18.26
N SER N 302 -4.12 49.81 -18.40
CA SER N 302 -3.24 50.89 -18.78
C SER N 302 -3.27 51.95 -17.69
N TYR N 303 -2.09 52.44 -17.31
CA TYR N 303 -1.99 53.39 -16.21
C TYR N 303 -2.69 54.69 -16.57
N GLY N 304 -3.50 55.20 -15.64
CA GLY N 304 -4.16 56.48 -15.80
C GLY N 304 -5.42 56.47 -16.63
N ARG N 305 -5.84 55.30 -17.12
CA ARG N 305 -7.04 55.19 -17.94
C ARG N 305 -7.98 54.16 -17.34
N THR N 306 -9.28 54.32 -17.64
CA THR N 306 -10.30 53.43 -17.13
C THR N 306 -10.35 52.10 -17.87
N ASN N 307 -9.60 51.96 -18.96
CA ASN N 307 -9.61 50.74 -19.76
C ASN N 307 -8.26 50.57 -20.45
N PHE N 308 -8.02 49.37 -20.94
CA PHE N 308 -6.77 49.09 -21.65
C PHE N 308 -6.64 49.99 -22.87
N ARG N 309 -5.46 50.59 -23.03
CA ARG N 309 -5.27 51.57 -24.09
C ARG N 309 -5.37 50.94 -25.47
N CYS N 310 -4.82 49.74 -25.64
CA CYS N 310 -4.84 49.07 -26.93
C CYS N 310 -6.15 48.33 -27.14
N GLY N 311 -6.82 48.61 -28.26
CA GLY N 311 -8.06 47.95 -28.59
C GLY N 311 -7.87 46.93 -29.68
N PRO N 312 -8.92 46.70 -30.47
CA PRO N 312 -8.82 45.74 -31.57
C PRO N 312 -7.78 46.16 -32.59
N ASP N 313 -7.06 45.16 -33.13
CA ASP N 313 -6.03 45.37 -34.14
C ASP N 313 -4.99 46.40 -33.69
N MET N 314 -4.63 46.36 -32.41
CA MET N 314 -3.60 47.23 -31.84
C MET N 314 -3.91 48.71 -32.08
N GLY N 315 -5.19 49.08 -31.92
CA GLY N 315 -5.63 50.44 -32.14
C GLY N 315 -6.10 51.07 -30.83
N ASP N 316 -5.90 52.37 -30.72
CA ASP N 316 -6.24 53.12 -29.52
C ASP N 316 -7.62 53.77 -29.67
N ASP N 317 -8.14 54.27 -28.54
CA ASP N 317 -9.50 54.82 -28.51
C ASP N 317 -9.57 56.32 -28.30
N GLU N 318 -8.66 56.92 -27.54
CA GLU N 318 -8.58 58.37 -27.39
C GLU N 318 -7.41 58.94 -28.19
N THR N 319 -6.91 58.15 -29.15
CA THR N 319 -5.75 58.58 -29.96
C THR N 319 -5.73 57.83 -31.31
N GLY N 320 -4.73 58.11 -32.15
CA GLY N 320 -4.62 57.43 -33.46
C GLY N 320 -3.25 56.78 -33.63
N ILE N 321 -2.60 56.44 -32.52
CA ILE N 321 -1.24 55.81 -32.57
C ILE N 321 -1.40 54.29 -32.70
N ILE N 322 -0.59 53.64 -33.53
CA ILE N 322 -0.66 52.18 -33.56
C ILE N 322 0.38 51.64 -32.59
N TRP N 323 -0.05 50.63 -31.82
CA TRP N 323 0.84 50.10 -30.76
C TRP N 323 1.40 48.72 -31.09
N ARG N 324 2.64 48.48 -30.67
CA ARG N 324 3.25 47.17 -30.83
C ARG N 324 3.83 46.73 -29.51
N PHE N 325 3.96 45.42 -29.33
CA PHE N 325 4.47 44.85 -28.09
C PHE N 325 6.00 44.82 -28.14
N GLU N 326 6.64 45.63 -27.30
CA GLU N 326 8.08 45.68 -27.21
C GLU N 326 8.45 46.33 -25.88
N GLY N 327 9.52 45.82 -25.26
CA GLY N 327 9.92 46.40 -24.00
C GLY N 327 8.89 46.14 -22.91
N TYR N 328 8.95 46.97 -21.86
CA TYR N 328 8.04 46.83 -20.74
C TYR N 328 7.55 48.18 -20.23
N SER N 329 7.49 49.18 -21.11
CA SER N 329 7.02 50.51 -20.76
C SER N 329 5.81 50.85 -21.63
N ASP N 330 4.69 51.17 -20.99
CA ASP N 330 3.47 51.52 -21.71
C ASP N 330 3.55 52.98 -22.12
N ASN N 331 3.68 53.23 -23.43
CA ASN N 331 3.80 54.58 -23.98
C ASN N 331 4.94 55.35 -23.33
N GLY N 332 6.05 54.65 -23.07
CA GLY N 332 7.17 55.26 -22.39
C GLY N 332 6.92 55.67 -20.97
N GLY N 333 5.88 55.14 -20.34
CA GLY N 333 5.52 55.55 -18.99
C GLY N 333 5.69 54.45 -17.96
N VAL N 334 4.60 54.08 -17.31
CA VAL N 334 4.61 53.14 -16.19
C VAL N 334 3.72 51.95 -16.55
N LEU N 335 4.26 50.75 -16.35
CA LEU N 335 3.52 49.50 -16.54
C LEU N 335 3.29 48.87 -15.18
N GLU N 336 2.03 48.59 -14.85
CA GLU N 336 1.66 48.09 -13.53
C GLU N 336 1.43 46.60 -13.58
N ARG N 337 2.02 45.88 -12.62
CA ARG N 337 1.85 44.44 -12.48
C ARG N 337 1.37 44.17 -11.06
N ARG N 338 0.16 43.62 -10.94
CA ARG N 338 -0.46 43.35 -9.65
C ARG N 338 -0.90 41.89 -9.59
N PHE N 339 -0.75 41.29 -8.41
CA PHE N 339 -1.27 39.95 -8.19
C PHE N 339 -1.47 39.74 -6.70
N ARG N 340 -2.11 38.61 -6.37
CA ARG N 340 -2.44 38.28 -5.00
C ARG N 340 -2.09 36.83 -4.71
N ALA N 341 -1.57 36.59 -3.50
CA ALA N 341 -1.31 35.24 -3.01
C ALA N 341 -1.93 35.11 -1.63
N GLY N 342 -2.72 34.07 -1.42
CA GLY N 342 -3.44 33.95 -0.16
C GLY N 342 -3.64 32.51 0.23
N ALA N 343 -4.16 32.34 1.44
CA ALA N 343 -4.47 31.02 1.97
C ALA N 343 -5.55 31.12 3.03
N THR N 344 -6.35 30.07 3.14
CA THR N 344 -7.37 29.96 4.16
C THR N 344 -6.85 29.11 5.31
N LEU N 345 -7.11 29.57 6.54
CA LEU N 345 -6.57 28.89 7.70
C LEU N 345 -7.68 28.40 8.62
N PRO N 346 -7.52 27.22 9.22
CA PRO N 346 -8.49 26.77 10.21
C PRO N 346 -8.34 27.44 11.56
N GLY N 347 -7.19 28.05 11.84
CA GLY N 347 -6.96 28.73 13.09
C GLY N 347 -5.89 29.78 12.96
N PRO N 348 -5.28 30.16 14.09
CA PRO N 348 -4.23 31.18 14.04
C PRO N 348 -2.99 30.65 13.35
N PHE N 349 -2.32 31.53 12.59
CA PHE N 349 -1.11 31.18 11.86
C PHE N 349 -0.15 32.36 11.93
N ARG N 350 1.10 32.08 12.26
CA ARG N 350 2.11 33.12 12.40
C ARG N 350 2.95 33.18 11.13
N VAL N 351 2.97 34.35 10.50
CA VAL N 351 3.78 34.59 9.31
C VAL N 351 4.97 35.44 9.74
N ASN N 352 6.16 34.86 9.68
CA ASN N 352 7.39 35.53 10.05
C ASN N 352 8.14 36.05 8.83
N ARG N 353 8.26 35.23 7.79
CA ARG N 353 8.92 35.62 6.56
C ARG N 353 8.04 35.30 5.37
N LEU N 354 7.98 36.24 4.43
CA LEU N 354 7.31 36.03 3.14
C LEU N 354 8.36 36.26 2.06
N ARG N 355 8.67 35.20 1.32
CA ARG N 355 9.67 35.25 0.26
C ARG N 355 8.97 35.25 -1.11
N LEU N 356 9.51 36.04 -2.02
CA LEU N 356 8.97 36.15 -3.38
C LEU N 356 10.06 35.73 -4.36
N ILE N 357 10.07 34.45 -4.73
CA ILE N 357 11.02 33.98 -5.73
C ILE N 357 10.55 34.51 -7.09
N CYS N 358 11.29 35.48 -7.63
CA CYS N 358 10.87 36.20 -8.81
C CYS N 358 12.12 36.65 -9.57
N GLU N 359 11.94 37.56 -10.52
CA GLU N 359 13.04 38.14 -11.27
C GLU N 359 13.78 39.17 -10.44
N VAL N 360 15.10 39.10 -10.44
CA VAL N 360 15.93 40.02 -9.68
C VAL N 360 17.14 40.42 -10.52
N GLY N 361 17.50 41.70 -10.43
CA GLY N 361 18.70 42.19 -11.06
C GLY N 361 18.70 42.17 -12.57
N THR N 362 17.57 42.44 -13.20
CA THR N 362 17.47 42.49 -14.66
C THR N 362 16.97 43.86 -15.11
N THR N 363 17.46 44.92 -14.48
CA THR N 363 17.01 46.24 -14.88
C THR N 363 17.88 46.78 -16.00
N PRO N 364 17.27 47.38 -17.04
CA PRO N 364 18.06 47.97 -18.12
C PRO N 364 18.64 49.33 -17.79
N ASN N 365 18.33 49.88 -16.62
CA ASN N 365 18.77 51.21 -16.22
C ASN N 365 19.82 51.11 -15.13
N LEU N 366 20.94 51.80 -15.30
CA LEU N 366 21.98 51.89 -14.28
C LEU N 366 21.82 53.12 -13.40
N SER N 367 21.55 54.28 -14.00
CA SER N 367 21.26 55.49 -13.27
C SER N 367 19.75 55.76 -13.34
N GLY N 368 19.33 56.91 -12.82
CA GLY N 368 17.95 57.30 -12.89
C GLY N 368 17.11 56.76 -11.75
N GLU N 369 15.81 57.03 -11.85
CA GLU N 369 14.88 56.64 -10.80
C GLU N 369 14.70 55.13 -10.73
N TYR N 370 14.70 54.46 -11.88
CA TYR N 370 14.41 53.03 -11.94
C TYR N 370 15.67 52.18 -11.88
N ALA N 371 16.76 52.71 -11.31
CA ALA N 371 17.95 51.89 -11.10
C ALA N 371 17.68 50.75 -10.15
N ASP N 372 16.93 51.01 -9.08
CA ASP N 372 16.50 49.99 -8.12
C ASP N 372 14.98 49.99 -8.10
N PRO N 373 14.34 49.08 -8.83
CA PRO N 373 12.88 49.07 -8.88
C PRO N 373 12.29 48.67 -7.54
N VAL N 374 11.10 49.21 -7.25
CA VAL N 374 10.43 49.01 -5.98
C VAL N 374 9.18 48.17 -6.21
N ILE N 375 9.05 47.09 -5.46
CA ILE N 375 7.85 46.26 -5.44
C ILE N 375 7.25 46.34 -4.05
N GLU N 376 5.96 46.65 -3.98
CA GLU N 376 5.27 46.84 -2.72
C GLU N 376 4.34 45.68 -2.45
N MET N 377 4.15 45.38 -1.17
CA MET N 377 3.26 44.33 -0.72
C MET N 377 2.41 44.84 0.44
N ARG N 378 1.15 44.45 0.46
CA ARG N 378 0.28 44.74 1.59
C ARG N 378 -0.47 43.48 1.99
N ALA N 379 -0.83 43.40 3.26
CA ALA N 379 -1.45 42.21 3.83
C ALA N 379 -2.88 42.51 4.28
N SER N 380 -3.71 41.49 4.22
CA SER N 380 -5.10 41.59 4.66
C SER N 380 -5.49 40.30 5.38
N ASP N 381 -6.17 40.46 6.51
CA ASP N 381 -6.64 39.34 7.30
C ASP N 381 -8.14 39.11 7.17
N ASP N 382 -8.88 40.04 6.58
CA ASP N 382 -10.33 39.91 6.38
C ASP N 382 -10.68 39.58 4.93
N ALA N 383 -9.87 38.73 4.29
CA ALA N 383 -10.12 38.28 2.93
C ALA N 383 -10.17 39.44 1.93
N GLY N 384 -9.26 40.39 2.11
CA GLY N 384 -9.08 41.46 1.15
C GLY N 384 -10.00 42.64 1.28
N ASN N 385 -10.91 42.64 2.26
CA ASN N 385 -11.81 43.77 2.42
C ASN N 385 -11.08 45.02 2.89
N THR N 386 -10.14 44.86 3.82
CA THR N 386 -9.35 45.97 4.33
C THR N 386 -7.88 45.59 4.28
N TRP N 387 -7.04 46.53 3.87
CA TRP N 387 -5.62 46.28 3.65
C TRP N 387 -4.77 47.18 4.52
N GLY N 388 -3.51 46.77 4.71
CA GLY N 388 -2.54 47.56 5.43
C GLY N 388 -1.75 48.47 4.52
N ILE N 389 -0.77 49.13 5.10
CA ILE N 389 0.08 50.07 4.37
C ILE N 389 1.06 49.29 3.51
N TRP N 390 1.27 49.77 2.28
CA TRP N 390 2.22 49.13 1.38
C TRP N 390 3.63 49.18 1.96
N GLU N 391 4.31 48.04 1.93
CA GLU N 391 5.71 47.93 2.32
C GLU N 391 6.52 47.59 1.08
N GLY N 392 7.53 48.40 0.79
CA GLY N 392 8.27 48.32 -0.45
C GLY N 392 9.66 47.74 -0.27
N GLU N 393 9.99 46.76 -1.10
CA GLU N 393 11.34 46.25 -1.24
C GLU N 393 11.87 46.56 -2.63
N THR N 394 13.14 46.22 -2.85
CA THR N 394 13.81 46.45 -4.12
C THR N 394 14.11 45.11 -4.79
N LEU N 395 13.96 45.08 -6.12
CA LEU N 395 14.28 43.89 -6.89
C LEU N 395 15.77 43.78 -7.18
N GLY N 396 16.57 44.74 -6.75
CA GLY N 396 18.01 44.69 -6.96
C GLY N 396 18.45 45.49 -8.17
N ALA N 397 19.65 46.06 -8.06
CA ALA N 397 20.22 46.81 -9.16
C ALA N 397 20.69 45.85 -10.26
N GLN N 398 21.21 46.42 -11.34
CA GLN N 398 21.69 45.61 -12.45
C GLN N 398 22.86 44.74 -12.00
N GLY N 399 22.72 43.44 -12.20
CA GLY N 399 23.75 42.49 -11.83
C GLY N 399 23.55 41.80 -10.50
N ASN N 400 22.60 42.26 -9.68
CA ASN N 400 22.34 41.63 -8.38
C ASN N 400 21.35 40.50 -8.55
N TYR N 401 21.82 39.43 -9.21
CA TYR N 401 20.97 38.28 -9.48
C TYR N 401 20.69 37.44 -8.24
N ARG N 402 21.39 37.69 -7.14
CA ARG N 402 21.18 36.96 -5.90
C ARG N 402 20.34 37.73 -4.90
N GLN N 403 19.69 38.81 -5.33
CA GLN N 403 18.88 39.61 -4.43
C GLN N 403 17.69 38.80 -3.90
N ARG N 404 17.39 38.97 -2.62
CA ARG N 404 16.29 38.28 -1.97
C ARG N 404 15.14 39.24 -1.73
N VAL N 405 13.95 38.86 -2.18
CA VAL N 405 12.74 39.65 -1.97
C VAL N 405 12.01 39.03 -0.78
N GLU N 406 12.16 39.67 0.39
CA GLU N 406 11.63 39.14 1.63
C GLU N 406 10.91 40.22 2.42
N TRP N 407 9.85 39.83 3.12
CA TRP N 407 9.18 40.68 4.09
C TRP N 407 9.19 39.95 5.43
N ARG N 408 9.61 40.64 6.49
CA ARG N 408 9.85 40.02 7.78
C ARG N 408 8.82 40.47 8.80
N ALA N 409 8.46 39.56 9.69
CA ALA N 409 7.55 39.83 10.82
C ALA N 409 6.21 40.35 10.34
N LEU N 410 5.51 39.51 9.58
CA LEU N 410 4.19 39.88 9.09
C LEU N 410 3.14 39.84 10.19
N GLY N 411 3.25 38.90 11.13
CA GLY N 411 2.39 38.90 12.31
C GLY N 411 1.59 37.62 12.43
N LEU N 412 0.33 37.78 12.84
CA LEU N 412 -0.57 36.66 13.09
C LEU N 412 -1.85 36.85 12.28
N PHE N 413 -2.35 35.76 11.72
CA PHE N 413 -3.55 35.77 10.90
C PHE N 413 -4.53 34.74 11.44
N ASP N 414 -5.78 35.16 11.65
CA ASP N 414 -6.79 34.34 12.30
C ASP N 414 -7.61 33.59 11.24
N ASP N 415 -8.76 33.04 11.67
CA ASP N 415 -9.67 32.16 10.93
C ASP N 415 -9.88 32.50 9.46
N PRO N 416 -10.32 33.72 9.10
CA PRO N 416 -10.75 33.92 7.70
C PRO N 416 -9.65 33.74 6.67
N GLY N 417 -8.39 33.79 7.07
CA GLY N 417 -7.28 33.57 6.17
C GLY N 417 -6.46 34.83 5.94
N MET N 418 -5.37 34.64 5.20
CA MET N 418 -4.45 35.72 4.87
C MET N 418 -4.44 35.93 3.37
N LEU N 419 -4.26 37.20 2.97
CA LEU N 419 -4.19 37.57 1.55
C LEU N 419 -3.18 38.69 1.39
N PHE N 420 -2.14 38.44 0.61
CA PHE N 420 -1.09 39.42 0.35
C PHE N 420 -1.16 39.87 -1.09
N GLU N 421 -1.24 41.18 -1.29
CA GLU N 421 -1.28 41.78 -2.62
C GLU N 421 0.07 42.40 -2.94
N HIS N 422 0.64 42.03 -4.09
CA HIS N 422 1.92 42.54 -4.55
C HIS N 422 1.70 43.39 -5.79
N ARG N 423 2.35 44.55 -5.81
CA ARG N 423 2.23 45.51 -6.91
C ARG N 423 3.60 46.06 -7.24
N MET N 424 3.95 46.03 -8.53
CA MET N 424 5.16 46.68 -9.01
C MET N 424 4.78 47.61 -10.16
N THR N 425 5.35 48.81 -10.17
CA THR N 425 5.00 49.80 -11.18
C THR N 425 6.24 50.37 -11.85
N ALA N 426 7.16 49.49 -12.22
CA ALA N 426 8.36 49.91 -12.92
C ALA N 426 8.30 49.49 -14.38
N PRO N 427 8.95 50.23 -15.28
CA PRO N 427 8.93 49.84 -16.70
C PRO N 427 9.93 48.75 -17.01
N VAL N 428 10.41 48.05 -15.99
CA VAL N 428 11.36 46.97 -16.15
C VAL N 428 10.62 45.65 -16.22
N SER N 429 11.31 44.62 -16.71
CA SER N 429 10.71 43.30 -16.82
C SER N 429 10.43 42.72 -15.44
N PHE N 430 9.42 41.84 -15.39
CA PHE N 430 9.01 41.25 -14.13
C PHE N 430 8.42 39.87 -14.39
N ARG N 431 8.72 38.94 -13.49
CA ARG N 431 8.15 37.60 -13.55
C ARG N 431 8.16 37.01 -12.14
N VAL N 432 7.06 36.38 -11.75
CA VAL N 432 6.92 35.76 -10.44
C VAL N 432 7.00 34.25 -10.62
N THR N 433 7.95 33.62 -9.92
CA THR N 433 8.07 32.17 -9.96
C THR N 433 7.27 31.51 -8.83
N ALA N 434 7.43 32.00 -7.60
CA ALA N 434 6.72 31.40 -6.48
C ALA N 434 6.66 32.38 -5.31
N VAL N 435 5.71 32.11 -4.42
CA VAL N 435 5.57 32.84 -3.16
C VAL N 435 5.63 31.82 -2.04
N THR N 436 6.49 32.07 -1.05
CA THR N 436 6.71 31.14 0.04
C THR N 436 6.49 31.84 1.38
N VAL N 437 5.99 31.08 2.35
CA VAL N 437 5.75 31.58 3.70
C VAL N 437 6.59 30.77 4.67
N ASN N 438 7.22 31.46 5.61
CA ASN N 438 8.06 30.85 6.65
C ASN N 438 9.12 29.94 6.03
N GLY N 439 9.96 30.54 5.18
CA GLY N 439 11.00 29.80 4.52
C GLY N 439 12.16 29.47 5.44
N GLU N 440 13.07 28.65 4.93
CA GLU N 440 14.23 28.23 5.70
C GLU N 440 15.30 29.31 5.69
N LEU N 441 15.88 29.56 6.86
CA LEU N 441 16.94 30.54 7.00
C LEU N 441 18.27 29.97 6.52
N GLY N 442 19.22 30.87 6.24
CA GLY N 442 20.56 30.47 5.88
C GLY N 442 20.86 30.59 4.40
N GLY N 443 21.67 31.59 4.04
CA GLY N 443 22.09 31.75 2.67
C GLY N 443 23.61 31.77 2.55
N ARG N 444 24.13 32.46 1.54
CA ARG N 444 25.58 32.59 1.40
C ARG N 444 25.88 33.94 0.75
N SER N 445 26.10 34.95 1.59
CA SER N 445 26.57 36.28 1.20
C SER N 445 25.94 36.76 -0.10
N ARG N 446 24.61 36.80 -0.10
CA ARG N 446 23.89 37.26 -1.29
C ARG N 446 23.79 38.78 -1.31
N ASP O 2 -14.87 19.97 10.09
CA ASP O 2 -15.53 20.46 8.89
C ASP O 2 -16.78 19.65 8.55
N LEU O 3 -17.94 20.22 8.79
CA LEU O 3 -19.21 19.56 8.49
C LEU O 3 -19.50 19.63 7.01
N ALA O 4 -20.27 18.65 6.52
CA ALA O 4 -20.67 18.59 5.13
C ALA O 4 -22.14 18.98 5.03
N TYR O 5 -22.41 20.10 4.38
CA TYR O 5 -23.78 20.57 4.19
C TYR O 5 -24.37 19.99 2.91
N GLY O 6 -25.70 20.06 2.82
CA GLY O 6 -26.39 19.54 1.66
C GLY O 6 -26.22 20.42 0.43
N THR O 7 -25.48 19.93 -0.56
CA THR O 7 -25.28 20.66 -1.79
C THR O 7 -26.52 20.69 -2.68
N GLY O 8 -27.51 19.84 -2.39
CA GLY O 8 -28.73 19.83 -3.16
C GLY O 8 -29.92 19.56 -2.26
N ALA O 9 -31.10 19.93 -2.75
CA ALA O 9 -32.34 19.74 -2.00
C ALA O 9 -32.71 18.27 -2.05
N TYR O 10 -32.57 17.58 -0.91
CA TYR O 10 -32.89 16.17 -0.79
C TYR O 10 -33.88 16.01 0.37
N ALA O 11 -35.17 16.13 0.05
CA ALA O 11 -36.24 16.00 1.03
C ALA O 11 -37.05 14.76 0.67
N ARG O 12 -36.63 13.61 1.18
CA ARG O 12 -37.30 12.33 0.93
C ARG O 12 -37.95 11.87 2.23
N THR O 13 -39.27 11.82 2.25
CA THR O 13 -40.01 11.43 3.44
C THR O 13 -40.28 9.94 3.53
N ARG O 14 -39.96 9.18 2.48
CA ARG O 14 -40.14 7.73 2.50
C ARG O 14 -39.02 7.10 3.32
N GLY O 15 -39.40 6.36 4.37
CA GLY O 15 -38.43 5.80 5.27
C GLY O 15 -37.93 6.77 6.32
N ASN O 16 -38.48 7.98 6.38
CA ASN O 16 -38.08 9.00 7.35
C ASN O 16 -36.59 9.28 7.30
N LEU O 17 -36.05 9.33 6.08
CA LEU O 17 -34.65 9.69 5.91
C LEU O 17 -34.42 11.15 6.30
N PRO O 18 -33.24 11.48 6.80
CA PRO O 18 -32.93 12.88 7.09
C PRO O 18 -33.04 13.73 5.83
N GLU O 19 -33.57 14.94 6.01
CA GLU O 19 -33.81 15.86 4.90
C GLU O 19 -32.78 16.99 4.95
N LEU O 20 -32.35 17.43 3.76
CA LEU O 20 -31.39 18.51 3.63
C LEU O 20 -31.97 19.57 2.68
N PRO O 21 -32.95 20.34 3.15
CA PRO O 21 -33.55 21.36 2.29
C PRO O 21 -32.56 22.48 1.98
N LEU O 22 -32.64 22.99 0.76
CA LEU O 22 -31.81 24.11 0.30
C LEU O 22 -32.75 25.17 -0.25
N VAL O 23 -33.09 26.15 0.58
CA VAL O 23 -34.09 27.16 0.24
C VAL O 23 -33.36 28.43 -0.15
N ASN O 24 -33.62 28.91 -1.37
CA ASN O 24 -33.08 30.15 -1.90
C ASN O 24 -31.55 30.17 -1.91
N LEU O 25 -30.92 29.00 -1.94
CA LEU O 25 -29.48 28.88 -2.00
C LEU O 25 -29.12 27.86 -3.07
N PHE O 26 -28.06 28.14 -3.83
CA PHE O 26 -27.59 27.20 -4.84
C PHE O 26 -26.07 27.09 -4.77
N VAL O 27 -25.58 25.92 -5.18
CA VAL O 27 -24.15 25.65 -5.16
C VAL O 27 -23.51 26.24 -6.41
N GLU O 28 -22.38 26.91 -6.24
CA GLU O 28 -21.63 27.47 -7.36
C GLU O 28 -20.15 27.22 -7.15
N ALA O 29 -19.45 26.89 -8.23
CA ALA O 29 -18.02 26.67 -8.16
C ALA O 29 -17.28 27.99 -7.98
N THR O 30 -16.23 27.97 -7.16
CA THR O 30 -15.45 29.16 -6.88
C THR O 30 -13.97 28.83 -6.92
N ARG O 31 -13.17 29.86 -7.19
CA ARG O 31 -11.72 29.72 -7.24
C ARG O 31 -11.02 30.23 -5.99
N SER O 32 -11.70 31.02 -5.17
CA SER O 32 -11.05 31.65 -4.02
C SER O 32 -10.69 30.63 -2.95
N ASP O 33 -11.62 29.76 -2.58
CA ASP O 33 -11.42 28.83 -1.48
C ASP O 33 -10.87 27.50 -1.97
N GLN O 34 -10.39 26.69 -1.02
CA GLN O 34 -9.80 25.40 -1.34
C GLN O 34 -10.84 24.34 -1.64
N ARG O 35 -12.10 24.55 -1.25
CA ARG O 35 -13.14 23.56 -1.49
C ARG O 35 -13.75 23.66 -2.88
N GLY O 36 -13.78 24.85 -3.47
CA GLY O 36 -14.29 25.03 -4.80
C GLY O 36 -15.79 25.01 -4.94
N VAL O 37 -16.53 24.98 -3.83
CA VAL O 37 -17.98 24.99 -3.84
C VAL O 37 -18.45 25.97 -2.78
N VAL O 38 -19.37 26.85 -3.15
CA VAL O 38 -19.90 27.85 -2.23
C VAL O 38 -21.40 27.97 -2.43
N LEU O 39 -22.13 28.12 -1.33
CA LEU O 39 -23.57 28.32 -1.37
C LEU O 39 -23.87 29.81 -1.53
N GLN O 40 -24.59 30.17 -2.58
CA GLN O 40 -24.93 31.55 -2.86
C GLN O 40 -26.44 31.73 -2.85
N SER O 41 -26.79 32.91 -2.41
CA SER O 41 -28.20 33.32 -2.32
C SER O 41 -28.75 33.65 -3.68
N ARG O 42 -30.01 33.28 -3.92
CA ARG O 42 -30.60 33.80 -5.14
C ARG O 42 -31.02 35.25 -4.96
N LYS O 43 -30.93 36.02 -6.04
CA LYS O 43 -31.29 37.42 -6.01
C LYS O 43 -32.80 37.59 -5.78
N GLY O 44 -33.16 38.69 -5.14
CA GLY O 44 -34.55 38.97 -4.87
C GLY O 44 -35.30 39.43 -6.10
N LEU O 45 -36.63 39.44 -5.97
CA LEU O 45 -37.52 39.82 -7.06
C LEU O 45 -37.91 41.29 -6.91
N VAL O 46 -37.75 42.05 -7.99
CA VAL O 46 -38.13 43.45 -8.02
C VAL O 46 -39.03 43.68 -9.23
N GLU O 47 -40.11 44.44 -9.02
CA GLU O 47 -41.07 44.72 -10.07
C GLU O 47 -40.40 45.47 -11.23
N ASP O 48 -40.65 45.02 -12.45
CA ASP O 48 -40.18 45.66 -13.66
C ASP O 48 -41.30 46.29 -14.48
N ALA O 49 -42.49 45.68 -14.49
CA ALA O 49 -43.63 46.21 -15.20
C ALA O 49 -44.90 45.65 -14.57
N GLU O 50 -45.89 46.52 -14.38
CA GLU O 50 -47.19 46.15 -13.83
C GLU O 50 -48.20 46.24 -14.97
N VAL O 51 -48.55 45.10 -15.55
CA VAL O 51 -49.42 45.03 -16.72
C VAL O 51 -50.52 44.02 -16.44
N GLY O 52 -51.77 44.46 -16.55
CA GLY O 52 -52.89 43.54 -16.45
C GLY O 52 -53.29 43.24 -15.01
N THR O 53 -54.59 43.15 -14.80
CA THR O 53 -55.15 42.82 -13.48
C THR O 53 -55.46 41.34 -13.39
N GLY O 54 -54.42 40.52 -13.57
CA GLY O 54 -54.57 39.09 -13.52
C GLY O 54 -53.23 38.37 -13.58
N PRO O 55 -53.25 37.05 -13.41
CA PRO O 55 -52.00 36.28 -13.46
C PRO O 55 -51.38 36.34 -14.85
N ILE O 56 -50.05 36.36 -14.87
CA ILE O 56 -49.30 36.43 -16.13
C ILE O 56 -49.10 35.01 -16.66
N ARG O 57 -49.55 34.77 -17.88
CA ARG O 57 -49.44 33.44 -18.48
C ARG O 57 -48.22 33.29 -19.38
N GLY O 58 -47.80 34.36 -20.04
CA GLY O 58 -46.65 34.30 -20.91
C GLY O 58 -46.12 35.67 -21.24
N VAL O 59 -44.82 35.75 -21.47
CA VAL O 59 -44.14 36.99 -21.84
C VAL O 59 -43.25 36.71 -23.04
N PHE O 60 -43.30 37.58 -24.04
CA PHE O 60 -42.53 37.40 -25.26
C PHE O 60 -41.71 38.66 -25.52
N ARG O 61 -40.45 38.47 -25.90
CA ARG O 61 -39.55 39.59 -26.21
C ARG O 61 -38.55 39.12 -27.26
N LYS O 62 -38.69 39.63 -28.48
CA LYS O 62 -37.70 39.44 -29.53
C LYS O 62 -37.46 40.78 -30.21
N ASP O 63 -36.20 41.23 -30.21
CA ASP O 63 -35.89 42.56 -30.74
C ASP O 63 -36.20 42.66 -32.23
N GLY O 64 -35.94 41.60 -32.98
CA GLY O 64 -36.20 41.61 -34.41
C GLY O 64 -37.64 41.37 -34.81
N VAL O 65 -38.53 41.16 -33.84
CA VAL O 65 -39.93 40.88 -34.12
C VAL O 65 -40.76 42.06 -33.65
N LEU O 66 -41.41 42.74 -34.61
CA LEU O 66 -42.35 43.82 -34.33
C LEU O 66 -41.72 44.92 -33.48
N GLY O 67 -40.45 45.21 -33.74
CA GLY O 67 -39.76 46.27 -33.02
C GLY O 67 -39.46 45.97 -31.57
N GLY O 68 -39.44 44.69 -31.19
CA GLY O 68 -39.14 44.34 -29.82
C GLY O 68 -40.14 44.80 -28.79
N ALA O 69 -41.43 44.73 -29.11
CA ALA O 69 -42.46 45.20 -28.19
C ALA O 69 -42.72 44.19 -27.07
N GLU O 70 -43.20 44.70 -25.94
CA GLU O 70 -43.57 43.88 -24.79
C GLU O 70 -44.92 43.23 -25.06
N PHE O 71 -44.90 41.96 -25.45
CA PHE O 71 -46.12 41.17 -25.65
C PHE O 71 -46.29 40.25 -24.46
N VAL O 72 -47.31 40.53 -23.64
CA VAL O 72 -47.59 39.73 -22.45
C VAL O 72 -49.04 39.28 -22.49
N VAL O 73 -49.33 38.25 -21.68
CA VAL O 73 -50.71 37.68 -21.66
C VAL O 73 -51.23 37.61 -20.22
N SER O 74 -52.19 38.47 -19.88
CA SER O 74 -52.82 38.40 -18.54
C SER O 74 -54.14 37.62 -18.65
N ASP O 75 -54.90 37.54 -17.55
CA ASP O 75 -56.17 36.76 -17.57
C ASP O 75 -57.06 37.22 -18.72
N ASP O 76 -57.44 36.28 -19.60
CA ASP O 76 -58.28 36.60 -20.79
C ASP O 76 -57.88 37.97 -21.33
N GLU O 77 -56.59 38.15 -21.65
CA GLU O 77 -56.14 39.49 -22.09
C GLU O 77 -54.79 39.43 -22.79
N LEU O 78 -54.60 40.28 -23.81
CA LEU O 78 -53.29 40.36 -24.51
C LEU O 78 -52.80 41.80 -24.42
N TYR O 79 -51.52 42.03 -24.09
CA TYR O 79 -51.06 43.39 -23.90
C TYR O 79 -49.78 43.61 -24.70
N GLU O 80 -49.70 44.76 -25.38
CA GLU O 80 -48.51 45.18 -26.12
C GLU O 80 -47.98 46.45 -25.48
N ASP O 81 -46.82 46.35 -24.83
CA ASP O 81 -46.18 47.49 -24.17
C ASP O 81 -47.12 48.13 -23.16
N GLY O 82 -47.88 47.30 -22.44
CA GLY O 82 -48.85 47.79 -21.48
C GLY O 82 -50.17 48.23 -22.06
N VAL O 83 -50.36 48.12 -23.38
CA VAL O 83 -51.59 48.51 -24.05
C VAL O 83 -52.34 47.25 -24.45
N SER O 84 -53.60 47.15 -24.04
CA SER O 84 -54.40 45.98 -24.35
C SER O 84 -54.67 45.88 -25.85
N LEU O 85 -54.56 44.67 -26.38
CA LEU O 85 -54.87 44.41 -27.78
C LEU O 85 -56.17 43.65 -27.98
N GLY O 86 -56.58 42.85 -27.00
CA GLY O 86 -57.80 42.09 -27.13
C GLY O 86 -57.86 40.99 -26.10
N THR O 87 -58.93 40.21 -26.19
CA THR O 87 -59.20 39.11 -25.27
C THR O 87 -58.80 37.79 -25.93
N ILE O 88 -58.03 36.98 -25.20
CA ILE O 88 -57.55 35.69 -25.69
C ILE O 88 -58.30 34.60 -24.96
N ASN O 89 -58.87 33.66 -25.71
CA ASN O 89 -59.64 32.57 -25.14
C ASN O 89 -58.77 31.32 -25.00
N GLY O 90 -58.90 30.65 -23.87
CA GLY O 90 -58.14 29.46 -23.58
C GLY O 90 -57.71 29.44 -22.13
N THR O 91 -57.64 28.24 -21.56
CA THR O 91 -57.30 28.06 -20.15
C THR O 91 -56.02 27.24 -19.97
N GLY O 92 -55.24 27.02 -21.03
CA GLY O 92 -54.02 26.27 -20.93
C GLY O 92 -52.79 27.16 -20.98
N PRO O 93 -51.61 26.55 -21.00
CA PRO O 93 -50.38 27.35 -21.11
C PRO O 93 -50.34 28.10 -22.42
N VAL O 94 -49.76 29.29 -22.38
CA VAL O 94 -49.69 30.18 -23.54
C VAL O 94 -48.40 29.92 -24.29
N SER O 95 -48.51 29.74 -25.60
CA SER O 95 -47.36 29.51 -26.47
C SER O 95 -47.31 30.59 -27.54
N PHE O 96 -46.11 31.07 -27.81
CA PHE O 96 -45.87 32.12 -28.79
C PHE O 96 -45.07 31.57 -29.97
N ALA O 97 -45.34 32.12 -31.15
CA ALA O 97 -44.57 31.79 -32.35
C ALA O 97 -44.54 33.01 -33.24
N ALA O 98 -43.37 33.60 -33.42
CA ALA O 98 -43.27 34.89 -34.09
C ALA O 98 -42.20 34.87 -35.18
N ILE O 99 -42.46 35.62 -36.24
CA ILE O 99 -41.49 35.90 -37.28
C ILE O 99 -41.44 37.41 -37.47
N GLU O 100 -40.74 37.89 -38.51
CA GLU O 100 -40.43 39.31 -38.61
C GLU O 100 -41.66 40.20 -38.50
N ASP O 101 -42.81 39.77 -39.02
CA ASP O 101 -43.99 40.63 -39.03
C ASP O 101 -45.28 39.96 -38.59
N GLU O 102 -45.22 38.76 -37.99
CA GLU O 102 -46.42 38.07 -37.52
C GLU O 102 -46.14 37.42 -36.18
N LEU O 103 -47.14 37.44 -35.31
CA LEU O 103 -47.05 36.81 -33.99
C LEU O 103 -48.30 35.99 -33.74
N LEU O 104 -48.13 34.70 -33.48
CA LEU O 104 -49.22 33.79 -33.19
C LEU O 104 -49.19 33.40 -31.71
N VAL O 105 -50.34 33.51 -31.05
CA VAL O 105 -50.47 33.19 -29.64
C VAL O 105 -51.52 32.09 -29.51
N CYS O 106 -51.18 31.04 -28.76
CA CYS O 106 -52.09 29.93 -28.53
C CYS O 106 -52.28 29.74 -27.03
N ALA O 107 -53.54 29.77 -26.59
CA ALA O 107 -53.88 29.58 -25.19
C ALA O 107 -54.43 28.19 -24.90
N GLY O 108 -54.35 27.28 -25.86
CA GLY O 108 -54.86 25.93 -25.70
C GLY O 108 -56.16 25.66 -26.40
N GLU O 109 -56.86 26.70 -26.89
CA GLU O 109 -58.13 26.52 -27.59
C GLU O 109 -58.08 27.02 -29.02
N SER O 110 -57.63 28.25 -29.25
CA SER O 110 -57.63 28.83 -30.58
C SER O 110 -56.34 29.62 -30.79
N ILE O 111 -56.08 29.94 -32.05
CA ILE O 111 -54.88 30.66 -32.45
C ILE O 111 -55.24 32.12 -32.73
N TRP O 112 -54.44 33.04 -32.20
CA TRP O 112 -54.66 34.46 -32.41
C TRP O 112 -53.45 35.05 -33.12
N SER O 113 -53.69 35.83 -34.16
CA SER O 113 -52.66 36.42 -35.00
C SER O 113 -52.60 37.92 -34.80
N TYR O 114 -51.39 38.45 -34.67
CA TYR O 114 -51.16 39.88 -34.54
C TYR O 114 -50.05 40.28 -35.50
N ASP O 115 -50.34 41.26 -36.36
CA ASP O 115 -49.39 41.74 -37.36
C ASP O 115 -48.95 43.17 -37.10
N GLY O 116 -49.17 43.69 -35.89
CA GLY O 116 -48.85 45.06 -35.56
C GLY O 116 -49.98 46.04 -35.78
N THR O 117 -51.07 45.61 -36.41
CA THR O 117 -52.22 46.47 -36.67
C THR O 117 -53.46 46.01 -35.92
N THR O 118 -53.87 44.75 -36.10
CA THR O 118 -55.07 44.23 -35.48
C THR O 118 -54.83 42.80 -35.00
N LEU O 119 -55.55 42.43 -33.95
CA LEU O 119 -55.52 41.07 -33.41
C LEU O 119 -56.73 40.31 -33.93
N ASP O 120 -56.48 39.21 -34.64
CA ASP O 120 -57.54 38.44 -35.28
C ASP O 120 -57.48 36.99 -34.82
N GLU O 121 -58.58 36.28 -35.04
CA GLU O 121 -58.63 34.85 -34.80
C GLU O 121 -58.30 34.10 -36.08
N VAL O 122 -57.46 33.06 -35.97
CA VAL O 122 -57.01 32.29 -37.11
C VAL O 122 -57.95 31.11 -37.29
N THR O 123 -58.55 30.99 -38.47
CA THR O 123 -59.39 29.84 -38.76
C THR O 123 -58.53 28.58 -38.87
N PHE O 124 -59.03 27.48 -38.33
CA PHE O 124 -58.29 26.24 -38.33
C PHE O 124 -59.11 25.15 -39.03
N PRO O 125 -58.45 24.17 -39.64
CA PRO O 125 -59.18 23.07 -40.28
C PRO O 125 -60.12 22.38 -39.30
N ASP O 126 -61.33 22.09 -39.76
CA ASP O 126 -62.39 21.43 -39.01
C ASP O 126 -62.80 22.22 -37.76
N GLY O 127 -62.30 23.44 -37.59
CA GLY O 127 -62.61 24.23 -36.41
C GLY O 127 -62.18 23.59 -35.11
N ALA O 128 -61.06 22.86 -35.14
CA ALA O 128 -60.62 22.11 -33.97
C ALA O 128 -59.87 23.04 -33.01
N ASP O 129 -59.40 22.46 -31.90
CA ASP O 129 -58.65 23.19 -30.89
C ASP O 129 -57.17 22.88 -31.04
N VAL O 130 -56.34 23.89 -30.80
CA VAL O 130 -54.89 23.78 -30.94
C VAL O 130 -54.28 23.86 -29.54
N THR O 131 -53.43 22.88 -29.22
CA THR O 131 -52.76 22.85 -27.92
C THR O 131 -51.49 23.69 -27.91
N LYS O 132 -50.62 23.53 -28.91
CA LYS O 132 -49.36 24.25 -28.93
C LYS O 132 -49.06 24.72 -30.34
N VAL O 133 -48.39 25.86 -30.44
CA VAL O 133 -47.98 26.48 -31.69
C VAL O 133 -46.50 26.83 -31.60
N ALA O 134 -45.75 26.46 -32.64
CA ALA O 134 -44.32 26.75 -32.70
C ALA O 134 -43.95 27.16 -34.12
N TYR O 135 -42.71 27.58 -34.28
CA TYR O 135 -42.18 27.98 -35.59
C TYR O 135 -40.91 27.20 -35.87
N SER O 136 -40.77 26.72 -37.11
CA SER O 136 -39.60 25.92 -37.47
C SER O 136 -39.39 25.99 -38.99
N SER O 137 -38.19 26.41 -39.39
CA SER O 137 -37.74 26.37 -40.77
C SER O 137 -38.75 26.99 -41.74
N GLY O 138 -39.29 28.15 -41.36
CA GLY O 138 -40.20 28.88 -42.21
C GLY O 138 -41.64 28.45 -42.13
N TYR O 139 -41.96 27.43 -41.33
CA TYR O 139 -43.32 26.94 -41.19
C TYR O 139 -43.83 27.15 -39.78
N PHE O 140 -45.15 27.26 -39.65
CA PHE O 140 -45.81 27.34 -38.36
C PHE O 140 -46.48 26.01 -38.07
N ILE O 141 -46.15 25.42 -36.93
CA ILE O 141 -46.63 24.10 -36.54
C ILE O 141 -47.66 24.25 -35.43
N ALA O 142 -48.81 23.61 -35.60
CA ALA O 142 -49.87 23.64 -34.60
C ALA O 142 -50.34 22.22 -34.32
N LEU O 143 -50.35 21.84 -33.04
CA LEU O 143 -50.76 20.50 -32.63
C LEU O 143 -52.27 20.51 -32.40
N ARG O 144 -52.99 19.60 -33.06
CA ARG O 144 -54.42 19.52 -32.83
C ARG O 144 -54.69 18.86 -31.48
N ALA O 145 -55.67 19.41 -30.75
CA ALA O 145 -56.00 18.89 -29.43
C ALA O 145 -56.76 17.58 -29.55
N GLY O 146 -56.35 16.59 -28.76
CA GLY O 146 -57.04 15.31 -28.71
C GLY O 146 -56.65 14.33 -29.80
N THR O 147 -55.79 14.72 -30.73
CA THR O 147 -55.35 13.84 -31.80
C THR O 147 -53.84 13.93 -31.93
N GLY O 148 -53.24 12.86 -32.46
CA GLY O 148 -51.81 12.84 -32.69
C GLY O 148 -51.44 13.42 -34.04
N GLN O 149 -52.00 14.57 -34.37
CA GLN O 149 -51.78 15.21 -35.66
C GLN O 149 -51.34 16.65 -35.47
N TRP O 150 -50.46 17.10 -36.36
CA TRP O 150 -50.00 18.48 -36.36
C TRP O 150 -50.05 19.06 -37.77
N TYR O 151 -50.47 20.31 -37.85
CA TYR O 151 -50.65 21.01 -39.12
C TYR O 151 -49.55 22.05 -39.30
N PHE O 152 -49.01 22.12 -40.51
CA PHE O 152 -48.00 23.11 -40.85
C PHE O 152 -48.61 24.16 -41.77
N SER O 153 -48.32 25.43 -41.48
CA SER O 153 -48.87 26.54 -42.23
C SER O 153 -48.09 26.72 -43.54
N ALA O 154 -48.36 27.82 -44.24
CA ALA O 154 -47.65 28.14 -45.47
C ALA O 154 -46.30 28.75 -45.14
N LEU O 155 -45.62 29.29 -46.14
CA LEU O 155 -44.29 29.87 -45.97
C LEU O 155 -44.45 31.27 -45.39
N TYR O 156 -44.01 31.46 -44.14
CA TYR O 156 -43.98 32.75 -43.47
C TYR O 156 -45.37 33.39 -43.37
N ASP O 157 -46.42 32.59 -43.36
CA ASP O 157 -47.80 33.08 -43.25
C ASP O 157 -48.55 32.21 -42.26
N GLY O 158 -48.71 32.71 -41.03
CA GLY O 158 -49.39 31.95 -40.00
C GLY O 158 -50.90 32.01 -40.04
N THR O 159 -51.47 32.83 -40.91
CA THR O 159 -52.91 32.98 -41.01
C THR O 159 -53.54 32.06 -42.04
N SER O 160 -52.73 31.28 -42.76
CA SER O 160 -53.21 30.38 -43.81
C SER O 160 -52.89 28.95 -43.42
N TRP O 161 -53.91 28.17 -43.10
CA TRP O 161 -53.77 26.77 -42.72
C TRP O 161 -54.66 25.93 -43.63
N ASP O 162 -54.08 24.87 -44.20
CA ASP O 162 -54.80 23.99 -45.09
C ASP O 162 -55.17 22.69 -44.38
N GLY O 163 -56.33 22.13 -44.74
CA GLY O 163 -56.77 20.89 -44.15
C GLY O 163 -55.96 19.68 -44.57
N LEU O 164 -55.27 19.77 -45.71
CA LEU O 164 -54.41 18.69 -46.18
C LEU O 164 -52.98 18.81 -45.68
N ASP O 165 -52.57 20.00 -45.24
CA ASP O 165 -51.24 20.21 -44.67
C ASP O 165 -51.25 19.68 -43.25
N PHE O 166 -51.04 18.37 -43.12
CA PHE O 166 -51.13 17.72 -41.81
C PHE O 166 -50.23 16.50 -41.81
N ALA O 167 -49.68 16.18 -40.64
CA ALA O 167 -48.86 15.00 -40.46
C ALA O 167 -49.23 14.32 -39.15
N THR O 168 -49.01 13.01 -39.10
CA THR O 168 -49.39 12.18 -37.96
C THR O 168 -48.16 11.50 -37.38
N ALA O 169 -48.09 11.46 -36.05
CA ALA O 169 -47.02 10.75 -35.35
C ALA O 169 -47.37 9.27 -35.31
N GLU O 170 -46.76 8.48 -36.20
CA GLU O 170 -47.14 7.08 -36.33
C GLU O 170 -46.75 6.27 -35.11
N SER O 171 -45.60 6.58 -34.50
CA SER O 171 -45.11 5.78 -33.38
C SER O 171 -45.99 5.89 -32.15
N GLU O 172 -46.75 6.97 -32.01
CA GLU O 172 -47.59 7.18 -30.83
C GLU O 172 -49.06 7.28 -31.26
N PRO O 173 -49.89 6.29 -30.92
CA PRO O 173 -51.29 6.32 -31.38
C PRO O 173 -52.18 7.28 -30.61
N ASP O 174 -51.70 7.83 -29.50
CA ASP O 174 -52.50 8.77 -28.71
C ASP O 174 -52.22 10.18 -29.23
N ALA O 175 -52.67 11.19 -28.49
CA ALA O 175 -52.55 12.57 -28.90
C ALA O 175 -51.22 13.17 -28.47
N LEU O 176 -50.67 14.04 -29.32
CA LEU O 176 -49.47 14.78 -28.97
C LEU O 176 -49.79 15.83 -27.92
N LEU O 177 -48.78 16.25 -27.18
CA LEU O 177 -48.99 17.20 -26.09
C LEU O 177 -48.08 18.41 -26.17
N ASP O 178 -46.87 18.27 -26.71
CA ASP O 178 -45.94 19.38 -26.69
C ASP O 178 -45.01 19.30 -27.91
N ILE O 179 -44.36 20.42 -28.19
CA ILE O 179 -43.39 20.51 -29.28
C ILE O 179 -42.30 21.48 -28.87
N VAL O 180 -41.05 21.11 -29.14
CA VAL O 180 -39.91 21.99 -28.94
C VAL O 180 -39.14 22.08 -30.25
N VAL O 181 -38.26 23.08 -30.33
CA VAL O 181 -37.43 23.31 -31.51
C VAL O 181 -35.98 23.11 -31.09
N LEU O 182 -35.40 21.97 -31.47
CA LEU O 182 -34.03 21.64 -31.15
C LEU O 182 -33.21 21.61 -32.43
N ASP O 183 -32.14 22.40 -32.48
CA ASP O 183 -31.25 22.49 -33.63
C ASP O 183 -32.01 22.88 -34.90
N GLY O 184 -33.06 23.68 -34.74
CA GLY O 184 -33.87 24.10 -35.87
C GLY O 184 -34.89 23.09 -36.33
N ASN O 185 -34.99 21.94 -35.68
CA ASN O 185 -35.93 20.90 -36.08
C ASN O 185 -36.96 20.66 -34.98
N PRO O 186 -38.19 20.29 -35.35
CA PRO O 186 -39.23 20.08 -34.34
C PRO O 186 -39.14 18.71 -33.70
N VAL O 187 -39.30 18.68 -32.38
CA VAL O 187 -39.37 17.46 -31.59
C VAL O 187 -40.73 17.43 -30.91
N PHE O 188 -41.46 16.33 -31.09
CA PHE O 188 -42.83 16.21 -30.62
C PHE O 188 -42.90 15.27 -29.43
N PHE O 189 -43.54 15.74 -28.36
CA PHE O 189 -43.74 14.95 -27.15
C PHE O 189 -45.21 14.56 -27.06
N GLY O 190 -45.48 13.26 -27.10
CA GLY O 190 -46.80 12.73 -26.88
C GLY O 190 -46.92 12.03 -25.54
N THR O 191 -48.07 11.38 -25.35
CA THR O 191 -48.32 10.67 -24.11
C THR O 191 -47.54 9.36 -23.99
N GLN O 192 -47.05 8.83 -25.12
CA GLN O 192 -46.40 7.52 -25.11
C GLN O 192 -45.04 7.49 -25.80
N SER O 193 -44.64 8.53 -26.52
CA SER O 193 -43.38 8.50 -27.24
C SER O 193 -42.91 9.92 -27.51
N VAL O 194 -41.63 10.03 -27.85
CA VAL O 194 -41.02 11.29 -28.26
C VAL O 194 -40.47 11.09 -29.66
N GLU O 195 -40.90 11.94 -30.60
CA GLU O 195 -40.56 11.78 -32.01
C GLU O 195 -39.69 12.93 -32.47
N PHE O 196 -38.70 12.59 -33.30
CA PHE O 196 -37.79 13.56 -33.90
C PHE O 196 -38.15 13.75 -35.38
N TRP O 197 -38.31 14.99 -35.80
CA TRP O 197 -38.65 15.31 -37.18
C TRP O 197 -37.67 16.34 -37.71
N SER O 198 -37.44 16.32 -39.02
CA SER O 198 -36.51 17.23 -39.67
C SER O 198 -37.12 17.75 -40.96
N ALA O 199 -36.71 18.95 -41.34
CA ALA O 199 -37.23 19.63 -42.54
C ALA O 199 -36.41 19.18 -43.74
N THR O 200 -36.99 18.31 -44.56
CA THR O 200 -36.28 17.78 -45.73
C THR O 200 -36.57 18.59 -47.00
N GLY O 201 -36.47 19.91 -46.90
CA GLY O 201 -36.40 20.78 -48.07
C GLY O 201 -37.52 20.69 -49.09
N ASP O 202 -38.53 19.84 -48.85
CA ASP O 202 -39.54 19.56 -49.87
C ASP O 202 -40.78 20.39 -49.59
N PRO O 203 -41.22 21.25 -50.51
CA PRO O 203 -42.42 22.07 -50.24
C PRO O 203 -43.67 21.25 -50.00
N ASP O 204 -43.85 20.13 -50.71
CA ASP O 204 -45.06 19.32 -50.52
C ASP O 204 -45.02 18.57 -49.19
N ILE O 205 -43.88 17.97 -48.86
CA ILE O 205 -43.70 17.30 -47.58
C ILE O 205 -42.59 18.03 -46.84
N PRO O 206 -42.91 19.01 -45.99
CA PRO O 206 -41.85 19.83 -45.39
C PRO O 206 -41.08 19.11 -44.31
N PHE O 207 -41.72 18.23 -43.53
CA PHE O 207 -41.07 17.57 -42.41
C PHE O 207 -41.23 16.06 -42.54
N ALA O 208 -40.17 15.34 -42.20
CA ALA O 208 -40.14 13.89 -42.19
C ALA O 208 -39.57 13.40 -40.87
N PRO O 209 -40.08 12.30 -40.34
CA PRO O 209 -39.58 11.81 -39.05
C PRO O 209 -38.21 11.19 -39.20
N ILE O 210 -37.43 11.26 -38.13
CA ILE O 210 -36.12 10.61 -38.08
C ILE O 210 -36.35 9.15 -37.67
N GLN O 211 -36.12 8.24 -38.61
CA GLN O 211 -36.39 6.83 -38.36
C GLN O 211 -35.43 6.26 -37.32
N ASN O 212 -35.93 5.30 -36.55
CA ASN O 212 -35.14 4.58 -35.55
C ASN O 212 -34.54 5.52 -34.51
N ARG O 213 -35.30 6.55 -34.13
CA ARG O 213 -34.88 7.44 -33.04
C ARG O 213 -36.13 7.96 -32.34
N THR O 214 -36.53 7.26 -31.29
CA THR O 214 -37.65 7.67 -30.44
C THR O 214 -37.37 7.23 -29.02
N PHE O 215 -38.03 7.90 -28.07
CA PHE O 215 -37.94 7.56 -26.66
C PHE O 215 -39.28 6.98 -26.20
N GLU O 216 -39.22 5.84 -25.52
CA GLU O 216 -40.45 5.18 -25.06
C GLU O 216 -41.16 5.99 -23.99
N GLN O 217 -40.48 6.90 -23.32
CA GLN O 217 -41.11 7.76 -22.35
C GLN O 217 -41.97 8.81 -23.05
N GLY O 218 -42.92 9.36 -22.30
CA GLY O 218 -43.79 10.38 -22.85
C GLY O 218 -43.61 11.72 -22.16
N ILE O 219 -44.67 12.53 -22.14
CA ILE O 219 -44.67 13.81 -21.45
C ILE O 219 -45.91 13.86 -20.57
N PHE O 220 -45.75 14.42 -19.37
CA PHE O 220 -46.86 14.44 -18.41
C PHE O 220 -48.00 15.31 -18.92
N ALA O 221 -47.69 16.51 -19.39
CA ALA O 221 -48.72 17.44 -19.84
C ALA O 221 -48.07 18.50 -20.71
N THR O 222 -48.90 19.38 -21.27
CA THR O 222 -48.40 20.46 -22.11
C THR O 222 -47.61 21.46 -21.29
N GLY O 223 -46.55 21.99 -21.87
CA GLY O 223 -45.71 22.96 -21.21
C GLY O 223 -44.63 22.40 -20.31
N CYS O 224 -44.39 21.09 -20.37
CA CYS O 224 -43.40 20.43 -19.53
C CYS O 224 -42.14 20.09 -20.30
N ALA O 225 -41.71 20.96 -21.22
CA ALA O 225 -40.50 20.71 -21.99
C ALA O 225 -39.81 22.03 -22.29
N VAL O 226 -38.51 22.10 -22.00
CA VAL O 226 -37.69 23.27 -22.28
C VAL O 226 -36.40 22.80 -22.93
N ALA O 227 -35.60 23.75 -23.43
CA ALA O 227 -34.33 23.44 -24.06
C ALA O 227 -33.29 24.48 -23.64
N ILE O 228 -32.12 24.00 -23.20
CA ILE O 228 -31.08 24.93 -22.76
C ILE O 228 -29.76 24.75 -23.49
N ASP O 229 -29.09 23.63 -23.26
CA ASP O 229 -27.72 23.42 -23.72
C ASP O 229 -27.70 22.54 -24.98
N ASN O 230 -28.31 23.06 -26.05
CA ASN O 230 -28.48 22.29 -27.28
C ASN O 230 -29.15 20.95 -27.00
N SER O 231 -29.96 20.90 -25.95
CA SER O 231 -30.66 19.71 -25.52
C SER O 231 -31.90 20.15 -24.76
N PHE O 232 -32.81 19.22 -24.53
CA PHE O 232 -34.09 19.53 -23.94
C PHE O 232 -34.34 18.68 -22.70
N PHE O 233 -34.96 19.31 -21.71
CA PHE O 233 -35.44 18.66 -20.50
C PHE O 233 -36.95 18.55 -20.57
N TRP O 234 -37.48 17.36 -20.24
CA TRP O 234 -38.91 17.18 -20.26
C TRP O 234 -39.34 16.26 -19.13
N VAL O 235 -40.54 16.53 -18.60
CA VAL O 235 -41.11 15.71 -17.53
C VAL O 235 -41.81 14.52 -18.18
N GLY O 236 -41.34 13.32 -17.87
CA GLY O 236 -41.89 12.13 -18.46
C GLY O 236 -43.28 11.81 -17.92
N ALA O 237 -43.92 10.82 -18.56
CA ALA O 237 -45.24 10.40 -18.13
C ALA O 237 -45.24 9.79 -16.74
N ASP O 238 -44.07 9.37 -16.25
CA ASP O 238 -43.93 8.84 -14.90
C ASP O 238 -43.49 9.90 -13.90
N LYS O 239 -43.72 11.17 -14.21
CA LYS O 239 -43.39 12.30 -13.32
C LYS O 239 -41.90 12.32 -12.98
N ILE O 240 -41.07 12.03 -13.97
CA ILE O 240 -39.62 12.04 -13.83
C ILE O 240 -39.04 12.97 -14.89
N VAL O 241 -38.13 13.86 -14.47
CA VAL O 241 -37.51 14.80 -15.39
C VAL O 241 -36.36 14.11 -16.11
N TYR O 242 -36.36 14.21 -17.43
CA TYR O 242 -35.35 13.56 -18.27
C TYR O 242 -34.61 14.61 -19.10
N ARG O 243 -33.32 14.36 -19.29
CA ARG O 243 -32.46 15.16 -20.14
C ARG O 243 -32.26 14.46 -21.48
N ASN O 244 -32.25 15.24 -22.56
CA ASN O 244 -32.02 14.67 -23.87
C ASN O 244 -30.59 14.14 -23.99
N ASP O 245 -30.45 12.96 -24.58
CA ASP O 245 -29.17 12.30 -24.77
C ASP O 245 -29.42 11.12 -25.69
N ALA O 246 -28.34 10.42 -26.06
CA ALA O 246 -28.50 9.17 -26.81
C ALA O 246 -29.38 8.19 -26.05
N VAL O 247 -29.24 8.16 -24.72
CA VAL O 247 -30.19 7.48 -23.84
C VAL O 247 -30.61 8.50 -22.79
N PRO O 248 -31.89 8.86 -22.71
CA PRO O 248 -32.32 9.86 -21.72
C PRO O 248 -31.94 9.45 -20.31
N VAL O 249 -31.51 10.43 -19.53
CA VAL O 249 -31.07 10.22 -18.15
C VAL O 249 -32.03 10.94 -17.22
N ALA O 250 -32.36 10.29 -16.11
CA ALA O 250 -33.26 10.88 -15.11
C ALA O 250 -32.44 11.82 -14.24
N VAL O 251 -32.50 13.12 -14.53
CA VAL O 251 -31.78 14.11 -13.75
C VAL O 251 -32.47 14.44 -12.43
N ALA O 252 -33.63 13.87 -12.17
CA ALA O 252 -34.36 14.09 -10.93
C ALA O 252 -34.13 12.91 -10.00
N ASP O 253 -33.68 13.21 -8.78
CA ASP O 253 -33.42 12.18 -7.80
C ASP O 253 -34.72 11.63 -7.21
N ASP O 254 -34.59 10.73 -6.25
CA ASP O 254 -35.77 10.08 -5.68
C ASP O 254 -36.66 11.08 -4.95
N GLY O 255 -36.07 12.02 -4.22
CA GLY O 255 -36.87 13.01 -3.50
C GLY O 255 -37.64 13.92 -4.43
N ILE O 256 -37.01 14.34 -5.54
CA ILE O 256 -37.68 15.21 -6.49
C ILE O 256 -38.88 14.50 -7.11
N VAL O 257 -38.71 13.24 -7.50
CA VAL O 257 -39.81 12.48 -8.08
C VAL O 257 -40.90 12.25 -7.04
N GLU O 258 -40.51 12.01 -5.79
CA GLU O 258 -41.50 11.80 -4.73
C GLU O 258 -42.34 13.05 -4.52
N ARG O 259 -41.70 14.23 -4.53
CA ARG O 259 -42.46 15.47 -4.40
C ARG O 259 -43.32 15.73 -5.62
N ALA O 260 -42.82 15.39 -6.81
CA ALA O 260 -43.59 15.61 -8.03
C ALA O 260 -44.84 14.73 -8.06
N THR O 261 -44.73 13.49 -7.58
CA THR O 261 -45.88 12.58 -7.59
C THR O 261 -46.99 13.07 -6.68
N GLY O 262 -46.66 13.87 -5.67
CA GLY O 262 -47.67 14.43 -4.79
C GLY O 262 -48.41 15.63 -5.34
N SER O 263 -48.04 16.10 -6.53
CA SER O 263 -48.66 17.25 -7.15
C SER O 263 -49.45 16.81 -8.37
N THR O 264 -50.65 17.37 -8.53
CA THR O 264 -51.51 17.03 -9.65
C THR O 264 -51.23 17.86 -10.89
N ASP O 265 -50.49 18.96 -10.77
CA ASP O 265 -50.19 19.83 -11.90
C ASP O 265 -48.70 20.19 -11.86
N LEU O 266 -48.00 19.89 -12.95
CA LEU O 266 -46.57 20.17 -13.06
C LEU O 266 -46.31 21.07 -14.25
N ARG O 267 -45.43 22.05 -14.07
CA ARG O 267 -45.06 22.96 -15.16
C ARG O 267 -43.56 23.14 -15.17
N LEU O 268 -42.93 22.95 -16.33
CA LEU O 268 -41.50 23.12 -16.49
C LEU O 268 -41.23 24.42 -17.23
N PHE O 269 -40.45 25.30 -16.62
CA PHE O 269 -40.12 26.58 -17.24
C PHE O 269 -38.65 26.87 -16.95
N LEU O 270 -38.23 28.11 -17.24
CA LEU O 270 -36.82 28.46 -17.24
C LEU O 270 -36.57 29.70 -16.41
N LEU O 271 -35.44 29.72 -15.71
CA LEU O 271 -34.97 30.90 -14.99
C LEU O 271 -33.50 31.14 -15.31
N ILE O 272 -33.12 32.41 -15.33
CA ILE O 272 -31.80 32.82 -15.77
C ILE O 272 -31.15 33.64 -14.66
N ASP O 273 -30.00 33.20 -14.17
CA ASP O 273 -29.11 33.99 -13.35
C ASP O 273 -27.83 34.21 -14.14
N GLU O 274 -27.00 35.15 -13.65
CA GLU O 274 -25.86 35.67 -14.40
C GLU O 274 -25.17 34.61 -15.25
N ARG O 275 -24.82 33.48 -14.64
CA ARG O 275 -24.29 32.35 -15.37
C ARG O 275 -25.15 31.10 -15.24
N HIS O 276 -26.13 31.09 -14.34
CA HIS O 276 -26.83 29.87 -13.99
C HIS O 276 -28.10 29.71 -14.82
N LYS O 277 -28.32 28.51 -15.34
CA LYS O 277 -29.50 28.17 -16.12
C LYS O 277 -30.34 27.21 -15.29
N PHE O 278 -31.45 27.70 -14.75
CA PHE O 278 -32.29 26.89 -13.87
C PHE O 278 -33.48 26.35 -14.66
N VAL O 279 -33.58 25.04 -14.74
CA VAL O 279 -34.79 24.38 -15.23
C VAL O 279 -35.71 24.21 -14.02
N CYS O 280 -36.81 24.96 -13.99
CA CYS O 280 -37.66 25.02 -12.81
C CYS O 280 -38.90 24.17 -13.03
N LEU O 281 -39.07 23.16 -12.18
CA LEU O 281 -40.28 22.35 -12.15
C LEU O 281 -41.15 22.85 -11.01
N ARG O 282 -42.36 23.29 -11.34
CA ARG O 282 -43.27 23.93 -10.41
C ARG O 282 -44.51 23.07 -10.24
N GLY O 283 -44.84 22.75 -8.98
CA GLY O 283 -46.06 22.07 -8.64
C GLY O 283 -47.04 22.99 -7.96
N ASP O 284 -48.02 22.38 -7.29
CA ASP O 284 -49.01 23.16 -6.56
C ASP O 284 -48.46 23.73 -5.26
N THR O 285 -47.40 23.15 -4.71
CA THR O 285 -46.87 23.60 -3.43
C THR O 285 -45.35 23.66 -3.39
N PHE O 286 -44.67 23.58 -4.53
CA PHE O 286 -43.21 23.59 -4.53
C PHE O 286 -42.71 24.11 -5.87
N THR O 287 -41.42 24.46 -5.89
CA THR O 287 -40.76 24.94 -7.10
C THR O 287 -39.28 24.58 -7.00
N MET O 288 -38.88 23.53 -7.69
CA MET O 288 -37.51 23.03 -7.64
C MET O 288 -36.76 23.43 -8.90
N ALA O 289 -35.61 24.08 -8.71
CA ALA O 289 -34.78 24.51 -9.82
C ALA O 289 -33.55 23.61 -9.93
N PHE O 290 -33.36 23.03 -11.11
CA PHE O 290 -32.18 22.22 -11.41
C PHE O 290 -31.19 23.10 -12.17
N ASP O 291 -29.99 23.22 -11.63
CA ASP O 291 -28.95 24.07 -12.21
C ASP O 291 -28.20 23.28 -13.28
N ILE O 292 -28.15 23.82 -14.49
CA ILE O 292 -27.46 23.14 -15.59
C ILE O 292 -25.96 23.09 -15.32
N THR O 293 -25.39 24.20 -14.85
CA THR O 293 -23.95 24.28 -14.68
C THR O 293 -23.44 23.32 -13.61
N THR O 294 -24.16 23.21 -12.49
CA THR O 294 -23.69 22.44 -11.35
C THR O 294 -24.42 21.12 -11.15
N ASN O 295 -25.46 20.85 -11.95
CA ASN O 295 -26.21 19.59 -11.88
C ASN O 295 -26.74 19.33 -10.47
N GLU O 296 -27.30 20.36 -9.84
CA GLU O 296 -27.80 20.25 -8.48
C GLU O 296 -29.20 20.86 -8.39
N TRP O 297 -29.98 20.35 -7.45
CA TRP O 297 -31.35 20.81 -7.23
C TRP O 297 -31.41 21.76 -6.04
N CYS O 298 -32.15 22.85 -6.20
CA CYS O 298 -32.39 23.80 -5.13
C CYS O 298 -33.87 24.14 -5.08
N GLU O 299 -34.28 24.75 -3.99
CA GLU O 299 -35.68 25.11 -3.77
C GLU O 299 -35.82 26.62 -3.68
N PHE O 300 -36.79 27.17 -4.41
CA PHE O 300 -37.12 28.58 -4.35
C PHE O 300 -38.48 28.76 -3.70
N GLN O 301 -38.55 29.61 -2.69
CA GLN O 301 -39.80 29.90 -2.01
C GLN O 301 -39.92 31.40 -1.80
N SER O 302 -41.16 31.86 -1.68
CA SER O 302 -41.47 33.25 -1.37
C SER O 302 -42.11 33.30 0.01
N TYR O 303 -41.65 34.23 0.84
CA TYR O 303 -42.17 34.32 2.20
C TYR O 303 -43.64 34.71 2.19
N GLY O 304 -44.42 34.02 3.01
CA GLY O 304 -45.85 34.28 3.11
C GLY O 304 -46.69 33.62 2.02
N ARG O 305 -46.08 32.84 1.14
CA ARG O 305 -46.79 32.18 0.06
C ARG O 305 -46.51 30.69 0.07
N THR O 306 -47.45 29.92 -0.45
CA THR O 306 -47.31 28.47 -0.52
C THR O 306 -46.45 28.02 -1.69
N ASN O 307 -46.06 28.94 -2.58
CA ASN O 307 -45.24 28.60 -3.73
C ASN O 307 -44.46 29.83 -4.16
N PHE O 308 -43.44 29.61 -4.99
CA PHE O 308 -42.62 30.71 -5.48
C PHE O 308 -43.46 31.67 -6.31
N ARG O 309 -43.30 32.96 -6.06
CA ARG O 309 -44.10 33.96 -6.76
C ARG O 309 -43.82 33.97 -8.25
N CYS O 310 -42.55 33.86 -8.63
CA CYS O 310 -42.16 33.95 -10.03
C CYS O 310 -42.55 32.68 -10.77
N GLY O 311 -43.34 32.83 -11.82
CA GLY O 311 -43.70 31.73 -12.68
C GLY O 311 -42.88 31.73 -13.95
N PRO O 312 -43.42 31.11 -15.00
CA PRO O 312 -42.72 31.11 -16.29
C PRO O 312 -42.55 32.52 -16.83
N ASP O 313 -41.41 32.76 -17.47
CA ASP O 313 -41.10 34.04 -18.12
C ASP O 313 -41.18 35.21 -17.13
N MET O 314 -40.69 34.98 -15.90
CA MET O 314 -40.59 36.02 -14.88
C MET O 314 -41.95 36.65 -14.57
N GLY O 315 -43.01 35.87 -14.64
CA GLY O 315 -44.37 36.38 -14.44
C GLY O 315 -44.95 35.93 -13.10
N ASP O 316 -45.57 36.86 -12.40
CA ASP O 316 -46.21 36.56 -11.14
C ASP O 316 -47.42 35.66 -11.35
N ASP O 317 -47.67 34.79 -10.37
CA ASP O 317 -48.74 33.81 -10.47
C ASP O 317 -50.08 34.32 -9.97
N GLU O 318 -50.15 35.51 -9.41
CA GLU O 318 -51.41 36.05 -8.92
C GLU O 318 -51.70 37.43 -9.49
N THR O 319 -50.70 38.29 -9.62
CA THR O 319 -50.87 39.65 -10.09
C THR O 319 -50.11 39.83 -11.40
N GLY O 320 -50.47 40.87 -12.14
CA GLY O 320 -49.86 41.11 -13.43
C GLY O 320 -48.50 41.78 -13.35
N ILE O 321 -47.72 41.45 -12.32
CA ILE O 321 -46.39 42.02 -12.14
C ILE O 321 -45.36 41.12 -12.79
N ILE O 322 -44.43 41.72 -13.52
CA ILE O 322 -43.27 41.04 -14.08
C ILE O 322 -42.10 41.28 -13.15
N TRP O 323 -41.40 40.20 -12.79
CA TRP O 323 -40.29 40.33 -11.80
C TRP O 323 -38.94 40.39 -12.51
N ARG O 324 -37.89 40.83 -11.79
CA ARG O 324 -36.53 40.83 -12.36
C ARG O 324 -35.55 40.66 -11.19
N PHE O 325 -34.58 39.75 -11.32
CA PHE O 325 -33.64 39.49 -10.20
C PHE O 325 -32.87 40.77 -9.87
N GLU O 326 -33.15 41.37 -8.71
CA GLU O 326 -32.49 42.64 -8.34
C GLU O 326 -32.37 42.70 -6.81
N GLY O 327 -31.16 42.99 -6.31
CA GLY O 327 -30.94 43.06 -4.85
C GLY O 327 -31.26 41.74 -4.18
N TYR O 328 -31.72 41.79 -2.92
CA TYR O 328 -32.11 40.54 -2.21
C TYR O 328 -33.54 40.70 -1.68
N SER O 329 -33.93 41.93 -1.33
CA SER O 329 -35.33 42.18 -0.88
C SER O 329 -36.33 41.54 -1.83
N ASP O 330 -37.21 40.67 -1.32
CA ASP O 330 -38.25 40.05 -2.13
C ASP O 330 -39.50 40.90 -2.07
N ASN O 331 -39.77 41.65 -3.14
CA ASN O 331 -40.93 42.53 -3.23
C ASN O 331 -40.98 43.52 -2.08
N GLY O 332 -39.81 43.98 -1.63
CA GLY O 332 -39.73 44.86 -0.49
C GLY O 332 -39.85 44.17 0.85
N GLY O 333 -39.97 42.86 0.88
CA GLY O 333 -40.10 42.08 2.10
C GLY O 333 -38.80 41.42 2.50
N VAL O 334 -38.91 40.21 3.04
CA VAL O 334 -37.75 39.46 3.50
C VAL O 334 -37.54 38.26 2.59
N LEU O 335 -36.31 37.76 2.60
CA LEU O 335 -35.92 36.60 1.80
C LEU O 335 -35.35 35.54 2.74
N GLU O 336 -35.96 34.36 2.74
CA GLU O 336 -35.56 33.29 3.65
C GLU O 336 -34.51 32.42 2.98
N ARG O 337 -33.35 32.29 3.66
CA ARG O 337 -32.26 31.41 3.17
C ARG O 337 -32.04 30.34 4.24
N ARG O 338 -32.44 29.10 3.97
CA ARG O 338 -32.37 28.02 4.94
C ARG O 338 -31.57 26.86 4.37
N PHE O 339 -30.73 26.27 5.20
CA PHE O 339 -29.97 25.08 4.80
C PHE O 339 -29.67 24.25 6.03
N ARG O 340 -29.11 23.06 5.79
CA ARG O 340 -28.81 22.12 6.86
C ARG O 340 -27.41 21.56 6.68
N ALA O 341 -26.69 21.42 7.79
CA ALA O 341 -25.38 20.79 7.81
C ALA O 341 -25.37 19.76 8.93
N GLY O 342 -24.93 18.55 8.62
CA GLY O 342 -25.00 17.50 9.63
C GLY O 342 -23.94 16.45 9.44
N ALA O 343 -23.96 15.47 10.34
CA ALA O 343 -23.02 14.37 10.28
C ALA O 343 -23.61 13.16 10.99
N THR O 344 -23.23 11.98 10.51
CA THR O 344 -23.62 10.72 11.12
C THR O 344 -22.48 10.24 12.01
N LEU O 345 -22.82 9.82 13.22
CA LEU O 345 -21.79 9.47 14.17
C LEU O 345 -21.84 7.98 14.53
N PRO O 346 -20.69 7.36 14.80
CA PRO O 346 -20.71 5.98 15.28
C PRO O 346 -20.95 5.87 16.78
N GLY O 347 -20.69 6.92 17.54
CA GLY O 347 -20.91 6.91 18.97
C GLY O 347 -21.08 8.32 19.52
N PRO O 348 -20.63 8.54 20.76
CA PRO O 348 -20.76 9.86 21.35
C PRO O 348 -19.83 10.86 20.68
N PHE O 349 -20.28 12.12 20.65
CA PHE O 349 -19.48 13.19 20.09
C PHE O 349 -19.85 14.49 20.78
N ARG O 350 -18.84 15.29 21.11
CA ARG O 350 -19.03 16.57 21.79
C ARG O 350 -18.78 17.71 20.81
N VAL O 351 -19.73 18.62 20.72
CA VAL O 351 -19.63 19.78 19.83
C VAL O 351 -19.40 21.00 20.72
N ASN O 352 -18.16 21.45 20.80
CA ASN O 352 -17.84 22.61 21.62
C ASN O 352 -18.14 23.90 20.88
N ARG O 353 -17.68 24.01 19.63
CA ARG O 353 -17.90 25.20 18.81
C ARG O 353 -18.42 24.80 17.44
N LEU O 354 -19.44 25.52 16.98
CA LEU O 354 -19.94 25.43 15.62
C LEU O 354 -19.71 26.78 14.97
N ARG O 355 -18.81 26.83 14.00
CA ARG O 355 -18.44 28.06 13.32
C ARG O 355 -18.97 28.04 11.89
N LEU O 356 -19.45 29.18 11.42
CA LEU O 356 -20.02 29.30 10.09
C LEU O 356 -19.19 30.31 9.30
N ILE O 357 -18.27 29.81 8.46
CA ILE O 357 -17.49 30.66 7.58
C ILE O 357 -18.43 31.12 6.48
N CYS O 358 -18.83 32.40 6.53
CA CYS O 358 -19.85 32.93 5.63
C CYS O 358 -19.58 34.38 5.29
N GLU O 359 -20.57 35.05 4.72
CA GLU O 359 -20.49 36.48 4.39
C GLU O 359 -20.86 37.30 5.62
N VAL O 360 -20.01 38.27 5.96
CA VAL O 360 -20.22 39.12 7.12
C VAL O 360 -19.87 40.56 6.78
N GLY O 361 -20.58 41.49 7.41
CA GLY O 361 -20.25 42.90 7.29
C GLY O 361 -20.55 43.52 5.95
N THR O 362 -21.51 42.99 5.21
CA THR O 362 -21.86 43.50 3.89
C THR O 362 -23.30 44.01 3.87
N THR O 363 -23.73 44.62 4.97
CA THR O 363 -25.12 45.08 4.94
C THR O 363 -25.19 46.53 4.45
N PRO O 364 -26.11 46.83 3.54
CA PRO O 364 -26.25 48.22 3.06
C PRO O 364 -27.08 49.11 3.99
N ASN O 365 -27.55 48.60 5.11
CA ASN O 365 -28.36 49.36 6.05
C ASN O 365 -27.51 49.76 7.25
N LEU O 366 -27.63 51.03 7.65
CA LEU O 366 -26.89 51.57 8.77
C LEU O 366 -27.75 51.98 9.96
N SER O 367 -29.06 52.18 9.76
CA SER O 367 -29.93 52.64 10.84
C SER O 367 -31.18 51.80 11.03
N GLY O 368 -31.59 51.00 10.06
CA GLY O 368 -32.81 50.23 10.18
C GLY O 368 -32.62 49.01 11.06
N GLU O 369 -33.71 48.24 11.18
CA GLU O 369 -33.67 47.01 11.96
C GLU O 369 -32.77 45.96 11.33
N TYR O 370 -32.41 46.13 10.05
CA TYR O 370 -31.51 45.22 9.36
C TYR O 370 -30.08 45.72 9.32
N ALA O 371 -29.75 46.74 10.12
CA ALA O 371 -28.37 47.21 10.19
C ALA O 371 -27.44 46.11 10.69
N ASP O 372 -27.96 45.16 11.46
CA ASP O 372 -27.20 43.99 11.89
C ASP O 372 -28.13 42.80 11.72
N PRO O 373 -27.93 41.98 10.70
CA PRO O 373 -28.84 40.85 10.48
C PRO O 373 -28.61 39.73 11.48
N VAL O 374 -29.67 38.95 11.69
CA VAL O 374 -29.67 37.86 12.64
C VAL O 374 -29.85 36.55 11.88
N ILE O 375 -28.95 35.60 12.12
CA ILE O 375 -29.02 34.26 11.54
C ILE O 375 -29.20 33.26 12.67
N GLU O 376 -30.19 32.39 12.55
CA GLU O 376 -30.57 31.48 13.62
C GLU O 376 -30.15 30.06 13.28
N MET O 377 -29.53 29.40 14.26
CA MET O 377 -29.14 28.00 14.15
C MET O 377 -29.96 27.17 15.13
N ARG O 378 -30.39 26.00 14.68
CA ARG O 378 -31.22 25.13 15.50
C ARG O 378 -30.73 23.70 15.35
N ALA O 379 -30.47 23.03 16.47
CA ALA O 379 -29.82 21.74 16.47
C ALA O 379 -30.81 20.62 16.72
N SER O 380 -30.54 19.46 16.12
CA SER O 380 -31.34 18.26 16.32
C SER O 380 -30.42 17.05 16.40
N ASP O 381 -30.81 16.09 17.24
CA ASP O 381 -30.07 14.86 17.44
C ASP O 381 -30.73 13.64 16.83
N ASP O 382 -32.06 13.62 16.72
CA ASP O 382 -32.76 12.47 16.14
C ASP O 382 -33.00 12.65 14.64
N ALA O 383 -31.92 12.93 13.91
CA ALA O 383 -31.95 13.01 12.45
C ALA O 383 -32.98 14.03 11.95
N GLY O 384 -33.13 15.13 12.69
CA GLY O 384 -33.99 16.21 12.27
C GLY O 384 -35.46 16.02 12.54
N ASN O 385 -35.86 14.93 13.20
CA ASN O 385 -37.28 14.71 13.47
C ASN O 385 -37.80 15.70 14.51
N THR O 386 -37.06 15.87 15.61
CA THR O 386 -37.40 16.81 16.66
C THR O 386 -36.27 17.81 16.83
N TRP O 387 -36.62 19.09 16.90
CA TRP O 387 -35.65 20.16 16.90
C TRP O 387 -35.68 20.93 18.22
N GLY O 388 -34.61 21.68 18.45
CA GLY O 388 -34.49 22.53 19.62
C GLY O 388 -34.97 23.95 19.35
N ILE O 389 -34.52 24.86 20.20
CA ILE O 389 -34.90 26.26 20.09
C ILE O 389 -33.86 27.00 19.25
N TRP O 390 -34.33 27.91 18.40
CA TRP O 390 -33.42 28.69 17.58
C TRP O 390 -32.52 29.56 18.44
N GLU O 391 -31.24 29.59 18.11
CA GLU O 391 -30.26 30.46 18.74
C GLU O 391 -29.76 31.45 17.70
N GLY O 392 -29.80 32.73 18.03
CA GLY O 392 -29.49 33.79 17.08
C GLY O 392 -28.05 34.27 17.20
N GLU O 393 -27.45 34.56 16.06
CA GLU O 393 -26.14 35.17 15.95
C GLU O 393 -26.21 36.37 15.03
N THR O 394 -25.25 37.28 15.19
CA THR O 394 -25.22 38.53 14.44
C THR O 394 -24.19 38.42 13.33
N LEU O 395 -24.59 38.78 12.11
CA LEU O 395 -23.68 38.79 10.97
C LEU O 395 -22.76 40.01 10.96
N GLY O 396 -22.96 40.94 11.87
CA GLY O 396 -22.09 42.10 11.97
C GLY O 396 -22.65 43.31 11.23
N ALA O 397 -22.33 44.48 11.76
CA ALA O 397 -22.77 45.72 11.13
C ALA O 397 -21.98 45.97 9.86
N GLN O 398 -22.34 47.05 9.16
CA GLN O 398 -21.65 47.43 7.94
C GLN O 398 -20.18 47.74 8.23
N GLY O 399 -19.29 47.10 7.48
CA GLY O 399 -17.87 47.31 7.65
C GLY O 399 -17.18 46.34 8.58
N ASN O 400 -17.93 45.53 9.31
CA ASN O 400 -17.35 44.54 10.23
C ASN O 400 -17.09 43.26 9.45
N TYR O 401 -16.01 43.29 8.66
CA TYR O 401 -15.66 42.14 7.83
C TYR O 401 -14.95 41.04 8.60
N ARG O 402 -14.61 41.26 9.86
CA ARG O 402 -13.91 40.29 10.69
C ARG O 402 -14.82 39.68 11.75
N GLN O 403 -16.11 39.59 11.47
CA GLN O 403 -17.07 39.06 12.42
C GLN O 403 -17.07 37.53 12.36
N ARG O 404 -17.13 36.90 13.53
CA ARG O 404 -17.16 35.45 13.65
C ARG O 404 -18.56 35.00 14.00
N VAL O 405 -19.09 34.06 13.23
CA VAL O 405 -20.40 33.47 13.46
C VAL O 405 -20.16 32.15 14.18
N GLU O 406 -20.39 32.13 15.50
CA GLU O 406 -20.03 30.99 16.33
C GLU O 406 -21.16 30.67 17.29
N TRP O 407 -21.32 29.39 17.56
CA TRP O 407 -22.22 28.89 18.60
C TRP O 407 -21.42 27.97 19.51
N ARG O 408 -21.53 28.17 20.82
CA ARG O 408 -20.70 27.46 21.78
C ARG O 408 -21.54 26.58 22.69
N ALA O 409 -20.95 25.46 23.12
CA ALA O 409 -21.53 24.56 24.10
C ALA O 409 -22.89 24.02 23.63
N LEU O 410 -22.84 23.25 22.55
CA LEU O 410 -24.03 22.64 21.97
C LEU O 410 -24.30 21.25 22.52
N GLY O 411 -23.48 20.76 23.45
CA GLY O 411 -23.75 19.50 24.11
C GLY O 411 -23.13 18.30 23.43
N LEU O 412 -23.65 17.13 23.79
CA LEU O 412 -23.14 15.85 23.33
C LEU O 412 -24.15 15.22 22.37
N PHE O 413 -23.66 14.73 21.24
CA PHE O 413 -24.50 14.12 20.21
C PHE O 413 -24.15 12.65 20.08
N ASP O 414 -25.15 11.79 20.21
CA ASP O 414 -24.98 10.35 20.25
C ASP O 414 -25.14 9.75 18.85
N ASP O 415 -25.31 8.43 18.78
CA ASP O 415 -25.33 7.56 17.60
C ASP O 415 -26.02 8.14 16.36
N PRO O 416 -27.29 8.56 16.41
CA PRO O 416 -27.99 8.86 15.15
C PRO O 416 -27.36 9.98 14.35
N GLY O 417 -26.60 10.86 14.98
CA GLY O 417 -25.94 11.95 14.31
C GLY O 417 -26.51 13.31 14.70
N MET O 418 -25.81 14.34 14.26
CA MET O 418 -26.21 15.71 14.54
C MET O 418 -26.66 16.39 13.25
N LEU O 419 -27.63 17.30 13.37
CA LEU O 419 -28.11 18.05 12.22
C LEU O 419 -28.43 19.47 12.67
N PHE O 420 -27.77 20.46 12.07
CA PHE O 420 -27.97 21.86 12.40
C PHE O 420 -28.61 22.56 11.22
N GLU O 421 -29.74 23.22 11.48
CA GLU O 421 -30.45 23.98 10.47
C GLU O 421 -30.17 25.46 10.68
N HIS O 422 -29.70 26.13 9.63
CA HIS O 422 -29.39 27.55 9.66
C HIS O 422 -30.39 28.29 8.79
N ARG O 423 -31.02 29.32 9.36
CA ARG O 423 -32.03 30.12 8.69
C ARG O 423 -31.71 31.59 8.83
N MET O 424 -31.75 32.32 7.72
CA MET O 424 -31.43 33.74 7.69
C MET O 424 -32.46 34.43 6.81
N THR O 425 -33.30 35.27 7.42
CA THR O 425 -34.43 35.89 6.75
C THR O 425 -34.29 37.41 6.70
N ALA O 426 -33.09 37.89 6.41
CA ALA O 426 -32.89 39.32 6.27
C ALA O 426 -32.70 39.69 4.80
N PRO O 427 -33.21 40.85 4.36
CA PRO O 427 -33.10 41.26 2.96
C PRO O 427 -31.75 41.86 2.58
N VAL O 428 -30.67 41.15 2.92
CA VAL O 428 -29.33 41.53 2.55
C VAL O 428 -28.62 40.32 1.95
N SER O 429 -27.51 40.58 1.28
CA SER O 429 -26.79 39.52 0.58
C SER O 429 -26.28 38.48 1.56
N PHE O 430 -26.31 37.22 1.14
CA PHE O 430 -25.88 36.11 1.97
C PHE O 430 -25.03 35.15 1.14
N ARG O 431 -24.14 34.44 1.82
CA ARG O 431 -23.25 33.49 1.19
C ARG O 431 -22.63 32.62 2.28
N VAL O 432 -22.64 31.31 2.05
CA VAL O 432 -22.10 30.35 3.01
C VAL O 432 -20.91 29.64 2.36
N THR O 433 -19.76 29.72 3.00
CA THR O 433 -18.55 29.07 2.50
C THR O 433 -18.30 27.73 3.16
N ALA O 434 -18.40 27.64 4.49
CA ALA O 434 -18.11 26.40 5.16
C ALA O 434 -18.77 26.37 6.54
N VAL O 435 -18.91 25.16 7.07
CA VAL O 435 -19.39 24.92 8.42
C VAL O 435 -18.39 24.03 9.13
N THR O 436 -17.83 24.50 10.24
CA THR O 436 -16.80 23.77 10.97
C THR O 436 -17.28 23.46 12.38
N VAL O 437 -16.81 22.34 12.91
CA VAL O 437 -17.14 21.89 14.26
C VAL O 437 -15.84 21.71 15.03
N ASN O 438 -15.78 22.28 16.24
CA ASN O 438 -14.62 22.17 17.13
C ASN O 438 -13.35 22.68 16.45
N GLY O 439 -13.44 23.89 15.89
CA GLY O 439 -12.31 24.50 15.23
C GLY O 439 -11.28 25.01 16.22
N GLU O 440 -10.17 25.50 15.66
CA GLU O 440 -9.09 26.02 16.48
C GLU O 440 -9.51 27.33 17.16
N LEU O 441 -8.83 27.65 18.25
CA LEU O 441 -9.18 28.80 19.08
C LEU O 441 -8.86 30.10 18.33
N GLY O 442 -9.22 31.23 18.94
CA GLY O 442 -9.13 32.50 18.25
C GLY O 442 -7.72 33.02 18.13
N GLY O 443 -7.59 34.08 17.33
CA GLY O 443 -6.31 34.73 17.11
C GLY O 443 -6.31 36.18 17.53
N ARG O 444 -6.11 37.08 16.57
CA ARG O 444 -6.06 38.51 16.87
C ARG O 444 -7.47 39.03 17.19
N SER O 445 -7.54 40.30 17.58
CA SER O 445 -8.80 40.92 17.92
C SER O 445 -9.66 41.06 16.67
N ARG O 446 -10.96 40.77 16.81
CA ARG O 446 -11.88 40.84 15.68
C ARG O 446 -13.20 41.45 16.12
N ASP P 2 -18.84 -2.60 11.54
CA ASP P 2 -19.88 -2.47 10.52
C ASP P 2 -20.02 -3.74 9.69
N LEU P 3 -21.26 -4.23 9.59
CA LEU P 3 -21.56 -5.43 8.83
C LEU P 3 -22.19 -5.07 7.49
N ALA P 4 -21.78 -5.78 6.45
CA ALA P 4 -22.31 -5.56 5.11
C ALA P 4 -23.49 -6.50 4.88
N TYR P 5 -24.68 -5.94 4.68
CA TYR P 5 -25.86 -6.73 4.41
C TYR P 5 -25.96 -7.06 2.94
N GLY P 6 -26.82 -8.04 2.63
CA GLY P 6 -27.04 -8.42 1.25
C GLY P 6 -27.81 -7.36 0.47
N THR P 7 -27.12 -6.66 -0.43
CA THR P 7 -27.77 -5.63 -1.23
C THR P 7 -28.71 -6.21 -2.28
N GLY P 8 -28.53 -7.47 -2.63
CA GLY P 8 -29.40 -8.12 -3.60
C GLY P 8 -29.68 -9.54 -3.18
N ALA P 9 -30.84 -10.05 -3.61
CA ALA P 9 -31.25 -11.40 -3.27
C ALA P 9 -30.33 -12.40 -3.96
N TYR P 10 -29.57 -13.14 -3.17
CA TYR P 10 -28.61 -14.14 -3.67
C TYR P 10 -28.84 -15.43 -2.89
N ALA P 11 -29.66 -16.32 -3.46
CA ALA P 11 -29.99 -17.61 -2.85
C ALA P 11 -29.54 -18.71 -3.80
N ARG P 12 -28.27 -19.11 -3.67
CA ARG P 12 -27.70 -20.17 -4.55
C ARG P 12 -27.62 -21.49 -3.78
N THR P 13 -28.54 -22.41 -4.06
CA THR P 13 -28.56 -23.70 -3.38
C THR P 13 -27.51 -24.66 -3.88
N ARG P 14 -26.88 -24.37 -5.02
CA ARG P 14 -25.80 -25.20 -5.53
C ARG P 14 -24.51 -24.84 -4.81
N GLY P 15 -23.84 -25.84 -4.25
CA GLY P 15 -22.67 -25.60 -3.43
C GLY P 15 -22.95 -25.25 -1.99
N ASN P 16 -24.22 -25.16 -1.60
CA ASN P 16 -24.61 -24.80 -0.23
C ASN P 16 -23.99 -23.47 0.18
N LEU P 17 -23.94 -22.52 -0.76
CA LEU P 17 -23.43 -21.21 -0.45
C LEU P 17 -24.37 -20.48 0.51
N PRO P 18 -23.83 -19.61 1.37
CA PRO P 18 -24.69 -18.83 2.26
C PRO P 18 -25.68 -18.00 1.45
N GLU P 19 -26.91 -17.91 1.95
CA GLU P 19 -27.99 -17.22 1.26
C GLU P 19 -28.24 -15.87 1.92
N LEU P 20 -28.48 -14.86 1.09
CA LEU P 20 -28.79 -13.50 1.53
C LEU P 20 -30.09 -13.06 0.88
N PRO P 21 -31.23 -13.58 1.34
CA PRO P 21 -32.51 -13.23 0.72
C PRO P 21 -32.97 -11.84 1.11
N LEU P 22 -33.43 -11.09 0.13
CA LEU P 22 -34.00 -9.75 0.33
C LEU P 22 -35.48 -9.83 0.04
N VAL P 23 -36.30 -9.80 1.08
CA VAL P 23 -37.75 -9.96 0.96
C VAL P 23 -38.40 -8.62 1.18
N ASN P 24 -39.11 -8.13 0.15
CA ASN P 24 -39.88 -6.89 0.20
C ASN P 24 -39.02 -5.68 0.53
N LEU P 25 -37.71 -5.77 0.33
CA LEU P 25 -36.80 -4.66 0.54
C LEU P 25 -35.92 -4.50 -0.70
N PHE P 26 -35.70 -3.26 -1.10
CA PHE P 26 -34.85 -2.98 -2.25
C PHE P 26 -33.86 -1.88 -1.91
N VAL P 27 -32.70 -1.94 -2.57
CA VAL P 27 -31.64 -0.97 -2.36
C VAL P 27 -31.96 0.30 -3.13
N GLU P 28 -31.83 1.44 -2.45
CA GLU P 28 -32.03 2.74 -3.07
C GLU P 28 -30.89 3.67 -2.67
N ALA P 29 -30.36 4.40 -3.65
CA ALA P 29 -29.29 5.35 -3.38
C ALA P 29 -29.84 6.57 -2.65
N THR P 30 -29.06 7.09 -1.71
CA THR P 30 -29.47 8.22 -0.90
C THR P 30 -28.30 9.19 -0.75
N ARG P 31 -28.63 10.44 -0.44
CA ARG P 31 -27.62 11.48 -0.23
C ARG P 31 -27.42 11.84 1.24
N SER P 32 -28.36 11.46 2.11
CA SER P 32 -28.27 11.83 3.52
C SER P 32 -27.33 10.93 4.32
N ASP P 33 -26.91 9.80 3.76
CA ASP P 33 -26.05 8.86 4.45
C ASP P 33 -24.67 8.81 3.79
N GLN P 34 -23.63 8.66 4.61
CA GLN P 34 -22.28 8.54 4.08
C GLN P 34 -22.12 7.27 3.26
N ARG P 35 -22.81 6.20 3.64
CA ARG P 35 -22.75 4.96 2.88
C ARG P 35 -23.32 5.13 1.48
N GLY P 36 -24.39 5.92 1.34
CA GLY P 36 -24.95 6.26 0.06
C GLY P 36 -26.12 5.40 -0.38
N VAL P 37 -26.30 4.22 0.21
CA VAL P 37 -27.41 3.34 -0.13
C VAL P 37 -28.16 2.96 1.14
N VAL P 38 -29.44 2.67 0.99
CA VAL P 38 -30.30 2.21 2.07
C VAL P 38 -31.21 1.11 1.54
N LEU P 39 -31.86 0.42 2.47
CA LEU P 39 -32.85 -0.60 2.13
C LEU P 39 -34.23 -0.04 2.47
N GLN P 40 -35.11 0.00 1.47
CA GLN P 40 -36.46 0.52 1.67
C GLN P 40 -37.49 -0.54 1.34
N SER P 41 -38.61 -0.47 2.06
CA SER P 41 -39.69 -1.42 1.91
C SER P 41 -40.58 -1.06 0.72
N ARG P 42 -41.06 -2.07 0.02
CA ARG P 42 -42.08 -1.86 -1.00
C ARG P 42 -43.42 -1.55 -0.33
N LYS P 43 -44.21 -0.71 -0.98
CA LYS P 43 -45.51 -0.33 -0.42
C LYS P 43 -46.46 -1.52 -0.46
N GLY P 44 -47.43 -1.50 0.46
CA GLY P 44 -48.43 -2.54 0.50
C GLY P 44 -49.43 -2.42 -0.64
N LEU P 45 -50.17 -3.50 -0.84
CA LEU P 45 -51.18 -3.56 -1.89
C LEU P 45 -52.56 -3.26 -1.31
N VAL P 46 -53.27 -2.33 -1.94
CA VAL P 46 -54.64 -2.03 -1.58
C VAL P 46 -55.51 -2.17 -2.81
N GLU P 47 -56.80 -2.43 -2.58
CA GLU P 47 -57.74 -2.71 -3.66
C GLU P 47 -58.14 -1.40 -4.34
N ASP P 48 -57.63 -1.18 -5.56
CA ASP P 48 -58.06 -0.03 -6.33
C ASP P 48 -59.46 -0.23 -6.90
N ALA P 49 -59.75 -1.44 -7.39
CA ALA P 49 -61.06 -1.77 -7.94
C ALA P 49 -61.20 -3.27 -7.98
N GLU P 50 -62.44 -3.73 -7.79
CA GLU P 50 -62.79 -5.14 -7.88
C GLU P 50 -63.56 -5.36 -9.17
N VAL P 51 -63.00 -6.18 -10.05
CA VAL P 51 -63.60 -6.45 -11.36
C VAL P 51 -63.52 -7.96 -11.62
N GLY P 52 -64.65 -8.56 -11.96
CA GLY P 52 -64.68 -9.97 -12.30
C GLY P 52 -64.62 -10.86 -11.07
N THR P 53 -64.49 -12.15 -11.35
CA THR P 53 -64.41 -13.18 -10.31
C THR P 53 -63.12 -13.97 -10.35
N GLY P 54 -62.65 -14.36 -11.53
CA GLY P 54 -61.45 -15.15 -11.66
C GLY P 54 -60.20 -14.30 -11.66
N PRO P 55 -59.04 -14.93 -11.89
CA PRO P 55 -57.79 -14.18 -11.90
C PRO P 55 -57.74 -13.19 -13.05
N ILE P 56 -57.07 -12.07 -12.81
CA ILE P 56 -56.91 -11.04 -13.83
C ILE P 56 -55.78 -11.44 -14.76
N ARG P 57 -56.09 -11.61 -16.04
CA ARG P 57 -55.09 -11.98 -17.04
C ARG P 57 -54.47 -10.78 -17.73
N GLY P 58 -55.02 -9.59 -17.57
CA GLY P 58 -54.47 -8.40 -18.19
C GLY P 58 -55.31 -7.16 -17.96
N VAL P 59 -54.66 -6.03 -17.73
CA VAL P 59 -55.32 -4.76 -17.51
C VAL P 59 -54.79 -3.75 -18.51
N PHE P 60 -55.70 -3.07 -19.20
CA PHE P 60 -55.34 -2.04 -20.17
C PHE P 60 -56.00 -0.73 -19.79
N ARG P 61 -55.23 0.35 -19.85
CA ARG P 61 -55.72 1.67 -19.47
C ARG P 61 -54.94 2.74 -20.21
N LYS P 62 -55.57 3.38 -21.19
CA LYS P 62 -55.01 4.53 -21.87
C LYS P 62 -56.05 5.64 -21.87
N ASP P 63 -55.65 6.83 -21.43
CA ASP P 63 -56.58 7.94 -21.31
C ASP P 63 -57.14 8.35 -22.67
N GLY P 64 -56.29 8.38 -23.69
CA GLY P 64 -56.70 8.79 -25.01
C GLY P 64 -57.35 7.73 -25.86
N VAL P 65 -57.52 6.52 -25.34
CA VAL P 65 -58.08 5.40 -26.10
C VAL P 65 -59.46 5.09 -25.56
N LEU P 66 -60.46 5.19 -26.44
CA LEU P 66 -61.85 4.81 -26.13
C LEU P 66 -62.36 5.52 -24.87
N GLY P 67 -62.02 6.81 -24.75
CA GLY P 67 -62.51 7.61 -23.65
C GLY P 67 -61.83 7.36 -22.32
N GLY P 68 -60.75 6.59 -22.30
CA GLY P 68 -60.03 6.35 -21.07
C GLY P 68 -60.58 5.25 -20.19
N ALA P 69 -61.58 4.51 -20.65
CA ALA P 69 -62.14 3.43 -19.87
C ALA P 69 -61.14 2.29 -19.73
N GLU P 70 -61.24 1.57 -18.63
CA GLU P 70 -60.34 0.45 -18.35
C GLU P 70 -60.86 -0.81 -19.02
N PHE P 71 -59.95 -1.74 -19.30
CA PHE P 71 -60.30 -3.03 -19.87
C PHE P 71 -59.56 -4.11 -19.11
N VAL P 72 -60.34 -5.01 -18.48
CA VAL P 72 -59.73 -6.08 -17.64
C VAL P 72 -60.20 -7.43 -18.15
N VAL P 73 -59.27 -8.38 -18.32
CA VAL P 73 -59.67 -9.76 -18.74
C VAL P 73 -59.71 -10.65 -17.49
N SER P 74 -60.76 -10.51 -16.68
CA SER P 74 -60.91 -11.41 -15.50
C SER P 74 -61.30 -12.80 -16.03
N ASP P 75 -60.49 -13.82 -15.73
CA ASP P 75 -60.75 -15.19 -16.24
C ASP P 75 -60.94 -15.11 -17.76
N ASP P 76 -62.10 -15.53 -18.28
CA ASP P 76 -62.32 -15.58 -19.75
C ASP P 76 -63.32 -14.53 -20.23
N GLU P 77 -63.56 -13.48 -19.46
CA GLU P 77 -64.46 -12.41 -19.87
C GLU P 77 -63.70 -11.10 -19.99
N LEU P 78 -64.29 -10.18 -20.75
CA LEU P 78 -63.76 -8.82 -20.90
C LEU P 78 -64.67 -7.85 -20.18
N TYR P 79 -64.09 -6.96 -19.38
CA TYR P 79 -64.83 -6.01 -18.59
C TYR P 79 -64.34 -4.61 -18.90
N GLU P 80 -65.27 -3.69 -19.15
CA GLU P 80 -64.96 -2.29 -19.38
C GLU P 80 -65.74 -1.45 -18.37
N ASP P 81 -65.01 -0.67 -17.57
CA ASP P 81 -65.61 0.17 -16.52
C ASP P 81 -66.46 -0.66 -15.57
N GLY P 82 -66.02 -1.89 -15.32
CA GLY P 82 -66.74 -2.79 -14.44
C GLY P 82 -67.93 -3.49 -15.07
N VAL P 83 -68.17 -3.30 -16.36
CA VAL P 83 -69.29 -3.90 -17.07
C VAL P 83 -68.76 -4.92 -18.05
N SER P 84 -69.29 -6.14 -17.99
CA SER P 84 -68.83 -7.21 -18.86
C SER P 84 -69.21 -6.92 -20.31
N LEU P 85 -68.26 -7.10 -21.22
CA LEU P 85 -68.52 -6.91 -22.65
C LEU P 85 -68.76 -8.22 -23.38
N GLY P 86 -68.16 -9.31 -22.94
CA GLY P 86 -68.34 -10.59 -23.59
C GLY P 86 -67.33 -11.60 -23.09
N THR P 87 -67.34 -12.75 -23.74
CA THR P 87 -66.48 -13.87 -23.38
C THR P 87 -65.29 -13.93 -24.33
N ILE P 88 -64.09 -14.09 -23.76
CA ILE P 88 -62.85 -14.15 -24.52
C ILE P 88 -62.35 -15.58 -24.48
N ASN P 89 -62.04 -16.13 -25.65
CA ASN P 89 -61.56 -17.50 -25.77
C ASN P 89 -60.05 -17.51 -25.90
N GLY P 90 -59.40 -18.39 -25.16
CA GLY P 90 -57.95 -18.49 -25.13
C GLY P 90 -57.47 -18.70 -23.70
N THR P 91 -56.31 -19.34 -23.58
CA THR P 91 -55.74 -19.66 -22.28
C THR P 91 -54.35 -19.10 -22.07
N GLY P 92 -53.76 -18.44 -23.07
CA GLY P 92 -52.44 -17.88 -22.94
C GLY P 92 -52.44 -16.49 -22.36
N PRO P 93 -51.27 -15.84 -22.33
CA PRO P 93 -51.21 -14.46 -21.85
C PRO P 93 -52.01 -13.53 -22.75
N VAL P 94 -52.58 -12.49 -22.14
CA VAL P 94 -53.46 -11.56 -22.84
C VAL P 94 -52.65 -10.38 -23.33
N SER P 95 -52.82 -10.03 -24.60
CA SER P 95 -52.14 -8.91 -25.21
C SER P 95 -53.17 -7.91 -25.75
N PHE P 96 -52.90 -6.62 -25.52
CA PHE P 96 -53.76 -5.55 -25.97
C PHE P 96 -53.05 -4.72 -27.03
N ALA P 97 -53.81 -4.30 -28.05
CA ALA P 97 -53.30 -3.39 -29.07
C ALA P 97 -54.39 -2.38 -29.39
N ALA P 98 -54.13 -1.10 -29.13
CA ALA P 98 -55.17 -0.09 -29.20
C ALA P 98 -54.80 1.04 -30.14
N ILE P 99 -55.82 1.60 -30.78
CA ILE P 99 -55.72 2.81 -31.57
C ILE P 99 -56.81 3.76 -31.09
N GLU P 100 -56.99 4.88 -31.80
CA GLU P 100 -57.90 5.92 -31.36
C GLU P 100 -59.30 5.38 -31.07
N ASP P 101 -59.82 4.53 -31.94
CA ASP P 101 -61.20 4.07 -31.82
C ASP P 101 -61.37 2.55 -31.74
N GLU P 102 -60.32 1.77 -31.91
CA GLU P 102 -60.43 0.32 -31.95
C GLU P 102 -59.43 -0.31 -30.99
N LEU P 103 -59.88 -1.35 -30.29
CA LEU P 103 -59.05 -2.09 -29.35
C LEU P 103 -59.10 -3.58 -29.72
N LEU P 104 -57.92 -4.20 -29.78
CA LEU P 104 -57.80 -5.62 -30.10
C LEU P 104 -57.22 -6.35 -28.91
N VAL P 105 -57.86 -7.47 -28.54
CA VAL P 105 -57.46 -8.30 -27.42
C VAL P 105 -57.15 -9.69 -27.94
N CYS P 106 -56.00 -10.23 -27.53
CA CYS P 106 -55.60 -11.58 -27.91
C CYS P 106 -55.35 -12.40 -26.64
N ALA P 107 -55.84 -13.64 -26.64
CA ALA P 107 -55.70 -14.52 -25.49
C ALA P 107 -54.91 -15.78 -25.80
N GLY P 108 -54.40 -15.94 -27.01
CA GLY P 108 -53.60 -17.10 -27.34
C GLY P 108 -54.04 -17.82 -28.60
N GLU P 109 -55.33 -17.74 -28.93
CA GLU P 109 -55.86 -18.44 -30.09
C GLU P 109 -56.77 -17.60 -30.98
N SER P 110 -57.36 -16.51 -30.49
CA SER P 110 -58.26 -15.71 -31.29
C SER P 110 -58.07 -14.24 -31.00
N ILE P 111 -58.51 -13.40 -31.93
CA ILE P 111 -58.43 -11.95 -31.81
C ILE P 111 -59.85 -11.41 -31.67
N TRP P 112 -60.05 -10.52 -30.70
CA TRP P 112 -61.34 -9.90 -30.47
C TRP P 112 -61.21 -8.40 -30.59
N SER P 113 -62.21 -7.77 -31.20
CA SER P 113 -62.19 -6.34 -31.47
C SER P 113 -63.35 -5.66 -30.75
N TYR P 114 -63.05 -4.54 -30.09
CA TYR P 114 -64.04 -3.71 -29.44
C TYR P 114 -63.86 -2.28 -29.92
N ASP P 115 -64.97 -1.64 -30.31
CA ASP P 115 -64.94 -0.28 -30.82
C ASP P 115 -65.90 0.63 -30.06
N GLY P 116 -66.24 0.29 -28.83
CA GLY P 116 -67.17 1.06 -28.03
C GLY P 116 -68.62 0.71 -28.24
N THR P 117 -68.93 -0.18 -29.17
CA THR P 117 -70.30 -0.61 -29.44
C THR P 117 -70.53 -2.07 -29.09
N THR P 118 -69.72 -2.97 -29.64
CA THR P 118 -69.87 -4.39 -29.37
C THR P 118 -68.52 -5.08 -29.53
N LEU P 119 -68.41 -6.26 -28.95
CA LEU P 119 -67.20 -7.08 -29.03
C LEU P 119 -67.43 -8.16 -30.07
N ASP P 120 -66.53 -8.23 -31.06
CA ASP P 120 -66.70 -9.17 -32.17
C ASP P 120 -65.41 -9.95 -32.40
N GLU P 121 -65.56 -11.22 -32.77
CA GLU P 121 -64.39 -12.04 -33.08
C GLU P 121 -63.84 -11.64 -34.45
N VAL P 122 -62.53 -11.42 -34.51
CA VAL P 122 -61.89 -10.97 -35.74
C VAL P 122 -61.62 -12.18 -36.63
N THR P 123 -62.01 -12.07 -37.90
CA THR P 123 -61.78 -13.14 -38.86
C THR P 123 -60.32 -13.12 -39.30
N PHE P 124 -59.60 -14.21 -39.04
CA PHE P 124 -58.19 -14.32 -39.38
C PHE P 124 -57.99 -15.24 -40.58
N PRO P 125 -56.97 -14.99 -41.40
CA PRO P 125 -56.69 -15.88 -42.53
C PRO P 125 -56.48 -17.31 -42.06
N ASP P 126 -57.05 -18.25 -42.80
CA ASP P 126 -56.96 -19.68 -42.57
C ASP P 126 -57.51 -20.10 -41.21
N GLY P 127 -58.16 -19.19 -40.49
CA GLY P 127 -58.67 -19.52 -39.16
C GLY P 127 -57.61 -19.94 -38.18
N ALA P 128 -56.38 -19.50 -38.37
CA ALA P 128 -55.28 -19.94 -37.53
C ALA P 128 -55.31 -19.23 -36.18
N ASP P 129 -54.56 -19.79 -35.23
CA ASP P 129 -54.45 -19.22 -33.89
C ASP P 129 -53.38 -18.14 -33.86
N VAL P 130 -53.66 -17.06 -33.14
CA VAL P 130 -52.75 -15.94 -33.00
C VAL P 130 -52.21 -15.93 -31.58
N THR P 131 -50.89 -15.98 -31.44
CA THR P 131 -50.29 -16.00 -30.11
C THR P 131 -50.48 -14.67 -29.39
N LYS P 132 -50.18 -13.56 -30.06
CA LYS P 132 -50.33 -12.25 -29.46
C LYS P 132 -50.43 -11.20 -30.56
N VAL P 133 -50.96 -10.03 -30.19
CA VAL P 133 -51.23 -8.94 -31.11
C VAL P 133 -50.57 -7.68 -30.59
N ALA P 134 -49.90 -6.94 -31.47
CA ALA P 134 -49.26 -5.67 -31.12
C ALA P 134 -49.60 -4.63 -32.17
N TYR P 135 -49.21 -3.40 -31.89
CA TYR P 135 -49.45 -2.27 -32.79
C TYR P 135 -48.14 -1.52 -33.03
N SER P 136 -47.91 -1.13 -34.27
CA SER P 136 -46.68 -0.42 -34.62
C SER P 136 -46.87 0.33 -35.93
N SER P 137 -46.54 1.64 -35.91
CA SER P 137 -46.50 2.48 -37.10
C SER P 137 -47.79 2.38 -37.92
N GLY P 138 -48.92 2.43 -37.23
CA GLY P 138 -50.20 2.42 -37.90
C GLY P 138 -50.69 1.05 -38.35
N TYR P 139 -49.95 0.00 -38.06
CA TYR P 139 -50.32 -1.35 -38.44
C TYR P 139 -50.53 -2.22 -37.21
N PHE P 140 -51.34 -3.26 -37.37
CA PHE P 140 -51.54 -4.27 -36.34
C PHE P 140 -50.81 -5.54 -36.74
N ILE P 141 -49.95 -6.02 -35.85
CA ILE P 141 -49.12 -7.20 -36.11
C ILE P 141 -49.67 -8.36 -35.29
N ALA P 142 -49.91 -9.49 -35.95
CA ALA P 142 -50.40 -10.70 -35.31
C ALA P 142 -49.46 -11.85 -35.63
N LEU P 143 -49.07 -12.59 -34.60
CA LEU P 143 -48.15 -13.71 -34.75
C LEU P 143 -48.96 -15.01 -34.80
N ARG P 144 -48.89 -15.71 -35.92
CA ARG P 144 -49.59 -16.98 -36.05
C ARG P 144 -48.94 -18.03 -35.15
N ALA P 145 -49.77 -18.81 -34.47
CA ALA P 145 -49.27 -19.81 -33.54
C ALA P 145 -48.69 -21.00 -34.29
N GLY P 146 -47.49 -21.42 -33.90
CA GLY P 146 -46.86 -22.59 -34.47
C GLY P 146 -46.05 -22.35 -35.73
N THR P 147 -46.06 -21.13 -36.26
CA THR P 147 -45.32 -20.81 -37.47
C THR P 147 -44.47 -19.57 -37.25
N GLY P 148 -43.48 -19.40 -38.13
CA GLY P 148 -42.60 -18.25 -38.11
C GLY P 148 -43.08 -17.06 -38.91
N GLN P 149 -44.32 -17.08 -39.41
CA GLN P 149 -44.86 -16.01 -40.22
C GLN P 149 -45.76 -15.13 -39.37
N TRP P 150 -45.67 -13.82 -39.58
CA TRP P 150 -46.48 -12.84 -38.87
C TRP P 150 -47.23 -11.98 -39.89
N TYR P 151 -48.50 -11.73 -39.60
CA TYR P 151 -49.38 -10.98 -40.49
C TYR P 151 -49.51 -9.55 -39.99
N PHE P 152 -49.77 -8.64 -40.92
CA PHE P 152 -50.03 -7.24 -40.61
C PHE P 152 -51.37 -6.83 -41.19
N SER P 153 -52.14 -6.08 -40.42
CA SER P 153 -53.48 -5.68 -40.80
C SER P 153 -53.44 -4.43 -41.67
N ALA P 154 -54.62 -3.90 -41.98
CA ALA P 154 -54.72 -2.70 -42.79
C ALA P 154 -54.29 -1.47 -42.00
N LEU P 155 -54.09 -0.38 -42.73
CA LEU P 155 -53.59 0.86 -42.15
C LEU P 155 -54.67 1.48 -41.28
N TYR P 156 -54.44 1.51 -39.96
CA TYR P 156 -55.39 1.91 -38.92
C TYR P 156 -56.64 1.03 -38.87
N ASP P 157 -56.63 -0.14 -39.51
CA ASP P 157 -57.76 -1.05 -39.47
C ASP P 157 -57.28 -2.41 -39.01
N GLY P 158 -57.87 -2.92 -37.93
CA GLY P 158 -57.46 -4.20 -37.38
C GLY P 158 -58.43 -5.34 -37.67
N THR P 159 -59.57 -5.02 -38.25
CA THR P 159 -60.59 -6.02 -38.54
C THR P 159 -60.46 -6.60 -39.94
N SER P 160 -59.50 -6.15 -40.74
CA SER P 160 -59.32 -6.61 -42.11
C SER P 160 -57.89 -7.14 -42.24
N TRP P 161 -57.75 -8.47 -42.25
CA TRP P 161 -56.46 -9.12 -42.38
C TRP P 161 -56.42 -9.87 -43.71
N ASP P 162 -55.36 -9.65 -44.49
CA ASP P 162 -55.20 -10.28 -45.79
C ASP P 162 -54.29 -11.49 -45.67
N GLY P 163 -54.62 -12.54 -46.42
CA GLY P 163 -53.80 -13.74 -46.40
C GLY P 163 -52.41 -13.53 -46.96
N LEU P 164 -52.26 -12.64 -47.94
CA LEU P 164 -50.96 -12.34 -48.52
C LEU P 164 -50.19 -11.30 -47.74
N ASP P 165 -50.81 -10.64 -46.76
CA ASP P 165 -50.13 -9.63 -45.95
C ASP P 165 -49.44 -10.32 -44.78
N PHE P 166 -48.30 -10.92 -45.09
CA PHE P 166 -47.52 -11.62 -44.07
C PHE P 166 -46.04 -11.55 -44.42
N ALA P 167 -45.21 -11.68 -43.41
CA ALA P 167 -43.77 -11.74 -43.57
C ALA P 167 -43.21 -12.88 -42.72
N THR P 168 -42.16 -13.51 -43.21
CA THR P 168 -41.57 -14.67 -42.55
C THR P 168 -40.17 -14.34 -42.05
N ALA P 169 -39.88 -14.75 -40.82
CA ALA P 169 -38.54 -14.62 -40.25
C ALA P 169 -37.64 -15.66 -40.90
N GLU P 170 -36.87 -15.24 -41.91
CA GLU P 170 -36.10 -16.18 -42.72
C GLU P 170 -35.02 -16.88 -41.88
N SER P 171 -34.32 -16.12 -41.04
CA SER P 171 -33.22 -16.69 -40.26
C SER P 171 -33.69 -17.63 -39.16
N GLU P 172 -34.98 -17.64 -38.84
CA GLU P 172 -35.51 -18.53 -37.82
C GLU P 172 -36.35 -19.62 -38.46
N PRO P 173 -35.95 -20.88 -38.40
CA PRO P 173 -36.76 -21.97 -38.97
C PRO P 173 -37.84 -22.53 -38.06
N ASP P 174 -38.16 -21.84 -36.96
CA ASP P 174 -39.18 -22.28 -36.03
C ASP P 174 -40.10 -21.11 -35.71
N ALA P 175 -41.13 -21.39 -34.91
CA ALA P 175 -42.20 -20.44 -34.67
C ALA P 175 -41.73 -19.24 -33.84
N LEU P 176 -42.34 -18.10 -34.09
CA LEU P 176 -42.15 -16.92 -33.25
C LEU P 176 -43.04 -17.02 -32.02
N LEU P 177 -42.65 -16.32 -30.96
CA LEU P 177 -43.38 -16.38 -29.70
C LEU P 177 -43.74 -15.04 -29.10
N ASP P 178 -43.01 -13.95 -29.40
CA ASP P 178 -43.31 -12.68 -28.78
C ASP P 178 -42.93 -11.54 -29.70
N ILE P 179 -43.52 -10.37 -29.43
CA ILE P 179 -43.23 -9.14 -30.16
C ILE P 179 -43.10 -8.00 -29.15
N VAL P 180 -42.12 -7.13 -29.39
CA VAL P 180 -41.91 -5.96 -28.55
C VAL P 180 -41.71 -4.74 -29.45
N VAL P 181 -42.45 -3.67 -29.17
CA VAL P 181 -42.37 -2.45 -29.95
C VAL P 181 -41.29 -1.58 -29.32
N LEU P 182 -40.09 -1.62 -29.89
CA LEU P 182 -38.96 -0.84 -29.41
C LEU P 182 -38.61 0.22 -30.44
N ASP P 183 -38.50 1.47 -29.99
CA ASP P 183 -38.15 2.60 -30.85
C ASP P 183 -39.16 2.78 -31.98
N GLY P 184 -40.42 2.42 -31.73
CA GLY P 184 -41.44 2.49 -32.74
C GLY P 184 -41.37 1.42 -33.80
N ASN P 185 -40.53 0.41 -33.61
CA ASN P 185 -40.34 -0.66 -34.58
C ASN P 185 -40.52 -2.02 -33.91
N PRO P 186 -41.00 -3.02 -34.64
CA PRO P 186 -41.23 -4.33 -34.04
C PRO P 186 -39.94 -5.13 -33.90
N VAL P 187 -39.86 -5.87 -32.80
CA VAL P 187 -38.79 -6.82 -32.54
C VAL P 187 -39.43 -8.17 -32.25
N PHE P 188 -39.01 -9.20 -32.97
CA PHE P 188 -39.63 -10.51 -32.91
C PHE P 188 -38.74 -11.46 -32.11
N PHE P 189 -39.31 -12.06 -31.07
CA PHE P 189 -38.63 -13.05 -30.25
C PHE P 189 -39.18 -14.42 -30.61
N GLY P 190 -38.34 -15.27 -31.21
CA GLY P 190 -38.67 -16.63 -31.48
C GLY P 190 -37.97 -17.59 -30.53
N THR P 191 -38.12 -18.89 -30.84
CA THR P 191 -37.51 -19.90 -29.98
C THR P 191 -36.02 -20.05 -30.25
N GLN P 192 -35.51 -19.43 -31.30
CA GLN P 192 -34.12 -19.63 -31.70
C GLN P 192 -33.36 -18.34 -31.99
N SER P 193 -34.04 -17.22 -32.24
CA SER P 193 -33.33 -15.99 -32.58
C SER P 193 -34.23 -14.80 -32.26
N VAL P 194 -33.61 -13.63 -32.22
CA VAL P 194 -34.30 -12.36 -32.03
C VAL P 194 -34.05 -11.50 -33.25
N GLU P 195 -35.12 -11.05 -33.89
CA GLU P 195 -35.03 -10.33 -35.15
C GLU P 195 -35.51 -8.89 -34.98
N PHE P 196 -34.79 -7.97 -35.61
CA PHE P 196 -35.14 -6.56 -35.59
C PHE P 196 -35.74 -6.17 -36.94
N TRP P 197 -36.92 -5.57 -36.89
CA TRP P 197 -37.62 -5.13 -38.10
C TRP P 197 -37.95 -3.65 -37.96
N SER P 198 -37.99 -2.95 -39.10
CA SER P 198 -38.23 -1.52 -39.12
C SER P 198 -39.28 -1.19 -40.17
N ALA P 199 -40.07 -0.15 -39.89
CA ALA P 199 -41.06 0.32 -40.83
C ALA P 199 -40.39 0.94 -42.05
N THR P 200 -41.00 0.75 -43.21
CA THR P 200 -40.43 1.23 -44.46
C THR P 200 -41.18 2.41 -45.06
N GLY P 201 -42.45 2.60 -44.70
CA GLY P 201 -43.27 3.61 -45.33
C GLY P 201 -43.83 3.21 -46.68
N ASP P 202 -43.58 1.98 -47.11
CA ASP P 202 -44.08 1.49 -48.39
C ASP P 202 -45.35 0.70 -48.15
N PRO P 203 -46.48 1.09 -48.74
CA PRO P 203 -47.72 0.31 -48.53
C PRO P 203 -47.61 -1.14 -48.95
N ASP P 204 -46.81 -1.44 -49.98
CA ASP P 204 -46.65 -2.83 -50.41
C ASP P 204 -45.92 -3.64 -49.34
N ILE P 205 -44.70 -3.23 -49.01
CA ILE P 205 -43.93 -3.89 -47.96
C ILE P 205 -43.77 -2.90 -46.81
N PRO P 206 -44.55 -3.02 -45.74
CA PRO P 206 -44.51 -2.01 -44.68
C PRO P 206 -43.34 -2.18 -43.72
N PHE P 207 -42.86 -3.41 -43.57
CA PHE P 207 -41.79 -3.70 -42.62
C PHE P 207 -40.69 -4.49 -43.31
N ALA P 208 -39.44 -4.16 -42.98
CA ALA P 208 -38.29 -4.86 -43.51
C ALA P 208 -37.35 -5.24 -42.38
N PRO P 209 -36.69 -6.40 -42.48
CA PRO P 209 -35.81 -6.83 -41.39
C PRO P 209 -34.46 -6.14 -41.45
N ILE P 210 -33.99 -5.70 -40.28
CA ILE P 210 -32.67 -5.11 -40.17
C ILE P 210 -31.64 -6.24 -40.15
N GLN P 211 -30.78 -6.27 -41.16
CA GLN P 211 -29.88 -7.40 -41.33
C GLN P 211 -28.66 -7.28 -40.44
N ASN P 212 -27.98 -8.41 -40.24
CA ASN P 212 -26.74 -8.49 -39.48
C ASN P 212 -26.91 -8.08 -38.01
N ARG P 213 -28.08 -8.34 -37.43
CA ARG P 213 -28.27 -8.16 -36.00
C ARG P 213 -29.34 -9.13 -35.52
N THR P 214 -28.91 -10.28 -35.00
CA THR P 214 -29.79 -11.24 -34.37
C THR P 214 -29.10 -11.84 -33.16
N PHE P 215 -29.88 -12.20 -32.14
CA PHE P 215 -29.38 -12.84 -30.94
C PHE P 215 -29.91 -14.27 -30.90
N GLU P 216 -28.99 -15.24 -30.79
CA GLU P 216 -29.38 -16.64 -30.87
C GLU P 216 -30.12 -17.13 -29.63
N GLN P 217 -30.07 -16.36 -28.53
CA GLN P 217 -30.80 -16.75 -27.31
C GLN P 217 -32.26 -16.35 -27.48
N GLY P 218 -33.03 -17.27 -28.06
CA GLY P 218 -34.44 -17.02 -28.30
C GLY P 218 -35.24 -16.98 -27.01
N ILE P 219 -36.46 -16.47 -27.14
CA ILE P 219 -37.32 -16.27 -25.98
C ILE P 219 -37.77 -17.63 -25.45
N PHE P 220 -37.92 -17.72 -24.12
CA PHE P 220 -38.31 -18.99 -23.51
C PHE P 220 -39.76 -19.34 -23.82
N ALA P 221 -40.66 -18.37 -23.68
CA ALA P 221 -42.08 -18.60 -23.91
C ALA P 221 -42.75 -17.25 -24.14
N THR P 222 -44.05 -17.31 -24.45
CA THR P 222 -44.80 -16.08 -24.72
C THR P 222 -44.93 -15.24 -23.46
N GLY P 223 -44.84 -13.93 -23.62
CA GLY P 223 -45.00 -13.01 -22.51
C GLY P 223 -43.78 -12.80 -21.65
N CYS P 224 -42.60 -13.20 -22.11
CA CYS P 224 -41.37 -13.09 -21.32
C CYS P 224 -40.48 -11.96 -21.81
N ALA P 225 -41.05 -10.94 -22.45
CA ALA P 225 -40.30 -9.80 -22.94
C ALA P 225 -40.99 -8.51 -22.55
N VAL P 226 -40.21 -7.56 -22.00
CA VAL P 226 -40.73 -6.27 -21.56
C VAL P 226 -39.84 -5.17 -22.10
N ALA P 227 -40.46 -4.09 -22.56
CA ALA P 227 -39.75 -2.94 -23.13
C ALA P 227 -39.72 -1.80 -22.12
N ILE P 228 -38.52 -1.39 -21.71
CA ILE P 228 -38.33 -0.30 -20.77
C ILE P 228 -37.15 0.54 -21.23
N ASP P 229 -37.27 1.86 -21.10
CA ASP P 229 -36.15 2.79 -21.20
C ASP P 229 -35.35 2.59 -22.49
N ASN P 230 -36.08 2.51 -23.61
CA ASN P 230 -35.49 2.38 -24.93
C ASN P 230 -34.63 1.13 -25.06
N SER P 231 -35.02 0.07 -24.35
CA SER P 231 -34.37 -1.23 -24.43
C SER P 231 -35.40 -2.27 -24.02
N PHE P 232 -34.98 -3.54 -23.97
CA PHE P 232 -35.91 -4.58 -23.57
C PHE P 232 -35.18 -5.65 -22.79
N PHE P 233 -35.93 -6.32 -21.90
CA PHE P 233 -35.46 -7.44 -21.12
C PHE P 233 -36.29 -8.66 -21.50
N TRP P 234 -35.61 -9.76 -21.81
CA TRP P 234 -36.32 -10.96 -22.23
C TRP P 234 -35.64 -12.19 -21.64
N VAL P 235 -36.44 -13.22 -21.37
CA VAL P 235 -35.95 -14.47 -20.84
C VAL P 235 -35.48 -15.33 -22.02
N GLY P 236 -34.21 -15.71 -22.01
CA GLY P 236 -33.67 -16.51 -23.07
C GLY P 236 -34.16 -17.95 -23.02
N ALA P 237 -33.82 -18.69 -24.08
CA ALA P 237 -34.19 -20.10 -24.14
C ALA P 237 -33.52 -20.91 -23.04
N ASP P 238 -32.42 -20.43 -22.50
CA ASP P 238 -31.71 -21.10 -21.41
C ASP P 238 -32.15 -20.59 -20.04
N LYS P 239 -33.35 -20.01 -19.94
CA LYS P 239 -33.90 -19.49 -18.69
C LYS P 239 -32.96 -18.45 -18.07
N ILE P 240 -32.39 -17.60 -18.91
CA ILE P 240 -31.49 -16.53 -18.48
C ILE P 240 -32.07 -15.20 -18.96
N VAL P 241 -32.16 -14.23 -18.06
CA VAL P 241 -32.70 -12.92 -18.40
C VAL P 241 -31.61 -12.09 -19.07
N TYR P 242 -31.92 -11.54 -20.24
CA TYR P 242 -30.98 -10.74 -21.01
C TYR P 242 -31.54 -9.34 -21.22
N ARG P 243 -30.64 -8.37 -21.25
CA ARG P 243 -30.97 -6.97 -21.51
C ARG P 243 -30.41 -6.56 -22.87
N ASN P 244 -31.19 -5.77 -23.61
CA ASN P 244 -30.76 -5.34 -24.93
C ASN P 244 -29.63 -4.33 -24.84
N ASP P 245 -28.56 -4.59 -25.58
CA ASP P 245 -27.43 -3.67 -25.66
C ASP P 245 -26.77 -3.89 -27.03
N ALA P 246 -25.54 -3.39 -27.20
CA ALA P 246 -24.78 -3.73 -28.40
C ALA P 246 -24.57 -5.22 -28.50
N VAL P 247 -24.21 -5.86 -27.39
CA VAL P 247 -24.25 -7.32 -27.26
C VAL P 247 -25.07 -7.62 -26.00
N PRO P 248 -26.08 -8.48 -26.08
CA PRO P 248 -26.93 -8.72 -24.91
C PRO P 248 -26.13 -9.22 -23.72
N VAL P 249 -26.50 -8.75 -22.54
CA VAL P 249 -25.81 -9.07 -21.30
C VAL P 249 -26.79 -9.76 -20.37
N ALA P 250 -26.30 -10.80 -19.69
CA ALA P 250 -27.13 -11.57 -18.76
C ALA P 250 -27.19 -10.81 -17.44
N VAL P 251 -28.31 -10.13 -17.19
CA VAL P 251 -28.48 -9.40 -15.94
C VAL P 251 -28.85 -10.29 -14.77
N ALA P 252 -29.13 -11.57 -15.02
CA ALA P 252 -29.47 -12.51 -13.97
C ALA P 252 -28.22 -13.27 -13.53
N ASP P 253 -27.96 -13.26 -12.23
CA ASP P 253 -26.80 -13.94 -11.69
C ASP P 253 -27.06 -15.45 -11.62
N ASP P 254 -26.11 -16.17 -11.00
CA ASP P 254 -26.22 -17.62 -10.91
C ASP P 254 -27.44 -18.04 -10.11
N GLY P 255 -27.72 -17.35 -8.99
CA GLY P 255 -28.85 -17.72 -8.16
C GLY P 255 -30.17 -17.53 -8.86
N ILE P 256 -30.32 -16.41 -9.58
CA ILE P 256 -31.57 -16.15 -10.30
C ILE P 256 -31.82 -17.21 -11.35
N VAL P 257 -30.78 -17.56 -12.12
CA VAL P 257 -30.93 -18.57 -13.16
C VAL P 257 -31.23 -19.93 -12.55
N GLU P 258 -30.58 -20.25 -11.43
CA GLU P 258 -30.84 -21.51 -10.75
C GLU P 258 -32.28 -21.60 -10.28
N ARG P 259 -32.81 -20.50 -9.72
CA ARG P 259 -34.21 -20.48 -9.31
C ARG P 259 -35.13 -20.61 -10.51
N ALA P 260 -34.80 -19.95 -11.61
CA ALA P 260 -35.65 -20.00 -12.81
C ALA P 260 -35.68 -21.40 -13.40
N THR P 261 -34.54 -22.10 -13.40
CA THR P 261 -34.49 -23.43 -13.99
C THR P 261 -35.39 -24.42 -13.25
N GLY P 262 -35.61 -24.20 -11.96
CA GLY P 262 -36.51 -25.05 -11.20
C GLY P 262 -37.98 -24.79 -11.44
N SER P 263 -38.32 -23.72 -12.16
CA SER P 263 -39.69 -23.37 -12.47
C SER P 263 -40.00 -23.73 -13.92
N THR P 264 -41.22 -24.21 -14.16
CA THR P 264 -41.64 -24.60 -15.50
C THR P 264 -42.19 -23.42 -16.29
N ASP P 265 -43.00 -22.58 -15.67
CA ASP P 265 -43.58 -21.41 -16.32
C ASP P 265 -42.97 -20.14 -15.75
N LEU P 266 -42.51 -19.27 -16.64
CA LEU P 266 -41.94 -17.99 -16.26
C LEU P 266 -42.66 -16.88 -16.99
N ARG P 267 -42.97 -15.80 -16.27
CA ARG P 267 -43.64 -14.64 -16.85
C ARG P 267 -42.86 -13.38 -16.48
N LEU P 268 -42.54 -12.56 -17.47
CA LEU P 268 -41.79 -11.33 -17.25
C LEU P 268 -42.73 -10.15 -17.45
N PHE P 269 -42.86 -9.32 -16.42
CA PHE P 269 -43.77 -8.19 -16.48
C PHE P 269 -43.14 -7.01 -15.75
N LEU P 270 -43.93 -5.96 -15.52
CA LEU P 270 -43.43 -4.68 -15.03
C LEU P 270 -44.12 -4.27 -13.74
N LEU P 271 -43.32 -3.78 -12.79
CA LEU P 271 -43.81 -3.15 -11.58
C LEU P 271 -43.25 -1.74 -11.51
N ILE P 272 -44.09 -0.79 -11.10
CA ILE P 272 -43.73 0.62 -11.12
C ILE P 272 -43.83 1.18 -9.70
N ASP P 273 -42.73 1.73 -9.22
CA ASP P 273 -42.67 2.56 -8.04
C ASP P 273 -42.22 3.96 -8.47
N GLU P 274 -42.42 4.93 -7.56
CA GLU P 274 -42.28 6.35 -7.90
C GLU P 274 -41.11 6.63 -8.84
N ARG P 275 -39.94 6.08 -8.56
CA ARG P 275 -38.80 6.22 -9.45
C ARG P 275 -38.15 4.88 -9.79
N HIS P 276 -38.80 3.77 -9.47
CA HIS P 276 -38.21 2.44 -9.63
C HIS P 276 -38.98 1.64 -10.66
N LYS P 277 -38.26 1.03 -11.59
CA LYS P 277 -38.85 0.17 -12.61
C LYS P 277 -38.37 -1.26 -12.37
N PHE P 278 -39.26 -2.12 -11.91
CA PHE P 278 -38.91 -3.49 -11.56
C PHE P 278 -39.32 -4.42 -12.69
N VAL P 279 -38.33 -5.08 -13.29
CA VAL P 279 -38.59 -6.18 -14.22
C VAL P 279 -38.85 -7.41 -13.36
N CYS P 280 -40.11 -7.83 -13.31
CA CYS P 280 -40.51 -8.91 -12.41
C CYS P 280 -40.60 -10.22 -13.18
N LEU P 281 -39.79 -11.19 -12.76
CA LEU P 281 -39.85 -12.55 -13.27
C LEU P 281 -40.60 -13.41 -12.27
N ARG P 282 -41.70 -14.01 -12.71
CA ARG P 282 -42.58 -14.79 -11.85
C ARG P 282 -42.54 -16.24 -12.28
N GLY P 283 -42.20 -17.12 -11.34
CA GLY P 283 -42.24 -18.55 -11.54
C GLY P 283 -43.37 -19.20 -10.77
N ASP P 284 -43.24 -20.51 -10.58
CA ASP P 284 -44.27 -21.25 -9.85
C ASP P 284 -44.33 -20.80 -8.39
N THR P 285 -43.19 -20.62 -7.73
CA THR P 285 -43.16 -20.34 -6.30
C THR P 285 -42.31 -19.11 -5.96
N PHE P 286 -42.06 -18.22 -6.92
CA PHE P 286 -41.25 -17.05 -6.63
C PHE P 286 -41.63 -15.91 -7.57
N THR P 287 -41.27 -14.69 -7.14
CA THR P 287 -41.47 -13.49 -7.96
C THR P 287 -40.32 -12.54 -7.63
N MET P 288 -39.33 -12.49 -8.50
CA MET P 288 -38.11 -11.73 -8.26
C MET P 288 -38.08 -10.51 -9.18
N ALA P 289 -37.83 -9.35 -8.59
CA ALA P 289 -37.85 -8.09 -9.31
C ALA P 289 -36.42 -7.56 -9.46
N PHE P 290 -36.07 -7.18 -10.68
CA PHE P 290 -34.78 -6.57 -10.98
C PHE P 290 -34.98 -5.07 -11.18
N ASP P 291 -34.26 -4.28 -10.39
CA ASP P 291 -34.34 -2.83 -10.48
C ASP P 291 -33.21 -2.32 -11.37
N ILE P 292 -33.58 -1.59 -12.43
CA ILE P 292 -32.60 -1.12 -13.39
C ILE P 292 -31.92 0.15 -12.90
N THR P 293 -32.62 0.95 -12.09
CA THR P 293 -32.01 2.17 -11.55
C THR P 293 -30.83 1.82 -10.66
N THR P 294 -30.98 0.78 -9.83
CA THR P 294 -29.89 0.30 -8.99
C THR P 294 -29.26 -0.99 -9.50
N ASN P 295 -29.81 -1.57 -10.57
CA ASN P 295 -29.24 -2.76 -11.21
C ASN P 295 -29.13 -3.91 -10.23
N GLU P 296 -30.14 -4.08 -9.37
CA GLU P 296 -30.06 -5.04 -8.27
C GLU P 296 -31.33 -5.88 -8.20
N TRP P 297 -31.19 -7.10 -7.71
CA TRP P 297 -32.31 -8.03 -7.60
C TRP P 297 -32.89 -7.99 -6.20
N CYS P 298 -34.19 -8.24 -6.11
CA CYS P 298 -34.90 -8.35 -4.84
C CYS P 298 -36.05 -9.34 -5.01
N GLU P 299 -36.64 -9.74 -3.90
CA GLU P 299 -37.73 -10.71 -3.91
C GLU P 299 -38.98 -10.10 -3.29
N PHE P 300 -40.11 -10.29 -3.96
CA PHE P 300 -41.40 -9.85 -3.45
C PHE P 300 -42.18 -11.08 -2.98
N GLN P 301 -42.73 -10.99 -1.76
CA GLN P 301 -43.48 -12.09 -1.18
C GLN P 301 -44.78 -11.57 -0.60
N SER P 302 -45.79 -12.44 -0.58
CA SER P 302 -47.07 -12.17 0.03
C SER P 302 -47.29 -13.15 1.17
N TYR P 303 -47.74 -12.65 2.31
CA TYR P 303 -47.87 -13.48 3.50
C TYR P 303 -48.94 -14.55 3.28
N GLY P 304 -48.61 -15.78 3.68
CA GLY P 304 -49.55 -16.88 3.63
C GLY P 304 -49.74 -17.51 2.28
N ARG P 305 -49.03 -17.07 1.26
CA ARG P 305 -49.18 -17.59 -0.09
C ARG P 305 -47.82 -17.96 -0.66
N THR P 306 -47.83 -18.90 -1.61
CA THR P 306 -46.59 -19.39 -2.20
C THR P 306 -45.97 -18.41 -3.20
N ASN P 307 -46.71 -17.39 -3.62
CA ASN P 307 -46.21 -16.46 -4.61
C ASN P 307 -46.79 -15.08 -4.35
N PHE P 308 -46.15 -14.07 -4.95
CA PHE P 308 -46.60 -12.69 -4.80
C PHE P 308 -47.99 -12.53 -5.41
N ARG P 309 -48.86 -11.83 -4.68
CA ARG P 309 -50.25 -11.69 -5.10
C ARG P 309 -50.35 -10.89 -6.40
N CYS P 310 -49.63 -9.78 -6.49
CA CYS P 310 -49.73 -8.90 -7.64
C CYS P 310 -49.03 -9.54 -8.84
N GLY P 311 -49.78 -9.79 -9.90
CA GLY P 311 -49.23 -10.32 -11.13
C GLY P 311 -48.98 -9.23 -12.14
N PRO P 312 -48.99 -9.58 -13.42
CA PRO P 312 -48.82 -8.56 -14.47
C PRO P 312 -49.93 -7.53 -14.43
N ASP P 313 -49.55 -6.28 -14.68
CA ASP P 313 -50.49 -5.15 -14.75
C ASP P 313 -51.29 -5.01 -13.46
N MET P 314 -50.64 -5.28 -12.32
CA MET P 314 -51.24 -5.10 -11.00
C MET P 314 -52.53 -5.89 -10.84
N GLY P 315 -52.55 -7.11 -11.36
CA GLY P 315 -53.72 -7.97 -11.31
C GLY P 315 -53.50 -9.15 -10.37
N ASP P 316 -54.49 -9.43 -9.55
CA ASP P 316 -54.42 -10.56 -8.63
C ASP P 316 -54.44 -11.87 -9.41
N ASP P 317 -53.68 -12.85 -8.92
CA ASP P 317 -53.57 -14.14 -9.58
C ASP P 317 -54.61 -15.15 -9.13
N GLU P 318 -55.44 -14.82 -8.15
CA GLU P 318 -56.46 -15.73 -7.66
C GLU P 318 -57.85 -15.13 -7.69
N THR P 319 -58.01 -13.86 -7.34
CA THR P 319 -59.30 -13.19 -7.29
C THR P 319 -59.35 -12.09 -8.34
N GLY P 320 -60.44 -11.33 -8.33
CA GLY P 320 -60.63 -10.26 -9.29
C GLY P 320 -60.34 -8.89 -8.73
N ILE P 321 -59.26 -8.77 -7.95
CA ILE P 321 -58.88 -7.52 -7.32
C ILE P 321 -57.72 -6.92 -8.08
N ILE P 322 -57.80 -5.62 -8.36
CA ILE P 322 -56.69 -4.85 -8.92
C ILE P 322 -56.00 -4.15 -7.77
N TRP P 323 -54.68 -4.27 -7.72
CA TRP P 323 -53.89 -3.76 -6.60
C TRP P 323 -53.19 -2.46 -6.97
N ARG P 324 -52.99 -1.61 -5.97
CA ARG P 324 -52.20 -0.41 -6.11
C ARG P 324 -51.35 -0.21 -4.86
N PHE P 325 -50.24 0.49 -5.01
CA PHE P 325 -49.30 0.70 -3.92
C PHE P 325 -49.75 1.88 -3.07
N GLU P 326 -50.09 1.60 -1.82
CA GLU P 326 -50.48 2.64 -0.87
C GLU P 326 -50.34 2.09 0.53
N GLY P 327 -49.75 2.87 1.42
CA GLY P 327 -49.55 2.40 2.77
C GLY P 327 -48.52 1.28 2.83
N TYR P 328 -48.63 0.48 3.89
CA TYR P 328 -47.70 -0.62 4.10
C TYR P 328 -48.42 -1.87 4.61
N SER P 329 -49.66 -2.06 4.21
CA SER P 329 -50.44 -3.24 4.58
C SER P 329 -50.83 -4.00 3.33
N ASP P 330 -50.50 -5.28 3.28
CA ASP P 330 -50.85 -6.13 2.14
C ASP P 330 -52.26 -6.66 2.34
N ASN P 331 -53.20 -6.12 1.56
CA ASN P 331 -54.62 -6.49 1.67
C ASN P 331 -55.14 -6.28 3.09
N GLY P 332 -54.65 -5.23 3.75
CA GLY P 332 -55.03 -4.96 5.12
C GLY P 332 -54.46 -5.94 6.12
N GLY P 333 -53.46 -6.73 5.74
CA GLY P 333 -52.91 -7.73 6.62
C GLY P 333 -51.50 -7.45 7.07
N VAL P 334 -50.60 -8.42 6.89
CA VAL P 334 -49.23 -8.34 7.37
C VAL P 334 -48.28 -8.28 6.20
N LEU P 335 -47.33 -7.35 6.25
CA LEU P 335 -46.28 -7.23 5.25
C LEU P 335 -44.96 -7.63 5.90
N GLU P 336 -44.29 -8.61 5.31
CA GLU P 336 -43.06 -9.17 5.87
C GLU P 336 -41.84 -8.60 5.16
N ARG P 337 -40.87 -8.14 5.94
CA ARG P 337 -39.61 -7.63 5.42
C ARG P 337 -38.48 -8.39 6.10
N ARG P 338 -37.71 -9.14 5.33
CA ARG P 338 -36.65 -9.98 5.86
C ARG P 338 -35.36 -9.72 5.10
N PHE P 339 -34.25 -9.65 5.85
CA PHE P 339 -32.94 -9.51 5.22
C PHE P 339 -31.90 -10.16 6.11
N ARG P 340 -30.67 -10.21 5.61
CA ARG P 340 -29.56 -10.85 6.29
C ARG P 340 -28.34 -9.95 6.25
N ALA P 341 -27.55 -10.00 7.33
CA ALA P 341 -26.28 -9.29 7.40
C ALA P 341 -25.26 -10.20 8.05
N GLY P 342 -24.08 -10.31 7.45
CA GLY P 342 -23.11 -11.24 8.00
C GLY P 342 -21.71 -10.92 7.53
N ALA P 343 -20.77 -11.73 8.03
CA ALA P 343 -19.37 -11.57 7.67
C ALA P 343 -18.66 -12.91 7.82
N THR P 344 -17.55 -13.05 7.09
CA THR P 344 -16.70 -14.22 7.17
C THR P 344 -15.51 -13.91 8.07
N LEU P 345 -15.26 -14.77 9.05
CA LEU P 345 -14.22 -14.53 10.03
C LEU P 345 -13.12 -15.57 9.90
N PRO P 346 -11.85 -15.15 9.86
CA PRO P 346 -10.76 -16.12 9.82
C PRO P 346 -10.45 -16.76 11.16
N GLY P 347 -11.04 -16.26 12.24
CA GLY P 347 -10.84 -16.81 13.56
C GLY P 347 -11.99 -16.48 14.48
N PRO P 348 -11.78 -16.65 15.79
CA PRO P 348 -12.84 -16.33 16.75
C PRO P 348 -13.14 -14.84 16.78
N PHE P 349 -14.40 -14.52 17.05
CA PHE P 349 -14.86 -13.13 17.10
C PHE P 349 -16.02 -13.05 18.07
N ARG P 350 -15.87 -12.23 19.11
CA ARG P 350 -16.89 -12.08 20.13
C ARG P 350 -17.82 -10.93 19.75
N VAL P 351 -19.13 -11.20 19.78
CA VAL P 351 -20.12 -10.17 19.42
C VAL P 351 -20.88 -9.63 20.62
N ASN P 352 -20.46 -8.47 21.11
CA ASN P 352 -21.07 -7.83 22.27
C ASN P 352 -22.31 -6.99 22.02
N ARG P 353 -22.39 -6.31 20.88
CA ARG P 353 -23.55 -5.52 20.52
C ARG P 353 -23.83 -5.68 19.03
N LEU P 354 -25.10 -5.56 18.68
CA LEU P 354 -25.51 -5.48 17.28
C LEU P 354 -26.51 -4.33 17.14
N ARG P 355 -26.09 -3.26 16.48
CA ARG P 355 -26.90 -2.07 16.30
C ARG P 355 -27.50 -2.06 14.90
N LEU P 356 -28.79 -1.75 14.82
CA LEU P 356 -29.51 -1.68 13.56
C LEU P 356 -29.98 -0.23 13.39
N ILE P 357 -29.15 0.58 12.73
CA ILE P 357 -29.55 1.95 12.43
C ILE P 357 -30.62 1.90 11.36
N CYS P 358 -31.86 2.16 11.76
CA CYS P 358 -33.02 2.06 10.89
C CYS P 358 -33.96 3.21 11.22
N GLU P 359 -35.19 3.15 10.73
CA GLU P 359 -36.20 4.15 11.04
C GLU P 359 -37.01 3.69 12.24
N VAL P 360 -37.32 4.63 13.13
CA VAL P 360 -38.01 4.34 14.38
C VAL P 360 -38.99 5.45 14.69
N GLY P 361 -40.02 5.10 15.45
CA GLY P 361 -41.00 6.09 15.88
C GLY P 361 -41.89 6.63 14.79
N THR P 362 -42.09 5.87 13.72
CA THR P 362 -42.91 6.31 12.59
C THR P 362 -44.21 5.51 12.49
N THR P 363 -44.63 4.88 13.57
CA THR P 363 -45.86 4.08 13.53
C THR P 363 -47.07 5.00 13.48
N PRO P 364 -48.01 4.77 12.55
CA PRO P 364 -49.23 5.57 12.53
C PRO P 364 -50.26 5.14 13.57
N ASN P 365 -50.02 4.06 14.30
CA ASN P 365 -50.96 3.56 15.29
C ASN P 365 -50.50 3.97 16.68
N LEU P 366 -51.39 4.63 17.42
CA LEU P 366 -51.11 5.00 18.80
C LEU P 366 -51.49 3.91 19.79
N SER P 367 -52.46 3.08 19.44
CA SER P 367 -52.89 1.98 20.28
C SER P 367 -53.11 0.75 19.41
N GLY P 368 -53.38 -0.38 20.03
CA GLY P 368 -53.61 -1.62 19.33
C GLY P 368 -52.41 -2.55 19.36
N GLU P 369 -52.45 -3.55 18.48
CA GLU P 369 -51.41 -4.55 18.45
C GLU P 369 -50.09 -3.98 17.93
N TYR P 370 -50.16 -3.10 16.92
CA TYR P 370 -48.97 -2.57 16.27
C TYR P 370 -48.59 -1.20 16.79
N ALA P 371 -48.97 -0.87 18.02
CA ALA P 371 -48.49 0.37 18.63
C ALA P 371 -46.99 0.34 18.85
N ASP P 372 -46.45 -0.82 19.23
CA ASP P 372 -45.02 -1.03 19.39
C ASP P 372 -44.62 -2.19 18.48
N PRO P 373 -44.19 -1.91 17.26
CA PRO P 373 -43.88 -3.00 16.33
C PRO P 373 -42.65 -3.77 16.79
N VAL P 374 -42.64 -5.05 16.46
CA VAL P 374 -41.59 -5.97 16.91
C VAL P 374 -40.77 -6.39 15.71
N ILE P 375 -39.45 -6.21 15.80
CA ILE P 375 -38.50 -6.70 14.82
C ILE P 375 -37.65 -7.78 15.49
N GLU P 376 -37.55 -8.92 14.84
CA GLU P 376 -36.87 -10.07 15.41
C GLU P 376 -35.57 -10.34 14.67
N MET P 377 -34.58 -10.83 15.41
CA MET P 377 -33.28 -11.20 14.86
C MET P 377 -32.92 -12.59 15.35
N ARG P 378 -32.27 -13.36 14.48
CA ARG P 378 -31.70 -14.64 14.87
C ARG P 378 -30.30 -14.76 14.29
N ALA P 379 -29.46 -15.53 14.96
CA ALA P 379 -28.05 -15.63 14.63
C ALA P 379 -27.70 -17.04 14.20
N SER P 380 -26.70 -17.15 13.33
CA SER P 380 -26.21 -18.44 12.88
C SER P 380 -24.71 -18.37 12.67
N ASP P 381 -24.03 -19.46 12.99
CA ASP P 381 -22.59 -19.58 12.82
C ASP P 381 -22.17 -20.49 11.68
N ASP P 382 -23.01 -21.45 11.30
CA ASP P 382 -22.69 -22.37 10.22
C ASP P 382 -23.25 -21.88 8.88
N ALA P 383 -22.94 -20.63 8.54
CA ALA P 383 -23.29 -20.04 7.26
C ALA P 383 -24.80 -20.10 6.99
N GLY P 384 -25.58 -19.95 8.05
CA GLY P 384 -27.03 -19.89 7.92
C GLY P 384 -27.72 -21.24 7.79
N ASN P 385 -26.98 -22.35 7.85
CA ASN P 385 -27.62 -23.66 7.74
C ASN P 385 -28.52 -23.95 8.93
N THR P 386 -28.06 -23.64 10.14
CA THR P 386 -28.84 -23.83 11.35
C THR P 386 -28.93 -22.50 12.10
N TRP P 387 -30.12 -22.18 12.58
CA TRP P 387 -30.40 -20.89 13.19
C TRP P 387 -30.82 -21.05 14.64
N GLY P 388 -30.59 -20.00 15.42
CA GLY P 388 -31.02 -19.95 16.79
C GLY P 388 -32.43 -19.42 16.94
N ILE P 389 -32.82 -19.16 18.18
CA ILE P 389 -34.17 -18.66 18.45
C ILE P 389 -34.27 -17.19 18.02
N TRP P 390 -35.51 -16.75 17.80
CA TRP P 390 -35.77 -15.37 17.43
C TRP P 390 -35.82 -14.51 18.68
N GLU P 391 -35.00 -13.46 18.71
CA GLU P 391 -35.01 -12.47 19.79
C GLU P 391 -35.55 -11.16 19.22
N GLY P 392 -36.61 -10.64 19.83
CA GLY P 392 -37.34 -9.51 19.29
C GLY P 392 -37.16 -8.26 20.14
N GLU P 393 -37.06 -7.12 19.46
CA GLU P 393 -37.11 -5.81 20.08
C GLU P 393 -38.22 -4.98 19.45
N THR P 394 -38.38 -3.76 19.96
CA THR P 394 -39.40 -2.85 19.48
C THR P 394 -38.76 -1.65 18.79
N LEU P 395 -39.43 -1.14 17.78
CA LEU P 395 -38.98 0.05 17.07
C LEU P 395 -39.44 1.34 17.75
N GLY P 396 -40.15 1.24 18.86
CA GLY P 396 -40.60 2.42 19.58
C GLY P 396 -41.95 2.89 19.13
N ALA P 397 -42.69 3.48 20.07
CA ALA P 397 -44.00 4.02 19.76
C ALA P 397 -43.87 5.29 18.91
N GLN P 398 -45.02 5.82 18.52
CA GLN P 398 -45.03 7.03 17.70
C GLN P 398 -44.41 8.19 18.46
N GLY P 399 -43.37 8.79 17.86
CA GLY P 399 -42.68 9.90 18.47
C GLY P 399 -41.35 9.55 19.10
N ASN P 400 -41.07 8.26 19.33
CA ASN P 400 -39.82 7.83 19.93
C ASN P 400 -38.74 7.69 18.84
N TYR P 401 -38.40 8.83 18.25
CA TYR P 401 -37.40 8.85 17.18
C TYR P 401 -36.00 8.52 17.69
N ARG P 402 -35.74 8.70 18.98
CA ARG P 402 -34.44 8.41 19.56
C ARG P 402 -34.44 7.00 20.18
N GLN P 403 -34.74 6.01 19.35
CA GLN P 403 -34.85 4.63 19.77
C GLN P 403 -33.62 3.87 19.29
N ARG P 404 -33.05 3.06 20.18
CA ARG P 404 -31.87 2.25 19.87
C ARG P 404 -32.31 0.82 19.60
N VAL P 405 -32.10 0.35 18.37
CA VAL P 405 -32.39 -1.03 18.01
C VAL P 405 -31.09 -1.80 18.23
N GLU P 406 -30.90 -2.27 19.46
CA GLU P 406 -29.68 -2.93 19.88
C GLU P 406 -29.98 -4.34 20.35
N TRP P 407 -29.23 -5.30 19.82
CA TRP P 407 -29.35 -6.72 20.27
C TRP P 407 -27.98 -7.06 20.84
N ARG P 408 -27.71 -6.67 22.09
CA ARG P 408 -26.35 -6.83 22.65
C ARG P 408 -26.10 -8.21 23.27
N ALA P 409 -24.85 -8.47 23.68
CA ALA P 409 -24.47 -9.72 24.38
C ALA P 409 -24.69 -10.99 23.56
N LEU P 410 -23.92 -11.20 22.49
CA LEU P 410 -24.04 -12.50 21.85
C LEU P 410 -22.67 -13.16 21.92
N GLY P 411 -22.65 -14.48 21.72
CA GLY P 411 -21.41 -15.24 21.97
C GLY P 411 -20.33 -15.19 20.91
N LEU P 412 -19.51 -16.25 20.84
CA LEU P 412 -18.35 -16.26 19.93
C LEU P 412 -18.70 -16.90 18.58
N PHE P 413 -18.15 -16.36 17.50
CA PHE P 413 -18.33 -16.90 16.16
C PHE P 413 -16.98 -17.28 15.57
N ASP P 414 -16.99 -18.28 14.71
CA ASP P 414 -15.75 -18.93 14.28
C ASP P 414 -15.61 -18.97 12.76
N ASP P 415 -14.66 -19.79 12.30
CA ASP P 415 -14.22 -19.85 10.90
C ASP P 415 -15.32 -19.70 9.85
N PRO P 416 -16.45 -20.42 9.90
CA PRO P 416 -17.46 -20.24 8.84
C PRO P 416 -18.00 -18.83 8.74
N GLY P 417 -18.02 -18.09 9.85
CA GLY P 417 -18.51 -16.72 9.86
C GLY P 417 -19.79 -16.61 10.67
N MET P 418 -20.31 -15.38 10.69
CA MET P 418 -21.54 -15.06 11.40
C MET P 418 -22.56 -14.53 10.42
N LEU P 419 -23.83 -14.88 10.64
CA LEU P 419 -24.92 -14.43 9.78
C LEU P 419 -26.15 -14.18 10.64
N PHE P 420 -26.67 -12.95 10.60
CA PHE P 420 -27.84 -12.57 11.37
C PHE P 420 -28.99 -12.27 10.42
N GLU P 421 -30.13 -12.90 10.67
CA GLU P 421 -31.34 -12.69 9.89
C GLU P 421 -32.30 -11.81 10.68
N HIS P 422 -32.76 -10.73 10.05
CA HIS P 422 -33.70 -9.80 10.65
C HIS P 422 -35.03 -9.88 9.90
N ARG P 423 -36.11 -9.97 10.67
CA ARG P 423 -37.45 -10.11 10.11
C ARG P 423 -38.41 -9.17 10.83
N MET P 424 -39.24 -8.49 10.05
CA MET P 424 -40.25 -7.58 10.58
C MET P 424 -41.58 -7.89 9.92
N THR P 425 -42.61 -8.11 10.74
CA THR P 425 -43.93 -8.50 10.25
C THR P 425 -45.00 -7.56 10.79
N ALA P 426 -44.76 -6.26 10.67
CA ALA P 426 -45.74 -5.26 11.08
C ALA P 426 -46.15 -4.41 9.89
N PRO P 427 -47.45 -4.08 9.75
CA PRO P 427 -47.92 -3.29 8.62
C PRO P 427 -47.65 -1.79 8.75
N VAL P 428 -46.40 -1.44 9.01
CA VAL P 428 -45.97 -0.06 9.12
C VAL P 428 -44.69 0.10 8.30
N SER P 429 -44.30 1.36 8.07
CA SER P 429 -43.14 1.65 7.25
C SER P 429 -41.87 1.14 7.90
N PHE P 430 -40.91 0.75 7.06
CA PHE P 430 -39.64 0.23 7.55
C PHE P 430 -38.54 0.58 6.57
N ARG P 431 -37.40 1.00 7.11
CA ARG P 431 -36.24 1.36 6.30
C ARG P 431 -34.99 1.00 7.09
N VAL P 432 -34.01 0.41 6.40
CA VAL P 432 -32.77 -0.01 7.02
C VAL P 432 -31.65 0.86 6.46
N THR P 433 -30.90 1.51 7.36
CA THR P 433 -29.77 2.34 6.97
C THR P 433 -28.44 1.63 7.13
N ALA P 434 -28.19 1.00 8.27
CA ALA P 434 -26.92 0.32 8.47
C ALA P 434 -27.05 -0.72 9.58
N VAL P 435 -26.13 -1.68 9.55
CA VAL P 435 -25.99 -2.69 10.59
C VAL P 435 -24.55 -2.69 11.06
N THR P 436 -24.34 -2.48 12.36
CA THR P 436 -23.00 -2.42 12.92
C THR P 436 -22.88 -3.40 14.08
N VAL P 437 -21.64 -3.81 14.36
CA VAL P 437 -21.33 -4.73 15.44
C VAL P 437 -20.27 -4.10 16.33
N ASN P 438 -20.45 -4.24 17.65
CA ASN P 438 -19.51 -3.72 18.64
C ASN P 438 -19.29 -2.21 18.49
N GLY P 439 -20.40 -1.47 18.55
CA GLY P 439 -20.37 -0.03 18.44
C GLY P 439 -20.00 0.64 19.75
N GLU P 440 -19.89 1.96 19.68
CA GLU P 440 -19.56 2.75 20.87
C GLU P 440 -20.75 2.81 21.82
N LEU P 441 -20.45 2.92 23.11
CA LEU P 441 -21.45 2.78 24.15
C LEU P 441 -22.01 4.11 24.66
N GLY P 442 -21.63 5.23 24.06
CA GLY P 442 -22.11 6.51 24.52
C GLY P 442 -23.56 6.75 24.17
N GLY P 443 -24.12 7.79 24.78
CA GLY P 443 -25.50 8.15 24.54
C GLY P 443 -25.91 9.32 25.41
N ARG P 444 -27.14 9.77 25.20
CA ARG P 444 -27.70 10.88 25.98
C ARG P 444 -29.20 10.66 26.11
N SER P 445 -29.59 9.98 27.19
CA SER P 445 -30.99 9.83 27.62
C SER P 445 -31.94 9.61 26.45
N ARG P 446 -31.63 8.61 25.64
CA ARG P 446 -32.47 8.29 24.49
C ARG P 446 -33.69 7.49 24.92
N ASP Q 2 -3.35 -17.24 3.65
CA ASP Q 2 -4.36 -17.54 2.65
C ASP Q 2 -3.72 -18.02 1.35
N LEU Q 3 -3.71 -19.33 1.15
CA LEU Q 3 -3.15 -19.90 -0.06
C LEU Q 3 -4.02 -19.57 -1.27
N ALA Q 4 -3.39 -19.41 -2.42
CA ALA Q 4 -4.08 -19.11 -3.66
C ALA Q 4 -4.14 -20.37 -4.51
N TYR Q 5 -5.35 -20.83 -4.81
CA TYR Q 5 -5.54 -22.01 -5.64
C TYR Q 5 -5.66 -21.62 -7.11
N GLY Q 6 -5.40 -22.59 -7.98
CA GLY Q 6 -5.47 -22.35 -9.40
C GLY Q 6 -6.90 -22.14 -9.86
N THR Q 7 -7.17 -21.00 -10.49
CA THR Q 7 -8.50 -20.73 -11.00
C THR Q 7 -8.74 -21.36 -12.37
N GLY Q 8 -7.71 -21.93 -12.98
CA GLY Q 8 -7.87 -22.56 -14.28
C GLY Q 8 -6.84 -23.66 -14.46
N ALA Q 9 -7.16 -24.60 -15.35
CA ALA Q 9 -6.27 -25.71 -15.63
C ALA Q 9 -5.05 -25.21 -16.39
N TYR Q 10 -3.88 -25.30 -15.75
CA TYR Q 10 -2.61 -24.85 -16.33
C TYR Q 10 -1.60 -25.99 -16.17
N ALA Q 11 -1.53 -26.86 -17.17
CA ALA Q 11 -0.61 -27.99 -17.18
C ALA Q 11 0.34 -27.81 -18.35
N ARG Q 12 1.45 -27.13 -18.11
CA ARG Q 12 2.47 -26.89 -19.12
C ARG Q 12 3.70 -27.74 -18.79
N THR Q 13 3.97 -28.74 -19.64
CA THR Q 13 5.08 -29.65 -19.42
C THR Q 13 6.41 -29.11 -19.90
N ARG Q 14 6.41 -28.06 -20.72
CA ARG Q 14 7.66 -27.48 -21.20
C ARG Q 14 8.34 -26.69 -20.09
N GLY Q 15 9.61 -26.96 -19.86
CA GLY Q 15 10.33 -26.33 -18.78
C GLY Q 15 10.02 -26.87 -17.41
N ASN Q 16 9.26 -27.96 -17.33
CA ASN Q 16 8.90 -28.59 -16.05
C ASN Q 16 8.25 -27.58 -15.10
N LEU Q 17 7.40 -26.73 -15.66
CA LEU Q 17 6.69 -25.77 -14.84
C LEU Q 17 5.68 -26.49 -13.94
N PRO Q 18 5.43 -25.96 -12.74
CA PRO Q 18 4.42 -26.58 -11.87
C PRO Q 18 3.06 -26.61 -12.54
N GLU Q 19 2.35 -27.71 -12.33
CA GLU Q 19 1.04 -27.92 -12.94
C GLU Q 19 -0.06 -27.68 -11.93
N LEU Q 20 -1.14 -27.02 -12.37
CA LEU Q 20 -2.27 -26.67 -11.52
C LEU Q 20 -3.55 -27.19 -12.18
N PRO Q 21 -3.76 -28.50 -12.17
CA PRO Q 21 -4.95 -29.06 -12.82
C PRO Q 21 -6.23 -28.71 -12.08
N LEU Q 22 -7.31 -28.60 -12.84
CA LEU Q 22 -8.65 -28.36 -12.30
C LEU Q 22 -9.56 -29.42 -12.89
N VAL Q 23 -9.81 -30.49 -12.13
CA VAL Q 23 -10.56 -31.64 -12.61
C VAL Q 23 -11.99 -31.55 -12.06
N ASN Q 24 -12.97 -31.49 -12.95
CA ASN Q 24 -14.39 -31.49 -12.61
C ASN Q 24 -14.77 -30.34 -11.71
N LEU Q 25 -13.99 -29.25 -11.72
CA LEU Q 25 -14.28 -28.06 -10.94
C LEU Q 25 -14.10 -26.84 -11.83
N PHE Q 26 -14.96 -25.85 -11.66
CA PHE Q 26 -14.86 -24.62 -12.44
C PHE Q 26 -15.07 -23.42 -11.53
N VAL Q 27 -14.48 -22.30 -11.91
CA VAL Q 27 -14.59 -21.07 -11.15
C VAL Q 27 -15.95 -20.44 -11.42
N GLU Q 28 -16.66 -20.08 -10.35
CA GLU Q 28 -17.94 -19.40 -10.45
C GLU Q 28 -17.94 -18.19 -9.53
N ALA Q 29 -18.36 -17.05 -10.06
CA ALA Q 29 -18.44 -15.84 -9.26
C ALA Q 29 -19.58 -15.95 -8.25
N THR Q 30 -19.35 -15.43 -7.05
CA THR Q 30 -20.33 -15.46 -5.97
C THR Q 30 -20.39 -14.10 -5.29
N ARG Q 31 -21.49 -13.88 -4.57
CA ARG Q 31 -21.69 -12.64 -3.83
C ARG Q 31 -21.65 -12.82 -2.33
N SER Q 32 -21.84 -14.05 -1.82
CA SER Q 32 -21.83 -14.27 -0.38
C SER Q 32 -20.43 -14.13 0.20
N ASP Q 33 -19.43 -14.64 -0.51
CA ASP Q 33 -18.06 -14.64 -0.02
C ASP Q 33 -17.35 -13.35 -0.40
N GLN Q 34 -16.46 -12.90 0.47
CA GLN Q 34 -15.70 -11.67 0.23
C GLN Q 34 -14.69 -11.84 -0.91
N ARG Q 35 -14.27 -13.07 -1.21
CA ARG Q 35 -13.29 -13.28 -2.25
C ARG Q 35 -13.90 -13.22 -3.66
N GLY Q 36 -15.22 -13.30 -3.77
CA GLY Q 36 -15.91 -13.14 -5.03
C GLY Q 36 -16.08 -14.39 -5.87
N VAL Q 37 -15.10 -15.28 -5.85
CA VAL Q 37 -15.13 -16.48 -6.68
C VAL Q 37 -14.99 -17.72 -5.80
N VAL Q 38 -15.62 -18.80 -6.25
CA VAL Q 38 -15.53 -20.11 -5.59
C VAL Q 38 -15.31 -21.16 -6.66
N LEU Q 39 -14.93 -22.36 -6.21
CA LEU Q 39 -14.80 -23.51 -7.10
C LEU Q 39 -16.03 -24.39 -6.94
N GLN Q 40 -16.77 -24.57 -8.03
CA GLN Q 40 -17.99 -25.34 -8.02
C GLN Q 40 -17.79 -26.63 -8.81
N SER Q 41 -18.35 -27.72 -8.30
CA SER Q 41 -18.21 -29.02 -8.94
C SER Q 41 -19.18 -29.16 -10.10
N ARG Q 42 -18.73 -29.89 -11.12
CA ARG Q 42 -19.61 -30.23 -12.23
C ARG Q 42 -20.60 -31.31 -11.82
N LYS Q 43 -21.78 -31.27 -12.41
CA LYS Q 43 -22.81 -32.25 -12.09
C LYS Q 43 -22.52 -33.58 -12.78
N GLY Q 44 -22.93 -34.67 -12.14
CA GLY Q 44 -22.67 -35.98 -12.69
C GLY Q 44 -23.58 -36.29 -13.86
N LEU Q 45 -23.18 -37.32 -14.61
CA LEU Q 45 -23.91 -37.74 -15.79
C LEU Q 45 -24.91 -38.85 -15.42
N VAL Q 46 -26.17 -38.64 -15.80
CA VAL Q 46 -27.23 -39.62 -15.59
C VAL Q 46 -27.91 -39.87 -16.92
N GLU Q 47 -28.16 -41.15 -17.22
CA GLU Q 47 -28.76 -41.52 -18.50
C GLU Q 47 -30.17 -40.94 -18.62
N ASP Q 48 -30.44 -40.37 -19.79
CA ASP Q 48 -31.75 -39.83 -20.13
C ASP Q 48 -32.51 -40.70 -21.13
N ALA Q 49 -31.83 -41.23 -22.14
CA ALA Q 49 -32.45 -42.09 -23.12
C ALA Q 49 -31.39 -43.00 -23.73
N GLU Q 50 -31.76 -44.25 -23.96
CA GLU Q 50 -30.89 -45.25 -24.58
C GLU Q 50 -31.32 -45.41 -26.04
N VAL Q 51 -30.49 -44.93 -26.96
CA VAL Q 51 -30.80 -44.95 -28.38
C VAL Q 51 -29.65 -45.62 -29.12
N GLY Q 52 -29.98 -46.60 -29.95
CA GLY Q 52 -28.98 -47.25 -30.77
C GLY Q 52 -28.11 -48.23 -30.00
N THR Q 53 -27.09 -48.73 -30.68
CA THR Q 53 -26.16 -49.68 -30.11
C THR Q 53 -24.71 -49.27 -30.32
N GLY Q 54 -24.45 -47.99 -30.58
CA GLY Q 54 -23.11 -47.51 -30.81
C GLY Q 54 -22.92 -46.08 -30.36
N PRO Q 55 -21.75 -45.51 -30.66
CA PRO Q 55 -21.48 -44.13 -30.24
C PRO Q 55 -22.44 -43.15 -30.89
N ILE Q 56 -22.81 -42.13 -30.13
CA ILE Q 56 -23.67 -41.07 -30.64
C ILE Q 56 -22.82 -40.08 -31.41
N ARG Q 57 -23.22 -39.80 -32.65
CA ARG Q 57 -22.51 -38.84 -33.48
C ARG Q 57 -23.16 -37.47 -33.50
N GLY Q 58 -24.48 -37.40 -33.33
CA GLY Q 58 -25.18 -36.13 -33.30
C GLY Q 58 -26.58 -36.30 -32.76
N VAL Q 59 -27.03 -35.28 -32.02
CA VAL Q 59 -28.37 -35.26 -31.46
C VAL Q 59 -29.06 -33.98 -31.89
N PHE Q 60 -30.27 -34.11 -32.44
CA PHE Q 60 -31.04 -32.97 -32.91
C PHE Q 60 -32.39 -32.96 -32.20
N ARG Q 61 -32.77 -31.82 -31.65
CA ARG Q 61 -34.05 -31.69 -30.95
C ARG Q 61 -34.51 -30.24 -31.09
N LYS Q 62 -35.39 -29.99 -32.05
CA LYS Q 62 -35.99 -28.68 -32.26
C LYS Q 62 -37.51 -28.82 -32.17
N ASP Q 63 -38.12 -28.05 -31.27
CA ASP Q 63 -39.55 -28.20 -31.01
C ASP Q 63 -40.37 -27.86 -32.25
N GLY Q 64 -39.97 -26.85 -33.00
CA GLY Q 64 -40.69 -26.43 -34.18
C GLY Q 64 -40.45 -27.24 -35.42
N VAL Q 65 -39.62 -28.28 -35.35
CA VAL Q 65 -39.26 -29.09 -36.51
C VAL Q 65 -39.80 -30.51 -36.28
N LEU Q 66 -40.71 -30.92 -37.16
CA LEU Q 66 -41.23 -32.29 -37.18
C LEU Q 66 -41.78 -32.72 -35.81
N GLY Q 67 -42.48 -31.80 -35.14
CA GLY Q 67 -43.09 -32.12 -33.88
C GLY Q 67 -42.14 -32.27 -32.72
N GLY Q 68 -40.90 -31.79 -32.85
CA GLY Q 68 -39.94 -31.91 -31.75
C GLY Q 68 -39.49 -33.31 -31.46
N ALA Q 69 -39.28 -34.13 -32.48
CA ALA Q 69 -38.82 -35.49 -32.27
C ALA Q 69 -37.32 -35.52 -32.02
N GLU Q 70 -36.87 -36.62 -31.42
CA GLU Q 70 -35.45 -36.82 -31.13
C GLU Q 70 -34.80 -37.53 -32.31
N PHE Q 71 -33.81 -36.88 -32.91
CA PHE Q 71 -33.06 -37.45 -34.03
C PHE Q 71 -31.65 -37.76 -33.56
N VAL Q 72 -31.30 -39.04 -33.52
CA VAL Q 72 -30.04 -39.50 -32.96
C VAL Q 72 -29.31 -40.32 -34.02
N VAL Q 73 -28.00 -40.07 -34.15
CA VAL Q 73 -27.18 -40.85 -35.12
C VAL Q 73 -26.32 -41.84 -34.34
N SER Q 74 -26.90 -42.96 -33.94
CA SER Q 74 -26.08 -44.00 -33.27
C SER Q 74 -25.25 -44.72 -34.35
N ASP Q 75 -23.94 -44.51 -34.35
CA ASP Q 75 -23.05 -45.12 -35.38
C ASP Q 75 -23.50 -44.67 -36.78
N ASP Q 76 -23.95 -45.61 -37.61
CA ASP Q 76 -24.33 -45.28 -39.02
C ASP Q 76 -25.84 -45.43 -39.20
N GLU Q 77 -26.63 -45.21 -38.14
CA GLU Q 77 -28.07 -45.34 -38.20
C GLU Q 77 -28.74 -44.06 -37.71
N LEU Q 78 -29.90 -43.77 -38.25
CA LEU Q 78 -30.70 -42.61 -37.83
C LEU Q 78 -31.92 -43.10 -37.08
N TYR Q 79 -32.14 -42.53 -35.90
CA TYR Q 79 -33.23 -42.92 -35.02
C TYR Q 79 -34.11 -41.71 -34.73
N GLU Q 80 -35.42 -41.89 -34.86
CA GLU Q 80 -36.41 -40.88 -34.53
C GLU Q 80 -37.19 -41.34 -33.30
N ASP Q 81 -36.93 -40.69 -32.16
CA ASP Q 81 -37.59 -41.03 -30.90
C ASP Q 81 -37.38 -42.49 -30.54
N GLY Q 82 -36.17 -42.99 -30.79
CA GLY Q 82 -35.84 -44.37 -30.53
C GLY Q 82 -36.27 -45.35 -31.60
N VAL Q 83 -36.82 -44.88 -32.71
CA VAL Q 83 -37.25 -45.74 -33.80
C VAL Q 83 -36.30 -45.55 -34.97
N SER Q 84 -35.75 -46.66 -35.47
CA SER Q 84 -34.79 -46.59 -36.56
C SER Q 84 -35.44 -46.08 -37.83
N LEU Q 85 -34.72 -45.23 -38.55
CA LEU Q 85 -35.19 -44.69 -39.82
C LEU Q 85 -34.40 -45.19 -41.03
N GLY Q 86 -33.12 -45.46 -40.87
CA GLY Q 86 -32.32 -45.94 -41.98
C GLY Q 86 -30.85 -45.84 -41.67
N THR Q 87 -30.05 -46.20 -42.67
CA THR Q 87 -28.60 -46.24 -42.56
C THR Q 87 -27.98 -44.99 -43.17
N ILE Q 88 -27.05 -44.40 -42.43
CA ILE Q 88 -26.36 -43.18 -42.85
C ILE Q 88 -24.90 -43.51 -43.07
N ASN Q 89 -24.25 -42.71 -43.92
CA ASN Q 89 -22.83 -42.88 -44.19
C ASN Q 89 -22.01 -42.66 -42.92
N GLY Q 90 -20.72 -42.98 -43.00
CA GLY Q 90 -19.93 -43.18 -41.80
C GLY Q 90 -18.99 -42.08 -41.35
N THR Q 91 -17.71 -42.24 -41.68
CA THR Q 91 -16.58 -41.60 -41.01
C THR Q 91 -16.78 -40.15 -40.57
N GLY Q 92 -17.24 -39.29 -41.46
CA GLY Q 92 -17.31 -37.87 -41.19
C GLY Q 92 -18.27 -37.53 -40.07
N PRO Q 93 -18.03 -36.39 -39.40
CA PRO Q 93 -18.94 -35.96 -38.34
C PRO Q 93 -20.30 -35.57 -38.89
N VAL Q 94 -21.31 -35.70 -38.04
CA VAL Q 94 -22.69 -35.53 -38.44
C VAL Q 94 -23.11 -34.08 -38.25
N SER Q 95 -23.72 -33.49 -39.28
CA SER Q 95 -24.26 -32.15 -39.22
C SER Q 95 -25.72 -32.17 -39.62
N PHE Q 96 -26.53 -31.34 -38.96
CA PHE Q 96 -27.97 -31.27 -39.18
C PHE Q 96 -28.35 -29.91 -39.75
N ALA Q 97 -29.40 -29.90 -40.56
CA ALA Q 97 -29.99 -28.65 -41.05
C ALA Q 97 -31.46 -28.89 -41.29
N ALA Q 98 -32.32 -28.23 -40.52
CA ALA Q 98 -33.74 -28.56 -40.52
C ALA Q 98 -34.59 -27.32 -40.70
N ILE Q 99 -35.76 -27.52 -41.31
CA ILE Q 99 -36.81 -26.52 -41.40
C ILE Q 99 -38.10 -27.16 -40.90
N GLU Q 100 -39.22 -26.46 -41.03
CA GLU Q 100 -40.48 -26.93 -40.43
C GLU Q 100 -40.87 -28.32 -40.92
N ASP Q 101 -40.48 -28.71 -42.13
CA ASP Q 101 -40.91 -29.99 -42.67
C ASP Q 101 -39.81 -30.76 -43.39
N GLU Q 102 -38.54 -30.36 -43.27
CA GLU Q 102 -37.44 -31.04 -43.93
C GLU Q 102 -36.24 -31.08 -43.00
N LEU Q 103 -35.56 -32.22 -42.96
CA LEU Q 103 -34.37 -32.40 -42.14
C LEU Q 103 -33.28 -33.05 -42.96
N LEU Q 104 -32.16 -32.36 -43.14
CA LEU Q 104 -31.00 -32.85 -43.86
C LEU Q 104 -29.91 -33.24 -42.88
N VAL Q 105 -29.36 -34.44 -43.06
CA VAL Q 105 -28.30 -34.97 -42.21
C VAL Q 105 -27.12 -35.29 -43.11
N CYS Q 106 -25.93 -34.85 -42.70
CA CYS Q 106 -24.70 -35.09 -43.43
C CYS Q 106 -23.71 -35.82 -42.53
N ALA Q 107 -22.98 -36.78 -43.10
CA ALA Q 107 -22.00 -37.55 -42.36
C ALA Q 107 -20.65 -37.55 -43.08
N GLY Q 108 -20.39 -36.52 -43.87
CA GLY Q 108 -19.13 -36.38 -44.57
C GLY Q 108 -19.06 -37.07 -45.92
N GLU Q 109 -20.07 -37.85 -46.28
CA GLU Q 109 -20.06 -38.55 -47.56
C GLU Q 109 -21.26 -38.18 -48.44
N SER Q 110 -22.47 -38.17 -47.89
CA SER Q 110 -23.66 -37.86 -48.68
C SER Q 110 -24.70 -37.23 -47.78
N ILE Q 111 -25.75 -36.71 -48.41
CA ILE Q 111 -26.83 -36.00 -47.72
C ILE Q 111 -28.05 -36.90 -47.67
N TRP Q 112 -28.71 -36.96 -46.50
CA TRP Q 112 -29.93 -37.72 -46.32
C TRP Q 112 -31.05 -36.80 -45.87
N SER Q 113 -32.22 -36.94 -46.49
CA SER Q 113 -33.36 -36.07 -46.24
C SER Q 113 -34.48 -36.87 -45.60
N TYR Q 114 -35.05 -36.31 -44.52
CA TYR Q 114 -36.19 -36.88 -43.84
C TYR Q 114 -37.28 -35.82 -43.74
N ASP Q 115 -38.45 -36.11 -44.30
CA ASP Q 115 -39.58 -35.21 -44.29
C ASP Q 115 -40.71 -35.67 -43.39
N GLY Q 116 -40.43 -36.61 -42.49
CA GLY Q 116 -41.45 -37.17 -41.63
C GLY Q 116 -42.08 -38.45 -42.14
N THR Q 117 -41.78 -38.83 -43.38
CA THR Q 117 -42.33 -40.05 -43.98
C THR Q 117 -41.27 -41.11 -44.25
N THR Q 118 -40.21 -40.75 -44.97
CA THR Q 118 -39.16 -41.70 -45.29
C THR Q 118 -37.82 -40.97 -45.40
N LEU Q 119 -36.75 -41.74 -45.26
CA LEU Q 119 -35.39 -41.21 -45.35
C LEU Q 119 -34.82 -41.53 -46.72
N ASP Q 120 -34.52 -40.48 -47.49
CA ASP Q 120 -34.08 -40.64 -48.87
C ASP Q 120 -32.72 -39.98 -49.08
N GLU Q 121 -31.83 -40.67 -49.78
CA GLU Q 121 -30.56 -40.07 -50.16
C GLU Q 121 -30.80 -38.95 -51.18
N VAL Q 122 -30.08 -37.84 -51.02
CA VAL Q 122 -30.22 -36.68 -51.88
C VAL Q 122 -29.14 -36.73 -52.96
N THR Q 123 -29.56 -36.58 -54.21
CA THR Q 123 -28.63 -36.58 -55.33
C THR Q 123 -27.90 -35.24 -55.39
N PHE Q 124 -26.59 -35.28 -55.27
CA PHE Q 124 -25.78 -34.07 -55.31
C PHE Q 124 -25.16 -33.89 -56.69
N PRO Q 125 -24.92 -32.65 -57.10
CA PRO Q 125 -24.27 -32.41 -58.40
C PRO Q 125 -22.93 -33.15 -58.49
N ASP Q 126 -22.70 -33.76 -59.65
CA ASP Q 126 -21.49 -34.52 -59.97
C ASP Q 126 -21.27 -35.70 -59.02
N GLY Q 127 -22.25 -36.05 -58.19
CA GLY Q 127 -22.10 -37.14 -57.26
C GLY Q 127 -20.99 -36.94 -56.25
N ALA Q 128 -20.60 -35.69 -55.98
CA ALA Q 128 -19.49 -35.41 -55.08
C ALA Q 128 -19.92 -35.63 -53.63
N ASP Q 129 -18.91 -35.71 -52.76
CA ASP Q 129 -19.14 -35.90 -51.34
C ASP Q 129 -19.31 -34.54 -50.65
N VAL Q 130 -20.25 -34.50 -49.71
CA VAL Q 130 -20.54 -33.28 -48.96
C VAL Q 130 -19.98 -33.43 -47.56
N THR Q 131 -19.25 -32.42 -47.10
CA THR Q 131 -18.66 -32.47 -45.76
C THR Q 131 -19.55 -31.83 -44.70
N LYS Q 132 -20.14 -30.67 -44.99
CA LYS Q 132 -20.96 -29.98 -44.00
C LYS Q 132 -22.22 -29.44 -44.68
N VAL Q 133 -23.32 -29.49 -43.94
CA VAL Q 133 -24.61 -28.99 -44.39
C VAL Q 133 -25.16 -28.05 -43.33
N ALA Q 134 -25.62 -26.87 -43.75
CA ALA Q 134 -26.19 -25.88 -42.87
C ALA Q 134 -27.40 -25.25 -43.53
N TYR Q 135 -28.13 -24.45 -42.76
CA TYR Q 135 -29.30 -23.73 -43.26
C TYR Q 135 -29.15 -22.25 -42.92
N SER Q 136 -29.47 -21.38 -43.88
CA SER Q 136 -29.32 -19.95 -43.67
C SER Q 136 -30.22 -19.19 -44.63
N SER Q 137 -31.04 -18.29 -44.08
CA SER Q 137 -31.87 -17.36 -44.85
C SER Q 137 -32.68 -18.07 -45.94
N GLY Q 138 -33.27 -19.19 -45.57
CA GLY Q 138 -34.14 -19.92 -46.48
C GLY Q 138 -33.42 -20.83 -47.45
N TYR Q 139 -32.10 -20.90 -47.40
CA TYR Q 139 -31.32 -21.74 -48.32
C TYR Q 139 -30.60 -22.82 -47.53
N PHE Q 140 -30.31 -23.93 -48.21
CA PHE Q 140 -29.49 -24.99 -47.66
C PHE Q 140 -28.10 -24.94 -48.30
N ILE Q 141 -27.07 -24.88 -47.47
CA ILE Q 141 -25.70 -24.72 -47.91
C ILE Q 141 -24.96 -26.03 -47.67
N ALA Q 142 -24.24 -26.50 -48.69
CA ALA Q 142 -23.47 -27.73 -48.60
C ALA Q 142 -22.05 -27.49 -49.09
N LEU Q 143 -21.08 -28.07 -48.38
CA LEU Q 143 -19.67 -27.97 -48.74
C LEU Q 143 -19.25 -29.23 -49.50
N ARG Q 144 -18.79 -29.04 -50.73
CA ARG Q 144 -18.23 -30.16 -51.47
C ARG Q 144 -16.86 -30.51 -50.92
N ALA Q 145 -16.63 -31.82 -50.74
CA ALA Q 145 -15.38 -32.28 -50.16
C ALA Q 145 -14.23 -32.08 -51.15
N GLY Q 146 -13.13 -31.50 -50.67
CA GLY Q 146 -11.94 -31.35 -51.46
C GLY Q 146 -11.90 -30.14 -52.37
N THR Q 147 -12.96 -29.33 -52.40
CA THR Q 147 -13.02 -28.16 -53.25
C THR Q 147 -13.37 -26.93 -52.43
N GLY Q 148 -13.03 -25.77 -52.96
CA GLY Q 148 -13.28 -24.51 -52.29
C GLY Q 148 -14.60 -23.86 -52.69
N GLN Q 149 -15.49 -24.63 -53.30
CA GLN Q 149 -16.79 -24.14 -53.73
C GLN Q 149 -17.89 -24.78 -52.88
N TRP Q 150 -18.91 -23.99 -52.58
CA TRP Q 150 -20.05 -24.45 -51.79
C TRP Q 150 -21.34 -24.23 -52.58
N TYR Q 151 -22.24 -25.20 -52.47
CA TYR Q 151 -23.48 -25.19 -53.23
C TYR Q 151 -24.65 -24.76 -52.33
N PHE Q 152 -25.66 -24.15 -52.96
CA PHE Q 152 -26.87 -23.76 -52.26
C PHE Q 152 -28.07 -24.31 -53.01
N SER Q 153 -29.07 -24.75 -52.26
CA SER Q 153 -30.25 -25.40 -52.82
C SER Q 153 -31.31 -24.33 -53.15
N ALA Q 154 -32.51 -24.79 -53.48
CA ALA Q 154 -33.61 -23.89 -53.80
C ALA Q 154 -34.22 -23.33 -52.51
N LEU Q 155 -35.33 -22.62 -52.63
CA LEU Q 155 -35.98 -22.01 -51.48
C LEU Q 155 -36.73 -23.07 -50.68
N TYR Q 156 -36.31 -23.28 -49.44
CA TYR Q 156 -36.98 -24.17 -48.49
C TYR Q 156 -37.06 -25.61 -49.00
N ASP Q 157 -36.19 -25.99 -49.94
CA ASP Q 157 -36.15 -27.35 -50.46
C ASP Q 157 -34.73 -27.87 -50.37
N GLY Q 158 -34.56 -28.98 -49.65
CA GLY Q 158 -33.25 -29.58 -49.49
C GLY Q 158 -32.91 -30.67 -50.48
N THR Q 159 -33.90 -31.18 -51.23
CA THR Q 159 -33.69 -32.24 -52.19
C THR Q 159 -33.45 -31.74 -53.60
N SER Q 160 -33.43 -30.43 -53.81
CA SER Q 160 -33.27 -29.84 -55.13
C SER Q 160 -31.97 -29.04 -55.15
N TRP Q 161 -30.91 -29.64 -55.67
CA TRP Q 161 -29.61 -28.99 -55.79
C TRP Q 161 -29.23 -28.89 -57.26
N ASP Q 162 -28.86 -27.69 -57.68
CA ASP Q 162 -28.46 -27.44 -59.06
C ASP Q 162 -26.94 -27.37 -59.16
N GLY Q 163 -26.40 -27.88 -60.26
CA GLY Q 163 -24.96 -27.88 -60.46
C GLY Q 163 -24.38 -26.50 -60.68
N LEU Q 164 -25.19 -25.54 -61.14
CA LEU Q 164 -24.74 -24.18 -61.37
C LEU Q 164 -24.94 -23.29 -60.15
N ASP Q 165 -25.63 -23.75 -59.12
CA ASP Q 165 -25.88 -22.96 -57.92
C ASP Q 165 -24.74 -23.20 -56.91
N PHE Q 166 -23.60 -22.58 -57.21
CA PHE Q 166 -22.42 -22.70 -56.35
C PHE Q 166 -21.68 -21.38 -56.32
N ALA Q 167 -20.94 -21.17 -55.24
CA ALA Q 167 -20.10 -19.99 -55.08
C ALA Q 167 -18.74 -20.42 -54.54
N THR Q 168 -17.69 -19.74 -54.99
CA THR Q 168 -16.32 -20.11 -54.67
C THR Q 168 -15.69 -19.04 -53.79
N ALA Q 169 -14.96 -19.47 -52.77
CA ALA Q 169 -14.21 -18.57 -51.90
C ALA Q 169 -12.89 -18.24 -52.57
N GLU Q 170 -12.80 -17.05 -53.16
CA GLU Q 170 -11.63 -16.70 -53.97
C GLU Q 170 -10.37 -16.60 -53.11
N SER Q 171 -10.46 -16.00 -51.93
CA SER Q 171 -9.28 -15.76 -51.11
C SER Q 171 -8.71 -17.03 -50.51
N GLU Q 172 -9.45 -18.14 -50.54
CA GLU Q 172 -8.98 -19.41 -50.00
C GLU Q 172 -8.89 -20.43 -51.13
N PRO Q 173 -7.69 -20.67 -51.68
CA PRO Q 173 -7.57 -21.56 -52.84
C PRO Q 173 -7.72 -23.04 -52.50
N ASP Q 174 -7.66 -23.41 -51.23
CA ASP Q 174 -7.81 -24.81 -50.83
C ASP Q 174 -9.29 -25.09 -50.58
N ALA Q 175 -9.60 -26.22 -49.96
CA ALA Q 175 -10.99 -26.61 -49.73
C ALA Q 175 -11.52 -26.03 -48.42
N LEU Q 176 -12.81 -25.73 -48.42
CA LEU Q 176 -13.49 -25.30 -47.20
C LEU Q 176 -13.74 -26.50 -46.29
N LEU Q 177 -13.90 -26.21 -45.00
CA LEU Q 177 -14.06 -27.30 -44.03
C LEU Q 177 -15.27 -27.13 -43.12
N ASP Q 178 -15.68 -25.91 -42.83
CA ASP Q 178 -16.75 -25.73 -41.85
C ASP Q 178 -17.61 -24.52 -42.20
N ILE Q 179 -18.84 -24.54 -41.68
CA ILE Q 179 -19.78 -23.42 -41.79
C ILE Q 179 -20.31 -23.10 -40.41
N VAL Q 180 -20.42 -21.81 -40.11
CA VAL Q 180 -21.04 -21.34 -38.88
C VAL Q 180 -22.06 -20.26 -39.22
N VAL Q 181 -23.30 -20.44 -38.78
CA VAL Q 181 -24.36 -19.48 -39.05
C VAL Q 181 -24.34 -18.45 -37.92
N LEU Q 182 -23.72 -17.31 -38.16
CA LEU Q 182 -23.61 -16.24 -37.19
C LEU Q 182 -24.42 -15.03 -37.65
N ASP Q 183 -25.28 -14.53 -36.78
CA ASP Q 183 -26.11 -13.35 -37.05
C ASP Q 183 -26.99 -13.56 -38.27
N GLY Q 184 -27.39 -14.81 -38.53
CA GLY Q 184 -28.20 -15.13 -39.69
C GLY Q 184 -27.44 -15.24 -40.99
N ASN Q 185 -26.12 -15.13 -40.97
CA ASN Q 185 -25.32 -15.18 -42.18
C ASN Q 185 -24.27 -16.28 -42.07
N PRO Q 186 -23.88 -16.90 -43.18
CA PRO Q 186 -22.89 -17.99 -43.11
C PRO Q 186 -21.48 -17.46 -43.08
N VAL Q 187 -20.64 -18.13 -42.29
CA VAL Q 187 -19.21 -17.87 -42.21
C VAL Q 187 -18.50 -19.17 -42.54
N PHE Q 188 -17.58 -19.12 -43.51
CA PHE Q 188 -16.95 -20.31 -44.05
C PHE Q 188 -15.52 -20.40 -43.54
N PHE Q 189 -15.19 -21.54 -42.93
CA PHE Q 189 -13.84 -21.81 -42.42
C PHE Q 189 -13.16 -22.78 -43.36
N GLY Q 190 -12.05 -22.35 -43.96
CA GLY Q 190 -11.22 -23.21 -44.77
C GLY Q 190 -9.88 -23.51 -44.09
N THR Q 191 -8.99 -24.10 -44.88
CA THR Q 191 -7.67 -24.45 -44.35
C THR Q 191 -6.72 -23.27 -44.28
N GLN Q 192 -7.06 -22.16 -44.95
CA GLN Q 192 -6.17 -21.01 -45.02
C GLN Q 192 -6.80 -19.67 -44.67
N SER Q 193 -8.13 -19.57 -44.63
CA SER Q 193 -8.77 -18.29 -44.36
C SER Q 193 -10.18 -18.52 -43.85
N VAL Q 194 -10.73 -17.46 -43.27
CA VAL Q 194 -12.12 -17.44 -42.81
C VAL Q 194 -12.85 -16.35 -43.59
N GLU Q 195 -13.96 -16.72 -44.22
CA GLU Q 195 -14.69 -15.84 -45.10
C GLU Q 195 -16.05 -15.50 -44.51
N PHE Q 196 -16.40 -14.22 -44.57
CA PHE Q 196 -17.69 -13.72 -44.11
C PHE Q 196 -18.59 -13.47 -45.33
N TRP Q 197 -19.74 -14.13 -45.36
CA TRP Q 197 -20.69 -14.00 -46.44
C TRP Q 197 -22.04 -13.57 -45.89
N SER Q 198 -22.75 -12.76 -46.66
CA SER Q 198 -24.04 -12.23 -46.25
C SER Q 198 -25.06 -12.43 -47.36
N ALA Q 199 -26.32 -12.62 -46.96
CA ALA Q 199 -27.40 -12.81 -47.91
C ALA Q 199 -27.83 -11.47 -48.48
N THR Q 200 -27.73 -11.32 -49.80
CA THR Q 200 -28.10 -10.08 -50.47
C THR Q 200 -29.55 -10.03 -50.90
N GLY Q 201 -30.28 -11.14 -50.81
CA GLY Q 201 -31.68 -11.17 -51.19
C GLY Q 201 -31.94 -11.26 -52.67
N ASP Q 202 -30.90 -11.34 -53.50
CA ASP Q 202 -31.09 -11.43 -54.94
C ASP Q 202 -31.30 -12.90 -55.31
N PRO Q 203 -32.41 -13.24 -55.98
CA PRO Q 203 -32.69 -14.67 -56.24
C PRO Q 203 -31.60 -15.40 -57.00
N ASP Q 204 -30.95 -14.77 -57.98
CA ASP Q 204 -29.96 -15.48 -58.78
C ASP Q 204 -28.68 -15.74 -57.98
N ILE Q 205 -28.14 -14.70 -57.36
CA ILE Q 205 -27.00 -14.81 -56.47
C ILE Q 205 -27.50 -14.49 -55.06
N PRO Q 206 -27.66 -15.48 -54.18
CA PRO Q 206 -28.27 -15.21 -52.88
C PRO Q 206 -27.28 -14.72 -51.84
N PHE Q 207 -26.01 -15.09 -51.98
CA PHE Q 207 -24.99 -14.77 -50.99
C PHE Q 207 -23.82 -14.08 -51.66
N ALA Q 208 -23.28 -13.06 -51.00
CA ALA Q 208 -22.13 -12.32 -51.46
C ALA Q 208 -21.11 -12.20 -50.34
N PRO Q 209 -19.82 -12.24 -50.66
CA PRO Q 209 -18.82 -12.13 -49.60
C PRO Q 209 -18.64 -10.68 -49.14
N ILE Q 210 -18.33 -10.53 -47.87
CA ILE Q 210 -18.05 -9.23 -47.29
C ILE Q 210 -16.59 -8.92 -47.55
N GLN Q 211 -16.32 -7.98 -48.46
CA GLN Q 211 -14.96 -7.68 -48.83
C GLN Q 211 -14.21 -7.00 -47.68
N ASN Q 212 -12.89 -7.20 -47.67
CA ASN Q 212 -12.00 -6.61 -46.67
C ASN Q 212 -12.34 -7.06 -45.25
N ARG Q 213 -12.85 -8.27 -45.10
CA ARG Q 213 -13.08 -8.86 -43.78
C ARG Q 213 -12.81 -10.36 -43.87
N THR Q 214 -11.56 -10.75 -43.57
CA THR Q 214 -11.16 -12.14 -43.54
C THR Q 214 -10.09 -12.31 -42.47
N PHE Q 215 -9.96 -13.54 -41.98
CA PHE Q 215 -8.93 -13.91 -41.03
C PHE Q 215 -7.94 -14.86 -41.69
N GLU Q 216 -6.65 -14.55 -41.58
CA GLU Q 216 -5.62 -15.36 -42.23
C GLU Q 216 -5.44 -16.72 -41.59
N GLN Q 217 -6.02 -16.96 -40.42
CA GLN Q 217 -5.92 -18.26 -39.76
C GLN Q 217 -7.06 -19.15 -40.22
N GLY Q 218 -6.73 -20.35 -40.69
CA GLY Q 218 -7.71 -21.30 -41.14
C GLY Q 218 -8.31 -22.09 -39.99
N ILE Q 219 -8.95 -23.20 -40.34
CA ILE Q 219 -9.51 -24.12 -39.36
C ILE Q 219 -8.73 -25.42 -39.43
N PHE Q 220 -8.60 -26.08 -38.27
CA PHE Q 220 -7.80 -27.30 -38.20
C PHE Q 220 -8.46 -28.44 -38.96
N ALA Q 221 -9.75 -28.66 -38.73
CA ALA Q 221 -10.47 -29.75 -39.37
C ALA Q 221 -11.97 -29.43 -39.33
N THR Q 222 -12.79 -30.39 -39.76
CA THR Q 222 -14.23 -30.21 -39.76
C THR Q 222 -14.80 -30.48 -38.38
N GLY Q 223 -15.71 -29.62 -37.94
CA GLY Q 223 -16.32 -29.75 -36.64
C GLY Q 223 -15.61 -29.03 -35.52
N CYS Q 224 -14.65 -28.17 -35.82
CA CYS Q 224 -13.89 -27.44 -34.82
C CYS Q 224 -14.37 -26.00 -34.65
N ALA Q 225 -15.59 -25.70 -35.09
CA ALA Q 225 -16.14 -24.35 -34.98
C ALA Q 225 -17.52 -24.43 -34.34
N VAL Q 226 -17.75 -23.59 -33.32
CA VAL Q 226 -19.04 -23.49 -32.65
C VAL Q 226 -19.42 -22.02 -32.59
N ALA Q 227 -20.72 -21.78 -32.39
CA ALA Q 227 -21.26 -20.43 -32.31
C ALA Q 227 -22.01 -20.27 -30.99
N ILE Q 228 -21.71 -19.18 -30.27
CA ILE Q 228 -22.30 -18.93 -28.97
C ILE Q 228 -22.07 -17.47 -28.64
N ASP Q 229 -23.01 -16.87 -27.90
CA ASP Q 229 -22.86 -15.54 -27.32
C ASP Q 229 -22.53 -14.50 -28.38
N ASN Q 230 -23.28 -14.51 -29.48
CA ASN Q 230 -23.13 -13.58 -30.59
C ASN Q 230 -21.71 -13.59 -31.16
N SER Q 231 -21.01 -14.70 -31.01
CA SER Q 231 -19.66 -14.85 -31.53
C SER Q 231 -19.47 -16.30 -31.92
N PHE Q 232 -18.27 -16.64 -32.41
CA PHE Q 232 -17.96 -18.02 -32.70
C PHE Q 232 -16.54 -18.32 -32.26
N PHE Q 233 -16.34 -19.57 -31.83
CA PHE Q 233 -15.04 -20.08 -31.44
C PHE Q 233 -14.59 -21.12 -32.46
N TRP Q 234 -13.30 -21.12 -32.78
CA TRP Q 234 -12.78 -22.05 -33.77
C TRP Q 234 -11.38 -22.48 -33.37
N VAL Q 235 -10.91 -23.55 -34.02
CA VAL Q 235 -9.57 -24.06 -33.80
C VAL Q 235 -8.75 -23.77 -35.05
N GLY Q 236 -7.71 -22.97 -34.90
CA GLY Q 236 -6.90 -22.57 -36.04
C GLY Q 236 -6.06 -23.71 -36.58
N ALA Q 237 -5.45 -23.45 -37.73
CA ALA Q 237 -4.56 -24.43 -38.34
C ALA Q 237 -3.33 -24.70 -37.48
N ASP Q 238 -3.03 -23.80 -36.53
CA ASP Q 238 -1.94 -23.97 -35.59
C ASP Q 238 -2.41 -24.54 -34.26
N LYS Q 239 -3.61 -25.13 -34.23
CA LYS Q 239 -4.16 -25.78 -33.03
C LYS Q 239 -4.27 -24.81 -31.86
N ILE Q 240 -4.70 -23.58 -32.15
CA ILE Q 240 -4.94 -22.56 -31.13
C ILE Q 240 -6.39 -22.13 -31.24
N VAL Q 241 -7.09 -22.09 -30.10
CA VAL Q 241 -8.50 -21.72 -30.09
C VAL Q 241 -8.61 -20.20 -30.21
N TYR Q 242 -9.44 -19.76 -31.15
CA TYR Q 242 -9.64 -18.35 -31.44
C TYR Q 242 -11.10 -17.96 -31.25
N ARG Q 243 -11.30 -16.76 -30.74
CA ARG Q 243 -12.60 -16.11 -30.61
C ARG Q 243 -12.79 -15.10 -31.74
N ASN Q 244 -14.04 -14.89 -32.13
CA ASN Q 244 -14.36 -13.92 -33.16
C ASN Q 244 -14.31 -12.51 -32.59
N ASP Q 245 -13.66 -11.61 -33.32
CA ASP Q 245 -13.53 -10.21 -32.93
C ASP Q 245 -13.01 -9.48 -34.16
N ALA Q 246 -12.96 -8.14 -34.06
CA ALA Q 246 -12.33 -7.36 -35.13
C ALA Q 246 -10.91 -7.84 -35.38
N VAL Q 247 -10.18 -8.14 -34.31
CA VAL Q 247 -8.93 -8.89 -34.40
C VAL Q 247 -9.09 -10.13 -33.53
N PRO Q 248 -9.17 -11.33 -34.11
CA PRO Q 248 -9.39 -12.53 -33.29
C PRO Q 248 -8.31 -12.70 -32.24
N VAL Q 249 -8.74 -13.12 -31.05
CA VAL Q 249 -7.84 -13.30 -29.92
C VAL Q 249 -7.69 -14.79 -29.65
N ALA Q 250 -6.57 -15.16 -29.04
CA ALA Q 250 -6.30 -16.55 -28.68
C ALA Q 250 -6.72 -16.76 -27.24
N VAL Q 251 -7.87 -17.39 -27.03
CA VAL Q 251 -8.36 -17.68 -25.68
C VAL Q 251 -7.70 -18.90 -25.07
N ALA Q 252 -6.82 -19.58 -25.79
CA ALA Q 252 -6.12 -20.75 -25.30
C ALA Q 252 -4.70 -20.36 -24.89
N ASP Q 253 -4.33 -20.68 -23.66
CA ASP Q 253 -3.00 -20.37 -23.16
C ASP Q 253 -1.98 -21.38 -23.69
N ASP Q 254 -0.75 -21.27 -23.19
CA ASP Q 254 0.33 -22.13 -23.67
C ASP Q 254 0.07 -23.60 -23.33
N GLY Q 255 -0.42 -23.87 -22.12
CA GLY Q 255 -0.69 -25.25 -21.73
C GLY Q 255 -1.78 -25.88 -22.57
N ILE Q 256 -2.83 -25.11 -22.89
CA ILE Q 256 -3.91 -25.64 -23.72
C ILE Q 256 -3.37 -26.03 -25.10
N VAL Q 257 -2.51 -25.19 -25.68
CA VAL Q 257 -1.92 -25.51 -26.96
C VAL Q 257 -0.99 -26.70 -26.85
N GLU Q 258 -0.28 -26.84 -25.73
CA GLU Q 258 0.54 -28.02 -25.51
C GLU Q 258 -0.30 -29.28 -25.54
N ARG Q 259 -1.43 -29.28 -24.83
CA ARG Q 259 -2.29 -30.45 -24.81
C ARG Q 259 -2.87 -30.72 -26.19
N ALA Q 260 -3.28 -29.66 -26.91
CA ALA Q 260 -3.87 -29.83 -28.23
C ALA Q 260 -2.88 -30.41 -29.23
N THR Q 261 -1.62 -29.93 -29.18
CA THR Q 261 -0.62 -30.37 -30.14
C THR Q 261 -0.29 -31.84 -29.98
N GLY Q 262 -0.37 -32.37 -28.76
CA GLY Q 262 -0.06 -33.77 -28.54
C GLY Q 262 -1.11 -34.73 -29.06
N SER Q 263 -2.27 -34.23 -29.46
CA SER Q 263 -3.34 -35.06 -30.01
C SER Q 263 -3.49 -34.80 -31.50
N THR Q 264 -3.94 -35.82 -32.22
CA THR Q 264 -4.12 -35.72 -33.67
C THR Q 264 -5.52 -35.31 -34.06
N ASP Q 265 -6.54 -35.64 -33.26
CA ASP Q 265 -7.92 -35.31 -33.56
C ASP Q 265 -8.44 -34.33 -32.52
N LEU Q 266 -9.03 -33.23 -32.99
CA LEU Q 266 -9.63 -32.23 -32.12
C LEU Q 266 -11.08 -32.01 -32.52
N ARG Q 267 -11.96 -31.92 -31.53
CA ARG Q 267 -13.37 -31.65 -31.77
C ARG Q 267 -13.83 -30.56 -30.83
N LEU Q 268 -14.47 -29.53 -31.37
CA LEU Q 268 -14.98 -28.41 -30.58
C LEU Q 268 -16.50 -28.49 -30.54
N PHE Q 269 -17.06 -28.55 -29.34
CA PHE Q 269 -18.51 -28.57 -29.16
C PHE Q 269 -18.86 -27.66 -27.99
N LEU Q 270 -20.13 -27.67 -27.60
CA LEU Q 270 -20.63 -26.77 -26.57
C LEU Q 270 -21.44 -27.53 -25.54
N LEU Q 271 -21.18 -27.27 -24.27
CA LEU Q 271 -21.92 -27.86 -23.16
C LEU Q 271 -22.59 -26.75 -22.36
N ILE Q 272 -23.75 -27.07 -21.78
CA ILE Q 272 -24.58 -26.10 -21.11
C ILE Q 272 -24.79 -26.54 -19.66
N ASP Q 273 -24.44 -25.66 -18.73
CA ASP Q 273 -24.88 -25.73 -17.34
C ASP Q 273 -25.72 -24.49 -17.06
N GLU Q 274 -26.39 -24.50 -15.90
CA GLU Q 274 -27.45 -23.54 -15.59
C GLU Q 274 -27.17 -22.14 -16.14
N ARG Q 275 -26.00 -21.60 -15.83
CA ARG Q 275 -25.57 -20.32 -16.39
C ARG Q 275 -24.25 -20.41 -17.15
N HIS Q 276 -23.63 -21.58 -17.24
CA HIS Q 276 -22.28 -21.71 -17.76
C HIS Q 276 -22.30 -22.28 -19.17
N LYS Q 277 -21.64 -21.60 -20.09
CA LYS Q 277 -21.50 -22.05 -21.47
C LYS Q 277 -20.06 -22.51 -21.65
N PHE Q 278 -19.85 -23.81 -21.74
CA PHE Q 278 -18.51 -24.37 -21.86
C PHE Q 278 -18.24 -24.70 -23.32
N VAL Q 279 -17.25 -24.01 -23.90
CA VAL Q 279 -16.72 -24.39 -25.21
C VAL Q 279 -15.72 -25.51 -24.97
N CYS Q 280 -16.09 -26.74 -25.31
CA CYS Q 280 -15.31 -27.92 -24.97
C CYS Q 280 -14.48 -28.34 -26.16
N LEU Q 281 -13.17 -28.41 -25.96
CA LEU Q 281 -12.23 -28.95 -26.93
C LEU Q 281 -11.81 -30.34 -26.47
N ARG Q 282 -12.07 -31.34 -27.30
CA ARG Q 282 -11.84 -32.74 -26.97
C ARG Q 282 -10.76 -33.30 -27.89
N GLY Q 283 -9.72 -33.89 -27.29
CA GLY Q 283 -8.72 -34.61 -28.00
C GLY Q 283 -8.85 -36.10 -27.84
N ASP Q 284 -7.76 -36.82 -28.11
CA ASP Q 284 -7.78 -38.27 -27.97
C ASP Q 284 -7.72 -38.69 -26.50
N THR Q 285 -7.04 -37.92 -25.65
CA THR Q 285 -6.83 -38.31 -24.26
C THR Q 285 -7.17 -37.19 -23.29
N PHE Q 286 -7.92 -36.18 -23.72
CA PHE Q 286 -8.27 -35.07 -22.84
C PHE Q 286 -9.53 -34.42 -23.35
N THR Q 287 -10.15 -33.62 -22.47
CA THR Q 287 -11.35 -32.87 -22.82
C THR Q 287 -11.39 -31.64 -21.92
N MET Q 288 -10.97 -30.50 -22.46
CA MET Q 288 -10.95 -29.25 -21.71
C MET Q 288 -12.17 -28.41 -22.07
N ALA Q 289 -12.53 -27.51 -21.16
CA ALA Q 289 -13.70 -26.66 -21.34
C ALA Q 289 -13.36 -25.22 -20.99
N PHE Q 290 -13.60 -24.31 -21.92
CA PHE Q 290 -13.43 -22.88 -21.68
C PHE Q 290 -14.77 -22.28 -21.28
N ASP Q 291 -14.81 -21.66 -20.10
CA ASP Q 291 -16.04 -21.07 -19.60
C ASP Q 291 -16.25 -19.68 -20.21
N ILE Q 292 -17.44 -19.47 -20.77
CA ILE Q 292 -17.73 -18.17 -21.39
C ILE Q 292 -17.86 -17.09 -20.34
N THR Q 293 -18.54 -17.38 -19.24
CA THR Q 293 -18.81 -16.35 -18.24
C THR Q 293 -17.56 -15.93 -17.49
N THR Q 294 -16.65 -16.86 -17.19
CA THR Q 294 -15.50 -16.58 -16.36
C THR Q 294 -14.18 -16.57 -17.10
N ASN Q 295 -14.16 -16.96 -18.38
CA ASN Q 295 -12.95 -16.94 -19.21
C ASN Q 295 -11.82 -17.76 -18.58
N GLU Q 296 -12.17 -18.94 -18.06
CA GLU Q 296 -11.20 -19.83 -17.44
C GLU Q 296 -11.34 -21.24 -18.00
N TRP Q 297 -10.23 -21.96 -18.06
CA TRP Q 297 -10.19 -23.31 -18.58
C TRP Q 297 -10.27 -24.32 -17.45
N CYS Q 298 -11.15 -25.30 -17.58
CA CYS Q 298 -11.25 -26.41 -16.65
C CYS Q 298 -11.10 -27.72 -17.41
N GLU Q 299 -10.93 -28.80 -16.67
CA GLU Q 299 -10.75 -30.13 -17.25
C GLU Q 299 -11.86 -31.04 -16.77
N PHE Q 300 -12.53 -31.72 -17.70
CA PHE Q 300 -13.56 -32.69 -17.39
C PHE Q 300 -13.02 -34.10 -17.68
N GLN Q 301 -13.12 -34.98 -16.69
CA GLN Q 301 -12.73 -36.36 -16.84
C GLN Q 301 -13.81 -37.27 -16.27
N SER Q 302 -13.86 -38.48 -16.81
CA SER Q 302 -14.74 -39.53 -16.31
C SER Q 302 -13.87 -40.63 -15.70
N TYR Q 303 -14.23 -41.09 -14.51
CA TYR Q 303 -13.41 -42.05 -13.81
C TYR Q 303 -13.37 -43.37 -14.56
N GLY Q 304 -12.17 -43.95 -14.64
CA GLY Q 304 -11.97 -45.24 -15.27
C GLY Q 304 -11.83 -45.21 -16.77
N ARG Q 305 -11.90 -44.04 -17.40
CA ARG Q 305 -11.79 -43.91 -18.84
C ARG Q 305 -10.72 -42.89 -19.18
N THR Q 306 -10.10 -43.08 -20.35
CA THR Q 306 -9.03 -42.19 -20.78
C THR Q 306 -9.52 -40.82 -21.21
N ASN Q 307 -10.83 -40.63 -21.35
CA ASN Q 307 -11.38 -39.36 -21.79
C ASN Q 307 -12.78 -39.19 -21.23
N PHE Q 308 -13.28 -37.96 -21.30
CA PHE Q 308 -14.61 -37.65 -20.78
C PHE Q 308 -15.67 -38.42 -21.55
N ARG Q 309 -16.66 -38.93 -20.83
CA ARG Q 309 -17.70 -39.75 -21.44
C ARG Q 309 -18.57 -38.93 -22.39
N CYS Q 310 -19.01 -37.76 -21.95
CA CYS Q 310 -19.95 -36.96 -22.72
C CYS Q 310 -19.25 -36.32 -23.91
N GLY Q 311 -19.67 -36.68 -25.11
CA GLY Q 311 -19.12 -36.10 -26.32
C GLY Q 311 -19.95 -34.92 -26.79
N PRO Q 312 -19.88 -34.62 -28.08
CA PRO Q 312 -20.68 -33.51 -28.63
C PRO Q 312 -22.16 -33.81 -28.50
N ASP Q 313 -22.94 -32.75 -28.27
CA ASP Q 313 -24.40 -32.83 -28.14
C ASP Q 313 -24.81 -33.77 -27.01
N MET Q 314 -24.01 -33.81 -25.95
CA MET Q 314 -24.31 -34.56 -24.73
C MET Q 314 -24.54 -36.04 -25.01
N GLY Q 315 -23.74 -36.63 -25.89
CA GLY Q 315 -23.86 -38.03 -26.25
C GLY Q 315 -22.63 -38.81 -25.82
N ASP Q 316 -22.83 -40.10 -25.54
CA ASP Q 316 -21.73 -40.95 -25.11
C ASP Q 316 -20.79 -41.22 -26.28
N ASP Q 317 -19.55 -41.60 -25.94
CA ASP Q 317 -18.51 -41.78 -26.94
C ASP Q 317 -18.37 -43.23 -27.42
N GLU Q 318 -18.88 -44.20 -26.68
CA GLU Q 318 -18.83 -45.59 -27.13
C GLU Q 318 -20.10 -46.39 -26.87
N THR Q 319 -21.13 -45.79 -26.26
CA THR Q 319 -22.38 -46.47 -25.97
C THR Q 319 -23.54 -45.60 -26.43
N GLY Q 320 -24.72 -46.21 -26.57
CA GLY Q 320 -25.89 -45.51 -27.04
C GLY Q 320 -26.66 -44.77 -25.95
N ILE Q 321 -25.95 -44.19 -24.99
CA ILE Q 321 -26.57 -43.50 -23.88
C ILE Q 321 -26.44 -41.99 -24.09
N ILE Q 322 -27.55 -41.28 -23.96
CA ILE Q 322 -27.56 -39.83 -23.90
C ILE Q 322 -27.54 -39.42 -22.43
N TRP Q 323 -26.72 -38.43 -22.10
CA TRP Q 323 -26.51 -38.04 -20.71
C TRP Q 323 -27.27 -36.78 -20.35
N ARG Q 324 -27.35 -36.52 -19.06
CA ARG Q 324 -27.84 -35.24 -18.54
C ARG Q 324 -27.17 -34.98 -17.20
N PHE Q 325 -27.11 -33.71 -16.81
CA PHE Q 325 -26.37 -33.34 -15.57
C PHE Q 325 -27.27 -33.40 -14.34
N GLU Q 326 -27.03 -34.36 -13.44
CA GLU Q 326 -27.81 -34.41 -12.17
C GLU Q 326 -27.21 -35.27 -11.05
N GLY Q 327 -27.24 -34.76 -9.82
CA GLY Q 327 -26.79 -35.55 -8.65
C GLY Q 327 -25.34 -35.97 -8.48
N TYR Q 328 -24.42 -35.42 -9.28
CA TYR Q 328 -22.97 -35.68 -9.07
C TYR Q 328 -22.77 -37.18 -8.86
N SER Q 329 -23.55 -38.05 -9.52
CA SER Q 329 -23.27 -39.47 -9.37
C SER Q 329 -23.00 -39.78 -10.84
N ASP Q 330 -21.73 -39.91 -11.20
CA ASP Q 330 -21.34 -40.12 -12.60
C ASP Q 330 -21.68 -41.54 -13.01
N ASN Q 331 -22.79 -41.71 -13.71
CA ASN Q 331 -23.25 -43.02 -14.19
C ASN Q 331 -23.40 -44.01 -13.04
N GLY Q 332 -23.83 -43.53 -11.87
CA GLY Q 332 -23.92 -44.39 -10.72
C GLY Q 332 -22.60 -44.77 -10.10
N GLY Q 333 -21.51 -44.12 -10.51
CA GLY Q 333 -20.19 -44.49 -10.02
C GLY Q 333 -19.52 -43.44 -9.18
N VAL Q 334 -18.30 -43.06 -9.55
CA VAL Q 334 -17.47 -42.16 -8.76
C VAL Q 334 -17.16 -40.93 -9.60
N LEU Q 335 -17.36 -39.75 -9.02
CA LEU Q 335 -17.03 -38.47 -9.65
C LEU Q 335 -15.83 -37.88 -8.92
N GLU Q 336 -14.69 -37.82 -9.60
CA GLU Q 336 -13.46 -37.34 -8.99
C GLU Q 336 -13.32 -35.84 -9.19
N ARG Q 337 -12.99 -35.13 -8.12
CA ARG Q 337 -12.73 -33.70 -8.14
C ARG Q 337 -11.35 -33.47 -7.55
N ARG Q 338 -10.45 -32.91 -8.34
CA ARG Q 338 -9.07 -32.69 -7.94
C ARG Q 338 -8.67 -31.26 -8.24
N PHE Q 339 -7.90 -30.66 -7.33
CA PHE Q 339 -7.36 -29.33 -7.57
C PHE Q 339 -6.08 -29.17 -6.76
N ARG Q 340 -5.36 -28.08 -7.04
CA ARG Q 340 -4.08 -27.82 -6.42
C ARG Q 340 -4.02 -26.38 -5.92
N ALA Q 341 -3.52 -26.20 -4.71
CA ALA Q 341 -3.22 -24.89 -4.16
C ALA Q 341 -1.75 -24.87 -3.75
N GLY Q 342 -1.28 -23.71 -3.32
CA GLY Q 342 0.08 -23.60 -2.87
C GLY Q 342 0.65 -22.23 -3.18
N ALA Q 343 1.94 -22.08 -2.91
CA ALA Q 343 2.60 -20.80 -3.13
C ALA Q 343 4.10 -21.02 -3.24
N THR Q 344 4.78 -20.01 -3.79
CA THR Q 344 6.23 -20.00 -3.86
C THR Q 344 6.79 -19.27 -2.65
N LEU Q 345 7.96 -19.72 -2.18
CA LEU Q 345 8.54 -19.17 -0.98
C LEU Q 345 9.96 -18.70 -1.24
N PRO Q 346 10.38 -17.58 -0.64
CA PRO Q 346 11.78 -17.16 -0.78
C PRO Q 346 12.72 -17.89 0.16
N GLY Q 347 12.21 -18.49 1.23
CA GLY Q 347 13.04 -19.22 2.17
C GLY Q 347 12.21 -20.22 2.96
N PRO Q 348 12.64 -20.51 4.18
CA PRO Q 348 11.90 -21.47 5.02
C PRO Q 348 10.53 -20.92 5.40
N PHE Q 349 9.59 -21.84 5.57
CA PHE Q 349 8.23 -21.48 5.97
C PHE Q 349 7.60 -22.68 6.67
N ARG Q 350 7.04 -22.45 7.85
CA ARG Q 350 6.46 -23.52 8.65
C ARG Q 350 4.95 -23.53 8.46
N VAL Q 351 4.43 -24.68 8.03
CA VAL Q 351 3.00 -24.89 7.85
C VAL Q 351 2.56 -25.80 9.00
N ASN Q 352 1.70 -25.26 9.87
CA ASN Q 352 1.20 -26.01 11.02
C ASN Q 352 -0.25 -26.43 10.82
N ARG Q 353 -1.05 -25.61 10.15
CA ARG Q 353 -2.43 -25.93 9.86
C ARG Q 353 -2.72 -25.58 8.40
N LEU Q 354 -3.50 -26.44 7.74
CA LEU Q 354 -4.01 -26.18 6.40
C LEU Q 354 -5.51 -26.41 6.44
N ARG Q 355 -6.28 -25.33 6.40
CA ARG Q 355 -7.73 -25.39 6.49
C ARG Q 355 -8.35 -25.19 5.12
N LEU Q 356 -9.46 -25.88 4.88
CA LEU Q 356 -10.17 -25.80 3.60
C LEU Q 356 -11.61 -25.40 3.86
N ILE Q 357 -11.99 -24.21 3.44
CA ILE Q 357 -13.36 -23.72 3.59
C ILE Q 357 -14.16 -24.35 2.46
N CYS Q 358 -14.89 -25.42 2.78
CA CYS Q 358 -15.59 -26.19 1.76
C CYS Q 358 -16.97 -26.62 2.21
N GLU Q 359 -17.65 -27.41 1.39
CA GLU Q 359 -18.95 -27.96 1.75
C GLU Q 359 -18.79 -28.98 2.88
N VAL Q 360 -19.68 -28.90 3.86
CA VAL Q 360 -19.66 -29.82 5.00
C VAL Q 360 -21.10 -30.20 5.34
N GLY Q 361 -21.29 -31.49 5.63
CA GLY Q 361 -22.57 -31.96 6.13
C GLY Q 361 -23.70 -31.93 5.15
N THR Q 362 -23.43 -32.01 3.86
CA THR Q 362 -24.46 -31.97 2.82
C THR Q 362 -24.52 -33.30 2.05
N THR Q 363 -24.26 -34.40 2.75
CA THR Q 363 -24.34 -35.65 2.01
C THR Q 363 -25.74 -36.24 2.13
N PRO Q 364 -26.29 -36.77 1.04
CA PRO Q 364 -27.62 -37.40 1.08
C PRO Q 364 -27.62 -38.87 1.48
N ASN Q 365 -26.50 -39.34 2.03
CA ASN Q 365 -26.38 -40.78 2.37
C ASN Q 365 -26.24 -40.95 3.88
N LEU Q 366 -26.98 -41.91 4.47
CA LEU Q 366 -26.94 -42.10 5.94
C LEU Q 366 -26.65 -43.56 6.32
N SER Q 367 -26.80 -44.51 5.39
CA SER Q 367 -26.48 -45.92 5.68
C SER Q 367 -25.38 -46.49 4.77
N GLY Q 368 -24.75 -45.64 3.95
CA GLY Q 368 -23.75 -46.14 2.98
C GLY Q 368 -22.33 -45.73 3.33
N GLU Q 369 -21.34 -46.29 2.60
CA GLU Q 369 -19.92 -45.97 2.87
C GLU Q 369 -19.69 -44.46 2.69
N TYR Q 370 -20.57 -43.81 1.93
CA TYR Q 370 -20.45 -42.35 1.70
C TYR Q 370 -21.25 -41.52 2.72
N ALA Q 371 -21.71 -42.14 3.81
CA ALA Q 371 -22.38 -41.34 4.84
C ALA Q 371 -21.42 -40.23 5.20
N ASP Q 372 -20.12 -40.55 5.31
CA ASP Q 372 -19.09 -39.55 5.55
C ASP Q 372 -18.01 -39.58 4.47
N PRO Q 373 -18.00 -38.63 3.56
CA PRO Q 373 -17.02 -38.65 2.47
C PRO Q 373 -15.63 -38.31 2.98
N VAL Q 374 -14.63 -38.79 2.24
CA VAL Q 374 -13.22 -38.62 2.57
C VAL Q 374 -12.56 -37.78 1.49
N ILE Q 375 -11.89 -36.71 1.90
CA ILE Q 375 -11.13 -35.86 0.99
C ILE Q 375 -9.66 -35.96 1.38
N GLU Q 376 -8.82 -36.27 0.40
CA GLU Q 376 -7.41 -36.55 0.64
C GLU Q 376 -6.55 -35.39 0.16
N MET Q 377 -5.65 -34.94 1.02
CA MET Q 377 -4.66 -33.93 0.70
C MET Q 377 -3.29 -34.59 0.62
N ARG Q 378 -2.48 -34.13 -0.34
CA ARG Q 378 -1.15 -34.66 -0.53
C ARG Q 378 -0.20 -33.51 -0.85
N ALA Q 379 0.88 -33.42 -0.08
CA ALA Q 379 1.76 -32.26 -0.13
C ALA Q 379 3.04 -32.55 -0.92
N SER Q 380 3.63 -31.49 -1.46
CA SER Q 380 4.87 -31.59 -2.20
C SER Q 380 5.67 -30.31 -2.03
N ASP Q 381 7.00 -30.45 -2.01
CA ASP Q 381 7.90 -29.33 -1.86
C ASP Q 381 8.73 -29.02 -3.10
N ASP Q 382 8.95 -30.01 -3.97
CA ASP Q 382 9.73 -29.79 -5.18
C ASP Q 382 8.85 -29.43 -6.37
N ALA Q 383 7.99 -28.42 -6.17
CA ALA Q 383 7.13 -27.89 -7.23
C ALA Q 383 6.25 -28.97 -7.85
N GLY Q 384 5.82 -29.92 -7.02
CA GLY Q 384 4.89 -30.94 -7.46
C GLY Q 384 5.50 -32.09 -8.24
N ASN Q 385 6.83 -32.14 -8.36
CA ASN Q 385 7.44 -33.23 -9.12
C ASN Q 385 7.29 -34.56 -8.38
N THR Q 386 7.60 -34.58 -7.08
CA THR Q 386 7.41 -35.76 -6.24
C THR Q 386 6.46 -35.41 -5.11
N TRP Q 387 5.66 -36.38 -4.70
CA TRP Q 387 4.57 -36.15 -3.77
C TRP Q 387 4.66 -37.10 -2.58
N GLY Q 388 4.02 -36.71 -1.49
CA GLY Q 388 3.92 -37.53 -0.30
C GLY Q 388 2.72 -38.45 -0.34
N ILE Q 389 2.41 -39.02 0.83
CA ILE Q 389 1.31 -39.96 0.98
C ILE Q 389 0.02 -39.19 1.20
N TRP Q 390 -1.05 -39.64 0.55
CA TRP Q 390 -2.35 -39.01 0.73
C TRP Q 390 -2.81 -39.15 2.19
N GLU Q 391 -3.25 -38.03 2.76
CA GLU Q 391 -3.83 -38.02 4.09
C GLU Q 391 -5.29 -37.60 4.00
N GLY Q 392 -6.18 -38.42 4.54
CA GLY Q 392 -7.61 -38.24 4.37
C GLY Q 392 -8.27 -37.58 5.57
N GLU Q 393 -9.19 -36.67 5.30
CA GLU Q 393 -10.04 -36.05 6.29
C GLU Q 393 -11.51 -36.27 5.93
N THR Q 394 -12.38 -36.01 6.90
CA THR Q 394 -13.80 -36.24 6.77
C THR Q 394 -14.53 -34.92 6.56
N LEU Q 395 -15.46 -34.90 5.60
CA LEU Q 395 -16.30 -33.74 5.37
C LEU Q 395 -17.50 -33.70 6.31
N GLY Q 396 -17.67 -34.70 7.15
CA GLY Q 396 -18.74 -34.69 8.13
C GLY Q 396 -19.98 -35.42 7.63
N ALA Q 397 -20.70 -36.01 8.57
CA ALA Q 397 -21.95 -36.70 8.25
C ALA Q 397 -23.04 -35.69 7.92
N GLN Q 398 -24.18 -36.21 7.49
CA GLN Q 398 -25.32 -35.37 7.16
C GLN Q 398 -25.73 -34.54 8.36
N GLY Q 399 -25.87 -33.23 8.17
CA GLY Q 399 -26.28 -32.32 9.22
C GLY Q 399 -25.14 -31.66 9.96
N ASN Q 400 -23.91 -32.20 9.84
CA ASN Q 400 -22.75 -31.64 10.53
C ASN Q 400 -22.23 -30.46 9.70
N TYR Q 401 -22.86 -29.31 9.90
CA TYR Q 401 -22.57 -28.11 9.12
C TYR Q 401 -21.42 -27.29 9.70
N ARG Q 402 -20.86 -27.69 10.84
CA ARG Q 402 -19.75 -26.98 11.47
C ARG Q 402 -18.46 -27.79 11.44
N GLN Q 403 -18.37 -28.76 10.53
CA GLN Q 403 -17.18 -29.59 10.43
C GLN Q 403 -16.00 -28.78 9.93
N ARG Q 404 -14.83 -29.04 10.51
CA ARG Q 404 -13.59 -28.36 10.13
C ARG Q 404 -12.75 -29.33 9.31
N VAL Q 405 -12.41 -28.94 8.09
CA VAL Q 405 -11.56 -29.74 7.21
C VAL Q 405 -10.17 -29.13 7.31
N GLU Q 406 -9.38 -29.60 8.26
CA GLU Q 406 -8.06 -29.07 8.50
C GLU Q 406 -7.01 -30.14 8.75
N TRP Q 407 -5.87 -29.95 8.07
CA TRP Q 407 -4.72 -30.84 8.31
C TRP Q 407 -3.90 -30.19 9.41
N ARG Q 408 -2.90 -30.90 9.94
CA ARG Q 408 -2.14 -30.42 11.13
C ARG Q 408 -0.65 -30.72 11.00
N ALA Q 409 0.22 -29.75 11.31
CA ALA Q 409 1.69 -29.95 11.27
C ALA Q 409 2.26 -30.43 9.93
N LEU Q 410 1.97 -29.70 8.85
CA LEU Q 410 2.52 -30.05 7.51
C LEU Q 410 4.05 -30.05 7.49
N GLY Q 411 4.69 -29.08 8.14
CA GLY Q 411 6.16 -29.10 8.26
C GLY Q 411 6.87 -27.94 7.59
N LEU Q 412 8.21 -28.01 7.52
CA LEU Q 412 9.01 -26.96 6.92
C LEU Q 412 9.03 -27.10 5.40
N PHE Q 413 8.81 -25.99 4.70
CA PHE Q 413 8.91 -25.91 3.25
C PHE Q 413 9.93 -24.87 2.88
N ASP Q 414 10.52 -25.02 1.69
CA ASP Q 414 11.72 -24.29 1.32
C ASP Q 414 11.53 -23.59 -0.03
N ASP Q 415 12.64 -23.14 -0.61
CA ASP Q 415 12.66 -22.18 -1.72
C ASP Q 415 11.78 -22.53 -2.90
N PRO Q 416 11.73 -23.77 -3.42
CA PRO Q 416 10.88 -24.02 -4.59
C PRO Q 416 9.41 -23.70 -4.33
N GLY Q 417 8.96 -23.85 -3.09
CA GLY Q 417 7.59 -23.56 -2.73
C GLY Q 417 6.89 -24.78 -2.20
N MET Q 418 5.62 -24.59 -1.83
CA MET Q 418 4.77 -25.65 -1.34
C MET Q 418 3.58 -25.80 -2.27
N LEU Q 419 3.19 -27.06 -2.53
CA LEU Q 419 2.08 -27.36 -3.42
C LEU Q 419 1.26 -28.49 -2.81
N PHE Q 420 0.00 -28.22 -2.53
CA PHE Q 420 -0.91 -29.20 -1.95
C PHE Q 420 -1.98 -29.57 -2.96
N GLU Q 421 -2.20 -30.87 -3.14
CA GLU Q 421 -3.20 -31.38 -4.07
C GLU Q 421 -4.32 -32.01 -3.26
N HIS Q 422 -5.54 -31.54 -3.48
CA HIS Q 422 -6.72 -32.03 -2.80
C HIS Q 422 -7.60 -32.79 -3.79
N ARG Q 423 -8.00 -34.00 -3.40
CA ARG Q 423 -8.81 -34.86 -4.24
C ARG Q 423 -9.93 -35.47 -3.43
N MET Q 424 -11.16 -35.38 -3.93
CA MET Q 424 -12.31 -36.06 -3.35
C MET Q 424 -12.99 -36.87 -4.43
N THR Q 425 -13.37 -38.10 -4.10
CA THR Q 425 -13.95 -39.03 -5.07
C THR Q 425 -15.24 -39.62 -4.55
N ALA Q 426 -16.11 -38.76 -4.02
CA ALA Q 426 -17.40 -39.23 -3.54
C ALA Q 426 -18.51 -38.66 -4.40
N PRO Q 427 -19.58 -39.42 -4.65
CA PRO Q 427 -20.68 -38.89 -5.46
C PRO Q 427 -21.57 -37.94 -4.68
N VAL Q 428 -20.98 -36.86 -4.15
CA VAL Q 428 -21.70 -35.86 -3.39
C VAL Q 428 -21.29 -34.49 -3.89
N SER Q 429 -22.09 -33.48 -3.55
CA SER Q 429 -21.80 -32.12 -3.94
C SER Q 429 -20.52 -31.64 -3.26
N PHE Q 430 -19.78 -30.80 -3.97
CA PHE Q 430 -18.51 -30.29 -3.46
C PHE Q 430 -18.30 -28.86 -3.94
N ARG Q 431 -17.70 -28.05 -3.08
CA ARG Q 431 -17.35 -26.68 -3.43
C ARG Q 431 -16.23 -26.22 -2.51
N VAL Q 432 -15.25 -25.52 -3.07
CA VAL Q 432 -14.11 -25.02 -2.31
C VAL Q 432 -14.17 -23.50 -2.34
N THR Q 433 -14.18 -22.89 -1.15
CA THR Q 433 -14.21 -21.44 -1.05
C THR Q 433 -12.80 -20.86 -0.93
N ALA Q 434 -11.98 -21.40 -0.02
CA ALA Q 434 -10.63 -20.89 0.18
C ALA Q 434 -9.78 -21.94 0.85
N VAL Q 435 -8.47 -21.76 0.72
CA VAL Q 435 -7.47 -22.58 1.41
C VAL Q 435 -6.63 -21.64 2.27
N THR Q 436 -6.59 -21.92 3.57
CA THR Q 436 -5.90 -21.07 4.53
C THR Q 436 -4.73 -21.83 5.14
N VAL Q 437 -3.62 -21.14 5.34
CA VAL Q 437 -2.43 -21.71 5.95
C VAL Q 437 -2.16 -20.97 7.26
N ASN Q 438 -1.92 -21.74 8.33
CA ASN Q 438 -1.64 -21.19 9.65
C ASN Q 438 -2.77 -20.27 10.12
N GLY Q 439 -3.98 -20.81 10.10
CA GLY Q 439 -5.15 -20.06 10.52
C GLY Q 439 -5.20 -19.85 12.02
N GLU Q 440 -6.09 -18.96 12.43
CA GLU Q 440 -6.26 -18.65 13.84
C GLU Q 440 -6.86 -19.84 14.59
N LEU Q 441 -6.34 -20.09 15.79
CA LEU Q 441 -6.75 -21.24 16.59
C LEU Q 441 -7.84 -20.79 17.57
N GLY Q 442 -9.09 -20.98 17.16
CA GLY Q 442 -10.24 -20.67 17.97
C GLY Q 442 -11.28 -21.79 17.87
N GLY Q 443 -12.54 -21.39 17.95
CA GLY Q 443 -13.62 -22.33 17.79
C GLY Q 443 -14.61 -22.36 18.94
N ARG Q 444 -15.77 -22.96 18.72
CA ARG Q 444 -16.79 -23.07 19.77
C ARG Q 444 -17.57 -24.35 19.51
N SER Q 445 -17.14 -25.44 20.16
CA SER Q 445 -17.84 -26.73 20.16
C SER Q 445 -18.34 -27.11 18.77
N ARG Q 446 -17.40 -27.17 17.83
CA ARG Q 446 -17.74 -27.50 16.45
C ARG Q 446 -17.65 -29.01 16.20
N ASP R 2 16.00 -9.77 -5.17
CA ASP R 2 15.58 -10.19 -6.50
C ASP R 2 16.22 -9.34 -7.59
N LEU R 3 16.81 -10.00 -8.57
CA LEU R 3 17.46 -9.33 -9.70
C LEU R 3 16.57 -9.40 -10.93
N ALA R 4 16.50 -8.31 -11.67
CA ALA R 4 15.70 -8.24 -12.88
C ALA R 4 16.58 -8.59 -14.07
N TYR R 5 16.30 -9.72 -14.72
CA TYR R 5 17.06 -10.13 -15.87
C TYR R 5 16.55 -9.43 -17.13
N GLY R 6 17.36 -9.49 -18.18
CA GLY R 6 16.96 -8.91 -19.45
C GLY R 6 15.85 -9.69 -20.12
N THR R 7 14.64 -9.12 -20.13
CA THR R 7 13.51 -9.82 -20.75
C THR R 7 13.65 -9.85 -22.26
N GLY R 8 14.22 -8.82 -22.87
CA GLY R 8 14.41 -8.79 -24.30
C GLY R 8 15.87 -8.56 -24.65
N ALA R 9 16.25 -9.06 -25.81
CA ALA R 9 17.63 -8.94 -26.28
C ALA R 9 17.91 -7.47 -26.61
N TYR R 10 18.68 -6.81 -25.74
CA TYR R 10 19.03 -5.40 -25.91
C TYR R 10 20.55 -5.29 -25.89
N ALA R 11 21.12 -4.85 -27.01
CA ALA R 11 22.58 -4.71 -27.15
C ALA R 11 22.84 -3.45 -27.97
N ARG R 12 23.15 -2.36 -27.29
CA ARG R 12 23.47 -1.08 -27.92
C ARG R 12 24.97 -0.82 -27.80
N THR R 13 25.63 -0.66 -28.94
CA THR R 13 27.05 -0.31 -28.95
C THR R 13 27.28 1.19 -28.86
N ARG R 14 26.33 2.00 -29.34
CA ARG R 14 26.45 3.45 -29.25
C ARG R 14 26.28 3.88 -27.80
N GLY R 15 27.25 4.62 -27.28
CA GLY R 15 27.24 5.03 -25.90
C GLY R 15 27.73 3.98 -24.92
N ASN R 16 28.16 2.82 -25.40
CA ASN R 16 28.68 1.74 -24.55
C ASN R 16 27.69 1.39 -23.44
N LEU R 17 26.41 1.36 -23.79
CA LEU R 17 25.39 0.99 -22.82
C LEU R 17 25.53 -0.48 -22.45
N PRO R 18 25.17 -0.85 -21.21
CA PRO R 18 25.22 -2.27 -20.83
C PRO R 18 24.32 -3.09 -21.74
N GLU R 19 24.82 -4.27 -22.11
CA GLU R 19 24.11 -5.15 -23.02
C GLU R 19 23.47 -6.30 -22.26
N LEU R 20 22.28 -6.69 -22.69
CA LEU R 20 21.54 -7.81 -22.09
C LEU R 20 21.11 -8.76 -23.20
N PRO R 21 22.05 -9.49 -23.79
CA PRO R 21 21.68 -10.45 -24.84
C PRO R 21 20.83 -11.59 -24.29
N LEU R 22 19.97 -12.10 -25.15
CA LEU R 22 19.09 -13.22 -24.82
C LEU R 22 19.24 -14.25 -25.93
N VAL R 23 20.12 -15.23 -25.73
CA VAL R 23 20.46 -16.21 -26.75
C VAL R 23 19.64 -17.46 -26.51
N ASN R 24 18.82 -17.82 -27.49
CA ASN R 24 18.02 -19.04 -27.48
C ASN R 24 17.04 -19.11 -26.32
N LEU R 25 16.65 -17.95 -25.79
CA LEU R 25 15.66 -17.86 -24.72
C LEU R 25 14.66 -16.78 -25.05
N PHE R 26 13.39 -17.01 -24.70
CA PHE R 26 12.35 -16.03 -24.93
C PHE R 26 11.43 -15.96 -23.72
N VAL R 27 10.82 -14.80 -23.52
CA VAL R 27 9.91 -14.58 -22.40
C VAL R 27 8.55 -15.15 -22.74
N GLU R 28 7.99 -15.94 -21.82
CA GLU R 28 6.64 -16.46 -21.96
C GLU R 28 5.87 -16.21 -20.68
N ALA R 29 4.63 -15.75 -20.81
CA ALA R 29 3.77 -15.54 -19.65
C ALA R 29 3.34 -16.87 -19.06
N THR R 30 3.33 -16.95 -17.73
CA THR R 30 2.96 -18.17 -17.03
C THR R 30 1.99 -17.84 -15.91
N ARG R 31 1.31 -18.88 -15.43
CA ARG R 31 0.35 -18.73 -14.34
C ARG R 31 0.80 -19.39 -13.03
N SER R 32 1.79 -20.26 -13.08
CA SER R 32 2.24 -20.98 -11.89
C SER R 32 3.15 -20.15 -10.99
N ASP R 33 3.64 -19.00 -11.47
CA ASP R 33 4.54 -18.17 -10.70
C ASP R 33 3.95 -16.79 -10.52
N GLN R 34 4.27 -16.16 -9.37
CA GLN R 34 3.72 -14.85 -9.06
C GLN R 34 4.29 -13.77 -9.98
N ARG R 35 5.52 -13.95 -10.46
CA ARG R 35 6.13 -12.95 -11.34
C ARG R 35 5.48 -12.92 -12.71
N GLY R 36 4.75 -13.96 -13.08
CA GLY R 36 3.98 -13.98 -14.30
C GLY R 36 4.72 -14.43 -15.54
N VAL R 37 6.00 -14.08 -15.68
CA VAL R 37 6.76 -14.40 -16.88
C VAL R 37 7.93 -15.29 -16.51
N VAL R 38 8.37 -16.09 -17.48
CA VAL R 38 9.52 -16.96 -17.33
C VAL R 38 10.32 -16.92 -18.63
N LEU R 39 11.55 -17.41 -18.56
CA LEU R 39 12.41 -17.54 -19.72
C LEU R 39 12.43 -19.00 -20.16
N GLN R 40 11.97 -19.26 -21.38
CA GLN R 40 11.91 -20.60 -21.93
C GLN R 40 12.84 -20.72 -23.12
N SER R 41 13.48 -21.88 -23.26
CA SER R 41 14.44 -22.11 -24.32
C SER R 41 13.75 -22.66 -25.56
N ARG R 42 14.21 -22.21 -26.73
CA ARG R 42 13.69 -22.74 -27.98
C ARG R 42 14.18 -24.16 -28.19
N LYS R 43 13.34 -24.99 -28.80
CA LYS R 43 13.69 -26.37 -29.04
C LYS R 43 14.78 -26.48 -30.10
N GLY R 44 15.53 -27.57 -30.02
CA GLY R 44 16.62 -27.78 -30.96
C GLY R 44 16.12 -28.15 -32.34
N LEU R 45 17.04 -28.12 -33.30
CA LEU R 45 16.75 -28.43 -34.68
C LEU R 45 17.14 -29.87 -34.97
N VAL R 46 16.20 -30.64 -35.52
CA VAL R 46 16.47 -32.01 -35.94
C VAL R 46 16.05 -32.14 -37.40
N GLU R 47 16.78 -32.98 -38.12
CA GLU R 47 16.55 -33.14 -39.56
C GLU R 47 15.23 -33.85 -39.81
N ASP R 48 14.41 -33.28 -40.69
CA ASP R 48 13.16 -33.89 -41.11
C ASP R 48 13.26 -34.55 -42.47
N ALA R 49 14.02 -33.98 -43.39
CA ALA R 49 14.20 -34.55 -44.72
C ALA R 49 15.40 -33.91 -45.39
N GLU R 50 16.19 -34.72 -46.07
CA GLU R 50 17.32 -34.25 -46.87
C GLU R 50 16.89 -34.21 -48.34
N VAL R 51 16.96 -33.04 -48.95
CA VAL R 51 16.45 -32.86 -50.30
C VAL R 51 17.54 -32.63 -51.34
N GLY R 52 18.47 -31.71 -51.12
CA GLY R 52 19.46 -31.43 -52.13
C GLY R 52 20.81 -31.18 -51.51
N THR R 53 21.67 -30.53 -52.30
CA THR R 53 23.04 -30.23 -51.89
C THR R 53 23.25 -28.78 -51.51
N GLY R 54 22.72 -27.84 -52.28
CA GLY R 54 22.90 -26.43 -51.99
C GLY R 54 21.97 -25.94 -50.92
N PRO R 55 22.04 -24.64 -50.64
CA PRO R 55 21.18 -24.05 -49.62
C PRO R 55 19.71 -24.15 -50.02
N ILE R 56 18.85 -24.30 -49.02
CA ILE R 56 17.41 -24.42 -49.24
C ILE R 56 16.86 -23.00 -49.34
N ARG R 57 16.60 -22.54 -50.56
CA ARG R 57 16.12 -21.18 -50.76
C ARG R 57 14.64 -21.04 -50.41
N GLY R 58 13.86 -22.11 -50.53
CA GLY R 58 12.45 -22.03 -50.19
C GLY R 58 11.78 -23.39 -50.08
N VAL R 59 10.78 -23.49 -49.21
CA VAL R 59 10.01 -24.71 -49.02
C VAL R 59 8.53 -24.38 -49.12
N PHE R 60 7.80 -25.17 -49.91
CA PHE R 60 6.35 -25.02 -50.03
C PHE R 60 5.69 -26.38 -49.86
N ARG R 61 4.61 -26.41 -49.07
CA ARG R 61 3.89 -27.65 -48.82
C ARG R 61 2.48 -27.29 -48.41
N LYS R 62 1.50 -27.66 -49.23
CA LYS R 62 0.10 -27.44 -48.93
C LYS R 62 -0.67 -28.75 -49.10
N ASP R 63 -1.58 -29.03 -48.17
CA ASP R 63 -2.31 -30.29 -48.20
C ASP R 63 -3.19 -30.40 -49.43
N GLY R 64 -3.86 -29.32 -49.80
CA GLY R 64 -4.79 -29.32 -50.91
C GLY R 64 -4.21 -28.92 -52.26
N VAL R 65 -2.89 -28.77 -52.37
CA VAL R 65 -2.26 -28.33 -53.60
C VAL R 65 -1.46 -29.49 -54.17
N LEU R 66 -1.83 -29.92 -55.39
CA LEU R 66 -1.12 -30.97 -56.13
C LEU R 66 -0.98 -32.24 -55.30
N GLY R 67 -2.05 -32.62 -54.62
CA GLY R 67 -2.08 -33.86 -53.87
C GLY R 67 -1.27 -33.86 -52.59
N GLY R 68 -0.94 -32.69 -52.05
CA GLY R 68 -0.21 -32.62 -50.80
C GLY R 68 1.28 -32.80 -50.91
N ALA R 69 1.82 -32.91 -52.12
CA ALA R 69 3.26 -33.05 -52.28
C ALA R 69 3.99 -31.78 -51.86
N GLU R 70 5.19 -31.95 -51.34
CA GLU R 70 6.01 -30.83 -50.88
C GLU R 70 6.98 -30.43 -51.99
N PHE R 71 7.29 -29.14 -52.04
CA PHE R 71 8.19 -28.59 -53.04
C PHE R 71 9.29 -27.81 -52.34
N VAL R 72 10.54 -28.09 -52.70
CA VAL R 72 11.70 -27.47 -52.08
C VAL R 72 12.62 -26.95 -53.18
N VAL R 73 13.06 -25.71 -53.05
CA VAL R 73 14.00 -25.11 -53.98
C VAL R 73 15.38 -25.29 -53.37
N SER R 74 16.26 -25.96 -54.08
CA SER R 74 17.67 -26.02 -53.72
C SER R 74 18.36 -24.87 -54.43
N ASP R 75 19.69 -24.82 -54.31
CA ASP R 75 20.48 -23.68 -54.86
C ASP R 75 19.92 -23.20 -56.20
N ASP R 76 19.83 -24.11 -57.17
CA ASP R 76 19.32 -23.75 -58.52
C ASP R 76 18.56 -24.97 -59.02
N GLU R 77 17.69 -25.53 -58.18
CA GLU R 77 17.00 -26.78 -58.57
C GLU R 77 15.69 -26.91 -57.79
N LEU R 78 14.68 -27.52 -58.40
CA LEU R 78 13.40 -27.73 -57.75
C LEU R 78 13.20 -29.22 -57.49
N TYR R 79 12.68 -29.55 -56.31
CA TYR R 79 12.49 -30.93 -55.89
C TYR R 79 11.08 -31.12 -55.38
N GLU R 80 10.46 -32.23 -55.77
CA GLU R 80 9.15 -32.63 -55.29
C GLU R 80 9.29 -34.00 -54.62
N ASP R 81 9.09 -34.03 -53.30
CA ASP R 81 9.20 -35.26 -52.51
C ASP R 81 10.57 -35.91 -52.69
N GLY R 82 11.62 -35.09 -52.81
CA GLY R 82 12.96 -35.60 -52.97
C GLY R 82 13.38 -35.90 -54.40
N VAL R 83 12.48 -35.75 -55.36
CA VAL R 83 12.76 -36.02 -56.76
C VAL R 83 12.90 -34.68 -57.49
N SER R 84 14.02 -34.51 -58.18
CA SER R 84 14.26 -33.26 -58.89
C SER R 84 13.31 -33.11 -60.07
N LEU R 85 12.77 -31.90 -60.24
CA LEU R 85 11.90 -31.58 -61.36
C LEU R 85 12.58 -30.78 -62.45
N GLY R 86 13.56 -29.94 -62.10
CA GLY R 86 14.25 -29.15 -63.09
C GLY R 86 15.11 -28.10 -62.42
N THR R 87 15.66 -27.22 -63.26
CA THR R 87 16.53 -26.15 -62.83
C THR R 87 15.79 -24.82 -62.93
N ILE R 88 15.85 -24.04 -61.85
CA ILE R 88 15.18 -22.74 -61.76
C ILE R 88 16.24 -21.66 -61.86
N ASN R 89 16.03 -20.70 -62.75
CA ASN R 89 16.94 -19.58 -62.92
C ASN R 89 16.55 -18.44 -62.00
N GLY R 90 17.54 -17.84 -61.36
CA GLY R 90 17.32 -16.73 -60.44
C GLY R 90 18.25 -16.83 -59.25
N THR R 91 18.63 -15.66 -58.72
CA THR R 91 19.52 -15.59 -57.58
C THR R 91 18.91 -14.83 -56.40
N GLY R 92 17.61 -14.61 -56.41
CA GLY R 92 16.95 -13.88 -55.33
C GLY R 92 16.07 -14.78 -54.49
N PRO R 93 15.28 -14.18 -53.60
CA PRO R 93 14.37 -14.97 -52.77
C PRO R 93 13.32 -15.67 -53.62
N VAL R 94 12.94 -16.87 -53.18
CA VAL R 94 12.02 -17.73 -53.91
C VAL R 94 10.60 -17.47 -53.42
N SER R 95 9.68 -17.26 -54.35
CA SER R 95 8.27 -17.02 -54.04
C SER R 95 7.42 -18.09 -54.70
N PHE R 96 6.43 -18.58 -53.96
CA PHE R 96 5.52 -19.62 -54.42
C PHE R 96 4.10 -19.06 -54.51
N ALA R 97 3.38 -19.44 -55.55
CA ALA R 97 1.97 -19.10 -55.70
C ALA R 97 1.24 -20.32 -56.23
N ALA R 98 0.31 -20.86 -55.44
CA ALA R 98 -0.28 -22.15 -55.77
C ALA R 98 -1.80 -22.06 -55.82
N ILE R 99 -2.38 -22.89 -56.68
CA ILE R 99 -3.82 -23.11 -56.75
C ILE R 99 -4.04 -24.62 -56.68
N GLU R 100 -5.29 -25.05 -56.88
CA GLU R 100 -5.62 -26.46 -56.74
C GLU R 100 -4.76 -27.35 -57.64
N ASP R 101 -4.45 -26.89 -58.84
CA ASP R 101 -3.80 -27.73 -59.83
C ASP R 101 -2.51 -27.15 -60.41
N GLU R 102 -2.14 -25.91 -60.07
CA GLU R 102 -1.01 -25.25 -60.70
C GLU R 102 -0.16 -24.56 -59.63
N LEU R 103 1.16 -24.67 -59.79
CA LEU R 103 2.11 -24.04 -58.88
C LEU R 103 3.08 -23.18 -59.69
N LEU R 104 3.32 -21.95 -59.22
CA LEU R 104 4.24 -21.02 -59.86
C LEU R 104 5.36 -20.71 -58.89
N VAL R 105 6.60 -20.80 -59.37
CA VAL R 105 7.80 -20.54 -58.58
C VAL R 105 8.56 -19.41 -59.25
N CYS R 106 8.98 -18.43 -58.46
CA CYS R 106 9.76 -17.31 -58.94
C CYS R 106 11.03 -17.17 -58.12
N ALA R 107 12.12 -16.81 -58.80
CA ALA R 107 13.41 -16.66 -58.13
C ALA R 107 14.10 -15.34 -58.46
N GLY R 108 13.46 -14.46 -59.21
CA GLY R 108 14.01 -13.16 -59.53
C GLY R 108 14.00 -12.81 -61.01
N GLU R 109 14.08 -13.79 -61.91
CA GLU R 109 14.10 -13.52 -63.34
C GLU R 109 12.92 -14.12 -64.08
N SER R 110 12.64 -15.41 -63.91
CA SER R 110 11.61 -16.08 -64.69
C SER R 110 10.65 -16.81 -63.78
N ILE R 111 9.44 -17.05 -64.30
CA ILE R 111 8.40 -17.77 -63.59
C ILE R 111 8.34 -19.19 -64.14
N TRP R 112 8.33 -20.17 -63.25
CA TRP R 112 8.27 -21.58 -63.62
C TRP R 112 6.96 -22.17 -63.17
N SER R 113 6.29 -22.89 -64.07
CA SER R 113 4.98 -23.48 -63.81
C SER R 113 5.12 -24.99 -63.71
N TYR R 114 4.51 -25.56 -62.67
CA TYR R 114 4.45 -27.00 -62.50
C TYR R 114 3.00 -27.39 -62.25
N ASP R 115 2.52 -28.40 -62.99
CA ASP R 115 1.14 -28.86 -62.88
C ASP R 115 1.05 -30.36 -62.59
N GLY R 116 2.11 -30.94 -62.03
CA GLY R 116 2.13 -32.35 -61.74
C GLY R 116 2.62 -33.24 -62.86
N THR R 117 2.86 -32.68 -64.06
CA THR R 117 3.34 -33.45 -65.19
C THR R 117 4.73 -33.03 -65.64
N THR R 118 4.96 -31.73 -65.85
CA THR R 118 6.26 -31.25 -66.27
C THR R 118 6.43 -29.81 -65.80
N LEU R 119 7.69 -29.38 -65.76
CA LEU R 119 8.06 -28.03 -65.35
C LEU R 119 8.35 -27.19 -66.59
N ASP R 120 7.66 -26.07 -66.73
CA ASP R 120 7.74 -25.25 -67.93
C ASP R 120 8.08 -23.81 -67.57
N GLU R 121 8.62 -23.09 -68.53
CA GLU R 121 8.87 -21.65 -68.39
C GLU R 121 7.62 -20.87 -68.79
N VAL R 122 7.20 -19.95 -67.92
CA VAL R 122 6.05 -19.13 -68.19
C VAL R 122 6.46 -17.95 -69.06
N THR R 123 5.78 -17.76 -70.18
CA THR R 123 6.08 -16.65 -71.07
C THR R 123 5.54 -15.36 -70.48
N PHE R 124 6.40 -14.36 -70.32
CA PHE R 124 6.01 -13.10 -69.73
C PHE R 124 6.03 -11.99 -70.77
N PRO R 125 5.16 -10.98 -70.63
CA PRO R 125 5.19 -9.86 -71.57
C PRO R 125 6.56 -9.18 -71.60
N ASP R 126 7.00 -8.85 -72.81
CA ASP R 126 8.28 -8.18 -73.07
C ASP R 126 9.48 -8.99 -72.60
N GLY R 127 9.28 -10.23 -72.16
CA GLY R 127 10.38 -11.04 -71.67
C GLY R 127 11.11 -10.46 -70.48
N ALA R 128 10.46 -9.58 -69.73
CA ALA R 128 11.12 -8.90 -68.61
C ALA R 128 11.23 -9.82 -67.41
N ASP R 129 12.13 -9.47 -66.50
CA ASP R 129 12.31 -10.22 -65.28
C ASP R 129 11.21 -9.92 -64.27
N VAL R 130 10.85 -10.94 -63.49
CA VAL R 130 9.82 -10.82 -62.47
C VAL R 130 10.48 -10.93 -61.12
N THR R 131 10.31 -9.90 -60.28
CA THR R 131 10.89 -9.93 -58.94
C THR R 131 10.24 -11.01 -58.08
N LYS R 132 8.91 -11.05 -58.05
CA LYS R 132 8.21 -12.04 -57.25
C LYS R 132 6.75 -12.12 -57.67
N VAL R 133 6.14 -13.26 -57.35
CA VAL R 133 4.76 -13.55 -57.73
C VAL R 133 3.99 -13.98 -56.48
N ALA R 134 2.68 -13.78 -56.51
CA ALA R 134 1.77 -14.17 -55.44
C ALA R 134 0.42 -14.49 -56.05
N TYR R 135 -0.51 -14.92 -55.19
CA TYR R 135 -1.86 -15.29 -55.62
C TYR R 135 -2.88 -14.54 -54.77
N SER R 136 -3.95 -14.06 -55.40
CA SER R 136 -4.97 -13.31 -54.69
C SER R 136 -6.26 -13.31 -55.49
N SER R 137 -7.35 -13.75 -54.86
CA SER R 137 -8.71 -13.68 -55.42
C SER R 137 -8.77 -14.27 -56.83
N GLY R 138 -8.19 -15.45 -56.99
CA GLY R 138 -8.23 -16.14 -58.27
C GLY R 138 -7.30 -15.59 -59.32
N TYR R 139 -6.41 -14.66 -58.97
CA TYR R 139 -5.50 -14.05 -59.91
C TYR R 139 -4.06 -14.29 -59.47
N PHE R 140 -3.16 -14.36 -60.44
CA PHE R 140 -1.73 -14.47 -60.19
C PHE R 140 -1.10 -13.10 -60.45
N ILE R 141 -0.41 -12.57 -59.45
CA ILE R 141 0.17 -11.23 -59.51
C ILE R 141 1.69 -11.38 -59.60
N ALA R 142 2.29 -10.76 -60.61
CA ALA R 142 3.74 -10.80 -60.79
C ALA R 142 4.27 -9.38 -60.91
N LEU R 143 5.32 -9.07 -60.15
CA LEU R 143 5.89 -7.73 -60.16
C LEU R 143 7.06 -7.68 -61.13
N ARG R 144 7.00 -6.77 -62.11
CA ARG R 144 8.10 -6.63 -63.04
C ARG R 144 9.31 -6.04 -62.35
N ALA R 145 10.48 -6.59 -62.66
CA ALA R 145 11.72 -6.16 -62.01
C ALA R 145 12.13 -4.79 -62.52
N GLY R 146 12.49 -3.90 -61.58
CA GLY R 146 13.01 -2.60 -61.91
C GLY R 146 11.99 -1.54 -62.23
N THR R 147 10.70 -1.88 -62.24
CA THR R 147 9.65 -0.92 -62.55
C THR R 147 8.55 -1.02 -61.50
N GLY R 148 7.60 -0.09 -61.57
CA GLY R 148 6.46 -0.11 -60.69
C GLY R 148 5.25 -0.73 -61.34
N GLN R 149 5.48 -1.75 -62.17
CA GLN R 149 4.43 -2.42 -62.92
C GLN R 149 4.17 -3.78 -62.31
N TRP R 150 2.90 -4.13 -62.15
CA TRP R 150 2.53 -5.47 -61.73
C TRP R 150 1.44 -6.01 -62.64
N TYR R 151 1.65 -7.23 -63.13
CA TYR R 151 0.75 -7.87 -64.07
C TYR R 151 -0.09 -8.92 -63.36
N PHE R 152 -1.31 -9.11 -63.86
CA PHE R 152 -2.22 -10.12 -63.34
C PHE R 152 -2.61 -11.07 -64.47
N SER R 153 -2.62 -12.36 -64.16
CA SER R 153 -2.90 -13.38 -65.16
C SER R 153 -4.41 -13.60 -65.27
N ALA R 154 -4.81 -14.65 -65.98
CA ALA R 154 -6.22 -14.96 -66.16
C ALA R 154 -6.77 -15.66 -64.93
N LEU R 155 -8.02 -16.10 -65.01
CA LEU R 155 -8.69 -16.74 -63.89
C LEU R 155 -8.14 -18.14 -63.68
N TYR R 156 -7.43 -18.34 -62.56
CA TYR R 156 -6.89 -19.65 -62.20
C TYR R 156 -5.97 -20.21 -63.29
N ASP R 157 -5.28 -19.33 -64.00
CA ASP R 157 -4.36 -19.73 -65.06
C ASP R 157 -3.07 -18.94 -64.91
N GLY R 158 -1.97 -19.62 -64.64
CA GLY R 158 -0.69 -18.98 -64.44
C GLY R 158 0.18 -18.87 -65.65
N THR R 159 -0.17 -19.54 -66.75
CA THR R 159 0.62 -19.51 -67.97
C THR R 159 0.11 -18.52 -69.00
N SER R 160 -0.92 -17.74 -68.67
CA SER R 160 -1.53 -16.80 -69.60
C SER R 160 -1.30 -15.39 -69.10
N TRP R 161 -0.29 -14.72 -69.63
CA TRP R 161 0.03 -13.35 -69.29
C TRP R 161 0.13 -12.52 -70.57
N ASP R 162 -0.54 -11.37 -70.57
CA ASP R 162 -0.50 -10.45 -71.70
C ASP R 162 -0.07 -9.07 -71.22
N GLY R 163 0.44 -8.27 -72.17
CA GLY R 163 0.98 -6.97 -71.83
C GLY R 163 -0.06 -5.90 -71.51
N LEU R 164 -1.35 -6.20 -71.71
CA LEU R 164 -2.39 -5.24 -71.40
C LEU R 164 -2.96 -5.42 -70.00
N ASP R 165 -2.72 -6.57 -69.36
CA ASP R 165 -3.20 -6.81 -68.01
C ASP R 165 -2.11 -6.42 -67.00
N PHE R 166 -1.91 -5.11 -66.90
CA PHE R 166 -0.91 -4.54 -66.01
C PHE R 166 -1.50 -3.35 -65.27
N ALA R 167 -0.94 -3.08 -64.09
CA ALA R 167 -1.32 -1.92 -63.31
C ALA R 167 -0.06 -1.28 -62.71
N THR R 168 -0.19 -0.01 -62.36
CA THR R 168 0.93 0.81 -61.92
C THR R 168 0.63 1.42 -60.56
N ALA R 169 1.68 1.63 -59.79
CA ALA R 169 1.60 2.36 -58.52
C ALA R 169 1.87 3.83 -58.82
N GLU R 170 0.78 4.60 -58.96
CA GLU R 170 0.90 5.99 -59.39
C GLU R 170 1.63 6.85 -58.36
N SER R 171 1.47 6.54 -57.08
CA SER R 171 2.15 7.29 -56.02
C SER R 171 3.55 6.80 -55.74
N GLU R 172 4.03 5.79 -56.49
CA GLU R 172 5.37 5.24 -56.32
C GLU R 172 6.15 5.45 -57.62
N PRO R 173 6.91 6.54 -57.72
CA PRO R 173 7.75 6.72 -58.91
C PRO R 173 8.88 5.71 -59.00
N ASP R 174 9.22 5.04 -57.91
CA ASP R 174 10.27 4.03 -57.91
C ASP R 174 9.68 2.67 -58.25
N ALA R 175 10.48 1.62 -58.10
CA ALA R 175 10.06 0.27 -58.47
C ALA R 175 9.43 -0.45 -57.29
N LEU R 176 8.47 -1.32 -57.59
CA LEU R 176 7.87 -2.18 -56.58
C LEU R 176 8.80 -3.33 -56.27
N LEU R 177 8.83 -3.74 -55.01
CA LEU R 177 9.75 -4.78 -54.57
C LEU R 177 9.09 -5.97 -53.87
N ASP R 178 7.92 -5.82 -53.27
CA ASP R 178 7.32 -6.94 -52.58
C ASP R 178 5.80 -6.85 -52.64
N ILE R 179 5.16 -8.00 -52.44
CA ILE R 179 3.70 -8.08 -52.41
C ILE R 179 3.31 -9.00 -51.25
N VAL R 180 2.33 -8.57 -50.46
CA VAL R 180 1.83 -9.34 -49.33
C VAL R 180 0.31 -9.43 -49.45
N VAL R 181 -0.22 -10.64 -49.35
CA VAL R 181 -1.66 -10.87 -49.44
C VAL R 181 -2.24 -10.74 -48.03
N LEU R 182 -2.77 -9.57 -47.72
CA LEU R 182 -3.38 -9.29 -46.43
C LEU R 182 -4.88 -9.19 -46.61
N ASP R 183 -5.62 -9.97 -45.82
CA ASP R 183 -7.08 -9.96 -45.81
C ASP R 183 -7.58 -10.11 -47.25
N GLY R 184 -7.13 -11.18 -47.89
CA GLY R 184 -7.54 -11.49 -49.26
C GLY R 184 -7.23 -10.44 -50.29
N ASN R 185 -6.41 -9.45 -49.97
CA ASN R 185 -6.15 -8.35 -50.88
C ASN R 185 -4.67 -8.08 -51.00
N PRO R 186 -4.21 -7.61 -52.16
CA PRO R 186 -2.78 -7.36 -52.34
C PRO R 186 -2.35 -6.04 -51.72
N VAL R 187 -1.16 -6.07 -51.12
CA VAL R 187 -0.50 -4.89 -50.58
C VAL R 187 0.90 -4.84 -51.17
N PHE R 188 1.23 -3.73 -51.84
CA PHE R 188 2.47 -3.61 -52.58
C PHE R 188 3.46 -2.74 -51.82
N PHE R 189 4.65 -3.27 -51.60
CA PHE R 189 5.74 -2.57 -50.93
C PHE R 189 6.75 -2.14 -51.98
N GLY R 190 6.94 -0.82 -52.12
CA GLY R 190 7.91 -0.26 -53.01
C GLY R 190 9.10 0.34 -52.27
N THR R 191 9.89 1.12 -53.01
CA THR R 191 11.07 1.75 -52.42
C THR R 191 10.69 2.76 -51.36
N GLN R 192 9.64 3.56 -51.60
CA GLN R 192 9.28 4.61 -50.66
C GLN R 192 7.77 4.72 -50.46
N SER R 193 7.00 3.66 -50.72
CA SER R 193 5.57 3.72 -50.55
C SER R 193 5.02 2.33 -50.29
N VAL R 194 3.90 2.27 -49.58
CA VAL R 194 3.16 1.03 -49.33
C VAL R 194 1.73 1.27 -49.77
N GLU R 195 1.28 0.51 -50.77
CA GLU R 195 -0.02 0.73 -51.40
C GLU R 195 -0.97 -0.41 -51.06
N PHE R 196 -2.20 -0.06 -50.70
CA PHE R 196 -3.24 -1.04 -50.42
C PHE R 196 -4.17 -1.11 -51.61
N TRP R 197 -4.36 -2.32 -52.15
CA TRP R 197 -5.22 -2.55 -53.30
C TRP R 197 -6.30 -3.56 -52.93
N SER R 198 -7.51 -3.32 -53.43
CA SER R 198 -8.66 -4.17 -53.14
C SER R 198 -9.13 -4.87 -54.41
N ALA R 199 -9.54 -6.12 -54.24
CA ALA R 199 -10.05 -6.91 -55.37
C ALA R 199 -11.46 -6.46 -55.72
N THR R 200 -11.75 -6.41 -57.02
CA THR R 200 -13.05 -6.02 -57.52
C THR R 200 -13.64 -7.13 -58.38
N GLY R 201 -14.96 -7.22 -58.40
CA GLY R 201 -15.62 -8.18 -59.27
C GLY R 201 -15.63 -7.81 -60.73
N ASP R 202 -15.22 -6.59 -61.06
CA ASP R 202 -15.16 -6.13 -62.43
C ASP R 202 -14.04 -6.90 -63.13
N PRO R 203 -14.31 -7.62 -64.23
CA PRO R 203 -13.30 -8.55 -64.76
C PRO R 203 -12.13 -7.91 -65.49
N ASP R 204 -12.34 -6.85 -66.27
CA ASP R 204 -11.23 -6.29 -67.04
C ASP R 204 -10.25 -5.56 -66.13
N ILE R 205 -10.77 -4.81 -65.16
CA ILE R 205 -9.94 -4.21 -64.12
C ILE R 205 -10.31 -4.91 -62.82
N PRO R 206 -9.51 -5.87 -62.36
CA PRO R 206 -9.92 -6.67 -61.20
C PRO R 206 -9.48 -6.10 -59.87
N PHE R 207 -8.50 -5.19 -59.88
CA PHE R 207 -7.95 -4.63 -58.66
C PHE R 207 -7.95 -3.11 -58.74
N ALA R 208 -8.29 -2.47 -57.63
CA ALA R 208 -8.32 -1.02 -57.57
C ALA R 208 -7.55 -0.52 -56.36
N PRO R 209 -6.81 0.58 -56.50
CA PRO R 209 -6.01 1.08 -55.37
C PRO R 209 -6.89 1.79 -54.36
N ILE R 210 -6.73 1.44 -53.09
CA ILE R 210 -7.47 2.09 -52.02
C ILE R 210 -6.80 3.43 -51.73
N GLN R 211 -7.57 4.51 -51.82
CA GLN R 211 -7.01 5.84 -51.76
C GLN R 211 -6.84 6.31 -50.32
N ASN R 212 -6.00 7.33 -50.14
CA ASN R 212 -5.79 8.03 -48.88
C ASN R 212 -5.23 7.12 -47.79
N ARG R 213 -4.53 6.05 -48.15
CA ARG R 213 -3.88 5.20 -47.16
C ARG R 213 -2.61 4.61 -47.79
N THR R 214 -1.48 5.30 -47.57
CA THR R 214 -0.18 4.80 -47.97
C THR R 214 0.83 5.15 -46.90
N PHE R 215 1.82 4.29 -46.73
CA PHE R 215 2.91 4.51 -45.78
C PHE R 215 4.17 4.89 -46.55
N GLU R 216 4.77 6.02 -46.18
CA GLU R 216 5.98 6.48 -46.87
C GLU R 216 7.19 5.61 -46.57
N GLN R 217 7.12 4.74 -45.56
CA GLN R 217 8.23 3.87 -45.20
C GLN R 217 8.23 2.68 -46.14
N GLY R 218 8.92 2.82 -47.26
CA GLY R 218 9.00 1.76 -48.24
C GLY R 218 9.85 0.60 -47.74
N ILE R 219 9.74 -0.51 -48.46
CA ILE R 219 10.45 -1.74 -48.11
C ILE R 219 11.94 -1.55 -48.38
N PHE R 220 12.76 -2.24 -47.59
CA PHE R 220 14.20 -2.17 -47.79
C PHE R 220 14.63 -2.98 -49.02
N ALA R 221 14.09 -4.18 -49.18
CA ALA R 221 14.46 -5.05 -50.29
C ALA R 221 13.40 -6.15 -50.41
N THR R 222 13.57 -7.01 -51.40
CA THR R 222 12.65 -8.10 -51.62
C THR R 222 12.76 -9.13 -50.50
N GLY R 223 11.62 -9.67 -50.09
CA GLY R 223 11.59 -10.67 -49.04
C GLY R 223 11.59 -10.14 -47.63
N CYS R 224 11.51 -8.81 -47.45
CA CYS R 224 11.52 -8.20 -46.13
C CYS R 224 10.11 -7.88 -45.63
N ALA R 225 9.11 -8.65 -46.05
CA ALA R 225 7.75 -8.43 -45.61
C ALA R 225 7.08 -9.77 -45.38
N VAL R 226 6.45 -9.92 -44.20
CA VAL R 226 5.74 -11.14 -43.85
C VAL R 226 4.34 -10.76 -43.35
N ALA R 227 3.44 -11.73 -43.42
CA ALA R 227 2.06 -11.55 -42.99
C ALA R 227 1.73 -12.56 -41.90
N ILE R 228 1.19 -12.07 -40.79
CA ILE R 228 0.85 -12.91 -39.66
C ILE R 228 -0.19 -12.18 -38.82
N ASP R 229 -1.10 -12.96 -38.22
CA ASP R 229 -2.09 -12.46 -37.26
C ASP R 229 -2.88 -11.28 -37.82
N ASN R 230 -3.35 -11.44 -39.05
CA ASN R 230 -4.17 -10.43 -39.73
C ASN R 230 -3.46 -9.08 -39.82
N SER R 231 -2.13 -9.11 -39.91
CA SER R 231 -1.34 -7.90 -40.08
C SER R 231 -0.09 -8.28 -40.84
N PHE R 232 0.77 -7.30 -41.09
CA PHE R 232 2.04 -7.58 -41.75
C PHE R 232 3.16 -6.80 -41.08
N PHE R 233 4.35 -7.40 -41.11
CA PHE R 233 5.56 -6.79 -40.60
C PHE R 233 6.53 -6.61 -41.76
N TRP R 234 7.11 -5.42 -41.87
CA TRP R 234 7.99 -5.17 -43.00
C TRP R 234 9.15 -4.28 -42.57
N VAL R 235 10.31 -4.51 -43.17
CA VAL R 235 11.50 -3.71 -42.89
C VAL R 235 11.41 -2.44 -43.72
N GLY R 236 11.44 -1.29 -43.04
CA GLY R 236 11.35 -0.02 -43.73
C GLY R 236 12.60 0.31 -44.51
N ALA R 237 12.50 1.37 -45.31
CA ALA R 237 13.64 1.83 -46.09
C ALA R 237 14.78 2.31 -45.20
N ASP R 238 14.49 2.66 -43.94
CA ASP R 238 15.50 3.10 -42.99
C ASP R 238 15.95 1.95 -42.08
N LYS R 239 15.81 0.71 -42.53
CA LYS R 239 16.23 -0.47 -41.77
C LYS R 239 15.52 -0.54 -40.42
N ILE R 240 14.24 -0.16 -40.39
CA ILE R 240 13.43 -0.20 -39.19
C ILE R 240 12.24 -1.12 -39.45
N VAL R 241 11.98 -2.04 -38.53
CA VAL R 241 10.88 -2.98 -38.68
C VAL R 241 9.59 -2.29 -38.24
N TYR R 242 8.58 -2.32 -39.10
CA TYR R 242 7.29 -1.69 -38.84
C TYR R 242 6.20 -2.74 -38.86
N ARG R 243 5.16 -2.50 -38.05
CA ARG R 243 4.00 -3.36 -37.95
C ARG R 243 2.77 -2.61 -38.44
N ASN R 244 1.92 -3.30 -39.20
CA ASN R 244 0.72 -2.67 -39.73
C ASN R 244 -0.24 -2.29 -38.63
N ASP R 245 -0.77 -1.08 -38.71
CA ASP R 245 -1.76 -0.58 -37.75
C ASP R 245 -2.50 0.58 -38.42
N ALA R 246 -3.23 1.34 -37.61
CA ALA R 246 -3.82 2.59 -38.11
C ALA R 246 -2.72 3.53 -38.59
N VAL R 247 -1.65 3.65 -37.81
CA VAL R 247 -0.43 4.31 -38.24
C VAL R 247 0.71 3.34 -37.96
N PRO R 248 1.62 3.12 -38.90
CA PRO R 248 2.69 2.14 -38.68
C PRO R 248 3.50 2.47 -37.44
N VAL R 249 3.84 1.43 -36.67
CA VAL R 249 4.58 1.57 -35.43
C VAL R 249 5.89 0.79 -35.55
N ALA R 250 6.97 1.36 -35.04
CA ALA R 250 8.28 0.72 -35.08
C ALA R 250 8.38 -0.25 -33.91
N VAL R 251 8.35 -1.56 -34.20
CA VAL R 251 8.46 -2.56 -33.16
C VAL R 251 9.90 -2.90 -32.82
N ALA R 252 10.87 -2.35 -33.55
CA ALA R 252 12.29 -2.58 -33.27
C ALA R 252 12.84 -1.36 -32.54
N ASP R 253 13.44 -1.59 -31.38
CA ASP R 253 14.00 -0.51 -30.58
C ASP R 253 15.34 -0.08 -31.17
N ASP R 254 16.07 0.78 -30.44
CA ASP R 254 17.31 1.32 -30.97
C ASP R 254 18.34 0.24 -31.21
N GLY R 255 18.42 -0.77 -30.32
CA GLY R 255 19.41 -1.81 -30.48
C GLY R 255 19.20 -2.63 -31.73
N ILE R 256 17.95 -3.02 -32.01
CA ILE R 256 17.66 -3.84 -33.19
C ILE R 256 18.00 -3.06 -34.46
N VAL R 257 17.62 -1.79 -34.52
CA VAL R 257 17.90 -0.98 -35.70
C VAL R 257 19.40 -0.78 -35.86
N GLU R 258 20.13 -0.60 -34.74
CA GLU R 258 21.58 -0.45 -34.82
C GLU R 258 22.24 -1.71 -35.36
N ARG R 259 21.77 -2.88 -34.91
CA ARG R 259 22.31 -4.13 -35.45
C ARG R 259 21.97 -4.28 -36.93
N ALA R 260 20.74 -3.93 -37.32
CA ALA R 260 20.33 -4.07 -38.71
C ALA R 260 21.13 -3.16 -39.63
N THR R 261 21.41 -1.93 -39.19
CA THR R 261 22.13 -0.99 -40.03
C THR R 261 23.53 -1.47 -40.37
N GLY R 262 24.13 -2.33 -39.55
CA GLY R 262 25.43 -2.89 -39.85
C GLY R 262 25.41 -4.06 -40.80
N SER R 263 24.24 -4.50 -41.23
CA SER R 263 24.10 -5.63 -42.15
C SER R 263 23.64 -5.13 -43.51
N THR R 264 24.33 -5.59 -44.57
CA THR R 264 23.97 -5.16 -45.92
C THR R 264 22.69 -5.82 -46.40
N ASP R 265 22.49 -7.09 -46.07
CA ASP R 265 21.31 -7.83 -46.51
C ASP R 265 20.47 -8.23 -45.31
N LEU R 266 19.18 -7.99 -45.39
CA LEU R 266 18.23 -8.36 -44.34
C LEU R 266 17.11 -9.20 -44.96
N ARG R 267 16.71 -10.25 -44.25
CA ARG R 267 15.61 -11.10 -44.71
C ARG R 267 14.65 -11.32 -43.57
N LEU R 268 13.36 -11.08 -43.83
CA LEU R 268 12.32 -11.24 -42.82
C LEU R 268 11.48 -12.47 -43.15
N PHE R 269 11.34 -13.37 -42.17
CA PHE R 269 10.57 -14.58 -42.36
C PHE R 269 9.87 -14.93 -41.06
N LEU R 270 9.27 -16.12 -41.00
CA LEU R 270 8.43 -16.52 -39.88
C LEU R 270 8.91 -17.84 -39.30
N LEU R 271 8.90 -17.92 -37.97
CA LEU R 271 9.13 -19.15 -37.23
C LEU R 271 7.94 -19.42 -36.34
N ILE R 272 7.51 -20.68 -36.28
CA ILE R 272 6.34 -21.07 -35.52
C ILE R 272 6.75 -22.06 -34.44
N ASP R 273 6.40 -21.75 -33.20
CA ASP R 273 6.39 -22.68 -32.08
C ASP R 273 4.96 -22.79 -31.61
N GLU R 274 4.68 -23.81 -30.80
CA GLU R 274 3.32 -24.22 -30.47
C GLU R 274 2.35 -23.06 -30.31
N ARG R 275 2.76 -22.02 -29.58
CA ARG R 275 1.93 -20.84 -29.41
C ARG R 275 2.63 -19.54 -29.76
N HIS R 276 3.88 -19.59 -30.21
CA HIS R 276 4.68 -18.39 -30.41
C HIS R 276 4.97 -18.19 -31.90
N LYS R 277 4.67 -17.01 -32.40
CA LYS R 277 4.96 -16.65 -33.79
C LYS R 277 6.08 -15.62 -33.77
N PHE R 278 7.26 -16.04 -34.21
CA PHE R 278 8.45 -15.18 -34.22
C PHE R 278 8.63 -14.61 -35.63
N VAL R 279 8.56 -13.29 -35.74
CA VAL R 279 8.98 -12.61 -36.96
C VAL R 279 10.50 -12.48 -36.89
N CYS R 280 11.20 -13.24 -37.72
CA CYS R 280 12.65 -13.35 -37.63
C CYS R 280 13.31 -12.49 -38.69
N LEU R 281 14.19 -11.59 -38.25
CA LEU R 281 15.01 -10.78 -39.12
C LEU R 281 16.41 -11.35 -39.12
N ARG R 282 16.91 -11.68 -40.31
CA ARG R 282 18.19 -12.33 -40.50
C ARG R 282 19.13 -11.37 -41.21
N GLY R 283 20.30 -11.12 -40.60
CA GLY R 283 21.34 -10.33 -41.20
C GLY R 283 22.54 -11.18 -41.57
N ASP R 284 23.66 -10.48 -41.82
CA ASP R 284 24.89 -11.18 -42.19
C ASP R 284 25.40 -12.03 -41.03
N THR R 285 25.34 -11.51 -39.80
CA THR R 285 25.90 -12.20 -38.65
C THR R 285 24.95 -12.24 -37.45
N PHE R 286 23.64 -12.18 -37.67
CA PHE R 286 22.70 -12.21 -36.56
C PHE R 286 21.35 -12.74 -37.03
N THR R 287 20.55 -13.15 -36.07
CA THR R 287 19.17 -13.59 -36.32
C THR R 287 18.35 -13.20 -35.09
N MET R 288 17.47 -12.22 -35.26
CA MET R 288 16.70 -11.65 -34.16
C MET R 288 15.23 -11.91 -34.39
N ALA R 289 14.58 -12.55 -33.43
CA ALA R 289 13.18 -12.94 -33.54
C ALA R 289 12.32 -12.07 -32.64
N PHE R 290 11.30 -11.45 -33.20
CA PHE R 290 10.33 -10.66 -32.45
C PHE R 290 9.10 -11.51 -32.21
N ASP R 291 8.78 -11.78 -30.95
CA ASP R 291 7.60 -12.54 -30.56
C ASP R 291 6.43 -11.58 -30.42
N ILE R 292 5.36 -11.84 -31.18
CA ILE R 292 4.21 -10.95 -31.18
C ILE R 292 3.27 -11.26 -30.02
N THR R 293 3.29 -12.50 -29.53
CA THR R 293 2.47 -12.84 -28.36
C THR R 293 2.91 -12.04 -27.14
N THR R 294 4.22 -11.89 -26.96
CA THR R 294 4.77 -11.09 -25.87
C THR R 294 5.37 -9.77 -26.36
N ASN R 295 5.41 -9.55 -27.67
CA ASN R 295 5.93 -8.30 -28.25
C ASN R 295 7.35 -8.01 -27.77
N GLU R 296 8.21 -9.02 -27.82
CA GLU R 296 9.55 -8.84 -27.28
C GLU R 296 10.57 -9.52 -28.18
N TRP R 297 11.79 -9.01 -28.15
CA TRP R 297 12.86 -9.47 -29.02
C TRP R 297 13.75 -10.49 -28.33
N CYS R 298 14.23 -11.45 -29.10
CA CYS R 298 15.20 -12.44 -28.64
C CYS R 298 16.16 -12.74 -29.78
N GLU R 299 17.21 -13.47 -29.47
CA GLU R 299 18.25 -13.80 -30.44
C GLU R 299 18.34 -15.31 -30.61
N PHE R 300 18.43 -15.77 -31.86
CA PHE R 300 18.64 -17.17 -32.17
C PHE R 300 20.05 -17.36 -32.70
N GLN R 301 20.78 -18.32 -32.12
CA GLN R 301 22.15 -18.60 -32.51
C GLN R 301 22.35 -20.10 -32.67
N SER R 302 23.29 -20.46 -33.53
CA SER R 302 23.71 -21.84 -33.73
C SER R 302 25.16 -21.97 -33.33
N TYR R 303 25.49 -23.05 -32.62
CA TYR R 303 26.84 -23.21 -32.09
C TYR R 303 27.84 -23.42 -33.22
N GLY R 304 28.94 -22.68 -33.16
CA GLY R 304 30.03 -22.84 -34.11
C GLY R 304 29.85 -22.15 -35.43
N ARG R 305 28.74 -21.43 -35.63
CA ARG R 305 28.49 -20.74 -36.89
C ARG R 305 28.12 -19.29 -36.60
N THR R 306 28.33 -18.44 -37.60
CA THR R 306 28.12 -17.01 -37.45
C THR R 306 26.66 -16.60 -37.49
N ASN R 307 25.75 -17.52 -37.83
CA ASN R 307 24.34 -17.17 -37.94
C ASN R 307 23.50 -18.42 -37.68
N PHE R 308 22.22 -18.18 -37.40
CA PHE R 308 21.30 -19.28 -37.12
C PHE R 308 21.12 -20.16 -38.35
N ARG R 309 21.12 -21.47 -38.14
CA ARG R 309 21.03 -22.40 -39.27
C ARG R 309 19.68 -22.32 -39.94
N CYS R 310 18.60 -22.41 -39.17
CA CYS R 310 17.25 -22.47 -39.73
C CYS R 310 16.91 -21.12 -40.36
N GLY R 311 16.87 -21.08 -41.69
CA GLY R 311 16.50 -19.89 -42.40
C GLY R 311 15.01 -19.84 -42.66
N PRO R 312 14.61 -19.14 -43.72
CA PRO R 312 13.19 -19.09 -44.07
C PRO R 312 12.64 -20.47 -44.38
N ASP R 313 11.39 -20.70 -43.96
CA ASP R 313 10.69 -21.96 -44.21
C ASP R 313 11.46 -23.18 -43.67
N MET R 314 12.15 -23.00 -42.55
CA MET R 314 12.86 -24.08 -41.88
C MET R 314 13.86 -24.77 -42.80
N GLY R 315 14.56 -23.99 -43.60
CA GLY R 315 15.55 -24.50 -44.55
C GLY R 315 16.95 -24.11 -44.13
N ASP R 316 17.88 -25.05 -44.23
CA ASP R 316 19.27 -24.78 -43.89
C ASP R 316 19.88 -23.82 -44.90
N ASP R 317 20.76 -22.95 -44.39
CA ASP R 317 21.39 -21.92 -45.20
C ASP R 317 22.69 -22.37 -45.84
N GLU R 318 23.16 -23.58 -45.54
CA GLU R 318 24.40 -24.07 -46.14
C GLU R 318 24.24 -25.42 -46.81
N THR R 319 23.45 -26.31 -46.24
CA THR R 319 23.22 -27.64 -46.80
C THR R 319 21.75 -27.77 -47.22
N GLY R 320 21.38 -28.98 -47.64
CA GLY R 320 20.03 -29.23 -48.10
C GLY R 320 19.17 -29.96 -47.08
N ILE R 321 19.29 -29.58 -45.81
CA ILE R 321 18.58 -30.22 -44.72
C ILE R 321 17.41 -29.34 -44.31
N ILE R 322 16.24 -29.95 -44.14
CA ILE R 322 15.08 -29.28 -43.57
C ILE R 322 15.07 -29.53 -42.08
N TRP R 323 14.89 -28.48 -41.30
CA TRP R 323 14.95 -28.55 -39.84
C TRP R 323 13.55 -28.49 -39.25
N ARG R 324 13.37 -29.16 -38.12
CA ARG R 324 12.14 -29.05 -37.35
C ARG R 324 12.48 -28.99 -35.87
N PHE R 325 11.59 -28.37 -35.10
CA PHE R 325 11.81 -28.17 -33.67
C PHE R 325 11.41 -29.44 -32.91
N GLU R 326 12.39 -30.11 -32.32
CA GLU R 326 12.14 -31.30 -31.52
C GLU R 326 13.34 -31.54 -30.63
N GLY R 327 13.07 -31.84 -29.36
CA GLY R 327 14.15 -32.04 -28.42
C GLY R 327 14.86 -30.73 -28.11
N TYR R 328 16.11 -30.86 -27.66
CA TYR R 328 16.91 -29.70 -27.31
C TYR R 328 18.35 -29.83 -27.80
N SER R 329 18.56 -30.60 -28.86
CA SER R 329 19.88 -30.78 -29.45
C SER R 329 19.88 -30.16 -30.84
N ASP R 330 20.83 -29.24 -31.08
CA ASP R 330 20.96 -28.61 -32.38
C ASP R 330 21.81 -29.50 -33.28
N ASN R 331 21.17 -30.13 -34.27
CA ASN R 331 21.83 -31.06 -35.18
C ASN R 331 22.53 -32.17 -34.41
N GLY R 332 21.90 -32.62 -33.33
CA GLY R 332 22.49 -33.64 -32.49
C GLY R 332 23.73 -33.20 -31.74
N GLY R 333 23.95 -31.89 -31.61
CA GLY R 333 25.15 -31.38 -30.98
C GLY R 333 24.90 -30.62 -29.71
N VAL R 334 25.32 -29.35 -29.69
CA VAL R 334 25.28 -28.52 -28.49
C VAL R 334 24.37 -27.33 -28.76
N LEU R 335 23.43 -27.09 -27.84
CA LEU R 335 22.55 -25.93 -27.89
C LEU R 335 22.91 -25.01 -26.73
N GLU R 336 23.22 -23.75 -27.06
CA GLU R 336 23.69 -22.79 -26.06
C GLU R 336 22.57 -21.85 -25.67
N ARG R 337 22.40 -21.65 -24.37
CA ARG R 337 21.42 -20.71 -23.82
C ARG R 337 22.14 -19.77 -22.87
N ARG R 338 22.09 -18.48 -23.15
CA ARG R 338 22.82 -17.49 -22.38
C ARG R 338 21.94 -16.28 -22.13
N PHE R 339 22.01 -15.75 -20.90
CA PHE R 339 21.27 -14.55 -20.54
C PHE R 339 22.06 -13.78 -19.50
N ARG R 340 21.54 -12.61 -19.12
CA ARG R 340 22.19 -11.75 -18.15
C ARG R 340 21.16 -11.21 -17.16
N ALA R 341 21.59 -11.02 -15.92
CA ALA R 341 20.78 -10.40 -14.89
C ALA R 341 21.66 -9.41 -14.13
N GLY R 342 21.16 -8.20 -13.90
CA GLY R 342 21.99 -7.22 -13.26
C GLY R 342 21.19 -6.14 -12.58
N ALA R 343 21.91 -5.22 -11.95
CA ALA R 343 21.27 -4.09 -11.28
C ALA R 343 22.25 -2.93 -11.20
N THR R 344 21.71 -1.72 -11.23
CA THR R 344 22.48 -0.51 -11.05
C THR R 344 22.41 -0.09 -9.59
N LEU R 345 23.56 0.17 -8.99
CA LEU R 345 23.58 0.44 -7.56
C LEU R 345 23.96 1.88 -7.28
N PRO R 346 23.41 2.48 -6.22
CA PRO R 346 23.80 3.84 -5.84
C PRO R 346 25.11 3.89 -5.09
N GLY R 347 25.52 2.80 -4.45
CA GLY R 347 26.76 2.76 -3.71
C GLY R 347 27.30 1.35 -3.59
N PRO R 348 28.12 1.11 -2.57
CA PRO R 348 28.67 -0.25 -2.39
C PRO R 348 27.58 -1.24 -2.02
N PHE R 349 27.72 -2.47 -2.52
CA PHE R 349 26.77 -3.53 -2.27
C PHE R 349 27.51 -4.85 -2.19
N ARG R 350 27.18 -5.65 -1.18
CA ARG R 350 27.81 -6.94 -0.97
C ARG R 350 26.84 -8.04 -1.38
N VAL R 351 27.29 -8.92 -2.26
CA VAL R 351 26.49 -10.04 -2.75
C VAL R 351 27.02 -11.30 -2.08
N ASN R 352 26.25 -11.86 -1.15
CA ASN R 352 26.66 -13.06 -0.45
C ASN R 352 26.23 -14.32 -1.18
N ARG R 353 25.03 -14.30 -1.78
CA ARG R 353 24.50 -15.46 -2.48
C ARG R 353 23.87 -15.00 -3.78
N LEU R 354 23.93 -15.87 -4.78
CA LEU R 354 23.24 -15.69 -6.05
C LEU R 354 22.50 -16.98 -6.36
N ARG R 355 21.18 -16.93 -6.34
CA ARG R 355 20.35 -18.11 -6.54
C ARG R 355 19.66 -18.04 -7.89
N LEU R 356 19.65 -19.16 -8.61
CA LEU R 356 18.97 -19.27 -9.90
C LEU R 356 17.80 -20.22 -9.74
N ILE R 357 16.61 -19.66 -9.52
CA ILE R 357 15.39 -20.48 -9.46
C ILE R 357 15.06 -20.85 -10.90
N CYS R 358 15.36 -22.10 -11.26
CA CYS R 358 15.21 -22.56 -12.65
C CYS R 358 14.73 -24.01 -12.70
N GLU R 359 14.84 -24.62 -13.86
CA GLU R 359 14.44 -26.02 -14.06
C GLU R 359 15.62 -26.92 -13.73
N VAL R 360 15.41 -27.86 -12.80
CA VAL R 360 16.47 -28.74 -12.34
C VAL R 360 15.97 -30.17 -12.32
N GLY R 361 16.90 -31.11 -12.45
CA GLY R 361 16.58 -32.52 -12.31
C GLY R 361 15.76 -33.12 -13.43
N THR R 362 15.76 -32.52 -14.62
CA THR R 362 14.98 -33.01 -15.74
C THR R 362 15.89 -33.38 -16.91
N THR R 363 17.01 -34.04 -16.61
CA THR R 363 17.89 -34.43 -17.69
C THR R 363 17.51 -35.81 -18.22
N PRO R 364 17.42 -35.98 -19.53
CA PRO R 364 17.07 -37.30 -20.09
C PRO R 364 18.23 -38.28 -20.12
N ASN R 365 19.43 -37.86 -19.77
CA ASN R 365 20.61 -38.71 -19.81
C ASN R 365 21.00 -39.12 -18.39
N LEU R 366 21.22 -40.41 -18.19
CA LEU R 366 21.64 -40.93 -16.90
C LEU R 366 23.13 -41.22 -16.83
N SER R 367 23.75 -41.57 -17.95
CA SER R 367 25.18 -41.80 -18.02
C SER R 367 25.74 -41.12 -19.25
N GLY R 368 26.92 -40.52 -19.11
CA GLY R 368 27.57 -39.82 -20.20
C GLY R 368 28.05 -38.46 -19.76
N GLU R 369 28.34 -37.61 -20.74
CA GLU R 369 28.85 -36.29 -20.45
C GLU R 369 27.78 -35.38 -19.85
N TYR R 370 26.52 -35.56 -20.23
CA TYR R 370 25.44 -34.69 -19.82
C TYR R 370 24.56 -35.33 -18.74
N ALA R 371 25.12 -36.28 -17.99
CA ALA R 371 24.38 -36.83 -16.85
C ALA R 371 24.15 -35.77 -15.79
N ASP R 372 25.14 -34.90 -15.55
CA ASP R 372 25.02 -33.77 -14.65
C ASP R 372 25.37 -32.51 -15.43
N PRO R 373 24.38 -31.82 -16.00
CA PRO R 373 24.68 -30.66 -16.84
C PRO R 373 25.27 -29.52 -16.02
N VAL R 374 26.13 -28.74 -16.67
CA VAL R 374 26.87 -27.67 -16.02
C VAL R 374 26.40 -26.34 -16.59
N ILE R 375 26.03 -25.41 -15.70
CA ILE R 375 25.69 -24.05 -16.06
C ILE R 375 26.69 -23.12 -15.39
N GLU R 376 27.28 -22.23 -16.17
CA GLU R 376 28.34 -21.35 -15.69
C GLU R 376 27.82 -19.94 -15.52
N MET R 377 28.34 -19.25 -14.51
CA MET R 377 28.01 -17.87 -14.22
C MET R 377 29.29 -17.06 -14.09
N ARG R 378 29.26 -15.83 -14.60
CA ARG R 378 30.41 -14.95 -14.52
C ARG R 378 29.93 -13.55 -14.17
N ALA R 379 30.78 -12.79 -13.49
CA ALA R 379 30.36 -11.52 -12.91
C ALA R 379 31.18 -10.37 -13.46
N SER R 380 30.54 -9.20 -13.54
CA SER R 380 31.20 -7.97 -13.97
C SER R 380 30.72 -6.81 -13.11
N ASP R 381 31.67 -5.95 -12.73
CA ASP R 381 31.38 -4.77 -11.95
C ASP R 381 31.47 -3.48 -12.77
N ASP R 382 31.98 -3.54 -14.00
CA ASP R 382 32.10 -2.37 -14.86
C ASP R 382 31.05 -2.37 -15.96
N ALA R 383 29.82 -2.78 -15.62
CA ALA R 383 28.69 -2.77 -16.56
C ALA R 383 28.95 -3.68 -17.76
N GLY R 384 29.59 -4.81 -17.51
CA GLY R 384 29.77 -5.83 -18.53
C GLY R 384 30.94 -5.64 -19.46
N ASN R 385 31.69 -4.55 -19.33
CA ASN R 385 32.84 -4.34 -20.22
C ASN R 385 33.94 -5.38 -19.97
N THR R 386 34.21 -5.70 -18.71
CA THR R 386 35.20 -6.70 -18.35
C THR R 386 34.60 -7.67 -17.36
N TRP R 387 34.77 -8.96 -17.62
CA TRP R 387 34.14 -10.03 -16.86
C TRP R 387 35.19 -10.84 -16.10
N GLY R 388 34.70 -11.64 -15.15
CA GLY R 388 35.54 -12.56 -14.41
C GLY R 388 35.52 -13.95 -15.02
N ILE R 389 36.15 -14.88 -14.29
CA ILE R 389 36.24 -16.26 -14.76
C ILE R 389 34.88 -16.95 -14.58
N TRP R 390 34.58 -17.89 -15.47
CA TRP R 390 33.35 -18.65 -15.35
C TRP R 390 33.41 -19.59 -14.15
N GLU R 391 32.35 -19.60 -13.36
CA GLU R 391 32.20 -20.53 -12.24
C GLU R 391 30.99 -21.42 -12.51
N GLY R 392 31.19 -22.73 -12.48
CA GLY R 392 30.18 -23.68 -12.92
C GLY R 392 29.49 -24.37 -11.76
N GLU R 393 28.16 -24.48 -11.87
CA GLU R 393 27.32 -25.27 -10.99
C GLU R 393 26.66 -26.37 -11.81
N THR R 394 26.08 -27.34 -11.10
CA THR R 394 25.40 -28.46 -11.72
C THR R 394 23.90 -28.29 -11.54
N LEU R 395 23.15 -28.45 -12.63
CA LEU R 395 21.70 -28.39 -12.56
C LEU R 395 21.10 -29.59 -11.85
N GLY R 396 21.89 -30.61 -11.56
CA GLY R 396 21.40 -31.78 -10.84
C GLY R 396 21.16 -32.95 -11.75
N ALA R 397 21.47 -34.16 -11.27
CA ALA R 397 21.24 -35.35 -12.04
C ALA R 397 19.74 -35.59 -12.21
N GLN R 398 19.40 -36.58 -13.03
CA GLN R 398 18.01 -36.91 -13.27
C GLN R 398 17.33 -37.31 -11.96
N GLY R 399 16.19 -36.67 -11.67
CA GLY R 399 15.42 -36.94 -10.48
C GLY R 399 15.70 -36.00 -9.33
N ASN R 400 16.79 -35.24 -9.37
CA ASN R 400 17.12 -34.30 -8.31
C ASN R 400 16.37 -32.99 -8.53
N TYR R 401 15.07 -33.05 -8.23
CA TYR R 401 14.20 -31.89 -8.44
C TYR R 401 14.38 -30.82 -7.38
N ARG R 402 15.09 -31.10 -6.29
CA ARG R 402 15.27 -30.15 -5.20
C ARG R 402 16.65 -29.50 -5.23
N GLN R 403 17.40 -29.69 -6.31
CA GLN R 403 18.74 -29.11 -6.40
C GLN R 403 18.65 -27.58 -6.45
N ARG R 404 19.56 -26.93 -5.73
CA ARG R 404 19.64 -25.47 -5.67
C ARG R 404 20.83 -25.00 -6.46
N VAL R 405 20.61 -24.02 -7.33
CA VAL R 405 21.67 -23.42 -8.14
C VAL R 405 22.14 -22.17 -7.40
N GLU R 406 23.23 -22.31 -6.66
CA GLU R 406 23.73 -21.28 -5.76
C GLU R 406 25.16 -20.92 -6.10
N TRP R 407 25.47 -19.64 -5.98
CA TRP R 407 26.85 -19.15 -6.04
C TRP R 407 27.13 -18.31 -4.80
N ARG R 408 28.20 -18.64 -4.09
CA ARG R 408 28.50 -17.99 -2.82
C ARG R 408 29.70 -17.07 -2.85
N ALA R 409 30.73 -17.39 -3.64
CA ALA R 409 31.98 -16.64 -3.63
C ALA R 409 31.88 -15.40 -4.51
N LEU R 410 31.03 -14.47 -4.07
CA LEU R 410 30.84 -13.19 -4.74
C LEU R 410 31.21 -12.07 -3.78
N GLY R 411 31.82 -11.02 -4.31
CA GLY R 411 32.39 -9.94 -3.51
C GLY R 411 31.51 -8.71 -3.46
N LEU R 412 32.17 -7.56 -3.38
CA LEU R 412 31.50 -6.26 -3.26
C LEU R 412 31.42 -5.59 -4.62
N PHE R 413 30.29 -4.92 -4.87
CA PHE R 413 30.05 -4.24 -6.13
C PHE R 413 29.79 -2.76 -5.88
N ASP R 414 30.51 -1.90 -6.60
CA ASP R 414 30.49 -0.47 -6.37
C ASP R 414 29.46 0.20 -7.29
N ASP R 415 29.55 1.52 -7.41
CA ASP R 415 28.62 2.43 -8.09
C ASP R 415 28.09 1.94 -9.44
N PRO R 416 28.93 1.58 -10.42
CA PRO R 416 28.39 1.35 -11.78
C PRO R 416 27.37 0.22 -11.85
N GLY R 417 27.36 -0.69 -10.89
CA GLY R 417 26.40 -1.75 -10.84
C GLY R 417 27.04 -3.12 -11.02
N MET R 418 26.19 -4.14 -10.92
CA MET R 418 26.62 -5.52 -11.06
C MET R 418 25.89 -6.16 -12.22
N LEU R 419 26.60 -7.04 -12.95
CA LEU R 419 26.02 -7.75 -14.09
C LEU R 419 26.53 -9.17 -14.09
N PHE R 420 25.62 -10.14 -13.97
CA PHE R 420 25.97 -11.55 -13.96
C PHE R 420 25.46 -12.19 -15.25
N GLU R 421 26.35 -12.86 -15.95
CA GLU R 421 26.01 -13.58 -17.19
C GLU R 421 25.98 -15.07 -16.91
N HIS R 422 24.87 -15.70 -17.28
CA HIS R 422 24.68 -17.13 -17.12
C HIS R 422 24.65 -17.80 -18.50
N ARG R 423 25.33 -18.93 -18.62
CA ARG R 423 25.42 -19.65 -19.88
C ARG R 423 25.43 -21.14 -19.63
N MET R 424 24.58 -21.87 -20.35
CA MET R 424 24.53 -23.32 -20.27
C MET R 424 24.54 -23.88 -21.68
N THR R 425 25.35 -24.91 -21.91
CA THR R 425 25.56 -25.46 -23.25
C THR R 425 25.41 -26.98 -23.23
N ALA R 426 24.34 -27.46 -22.62
CA ALA R 426 24.06 -28.88 -22.69
C ALA R 426 22.73 -29.12 -23.39
N PRO R 427 22.63 -30.16 -24.21
CA PRO R 427 21.38 -30.43 -24.95
C PRO R 427 20.29 -31.00 -24.05
N VAL R 428 19.86 -30.19 -23.08
CA VAL R 428 18.80 -30.56 -22.15
C VAL R 428 17.83 -29.38 -22.04
N SER R 429 16.63 -29.68 -21.54
CA SER R 429 15.63 -28.64 -21.35
C SER R 429 16.09 -27.64 -20.31
N PHE R 430 15.76 -26.36 -20.54
CA PHE R 430 16.18 -25.30 -19.64
C PHE R 430 15.11 -24.24 -19.56
N ARG R 431 14.73 -23.87 -18.35
CA ARG R 431 13.77 -22.81 -18.09
C ARG R 431 14.25 -22.00 -16.90
N VAL R 432 14.18 -20.68 -17.00
CA VAL R 432 14.60 -19.77 -15.95
C VAL R 432 13.36 -19.11 -15.36
N THR R 433 13.17 -19.26 -14.06
CA THR R 433 12.05 -18.64 -13.37
C THR R 433 12.44 -17.31 -12.71
N ALA R 434 13.54 -17.29 -11.96
CA ALA R 434 13.93 -16.06 -11.29
C ALA R 434 15.41 -16.10 -10.94
N VAL R 435 15.96 -14.91 -10.70
CA VAL R 435 17.31 -14.73 -10.18
C VAL R 435 17.20 -13.93 -8.90
N THR R 436 17.80 -14.44 -7.82
CA THR R 436 17.70 -13.83 -6.51
C THR R 436 19.09 -13.56 -5.94
N VAL R 437 19.19 -12.51 -5.14
CA VAL R 437 20.44 -12.13 -4.50
C VAL R 437 20.20 -12.01 -3.00
N ASN R 438 21.09 -12.60 -2.20
CA ASN R 438 21.04 -12.54 -0.74
C ASN R 438 19.70 -13.04 -0.20
N GLY R 439 19.37 -14.28 -0.56
CA GLY R 439 18.14 -14.90 -0.11
C GLY R 439 18.27 -15.50 1.27
N GLU R 440 17.17 -16.10 1.72
CA GLU R 440 17.13 -16.75 3.02
C GLU R 440 17.93 -18.04 3.00
N LEU R 441 18.44 -18.42 4.18
CA LEU R 441 19.36 -19.54 4.30
C LEU R 441 18.69 -20.85 4.68
N GLY R 442 17.37 -20.86 4.85
CA GLY R 442 16.69 -22.05 5.30
C GLY R 442 16.57 -23.11 4.23
N GLY R 443 16.21 -24.31 4.67
CA GLY R 443 16.04 -25.42 3.76
C GLY R 443 15.85 -26.71 4.53
N ARG R 444 15.65 -27.79 3.77
CA ARG R 444 15.47 -29.11 4.37
C ARG R 444 16.02 -30.15 3.39
N SER R 445 17.23 -30.63 3.67
CA SER R 445 17.82 -31.74 2.87
C SER R 445 17.59 -31.74 1.36
N ARG R 446 17.80 -30.60 0.71
CA ARG R 446 17.75 -30.61 -0.75
C ARG R 446 18.82 -31.27 -1.59
N LEU S 3 -32.85 19.06 -50.25
CA LEU S 3 -31.70 19.37 -49.41
C LEU S 3 -30.45 18.71 -49.97
N ARG S 4 -29.43 19.51 -50.23
CA ARG S 4 -28.16 18.99 -50.73
C ARG S 4 -27.49 18.13 -49.67
N LEU S 5 -26.91 17.01 -50.11
CA LEU S 5 -26.20 16.13 -49.19
C LEU S 5 -24.95 16.83 -48.65
N ASP S 6 -24.80 16.82 -47.33
CA ASP S 6 -23.72 17.54 -46.68
C ASP S 6 -22.48 16.67 -46.56
N ARG S 7 -21.33 17.33 -46.46
CA ARG S 7 -20.06 16.64 -46.27
C ARG S 7 -19.83 16.36 -44.78
N LEU S 8 -18.73 15.68 -44.49
CA LEU S 8 -18.33 15.43 -43.12
C LEU S 8 -17.36 16.50 -42.66
N GLN S 9 -17.66 17.13 -41.52
CA GLN S 9 -16.82 18.20 -41.00
C GLN S 9 -15.63 17.63 -40.23
N ARG S 10 -14.48 18.28 -40.39
CA ARG S 10 -13.27 17.81 -39.74
C ARG S 10 -13.36 17.89 -38.22
N GLY S 11 -13.90 19.00 -37.70
CA GLY S 11 -13.93 19.22 -36.27
C GLY S 11 -15.25 18.88 -35.60
N VAL S 12 -16.08 18.09 -36.28
CA VAL S 12 -17.39 17.71 -35.77
C VAL S 12 -17.42 16.19 -35.63
N PRO S 13 -17.78 15.66 -34.46
CA PRO S 13 -17.81 14.20 -34.29
C PRO S 13 -19.14 13.62 -34.77
N ILE S 14 -19.07 12.53 -35.52
CA ILE S 14 -20.25 11.83 -35.99
C ILE S 14 -20.57 10.60 -35.15
N VAL S 15 -19.73 10.29 -34.16
CA VAL S 15 -19.91 9.12 -33.30
C VAL S 15 -19.82 9.59 -31.85
N ASP S 16 -20.66 9.02 -30.99
CA ASP S 16 -20.67 9.38 -29.58
C ASP S 16 -19.54 8.64 -28.87
N GLY S 17 -19.54 8.71 -27.54
CA GLY S 17 -18.49 8.06 -26.77
C GLY S 17 -18.53 6.54 -26.86
N GLN S 18 -19.74 5.97 -26.89
CA GLN S 18 -19.92 4.53 -26.83
C GLN S 18 -20.03 3.89 -28.22
N GLY S 19 -19.87 4.67 -29.29
CA GLY S 19 -19.92 4.14 -30.63
C GLY S 19 -21.22 4.39 -31.38
N ARG S 20 -22.25 4.86 -30.70
CA ARG S 20 -23.52 5.15 -31.37
C ARG S 20 -23.38 6.39 -32.25
N PRO S 21 -24.16 6.46 -33.34
CA PRO S 21 -24.14 7.66 -34.17
C PRO S 21 -25.05 8.74 -33.61
N ASN S 22 -24.61 9.99 -33.73
CA ASN S 22 -25.40 11.10 -33.22
C ASN S 22 -26.55 11.44 -34.16
N THR S 23 -27.34 12.43 -33.77
CA THR S 23 -28.51 12.80 -34.57
C THR S 23 -28.12 13.30 -35.95
N GLN S 24 -27.08 14.12 -36.03
CA GLN S 24 -26.69 14.72 -37.31
C GLN S 24 -26.29 13.65 -38.32
N TYR S 25 -25.41 12.73 -37.91
CA TYR S 25 -24.96 11.69 -38.82
C TYR S 25 -26.08 10.72 -39.16
N GLN S 26 -26.94 10.41 -38.18
CA GLN S 26 -28.07 9.54 -38.44
C GLN S 26 -28.99 10.14 -39.50
N ASN S 27 -29.32 11.43 -39.38
CA ASN S 27 -30.23 12.04 -40.32
C ASN S 27 -29.56 12.24 -41.67
N LEU S 28 -28.25 12.48 -41.69
CA LEU S 28 -27.52 12.59 -42.94
C LEU S 28 -27.52 11.27 -43.70
N TRP S 29 -27.29 10.16 -42.97
CA TRP S 29 -27.40 8.84 -43.59
C TRP S 29 -28.82 8.58 -44.07
N GLN S 30 -29.82 9.05 -43.31
CA GLN S 30 -31.20 8.91 -43.74
C GLN S 30 -31.44 9.64 -45.07
N ARG S 31 -30.92 10.86 -45.20
CA ARG S 31 -31.07 11.59 -46.46
C ARG S 31 -30.36 10.87 -47.60
N THR S 32 -29.15 10.36 -47.35
CA THR S 32 -28.43 9.65 -48.41
C THR S 32 -29.18 8.42 -48.88
N VAL S 33 -29.69 7.63 -47.93
CA VAL S 33 -30.42 6.42 -48.30
C VAL S 33 -31.73 6.76 -49.00
N LYS S 34 -32.41 7.82 -48.54
CA LYS S 34 -33.64 8.25 -49.18
C LYS S 34 -33.38 8.68 -50.62
N ALA S 35 -32.28 9.40 -50.85
CA ALA S 35 -31.90 9.74 -52.21
C ALA S 35 -31.63 8.50 -53.04
N LEU S 36 -30.96 7.51 -52.45
CA LEU S 36 -30.75 6.24 -53.14
C LEU S 36 -32.06 5.63 -53.60
N GLU S 37 -33.01 5.47 -52.68
CA GLU S 37 -34.28 4.84 -53.03
C GLU S 37 -35.05 5.66 -54.06
N ALA S 38 -35.10 6.97 -53.87
CA ALA S 38 -35.86 7.82 -54.80
C ALA S 38 -35.27 7.76 -56.20
N ASP S 39 -33.95 7.82 -56.33
CA ASP S 39 -33.35 7.83 -57.65
C ASP S 39 -33.41 6.44 -58.28
N SER S 40 -33.34 5.38 -57.49
CA SER S 40 -33.55 4.04 -58.03
C SER S 40 -34.97 3.87 -58.55
N ALA S 41 -35.96 4.40 -57.83
CA ALA S 41 -37.33 4.37 -58.32
C ALA S 41 -37.46 5.18 -59.61
N ALA S 42 -36.77 6.32 -59.68
CA ALA S 42 -36.78 7.10 -60.91
C ALA S 42 -36.17 6.33 -62.07
N THR S 43 -35.09 5.60 -61.82
CA THR S 43 -34.49 4.78 -62.87
C THR S 43 -35.43 3.66 -63.32
N ALA S 44 -36.12 3.03 -62.36
CA ALA S 44 -37.10 2.00 -62.72
C ALA S 44 -38.22 2.57 -63.56
N ASP S 45 -38.71 3.76 -63.20
CA ASP S 45 -39.75 4.42 -63.99
C ASP S 45 -39.23 4.76 -65.38
N ILE S 46 -37.97 5.18 -65.48
CA ILE S 46 -37.36 5.45 -66.77
C ILE S 46 -37.34 4.20 -67.63
N LEU S 47 -36.96 3.07 -67.02
CA LEU S 47 -36.94 1.80 -67.76
C LEU S 47 -38.34 1.43 -68.25
N GLN S 48 -39.34 1.58 -67.38
CA GLN S 48 -40.71 1.21 -67.75
C GLN S 48 -41.23 2.09 -68.88
N GLU S 49 -41.09 3.40 -68.73
CA GLU S 49 -41.59 4.31 -69.75
C GLU S 49 -40.79 4.20 -71.04
N LEU S 50 -39.51 3.82 -70.95
CA LEU S 50 -38.71 3.61 -72.15
C LEU S 50 -39.16 2.35 -72.90
N ALA S 51 -39.49 1.29 -72.16
CA ALA S 51 -40.07 0.12 -72.80
C ALA S 51 -41.39 0.47 -73.47
N ASP S 52 -42.21 1.28 -72.81
CA ASP S 52 -43.45 1.75 -73.42
C ASP S 52 -43.17 2.56 -74.68
N GLN S 53 -42.15 3.41 -74.64
CA GLN S 53 -41.77 4.21 -75.80
C GLN S 53 -41.37 3.33 -76.98
N LEU S 54 -40.55 2.32 -76.70
CA LEU S 54 -40.15 1.39 -77.76
C LEU S 54 -41.36 0.67 -78.34
N ALA S 55 -42.26 0.19 -77.47
CA ALA S 55 -43.44 -0.52 -77.96
C ALA S 55 -44.32 0.39 -78.82
N LEU S 56 -44.70 1.54 -78.26
CA LEU S 56 -45.73 2.36 -78.93
C LEU S 56 -45.16 3.22 -80.06
N ILE S 57 -44.10 3.96 -79.78
CA ILE S 57 -43.59 4.91 -80.81
C ILE S 57 -42.98 4.21 -82.02
N VAL S 58 -41.91 3.44 -81.85
CA VAL S 58 -41.35 2.69 -82.99
C VAL S 58 -42.27 1.50 -83.32
N LEU T 3 -31.88 -6.41 -48.97
CA LEU T 3 -32.00 -5.66 -50.22
C LEU T 3 -32.12 -4.17 -49.92
N ARG T 4 -33.13 -3.81 -49.14
CA ARG T 4 -33.38 -2.43 -48.80
C ARG T 4 -32.26 -1.87 -47.93
N LEU T 5 -31.82 -0.65 -48.25
CA LEU T 5 -30.78 0.00 -47.48
C LEU T 5 -31.34 0.44 -46.14
N ASP T 6 -30.73 -0.01 -45.05
CA ASP T 6 -31.22 0.24 -43.71
C ASP T 6 -30.68 1.57 -43.17
N ARG T 7 -31.40 2.12 -42.21
CA ARG T 7 -30.96 3.34 -41.53
C ARG T 7 -30.18 2.99 -40.27
N LEU T 8 -29.54 4.01 -39.70
CA LEU T 8 -28.74 3.81 -38.50
C LEU T 8 -29.62 3.87 -37.25
N GLN T 9 -29.50 2.85 -36.41
CA GLN T 9 -30.28 2.79 -35.19
C GLN T 9 -29.73 3.76 -34.15
N ARG T 10 -30.63 4.23 -33.28
CA ARG T 10 -30.24 5.21 -32.27
C ARG T 10 -29.30 4.62 -31.24
N GLY T 11 -29.63 3.44 -30.71
CA GLY T 11 -28.86 2.81 -29.65
C GLY T 11 -27.89 1.74 -30.09
N VAL T 12 -27.67 1.56 -31.38
CA VAL T 12 -26.77 0.53 -31.91
C VAL T 12 -25.47 1.20 -32.33
N PRO T 13 -24.33 0.78 -31.80
CA PRO T 13 -23.07 1.41 -32.21
C PRO T 13 -22.60 0.88 -33.56
N ILE T 14 -22.21 1.80 -34.44
CA ILE T 14 -21.67 1.45 -35.75
C ILE T 14 -20.16 1.39 -35.75
N VAL T 15 -19.51 1.76 -34.63
CA VAL T 15 -18.06 1.81 -34.53
C VAL T 15 -17.65 1.06 -33.27
N ASP T 16 -16.48 0.43 -33.33
CA ASP T 16 -15.96 -0.32 -32.19
C ASP T 16 -15.24 0.62 -31.24
N GLY T 17 -14.55 0.07 -30.25
CA GLY T 17 -13.85 0.90 -29.28
C GLY T 17 -12.68 1.65 -29.87
N GLN T 18 -11.96 1.03 -30.80
CA GLN T 18 -10.74 1.62 -31.36
C GLN T 18 -10.97 2.38 -32.65
N GLY T 19 -12.22 2.59 -33.04
CA GLY T 19 -12.53 3.32 -34.25
C GLY T 19 -12.82 2.48 -35.47
N ARG T 20 -12.58 1.17 -35.41
CA ARG T 20 -12.86 0.32 -36.56
C ARG T 20 -14.37 0.14 -36.73
N PRO T 21 -14.85 -0.03 -37.95
CA PRO T 21 -16.28 -0.30 -38.15
C PRO T 21 -16.61 -1.76 -37.93
N ASN T 22 -17.78 -2.00 -37.35
CA ASN T 22 -18.20 -3.36 -37.06
C ASN T 22 -18.74 -4.03 -38.32
N THR T 23 -19.16 -5.29 -38.18
CA THR T 23 -19.64 -6.05 -39.34
C THR T 23 -20.89 -5.42 -39.93
N GLN T 24 -21.82 -4.98 -39.08
CA GLN T 24 -23.09 -4.45 -39.57
C GLN T 24 -22.88 -3.21 -40.43
N TYR T 25 -22.11 -2.24 -39.92
CA TYR T 25 -21.89 -1.00 -40.67
C TYR T 25 -21.06 -1.25 -41.92
N GLN T 26 -20.07 -2.15 -41.83
CA GLN T 26 -19.27 -2.48 -43.00
C GLN T 26 -20.13 -3.07 -44.10
N ASN T 27 -21.02 -3.99 -43.76
CA ASN T 27 -21.89 -4.59 -44.76
C ASN T 27 -22.91 -3.59 -45.29
N LEU T 28 -23.40 -2.70 -44.43
CA LEU T 28 -24.32 -1.67 -44.91
C LEU T 28 -23.64 -0.74 -45.92
N TRP T 29 -22.40 -0.35 -45.64
CA TRP T 29 -21.65 0.47 -46.60
C TRP T 29 -21.39 -0.30 -47.88
N GLN T 30 -21.10 -1.60 -47.76
CA GLN T 30 -20.92 -2.43 -48.95
C GLN T 30 -22.18 -2.44 -49.81
N ARG T 31 -23.34 -2.61 -49.17
CA ARG T 31 -24.60 -2.61 -49.90
C ARG T 31 -24.85 -1.27 -50.57
N THR T 32 -24.60 -0.17 -49.86
CA THR T 32 -24.82 1.15 -50.43
C THR T 32 -23.92 1.38 -51.65
N VAL T 33 -22.65 1.01 -51.53
CA VAL T 33 -21.72 1.22 -52.65
C VAL T 33 -22.08 0.33 -53.82
N LYS T 34 -22.51 -0.92 -53.55
CA LYS T 34 -22.93 -1.80 -54.62
C LYS T 34 -24.14 -1.24 -55.34
N ALA T 35 -25.09 -0.67 -54.60
CA ALA T 35 -26.23 -0.01 -55.22
C ALA T 35 -25.77 1.17 -56.08
N LEU T 36 -24.79 1.92 -55.59
CA LEU T 36 -24.23 3.02 -56.38
C LEU T 36 -23.70 2.52 -57.72
N GLU T 37 -22.85 1.49 -57.68
CA GLU T 37 -22.27 0.98 -58.92
C GLU T 37 -23.33 0.43 -59.87
N ALA T 38 -24.29 -0.34 -59.32
CA ALA T 38 -25.33 -0.91 -60.18
C ALA T 38 -26.16 0.18 -60.83
N ASP T 39 -26.53 1.22 -60.07
CA ASP T 39 -27.37 2.28 -60.61
C ASP T 39 -26.59 3.09 -61.63
N SER T 40 -25.29 3.32 -61.39
CA SER T 40 -24.48 4.03 -62.37
C SER T 40 -24.36 3.24 -63.67
N ALA T 41 -24.20 1.92 -63.57
CA ALA T 41 -24.17 1.09 -64.77
C ALA T 41 -25.51 1.16 -65.51
N ALA T 42 -26.62 1.15 -64.76
CA ALA T 42 -27.93 1.29 -65.39
C ALA T 42 -28.07 2.63 -66.10
N THR T 43 -27.57 3.69 -65.49
CA THR T 43 -27.63 5.01 -66.11
C THR T 43 -26.80 5.06 -67.39
N ALA T 44 -25.61 4.45 -67.36
CA ALA T 44 -24.78 4.39 -68.56
C ALA T 44 -25.48 3.61 -69.68
N ASP T 45 -26.11 2.50 -69.32
CA ASP T 45 -26.87 1.73 -70.31
C ASP T 45 -28.03 2.55 -70.87
N ILE T 46 -28.69 3.33 -70.00
CA ILE T 46 -29.78 4.20 -70.46
C ILE T 46 -29.26 5.21 -71.47
N LEU T 47 -28.12 5.83 -71.16
CA LEU T 47 -27.52 6.80 -72.09
C LEU T 47 -27.19 6.15 -73.43
N GLN T 48 -26.57 4.97 -73.39
CA GLN T 48 -26.15 4.31 -74.63
C GLN T 48 -27.37 3.93 -75.47
N GLU T 49 -28.39 3.33 -74.86
CA GLU T 49 -29.54 2.92 -75.65
C GLU T 49 -30.36 4.12 -76.07
N LEU T 50 -30.32 5.23 -75.33
CA LEU T 50 -30.97 6.45 -75.77
C LEU T 50 -30.30 7.01 -77.01
N ALA T 51 -28.97 6.97 -77.05
CA ALA T 51 -28.27 7.36 -78.28
C ALA T 51 -28.66 6.43 -79.43
N ASP T 52 -28.79 5.13 -79.14
CA ASP T 52 -29.25 4.20 -80.17
C ASP T 52 -30.66 4.56 -80.64
N GLN T 53 -31.54 4.87 -79.69
CA GLN T 53 -32.97 5.08 -80.05
C GLN T 53 -33.22 6.53 -80.48
N LEU T 54 -32.38 7.48 -80.04
CA LEU T 54 -32.55 8.86 -80.55
C LEU T 54 -32.49 8.77 -82.07
N ALA T 55 -31.62 7.91 -82.60
CA ALA T 55 -31.52 7.71 -84.06
C ALA T 55 -32.63 6.77 -84.53
N LEU T 56 -33.04 5.79 -83.71
CA LEU T 56 -34.04 4.80 -84.17
C LEU T 56 -35.32 5.49 -84.65
N ILE T 57 -35.96 6.31 -83.82
CA ILE T 57 -37.27 6.93 -84.20
C ILE T 57 -37.07 7.87 -85.39
N VAL T 58 -35.88 8.45 -85.55
CA VAL T 58 -35.67 9.45 -86.64
C VAL T 58 -35.10 8.73 -87.88
N LEU U 3 -11.45 6.74 -58.34
CA LEU U 3 -12.74 6.81 -59.01
C LEU U 3 -13.72 5.83 -58.38
N ARG U 4 -13.33 4.56 -58.31
CA ARG U 4 -14.20 3.54 -57.77
C ARG U 4 -14.42 3.75 -56.28
N LEU U 5 -15.66 3.58 -55.84
CA LEU U 5 -16.02 3.80 -54.43
C LEU U 5 -15.47 2.66 -53.59
N ASP U 6 -14.57 2.99 -52.67
CA ASP U 6 -13.95 1.98 -51.83
C ASP U 6 -14.91 1.51 -50.74
N ARG U 7 -14.55 0.41 -50.10
CA ARG U 7 -15.33 -0.18 -49.02
C ARG U 7 -14.53 -0.11 -47.72
N LEU U 8 -15.25 -0.09 -46.60
CA LEU U 8 -14.62 0.02 -45.30
C LEU U 8 -13.83 -1.23 -44.98
N GLN U 9 -12.64 -1.04 -44.40
CA GLN U 9 -11.77 -2.14 -44.04
C GLN U 9 -12.05 -2.60 -42.62
N ARG U 10 -11.76 -3.87 -42.35
CA ARG U 10 -12.03 -4.43 -41.03
C ARG U 10 -11.09 -3.84 -39.98
N GLY U 11 -9.80 -3.73 -40.30
CA GLY U 11 -8.83 -3.30 -39.31
C GLY U 11 -8.37 -1.86 -39.45
N VAL U 12 -9.10 -1.06 -40.22
CA VAL U 12 -8.76 0.33 -40.45
C VAL U 12 -9.81 1.19 -39.76
N PRO U 13 -9.44 2.03 -38.81
CA PRO U 13 -10.44 2.87 -38.14
C PRO U 13 -10.85 4.05 -38.99
N ILE U 14 -12.16 4.31 -39.03
CA ILE U 14 -12.69 5.45 -39.74
C ILE U 14 -12.98 6.64 -38.83
N VAL U 15 -12.83 6.47 -37.52
CA VAL U 15 -13.14 7.51 -36.54
C VAL U 15 -11.93 7.69 -35.64
N ASP U 16 -11.76 8.91 -35.13
CA ASP U 16 -10.66 9.22 -34.24
C ASP U 16 -11.04 8.89 -32.80
N GLY U 17 -10.20 9.29 -31.85
CA GLY U 17 -10.50 9.05 -30.45
C GLY U 17 -11.70 9.82 -29.95
N GLN U 18 -11.85 11.06 -30.41
CA GLN U 18 -12.89 11.95 -29.91
C GLN U 18 -14.19 11.86 -30.71
N GLY U 19 -14.27 10.98 -31.70
CA GLY U 19 -15.48 10.81 -32.48
C GLY U 19 -15.48 11.48 -33.83
N ARG U 20 -14.47 12.26 -34.15
CA ARG U 20 -14.40 12.92 -35.45
C ARG U 20 -13.94 11.95 -36.52
N PRO U 21 -14.38 12.13 -37.76
CA PRO U 21 -13.91 11.26 -38.85
C PRO U 21 -12.54 11.68 -39.35
N ASN U 22 -11.77 10.69 -39.77
CA ASN U 22 -10.42 10.94 -40.25
C ASN U 22 -10.46 11.39 -41.71
N THR U 23 -9.28 11.64 -42.28
CA THR U 23 -9.20 12.12 -43.66
C THR U 23 -9.74 11.09 -44.64
N GLN U 24 -9.39 9.81 -44.45
CA GLN U 24 -9.78 8.77 -45.39
C GLN U 24 -11.30 8.66 -45.48
N TYR U 25 -11.97 8.53 -44.34
CA TYR U 25 -13.43 8.37 -44.35
C TYR U 25 -14.11 9.63 -44.83
N GLN U 26 -13.60 10.80 -44.44
CA GLN U 26 -14.19 12.05 -44.90
C GLN U 26 -14.13 12.16 -46.42
N ASN U 27 -12.97 11.84 -47.01
CA ASN U 27 -12.84 11.93 -48.45
C ASN U 27 -13.66 10.86 -49.16
N LEU U 28 -13.76 9.66 -48.57
CA LEU U 28 -14.58 8.62 -49.18
C LEU U 28 -16.05 9.01 -49.18
N TRP U 29 -16.52 9.61 -48.09
CA TRP U 29 -17.90 10.09 -48.06
C TRP U 29 -18.09 11.24 -49.05
N GLN U 30 -17.07 12.10 -49.19
CA GLN U 30 -17.12 13.14 -50.20
C GLN U 30 -17.31 12.55 -51.58
N ARG U 31 -16.54 11.52 -51.90
CA ARG U 31 -16.67 10.86 -53.21
C ARG U 31 -18.05 10.25 -53.39
N THR U 32 -18.57 9.59 -52.35
CA THR U 32 -19.87 8.96 -52.46
C THR U 32 -20.97 9.99 -52.70
N VAL U 33 -20.94 11.09 -51.95
CA VAL U 33 -21.97 12.11 -52.10
C VAL U 33 -21.84 12.81 -53.45
N LYS U 34 -20.60 13.04 -53.91
CA LYS U 34 -20.40 13.63 -55.23
C LYS U 34 -20.96 12.71 -56.32
N ALA U 35 -20.76 11.40 -56.18
CA ALA U 35 -21.36 10.46 -57.12
C ALA U 35 -22.88 10.55 -57.06
N LEU U 36 -23.45 10.68 -55.86
CA LEU U 36 -24.89 10.87 -55.73
C LEU U 36 -25.37 12.08 -56.53
N GLU U 37 -24.73 13.23 -56.33
CA GLU U 37 -25.17 14.45 -57.01
C GLU U 37 -25.00 14.35 -58.52
N ALA U 38 -23.86 13.79 -58.98
CA ALA U 38 -23.66 13.63 -60.40
C ALA U 38 -24.69 12.70 -61.02
N ASP U 39 -25.01 11.61 -60.31
CA ASP U 39 -25.99 10.65 -60.81
C ASP U 39 -27.37 11.28 -60.88
N SER U 40 -27.73 12.07 -59.87
CA SER U 40 -29.02 12.76 -59.89
C SER U 40 -29.09 13.77 -61.03
N ALA U 41 -28.00 14.50 -61.27
CA ALA U 41 -27.96 15.43 -62.40
C ALA U 41 -28.11 14.69 -63.72
N ALA U 42 -27.47 13.52 -63.84
CA ALA U 42 -27.62 12.72 -65.05
C ALA U 42 -29.06 12.25 -65.22
N THR U 43 -29.72 11.88 -64.12
CA THR U 43 -31.12 11.47 -64.20
C THR U 43 -32.01 12.63 -64.64
N ALA U 44 -31.76 13.83 -64.12
CA ALA U 44 -32.52 15.00 -64.54
C ALA U 44 -32.31 15.29 -66.03
N ASP U 45 -31.06 15.19 -66.48
CA ASP U 45 -30.79 15.36 -67.90
C ASP U 45 -31.49 14.30 -68.73
N ILE U 46 -31.55 13.07 -68.22
CA ILE U 46 -32.28 12.00 -68.91
C ILE U 46 -33.74 12.36 -69.04
N LEU U 47 -34.35 12.87 -67.97
CA LEU U 47 -35.75 13.27 -68.01
C LEU U 47 -35.98 14.37 -69.04
N GLN U 48 -35.11 15.39 -69.05
CA GLN U 48 -35.27 16.50 -69.99
C GLN U 48 -35.13 16.02 -71.42
N GLU U 49 -34.07 15.26 -71.70
CA GLU U 49 -33.84 14.77 -73.05
C GLU U 49 -34.92 13.80 -73.48
N LEU U 50 -35.51 13.07 -72.53
CA LEU U 50 -36.57 12.12 -72.88
C LEU U 50 -37.87 12.86 -73.22
N ALA U 51 -38.16 13.95 -72.51
CA ALA U 51 -39.28 14.79 -72.89
C ALA U 51 -39.06 15.38 -74.28
N ASP U 52 -37.83 15.84 -74.55
CA ASP U 52 -37.52 16.33 -75.89
C ASP U 52 -37.69 15.24 -76.94
N GLN U 53 -37.28 14.03 -76.62
CA GLN U 53 -37.44 12.89 -77.52
C GLN U 53 -38.91 12.63 -77.81
N LEU U 54 -39.75 12.64 -76.78
CA LEU U 54 -41.18 12.45 -76.98
C LEU U 54 -41.73 13.51 -77.92
N ALA U 55 -41.35 14.78 -77.68
CA ALA U 55 -41.83 15.85 -78.54
C ALA U 55 -41.40 15.64 -79.99
N LEU U 56 -40.13 15.29 -80.20
CA LEU U 56 -39.61 15.21 -81.56
C LEU U 56 -40.22 14.01 -82.30
N ILE U 57 -40.41 12.88 -81.61
CA ILE U 57 -41.01 11.74 -82.30
C ILE U 57 -42.48 12.02 -82.59
N VAL U 58 -43.18 12.67 -81.67
CA VAL U 58 -44.59 13.01 -81.91
C VAL U 58 -44.73 13.95 -83.10
N ALA V 2 23.14 -79.94 6.15
CA ALA V 2 23.79 -78.80 6.77
C ALA V 2 22.89 -78.16 7.81
N ALA V 3 23.08 -76.86 8.04
CA ALA V 3 22.28 -76.10 8.99
C ALA V 3 21.79 -74.84 8.32
N GLN V 4 20.54 -74.47 8.58
CA GLN V 4 19.92 -73.28 8.01
C GLN V 4 19.37 -72.41 9.11
N LEU V 5 19.70 -71.12 9.06
CA LEU V 5 19.14 -70.17 10.02
C LEU V 5 17.64 -70.04 9.82
N PHE V 6 16.90 -70.06 10.93
CA PHE V 6 15.45 -69.98 10.86
C PHE V 6 15.00 -68.55 10.60
N TYR V 7 14.06 -68.39 9.66
CA TYR V 7 13.51 -67.10 9.31
C TYR V 7 12.00 -67.14 9.47
N LEU V 8 11.39 -65.97 9.55
CA LEU V 8 9.95 -65.89 9.71
C LEU V 8 9.26 -66.48 8.49
N PRO V 9 8.20 -67.27 8.66
CA PRO V 9 7.53 -67.90 7.52
C PRO V 9 6.54 -67.01 6.80
N PHE V 10 6.56 -65.70 7.04
CA PHE V 10 5.63 -64.78 6.39
C PHE V 10 6.31 -63.44 6.23
N ARG V 11 5.63 -62.53 5.51
CA ARG V 11 6.14 -61.19 5.24
C ARG V 11 5.19 -60.17 5.83
N PRO V 12 5.40 -59.76 7.08
CA PRO V 12 4.59 -58.67 7.65
C PRO V 12 5.18 -57.32 7.26
N MET V 13 4.42 -56.27 7.53
CA MET V 13 4.92 -54.93 7.31
C MET V 13 5.77 -54.49 8.49
N LEU V 14 6.98 -54.01 8.21
CA LEU V 14 7.93 -53.61 9.23
C LEU V 14 7.83 -52.12 9.46
N ASP V 15 7.97 -51.71 10.73
CA ASP V 15 7.94 -50.31 11.09
C ASP V 15 9.33 -49.70 10.84
N ALA V 16 9.54 -48.49 11.37
CA ALA V 16 10.82 -47.82 11.16
C ALA V 16 11.98 -48.58 11.79
N ASN V 17 11.70 -49.39 12.81
CA ASN V 17 12.73 -50.15 13.51
C ASN V 17 12.77 -51.62 13.08
N ALA V 18 12.09 -51.95 11.97
CA ALA V 18 12.04 -53.32 11.44
C ALA V 18 11.41 -54.29 12.43
N LEU V 19 10.30 -53.88 13.04
CA LEU V 19 9.45 -54.76 13.83
C LEU V 19 8.11 -54.91 13.13
N ALA V 20 7.54 -56.12 13.20
CA ALA V 20 6.26 -56.38 12.57
C ALA V 20 5.16 -55.55 13.22
N VAL V 21 4.34 -54.91 12.40
CA VAL V 21 3.23 -54.09 12.89
C VAL V 21 2.07 -55.01 13.24
N PRO V 22 1.62 -55.03 14.50
CA PRO V 22 0.49 -55.90 14.86
C PRO V 22 -0.84 -55.22 14.67
N GLY V 23 -1.79 -55.96 14.10
CA GLY V 23 -3.11 -55.42 13.86
C GLY V 23 -3.17 -54.40 12.74
N ALA V 24 -2.22 -54.42 11.82
CA ALA V 24 -2.22 -53.47 10.71
C ALA V 24 -3.44 -53.70 9.83
N LYS V 25 -4.02 -52.61 9.35
CA LYS V 25 -5.25 -52.65 8.56
C LYS V 25 -4.92 -52.31 7.11
N LEU V 26 -5.23 -53.23 6.20
CA LEU V 26 -5.05 -53.01 4.77
C LEU V 26 -6.40 -52.70 4.15
N TYR V 27 -6.47 -51.57 3.45
CA TYR V 27 -7.67 -51.14 2.75
C TYR V 27 -7.45 -51.28 1.25
N PHE V 28 -8.40 -51.90 0.56
CA PHE V 28 -8.35 -52.07 -0.88
C PHE V 28 -9.44 -51.21 -1.49
N TYR V 29 -9.04 -50.14 -2.17
CA TYR V 29 -9.96 -49.19 -2.79
C TYR V 29 -9.87 -49.30 -4.30
N ALA V 30 -10.81 -48.63 -4.97
CA ALA V 30 -10.66 -48.38 -6.39
C ALA V 30 -9.55 -47.36 -6.61
N THR V 31 -8.82 -47.52 -7.72
CA THR V 31 -7.66 -46.69 -7.98
C THR V 31 -8.04 -45.21 -8.04
N GLY V 32 -7.29 -44.38 -7.33
CA GLY V 32 -7.55 -42.96 -7.32
C GLY V 32 -8.75 -42.54 -6.51
N THR V 33 -9.47 -43.48 -5.91
CA THR V 33 -10.66 -43.21 -5.13
C THR V 33 -10.56 -43.88 -3.77
N THR V 34 -11.51 -43.56 -2.90
CA THR V 34 -11.62 -44.20 -1.58
C THR V 34 -12.81 -45.14 -1.50
N THR V 35 -13.37 -45.54 -2.65
CA THR V 35 -14.51 -46.43 -2.68
C THR V 35 -14.07 -47.85 -2.30
N LYS V 36 -14.83 -48.47 -1.41
CA LYS V 36 -14.50 -49.80 -0.94
C LYS V 36 -14.62 -50.82 -2.07
N GLN V 37 -13.61 -51.66 -2.23
CA GLN V 37 -13.65 -52.72 -3.23
C GLN V 37 -13.48 -54.08 -2.57
N PRO V 38 -14.22 -55.09 -3.03
CA PRO V 38 -14.23 -56.38 -2.33
C PRO V 38 -12.94 -57.17 -2.53
N VAL V 39 -12.64 -58.00 -1.53
CA VAL V 39 -11.54 -58.94 -1.58
C VAL V 39 -12.06 -60.31 -1.18
N TYR V 40 -11.37 -61.35 -1.64
CA TYR V 40 -11.87 -62.71 -1.54
C TYR V 40 -10.84 -63.62 -0.88
N THR V 41 -11.35 -64.60 -0.12
CA THR V 41 -10.48 -65.51 0.62
C THR V 41 -9.77 -66.48 -0.31
N SER V 42 -10.49 -67.07 -1.25
CA SER V 42 -9.94 -68.10 -2.13
C SER V 42 -10.05 -67.65 -3.57
N SER V 43 -9.42 -68.42 -4.46
CA SER V 43 -9.43 -68.12 -5.88
C SER V 43 -10.82 -68.25 -6.51
N ALA V 44 -11.74 -68.93 -5.85
CA ALA V 44 -13.10 -69.04 -6.36
C ALA V 44 -13.85 -67.72 -6.33
N LEU V 45 -13.35 -66.73 -5.58
CA LEU V 45 -13.95 -65.39 -5.50
C LEU V 45 -15.41 -65.47 -5.06
N THR V 46 -15.66 -66.29 -4.03
CA THR V 46 -17.00 -66.44 -3.48
C THR V 46 -17.11 -65.85 -2.08
N THR V 47 -16.25 -66.27 -1.16
CA THR V 47 -16.27 -65.72 0.20
C THR V 47 -15.51 -64.41 0.23
N GLN V 48 -16.13 -63.39 0.81
CA GLN V 48 -15.57 -62.04 0.82
C GLN V 48 -14.90 -61.76 2.16
N LEU V 49 -13.62 -61.42 2.12
CA LEU V 49 -12.94 -60.95 3.31
C LEU V 49 -13.44 -59.54 3.66
N PRO V 50 -13.42 -59.18 4.95
CA PRO V 50 -13.69 -57.79 5.31
C PRO V 50 -12.59 -56.89 4.76
N ASN V 51 -12.98 -55.93 3.92
CA ASN V 51 -11.98 -55.17 3.17
C ASN V 51 -10.95 -54.49 4.07
N PRO V 52 -11.30 -53.86 5.19
CA PRO V 52 -10.24 -53.46 6.13
C PRO V 52 -9.60 -54.68 6.77
N VAL V 53 -8.75 -55.37 6.00
CA VAL V 53 -8.16 -56.63 6.45
C VAL V 53 -7.25 -56.37 7.63
N VAL V 54 -7.47 -57.09 8.72
CA VAL V 54 -6.77 -56.87 9.98
C VAL V 54 -5.82 -58.04 10.21
N ALA V 55 -4.54 -57.72 10.43
CA ALA V 55 -3.57 -58.74 10.74
C ALA V 55 -3.68 -59.14 12.21
N ASN V 56 -3.11 -60.31 12.52
CA ASN V 56 -3.16 -60.84 13.88
C ASN V 56 -2.12 -60.12 14.74
N ALA V 57 -1.92 -60.60 15.97
CA ALA V 57 -0.96 -59.98 16.86
C ALA V 57 0.47 -60.13 16.39
N ALA V 58 0.74 -61.07 15.50
CA ALA V 58 2.08 -61.30 14.98
C ALA V 58 2.33 -60.56 13.67
N GLY V 59 1.38 -59.78 13.19
CA GLY V 59 1.54 -59.08 11.92
C GLY V 59 1.28 -59.91 10.70
N LYS V 60 0.89 -61.17 10.85
CA LYS V 60 0.61 -62.04 9.71
C LYS V 60 -0.70 -61.64 9.05
N PHE V 61 -0.69 -61.55 7.72
CA PHE V 61 -1.89 -61.29 6.95
C PHE V 61 -2.43 -62.59 6.38
N PRO V 62 -3.75 -62.72 6.26
CA PRO V 62 -4.32 -63.91 5.63
C PRO V 62 -4.18 -63.85 4.11
N ALA V 63 -4.45 -64.99 3.47
CA ALA V 63 -4.38 -65.06 2.02
C ALA V 63 -5.44 -64.17 1.40
N ILE V 64 -5.00 -63.14 0.68
CA ILE V 64 -5.88 -62.15 0.08
C ILE V 64 -5.84 -62.34 -1.43
N TYR V 65 -7.02 -62.52 -2.03
CA TYR V 65 -7.17 -62.71 -3.46
C TYR V 65 -7.94 -61.55 -4.04
N LEU V 66 -7.42 -60.99 -5.12
CA LEU V 66 -7.99 -59.81 -5.75
C LEU V 66 -8.58 -60.18 -7.12
N ASN V 67 -9.69 -59.54 -7.46
CA ASN V 67 -10.31 -59.74 -8.76
C ASN V 67 -9.43 -59.09 -9.82
N ASP V 68 -8.85 -59.92 -10.70
CA ASP V 68 -7.92 -59.41 -11.71
C ASP V 68 -8.63 -58.50 -12.72
N ALA V 69 -9.95 -58.63 -12.86
CA ALA V 69 -10.68 -57.76 -13.77
C ALA V 69 -10.77 -56.32 -13.28
N LEU V 70 -10.43 -56.07 -12.01
CA LEU V 70 -10.45 -54.75 -11.43
C LEU V 70 -9.04 -54.34 -11.02
N THR V 71 -8.75 -53.05 -11.10
CA THR V 71 -7.49 -52.49 -10.65
C THR V 71 -7.67 -51.91 -9.26
N TYR V 72 -6.65 -52.04 -8.42
CA TYR V 72 -6.77 -51.82 -6.98
C TYR V 72 -5.82 -50.75 -6.50
N ARG V 73 -6.15 -50.18 -5.34
CA ARG V 73 -5.31 -49.27 -4.59
C ARG V 73 -5.17 -49.80 -3.18
N CYS V 74 -3.93 -49.96 -2.72
CA CYS V 74 -3.67 -50.53 -1.40
C CYS V 74 -3.23 -49.44 -0.44
N TYR V 75 -3.92 -49.33 0.69
CA TYR V 75 -3.66 -48.30 1.69
C TYR V 75 -3.49 -49.00 3.03
N ILE V 76 -2.27 -49.04 3.54
CA ILE V 76 -2.01 -49.75 4.79
C ILE V 76 -1.95 -48.75 5.92
N GLU V 77 -2.40 -49.19 7.10
CA GLU V 77 -2.48 -48.34 8.28
C GLU V 77 -2.06 -49.14 9.50
N ASP V 78 -1.54 -48.43 10.50
CA ASP V 78 -1.24 -49.04 11.78
C ASP V 78 -2.56 -49.25 12.53
N ALA V 79 -2.53 -50.14 13.52
CA ALA V 79 -3.76 -50.56 14.19
C ALA V 79 -4.53 -49.39 14.78
N ASP V 80 -3.84 -48.35 15.25
CA ASP V 80 -4.50 -47.20 15.84
C ASP V 80 -4.96 -46.18 14.80
N GLY V 81 -4.58 -46.35 13.53
CA GLY V 81 -4.98 -45.44 12.48
C GLY V 81 -3.86 -44.69 11.82
N ASN V 82 -2.61 -44.89 12.24
CA ASN V 82 -1.48 -44.22 11.60
C ASN V 82 -1.36 -44.66 10.15
N GLU V 83 -1.17 -43.69 9.26
CA GLU V 83 -1.08 -43.95 7.83
C GLU V 83 0.35 -44.34 7.49
N LEU V 84 0.56 -45.61 7.17
CA LEU V 84 1.91 -46.14 6.95
C LEU V 84 2.36 -45.99 5.50
N ALA V 85 1.62 -46.58 4.57
CA ALA V 85 2.03 -46.57 3.17
C ALA V 85 0.81 -46.68 2.27
N ASP V 86 1.01 -46.32 1.00
CA ASP V 86 -0.07 -46.29 0.03
C ASP V 86 0.52 -46.51 -1.36
N SER V 87 -0.20 -47.28 -2.17
CA SER V 87 0.12 -47.42 -3.59
C SER V 87 -1.20 -47.34 -4.36
N ASP V 88 -1.34 -46.30 -5.19
CA ASP V 88 -2.61 -46.09 -5.88
C ASP V 88 -2.80 -47.08 -7.02
N PRO V 89 -1.91 -47.15 -8.03
CA PRO V 89 -1.99 -48.28 -8.97
C PRO V 89 -1.24 -49.48 -8.41
N TYR V 90 -1.99 -50.50 -7.98
CA TYR V 90 -1.38 -51.72 -7.47
C TYR V 90 -1.26 -52.71 -8.61
N LEU V 91 -0.04 -52.85 -9.13
CA LEU V 91 0.24 -53.76 -10.24
C LEU V 91 0.88 -55.02 -9.65
N ALA V 92 0.12 -56.11 -9.62
CA ALA V 92 0.63 -57.38 -9.11
C ALA V 92 1.57 -57.97 -10.15
N SER V 93 2.78 -57.41 -10.20
CA SER V 93 3.79 -57.78 -11.17
C SER V 93 4.62 -58.98 -10.73
N ILE V 94 4.10 -59.80 -9.82
CA ILE V 94 4.79 -60.99 -9.36
C ILE V 94 4.21 -62.18 -10.11
N ALA V 95 5.06 -62.92 -10.81
CA ALA V 95 4.61 -64.07 -11.57
C ALA V 95 4.53 -65.30 -10.68
N ASP V 96 3.42 -66.03 -10.77
CA ASP V 96 3.18 -67.18 -9.92
C ASP V 96 2.61 -68.36 -10.70
N GLU V 97 2.94 -68.45 -11.99
CA GLU V 97 2.47 -69.55 -12.83
C GLU V 97 3.51 -70.66 -12.90
N LEU V 98 3.06 -71.83 -13.34
CA LEU V 98 3.97 -72.97 -13.49
C LEU V 98 4.87 -72.79 -14.71
N THR V 99 6.05 -72.22 -14.49
CA THR V 99 7.05 -72.19 -15.55
C THR V 99 7.60 -73.59 -15.78
N ASP V 100 8.15 -73.83 -16.97
CA ASP V 100 8.52 -75.19 -17.33
C ASP V 100 9.67 -75.74 -16.50
N GLU V 101 10.42 -74.90 -15.79
CA GLU V 101 11.42 -75.42 -14.85
C GLU V 101 10.74 -76.18 -13.72
N LEU V 102 9.72 -75.56 -13.11
CA LEU V 102 9.00 -76.24 -12.04
C LEU V 102 8.29 -77.48 -12.55
N GLN V 103 7.72 -77.40 -13.76
CA GLN V 103 7.04 -78.55 -14.33
C GLN V 103 8.00 -79.71 -14.57
N ASP V 104 9.18 -79.43 -15.13
CA ASP V 104 10.13 -80.51 -15.37
C ASP V 104 10.68 -81.05 -14.05
N VAL V 105 10.83 -80.18 -13.05
CA VAL V 105 11.30 -80.65 -11.73
C VAL V 105 10.30 -81.62 -11.13
N VAL V 106 9.01 -81.27 -11.15
CA VAL V 106 8.02 -82.14 -10.54
C VAL V 106 7.86 -83.42 -11.36
N ASP V 107 7.96 -83.32 -12.69
CA ASP V 107 7.90 -84.52 -13.52
C ASP V 107 9.07 -85.46 -13.23
N ALA V 108 10.27 -84.90 -13.07
CA ALA V 108 11.43 -85.73 -12.73
C ALA V 108 11.26 -86.37 -11.36
N VAL V 109 10.73 -85.61 -10.40
CA VAL V 109 10.47 -86.16 -9.06
C VAL V 109 9.49 -87.32 -9.15
N GLU V 110 8.42 -87.15 -9.92
CA GLU V 110 7.43 -88.22 -10.06
C GLU V 110 8.04 -89.44 -10.73
N ALA V 111 8.82 -89.24 -11.80
CA ALA V 111 9.41 -90.36 -12.50
C ALA V 111 10.39 -91.12 -11.61
N ASP V 112 11.20 -90.39 -10.84
CA ASP V 112 12.12 -91.04 -9.93
C ASP V 112 11.36 -91.76 -8.81
N ARG V 113 10.22 -91.22 -8.39
CA ARG V 113 9.41 -91.91 -7.39
C ARG V 113 8.91 -93.25 -7.92
N VAL V 114 8.42 -93.26 -9.16
CA VAL V 114 7.97 -94.52 -9.75
C VAL V 114 9.14 -95.48 -9.93
N ALA V 115 10.32 -94.95 -10.30
CA ALA V 115 11.50 -95.80 -10.44
C ALA V 115 11.87 -96.45 -9.11
N ALA V 116 11.86 -95.66 -8.04
CA ALA V 116 12.17 -96.20 -6.72
C ALA V 116 11.14 -97.23 -6.29
N ALA V 117 9.86 -96.97 -6.56
CA ALA V 117 8.81 -97.91 -6.17
C ALA V 117 8.97 -99.24 -6.91
N ASN V 118 9.19 -99.18 -8.23
CA ASN V 118 9.32 -100.43 -8.98
C ASN V 118 10.61 -101.16 -8.62
N SER V 119 11.68 -100.42 -8.32
CA SER V 119 12.91 -101.07 -7.86
C SER V 119 12.68 -101.77 -6.52
N ALA V 120 11.93 -101.14 -5.62
CA ALA V 120 11.63 -101.76 -4.34
C ALA V 120 10.81 -103.03 -4.52
N THR V 121 9.80 -102.97 -5.39
CA THR V 121 9.00 -104.17 -5.65
C THR V 121 9.83 -105.27 -6.28
N ALA V 122 10.71 -104.93 -7.22
CA ALA V 122 11.57 -105.92 -7.84
C ALA V 122 12.51 -106.55 -6.82
N ALA V 123 13.07 -105.74 -5.92
CA ALA V 123 13.94 -106.29 -4.88
C ALA V 123 13.15 -107.21 -3.96
N ALA V 124 11.92 -106.83 -3.60
CA ALA V 124 11.11 -107.68 -2.73
C ALA V 124 10.81 -109.02 -3.41
N THR V 125 10.48 -108.99 -4.70
CA THR V 125 10.20 -110.24 -5.40
C THR V 125 11.45 -111.10 -5.56
N SER V 126 12.59 -110.47 -5.84
CA SER V 126 13.82 -111.23 -6.11
C SER V 126 14.51 -111.69 -4.84
N ALA V 127 14.14 -111.14 -3.67
CA ALA V 127 14.74 -111.51 -2.41
C ALA V 127 13.90 -112.49 -1.61
N ALA V 128 12.60 -112.22 -1.47
CA ALA V 128 11.71 -113.09 -0.72
C ALA V 128 11.18 -114.21 -1.59
N ALA W 1 4.11 -50.98 -20.86
CA ALA W 1 3.29 -50.79 -19.67
C ALA W 1 4.13 -50.37 -18.48
N ALA W 2 3.59 -50.56 -17.27
CA ALA W 2 4.27 -50.21 -16.04
C ALA W 2 4.40 -51.44 -15.16
N GLN W 3 5.56 -51.59 -14.53
CA GLN W 3 5.84 -52.69 -13.63
C GLN W 3 6.14 -52.16 -12.24
N LEU W 4 5.43 -52.68 -11.25
CA LEU W 4 5.66 -52.28 -9.86
C LEU W 4 6.87 -53.04 -9.32
N PHE W 5 7.87 -52.32 -8.84
CA PHE W 5 9.10 -52.94 -8.37
C PHE W 5 8.88 -53.59 -7.02
N TYR W 6 9.17 -54.88 -6.93
CA TYR W 6 9.14 -55.63 -5.68
C TYR W 6 10.56 -55.98 -5.29
N LEU W 7 10.90 -55.75 -4.02
CA LEU W 7 12.24 -56.04 -3.55
C LEU W 7 12.47 -57.55 -3.62
N PRO W 8 13.48 -58.02 -4.35
CA PRO W 8 13.66 -59.46 -4.55
C PRO W 8 14.47 -60.17 -3.49
N PHE W 9 14.88 -59.48 -2.43
CA PHE W 9 15.73 -60.06 -1.40
C PHE W 9 14.88 -60.44 -0.20
N ARG W 10 14.92 -61.73 0.15
CA ARG W 10 14.14 -62.22 1.32
C ARG W 10 14.67 -61.51 2.57
N PRO W 11 13.81 -60.93 3.43
CA PRO W 11 14.27 -60.30 4.67
C PRO W 11 14.80 -61.33 5.65
N MET W 12 15.80 -60.93 6.43
CA MET W 12 16.46 -61.84 7.36
C MET W 12 15.78 -61.80 8.72
N LEU W 13 14.46 -61.94 8.73
CA LEU W 13 13.67 -61.72 9.94
C LEU W 13 13.65 -62.97 10.81
N ASP W 14 14.18 -62.86 12.02
CA ASP W 14 14.13 -63.94 13.00
C ASP W 14 12.95 -63.70 13.95
N ALA W 15 12.91 -64.47 15.04
CA ALA W 15 11.79 -64.40 15.97
C ALA W 15 11.69 -63.05 16.67
N ASN W 16 12.80 -62.29 16.78
CA ASN W 16 12.76 -61.02 17.47
C ASN W 16 11.83 -60.03 16.79
N ALA W 17 11.64 -60.16 15.48
CA ALA W 17 10.73 -59.28 14.77
C ALA W 17 9.26 -59.57 15.09
N LEU W 18 8.98 -60.67 15.80
CA LEU W 18 7.59 -61.00 16.11
C LEU W 18 6.95 -59.97 17.02
N ALA W 19 7.74 -59.30 17.86
CA ALA W 19 7.27 -58.30 18.81
C ALA W 19 6.27 -58.88 19.81
N VAL W 20 6.25 -60.19 19.97
CA VAL W 20 5.38 -60.87 20.92
C VAL W 20 6.26 -61.65 21.89
N PRO W 21 6.49 -61.13 23.09
CA PRO W 21 7.37 -61.82 24.03
C PRO W 21 6.81 -63.15 24.54
N GLY W 22 5.49 -63.33 24.51
CA GLY W 22 4.88 -64.56 24.98
C GLY W 22 4.71 -65.63 23.94
N ALA W 23 5.25 -65.45 22.73
CA ALA W 23 5.06 -66.41 21.65
C ALA W 23 5.91 -67.66 21.88
N LYS W 24 5.40 -68.78 21.40
CA LYS W 24 6.10 -70.06 21.43
C LYS W 24 6.28 -70.55 20.00
N LEU W 25 7.49 -71.00 19.69
CA LEU W 25 7.83 -71.45 18.33
C LEU W 25 8.01 -72.96 18.36
N TYR W 26 6.94 -73.68 18.02
CA TYR W 26 6.98 -75.13 17.95
C TYR W 26 7.43 -75.57 16.56
N PHE W 27 8.29 -76.59 16.53
CA PHE W 27 8.83 -77.14 15.30
C PHE W 27 8.49 -78.63 15.27
N TYR W 28 7.40 -78.97 14.59
CA TYR W 28 6.96 -80.36 14.50
C TYR W 28 7.45 -80.97 13.20
N ALA W 29 7.08 -82.24 12.98
CA ALA W 29 7.34 -82.88 11.70
C ALA W 29 6.30 -82.43 10.68
N THR W 30 6.63 -82.62 9.41
CA THR W 30 5.76 -82.18 8.32
C THR W 30 4.54 -83.08 8.24
N GLY W 31 3.40 -82.57 8.73
CA GLY W 31 2.13 -83.26 8.65
C GLY W 31 1.60 -83.74 9.99
N THR W 32 2.49 -84.04 10.93
CA THR W 32 2.12 -84.56 12.23
C THR W 32 2.65 -83.64 13.33
N THR W 33 2.32 -83.99 14.57
CA THR W 33 2.69 -83.18 15.72
C THR W 33 3.90 -83.73 16.47
N THR W 34 4.58 -84.73 15.91
CA THR W 34 5.80 -85.23 16.54
C THR W 34 6.84 -84.13 16.60
N LYS W 35 7.49 -84.00 17.75
CA LYS W 35 8.32 -82.84 18.04
C LYS W 35 9.74 -83.07 17.55
N GLN W 36 10.27 -82.12 16.73
CA GLN W 36 11.58 -82.28 16.12
C GLN W 36 12.63 -81.47 16.87
N PRO W 37 13.89 -81.92 16.85
CA PRO W 37 14.94 -81.17 17.54
C PRO W 37 15.25 -79.85 16.89
N VAL W 38 15.71 -78.90 17.70
CA VAL W 38 16.12 -77.57 17.26
C VAL W 38 17.47 -77.26 17.91
N TYR W 39 18.42 -76.79 17.11
CA TYR W 39 19.78 -76.61 17.55
C TYR W 39 20.12 -75.13 17.69
N THR W 40 21.24 -74.86 18.34
CA THR W 40 21.66 -73.50 18.67
C THR W 40 22.43 -72.83 17.54
N SER W 41 23.49 -73.47 17.06
CA SER W 41 24.38 -72.89 16.05
C SER W 41 24.44 -73.81 14.83
N SER W 42 25.25 -73.41 13.86
CA SER W 42 25.39 -74.16 12.62
C SER W 42 26.09 -75.50 12.83
N ALA W 43 26.76 -75.71 13.97
CA ALA W 43 27.42 -76.96 14.23
C ALA W 43 26.44 -78.10 14.53
N LEU W 44 25.20 -77.77 14.86
CA LEU W 44 24.15 -78.76 15.15
C LEU W 44 24.58 -79.71 16.25
N THR W 45 25.09 -79.14 17.35
CA THR W 45 25.55 -79.91 18.49
C THR W 45 24.71 -79.70 19.75
N THR W 46 24.40 -78.46 20.10
CA THR W 46 23.63 -78.15 21.30
C THR W 46 22.16 -77.96 20.93
N GLN W 47 21.28 -78.61 21.69
CA GLN W 47 19.85 -78.58 21.40
C GLN W 47 19.15 -77.50 22.21
N LEU W 48 18.39 -76.67 21.51
CA LEU W 48 17.53 -75.67 22.14
C LEU W 48 16.26 -76.33 22.68
N PRO W 49 15.63 -75.75 23.70
CA PRO W 49 14.31 -76.23 24.11
C PRO W 49 13.31 -75.99 23.00
N ASN W 50 12.78 -77.07 22.42
CA ASN W 50 11.92 -76.93 21.25
C ASN W 50 10.72 -76.01 21.45
N PRO W 51 10.02 -76.01 22.60
CA PRO W 51 9.07 -74.92 22.84
C PRO W 51 9.80 -73.62 23.08
N VAL W 52 10.30 -73.02 22.00
CA VAL W 52 11.23 -71.89 22.10
C VAL W 52 10.50 -70.69 22.68
N VAL W 53 11.03 -70.14 23.78
CA VAL W 53 10.51 -68.93 24.40
C VAL W 53 11.67 -67.97 24.60
N ALA W 54 11.33 -66.69 24.79
CA ALA W 54 12.34 -65.68 25.04
C ALA W 54 12.89 -65.83 26.45
N ASN W 55 14.06 -65.22 26.67
CA ASN W 55 14.72 -65.25 27.96
C ASN W 55 14.05 -64.27 28.91
N ALA W 56 14.66 -64.06 30.08
CA ALA W 56 14.07 -63.13 31.06
C ALA W 56 14.04 -61.70 30.53
N ALA W 57 14.93 -61.36 29.61
CA ALA W 57 14.94 -60.03 29.01
C ALA W 57 13.99 -59.90 27.82
N GLY W 58 13.31 -60.97 27.44
CA GLY W 58 12.42 -60.92 26.30
C GLY W 58 13.08 -61.01 24.96
N LYS W 59 14.26 -61.62 24.87
CA LYS W 59 14.99 -61.74 23.62
C LYS W 59 15.00 -63.21 23.19
N PHE W 60 14.59 -63.45 21.95
CA PHE W 60 14.58 -64.79 21.40
C PHE W 60 15.99 -65.19 20.94
N PRO W 61 16.40 -66.44 21.17
CA PRO W 61 17.71 -66.88 20.72
C PRO W 61 17.72 -67.22 19.25
N ALA W 62 18.93 -67.37 18.70
CA ALA W 62 19.08 -67.77 17.31
C ALA W 62 18.63 -69.22 17.15
N ILE W 63 17.88 -69.49 16.09
CA ILE W 63 17.31 -70.80 15.83
C ILE W 63 17.91 -71.34 14.54
N TYR W 64 18.57 -72.48 14.62
CA TYR W 64 19.17 -73.13 13.48
C TYR W 64 18.47 -74.45 13.21
N LEU W 65 18.02 -74.63 11.96
CA LEU W 65 17.35 -75.85 11.53
C LEU W 65 18.22 -76.57 10.52
N ASN W 66 18.34 -77.88 10.66
CA ASN W 66 19.07 -78.69 9.70
C ASN W 66 18.16 -79.01 8.51
N ASP W 67 18.70 -78.87 7.31
CA ASP W 67 17.89 -79.06 6.11
C ASP W 67 17.67 -80.53 5.78
N ALA W 68 18.28 -81.45 6.51
CA ALA W 68 18.11 -82.88 6.21
C ALA W 68 16.66 -83.32 6.33
N LEU W 69 15.97 -82.91 7.40
CA LEU W 69 14.56 -83.19 7.56
C LEU W 69 13.73 -81.94 7.28
N THR W 70 12.44 -82.15 7.03
CA THR W 70 11.51 -81.08 6.72
C THR W 70 10.70 -80.76 7.97
N TYR W 71 10.67 -79.50 8.36
CA TYR W 71 10.00 -79.06 9.58
C TYR W 71 8.62 -78.49 9.27
N ARG W 72 7.82 -78.38 10.33
CA ARG W 72 6.54 -77.69 10.29
C ARG W 72 6.56 -76.64 11.39
N CYS W 73 6.36 -75.38 11.00
CA CYS W 73 6.46 -74.27 11.93
C CYS W 73 5.09 -73.94 12.50
N TYR W 74 5.05 -73.72 13.81
CA TYR W 74 3.80 -73.44 14.51
C TYR W 74 4.07 -72.32 15.51
N ILE W 75 3.28 -71.25 15.44
CA ILE W 75 3.45 -70.11 16.33
C ILE W 75 2.28 -70.07 17.29
N GLU W 76 2.57 -70.06 18.58
CA GLU W 76 1.56 -70.12 19.63
C GLU W 76 1.55 -68.81 20.39
N ASP W 77 0.36 -68.24 20.56
CA ASP W 77 0.24 -67.03 21.38
C ASP W 77 0.27 -67.40 22.86
N ALA W 78 0.62 -66.42 23.68
CA ALA W 78 0.68 -66.63 25.12
C ALA W 78 -0.69 -66.97 25.70
N ASP W 79 -1.78 -66.53 25.07
CA ASP W 79 -3.13 -66.79 25.54
C ASP W 79 -3.74 -68.05 24.94
N GLY W 80 -3.01 -68.75 24.08
CA GLY W 80 -3.52 -69.94 23.44
C GLY W 80 -4.08 -69.76 22.05
N ASN W 81 -3.60 -68.77 21.30
CA ASN W 81 -4.13 -68.45 19.98
C ASN W 81 -3.14 -68.83 18.90
N GLU W 82 -3.65 -69.22 17.74
CA GLU W 82 -2.83 -69.55 16.59
C GLU W 82 -2.48 -68.28 15.81
N LEU W 83 -1.21 -68.14 15.46
CA LEU W 83 -0.73 -66.94 14.76
C LEU W 83 -0.11 -67.23 13.41
N ALA W 84 0.72 -68.26 13.28
CA ALA W 84 1.41 -68.53 12.02
C ALA W 84 1.71 -70.01 11.93
N ASP W 85 1.15 -70.68 10.91
CA ASP W 85 1.35 -72.10 10.70
C ASP W 85 1.91 -72.31 9.30
N SER W 86 2.99 -73.10 9.22
CA SER W 86 3.61 -73.45 7.95
C SER W 86 3.80 -74.95 7.92
N ASP W 87 3.05 -75.64 7.05
CA ASP W 87 3.13 -77.12 7.00
C ASP W 87 4.54 -77.50 6.54
N PRO W 88 4.99 -77.16 5.30
CA PRO W 88 6.38 -77.38 4.91
C PRO W 88 7.13 -76.05 5.09
N TYR W 89 8.17 -76.00 5.92
CA TYR W 89 8.82 -74.71 6.07
C TYR W 89 9.81 -74.52 4.92
N LEU W 90 9.49 -73.60 4.01
CA LEU W 90 10.38 -73.23 2.92
C LEU W 90 11.26 -72.09 3.41
N ALA W 91 12.56 -72.16 3.09
CA ALA W 91 13.53 -71.28 3.71
C ALA W 91 13.44 -69.85 3.15
N SER W 92 13.72 -69.67 1.86
CA SER W 92 13.90 -68.34 1.29
C SER W 92 12.66 -67.83 0.56
N ILE W 93 11.47 -68.23 0.98
CA ILE W 93 10.23 -67.63 0.50
C ILE W 93 9.51 -67.01 1.69
N ALA W 94 8.99 -65.79 1.49
CA ALA W 94 8.30 -65.08 2.55
C ALA W 94 6.86 -64.74 2.23
N ASP W 95 6.48 -64.70 0.95
CA ASP W 95 5.13 -64.38 0.55
C ASP W 95 4.26 -65.64 0.56
N GLU W 96 2.95 -65.44 0.55
CA GLU W 96 2.00 -66.54 0.50
C GLU W 96 2.11 -67.26 -0.83
N LEU W 97 1.96 -68.59 -0.79
CA LEU W 97 1.96 -69.40 -2.00
C LEU W 97 0.55 -69.50 -2.55
N THR W 98 0.43 -69.38 -3.87
CA THR W 98 -0.85 -69.56 -4.51
C THR W 98 -1.32 -71.00 -4.37
N ASP W 99 -2.60 -71.23 -4.67
CA ASP W 99 -3.16 -72.57 -4.52
C ASP W 99 -2.45 -73.57 -5.43
N GLU W 100 -2.15 -73.16 -6.66
CA GLU W 100 -1.47 -74.04 -7.61
C GLU W 100 -0.07 -74.39 -7.13
N LEU W 101 0.70 -73.39 -6.70
CA LEU W 101 1.99 -73.69 -6.09
C LEU W 101 1.82 -74.51 -4.82
N GLN W 102 0.72 -74.29 -4.10
CA GLN W 102 0.50 -75.03 -2.85
C GLN W 102 0.35 -76.52 -3.10
N ASP W 103 -0.56 -76.91 -4.02
CA ASP W 103 -0.74 -78.34 -4.21
C ASP W 103 0.46 -78.94 -4.94
N VAL W 104 1.15 -78.15 -5.78
CA VAL W 104 2.39 -78.64 -6.36
C VAL W 104 3.39 -78.99 -5.25
N VAL W 105 3.53 -78.10 -4.26
CA VAL W 105 4.57 -78.30 -3.25
C VAL W 105 4.23 -79.47 -2.33
N ASP W 106 2.95 -79.63 -1.93
CA ASP W 106 2.73 -80.76 -1.03
C ASP W 106 2.64 -82.07 -1.81
N ALA W 107 2.33 -82.02 -3.11
CA ALA W 107 2.47 -83.22 -3.93
C ALA W 107 3.93 -83.65 -4.01
N VAL W 108 4.84 -82.68 -4.16
CA VAL W 108 6.26 -83.00 -4.15
C VAL W 108 6.66 -83.58 -2.79
N GLU W 109 6.17 -83.00 -1.70
CA GLU W 109 6.50 -83.51 -0.38
C GLU W 109 5.97 -84.93 -0.17
N ALA W 110 4.74 -85.20 -0.61
CA ALA W 110 4.19 -86.54 -0.50
C ALA W 110 4.96 -87.54 -1.35
N ASP W 111 5.40 -87.11 -2.54
CA ASP W 111 6.24 -87.96 -3.37
C ASP W 111 7.55 -88.29 -2.66
N ARG W 112 8.16 -87.30 -2.00
CA ARG W 112 9.37 -87.57 -1.23
C ARG W 112 9.11 -88.56 -0.11
N VAL W 113 7.99 -88.39 0.59
CA VAL W 113 7.66 -89.30 1.69
C VAL W 113 7.49 -90.73 1.18
N ALA W 114 6.75 -90.88 0.07
CA ALA W 114 6.52 -92.20 -0.49
C ALA W 114 7.82 -92.82 -0.98
N ALA W 115 8.68 -92.03 -1.62
CA ALA W 115 9.97 -92.54 -2.08
C ALA W 115 10.83 -92.99 -0.91
N ALA W 116 10.85 -92.22 0.17
CA ALA W 116 11.62 -92.61 1.35
C ALA W 116 11.08 -93.89 1.96
N ASN W 117 9.76 -94.02 2.04
CA ASN W 117 9.16 -95.24 2.57
C ASN W 117 9.51 -96.45 1.72
N SER W 118 9.42 -96.30 0.39
CA SER W 118 9.77 -97.40 -0.49
C SER W 118 11.24 -97.76 -0.37
N ALA W 119 12.12 -96.76 -0.26
CA ALA W 119 13.55 -97.03 -0.15
C ALA W 119 13.87 -97.76 1.14
N THR W 120 13.29 -97.34 2.26
CA THR W 120 13.59 -98.01 3.51
C THR W 120 12.97 -99.40 3.57
N ALA W 121 11.80 -99.59 2.94
CA ALA W 121 11.22 -100.92 2.87
C ALA W 121 12.09 -101.86 2.05
N ALA W 122 12.62 -101.36 0.92
CA ALA W 122 13.50 -102.18 0.10
C ALA W 122 14.81 -102.49 0.83
N ALA W 123 15.36 -101.51 1.55
CA ALA W 123 16.63 -101.70 2.22
C ALA W 123 16.51 -102.69 3.38
N THR W 124 15.50 -102.51 4.24
CA THR W 124 15.38 -103.34 5.43
C THR W 124 14.69 -104.67 5.12
N SER W 125 13.45 -104.61 4.64
CA SER W 125 12.65 -105.84 4.49
C SER W 125 13.19 -106.72 3.37
N ALA W 126 13.49 -106.13 2.22
CA ALA W 126 13.83 -106.94 1.05
C ALA W 126 15.29 -107.37 1.06
N ALA W 127 16.22 -106.41 1.03
CA ALA W 127 17.62 -106.73 0.82
C ALA W 127 18.22 -107.44 2.03
N GLN W 128 18.19 -106.80 3.20
CA GLN W 128 18.83 -107.38 4.37
C GLN W 128 18.17 -108.68 4.79
N THR W 129 16.84 -108.73 4.76
CA THR W 129 16.12 -109.93 5.15
C THR W 129 15.53 -110.64 3.93
N ALA X 1 -9.57 -62.70 -13.62
CA ALA X 1 -9.56 -63.91 -12.81
C ALA X 1 -9.18 -63.59 -11.36
N ALA X 2 -8.53 -64.55 -10.72
CA ALA X 2 -8.10 -64.41 -9.33
C ALA X 2 -6.60 -64.18 -9.27
N GLN X 3 -6.20 -63.14 -8.54
CA GLN X 3 -4.80 -62.79 -8.39
C GLN X 3 -4.47 -62.68 -6.90
N LEU X 4 -3.41 -63.34 -6.47
CA LEU X 4 -2.99 -63.30 -5.08
C LEU X 4 -2.32 -61.96 -4.77
N PHE X 5 -2.61 -61.42 -3.59
CA PHE X 5 -2.05 -60.15 -3.17
C PHE X 5 -0.64 -60.36 -2.62
N TYR X 6 0.30 -59.56 -3.09
CA TYR X 6 1.68 -59.57 -2.63
C TYR X 6 2.02 -58.20 -2.05
N LEU X 7 2.59 -58.20 -0.86
CA LEU X 7 2.89 -56.94 -0.18
C LEU X 7 3.97 -56.17 -0.93
N PRO X 8 3.69 -54.94 -1.37
CA PRO X 8 4.71 -54.15 -2.07
C PRO X 8 5.56 -53.27 -1.17
N PHE X 9 5.22 -53.13 0.10
CA PHE X 9 5.96 -52.28 1.03
C PHE X 9 7.07 -53.12 1.65
N ARG X 10 8.22 -53.14 1.01
CA ARG X 10 9.36 -53.94 1.46
C ARG X 10 10.56 -53.07 1.74
N PRO X 11 10.83 -52.71 2.99
CA PRO X 11 12.11 -52.09 3.32
C PRO X 11 13.23 -53.12 3.28
N MET X 12 14.44 -52.64 3.00
CA MET X 12 15.60 -53.52 2.87
C MET X 12 16.39 -53.56 4.17
N LEU X 13 16.80 -54.76 4.56
CA LEU X 13 17.52 -54.99 5.79
C LEU X 13 18.83 -55.72 5.50
N ASP X 14 19.83 -55.52 6.35
CA ASP X 14 21.11 -56.21 6.20
C ASP X 14 20.98 -57.62 6.76
N ALA X 15 22.10 -58.30 6.93
CA ALA X 15 22.09 -59.66 7.43
C ALA X 15 21.62 -59.75 8.88
N ASN X 16 21.58 -58.63 9.59
CA ASN X 16 21.16 -58.61 10.99
C ASN X 16 19.71 -58.17 11.17
N ALA X 17 18.96 -58.04 10.08
CA ALA X 17 17.54 -57.68 10.12
C ALA X 17 17.31 -56.33 10.76
N LEU X 18 18.12 -55.34 10.38
CA LEU X 18 17.94 -53.97 10.80
C LEU X 18 17.71 -53.07 9.58
N ALA X 19 17.01 -51.97 9.80
CA ALA X 19 16.78 -51.03 8.72
C ALA X 19 18.09 -50.40 8.27
N VAL X 20 18.25 -50.28 6.96
CA VAL X 20 19.45 -49.69 6.36
C VAL X 20 19.12 -48.28 5.92
N PRO X 21 19.58 -47.25 6.62
CA PRO X 21 19.23 -45.87 6.24
C PRO X 21 20.13 -45.36 5.13
N GLY X 22 19.52 -44.66 4.18
CA GLY X 22 20.28 -44.11 3.08
C GLY X 22 20.82 -45.12 2.11
N ALA X 23 20.20 -46.30 2.02
CA ALA X 23 20.64 -47.32 1.09
C ALA X 23 20.42 -46.86 -0.34
N LYS X 24 21.44 -47.02 -1.18
CA LYS X 24 21.38 -46.62 -2.58
C LYS X 24 21.07 -47.84 -3.43
N LEU X 25 19.93 -47.82 -4.11
CA LEU X 25 19.52 -48.89 -5.00
C LEU X 25 19.73 -48.44 -6.44
N TYR X 26 20.54 -49.19 -7.18
CA TYR X 26 20.84 -48.90 -8.57
C TYR X 26 20.11 -49.88 -9.48
N PHE X 27 19.48 -49.35 -10.51
CA PHE X 27 18.81 -50.15 -11.54
C PHE X 27 19.68 -50.09 -12.79
N TYR X 28 20.51 -51.12 -12.97
CA TYR X 28 21.44 -51.21 -14.08
C TYR X 28 20.85 -52.08 -15.18
N ALA X 29 21.55 -52.12 -16.31
CA ALA X 29 21.19 -53.06 -17.36
C ALA X 29 21.70 -54.46 -17.00
N THR X 30 21.11 -55.46 -17.67
CA THR X 30 21.44 -56.85 -17.37
C THR X 30 22.90 -57.15 -17.70
N GLY X 31 23.72 -57.37 -16.68
CA GLY X 31 25.11 -57.73 -16.85
C GLY X 31 26.06 -56.57 -17.03
N THR X 32 25.56 -55.34 -17.12
CA THR X 32 26.39 -54.16 -17.30
C THR X 32 26.07 -53.15 -16.20
N THR X 33 26.74 -52.00 -16.27
CA THR X 33 26.54 -50.91 -15.32
C THR X 33 25.82 -49.72 -15.95
N THR X 34 25.22 -49.90 -17.12
CA THR X 34 24.47 -48.82 -17.75
C THR X 34 23.19 -48.55 -16.98
N LYS X 35 22.86 -47.27 -16.81
CA LYS X 35 21.73 -46.86 -15.99
C LYS X 35 20.46 -46.80 -16.82
N GLN X 36 19.35 -47.23 -16.22
CA GLN X 36 18.03 -47.15 -16.82
C GLN X 36 17.10 -46.32 -15.96
N PRO X 37 16.16 -45.57 -16.55
CA PRO X 37 15.31 -44.70 -15.76
C PRO X 37 14.28 -45.47 -14.95
N VAL X 38 13.89 -44.88 -13.82
CA VAL X 38 12.83 -45.39 -12.97
C VAL X 38 11.86 -44.26 -12.70
N TYR X 39 10.57 -44.60 -12.64
CA TYR X 39 9.52 -43.60 -12.64
C TYR X 39 8.72 -43.67 -11.33
N THR X 40 8.21 -42.50 -10.92
CA THR X 40 7.50 -42.40 -9.64
C THR X 40 6.10 -43.02 -9.73
N SER X 41 5.44 -42.85 -10.87
CA SER X 41 4.06 -43.30 -11.05
C SER X 41 3.97 -44.28 -12.20
N SER X 42 2.80 -44.91 -12.32
CA SER X 42 2.56 -45.86 -13.39
C SER X 42 2.46 -45.19 -14.76
N ALA X 43 2.22 -43.88 -14.80
CA ALA X 43 2.15 -43.17 -16.07
C ALA X 43 3.51 -43.01 -16.73
N LEU X 44 4.60 -43.26 -16.00
CA LEU X 44 5.95 -43.21 -16.55
C LEU X 44 6.29 -41.85 -17.16
N THR X 45 5.96 -40.80 -16.43
CA THR X 45 6.28 -39.43 -16.83
C THR X 45 7.35 -38.80 -15.96
N THR X 46 7.13 -38.76 -14.65
CA THR X 46 8.13 -38.25 -13.71
C THR X 46 9.12 -39.37 -13.38
N GLN X 47 10.40 -39.04 -13.38
CA GLN X 47 11.46 -40.02 -13.25
C GLN X 47 12.17 -39.87 -11.91
N LEU X 48 12.23 -40.96 -11.15
CA LEU X 48 13.03 -40.99 -9.94
C LEU X 48 14.51 -41.05 -10.31
N PRO X 49 15.39 -40.56 -9.44
CA PRO X 49 16.82 -40.77 -9.67
C PRO X 49 17.14 -42.26 -9.69
N ASN X 50 18.01 -42.68 -10.61
CA ASN X 50 18.32 -44.10 -10.71
C ASN X 50 18.94 -44.64 -9.43
N PRO X 51 19.93 -43.97 -8.80
CA PRO X 51 20.26 -44.37 -7.42
C PRO X 51 19.20 -43.87 -6.47
N VAL X 52 18.34 -44.77 -6.03
CA VAL X 52 17.25 -44.43 -5.13
C VAL X 52 17.77 -44.53 -3.70
N VAL X 53 17.64 -43.45 -2.95
CA VAL X 53 18.15 -43.38 -1.58
C VAL X 53 16.99 -43.58 -0.63
N ALA X 54 17.08 -44.61 0.21
CA ALA X 54 16.04 -44.87 1.19
C ALA X 54 16.08 -43.81 2.29
N ASN X 55 14.93 -43.61 2.93
CA ASN X 55 14.83 -42.63 4.01
C ASN X 55 15.53 -43.18 5.26
N ALA X 56 15.42 -42.41 6.35
CA ALA X 56 16.07 -42.80 7.61
C ALA X 56 15.55 -44.13 8.14
N ALA X 57 14.34 -44.52 7.75
CA ALA X 57 13.76 -45.80 8.17
C ALA X 57 14.08 -46.93 7.21
N GLY X 58 14.87 -46.67 6.16
CA GLY X 58 15.20 -47.71 5.21
C GLY X 58 14.09 -48.10 4.26
N LYS X 59 13.11 -47.23 4.05
CA LYS X 59 11.97 -47.52 3.19
C LYS X 59 12.10 -46.73 1.89
N PHE X 60 12.02 -47.44 0.77
CA PHE X 60 12.07 -46.86 -0.56
C PHE X 60 10.69 -46.35 -0.97
N PRO X 61 10.62 -45.35 -1.84
CA PRO X 61 9.33 -44.92 -2.37
C PRO X 61 8.83 -45.91 -3.43
N ALA X 62 7.60 -45.68 -3.87
CA ALA X 62 7.01 -46.53 -4.89
C ALA X 62 7.78 -46.38 -6.20
N ILE X 63 8.36 -47.48 -6.66
CA ILE X 63 9.19 -47.50 -7.87
C ILE X 63 8.45 -48.26 -8.96
N TYR X 64 8.30 -47.64 -10.11
CA TYR X 64 7.65 -48.25 -11.26
C TYR X 64 8.65 -48.41 -12.39
N LEU X 65 8.76 -49.62 -12.93
CA LEU X 65 9.72 -49.94 -13.96
C LEU X 65 9.01 -50.12 -15.30
N ASN X 66 9.80 -50.00 -16.37
CA ASN X 66 9.33 -50.26 -17.73
C ASN X 66 9.59 -51.72 -18.05
N ASP X 67 8.52 -52.50 -18.20
CA ASP X 67 8.67 -53.93 -18.46
C ASP X 67 9.26 -54.22 -19.83
N ALA X 68 9.31 -53.24 -20.73
CA ALA X 68 9.93 -53.44 -22.03
C ALA X 68 11.43 -53.67 -21.91
N LEU X 69 12.05 -53.29 -20.80
CA LEU X 69 13.46 -53.48 -20.56
C LEU X 69 13.67 -54.55 -19.50
N THR X 70 14.92 -54.96 -19.35
CA THR X 70 15.33 -55.93 -18.33
C THR X 70 16.29 -55.24 -17.38
N TYR X 71 16.03 -55.34 -16.08
CA TYR X 71 16.73 -54.57 -15.07
C TYR X 71 17.66 -55.45 -14.26
N ARG X 72 18.54 -54.79 -13.50
CA ARG X 72 19.43 -55.42 -12.53
C ARG X 72 19.43 -54.57 -11.28
N CYS X 73 19.25 -55.21 -10.13
CA CYS X 73 19.19 -54.50 -8.85
C CYS X 73 20.54 -54.59 -8.17
N TYR X 74 21.04 -53.44 -7.70
CA TYR X 74 22.36 -53.38 -7.07
C TYR X 74 22.26 -52.48 -5.85
N ILE X 75 22.32 -53.06 -4.66
CA ILE X 75 22.14 -52.32 -3.41
C ILE X 75 23.50 -52.02 -2.80
N GLU X 76 23.71 -50.76 -2.41
CA GLU X 76 24.86 -50.36 -1.64
C GLU X 76 24.37 -49.65 -0.39
N ASP X 77 25.17 -49.72 0.68
CA ASP X 77 24.83 -48.99 1.89
C ASP X 77 25.23 -47.53 1.74
N ALA X 78 25.04 -46.75 2.81
CA ALA X 78 25.36 -45.33 2.77
C ALA X 78 26.85 -45.10 2.53
N ASP X 79 27.71 -46.00 3.00
CA ASP X 79 29.14 -45.86 2.83
C ASP X 79 29.64 -46.42 1.50
N GLY X 80 28.79 -47.11 0.74
CA GLY X 80 29.17 -47.65 -0.54
C GLY X 80 29.52 -49.12 -0.56
N ASN X 81 29.46 -49.81 0.58
CA ASN X 81 29.77 -51.23 0.61
C ASN X 81 28.63 -52.04 0.01
N GLU X 82 28.96 -53.23 -0.47
CA GLU X 82 27.99 -54.07 -1.14
C GLU X 82 27.02 -54.69 -0.12
N LEU X 83 25.74 -54.66 -0.46
CA LEU X 83 24.70 -55.29 0.35
C LEU X 83 24.03 -56.45 -0.37
N ALA X 84 23.53 -56.24 -1.59
CA ALA X 84 22.87 -57.29 -2.34
C ALA X 84 22.95 -56.97 -3.82
N ASP X 85 22.81 -58.01 -4.64
CA ASP X 85 22.87 -57.85 -6.08
C ASP X 85 22.05 -58.93 -6.75
N SER X 86 21.22 -58.54 -7.71
CA SER X 86 20.43 -59.46 -8.53
C SER X 86 20.61 -59.02 -9.98
N ASP X 87 21.42 -59.76 -10.73
CA ASP X 87 21.70 -59.36 -12.11
C ASP X 87 20.47 -59.54 -13.01
N PRO X 88 19.87 -60.74 -13.12
CA PRO X 88 18.57 -60.82 -13.78
C PRO X 88 17.46 -60.51 -12.78
N TYR X 89 16.85 -59.34 -12.92
CA TYR X 89 15.80 -58.94 -11.99
C TYR X 89 14.57 -59.81 -12.27
N LEU X 90 14.39 -60.84 -11.45
CA LEU X 90 13.25 -61.73 -11.55
C LEU X 90 12.21 -61.36 -10.49
N ALA X 91 10.95 -61.32 -10.89
CA ALA X 91 9.85 -61.02 -10.00
C ALA X 91 8.86 -62.18 -9.95
N SER X 92 9.37 -63.40 -10.09
CA SER X 92 8.55 -64.60 -10.11
C SER X 92 8.90 -65.47 -8.92
N ILE X 93 7.87 -65.82 -8.12
CA ILE X 93 8.06 -66.73 -7.00
C ILE X 93 8.35 -68.15 -7.47
N ALA X 94 8.09 -68.44 -8.74
CA ALA X 94 8.35 -69.78 -9.27
C ALA X 94 9.83 -70.14 -9.20
N ASP X 95 10.71 -69.18 -9.49
CA ASP X 95 12.14 -69.44 -9.37
C ASP X 95 12.54 -69.71 -7.93
N GLU X 96 11.95 -68.98 -6.98
CA GLU X 96 12.21 -69.27 -5.58
C GLU X 96 11.74 -70.68 -5.21
N LEU X 97 10.58 -71.08 -5.72
CA LEU X 97 10.09 -72.43 -5.47
C LEU X 97 11.04 -73.47 -6.05
N THR X 98 11.55 -73.23 -7.25
CA THR X 98 12.52 -74.15 -7.84
C THR X 98 13.79 -74.22 -7.01
N ASP X 99 14.25 -73.07 -6.50
CA ASP X 99 15.45 -73.06 -5.67
C ASP X 99 15.24 -73.85 -4.38
N GLU X 100 14.07 -73.71 -3.76
CA GLU X 100 13.76 -74.52 -2.58
C GLU X 100 13.68 -76.01 -2.94
N LEU X 101 13.08 -76.33 -4.09
CA LEU X 101 12.88 -77.73 -4.45
C LEU X 101 14.13 -78.38 -5.02
N GLN X 102 15.19 -77.62 -5.31
CA GLN X 102 16.44 -78.24 -5.73
C GLN X 102 16.95 -79.21 -4.68
N ASP X 103 16.91 -78.81 -3.40
CA ASP X 103 17.37 -79.70 -2.35
C ASP X 103 16.55 -80.98 -2.29
N VAL X 104 15.23 -80.87 -2.43
CA VAL X 104 14.39 -82.06 -2.33
C VAL X 104 14.60 -82.98 -3.54
N VAL X 105 14.83 -82.41 -4.73
CA VAL X 105 15.04 -83.29 -5.87
C VAL X 105 16.40 -83.99 -5.76
N ASP X 106 17.43 -83.31 -5.25
CA ASP X 106 18.69 -84.01 -5.02
C ASP X 106 18.54 -85.10 -3.96
N ALA X 107 17.77 -84.82 -2.90
CA ALA X 107 17.55 -85.83 -1.87
C ALA X 107 16.81 -87.03 -2.45
N VAL X 108 15.81 -86.79 -3.30
CA VAL X 108 15.07 -87.89 -3.90
C VAL X 108 15.94 -88.66 -4.89
N GLU X 109 16.84 -87.97 -5.58
CA GLU X 109 17.80 -88.64 -6.46
C GLU X 109 18.72 -89.56 -5.67
N ALA X 110 19.22 -89.08 -4.53
CA ALA X 110 20.05 -89.92 -3.68
C ALA X 110 19.25 -91.10 -3.14
N ASP X 111 17.97 -90.88 -2.82
CA ASP X 111 17.11 -91.95 -2.37
C ASP X 111 16.97 -93.01 -3.47
N ARG X 112 16.79 -92.57 -4.71
CA ARG X 112 16.68 -93.51 -5.83
C ARG X 112 17.99 -94.29 -6.00
N VAL X 113 19.12 -93.61 -5.85
CA VAL X 113 20.41 -94.27 -5.97
C VAL X 113 20.54 -95.36 -4.89
N ALA X 114 20.18 -95.02 -3.65
CA ALA X 114 20.25 -95.99 -2.56
C ALA X 114 19.30 -97.17 -2.81
N ALA X 115 18.09 -96.88 -3.29
CA ALA X 115 17.13 -97.95 -3.56
C ALA X 115 17.63 -98.87 -4.66
N ALA X 116 18.21 -98.31 -5.71
CA ALA X 116 18.75 -99.14 -6.79
C ALA X 116 19.92 -99.99 -6.30
N ASN X 117 20.79 -99.41 -5.48
CA ASN X 117 21.90 -100.19 -4.92
C ASN X 117 21.39 -101.32 -4.04
N SER X 118 20.38 -101.04 -3.21
CA SER X 118 19.80 -102.08 -2.36
C SER X 118 19.15 -103.18 -3.21
N ALA X 119 18.45 -102.80 -4.27
CA ALA X 119 17.81 -103.79 -5.14
C ALA X 119 18.85 -104.66 -5.82
N THR X 120 19.94 -104.07 -6.32
CA THR X 120 20.97 -104.87 -6.96
C THR X 120 21.70 -105.76 -5.96
N ALA X 121 21.88 -105.29 -4.73
CA ALA X 121 22.49 -106.13 -3.70
C ALA X 121 21.59 -107.31 -3.37
N ALA X 122 20.28 -107.08 -3.26
CA ALA X 122 19.34 -108.17 -3.02
C ALA X 122 19.33 -109.16 -4.17
N ALA X 123 19.38 -108.66 -5.41
CA ALA X 123 19.41 -109.54 -6.57
C ALA X 123 20.68 -110.39 -6.60
N THR X 124 21.83 -109.78 -6.30
CA THR X 124 23.08 -110.52 -6.31
C THR X 124 23.14 -111.55 -5.19
N SER X 125 22.72 -111.17 -3.98
CA SER X 125 22.75 -112.09 -2.85
C SER X 125 21.77 -113.24 -3.06
N ALA X 126 20.58 -112.96 -3.56
CA ALA X 126 19.57 -113.99 -3.78
C ALA X 126 19.51 -114.38 -5.26
#